data_9LC1
#
_entry.id   9LC1
#
_cell.length_a   1.00
_cell.length_b   1.00
_cell.length_c   1.00
_cell.angle_alpha   90.00
_cell.angle_beta   90.00
_cell.angle_gamma   90.00
#
_symmetry.space_group_name_H-M   'P 1'
#
_entity_poly.entity_id   1
_entity_poly.type   'polypeptide(L)'
_entity_poly.pdbx_seq_one_letter_code
;MEQNTDSMVPLPDPSQATKLTSWKNELSLQALKADLDAAKPSHTAMMIKVKEWNDLMRIEGKAKPPKVKGRSQVQPKLVR
RQAEWRYSALTEPFLGSNKLFKVTPVTWEDVQGARQNELVLNYQFRTKLNRVSFIDNYVRSVVDDGTGIVRVGWNREIRK
EKQEVPVFSLFPIQTQEQADALQQALQLRTDNPRGYEENVDEAIKESVRFFDETGQATYAVQTGTTTTEVEVPLANHPTV
EMLNPENIIIDPSCQGDINKAMFAIVSFETCKADLLKEKDRYHNLNKIDWQSSAPVNEPDHATTTPQEFQISDPMRKRVV
AYEYWGFWDIEGNGVLEPIVATWIGSTLIRLEKNPYPDGKLPFVLIPYMPVKRDMYGEPDAELLGDNQAVLGAVMRGMID
LLGRSANGQRGMPKGMLDALNSRRYREGEDYEYNPTQNPAQMIIEHKFPELPQSALTMATLQNQEAESLTGVKAFAGGVT
GESYGDVAAGIRGVLDAASKREMAILRRLAKGMSEIGNKIIAMNAVFLAEHEVVRITNEEFVTIKREDLKGNFDLEVDIS
TAEVDNQKSQDLGFMLQTIGPNVDQQITLNILAEIADLKRMPKLAHDLRTWQPQPDPVQEQLKQLAVEKAQLENEELRSK
IRLNDAQAQKAMAERDNKNLDYLEQESGTKHARDLEKMKAQSQGNQQLEITKALTKPRKEGELPPNLSAAIGYNALTNGE
DTGIQSVSERDIAAEANPAYSLGSSQFDPTRDPALNPGIRLGN
;
_entity_poly.pdbx_strand_id   A,B,C,D,E,F,G,H,I,J,K,L
#
# COMPACT_ATOMS: atom_id res chain seq x y z
N LYS A 19 49.59 26.80 71.86
CA LYS A 19 48.96 27.39 70.68
C LYS A 19 49.30 26.58 69.44
N LEU A 20 48.26 26.02 68.79
CA LEU A 20 48.48 25.12 67.68
C LEU A 20 48.99 25.85 66.45
N THR A 21 48.54 27.09 66.22
CA THR A 21 48.86 27.83 65.01
C THR A 21 49.53 29.15 65.38
N SER A 22 50.07 29.81 64.36
CA SER A 22 50.75 31.10 64.52
C SER A 22 49.85 32.28 64.18
N TRP A 23 48.55 32.07 64.01
CA TRP A 23 47.64 33.15 63.67
C TRP A 23 47.57 34.16 64.80
N LYS A 24 47.37 35.44 64.42
CA LYS A 24 47.26 36.49 65.42
C LYS A 24 46.06 36.27 66.34
N ASN A 25 44.92 35.90 65.77
CA ASN A 25 43.72 35.58 66.54
C ASN A 25 43.38 34.12 66.31
N GLU A 26 43.25 33.36 67.41
CA GLU A 26 42.96 31.94 67.34
C GLU A 26 41.58 31.66 67.91
N LEU A 27 40.91 30.69 67.28
CA LEU A 27 39.50 30.44 67.59
C LEU A 27 39.30 29.87 68.99
N SER A 28 40.14 28.94 69.43
CA SER A 28 40.01 28.23 70.70
C SER A 28 38.74 27.38 70.75
N LEU A 29 38.72 26.36 71.62
CA LEU A 29 37.64 25.39 71.61
C LEU A 29 36.34 25.97 72.15
N GLN A 30 36.44 27.01 72.97
CA GLN A 30 35.24 27.59 73.58
C GLN A 30 34.32 28.19 72.53
N ALA A 31 34.89 28.86 71.52
CA ALA A 31 34.08 29.46 70.45
C ALA A 31 33.32 28.40 69.67
N LEU A 32 33.99 27.30 69.34
CA LEU A 32 33.35 26.21 68.61
C LEU A 32 32.25 25.57 69.45
N LYS A 33 32.52 25.35 70.73
CA LYS A 33 31.49 24.78 71.60
C LYS A 33 30.29 25.70 71.70
N ALA A 34 30.51 27.02 71.83
CA ALA A 34 29.41 27.96 71.90
C ALA A 34 28.60 27.96 70.60
N ASP A 35 29.28 27.93 69.45
CA ASP A 35 28.57 27.89 68.17
C ASP A 35 27.74 26.62 68.04
N LEU A 36 28.30 25.48 68.43
CA LEU A 36 27.56 24.22 68.36
C LEU A 36 26.35 24.25 69.28
N ASP A 37 26.51 24.77 70.50
CA ASP A 37 25.40 24.83 71.44
C ASP A 37 24.31 25.78 70.94
N ALA A 38 24.70 26.87 70.28
CA ALA A 38 23.73 27.79 69.72
C ALA A 38 22.97 27.16 68.56
N ALA A 39 23.67 26.41 67.71
CA ALA A 39 23.03 25.87 66.50
C ALA A 39 22.24 24.60 66.81
N LYS A 40 22.48 23.98 67.97
CA LYS A 40 21.81 22.72 68.30
C LYS A 40 20.29 22.84 68.38
N PRO A 41 19.70 23.86 69.02
CA PRO A 41 18.22 23.88 69.16
C PRO A 41 17.45 23.75 67.86
N SER A 42 17.90 24.40 66.79
CA SER A 42 17.17 24.31 65.52
C SER A 42 17.24 22.90 64.94
N HIS A 43 18.44 22.30 64.97
CA HIS A 43 18.61 20.94 64.45
C HIS A 43 17.79 19.94 65.26
N THR A 44 17.72 20.13 66.58
CA THR A 44 16.95 19.23 67.42
C THR A 44 15.46 19.26 67.05
N ALA A 45 14.92 20.45 66.82
CA ALA A 45 13.53 20.56 66.40
C ALA A 45 13.32 20.02 64.99
N MET A 46 14.31 20.21 64.12
CA MET A 46 14.20 19.75 62.73
C MET A 46 14.15 18.23 62.65
N MET A 47 14.96 17.54 63.46
CA MET A 47 15.04 16.09 63.38
C MET A 47 13.75 15.39 63.77
N ILE A 48 12.87 16.09 64.49
CA ILE A 48 11.59 15.49 64.90
C ILE A 48 10.75 15.16 63.67
N LYS A 49 10.75 16.06 62.69
CA LYS A 49 9.99 15.82 61.46
C LYS A 49 10.52 14.60 60.72
N VAL A 50 11.84 14.48 60.62
CA VAL A 50 12.44 13.33 59.94
C VAL A 50 12.10 12.04 60.69
N LYS A 51 12.14 12.07 62.02
CA LYS A 51 11.78 10.90 62.80
C LYS A 51 10.32 10.51 62.58
N GLU A 52 9.43 11.50 62.54
CA GLU A 52 8.02 11.21 62.29
C GLU A 52 7.81 10.62 60.90
N TRP A 53 8.51 11.16 59.90
CA TRP A 53 8.39 10.63 58.55
C TRP A 53 8.88 9.18 58.48
N ASN A 54 10.01 8.89 59.14
CA ASN A 54 10.52 7.52 59.14
C ASN A 54 9.57 6.58 59.88
N ASP A 55 8.97 7.06 60.98
CA ASP A 55 8.01 6.23 61.70
C ASP A 55 6.78 5.94 60.86
N LEU A 56 6.31 6.92 60.09
CA LEU A 56 5.21 6.69 59.16
C LEU A 56 5.62 5.68 58.09
N MET A 57 6.84 5.79 57.58
CA MET A 57 7.32 4.87 56.55
C MET A 57 7.37 3.43 57.07
N ARG A 58 7.90 3.25 58.28
CA ARG A 58 8.16 1.92 58.82
C ARG A 58 7.07 1.43 59.77
N ILE A 59 5.96 2.16 59.90
CA ILE A 59 4.85 1.81 60.78
C ILE A 59 5.37 1.61 62.20
N GLU A 60 5.84 2.70 62.81
CA GLU A 60 6.32 2.68 64.20
C GLU A 60 5.82 3.93 64.91
N GLY A 61 5.95 3.94 66.23
CA GLY A 61 5.51 5.09 67.00
C GLY A 61 4.01 5.28 66.94
N LYS A 62 3.59 6.47 66.51
CA LYS A 62 2.17 6.78 66.45
C LYS A 62 1.48 6.01 65.34
N ALA A 63 2.24 5.53 64.35
CA ALA A 63 1.63 4.85 63.21
C ALA A 63 1.10 3.47 63.58
N LYS A 64 1.65 2.86 64.63
CA LYS A 64 1.23 1.51 64.99
C LYS A 64 -0.21 1.53 65.48
N PRO A 65 -1.03 0.55 65.09
CA PRO A 65 -2.41 0.48 65.57
C PRO A 65 -2.45 0.10 67.04
N PRO A 66 -3.50 0.50 67.77
CA PRO A 66 -3.62 0.09 69.16
C PRO A 66 -3.78 -1.42 69.28
N LYS A 67 -3.30 -1.96 70.40
CA LYS A 67 -3.33 -3.39 70.66
C LYS A 67 -4.62 -3.75 71.38
N VAL A 68 -5.41 -4.63 70.77
CA VAL A 68 -6.65 -5.10 71.35
C VAL A 68 -6.65 -6.62 71.31
N LYS A 69 -7.10 -7.23 72.41
CA LYS A 69 -7.05 -8.68 72.53
C LYS A 69 -7.91 -9.37 71.47
N GLY A 70 -9.12 -8.86 71.24
CA GLY A 70 -10.05 -9.51 70.34
C GLY A 70 -10.17 -8.92 68.96
N ARG A 71 -9.26 -8.04 68.54
CA ARG A 71 -9.34 -7.39 67.24
C ARG A 71 -7.97 -7.36 66.59
N SER A 72 -7.98 -7.13 65.28
CA SER A 72 -6.76 -7.20 64.48
C SER A 72 -5.93 -5.93 64.64
N GLN A 73 -4.66 -6.03 64.26
CA GLN A 73 -3.68 -4.95 64.35
C GLN A 73 -2.91 -4.84 63.05
N VAL A 74 -3.61 -4.85 61.92
CA VAL A 74 -2.98 -4.84 60.60
C VAL A 74 -3.06 -3.43 60.03
N GLN A 75 -2.04 -3.04 59.27
CA GLN A 75 -2.03 -1.76 58.59
C GLN A 75 -1.29 -1.88 57.26
N PRO A 76 -1.96 -1.68 56.12
CA PRO A 76 -1.25 -1.68 54.84
C PRO A 76 -0.28 -0.51 54.73
N LYS A 77 0.79 -0.75 53.97
CA LYS A 77 1.87 0.22 53.82
C LYS A 77 1.68 0.98 52.51
N LEU A 78 1.18 2.22 52.63
CA LEU A 78 0.96 3.05 51.45
C LEU A 78 2.21 3.83 51.07
N VAL A 79 2.78 4.55 52.04
CA VAL A 79 3.96 5.37 51.76
C VAL A 79 5.13 4.49 51.33
N ARG A 80 5.28 3.33 51.97
CA ARG A 80 6.32 2.39 51.58
C ARG A 80 6.17 1.98 50.12
N ARG A 81 4.93 1.73 49.69
CA ARG A 81 4.67 1.31 48.31
C ARG A 81 4.97 2.43 47.32
N GLN A 82 4.49 3.64 47.61
CA GLN A 82 4.72 4.78 46.74
C GLN A 82 6.21 5.07 46.60
N ALA A 83 6.97 4.97 47.70
CA ALA A 83 8.40 5.15 47.59
C ALA A 83 9.08 3.94 46.95
N GLU A 84 8.46 2.77 47.06
CA GLU A 84 9.04 1.56 46.49
C GLU A 84 9.09 1.61 44.97
N TRP A 85 8.05 2.12 44.31
CA TRP A 85 8.23 2.34 42.88
C TRP A 85 9.15 3.52 42.57
N ARG A 86 9.16 4.55 43.44
CA ARG A 86 9.99 5.73 43.18
C ARG A 86 11.47 5.36 43.18
N TYR A 87 11.90 4.48 44.09
CA TYR A 87 13.30 4.08 44.14
C TYR A 87 13.78 3.55 42.80
N SER A 88 13.04 2.58 42.25
CA SER A 88 13.47 1.95 41.00
C SER A 88 13.26 2.90 39.82
N ALA A 89 12.31 3.83 39.94
CA ALA A 89 12.12 4.82 38.90
C ALA A 89 13.34 5.75 38.80
N LEU A 90 13.91 6.10 39.96
CA LEU A 90 14.99 7.09 39.96
C LEU A 90 16.36 6.46 39.78
N THR A 91 16.55 5.24 40.31
CA THR A 91 17.90 4.66 40.35
C THR A 91 18.41 4.30 38.97
N GLU A 92 17.52 3.88 38.07
CA GLU A 92 17.95 3.30 36.80
C GLU A 92 18.80 4.22 35.93
N PRO A 93 18.47 5.51 35.75
CA PRO A 93 19.28 6.34 34.84
C PRO A 93 20.76 6.39 35.19
N PHE A 94 21.12 6.30 36.46
CA PHE A 94 22.51 6.43 36.90
C PHE A 94 23.31 5.14 36.71
N LEU A 95 22.66 4.04 36.34
CA LEU A 95 23.37 2.77 36.18
C LEU A 95 23.20 2.14 34.82
N GLY A 96 22.68 2.86 33.81
CA GLY A 96 22.43 2.25 32.52
C GLY A 96 23.66 2.02 31.67
N SER A 97 24.74 2.75 31.94
CA SER A 97 25.96 2.68 31.13
C SER A 97 27.17 2.44 32.03
N ASN A 98 28.24 1.97 31.40
CA ASN A 98 29.47 1.70 32.14
C ASN A 98 30.16 2.99 32.58
N LYS A 99 29.96 4.08 31.83
CA LYS A 99 30.55 5.36 32.16
C LYS A 99 29.51 6.20 32.91
N LEU A 100 29.91 6.76 34.04
CA LEU A 100 28.99 7.53 34.87
C LEU A 100 29.03 9.02 34.56
N PHE A 101 30.20 9.59 34.30
CA PHE A 101 30.35 11.02 34.13
C PHE A 101 30.71 11.34 32.68
N LYS A 102 30.22 12.49 32.21
CA LYS A 102 30.51 12.98 30.87
C LYS A 102 31.10 14.38 31.00
N VAL A 103 32.27 14.58 30.41
CA VAL A 103 32.97 15.87 30.45
C VAL A 103 33.07 16.38 29.01
N THR A 104 32.65 17.63 28.81
CA THR A 104 32.63 18.20 27.47
C THR A 104 33.43 19.51 27.44
N PRO A 105 34.12 19.79 26.33
CA PRO A 105 34.90 21.03 26.26
C PRO A 105 33.98 22.24 26.10
N VAL A 106 34.45 23.39 26.60
CA VAL A 106 33.72 24.63 26.41
C VAL A 106 34.16 25.32 25.12
N THR A 107 35.46 25.28 24.83
CA THR A 107 36.04 25.85 23.62
C THR A 107 36.71 24.75 22.82
N TRP A 108 37.41 25.15 21.77
CA TRP A 108 38.10 24.16 20.93
C TRP A 108 39.38 23.66 21.59
N GLU A 109 39.93 24.42 22.53
CA GLU A 109 41.22 24.06 23.11
C GLU A 109 41.07 23.05 24.25
N ASP A 110 39.84 22.79 24.71
CA ASP A 110 39.62 22.05 25.93
C ASP A 110 39.43 20.55 25.73
N VAL A 111 39.59 20.05 24.50
CA VAL A 111 39.24 18.67 24.19
C VAL A 111 40.14 17.70 24.94
N GLN A 112 41.45 17.95 24.91
CA GLN A 112 42.39 17.05 25.58
C GLN A 112 42.17 17.02 27.08
N GLY A 113 41.97 18.19 27.68
CA GLY A 113 41.72 18.24 29.11
C GLY A 113 40.43 17.55 29.50
N ALA A 114 39.37 17.75 28.71
CA ALA A 114 38.11 17.08 28.97
C ALA A 114 38.24 15.56 28.89
N ARG A 115 38.93 15.07 27.85
CA ARG A 115 39.13 13.63 27.71
C ARG A 115 39.94 13.08 28.89
N GLN A 116 41.02 13.77 29.27
CA GLN A 116 41.84 13.32 30.38
C GLN A 116 41.04 13.24 31.68
N ASN A 117 40.31 14.32 32.00
CA ASN A 117 39.55 14.36 33.24
C ASN A 117 38.44 13.33 33.24
N GLU A 118 37.78 13.12 32.09
CA GLU A 118 36.74 12.11 31.99
C GLU A 118 37.32 10.72 32.25
N LEU A 119 38.46 10.41 31.63
CA LEU A 119 39.08 9.10 31.85
C LEU A 119 39.45 8.89 33.31
N VAL A 120 40.08 9.89 33.92
CA VAL A 120 40.51 9.74 35.31
C VAL A 120 39.32 9.58 36.24
N LEU A 121 38.28 10.41 36.05
CA LEU A 121 37.11 10.35 36.92
C LEU A 121 36.38 9.02 36.76
N ASN A 122 36.21 8.54 35.52
CA ASN A 122 35.54 7.27 35.31
C ASN A 122 36.33 6.12 35.92
N TYR A 123 37.66 6.12 35.75
CA TYR A 123 38.47 5.08 36.37
C TYR A 123 38.33 5.10 37.88
N GLN A 124 38.40 6.29 38.48
CA GLN A 124 38.32 6.37 39.94
C GLN A 124 36.97 5.88 40.44
N PHE A 125 35.88 6.27 39.78
CA PHE A 125 34.56 5.85 40.24
C PHE A 125 34.33 4.37 40.00
N ARG A 126 34.94 3.81 38.95
CA ARG A 126 34.76 2.39 38.66
C ARG A 126 35.58 1.52 39.61
N THR A 127 36.75 2.00 40.01
CA THR A 127 37.66 1.15 40.79
C THR A 127 37.48 1.37 42.30
N LYS A 128 37.59 2.62 42.76
CA LYS A 128 37.68 2.90 44.18
C LYS A 128 36.34 2.87 44.91
N LEU A 129 35.22 2.89 44.19
CA LEU A 129 33.91 2.95 44.82
C LEU A 129 33.01 1.85 44.28
N ASN A 130 32.05 1.44 45.10
CA ASN A 130 30.99 0.54 44.68
C ASN A 130 29.82 1.40 44.20
N ARG A 131 29.73 1.58 42.88
CA ARG A 131 28.79 2.57 42.33
C ARG A 131 27.35 2.19 42.63
N VAL A 132 27.00 0.91 42.49
CA VAL A 132 25.61 0.49 42.66
C VAL A 132 25.13 0.76 44.07
N SER A 133 25.92 0.38 45.08
CA SER A 133 25.52 0.59 46.47
C SER A 133 25.42 2.07 46.80
N PHE A 134 26.37 2.87 46.31
CA PHE A 134 26.34 4.31 46.56
C PHE A 134 25.10 4.94 45.94
N ILE A 135 24.77 4.57 44.71
CA ILE A 135 23.58 5.11 44.05
C ILE A 135 22.32 4.71 44.81
N ASP A 136 22.25 3.45 45.23
CA ASP A 136 21.07 2.99 45.96
C ASP A 136 20.90 3.75 47.27
N ASN A 137 21.99 3.90 48.04
CA ASN A 137 21.92 4.63 49.29
C ASN A 137 21.55 6.09 49.07
N TYR A 138 22.15 6.72 48.05
CA TYR A 138 21.86 8.12 47.74
C TYR A 138 20.39 8.32 47.43
N VAL A 139 19.84 7.53 46.50
CA VAL A 139 18.45 7.69 46.11
C VAL A 139 17.52 7.38 47.28
N ARG A 140 17.82 6.31 48.03
CA ARG A 140 16.95 5.94 49.14
C ARG A 140 16.93 7.02 50.21
N SER A 141 18.10 7.57 50.54
CA SER A 141 18.15 8.65 51.53
C SER A 141 17.39 9.88 51.05
N VAL A 142 17.58 10.26 49.79
CA VAL A 142 16.90 11.44 49.26
C VAL A 142 15.39 11.26 49.32
N VAL A 143 14.91 10.08 48.93
CA VAL A 143 13.47 9.85 48.91
C VAL A 143 12.92 9.78 50.33
N ASP A 144 13.60 9.06 51.23
CA ASP A 144 13.04 8.81 52.55
C ASP A 144 13.09 10.05 53.42
N ASP A 145 14.21 10.77 53.44
CA ASP A 145 14.37 11.90 54.35
C ASP A 145 14.01 13.24 53.72
N GLY A 146 13.97 13.32 52.40
CA GLY A 146 13.69 14.56 51.70
C GLY A 146 14.90 15.44 51.48
N THR A 147 16.04 15.13 52.11
CA THR A 147 17.25 15.90 51.94
C THR A 147 18.44 14.97 52.11
N GLY A 148 19.40 15.09 51.19
CA GLY A 148 20.59 14.26 51.24
C GLY A 148 21.87 15.06 51.33
N ILE A 149 22.71 14.74 52.32
CA ILE A 149 23.97 15.43 52.54
C ILE A 149 25.10 14.47 52.17
N VAL A 150 26.00 14.93 51.31
CA VAL A 150 27.11 14.12 50.81
C VAL A 150 28.41 14.76 51.27
N ARG A 151 29.29 13.94 51.85
CA ARG A 151 30.60 14.39 52.31
C ARG A 151 31.66 13.92 51.33
N VAL A 152 32.47 14.86 50.85
CA VAL A 152 33.52 14.58 49.87
C VAL A 152 34.86 14.89 50.52
N GLY A 153 35.79 13.94 50.44
CA GLY A 153 37.11 14.11 51.03
C GLY A 153 38.15 13.33 50.25
N TRP A 154 39.38 13.41 50.74
CA TRP A 154 40.53 12.75 50.12
C TRP A 154 41.19 11.82 51.13
N ASN A 155 41.62 10.66 50.64
CA ASN A 155 42.31 9.65 51.46
C ASN A 155 43.68 9.43 50.86
N ARG A 156 44.72 9.56 51.69
CA ARG A 156 46.10 9.38 51.26
C ARG A 156 46.87 8.62 52.33
N GLU A 157 47.69 7.67 51.91
CA GLU A 157 48.54 6.89 52.80
C GLU A 157 49.81 6.51 52.05
N ILE A 158 50.96 6.78 52.66
CA ILE A 158 52.26 6.55 52.05
C ILE A 158 53.11 5.72 53.00
N ARG A 159 53.88 4.79 52.45
CA ARG A 159 54.76 3.92 53.21
C ARG A 159 56.19 4.09 52.73
N LYS A 160 57.11 4.29 53.66
CA LYS A 160 58.51 4.43 53.30
C LYS A 160 59.16 3.05 53.15
N GLU A 161 59.92 2.88 52.07
CA GLU A 161 60.60 1.62 51.80
C GLU A 161 62.02 1.91 51.33
N LYS A 162 62.89 0.94 51.54
CA LYS A 162 64.30 1.02 51.14
C LYS A 162 64.56 -0.01 50.06
N GLN A 163 65.08 0.44 48.92
CA GLN A 163 65.40 -0.43 47.80
C GLN A 163 66.76 -0.06 47.24
N GLU A 164 67.48 -1.06 46.73
CA GLU A 164 68.78 -0.81 46.11
C GLU A 164 68.58 -0.07 44.80
N VAL A 165 69.37 0.97 44.58
CA VAL A 165 69.30 1.81 43.40
C VAL A 165 70.67 1.83 42.74
N PRO A 166 70.79 1.43 41.48
CA PRO A 166 72.10 1.47 40.81
C PRO A 166 72.59 2.91 40.65
N VAL A 167 73.92 3.06 40.64
CA VAL A 167 74.56 4.36 40.46
C VAL A 167 75.20 4.38 39.08
N PHE A 168 74.87 5.42 38.31
CA PHE A 168 75.33 5.55 36.93
C PHE A 168 76.26 6.74 36.80
N SER A 169 77.35 6.55 36.05
CA SER A 169 78.30 7.60 35.77
C SER A 169 78.17 8.01 34.30
N LEU A 170 78.00 9.31 34.06
CA LEU A 170 77.77 9.79 32.70
C LEU A 170 79.05 9.72 31.87
N PHE A 171 78.86 9.62 30.56
CA PHE A 171 79.94 9.58 29.58
C PHE A 171 79.45 10.21 28.29
N PRO A 172 80.29 10.98 27.61
CA PRO A 172 79.84 11.66 26.38
C PRO A 172 79.39 10.65 25.31
N ILE A 173 78.40 11.07 24.54
CA ILE A 173 77.86 10.21 23.49
C ILE A 173 78.89 10.04 22.39
N GLN A 174 79.14 8.79 22.01
CA GLN A 174 80.14 8.45 21.01
C GLN A 174 79.49 7.63 19.91
N THR A 175 79.95 7.83 18.67
CA THR A 175 79.48 7.11 17.49
C THR A 175 78.00 7.38 17.21
N GLN A 176 77.48 6.77 16.14
CA GLN A 176 76.08 7.00 15.78
C GLN A 176 75.16 6.03 16.49
N GLU A 177 75.68 4.93 17.02
CA GLU A 177 74.84 3.94 17.67
C GLU A 177 74.18 4.49 18.92
N GLN A 178 74.93 5.23 19.74
CA GLN A 178 74.36 5.82 20.94
C GLN A 178 73.29 6.84 20.60
N ALA A 179 73.54 7.68 19.59
CA ALA A 179 72.55 8.66 19.17
C ALA A 179 71.29 7.98 18.64
N ASP A 180 71.45 6.91 17.87
CA ASP A 180 70.28 6.19 17.36
C ASP A 180 69.48 5.56 18.51
N ALA A 181 70.18 4.98 19.48
CA ALA A 181 69.49 4.40 20.63
C ALA A 181 68.72 5.47 21.42
N LEU A 182 69.35 6.62 21.63
CA LEU A 182 68.68 7.70 22.36
C LEU A 182 67.46 8.20 21.59
N GLN A 183 67.60 8.36 20.26
CA GLN A 183 66.47 8.82 19.46
C GLN A 183 65.33 7.81 19.49
N GLN A 184 65.66 6.51 19.41
CA GLN A 184 64.62 5.49 19.50
C GLN A 184 63.93 5.50 20.86
N ALA A 185 64.70 5.72 21.93
CA ALA A 185 64.11 5.82 23.26
C ALA A 185 63.16 7.01 23.36
N LEU A 186 63.57 8.17 22.85
CA LEU A 186 62.71 9.34 22.87
C LEU A 186 61.43 9.11 22.05
N GLN A 187 61.58 8.49 20.87
CA GLN A 187 60.41 8.22 20.04
C GLN A 187 59.47 7.24 20.72
N LEU A 188 60.01 6.23 21.39
CA LEU A 188 59.17 5.28 22.13
C LEU A 188 58.44 5.97 23.27
N ARG A 189 59.15 6.86 24.00
CA ARG A 189 58.51 7.59 25.08
C ARG A 189 57.38 8.47 24.57
N THR A 190 57.59 9.15 23.44
CA THR A 190 56.56 10.00 22.89
C THR A 190 55.36 9.20 22.40
N ASP A 191 55.63 8.10 21.68
CA ASP A 191 54.54 7.32 21.09
C ASP A 191 53.82 6.48 22.14
N ASN A 192 54.58 5.82 23.02
CA ASN A 192 53.99 4.87 23.94
C ASN A 192 54.68 4.92 25.30
N PRO A 193 54.09 5.61 26.28
CA PRO A 193 54.72 5.67 27.62
C PRO A 193 54.90 4.31 28.27
N ARG A 194 53.93 3.41 28.13
CA ARG A 194 54.01 2.11 28.82
C ARG A 194 55.15 1.27 28.27
N GLY A 195 55.30 1.23 26.94
CA GLY A 195 56.43 0.53 26.37
C GLY A 195 57.76 1.11 26.82
N TYR A 196 57.83 2.43 26.92
CA TYR A 196 59.04 3.09 27.42
C TYR A 196 59.34 2.65 28.85
N GLU A 197 58.32 2.59 29.70
CA GLU A 197 58.54 2.21 31.09
C GLU A 197 58.97 0.75 31.20
N GLU A 198 58.42 -0.12 30.36
CA GLU A 198 58.63 -1.55 30.56
C GLU A 198 59.89 -2.06 29.87
N ASN A 199 60.24 -1.50 28.70
CA ASN A 199 61.24 -2.15 27.85
C ASN A 199 62.55 -1.39 27.68
N VAL A 200 62.58 -0.08 27.97
CA VAL A 200 63.75 0.71 27.61
C VAL A 200 64.95 0.40 28.52
N ASP A 201 64.67 0.08 29.79
CA ASP A 201 65.66 -0.29 30.81
C ASP A 201 66.23 0.94 31.51
N GLU A 202 66.89 0.72 32.66
CA GLU A 202 67.18 1.82 33.58
C GLU A 202 68.24 2.77 33.03
N ALA A 203 69.30 2.24 32.40
CA ALA A 203 70.40 3.11 31.97
C ALA A 203 69.95 4.11 30.91
N ILE A 204 69.21 3.64 29.91
CA ILE A 204 68.73 4.55 28.88
C ILE A 204 67.71 5.51 29.45
N LYS A 205 66.94 5.07 30.45
CA LYS A 205 66.03 5.98 31.13
C LYS A 205 66.80 7.11 31.83
N GLU A 206 67.92 6.78 32.47
CA GLU A 206 68.75 7.81 33.09
C GLU A 206 69.31 8.75 32.04
N SER A 207 69.73 8.21 30.90
CA SER A 207 70.22 9.05 29.81
C SER A 207 69.14 10.01 29.33
N VAL A 208 67.91 9.53 29.18
CA VAL A 208 66.80 10.38 28.75
C VAL A 208 66.49 11.43 29.79
N ARG A 209 66.56 11.07 31.07
CA ARG A 209 66.32 12.05 32.13
C ARG A 209 67.37 13.15 32.11
N PHE A 210 68.63 12.77 31.91
CA PHE A 210 69.69 13.79 31.81
C PHE A 210 69.52 14.65 30.57
N PHE A 211 69.05 14.06 29.47
CA PHE A 211 68.76 14.83 28.27
C PHE A 211 67.64 15.84 28.55
N ASP A 212 66.63 15.42 29.30
CA ASP A 212 65.56 16.35 29.68
C ASP A 212 66.09 17.48 30.54
N GLU A 213 66.95 17.16 31.51
CA GLU A 213 67.50 18.18 32.38
C GLU A 213 68.52 19.06 31.66
N THR A 214 69.44 18.44 30.91
CA THR A 214 70.48 19.15 30.19
C THR A 214 70.42 18.80 28.72
N GLY A 215 70.55 19.83 27.86
CA GLY A 215 70.40 19.61 26.44
C GLY A 215 71.42 18.64 25.86
N GLN A 216 72.62 18.62 26.43
CA GLN A 216 73.66 17.75 25.92
C GLN A 216 73.30 16.27 26.16
N ALA A 217 73.54 15.45 25.14
CA ALA A 217 73.27 14.03 25.25
C ALA A 217 74.43 13.32 25.96
N THR A 218 74.09 12.35 26.81
CA THR A 218 75.09 11.64 27.60
C THR A 218 74.75 10.16 27.64
N TYR A 219 75.77 9.35 27.92
CA TYR A 219 75.63 7.91 28.08
C TYR A 219 76.10 7.51 29.47
N ALA A 220 75.33 6.64 30.13
CA ALA A 220 75.57 6.28 31.51
C ALA A 220 75.94 4.81 31.61
N VAL A 221 76.88 4.49 32.49
CA VAL A 221 77.31 3.13 32.76
C VAL A 221 77.18 2.88 34.26
N GLN A 222 76.64 1.72 34.62
CA GLN A 222 76.42 1.39 36.02
C GLN A 222 77.73 1.17 36.75
N THR A 223 77.81 1.66 37.98
CA THR A 223 78.99 1.51 38.82
C THR A 223 78.71 0.70 40.08
N GLY A 224 77.68 1.06 40.85
CA GLY A 224 77.36 0.37 42.08
C GLY A 224 75.92 0.62 42.47
N THR A 225 75.52 -0.05 43.54
CA THR A 225 74.15 0.04 44.06
C THR A 225 74.18 0.66 45.46
N THR A 226 73.31 1.65 45.68
CA THR A 226 73.21 2.35 46.94
C THR A 226 71.76 2.32 47.41
N THR A 227 71.55 1.98 48.69
CA THR A 227 70.20 1.93 49.24
C THR A 227 69.66 3.34 49.43
N THR A 228 68.40 3.54 49.01
CA THR A 228 67.74 4.82 49.15
C THR A 228 66.33 4.61 49.68
N GLU A 229 65.76 5.65 50.27
CA GLU A 229 64.42 5.61 50.83
C GLU A 229 63.42 6.08 49.78
N VAL A 230 62.45 5.23 49.47
CA VAL A 230 61.42 5.53 48.47
C VAL A 230 60.05 5.35 49.12
N GLU A 231 59.15 6.30 48.86
CA GLU A 231 57.81 6.28 49.40
C GLU A 231 56.85 5.68 48.38
N VAL A 232 56.17 4.60 48.77
CA VAL A 232 55.20 3.92 47.92
C VAL A 232 53.81 4.22 48.46
N PRO A 233 52.99 5.01 47.76
CA PRO A 233 51.64 5.30 48.26
C PRO A 233 50.67 4.17 47.98
N LEU A 234 50.07 3.60 49.04
CA LEU A 234 49.10 2.52 48.85
C LEU A 234 47.80 3.06 48.27
N ALA A 235 47.27 4.14 48.83
CA ALA A 235 45.97 4.65 48.43
C ALA A 235 46.05 6.15 48.19
N ASN A 236 45.61 6.59 47.02
CA ASN A 236 45.45 8.00 46.67
C ASN A 236 44.17 8.11 45.84
N HIS A 237 43.06 8.38 46.51
CA HIS A 237 41.75 8.37 45.87
C HIS A 237 40.76 9.17 46.72
N PRO A 238 39.84 9.88 46.08
CA PRO A 238 38.80 10.59 46.84
C PRO A 238 37.80 9.62 47.46
N THR A 239 37.16 10.08 48.53
CA THR A 239 36.14 9.30 49.23
C THR A 239 34.83 10.08 49.21
N VAL A 240 33.74 9.39 48.89
CA VAL A 240 32.40 9.96 48.87
C VAL A 240 31.53 9.11 49.78
N GLU A 241 30.86 9.76 50.73
CA GLU A 241 30.07 9.07 51.75
C GLU A 241 28.81 9.86 52.05
N MET A 242 27.69 9.15 52.16
CA MET A 242 26.44 9.76 52.60
C MET A 242 26.49 10.02 54.10
N LEU A 243 25.83 11.08 54.54
CA LEU A 243 25.85 11.50 55.93
C LEU A 243 24.47 11.38 56.54
N ASN A 244 24.43 10.89 57.78
CA ASN A 244 23.20 10.90 58.56
C ASN A 244 22.80 12.34 58.87
N PRO A 245 21.55 12.72 58.59
CA PRO A 245 21.13 14.11 58.87
C PRO A 245 21.32 14.53 60.32
N GLU A 246 21.20 13.60 61.26
CA GLU A 246 21.37 13.95 62.67
C GLU A 246 22.82 14.27 63.00
N ASN A 247 23.75 13.76 62.20
CA ASN A 247 25.17 13.95 62.51
C ASN A 247 25.63 15.36 62.19
N ILE A 248 25.18 15.92 61.07
CA ILE A 248 25.67 17.21 60.58
C ILE A 248 24.73 18.32 61.04
N ILE A 249 25.31 19.40 61.54
CA ILE A 249 24.57 20.58 61.96
C ILE A 249 25.03 21.75 61.10
N ILE A 250 24.08 22.44 60.48
CA ILE A 250 24.36 23.53 59.55
C ILE A 250 23.90 24.84 60.20
N ASP A 251 24.51 25.94 59.76
CA ASP A 251 24.18 27.26 60.29
C ASP A 251 22.71 27.57 60.01
N PRO A 252 21.91 27.86 61.04
CA PRO A 252 20.49 28.18 60.81
C PRO A 252 20.26 29.52 60.12
N SER A 253 21.23 30.44 60.18
CA SER A 253 21.08 31.77 59.58
C SER A 253 21.59 31.81 58.15
N CYS A 254 21.60 30.68 57.45
CA CYS A 254 22.08 30.65 56.07
C CYS A 254 21.10 31.28 55.10
N GLN A 255 19.88 31.59 55.56
CA GLN A 255 18.83 32.19 54.72
C GLN A 255 18.49 31.30 53.53
N GLY A 256 18.49 29.98 53.73
CA GLY A 256 18.07 29.05 52.70
C GLY A 256 19.11 28.69 51.67
N ASP A 257 20.34 29.16 51.81
CA ASP A 257 21.40 28.88 50.85
C ASP A 257 22.58 28.26 51.58
N ILE A 258 23.05 27.10 51.08
CA ILE A 258 24.15 26.40 51.73
C ILE A 258 25.43 27.21 51.62
N ASN A 259 25.63 27.92 50.51
CA ASN A 259 26.85 28.69 50.32
C ASN A 259 26.94 29.85 51.30
N LYS A 260 25.79 30.37 51.74
CA LYS A 260 25.79 31.50 52.65
C LYS A 260 26.01 31.06 54.10
N ALA A 261 26.05 29.76 54.35
CA ALA A 261 26.24 29.27 55.71
C ALA A 261 27.63 29.64 56.22
N MET A 262 27.68 30.11 57.47
CA MET A 262 28.96 30.50 58.05
C MET A 262 29.80 29.29 58.44
N PHE A 263 29.17 28.26 59.02
CA PHE A 263 29.89 27.12 59.54
C PHE A 263 29.07 25.85 59.39
N ALA A 264 29.76 24.70 59.46
CA ALA A 264 29.13 23.40 59.43
C ALA A 264 29.94 22.44 60.31
N ILE A 265 29.23 21.64 61.10
CA ILE A 265 29.86 20.72 62.05
C ILE A 265 29.36 19.31 61.77
N VAL A 266 30.28 18.36 61.68
CA VAL A 266 29.96 16.97 61.40
C VAL A 266 30.73 16.09 62.38
N SER A 267 30.07 15.05 62.88
CA SER A 267 30.68 14.10 63.80
C SER A 267 30.75 12.72 63.16
N PHE A 268 31.90 12.06 63.27
CA PHE A 268 32.13 10.78 62.64
C PHE A 268 32.89 9.87 63.59
N GLU A 269 32.97 8.59 63.23
CA GLU A 269 33.70 7.59 63.98
C GLU A 269 35.09 7.42 63.37
N THR A 270 36.11 7.36 64.23
CA THR A 270 37.49 7.24 63.78
C THR A 270 38.28 6.44 64.79
N CYS A 271 39.44 5.94 64.34
CA CYS A 271 40.34 5.17 65.17
C CYS A 271 41.71 5.82 65.17
N LYS A 272 42.61 5.30 66.03
CA LYS A 272 43.93 5.88 66.16
C LYS A 272 44.76 5.67 64.88
N ALA A 273 44.54 4.56 64.20
CA ALA A 273 45.29 4.28 62.97
C ALA A 273 45.00 5.33 61.90
N ASP A 274 43.74 5.75 61.78
CA ASP A 274 43.38 6.78 60.80
C ASP A 274 44.10 8.09 61.10
N LEU A 275 44.18 8.47 62.37
CA LEU A 275 44.89 9.70 62.73
C LEU A 275 46.39 9.55 62.50
N LEU A 276 46.94 8.37 62.78
CA LEU A 276 48.37 8.14 62.59
C LEU A 276 48.76 8.01 61.13
N LYS A 277 47.79 7.77 60.23
CA LYS A 277 48.10 7.76 58.80
C LYS A 277 48.77 9.06 58.37
N GLU A 278 48.32 10.18 58.91
CA GLU A 278 48.91 11.50 58.64
C GLU A 278 49.34 12.08 59.98
N LYS A 279 50.58 11.77 60.39
CA LYS A 279 51.07 12.20 61.70
C LYS A 279 51.22 13.71 61.78
N ASP A 280 51.70 14.33 60.70
CA ASP A 280 51.97 15.77 60.73
C ASP A 280 50.68 16.58 60.85
N ARG A 281 49.57 16.03 60.37
CA ARG A 281 48.31 16.77 60.38
C ARG A 281 47.78 16.99 61.78
N TYR A 282 47.93 16.00 62.65
CA TYR A 282 47.31 16.01 63.97
C TYR A 282 48.35 16.20 65.07
N HIS A 283 47.94 16.85 66.15
CA HIS A 283 48.77 17.06 67.32
C HIS A 283 48.02 16.64 68.57
N ASN A 284 48.74 16.61 69.69
CA ASN A 284 48.15 16.32 71.02
C ASN A 284 47.42 14.98 71.05
N LEU A 285 47.98 13.96 70.38
CA LEU A 285 47.32 12.65 70.36
C LEU A 285 47.46 11.95 71.70
N ASN A 286 48.57 12.17 72.41
CA ASN A 286 48.82 11.46 73.65
C ASN A 286 47.86 11.90 74.76
N LYS A 287 47.45 13.17 74.75
CA LYS A 287 46.58 13.67 75.80
C LYS A 287 45.18 13.07 75.71
N ILE A 288 44.81 12.51 74.55
CA ILE A 288 43.48 11.99 74.38
C ILE A 288 43.28 10.74 75.23
N ASP A 289 42.15 10.68 75.92
CA ASP A 289 41.71 9.49 76.63
C ASP A 289 40.62 8.82 75.81
N TRP A 290 40.91 7.61 75.33
CA TRP A 290 40.02 6.96 74.38
C TRP A 290 38.72 6.50 75.05
N GLN A 291 38.79 6.10 76.32
CA GLN A 291 37.61 5.59 77.00
C GLN A 291 36.57 6.69 77.21
N SER A 292 37.03 7.92 77.46
CA SER A 292 36.10 9.02 77.72
C SER A 292 35.24 9.32 76.49
N SER A 293 35.84 9.29 75.30
CA SER A 293 35.12 9.54 74.06
C SER A 293 34.75 8.21 73.42
N ALA A 294 33.51 7.79 73.65
CA ALA A 294 33.02 6.51 73.15
C ALA A 294 31.64 6.71 72.57
N PRO A 295 31.23 5.87 71.62
CA PRO A 295 29.86 6.01 71.06
C PRO A 295 28.77 5.91 72.11
N VAL A 296 28.94 5.04 73.11
CA VAL A 296 27.94 4.93 74.17
C VAL A 296 27.97 6.19 75.05
N ASN A 297 29.14 6.78 75.21
CA ASN A 297 29.27 7.94 76.09
C ASN A 297 28.52 9.15 75.53
N GLU A 298 28.48 9.28 74.20
CA GLU A 298 27.84 10.43 73.58
C GLU A 298 26.51 10.01 72.97
N PRO A 299 25.37 10.35 73.59
CA PRO A 299 24.09 9.97 72.98
C PRO A 299 23.76 10.75 71.72
N ASP A 300 24.38 11.90 71.52
CA ASP A 300 24.05 12.75 70.38
C ASP A 300 24.39 12.06 69.06
N HIS A 301 25.54 11.39 69.00
CA HIS A 301 25.94 10.70 67.78
C HIS A 301 25.02 9.52 67.50
N ALA A 302 24.54 9.44 66.26
CA ALA A 302 23.65 8.37 65.82
C ALA A 302 24.42 7.42 64.92
N THR A 303 24.49 6.15 65.33
CA THR A 303 25.22 5.14 64.58
C THR A 303 24.56 3.78 64.79
N THR A 304 24.88 2.85 63.90
CA THR A 304 24.38 1.48 63.98
C THR A 304 25.29 0.57 64.78
N THR A 305 26.42 1.07 65.26
CA THR A 305 27.33 0.25 66.03
C THR A 305 26.67 -0.15 67.36
N PRO A 306 26.75 -1.43 67.74
CA PRO A 306 26.21 -1.84 69.04
C PRO A 306 26.90 -1.11 70.19
N GLN A 307 26.13 -0.84 71.25
CA GLN A 307 26.68 -0.10 72.39
C GLN A 307 27.77 -0.89 73.10
N GLU A 308 27.59 -2.21 73.20
CA GLU A 308 28.50 -3.04 73.98
C GLU A 308 29.73 -3.50 73.19
N PHE A 309 29.81 -3.20 71.90
CA PHE A 309 30.92 -3.68 71.09
C PHE A 309 32.15 -2.81 71.28
N GLN A 310 33.28 -3.44 71.63
CA GLN A 310 34.56 -2.76 71.78
C GLN A 310 35.66 -3.68 71.28
N ILE A 311 36.51 -3.16 70.39
CA ILE A 311 37.63 -3.94 69.88
C ILE A 311 38.73 -4.01 70.92
N SER A 312 39.32 -5.21 71.08
CA SER A 312 40.32 -5.41 72.11
C SER A 312 41.57 -4.56 71.87
N ASP A 313 42.03 -4.50 70.63
CA ASP A 313 43.26 -3.76 70.34
C ASP A 313 43.02 -2.26 70.51
N PRO A 314 43.85 -1.59 71.32
CA PRO A 314 43.67 -0.14 71.49
C PRO A 314 43.82 0.65 70.19
N MET A 315 44.67 0.19 69.27
CA MET A 315 44.90 0.92 68.04
C MET A 315 43.65 0.92 67.16
N ARG A 316 42.89 -0.17 67.16
CA ARG A 316 41.74 -0.32 66.29
C ARG A 316 40.43 0.09 66.94
N LYS A 317 40.45 0.61 68.16
CA LYS A 317 39.22 1.02 68.81
C LYS A 317 38.71 2.32 68.22
N ARG A 318 37.38 2.43 68.10
CA ARG A 318 36.72 3.54 67.43
C ARG A 318 36.30 4.59 68.44
N VAL A 319 36.59 5.85 68.16
CA VAL A 319 36.23 6.97 69.01
C VAL A 319 35.56 8.04 68.16
N VAL A 320 34.62 8.77 68.77
CA VAL A 320 33.89 9.80 68.05
C VAL A 320 34.72 11.08 68.01
N ALA A 321 34.70 11.76 66.86
CA ALA A 321 35.42 13.00 66.67
C ALA A 321 34.52 14.01 65.98
N TYR A 322 34.86 15.29 66.14
CA TYR A 322 34.10 16.39 65.58
C TYR A 322 34.99 17.25 64.71
N GLU A 323 34.40 17.88 63.69
CA GLU A 323 35.11 18.81 62.82
C GLU A 323 34.29 20.08 62.66
N TYR A 324 34.98 21.19 62.45
CA TYR A 324 34.35 22.50 62.29
C TYR A 324 34.85 23.11 60.98
N TRP A 325 33.96 23.15 59.98
CA TRP A 325 34.25 23.76 58.69
C TRP A 325 33.52 25.09 58.62
N GLY A 326 34.28 26.18 58.48
CA GLY A 326 33.67 27.50 58.47
C GLY A 326 34.67 28.57 58.15
N PHE A 327 34.21 29.81 58.25
CA PHE A 327 35.01 31.00 57.97
C PHE A 327 35.31 31.73 59.26
N TRP A 328 36.57 32.13 59.44
CA TRP A 328 37.00 32.85 60.64
C TRP A 328 37.93 33.98 60.25
N ASP A 329 37.96 35.01 61.09
CA ASP A 329 38.88 36.14 60.92
C ASP A 329 40.16 35.82 61.68
N ILE A 330 41.11 35.19 60.97
CA ILE A 330 42.31 34.67 61.62
C ILE A 330 43.21 35.80 62.09
N GLU A 331 43.36 36.84 61.27
CA GLU A 331 44.29 37.93 61.58
C GLU A 331 43.61 39.09 62.30
N GLY A 332 42.30 39.03 62.51
CA GLY A 332 41.61 40.05 63.28
C GLY A 332 41.40 41.38 62.57
N ASN A 333 41.61 41.43 61.27
CA ASN A 333 41.47 42.68 60.52
C ASN A 333 40.16 42.75 59.73
N GLY A 334 39.21 41.86 60.00
CA GLY A 334 37.95 41.87 59.29
C GLY A 334 37.91 41.06 58.02
N VAL A 335 38.89 40.19 57.80
CA VAL A 335 38.96 39.37 56.59
C VAL A 335 38.68 37.92 57.00
N LEU A 336 37.63 37.33 56.43
CA LEU A 336 37.23 35.97 56.74
C LEU A 336 37.81 35.01 55.71
N GLU A 337 38.44 33.93 56.20
CA GLU A 337 39.00 32.90 55.34
C GLU A 337 38.56 31.53 55.85
N PRO A 338 38.40 30.55 54.96
CA PRO A 338 37.96 29.23 55.40
C PRO A 338 39.00 28.54 56.26
N ILE A 339 38.51 27.76 57.24
CA ILE A 339 39.36 27.03 58.17
C ILE A 339 38.77 25.65 58.41
N VAL A 340 39.54 24.80 59.08
CA VAL A 340 39.08 23.50 59.55
C VAL A 340 39.66 23.25 60.93
N ALA A 341 38.85 22.70 61.83
CA ALA A 341 39.28 22.41 63.19
C ALA A 341 38.67 21.07 63.63
N THR A 342 39.51 20.22 64.21
CA THR A 342 39.10 18.89 64.66
C THR A 342 39.44 18.75 66.14
N TRP A 343 38.49 18.27 66.93
CA TRP A 343 38.70 18.02 68.35
C TRP A 343 38.04 16.71 68.76
N ILE A 344 38.70 16.01 69.69
CA ILE A 344 38.16 14.79 70.27
C ILE A 344 37.95 15.03 71.76
N GLY A 345 36.72 14.86 72.22
CA GLY A 345 36.42 15.13 73.61
C GLY A 345 36.57 16.61 73.90
N SER A 346 37.56 16.95 74.73
CA SER A 346 37.86 18.33 75.06
C SER A 346 39.27 18.73 74.62
N THR A 347 39.90 17.98 73.72
CA THR A 347 41.25 18.25 73.26
C THR A 347 41.21 18.64 71.78
N LEU A 348 41.85 19.76 71.45
CA LEU A 348 41.93 20.23 70.07
C LEU A 348 43.18 19.64 69.44
N ILE A 349 42.99 18.84 68.38
CA ILE A 349 44.11 18.08 67.83
C ILE A 349 44.60 18.69 66.52
N ARG A 350 43.70 19.27 65.74
CA ARG A 350 44.03 19.76 64.40
C ARG A 350 43.45 21.14 64.19
N LEU A 351 44.25 22.04 63.63
CA LEU A 351 43.83 23.40 63.31
C LEU A 351 44.65 23.90 62.13
N GLU A 352 43.99 24.18 61.02
CA GLU A 352 44.67 24.64 59.81
C GLU A 352 43.65 25.23 58.86
N LYS A 353 44.16 25.77 57.75
CA LYS A 353 43.31 26.37 56.74
C LYS A 353 42.63 25.29 55.90
N ASN A 354 41.74 25.74 55.03
CA ASN A 354 41.02 24.80 54.16
C ASN A 354 41.97 24.21 53.13
N PRO A 355 42.13 22.89 53.09
CA PRO A 355 43.09 22.31 52.15
C PRO A 355 42.58 22.24 50.72
N TYR A 356 41.27 22.04 50.53
CA TYR A 356 40.73 21.83 49.20
C TYR A 356 40.77 23.14 48.38
N PRO A 357 41.10 23.04 47.09
CA PRO A 357 41.25 24.26 46.28
C PRO A 357 39.97 25.06 46.12
N ASP A 358 38.80 24.41 46.14
CA ASP A 358 37.56 25.11 45.84
C ASP A 358 37.26 26.19 46.87
N GLY A 359 37.63 25.94 48.14
CA GLY A 359 37.41 26.92 49.19
C GLY A 359 36.02 26.93 49.78
N LYS A 360 35.20 25.93 49.49
CA LYS A 360 33.85 25.83 50.02
C LYS A 360 33.73 24.61 50.91
N LEU A 361 32.67 24.58 51.70
CA LEU A 361 32.43 23.43 52.57
C LEU A 361 32.17 22.18 51.72
N PRO A 362 32.76 21.04 52.06
CA PRO A 362 32.61 19.83 51.24
C PRO A 362 31.31 19.10 51.53
N PHE A 363 30.19 19.80 51.37
CA PHE A 363 28.87 19.23 51.59
C PHE A 363 27.95 19.62 50.45
N VAL A 364 27.09 18.69 50.05
CA VAL A 364 26.14 18.88 48.96
C VAL A 364 24.76 18.47 49.46
N LEU A 365 23.78 19.35 49.29
CA LEU A 365 22.41 19.11 49.73
C LEU A 365 21.48 19.03 48.53
N ILE A 366 20.62 18.02 48.52
CA ILE A 366 19.68 17.79 47.42
C ILE A 366 18.29 17.59 48.03
N PRO A 367 17.32 18.45 47.73
CA PRO A 367 15.98 18.29 48.31
C PRO A 367 15.06 17.46 47.41
N TYR A 368 14.27 16.58 48.02
CA TYR A 368 13.30 15.80 47.26
C TYR A 368 12.18 16.68 46.72
N MET A 369 11.58 17.49 47.60
CA MET A 369 10.55 18.44 47.21
C MET A 369 10.94 19.80 47.79
N PRO A 370 11.37 20.75 46.96
CA PRO A 370 11.85 22.03 47.49
C PRO A 370 10.77 22.81 48.20
N VAL A 371 11.19 23.55 49.22
CA VAL A 371 10.35 24.50 49.93
C VAL A 371 10.92 25.90 49.68
N LYS A 372 10.07 26.82 49.24
CA LYS A 372 10.54 28.14 48.83
C LYS A 372 11.23 28.85 49.99
N ARG A 373 12.41 29.42 49.70
CA ARG A 373 13.22 30.12 50.69
C ARG A 373 13.52 29.24 51.90
N ASP A 374 13.79 27.95 51.64
CA ASP A 374 14.12 27.00 52.68
C ASP A 374 15.21 26.06 52.18
N MET A 375 16.05 25.59 53.11
CA MET A 375 17.17 24.75 52.73
C MET A 375 16.75 23.29 52.60
N TYR A 376 15.85 22.82 53.46
CA TYR A 376 15.48 21.42 53.48
C TYR A 376 14.34 21.11 52.50
N GLY A 377 14.01 19.82 52.40
CA GLY A 377 12.95 19.39 51.53
C GLY A 377 11.95 18.52 52.30
N GLU A 378 10.93 18.07 51.56
CA GLU A 378 9.87 17.30 52.23
C GLU A 378 9.61 15.99 51.50
N PRO A 379 9.30 14.92 52.23
CA PRO A 379 8.91 13.66 51.59
C PRO A 379 7.42 13.60 51.32
N ASP A 380 6.98 12.46 50.79
CA ASP A 380 5.58 12.28 50.46
C ASP A 380 4.75 11.78 51.63
N ALA A 381 5.38 11.40 52.75
CA ALA A 381 4.64 10.89 53.89
C ALA A 381 3.73 11.95 54.50
N GLU A 382 4.11 13.21 54.41
CA GLU A 382 3.32 14.30 54.97
C GLU A 382 1.90 14.30 54.41
N LEU A 383 1.77 14.06 53.11
CA LEU A 383 0.46 14.10 52.48
C LEU A 383 -0.30 12.79 52.69
N LEU A 384 0.41 11.70 52.95
CA LEU A 384 -0.17 10.36 52.90
C LEU A 384 -0.40 9.73 54.27
N GLY A 385 0.03 10.38 55.36
CA GLY A 385 -0.19 9.79 56.68
C GLY A 385 -1.67 9.60 56.99
N ASP A 386 -2.49 10.61 56.71
CA ASP A 386 -3.92 10.52 56.99
C ASP A 386 -4.58 9.42 56.16
N ASN A 387 -4.25 9.34 54.88
CA ASN A 387 -4.82 8.32 54.01
C ASN A 387 -4.40 6.93 54.48
N GLN A 388 -3.14 6.78 54.89
CA GLN A 388 -2.67 5.50 55.41
C GLN A 388 -3.45 5.11 56.67
N ALA A 389 -3.67 6.06 57.57
CA ALA A 389 -4.41 5.76 58.79
C ALA A 389 -5.84 5.34 58.48
N VAL A 390 -6.51 6.06 57.59
CA VAL A 390 -7.90 5.73 57.26
C VAL A 390 -7.98 4.36 56.58
N LEU A 391 -7.07 4.08 55.64
CA LEU A 391 -7.07 2.79 54.97
C LEU A 391 -6.82 1.65 55.95
N GLY A 392 -5.87 1.83 56.87
CA GLY A 392 -5.63 0.82 57.89
C GLY A 392 -6.84 0.59 58.76
N ALA A 393 -7.53 1.67 59.15
CA ALA A 393 -8.73 1.51 59.97
C ALA A 393 -9.81 0.74 59.22
N VAL A 394 -10.01 1.05 57.95
CA VAL A 394 -11.04 0.35 57.17
C VAL A 394 -10.68 -1.13 57.03
N MET A 395 -9.42 -1.43 56.73
CA MET A 395 -9.00 -2.82 56.58
C MET A 395 -9.16 -3.58 57.89
N ARG A 396 -8.79 -2.95 59.01
CA ARG A 396 -8.99 -3.59 60.31
C ARG A 396 -10.46 -3.84 60.57
N GLY A 397 -11.33 -2.91 60.21
CA GLY A 397 -12.75 -3.12 60.38
C GLY A 397 -13.26 -4.33 59.60
N MET A 398 -12.85 -4.44 58.33
CA MET A 398 -13.28 -5.59 57.53
C MET A 398 -12.75 -6.90 58.10
N ILE A 399 -11.48 -6.93 58.52
CA ILE A 399 -10.90 -8.16 59.02
C ILE A 399 -11.54 -8.57 60.34
N ASP A 400 -11.83 -7.59 61.20
CA ASP A 400 -12.54 -7.88 62.45
C ASP A 400 -13.94 -8.42 62.16
N LEU A 401 -14.64 -7.80 61.20
CA LEU A 401 -15.96 -8.27 60.82
C LEU A 401 -15.94 -9.73 60.41
N LEU A 402 -14.98 -10.11 59.57
CA LEU A 402 -14.91 -11.51 59.13
C LEU A 402 -14.48 -12.43 60.26
N GLY A 403 -13.46 -12.03 61.02
CA GLY A 403 -12.89 -12.93 62.02
C GLY A 403 -13.82 -13.20 63.19
N ARG A 404 -14.54 -12.19 63.66
CA ARG A 404 -15.31 -12.35 64.89
C ARG A 404 -16.56 -13.19 64.65
N SER A 405 -16.98 -13.33 63.40
CA SER A 405 -18.18 -14.11 63.10
C SER A 405 -17.92 -15.61 63.31
N ALA A 406 -18.98 -16.33 63.64
CA ALA A 406 -18.88 -17.77 63.81
C ALA A 406 -19.05 -18.47 62.47
N ASN A 407 -18.14 -19.39 62.15
CA ASN A 407 -18.15 -20.12 60.89
C ASN A 407 -18.01 -21.61 61.17
N GLY A 408 -18.77 -22.41 60.43
CA GLY A 408 -18.71 -23.86 60.55
C GLY A 408 -19.64 -24.46 61.58
N GLN A 409 -20.27 -23.64 62.42
CA GLN A 409 -21.17 -24.18 63.43
C GLN A 409 -22.49 -24.59 62.80
N ARG A 410 -23.18 -25.51 63.48
CA ARG A 410 -24.48 -26.00 63.03
C ARG A 410 -25.48 -25.86 64.16
N GLY A 411 -26.66 -25.33 63.85
CA GLY A 411 -27.73 -25.15 64.82
C GLY A 411 -28.88 -26.11 64.56
N MET A 412 -29.38 -26.72 65.63
CA MET A 412 -30.42 -27.73 65.52
C MET A 412 -31.61 -27.35 66.38
N PRO A 413 -32.83 -27.34 65.83
CA PRO A 413 -34.02 -27.11 66.66
C PRO A 413 -34.30 -28.27 67.59
N LYS A 414 -34.90 -27.97 68.74
CA LYS A 414 -35.19 -29.01 69.71
C LYS A 414 -36.47 -29.75 69.32
N GLY A 415 -36.42 -31.08 69.40
CA GLY A 415 -37.58 -31.91 69.15
C GLY A 415 -37.76 -32.35 67.71
N MET A 416 -36.94 -31.85 66.79
CA MET A 416 -37.05 -32.28 65.40
C MET A 416 -36.71 -33.76 65.26
N LEU A 417 -35.67 -34.22 65.92
CA LEU A 417 -35.22 -35.60 65.85
C LEU A 417 -35.06 -36.18 67.25
N ASP A 418 -35.56 -37.40 67.44
CA ASP A 418 -35.35 -38.08 68.72
C ASP A 418 -33.91 -38.60 68.81
N ALA A 419 -33.63 -39.32 69.90
CA ALA A 419 -32.26 -39.70 70.20
C ALA A 419 -31.65 -40.55 69.08
N LEU A 420 -32.36 -41.60 68.66
CA LEU A 420 -31.81 -42.50 67.64
C LEU A 420 -31.64 -41.79 66.30
N ASN A 421 -32.65 -41.01 65.88
CA ASN A 421 -32.55 -40.30 64.61
C ASN A 421 -31.48 -39.23 64.67
N SER A 422 -31.34 -38.55 65.82
CA SER A 422 -30.29 -37.56 65.96
C SER A 422 -28.91 -38.20 65.86
N ARG A 423 -28.73 -39.35 66.50
CA ARG A 423 -27.46 -40.07 66.38
C ARG A 423 -27.20 -40.49 64.93
N ARG A 424 -28.23 -41.00 64.25
CA ARG A 424 -28.06 -41.41 62.86
C ARG A 424 -27.67 -40.22 61.98
N TYR A 425 -28.29 -39.06 62.22
CA TYR A 425 -27.91 -37.86 61.49
C TYR A 425 -26.47 -37.45 61.79
N ARG A 426 -26.07 -37.56 63.06
CA ARG A 426 -24.72 -37.13 63.45
C ARG A 426 -23.65 -38.01 62.83
N GLU A 427 -23.87 -39.34 62.82
CA GLU A 427 -22.88 -40.23 62.22
C GLU A 427 -22.75 -40.01 60.72
N GLY A 428 -23.85 -39.68 60.05
CA GLY A 428 -23.79 -39.41 58.64
C GLY A 428 -24.59 -40.37 57.77
N GLU A 429 -25.69 -40.88 58.29
CA GLU A 429 -26.55 -41.80 57.55
C GLU A 429 -27.97 -41.25 57.51
N ASP A 430 -28.84 -41.98 56.81
CA ASP A 430 -30.20 -41.53 56.60
C ASP A 430 -30.98 -41.47 57.91
N TYR A 431 -31.94 -40.55 57.97
CA TYR A 431 -32.73 -40.32 59.17
C TYR A 431 -34.18 -40.04 58.79
N GLU A 432 -35.03 -39.99 59.80
CA GLU A 432 -36.44 -39.64 59.62
C GLU A 432 -36.82 -38.58 60.65
N TYR A 433 -37.48 -37.52 60.19
CA TYR A 433 -37.76 -36.36 61.02
C TYR A 433 -39.27 -36.17 61.20
N ASN A 434 -39.62 -35.38 62.21
CA ASN A 434 -41.01 -35.05 62.46
C ASN A 434 -41.52 -34.07 61.39
N PRO A 435 -42.68 -34.34 60.79
CA PRO A 435 -43.14 -33.47 59.68
C PRO A 435 -43.42 -32.03 60.09
N THR A 436 -43.60 -31.78 61.40
CA THR A 436 -43.93 -30.43 61.84
C THR A 436 -42.80 -29.45 61.54
N GLN A 437 -41.56 -29.88 61.70
CA GLN A 437 -40.38 -29.03 61.47
C GLN A 437 -39.67 -29.47 60.21
N ASN A 438 -39.26 -28.50 59.39
CA ASN A 438 -38.63 -28.79 58.11
C ASN A 438 -37.12 -28.61 58.23
N PRO A 439 -36.34 -29.69 58.11
CA PRO A 439 -34.88 -29.54 58.29
C PRO A 439 -34.22 -28.60 57.30
N ALA A 440 -34.84 -28.38 56.14
CA ALA A 440 -34.21 -27.53 55.12
C ALA A 440 -34.05 -26.10 55.61
N GLN A 441 -35.01 -25.61 56.41
CA GLN A 441 -34.95 -24.23 56.86
C GLN A 441 -34.44 -24.14 58.30
N MET A 442 -34.88 -25.06 59.16
CA MET A 442 -34.56 -24.95 60.58
C MET A 442 -33.10 -25.26 60.85
N ILE A 443 -32.50 -26.21 60.14
CA ILE A 443 -31.08 -26.48 60.29
C ILE A 443 -30.29 -25.32 59.70
N ILE A 444 -29.44 -24.70 60.51
CA ILE A 444 -28.71 -23.51 60.13
C ILE A 444 -27.23 -23.80 60.18
N GLU A 445 -26.53 -23.51 59.08
CA GLU A 445 -25.07 -23.58 59.02
C GLU A 445 -24.55 -22.16 58.83
N HIS A 446 -23.71 -21.71 59.76
CA HIS A 446 -23.26 -20.34 59.77
C HIS A 446 -22.21 -20.09 58.71
N LYS A 447 -22.13 -18.85 58.24
CA LYS A 447 -21.22 -18.46 57.17
C LYS A 447 -20.67 -17.07 57.45
N PHE A 448 -19.72 -16.66 56.62
CA PHE A 448 -19.15 -15.32 56.76
C PHE A 448 -20.19 -14.27 56.41
N PRO A 449 -20.24 -13.16 57.14
CA PRO A 449 -21.16 -12.08 56.77
C PRO A 449 -20.72 -11.39 55.48
N GLU A 450 -21.69 -10.77 54.80
CA GLU A 450 -21.39 -10.09 53.55
C GLU A 450 -20.77 -8.73 53.82
N LEU A 451 -19.70 -8.42 53.10
CA LEU A 451 -19.00 -7.15 53.30
C LEU A 451 -19.81 -6.00 52.72
N PRO A 452 -19.92 -4.88 53.44
CA PRO A 452 -20.61 -3.71 52.87
C PRO A 452 -19.78 -3.05 51.78
N GLN A 453 -20.46 -2.34 50.89
CA GLN A 453 -19.77 -1.65 49.79
C GLN A 453 -19.06 -0.39 50.28
N SER A 454 -19.44 0.11 51.46
CA SER A 454 -18.85 1.36 51.96
C SER A 454 -17.36 1.23 52.19
N ALA A 455 -16.92 0.10 52.76
CA ALA A 455 -15.51 -0.09 53.04
C ALA A 455 -14.69 -0.10 51.76
N LEU A 456 -15.15 -0.84 50.75
CA LEU A 456 -14.43 -0.89 49.48
C LEU A 456 -14.42 0.48 48.80
N THR A 457 -15.56 1.18 48.83
CA THR A 457 -15.61 2.50 48.21
C THR A 457 -14.65 3.47 48.89
N MET A 458 -14.60 3.46 50.22
CA MET A 458 -13.71 4.38 50.92
C MET A 458 -12.25 4.02 50.74
N ALA A 459 -11.94 2.71 50.70
CA ALA A 459 -10.57 2.30 50.40
C ALA A 459 -10.15 2.78 49.01
N THR A 460 -11.04 2.63 48.03
CA THR A 460 -10.74 3.11 46.69
C THR A 460 -10.55 4.63 46.67
N LEU A 461 -11.39 5.36 47.41
CA LEU A 461 -11.25 6.81 47.46
C LEU A 461 -9.92 7.23 48.08
N GLN A 462 -9.52 6.58 49.18
CA GLN A 462 -8.23 6.90 49.80
C GLN A 462 -7.08 6.59 48.85
N ASN A 463 -7.14 5.45 48.16
CA ASN A 463 -6.08 5.10 47.23
C ASN A 463 -5.99 6.12 46.09
N GLN A 464 -7.15 6.51 45.55
CA GLN A 464 -7.16 7.48 44.45
C GLN A 464 -6.64 8.83 44.91
N GLU A 465 -7.02 9.27 46.11
CA GLU A 465 -6.51 10.54 46.62
C GLU A 465 -5.00 10.48 46.83
N ALA A 466 -4.49 9.36 47.34
CA ALA A 466 -3.06 9.22 47.53
C ALA A 466 -2.32 9.26 46.20
N GLU A 467 -2.83 8.55 45.19
CA GLU A 467 -2.19 8.56 43.88
C GLU A 467 -2.24 9.95 43.25
N SER A 468 -3.35 10.67 43.45
CA SER A 468 -3.46 12.01 42.89
C SER A 468 -2.47 12.96 43.55
N LEU A 469 -2.38 12.92 44.89
CA LEU A 469 -1.45 13.81 45.59
C LEU A 469 -0.01 13.48 45.25
N THR A 470 0.35 12.19 45.30
CA THR A 470 1.74 11.80 45.04
C THR A 470 2.08 11.89 43.56
N GLY A 471 1.15 11.45 42.70
CA GLY A 471 1.44 11.38 41.28
C GLY A 471 2.06 10.08 40.82
N VAL A 472 2.00 9.03 41.64
CA VAL A 472 2.60 7.74 41.33
C VAL A 472 1.49 6.70 41.24
N LYS A 473 1.47 5.95 40.14
CA LYS A 473 0.55 4.84 39.96
C LYS A 473 1.30 3.52 40.09
N ALA A 474 0.54 2.45 40.30
CA ALA A 474 1.15 1.15 40.58
C ALA A 474 2.00 0.66 39.42
N PHE A 475 1.38 0.39 38.28
CA PHE A 475 2.07 -0.27 37.17
C PHE A 475 2.24 0.63 35.96
N ALA A 476 2.46 1.93 36.18
CA ALA A 476 2.63 2.88 35.09
C ALA A 476 3.79 3.80 35.39
N GLY A 477 4.38 4.34 34.33
CA GLY A 477 5.44 5.33 34.45
C GLY A 477 6.81 4.71 34.67
N GLY A 478 7.73 5.59 35.08
CA GLY A 478 9.10 5.19 35.36
C GLY A 478 10.06 5.28 34.19
N VAL A 479 9.59 5.65 33.00
CA VAL A 479 10.41 5.66 31.80
C VAL A 479 11.00 7.04 31.52
N THR A 480 11.07 7.90 32.53
CA THR A 480 11.61 9.24 32.32
C THR A 480 13.12 9.20 32.09
N GLY A 481 13.79 8.19 32.62
CA GLY A 481 15.24 8.11 32.49
C GLY A 481 15.71 7.96 31.06
N GLU A 482 14.93 7.27 30.23
CA GLU A 482 15.32 7.08 28.83
C GLU A 482 15.29 8.40 28.06
N SER A 483 14.57 9.38 28.58
CA SER A 483 14.42 10.68 27.92
C SER A 483 15.23 11.78 28.58
N TYR A 484 16.18 11.43 29.45
CA TYR A 484 17.01 12.44 30.11
C TYR A 484 17.89 13.17 29.11
N GLY A 485 18.42 12.45 28.13
CA GLY A 485 19.32 13.05 27.18
C GLY A 485 18.67 14.20 26.43
N ASP A 486 19.37 15.34 26.37
CA ASP A 486 18.82 16.50 25.68
C ASP A 486 18.73 16.27 24.18
N VAL A 487 19.87 16.08 23.52
CA VAL A 487 19.86 15.87 22.07
C VAL A 487 19.12 14.58 21.72
N ALA A 488 19.12 13.61 22.64
CA ALA A 488 18.54 12.31 22.35
C ALA A 488 17.02 12.39 22.28
N ALA A 489 16.38 12.78 23.38
CA ALA A 489 14.92 12.77 23.43
C ALA A 489 14.29 14.07 23.89
N GLY A 490 15.07 15.06 24.33
CA GLY A 490 14.48 16.35 24.67
C GLY A 490 13.88 17.04 23.47
N ILE A 491 14.50 16.84 22.29
CA ILE A 491 13.97 17.42 21.06
C ILE A 491 12.74 16.65 20.63
N ARG A 492 11.61 17.35 20.52
CA ARG A 492 10.34 16.76 20.10
C ARG A 492 9.98 15.54 20.95
N GLY A 493 10.21 15.66 22.26
CA GLY A 493 9.90 14.59 23.18
C GLY A 493 8.65 14.86 23.98
N VAL A 494 7.60 14.08 23.75
CA VAL A 494 6.31 14.27 24.40
C VAL A 494 6.13 13.19 25.46
N LEU A 495 5.87 13.61 26.69
CA LEU A 495 5.63 12.70 27.81
C LEU A 495 4.39 13.14 28.56
N ASP A 496 3.73 12.18 29.20
CA ASP A 496 2.53 12.49 29.95
C ASP A 496 2.84 13.38 31.16
N ALA A 497 1.79 13.90 31.78
CA ALA A 497 1.95 14.87 32.86
C ALA A 497 2.68 14.26 34.05
N ALA A 498 2.52 12.96 34.27
CA ALA A 498 3.12 12.33 35.45
C ALA A 498 4.62 12.15 35.29
N SER A 499 5.13 12.17 34.06
CA SER A 499 6.55 11.92 33.84
C SER A 499 7.41 13.13 34.20
N LYS A 500 6.83 14.34 34.13
CA LYS A 500 7.64 15.54 34.27
C LYS A 500 8.06 15.79 35.71
N ARG A 501 7.24 15.35 36.68
CA ARG A 501 7.65 15.46 38.08
C ARG A 501 8.87 14.58 38.36
N GLU A 502 8.85 13.34 37.87
CA GLU A 502 10.01 12.47 37.98
C GLU A 502 11.20 13.04 37.23
N MET A 503 10.95 13.67 36.09
CA MET A 503 12.03 14.34 35.35
C MET A 503 12.67 15.44 36.19
N ALA A 504 11.85 16.24 36.87
CA ALA A 504 12.38 17.30 37.73
C ALA A 504 13.21 16.72 38.87
N ILE A 505 12.73 15.65 39.50
CA ILE A 505 13.50 15.03 40.58
C ILE A 505 14.82 14.49 40.04
N LEU A 506 14.81 13.89 38.85
CA LEU A 506 16.04 13.38 38.27
C LEU A 506 17.03 14.50 37.98
N ARG A 507 16.53 15.65 37.49
CA ARG A 507 17.40 16.79 37.26
C ARG A 507 17.99 17.31 38.57
N ARG A 508 17.18 17.32 39.63
CA ARG A 508 17.68 17.75 40.93
C ARG A 508 18.81 16.83 41.41
N LEU A 509 18.65 15.51 41.23
CA LEU A 509 19.72 14.59 41.61
C LEU A 509 20.95 14.79 40.73
N ALA A 510 20.74 15.01 39.43
CA ALA A 510 21.86 15.17 38.51
C ALA A 510 22.67 16.42 38.82
N LYS A 511 22.01 17.46 39.33
CA LYS A 511 22.75 18.66 39.73
C LYS A 511 23.72 18.36 40.86
N GLY A 512 23.27 17.62 41.88
CA GLY A 512 24.17 17.24 42.95
C GLY A 512 25.29 16.32 42.47
N MET A 513 24.98 15.41 41.55
CA MET A 513 26.02 14.55 40.98
C MET A 513 27.07 15.38 40.24
N SER A 514 26.63 16.38 39.48
CA SER A 514 27.56 17.26 38.77
C SER A 514 28.42 18.04 39.74
N GLU A 515 27.82 18.53 40.85
CA GLU A 515 28.61 19.23 41.85
C GLU A 515 29.67 18.33 42.47
N ILE A 516 29.31 17.07 42.77
CA ILE A 516 30.26 16.12 43.32
C ILE A 516 31.40 15.88 42.32
N GLY A 517 31.05 15.70 41.05
CA GLY A 517 32.06 15.49 40.03
C GLY A 517 33.00 16.67 39.89
N ASN A 518 32.45 17.89 39.94
CA ASN A 518 33.28 19.09 39.86
C ASN A 518 34.24 19.17 41.04
N LYS A 519 33.75 18.89 42.25
CA LYS A 519 34.62 18.91 43.43
C LYS A 519 35.74 17.88 43.30
N ILE A 520 35.41 16.68 42.84
CA ILE A 520 36.42 15.62 42.74
C ILE A 520 37.44 15.97 41.66
N ILE A 521 37.00 16.57 40.55
CA ILE A 521 37.93 17.01 39.51
C ILE A 521 38.87 18.08 40.07
N ALA A 522 38.32 19.02 40.84
CA ALA A 522 39.15 20.08 41.42
C ALA A 522 40.21 19.49 42.37
N MET A 523 39.81 18.52 43.19
CA MET A 523 40.79 17.87 44.07
C MET A 523 41.83 17.09 43.29
N ASN A 524 41.41 16.38 42.23
CA ASN A 524 42.35 15.60 41.42
C ASN A 524 43.36 16.51 40.72
N ALA A 525 42.95 17.74 40.40
CA ALA A 525 43.84 18.67 39.71
C ALA A 525 45.08 18.97 40.55
N VAL A 526 44.97 18.86 41.87
CA VAL A 526 46.10 19.18 42.74
C VAL A 526 46.75 17.91 43.28
N PHE A 527 45.95 16.99 43.81
CA PHE A 527 46.51 15.91 44.61
C PHE A 527 47.23 14.88 43.73
N LEU A 528 46.65 14.53 42.59
CA LEU A 528 47.24 13.51 41.73
C LEU A 528 48.50 14.03 41.06
N ALA A 529 49.48 13.14 40.91
CA ALA A 529 50.74 13.49 40.27
C ALA A 529 50.68 13.20 38.77
N GLU A 530 51.76 13.58 38.08
CA GLU A 530 51.80 13.40 36.62
C GLU A 530 51.86 11.94 36.23
N HIS A 531 52.71 11.15 36.90
CA HIS A 531 52.92 9.77 36.48
C HIS A 531 51.67 8.93 36.66
N GLU A 532 50.88 9.21 37.71
CA GLU A 532 49.64 8.47 37.90
C GLU A 532 48.66 8.73 36.77
N VAL A 533 48.50 9.99 36.37
CA VAL A 533 47.58 10.32 35.29
C VAL A 533 48.07 9.74 33.96
N VAL A 534 49.39 9.76 33.75
CA VAL A 534 49.95 9.16 32.53
C VAL A 534 49.67 7.66 32.52
N ARG A 535 49.83 6.99 33.66
CA ARG A 535 49.55 5.56 33.74
C ARG A 535 48.08 5.27 33.45
N ILE A 536 47.19 6.09 34.01
CA ILE A 536 45.76 5.84 33.82
C ILE A 536 45.35 6.09 32.36
N THR A 537 45.85 7.16 31.75
CA THR A 537 45.38 7.58 30.44
C THR A 537 46.28 7.16 29.29
N ASN A 538 47.55 6.86 29.56
CA ASN A 538 48.52 6.49 28.52
C ASN A 538 48.63 7.58 27.45
N GLU A 539 48.67 8.83 27.90
CA GLU A 539 48.81 9.97 27.00
C GLU A 539 49.58 11.07 27.71
N GLU A 540 49.90 12.12 26.95
CA GLU A 540 50.67 13.23 27.50
C GLU A 540 49.86 13.98 28.54
N PHE A 541 50.56 14.53 29.53
CA PHE A 541 49.91 15.21 30.63
C PHE A 541 49.57 16.65 30.26
N VAL A 542 48.44 17.14 30.77
CA VAL A 542 48.02 18.52 30.61
C VAL A 542 47.96 19.17 31.98
N THR A 543 48.55 20.35 32.12
CA THR A 543 48.66 21.02 33.40
C THR A 543 47.59 22.10 33.52
N ILE A 544 47.07 22.27 34.74
CA ILE A 544 46.08 23.29 35.06
C ILE A 544 46.70 24.26 36.05
N LYS A 545 46.69 25.54 35.72
CA LYS A 545 47.27 26.55 36.59
C LYS A 545 46.47 26.67 37.88
N ARG A 546 47.18 26.96 38.98
CA ARG A 546 46.56 27.00 40.29
C ARG A 546 45.60 28.18 40.45
N GLU A 547 45.89 29.30 39.81
CA GLU A 547 45.00 30.46 39.93
C GLU A 547 43.68 30.22 39.20
N ASP A 548 43.70 29.36 38.18
CA ASP A 548 42.46 29.08 37.44
C ASP A 548 41.62 28.02 38.14
N LEU A 549 42.11 27.46 39.24
CA LEU A 549 41.38 26.37 39.90
C LEU A 549 40.15 26.90 40.63
N LYS A 550 40.19 28.15 41.11
CA LYS A 550 39.06 28.69 41.86
C LYS A 550 37.81 28.79 41.00
N GLY A 551 37.95 29.23 39.76
CA GLY A 551 36.83 29.37 38.84
C GLY A 551 36.86 28.26 37.80
N ASN A 552 35.77 27.52 37.73
CA ASN A 552 35.70 26.35 36.84
C ASN A 552 35.54 26.82 35.40
N PHE A 553 36.66 26.99 34.70
CA PHE A 553 36.66 27.24 33.28
C PHE A 553 36.95 25.95 32.54
N ASP A 554 36.68 25.97 31.24
CA ASP A 554 37.12 24.99 30.23
C ASP A 554 36.46 23.63 30.39
N LEU A 555 35.55 23.46 31.35
CA LEU A 555 35.00 22.14 31.63
C LEU A 555 33.51 22.24 31.93
N GLU A 556 32.81 21.16 31.64
CA GLU A 556 31.39 21.01 31.97
C GLU A 556 31.11 19.54 32.24
N VAL A 557 30.53 19.25 33.40
CA VAL A 557 30.31 17.89 33.87
C VAL A 557 28.81 17.61 33.89
N ASP A 558 28.42 16.48 33.31
CA ASP A 558 27.02 16.07 33.29
C ASP A 558 26.95 14.55 33.26
N ILE A 559 25.80 14.02 33.68
CA ILE A 559 25.60 12.57 33.70
C ILE A 559 25.50 12.06 32.27
N SER A 560 26.15 10.93 32.01
CA SER A 560 26.17 10.31 30.69
C SER A 560 25.22 9.13 30.65
N THR A 561 24.44 9.04 29.56
CA THR A 561 23.50 7.95 29.37
C THR A 561 23.76 7.30 28.01
N ALA A 562 23.18 6.11 27.83
CA ALA A 562 23.40 5.36 26.60
C ALA A 562 22.83 6.08 25.38
N GLU A 563 21.63 6.65 25.53
CA GLU A 563 20.98 7.31 24.39
C GLU A 563 21.73 8.56 23.96
N VAL A 564 22.42 9.23 24.89
CA VAL A 564 23.19 10.42 24.54
C VAL A 564 24.30 10.07 23.55
N ASP A 565 25.01 8.97 23.81
CA ASP A 565 26.08 8.55 22.91
C ASP A 565 25.55 8.21 21.53
N ASN A 566 24.41 7.50 21.47
CA ASN A 566 23.81 7.16 20.18
C ASN A 566 23.41 8.41 19.41
N GLN A 567 22.78 9.37 20.09
CA GLN A 567 22.36 10.59 19.41
C GLN A 567 23.56 11.40 18.96
N LYS A 568 24.62 11.43 19.76
CA LYS A 568 25.84 12.13 19.34
C LYS A 568 26.45 11.46 18.11
N SER A 569 26.41 10.12 18.07
CA SER A 569 26.90 9.42 16.89
C SER A 569 26.07 9.76 15.66
N GLN A 570 24.75 9.82 15.81
CA GLN A 570 23.89 10.19 14.68
C GLN A 570 24.18 11.62 14.22
N ASP A 571 24.37 12.53 15.17
CA ASP A 571 24.69 13.91 14.81
C ASP A 571 26.03 14.00 14.09
N LEU A 572 27.02 13.24 14.55
CA LEU A 572 28.33 13.22 13.88
C LEU A 572 28.20 12.66 12.47
N GLY A 573 27.41 11.60 12.30
CA GLY A 573 27.19 11.06 10.96
C GLY A 573 26.50 12.04 10.05
N PHE A 574 25.49 12.77 10.56
CA PHE A 574 24.82 13.78 9.76
C PHE A 574 25.78 14.90 9.38
N MET A 575 26.63 15.33 10.33
CA MET A 575 27.59 16.39 10.03
C MET A 575 28.60 15.94 8.99
N LEU A 576 29.05 14.68 9.08
CA LEU A 576 29.97 14.14 8.07
C LEU A 576 29.30 14.06 6.71
N GLN A 577 28.02 13.68 6.68
CA GLN A 577 27.29 13.62 5.41
C GLN A 577 27.14 15.01 4.80
N THR A 578 26.83 16.03 5.62
CA THR A 578 26.64 17.36 5.10
C THR A 578 27.92 17.93 4.50
N ILE A 579 29.05 17.76 5.17
CA ILE A 579 30.33 18.23 4.65
C ILE A 579 30.83 17.25 3.59
N GLY A 580 31.44 17.81 2.53
CA GLY A 580 32.05 16.99 1.51
C GLY A 580 33.18 16.15 2.04
N PRO A 581 33.12 14.84 1.81
CA PRO A 581 34.20 13.96 2.30
C PRO A 581 35.57 14.32 1.77
N ASN A 582 35.65 14.86 0.55
CA ASN A 582 36.94 15.20 -0.04
C ASN A 582 37.39 16.62 0.31
N VAL A 583 36.60 17.35 1.09
CA VAL A 583 36.97 18.74 1.42
C VAL A 583 38.26 18.76 2.23
N ASP A 584 38.33 17.96 3.29
CA ASP A 584 39.50 17.89 4.14
C ASP A 584 39.60 16.51 4.76
N GLN A 585 40.79 15.90 4.67
CA GLN A 585 40.95 14.55 5.21
C GLN A 585 41.06 14.57 6.73
N GLN A 586 41.67 15.62 7.29
CA GLN A 586 41.85 15.69 8.73
C GLN A 586 40.52 15.77 9.46
N ILE A 587 39.59 16.57 8.94
CA ILE A 587 38.27 16.69 9.57
C ILE A 587 37.55 15.35 9.54
N THR A 588 37.61 14.65 8.39
CA THR A 588 36.96 13.36 8.29
C THR A 588 37.57 12.35 9.26
N LEU A 589 38.90 12.33 9.36
CA LEU A 589 39.55 11.41 10.29
C LEU A 589 39.17 11.71 11.73
N ASN A 590 39.13 12.98 12.11
CA ASN A 590 38.75 13.34 13.47
C ASN A 590 37.30 12.96 13.75
N ILE A 591 36.41 13.18 12.79
CA ILE A 591 35.01 12.79 12.97
C ILE A 591 34.88 11.29 13.14
N LEU A 592 35.62 10.52 12.31
CA LEU A 592 35.56 9.06 12.42
C LEU A 592 36.10 8.60 13.77
N ALA A 593 37.18 9.22 14.25
CA ALA A 593 37.70 8.86 15.56
C ALA A 593 36.71 9.18 16.66
N GLU A 594 36.03 10.32 16.57
CA GLU A 594 35.01 10.66 17.57
C GLU A 594 33.87 9.66 17.56
N ILE A 595 33.43 9.23 16.36
CA ILE A 595 32.37 8.24 16.27
C ILE A 595 32.84 6.91 16.87
N ALA A 596 34.08 6.52 16.58
CA ALA A 596 34.61 5.26 17.09
C ALA A 596 34.71 5.26 18.61
N ASP A 597 35.08 6.41 19.19
CA ASP A 597 35.19 6.50 20.64
C ASP A 597 33.84 6.25 21.32
N LEU A 598 32.77 6.81 20.76
CA LEU A 598 31.45 6.61 21.36
C LEU A 598 31.01 5.16 21.26
N LYS A 599 31.57 4.41 20.33
CA LYS A 599 31.24 2.99 20.16
C LYS A 599 32.14 2.07 20.98
N ARG A 600 33.02 2.63 21.81
CA ARG A 600 33.91 1.88 22.69
C ARG A 600 34.92 1.02 21.92
N MET A 601 35.51 1.57 20.86
CA MET A 601 36.61 0.90 20.17
C MET A 601 37.83 1.82 20.21
N PRO A 602 38.67 1.74 21.25
CA PRO A 602 39.77 2.71 21.35
C PRO A 602 40.89 2.45 20.37
N LYS A 603 41.17 1.19 20.04
CA LYS A 603 42.23 0.89 19.09
C LYS A 603 41.93 1.46 17.71
N LEU A 604 40.69 1.30 17.24
CA LEU A 604 40.30 1.84 15.95
C LEU A 604 40.39 3.36 15.94
N ALA A 605 39.94 4.01 17.01
CA ALA A 605 40.00 5.47 17.08
C ALA A 605 41.44 5.96 17.09
N HIS A 606 42.32 5.29 17.84
CA HIS A 606 43.72 5.68 17.86
C HIS A 606 44.36 5.48 16.49
N ASP A 607 44.01 4.39 15.80
CA ASP A 607 44.55 4.14 14.47
C ASP A 607 44.10 5.23 13.50
N LEU A 608 42.81 5.60 13.56
CA LEU A 608 42.31 6.64 12.67
C LEU A 608 42.96 8.00 12.97
N ARG A 609 43.14 8.32 14.24
CA ARG A 609 43.73 9.61 14.60
C ARG A 609 45.16 9.73 14.08
N THR A 610 45.99 8.74 14.34
CA THR A 610 47.38 8.73 13.91
C THR A 610 47.54 7.98 12.59
N TRP A 611 46.85 8.43 11.56
CA TRP A 611 46.88 7.78 10.25
C TRP A 611 47.60 8.69 9.26
N GLN A 612 48.59 8.14 8.57
CA GLN A 612 49.37 8.86 7.59
C GLN A 612 49.38 8.08 6.27
N PRO A 613 48.99 8.70 5.16
CA PRO A 613 49.01 7.99 3.88
C PRO A 613 50.44 7.62 3.48
N GLN A 614 50.56 6.46 2.82
CA GLN A 614 51.86 5.98 2.37
C GLN A 614 52.06 6.31 0.90
N PRO A 615 53.13 7.03 0.56
CA PRO A 615 53.33 7.45 -0.83
C PRO A 615 53.72 6.28 -1.72
N ASP A 616 53.39 6.42 -3.01
CA ASP A 616 53.78 5.45 -4.03
C ASP A 616 54.71 6.12 -5.02
N PRO A 617 55.98 5.71 -5.11
CA PRO A 617 56.91 6.38 -6.03
C PRO A 617 56.49 6.30 -7.49
N VAL A 618 55.80 5.25 -7.89
CA VAL A 618 55.43 5.08 -9.30
C VAL A 618 54.52 6.22 -9.75
N GLN A 619 53.52 6.58 -8.94
CA GLN A 619 52.61 7.66 -9.30
C GLN A 619 53.35 8.99 -9.41
N GLU A 620 54.26 9.27 -8.48
CA GLU A 620 55.03 10.51 -8.52
C GLU A 620 55.89 10.57 -9.79
N GLN A 621 56.54 9.46 -10.11
CA GLN A 621 57.35 9.42 -11.33
C GLN A 621 56.50 9.63 -12.58
N LEU A 622 55.31 9.00 -12.61
CA LEU A 622 54.42 9.19 -13.76
C LEU A 622 53.97 10.63 -13.89
N LYS A 623 53.65 11.27 -12.77
CA LYS A 623 53.26 12.68 -12.82
C LYS A 623 54.40 13.56 -13.32
N GLN A 624 55.63 13.29 -12.85
CA GLN A 624 56.78 14.05 -13.33
C GLN A 624 56.98 13.87 -14.83
N LEU A 625 56.85 12.64 -15.32
CA LEU A 625 56.98 12.38 -16.75
C LEU A 625 55.90 13.12 -17.54
N ALA A 626 54.67 13.12 -17.04
CA ALA A 626 53.59 13.82 -17.73
C ALA A 626 53.86 15.32 -17.78
N VAL A 627 54.34 15.90 -16.69
CA VAL A 627 54.64 17.33 -16.67
C VAL A 627 55.75 17.66 -17.66
N GLU A 628 56.80 16.84 -17.71
CA GLU A 628 57.89 17.14 -18.63
C GLU A 628 57.46 16.94 -20.08
N LYS A 629 56.56 15.98 -20.34
CA LYS A 629 56.02 15.82 -21.68
C LYS A 629 55.21 17.04 -22.10
N ALA A 630 54.37 17.56 -21.19
CA ALA A 630 53.62 18.77 -21.48
C ALA A 630 54.56 19.94 -21.73
N GLN A 631 55.69 19.98 -21.02
CA GLN A 631 56.69 21.01 -21.28
C GLN A 631 57.30 20.86 -22.67
N LEU A 632 57.58 19.61 -23.09
CA LEU A 632 58.28 19.38 -24.36
C LEU A 632 57.37 19.64 -25.55
N GLU A 633 56.06 19.50 -25.37
CA GLU A 633 55.14 19.75 -26.48
C GLU A 633 55.24 21.19 -26.99
N ASN A 634 55.42 22.14 -26.06
CA ASN A 634 55.56 23.55 -26.46
C ASN A 634 56.82 23.76 -27.29
N GLU A 635 57.92 23.13 -26.90
CA GLU A 635 59.15 23.24 -27.70
C GLU A 635 58.96 22.62 -29.07
N GLU A 636 58.23 21.51 -29.15
CA GLU A 636 57.94 20.91 -30.45
C GLU A 636 57.15 21.87 -31.34
N LEU A 637 56.15 22.54 -30.76
CA LEU A 637 55.37 23.52 -31.53
C LEU A 637 56.26 24.67 -31.99
N ARG A 638 57.15 25.15 -31.13
CA ARG A 638 58.06 26.22 -31.52
C ARG A 638 58.96 25.80 -32.66
N SER A 639 59.47 24.57 -32.62
CA SER A 639 60.30 24.07 -33.71
C SER A 639 59.52 23.99 -35.01
N LYS A 640 58.25 23.56 -34.93
CA LYS A 640 57.42 23.52 -36.13
C LYS A 640 57.24 24.92 -36.72
N ILE A 641 56.99 25.92 -35.86
CA ILE A 641 56.84 27.29 -36.33
C ILE A 641 58.11 27.78 -37.00
N ARG A 642 59.27 27.49 -36.39
CA ARG A 642 60.54 27.92 -36.98
C ARG A 642 60.75 27.27 -38.36
N LEU A 643 60.44 25.98 -38.48
CA LEU A 643 60.59 25.31 -39.77
C LEU A 643 59.68 25.91 -40.82
N ASN A 644 58.43 26.21 -40.45
CA ASN A 644 57.51 26.83 -41.40
C ASN A 644 58.01 28.19 -41.86
N ASP A 645 58.53 29.00 -40.92
CA ASP A 645 59.06 30.30 -41.29
C ASP A 645 60.24 30.17 -42.23
N ALA A 646 61.15 29.23 -41.95
CA ALA A 646 62.31 29.03 -42.83
C ALA A 646 61.87 28.63 -44.23
N GLN A 647 60.90 27.72 -44.33
CA GLN A 647 60.41 27.31 -45.64
C GLN A 647 59.77 28.48 -46.39
N ALA A 648 59.02 29.33 -45.68
CA ALA A 648 58.42 30.49 -46.31
C ALA A 648 59.48 31.44 -46.86
N GLN A 649 60.53 31.70 -46.08
CA GLN A 649 61.60 32.57 -46.55
C GLN A 649 62.31 31.97 -47.76
N LYS A 650 62.54 30.66 -47.75
CA LYS A 650 63.17 30.02 -48.90
C LYS A 650 62.30 30.15 -50.15
N ALA A 651 60.98 29.98 -50.00
CA ALA A 651 60.08 30.15 -51.13
C ALA A 651 60.10 31.58 -51.66
N MET A 652 60.16 32.56 -50.74
CA MET A 652 60.25 33.95 -51.18
C MET A 652 61.53 34.22 -51.95
N ALA A 653 62.65 33.65 -51.49
CA ALA A 653 63.91 33.80 -52.22
C ALA A 653 63.82 33.19 -53.62
N GLU A 654 63.21 32.01 -53.72
CA GLU A 654 63.03 31.39 -55.03
C GLU A 654 62.17 32.26 -55.94
N ARG A 655 61.12 32.86 -55.39
CA ARG A 655 60.27 33.76 -56.18
C ARG A 655 61.06 34.96 -56.68
N ASP A 656 61.90 35.54 -55.81
CA ASP A 656 62.71 36.68 -56.23
C ASP A 656 63.68 36.29 -57.35
N ASN A 657 64.31 35.12 -57.23
CA ASN A 657 65.21 34.67 -58.29
C ASN A 657 64.46 34.47 -59.60
N LYS A 658 63.27 33.87 -59.54
CA LYS A 658 62.48 33.66 -60.76
C LYS A 658 62.04 34.98 -61.37
N ASN A 659 61.71 35.97 -60.53
CA ASN A 659 61.36 37.29 -61.05
C ASN A 659 62.54 37.95 -61.75
N LEU A 660 63.74 37.81 -61.17
CA LEU A 660 64.93 38.34 -61.85
C LEU A 660 65.15 37.64 -63.19
N ASP A 661 64.94 36.31 -63.22
CA ASP A 661 65.08 35.57 -64.47
C ASP A 661 64.09 36.08 -65.50
N TYR A 662 62.84 36.32 -65.10
CA TYR A 662 61.83 36.86 -66.00
C TYR A 662 62.25 38.22 -66.54
N LEU A 663 62.71 39.11 -65.66
CA LEU A 663 63.11 40.45 -66.09
C LEU A 663 64.27 40.40 -67.06
N GLU A 664 65.25 39.54 -66.81
CA GLU A 664 66.39 39.42 -67.73
C GLU A 664 65.96 38.82 -69.05
N GLN A 665 65.05 37.84 -69.03
CA GLN A 665 64.66 37.15 -70.25
C GLN A 665 63.79 38.04 -71.14
N GLU A 666 63.00 38.93 -70.55
CA GLU A 666 62.15 39.80 -71.35
C GLU A 666 62.96 40.69 -72.27
N SER A 667 64.06 41.24 -71.77
CA SER A 667 64.95 42.04 -72.59
C SER A 667 65.96 41.14 -73.30
N GLY A 668 66.95 41.75 -73.93
CA GLY A 668 68.00 41.04 -74.62
C GLY A 668 69.28 40.89 -73.84
N THR A 669 69.22 40.91 -72.50
CA THR A 669 70.43 40.88 -71.68
C THR A 669 71.24 39.60 -71.92
N LYS A 670 70.57 38.44 -71.95
CA LYS A 670 71.28 37.20 -72.19
C LYS A 670 71.87 37.16 -73.59
N HIS A 671 71.10 37.58 -74.60
CA HIS A 671 71.61 37.63 -75.96
C HIS A 671 72.75 38.63 -76.07
N ALA A 672 72.64 39.78 -75.40
CA ALA A 672 73.72 40.76 -75.41
C ALA A 672 74.99 40.20 -74.79
N ARG A 673 74.85 39.46 -73.68
CA ARG A 673 76.02 38.88 -73.03
C ARG A 673 76.66 37.80 -73.91
N ASP A 674 75.84 36.98 -74.58
CA ASP A 674 76.40 35.99 -75.50
C ASP A 674 77.14 36.66 -76.66
N LEU A 675 76.56 37.73 -77.22
CA LEU A 675 77.23 38.45 -78.28
C LEU A 675 78.53 39.09 -77.79
N GLU A 676 78.52 39.61 -76.56
CA GLU A 676 79.74 40.18 -75.99
C GLU A 676 80.81 39.12 -75.80
N LYS A 677 80.42 37.92 -75.36
CA LYS A 677 81.40 36.84 -75.23
C LYS A 677 81.99 36.46 -76.59
N MET A 678 81.14 36.35 -77.61
CA MET A 678 81.65 36.04 -78.95
C MET A 678 82.58 37.13 -79.47
N LYS A 679 82.22 38.39 -79.25
CA LYS A 679 83.07 39.49 -79.69
C LYS A 679 84.37 39.53 -78.89
N ALA A 680 84.33 39.13 -77.62
CA ALA A 680 85.54 39.07 -76.82
C ALA A 680 86.47 37.97 -77.33
N GLN A 681 85.90 36.82 -77.72
CA GLN A 681 86.72 35.78 -78.33
C GLN A 681 87.34 36.27 -79.64
N SER A 682 86.56 36.96 -80.46
CA SER A 682 87.07 37.51 -81.71
C SER A 682 88.18 38.53 -81.44
N GLN A 683 88.00 39.37 -80.43
CA GLN A 683 89.02 40.36 -80.08
C GLN A 683 90.28 39.69 -79.56
N GLY A 684 90.14 38.61 -78.79
CA GLY A 684 91.30 37.85 -78.38
C GLY A 684 92.06 37.28 -79.57
N ASN A 685 91.32 36.77 -80.56
CA ASN A 685 91.97 36.32 -81.80
C ASN A 685 92.68 37.46 -82.49
N GLN A 686 92.07 38.65 -82.52
CA GLN A 686 92.68 39.80 -83.18
C GLN A 686 93.96 40.24 -82.48
N GLN A 687 93.95 40.29 -81.16
CA GLN A 687 95.17 40.63 -80.43
C GLN A 687 96.24 39.56 -80.61
N LEU A 688 95.84 38.29 -80.65
CA LEU A 688 96.81 37.23 -80.92
C LEU A 688 97.44 37.41 -82.31
N GLU A 689 96.64 37.81 -83.30
CA GLU A 689 97.16 38.05 -84.63
C GLU A 689 98.11 39.24 -84.65
N ILE A 690 97.74 40.35 -84.02
CA ILE A 690 98.55 41.56 -84.11
C ILE A 690 99.85 41.40 -83.31
N THR A 691 99.81 40.66 -82.20
CA THR A 691 101.03 40.44 -81.44
C THR A 691 102.04 39.61 -82.23
N LYS A 692 101.58 38.61 -82.94
CA LYS A 692 102.46 37.77 -83.76
C LYS A 692 102.84 38.49 -85.05
N LYS B 19 27.61 65.56 57.03
CA LYS B 19 27.11 65.55 55.67
C LYS B 19 27.89 64.55 54.82
N LEU B 20 27.22 63.46 54.44
CA LEU B 20 27.90 62.38 53.74
C LEU B 20 28.28 62.77 52.32
N THR B 21 27.47 63.60 51.66
CA THR B 21 27.70 63.95 50.27
C THR B 21 27.88 65.45 50.13
N SER B 22 28.29 65.86 48.93
CA SER B 22 28.50 67.27 48.60
C SER B 22 27.33 67.88 47.85
N TRP B 23 26.19 67.18 47.77
CA TRP B 23 25.04 67.68 47.05
C TRP B 23 24.49 68.93 47.72
N LYS B 24 23.94 69.85 46.92
CA LYS B 24 23.38 71.08 47.47
C LYS B 24 22.20 70.78 48.38
N ASN B 25 21.33 69.87 47.97
CA ASN B 25 20.19 69.44 48.78
C ASN B 25 20.38 67.97 49.12
N GLU B 26 20.33 67.64 50.41
CA GLU B 26 20.55 66.29 50.88
C GLU B 26 19.27 65.73 51.48
N LEU B 27 19.03 64.45 51.22
CA LEU B 27 17.76 63.82 51.58
C LEU B 27 17.55 63.76 53.10
N SER B 28 18.58 63.41 53.87
CA SER B 28 18.51 63.17 55.31
C SER B 28 17.61 61.99 55.66
N LEU B 29 17.80 61.40 56.84
CA LEU B 29 17.11 60.16 57.17
C LEU B 29 15.64 60.39 57.47
N GLN B 30 15.28 61.60 57.89
CA GLN B 30 13.89 61.89 58.23
C GLN B 30 12.97 61.73 57.02
N ALA B 31 13.40 62.19 55.85
CA ALA B 31 12.59 62.09 54.65
C ALA B 31 12.34 60.63 54.27
N LEU B 32 13.39 59.80 54.32
CA LEU B 32 13.25 58.39 54.00
C LEU B 32 12.32 57.70 55.00
N LYS B 33 12.48 57.98 56.29
CA LYS B 33 11.63 57.35 57.28
C LYS B 33 10.18 57.79 57.13
N ALA B 34 9.94 59.06 56.80
CA ALA B 34 8.58 59.53 56.56
C ALA B 34 7.97 58.84 55.34
N ASP B 35 8.76 58.69 54.28
CA ASP B 35 8.26 58.00 53.09
C ASP B 35 7.91 56.55 53.40
N LEU B 36 8.78 55.87 54.17
CA LEU B 36 8.51 54.49 54.56
C LEU B 36 7.24 54.39 55.40
N ASP B 37 7.08 55.30 56.36
CA ASP B 37 5.89 55.28 57.21
C ASP B 37 4.63 55.55 56.39
N ALA B 38 4.72 56.43 55.40
CA ALA B 38 3.57 56.71 54.54
C ALA B 38 3.22 55.50 53.68
N ALA B 39 4.24 54.81 53.15
CA ALA B 39 3.96 53.71 52.22
C ALA B 39 3.61 52.42 52.96
N LYS B 40 3.88 52.36 54.27
CA LYS B 40 3.62 51.14 55.03
C LYS B 40 2.14 50.72 55.06
N PRO B 41 1.16 51.62 55.27
CA PRO B 41 -0.22 51.15 55.39
C PRO B 41 -0.73 50.31 54.23
N SER B 42 -0.38 50.67 52.99
CA SER B 42 -0.87 49.91 51.84
C SER B 42 -0.25 48.51 51.82
N HIS B 43 1.06 48.42 52.08
CA HIS B 43 1.72 47.12 52.11
C HIS B 43 1.17 46.24 53.23
N THR B 44 0.87 46.84 54.38
CA THR B 44 0.33 46.07 55.50
C THR B 44 -1.02 45.45 55.15
N ALA B 45 -1.88 46.21 54.47
CA ALA B 45 -3.16 45.66 54.04
C ALA B 45 -2.98 44.64 52.93
N MET B 46 -2.00 44.84 52.05
CA MET B 46 -1.76 43.92 50.95
C MET B 46 -1.31 42.55 51.45
N MET B 47 -0.44 42.53 52.47
CA MET B 47 0.13 41.26 52.94
C MET B 47 -0.91 40.33 53.55
N ILE B 48 -2.07 40.88 53.94
CA ILE B 48 -3.12 40.04 54.52
C ILE B 48 -3.63 39.04 53.50
N LYS B 49 -3.79 39.48 52.25
CA LYS B 49 -4.24 38.56 51.19
C LYS B 49 -3.23 37.45 50.95
N VAL B 50 -1.95 37.79 50.93
CA VAL B 50 -0.91 36.78 50.72
C VAL B 50 -0.91 35.78 51.88
N LYS B 51 -1.06 36.29 53.11
CA LYS B 51 -1.12 35.40 54.27
C LYS B 51 -2.32 34.46 54.19
N GLU B 52 -3.48 34.99 53.78
CA GLU B 52 -4.66 34.15 53.64
C GLU B 52 -4.48 33.08 52.57
N TRP B 53 -3.88 33.45 51.44
CA TRP B 53 -3.63 32.48 50.39
C TRP B 53 -2.67 31.39 50.85
N ASN B 54 -1.61 31.77 51.56
CA ASN B 54 -0.68 30.78 52.07
C ASN B 54 -1.33 29.87 53.10
N ASP B 55 -2.20 30.43 53.95
CA ASP B 55 -2.92 29.61 54.93
C ASP B 55 -3.85 28.63 54.23
N LEU B 56 -4.52 29.07 53.16
CA LEU B 56 -5.36 28.16 52.39
C LEU B 56 -4.52 27.04 51.76
N MET B 57 -3.35 27.39 51.23
CA MET B 57 -2.48 26.38 50.63
C MET B 57 -2.01 25.36 51.67
N ARG B 58 -1.62 25.83 52.84
CA ARG B 58 -1.03 24.98 53.86
C ARG B 58 -2.03 24.47 54.90
N ILE B 59 -3.31 24.78 54.73
CA ILE B 59 -4.37 24.37 55.66
C ILE B 59 -4.03 24.85 57.06
N GLU B 60 -4.08 26.18 57.26
CA GLU B 60 -3.84 26.79 58.57
C GLU B 60 -4.83 27.94 58.76
N GLY B 61 -4.90 28.44 59.98
CA GLY B 61 -5.77 29.55 60.28
C GLY B 61 -7.23 29.19 60.11
N LYS B 62 -7.94 29.97 59.29
CA LYS B 62 -9.38 29.73 59.09
C LYS B 62 -9.63 28.44 58.34
N ALA B 63 -8.66 27.99 57.54
CA ALA B 63 -8.83 26.76 56.76
C ALA B 63 -8.85 25.53 57.65
N LYS B 64 -8.27 25.61 58.84
CA LYS B 64 -8.19 24.45 59.71
C LYS B 64 -9.59 24.05 60.19
N PRO B 65 -9.95 22.77 60.13
CA PRO B 65 -11.27 22.35 60.57
C PRO B 65 -11.40 22.47 62.08
N PRO B 66 -12.63 22.65 62.59
CA PRO B 66 -12.82 22.71 64.04
C PRO B 66 -12.46 21.39 64.70
N LYS B 67 -12.06 21.48 65.97
CA LYS B 67 -11.62 20.33 66.74
C LYS B 67 -12.78 19.83 67.58
N VAL B 68 -13.15 18.56 67.40
CA VAL B 68 -14.24 17.93 68.12
C VAL B 68 -13.75 16.63 68.72
N LYS B 69 -14.22 16.32 69.93
CA LYS B 69 -13.76 15.13 70.63
C LYS B 69 -14.12 13.85 69.86
N GLY B 70 -15.39 13.71 69.46
CA GLY B 70 -15.85 12.50 68.85
C GLY B 70 -15.99 12.50 67.34
N ARG B 71 -15.43 13.49 66.65
CA ARG B 71 -15.58 13.60 65.20
C ARG B 71 -14.23 13.88 64.56
N SER B 72 -14.17 13.64 63.25
CA SER B 72 -12.91 13.72 62.52
C SER B 72 -12.54 15.17 62.22
N GLN B 73 -11.26 15.37 61.91
CA GLN B 73 -10.68 16.67 61.61
C GLN B 73 -9.80 16.59 60.37
N VAL B 74 -10.30 15.97 59.31
CA VAL B 74 -9.53 15.70 58.11
C VAL B 74 -9.98 16.67 57.03
N GLN B 75 -9.04 17.10 56.19
CA GLN B 75 -9.35 17.98 55.06
C GLN B 75 -8.45 17.67 53.88
N PRO B 76 -9.00 17.26 52.74
CA PRO B 76 -8.18 17.08 51.54
C PRO B 76 -7.62 18.40 51.03
N LYS B 77 -6.48 18.31 50.37
CA LYS B 77 -5.75 19.48 49.86
C LYS B 77 -5.99 19.61 48.37
N LEU B 78 -6.88 20.55 48.01
CA LEU B 78 -7.19 20.78 46.61
C LEU B 78 -6.23 21.79 45.98
N VAL B 79 -6.07 22.95 46.62
CA VAL B 79 -5.21 24.00 46.08
C VAL B 79 -3.77 23.51 46.00
N ARG B 80 -3.32 22.79 47.02
CA ARG B 80 -1.97 22.23 47.01
C ARG B 80 -1.78 21.30 45.82
N ARG B 81 -2.79 20.49 45.51
CA ARG B 81 -2.70 19.56 44.39
C ARG B 81 -2.64 20.29 43.05
N GLN B 82 -3.52 21.29 42.87
CA GLN B 82 -3.55 22.05 41.63
C GLN B 82 -2.23 22.80 41.42
N ALA B 83 -1.66 23.33 42.50
CA ALA B 83 -0.35 23.97 42.37
C ALA B 83 0.76 22.93 42.18
N GLU B 84 0.56 21.72 42.72
CA GLU B 84 1.57 20.68 42.65
C GLU B 84 1.82 20.22 41.24
N TRP B 85 0.77 20.02 40.44
CA TRP B 85 1.08 19.75 39.03
C TRP B 85 1.63 20.96 38.29
N ARG B 86 1.16 22.16 38.63
CA ARG B 86 1.60 23.35 37.90
C ARG B 86 3.09 23.64 38.12
N TYR B 87 3.61 23.33 39.31
CA TYR B 87 5.03 23.54 39.56
C TYR B 87 5.87 22.78 38.53
N SER B 88 5.61 21.49 38.38
CA SER B 88 6.40 20.68 37.45
C SER B 88 6.05 21.01 36.01
N ALA B 89 4.84 21.50 35.76
CA ALA B 89 4.48 21.93 34.41
C ALA B 89 5.33 23.12 33.98
N LEU B 90 5.58 24.05 34.91
CA LEU B 90 6.25 25.29 34.54
C LEU B 90 7.78 25.18 34.65
N THR B 91 8.27 24.40 35.61
CA THR B 91 9.71 24.38 35.88
C THR B 91 10.50 23.76 34.74
N GLU B 92 9.93 22.75 34.08
CA GLU B 92 10.71 21.95 33.13
C GLU B 92 11.27 22.74 31.95
N PRO B 93 10.54 23.66 31.32
CA PRO B 93 11.12 24.36 30.15
C PRO B 93 12.43 25.08 30.44
N PHE B 94 12.63 25.58 31.66
CA PHE B 94 13.82 26.34 32.01
C PHE B 94 15.01 25.45 32.34
N LEU B 95 14.82 24.13 32.40
CA LEU B 95 15.92 23.24 32.77
C LEU B 95 16.21 22.16 31.74
N GLY B 96 15.62 22.22 30.54
CA GLY B 96 15.80 21.15 29.58
C GLY B 96 17.15 21.11 28.90
N SER B 97 17.86 22.23 28.88
CA SER B 97 19.12 22.33 28.15
C SER B 97 20.21 22.88 29.06
N ASN B 98 21.46 22.61 28.67
CA ASN B 98 22.59 23.09 29.45
C ASN B 98 22.77 24.59 29.34
N LYS B 99 22.23 25.18 28.27
CA LYS B 99 22.29 26.63 28.05
C LYS B 99 20.95 27.23 28.48
N LEU B 100 21.02 28.29 29.30
CA LEU B 100 19.80 28.93 29.78
C LEU B 100 19.39 30.13 28.93
N PHE B 101 20.34 30.90 28.42
CA PHE B 101 20.05 32.14 27.73
C PHE B 101 20.51 32.06 26.28
N LYS B 102 19.77 32.74 25.41
CA LYS B 102 20.09 32.80 23.99
C LYS B 102 20.16 34.27 23.58
N VAL B 103 21.28 34.67 22.99
CA VAL B 103 21.48 36.04 22.54
C VAL B 103 21.61 36.03 21.03
N THR B 104 20.82 36.87 20.36
CA THR B 104 20.83 36.92 18.91
C THR B 104 21.12 38.33 18.42
N PRO B 105 21.88 38.49 17.34
CA PRO B 105 22.19 39.83 16.84
C PRO B 105 20.96 40.48 16.21
N VAL B 106 20.88 41.81 16.32
CA VAL B 106 19.82 42.54 15.67
C VAL B 106 20.22 42.90 14.24
N THR B 107 21.48 43.29 14.05
CA THR B 107 22.02 43.63 12.74
C THR B 107 23.19 42.70 12.42
N TRP B 108 23.84 42.95 11.28
CA TRP B 108 24.85 42.02 10.79
C TRP B 108 26.17 42.16 11.52
N GLU B 109 26.43 43.32 12.12
CA GLU B 109 27.74 43.54 12.75
C GLU B 109 27.74 43.08 14.20
N ASP B 110 26.63 42.53 14.69
CA ASP B 110 26.49 42.25 16.11
C ASP B 110 26.80 40.80 16.49
N VAL B 111 27.28 39.99 15.54
CA VAL B 111 27.39 38.55 15.78
C VAL B 111 28.43 38.26 16.87
N GLN B 112 29.60 38.89 16.77
CA GLN B 112 30.66 38.62 17.73
C GLN B 112 30.27 39.08 19.13
N GLY B 113 29.67 40.26 19.23
CA GLY B 113 29.21 40.73 20.53
C GLY B 113 28.16 39.84 21.14
N ALA B 114 27.19 39.38 20.33
CA ALA B 114 26.16 38.48 20.83
C ALA B 114 26.77 37.17 21.30
N ARG B 115 27.72 36.62 20.52
CA ARG B 115 28.35 35.37 20.91
C ARG B 115 29.11 35.51 22.23
N GLN B 116 29.89 36.58 22.38
CA GLN B 116 30.66 36.76 23.62
C GLN B 116 29.74 36.97 24.81
N ASN B 117 28.68 37.78 24.64
CA ASN B 117 27.75 37.99 25.73
C ASN B 117 27.06 36.70 26.14
N GLU B 118 26.65 35.90 25.15
CA GLU B 118 26.03 34.61 25.46
C GLU B 118 26.99 33.70 26.21
N LEU B 119 28.25 33.62 25.76
CA LEU B 119 29.22 32.76 26.42
C LEU B 119 29.44 33.20 27.87
N VAL B 120 29.65 34.50 28.09
CA VAL B 120 29.91 34.99 29.44
C VAL B 120 28.71 34.76 30.34
N LEU B 121 27.51 35.07 29.84
CA LEU B 121 26.31 34.92 30.66
C LEU B 121 26.05 33.46 31.01
N ASN B 122 26.21 32.55 30.04
CA ASN B 122 26.01 31.13 30.31
C ASN B 122 27.05 30.61 31.30
N TYR B 123 28.31 31.03 31.15
CA TYR B 123 29.34 30.61 32.10
C TYR B 123 29.01 31.10 33.50
N GLN B 124 28.60 32.36 33.63
CA GLN B 124 28.30 32.91 34.95
C GLN B 124 27.13 32.17 35.60
N PHE B 125 26.08 31.90 34.82
CA PHE B 125 24.91 31.23 35.39
C PHE B 125 25.22 29.78 35.73
N ARG B 126 26.13 29.14 34.97
CA ARG B 126 26.45 27.74 35.24
C ARG B 126 27.38 27.61 36.43
N THR B 127 28.29 28.57 36.62
CA THR B 127 29.30 28.43 37.66
C THR B 127 28.88 29.08 38.97
N LYS B 128 28.50 30.36 38.93
CA LYS B 128 28.30 31.12 40.16
C LYS B 128 26.95 30.88 40.81
N LEU B 129 26.04 30.16 40.17
CA LEU B 129 24.69 29.98 40.69
C LEU B 129 24.30 28.52 40.63
N ASN B 130 23.38 28.14 41.51
CA ASN B 130 22.70 26.85 41.45
C ASN B 130 21.41 27.05 40.67
N ARG B 131 21.44 26.72 39.38
CA ARG B 131 20.31 27.06 38.50
C ARG B 131 19.04 26.34 38.91
N VAL B 132 19.14 25.06 39.26
CA VAL B 132 17.94 24.28 39.55
C VAL B 132 17.20 24.84 40.76
N SER B 133 17.93 25.10 41.86
CA SER B 133 17.28 25.60 43.06
C SER B 133 16.68 26.99 42.82
N PHE B 134 17.37 27.84 42.07
CA PHE B 134 16.85 29.16 41.76
C PHE B 134 15.57 29.07 40.95
N ILE B 135 15.54 28.18 39.95
CA ILE B 135 14.34 28.04 39.12
C ILE B 135 13.18 27.51 39.96
N ASP B 136 13.43 26.51 40.81
CA ASP B 136 12.37 25.98 41.65
C ASP B 136 11.82 27.05 42.59
N ASN B 137 12.70 27.81 43.24
CA ASN B 137 12.24 28.86 44.14
C ASN B 137 11.45 29.92 43.39
N TYR B 138 11.94 30.33 42.22
CA TYR B 138 11.25 31.33 41.41
C TYR B 138 9.84 30.88 41.04
N VAL B 139 9.72 29.68 40.47
CA VAL B 139 8.42 29.20 40.03
C VAL B 139 7.49 29.00 41.22
N ARG B 140 8.00 28.42 42.31
CA ARG B 140 7.16 28.18 43.48
C ARG B 140 6.65 29.49 44.08
N SER B 141 7.51 30.49 44.19
CA SER B 141 7.08 31.78 44.72
C SER B 141 6.05 32.42 43.81
N VAL B 142 6.27 32.39 42.50
CA VAL B 142 5.32 33.00 41.56
C VAL B 142 3.96 32.33 41.67
N VAL B 143 3.94 31.01 41.74
CA VAL B 143 2.67 30.29 41.80
C VAL B 143 1.97 30.52 43.14
N ASP B 144 2.74 30.44 44.24
CA ASP B 144 2.12 30.48 45.57
C ASP B 144 1.64 31.88 45.93
N ASP B 145 2.46 32.90 45.69
CA ASP B 145 2.11 34.25 46.11
C ASP B 145 1.41 35.07 45.03
N GLY B 146 1.50 34.65 43.77
CA GLY B 146 0.93 35.40 42.67
C GLY B 146 1.80 36.50 42.12
N THR B 147 2.89 36.84 42.80
CA THR B 147 3.81 37.87 42.35
C THR B 147 5.20 37.54 42.86
N GLY B 148 6.19 37.67 41.97
CA GLY B 148 7.56 37.39 42.34
C GLY B 148 8.49 38.56 42.11
N ILE B 149 9.26 38.91 43.14
CA ILE B 149 10.19 40.04 43.09
C ILE B 149 11.61 39.48 43.12
N VAL B 150 12.43 39.91 42.17
CA VAL B 150 13.80 39.44 42.04
C VAL B 150 14.74 40.63 42.22
N ARG B 151 15.75 40.46 43.06
CA ARG B 151 16.75 41.48 43.33
C ARG B 151 18.04 41.12 42.61
N VAL B 152 18.55 42.06 41.82
CA VAL B 152 19.77 41.86 41.03
C VAL B 152 20.85 42.79 41.56
N GLY B 153 22.02 42.25 41.84
CA GLY B 153 23.13 43.03 42.35
C GLY B 153 24.46 42.44 41.93
N TRP B 154 25.53 43.15 42.29
CA TRP B 154 26.88 42.76 41.96
C TRP B 154 27.68 42.53 43.24
N ASN B 155 28.51 41.49 43.24
CA ASN B 155 29.35 41.13 44.37
C ASN B 155 30.80 41.23 43.93
N ARG B 156 31.59 42.04 44.65
CA ARG B 156 32.99 42.23 44.33
C ARG B 156 33.81 42.20 45.62
N GLU B 157 34.96 41.54 45.56
CA GLU B 157 35.88 41.46 46.69
C GLU B 157 37.30 41.34 46.16
N ILE B 158 38.18 42.24 46.59
CA ILE B 158 39.56 42.31 46.13
C ILE B 158 40.47 42.25 47.33
N ARG B 159 41.60 41.57 47.19
CA ARG B 159 42.58 41.42 48.27
C ARG B 159 43.95 41.84 47.75
N LYS B 160 44.65 42.64 48.54
CA LYS B 160 45.97 43.10 48.15
C LYS B 160 47.03 42.06 48.54
N GLU B 161 47.94 41.80 47.61
CA GLU B 161 49.02 40.84 47.82
C GLU B 161 50.32 41.41 47.29
N LYS B 162 51.43 40.94 47.85
CA LYS B 162 52.76 41.36 47.45
C LYS B 162 53.51 40.18 46.84
N GLN B 163 54.00 40.37 45.61
CA GLN B 163 54.74 39.32 44.90
C GLN B 163 55.97 39.94 44.25
N GLU B 164 57.04 39.15 44.17
CA GLU B 164 58.26 39.61 43.51
C GLU B 164 58.02 39.71 42.00
N VAL B 165 58.45 40.83 41.42
CA VAL B 165 58.28 41.10 40.01
C VAL B 165 59.65 41.39 39.40
N PRO B 166 60.09 40.64 38.39
CA PRO B 166 61.39 40.91 37.77
C PRO B 166 61.40 42.28 37.08
N VAL B 167 62.57 42.88 37.03
CA VAL B 167 62.79 44.17 36.38
C VAL B 167 63.55 43.92 35.09
N PHE B 168 63.02 44.44 33.98
CA PHE B 168 63.60 44.23 32.66
C PHE B 168 64.08 45.55 32.08
N SER B 169 65.26 45.51 31.47
CA SER B 169 65.85 46.68 30.82
C SER B 169 65.78 46.48 29.31
N LEU B 170 65.25 47.48 28.60
CA LEU B 170 65.06 47.36 27.17
C LEU B 170 66.40 47.45 26.43
N PHE B 171 66.43 46.84 25.25
CA PHE B 171 67.58 46.84 24.36
C PHE B 171 67.09 46.76 22.93
N PRO B 172 67.72 47.50 22.01
CA PRO B 172 67.25 47.50 20.62
C PRO B 172 67.31 46.12 20.00
N ILE B 173 66.33 45.85 19.11
CA ILE B 173 66.26 44.55 18.47
C ILE B 173 67.44 44.38 17.51
N GLN B 174 68.14 43.26 17.64
CA GLN B 174 69.32 42.98 16.85
C GLN B 174 69.13 41.66 16.11
N THR B 175 69.66 41.58 14.89
CA THR B 175 69.62 40.37 14.05
C THR B 175 68.19 39.99 13.68
N GLN B 176 68.05 38.91 12.92
CA GLN B 176 66.72 38.50 12.47
C GLN B 176 66.06 37.58 13.49
N GLU B 177 66.84 36.99 14.39
CA GLU B 177 66.28 36.05 15.36
C GLU B 177 65.30 36.73 16.30
N GLN B 178 65.66 37.92 16.80
CA GLN B 178 64.77 38.64 17.70
C GLN B 178 63.47 39.03 17.00
N ALA B 179 63.58 39.51 15.76
CA ALA B 179 62.38 39.87 15.00
C ALA B 179 61.50 38.66 14.74
N ASP B 180 62.10 37.51 14.41
CA ASP B 180 61.33 36.30 14.21
C ASP B 180 60.63 35.86 15.49
N ALA B 181 61.33 35.93 16.62
CA ALA B 181 60.71 35.57 17.90
C ALA B 181 59.54 36.49 18.22
N LEU B 182 59.72 37.79 18.01
CA LEU B 182 58.63 38.74 18.26
C LEU B 182 57.44 38.47 17.35
N GLN B 183 57.70 38.18 16.07
CA GLN B 183 56.61 37.89 15.14
C GLN B 183 55.87 36.62 15.54
N GLN B 184 56.60 35.58 15.97
CA GLN B 184 55.96 34.36 16.44
C GLN B 184 55.12 34.64 17.68
N ALA B 185 55.62 35.47 18.60
CA ALA B 185 54.85 35.80 19.78
C ALA B 185 53.56 36.54 19.42
N LEU B 186 53.65 37.50 18.50
CA LEU B 186 52.45 38.23 18.08
C LEU B 186 51.45 37.29 17.41
N GLN B 187 51.94 36.38 16.56
CA GLN B 187 51.04 35.44 15.89
C GLN B 187 50.37 34.51 16.90
N LEU B 188 51.14 34.05 17.90
CA LEU B 188 50.57 33.19 18.94
C LEU B 188 49.51 33.93 19.74
N ARG B 189 49.77 35.20 20.07
CA ARG B 189 48.78 35.98 20.79
C ARG B 189 47.51 36.16 19.95
N THR B 190 47.67 36.40 18.65
CA THR B 190 46.51 36.57 17.78
C THR B 190 45.71 35.28 17.66
N ASP B 191 46.40 34.14 17.55
CA ASP B 191 45.70 32.88 17.29
C ASP B 191 45.20 32.26 18.59
N ASN B 192 46.07 32.09 19.58
CA ASN B 192 45.71 31.40 20.80
C ASN B 192 46.14 32.20 22.02
N PRO B 193 45.24 32.99 22.62
CA PRO B 193 45.63 33.79 23.80
C PRO B 193 46.15 32.97 24.97
N ARG B 194 45.55 31.82 25.27
CA ARG B 194 46.01 31.04 26.41
C ARG B 194 47.40 30.45 26.18
N GLY B 195 47.68 30.01 24.95
CA GLY B 195 49.03 29.57 24.64
C GLY B 195 50.04 30.69 24.83
N TYR B 196 49.66 31.91 24.43
CA TYR B 196 50.52 33.07 24.67
C TYR B 196 50.76 33.28 26.15
N GLU B 197 49.70 33.19 26.96
CA GLU B 197 49.85 33.40 28.39
C GLU B 197 50.71 32.33 29.04
N GLU B 198 50.63 31.10 28.54
CA GLU B 198 51.24 29.98 29.26
C GLU B 198 52.68 29.72 28.81
N ASN B 199 52.99 29.90 27.53
CA ASN B 199 54.25 29.41 27.00
C ASN B 199 55.22 30.49 26.53
N VAL B 200 54.76 31.72 26.35
CA VAL B 200 55.61 32.75 25.74
C VAL B 200 56.73 33.18 26.68
N ASP B 201 56.44 33.25 27.99
CA ASP B 201 57.35 33.63 29.08
C ASP B 201 57.37 35.15 29.27
N GLU B 202 57.90 35.59 30.41
CA GLU B 202 57.67 36.97 30.86
C GLU B 202 58.41 37.98 30.01
N ALA B 203 59.65 37.70 29.63
CA ALA B 203 60.45 38.69 28.92
C ALA B 203 59.86 39.02 27.55
N ILE B 204 59.46 38.00 26.80
CA ILE B 204 58.84 38.23 25.50
C ILE B 204 57.50 38.92 25.66
N LYS B 205 56.78 38.61 26.75
CA LYS B 205 55.53 39.31 27.03
C LYS B 205 55.77 40.80 27.26
N GLU B 206 56.84 41.14 27.99
CA GLU B 206 57.19 42.54 28.19
C GLU B 206 57.56 43.21 26.87
N SER B 207 58.29 42.48 26.02
CA SER B 207 58.62 43.03 24.70
C SER B 207 57.36 43.30 23.88
N VAL B 208 56.39 42.39 23.93
CA VAL B 208 55.14 42.58 23.21
C VAL B 208 54.36 43.75 23.78
N ARG B 209 54.36 43.90 25.10
CA ARG B 209 53.68 45.04 25.72
C ARG B 209 54.31 46.36 25.28
N PHE B 210 55.64 46.42 25.25
CA PHE B 210 56.31 47.63 24.79
C PHE B 210 56.04 47.89 23.32
N PHE B 211 55.94 46.82 22.51
CA PHE B 211 55.57 46.98 21.10
C PHE B 211 54.16 47.56 20.98
N ASP B 212 53.25 47.10 21.83
CA ASP B 212 51.90 47.65 21.83
C ASP B 212 51.90 49.13 22.22
N GLU B 213 52.69 49.48 23.24
CA GLU B 213 52.74 50.87 23.66
C GLU B 213 53.50 51.74 22.67
N THR B 214 54.66 51.28 22.21
CA THR B 214 55.50 52.03 21.28
C THR B 214 55.77 51.18 20.05
N GLY B 215 55.67 51.81 18.88
CA GLY B 215 55.80 51.08 17.63
C GLY B 215 57.15 50.40 17.47
N GLN B 216 58.20 51.01 18.02
CA GLN B 216 59.53 50.45 17.89
C GLN B 216 59.65 49.13 18.65
N ALA B 217 60.27 48.15 18.01
CA ALA B 217 60.49 46.85 18.65
C ALA B 217 61.69 46.90 19.57
N THR B 218 61.59 46.23 20.72
CA THR B 218 62.63 46.25 21.73
C THR B 218 62.80 44.85 22.31
N TYR B 219 63.98 44.61 22.89
CA TYR B 219 64.30 43.36 23.57
C TYR B 219 64.67 43.67 25.01
N ALA B 220 64.15 42.86 25.94
CA ALA B 220 64.30 43.10 27.37
C ALA B 220 65.11 41.98 28.00
N VAL B 221 65.98 42.36 28.94
CA VAL B 221 66.78 41.40 29.70
C VAL B 221 66.55 41.66 31.18
N GLN B 222 66.37 40.58 31.94
CA GLN B 222 66.07 40.71 33.37
C GLN B 222 67.28 41.25 34.13
N THR B 223 67.02 42.13 35.09
CA THR B 223 68.06 42.72 35.93
C THR B 223 67.90 42.36 37.40
N GLY B 224 66.71 42.57 37.97
CA GLY B 224 66.48 42.28 39.37
C GLY B 224 65.01 42.12 39.65
N THR B 225 64.70 41.77 40.89
CA THR B 225 63.33 41.55 41.34
C THR B 225 62.96 42.60 42.39
N THR B 226 61.79 43.21 42.21
CA THR B 226 61.28 44.23 43.12
C THR B 226 59.87 43.85 43.55
N THR B 227 59.61 43.93 44.86
CA THR B 227 58.29 43.60 45.37
C THR B 227 57.29 44.68 45.01
N THR B 228 56.11 44.26 44.55
CA THR B 228 55.04 45.17 44.18
C THR B 228 53.72 44.66 44.75
N GLU B 229 52.77 45.59 44.88
CA GLU B 229 51.47 45.27 45.43
C GLU B 229 50.50 44.96 44.29
N VAL B 230 49.91 43.77 44.31
CA VAL B 230 48.98 43.32 43.29
C VAL B 230 47.68 42.89 43.96
N GLU B 231 46.57 43.28 43.35
CA GLU B 231 45.23 42.98 43.86
C GLU B 231 44.68 41.77 43.13
N VAL B 232 44.34 40.74 43.88
CA VAL B 232 43.75 39.50 43.35
C VAL B 232 42.29 39.45 43.77
N PRO B 233 41.34 39.64 42.84
CA PRO B 233 39.92 39.59 43.24
C PRO B 233 39.40 38.17 43.34
N LEU B 234 38.91 37.80 44.52
CA LEU B 234 38.37 36.46 44.71
C LEU B 234 37.05 36.28 43.97
N ALA B 235 36.13 37.23 44.11
CA ALA B 235 34.79 37.11 43.55
C ALA B 235 34.43 38.35 42.76
N ASN B 236 34.02 38.15 41.50
CA ASN B 236 33.48 39.19 40.63
C ASN B 236 32.38 38.53 39.80
N HIS B 237 31.15 38.62 40.29
CA HIS B 237 30.02 37.93 39.66
C HIS B 237 28.72 38.53 40.13
N PRO B 238 27.72 38.62 39.25
CA PRO B 238 26.40 39.12 39.66
C PRO B 238 25.68 38.11 40.55
N THR B 239 24.76 38.63 41.37
CA THR B 239 23.95 37.81 42.26
C THR B 239 22.49 38.17 42.07
N VAL B 240 21.64 37.15 41.98
CA VAL B 240 20.19 37.33 41.90
C VAL B 240 19.56 36.54 43.05
N GLU B 241 18.58 37.13 43.72
CA GLU B 241 17.95 36.53 44.88
C GLU B 241 16.46 36.85 44.87
N MET B 242 15.64 35.84 45.14
CA MET B 242 14.22 36.07 45.29
C MET B 242 13.93 36.71 46.66
N LEU B 243 13.01 37.66 46.66
CA LEU B 243 12.73 38.47 47.84
C LEU B 243 11.37 38.10 48.43
N ASN B 244 11.32 38.06 49.76
CA ASN B 244 10.06 37.92 50.46
C ASN B 244 9.21 39.16 50.22
N PRO B 245 7.96 38.99 49.79
CA PRO B 245 7.11 40.16 49.51
C PRO B 245 6.93 41.08 50.70
N GLU B 246 6.99 40.56 51.93
CA GLU B 246 6.84 41.40 53.10
C GLU B 246 8.04 42.35 53.27
N ASN B 247 9.19 41.96 52.73
CA ASN B 247 10.40 42.76 52.95
C ASN B 247 10.39 44.03 52.11
N ILE B 248 9.95 43.95 50.85
CA ILE B 248 10.06 45.05 49.90
C ILE B 248 8.76 45.87 49.94
N ILE B 249 8.90 47.19 49.98
CA ILE B 249 7.78 48.12 49.95
C ILE B 249 7.92 49.00 48.71
N ILE B 250 6.86 49.07 47.91
CA ILE B 250 6.87 49.77 46.64
C ILE B 250 5.88 50.93 46.71
N ASP B 251 6.20 52.00 46.00
CA ASP B 251 5.36 53.20 45.98
C ASP B 251 3.96 52.83 45.51
N PRO B 252 2.91 53.12 46.30
CA PRO B 252 1.55 52.77 45.87
C PRO B 252 0.99 53.68 44.78
N SER B 253 1.59 54.85 44.56
CA SER B 253 1.08 55.83 43.61
C SER B 253 1.73 55.71 42.23
N CYS B 254 2.26 54.54 41.89
CA CYS B 254 2.89 54.35 40.59
C CYS B 254 1.87 54.10 39.49
N GLN B 255 0.58 53.98 39.84
CA GLN B 255 -0.50 53.75 38.88
C GLN B 255 -0.32 52.44 38.13
N GLY B 256 0.12 51.39 38.82
CA GLY B 256 0.17 50.06 38.27
C GLY B 256 1.39 49.72 37.44
N ASP B 257 2.37 50.62 37.36
CA ASP B 257 3.58 50.37 36.58
C ASP B 257 4.78 50.46 37.48
N ILE B 258 5.64 49.42 37.45
CA ILE B 258 6.83 49.39 38.30
C ILE B 258 7.82 50.46 37.87
N ASN B 259 7.90 50.74 36.57
CA ASN B 259 8.83 51.74 36.08
C ASN B 259 8.44 53.14 36.55
N LYS B 260 7.15 53.37 36.74
CA LYS B 260 6.69 54.70 37.17
C LYS B 260 6.82 54.89 38.68
N ALA B 261 7.25 53.86 39.40
CA ALA B 261 7.42 53.96 40.84
C ALA B 261 8.51 54.98 41.17
N MET B 262 8.27 55.77 42.22
CA MET B 262 9.24 56.80 42.59
C MET B 262 10.33 56.25 43.50
N PHE B 263 9.99 55.31 44.38
CA PHE B 263 10.95 54.78 45.33
C PHE B 263 10.62 53.33 45.65
N ALA B 264 11.62 52.62 46.15
CA ALA B 264 11.46 51.23 46.61
C ALA B 264 12.41 51.00 47.78
N ILE B 265 11.90 50.32 48.81
CA ILE B 265 12.64 50.09 50.04
C ILE B 265 12.67 48.59 50.31
N VAL B 266 13.86 48.06 50.56
CA VAL B 266 14.06 46.64 50.83
C VAL B 266 14.92 46.50 52.08
N SER B 267 14.59 45.51 52.92
CA SER B 267 15.33 45.24 54.15
C SER B 267 15.97 43.86 54.06
N PHE B 268 17.26 43.79 54.42
CA PHE B 268 18.01 42.55 54.32
C PHE B 268 18.91 42.41 55.54
N GLU B 269 19.39 41.19 55.75
CA GLU B 269 20.31 40.88 56.84
C GLU B 269 21.74 40.90 56.33
N THR B 270 22.63 41.54 57.09
CA THR B 270 24.03 41.66 56.70
C THR B 270 24.90 41.60 57.95
N CYS B 271 26.19 41.36 57.73
CA CYS B 271 27.17 41.30 58.80
C CYS B 271 28.24 42.37 58.56
N LYS B 272 29.11 42.53 59.57
CA LYS B 272 30.14 43.55 59.48
C LYS B 272 31.14 43.23 58.38
N ALA B 273 31.40 41.95 58.14
CA ALA B 273 32.35 41.56 57.10
C ALA B 273 31.87 42.00 55.72
N ASP B 274 30.58 41.88 55.45
CA ASP B 274 30.04 42.30 54.16
C ASP B 274 30.23 43.80 53.95
N LEU B 275 30.02 44.60 54.99
CA LEU B 275 30.23 46.03 54.88
C LEU B 275 31.71 46.36 54.73
N LEU B 276 32.58 45.63 55.42
CA LEU B 276 34.01 45.88 55.34
C LEU B 276 34.63 45.38 54.04
N LYS B 277 33.92 44.54 53.29
CA LYS B 277 34.42 44.12 51.98
C LYS B 277 34.71 45.33 51.08
N GLU B 278 33.84 46.33 51.12
CA GLU B 278 34.01 47.57 50.37
C GLU B 278 33.95 48.72 51.37
N LYS B 279 35.12 49.11 51.90
CA LYS B 279 35.17 50.10 52.97
C LYS B 279 34.83 51.50 52.44
N ASP B 280 35.15 51.78 51.18
CA ASP B 280 34.96 53.12 50.65
C ASP B 280 33.49 53.51 50.60
N ARG B 281 32.61 52.56 50.26
CA ARG B 281 31.20 52.88 50.09
C ARG B 281 30.55 53.30 51.41
N TYR B 282 30.89 52.64 52.50
CA TYR B 282 30.19 52.80 53.77
C TYR B 282 30.97 53.70 54.72
N HIS B 283 30.25 54.51 55.47
CA HIS B 283 30.82 55.38 56.49
C HIS B 283 30.07 55.21 57.80
N ASN B 284 30.63 55.78 58.86
CA ASN B 284 30.02 55.78 60.20
C ASN B 284 29.76 54.35 60.69
N LEU B 285 30.69 53.44 60.42
CA LEU B 285 30.50 52.05 60.87
C LEU B 285 30.67 51.93 62.37
N ASN B 286 31.52 52.78 62.97
CA ASN B 286 31.78 52.68 64.40
C ASN B 286 30.56 53.09 65.23
N LYS B 287 29.78 54.05 64.73
CA LYS B 287 28.66 54.57 65.52
C LYS B 287 27.54 53.55 65.65
N ILE B 288 27.49 52.55 64.77
CA ILE B 288 26.41 51.58 64.80
C ILE B 288 26.58 50.66 66.00
N ASP B 289 25.47 50.38 66.68
CA ASP B 289 25.41 49.39 67.75
C ASP B 289 24.72 48.15 67.23
N TRP B 290 25.42 47.01 67.28
CA TRP B 290 24.92 45.80 66.65
C TRP B 290 23.76 45.20 67.45
N GLN B 291 23.78 45.36 68.77
CA GLN B 291 22.72 44.77 69.60
C GLN B 291 21.38 45.45 69.36
N SER B 292 21.39 46.78 69.14
CA SER B 292 20.13 47.50 68.95
C SER B 292 19.41 47.02 67.68
N SER B 293 20.15 46.81 66.60
CA SER B 293 19.57 46.36 65.34
C SER B 293 19.75 44.85 65.22
N ALA B 294 18.70 44.11 65.54
CA ALA B 294 18.74 42.65 65.51
C ALA B 294 17.44 42.15 64.89
N PRO B 295 17.44 40.95 64.31
CA PRO B 295 16.19 40.41 63.75
C PRO B 295 15.08 40.28 64.79
N VAL B 296 15.41 39.93 66.02
CA VAL B 296 14.40 39.84 67.08
C VAL B 296 13.91 41.23 67.44
N ASN B 297 14.79 42.24 67.35
CA ASN B 297 14.41 43.59 67.73
C ASN B 297 13.42 44.20 66.74
N GLU B 298 13.51 43.79 65.46
CA GLU B 298 12.63 44.34 64.44
C GLU B 298 11.56 43.32 64.09
N PRO B 299 10.31 43.51 64.51
CA PRO B 299 9.27 42.55 64.13
C PRO B 299 8.87 42.64 62.67
N ASP B 300 9.11 43.79 62.04
CA ASP B 300 8.68 43.97 60.65
C ASP B 300 9.41 43.03 59.70
N HIS B 301 10.70 42.82 59.91
CA HIS B 301 11.47 41.93 59.05
C HIS B 301 11.02 40.49 59.23
N ALA B 302 10.75 39.82 58.11
CA ALA B 302 10.31 38.43 58.10
C ALA B 302 11.47 37.56 57.63
N THR B 303 11.88 36.62 58.47
CA THR B 303 13.01 35.74 58.16
C THR B 303 12.81 34.41 58.87
N THR B 304 13.55 33.41 58.39
CA THR B 304 13.52 32.07 58.98
C THR B 304 14.57 31.87 60.06
N THR B 305 15.39 32.88 60.33
CA THR B 305 16.40 32.76 61.36
C THR B 305 15.75 32.61 62.73
N PRO B 306 16.21 31.67 63.56
CA PRO B 306 15.67 31.56 64.92
C PRO B 306 15.87 32.84 65.71
N GLN B 307 14.89 33.14 66.58
CA GLN B 307 14.92 34.38 67.33
C GLN B 307 16.11 34.41 68.29
N GLU B 308 16.41 33.29 68.94
CA GLU B 308 17.44 33.25 69.96
C GLU B 308 18.82 32.92 69.41
N PHE B 309 18.97 32.76 68.11
CA PHE B 309 20.27 32.43 67.54
C PHE B 309 21.13 33.69 67.42
N GLN B 310 22.39 33.59 67.84
CA GLN B 310 23.34 34.68 67.74
C GLN B 310 24.75 34.12 67.66
N ILE B 311 25.53 34.62 66.70
CA ILE B 311 26.90 34.16 66.53
C ILE B 311 27.80 34.88 67.54
N SER B 312 28.70 34.11 68.17
CA SER B 312 29.56 34.66 69.21
C SER B 312 30.50 35.73 68.65
N ASP B 313 31.07 35.48 67.48
CA ASP B 313 32.04 36.42 66.92
C ASP B 313 31.34 37.72 66.51
N PRO B 314 31.80 38.87 66.98
CA PRO B 314 31.17 40.14 66.59
C PRO B 314 31.21 40.41 65.09
N MET B 315 32.28 39.97 64.41
CA MET B 315 32.41 40.24 62.98
C MET B 315 31.34 39.49 62.19
N ARG B 316 30.99 38.29 62.62
CA ARG B 316 30.02 37.45 61.92
C ARG B 316 28.59 37.64 62.42
N LYS B 317 28.37 38.56 63.34
CA LYS B 317 27.03 38.84 63.82
C LYS B 317 26.18 39.47 62.73
N ARG B 318 24.93 39.04 62.63
CA ARG B 318 24.02 39.49 61.59
C ARG B 318 23.12 40.59 62.13
N VAL B 319 23.02 41.69 61.38
CA VAL B 319 22.20 42.84 61.75
C VAL B 319 21.32 43.21 60.56
N VAL B 320 20.09 43.63 60.86
CA VAL B 320 19.15 44.01 59.81
C VAL B 320 19.47 45.41 59.32
N ALA B 321 19.41 45.60 58.00
CA ALA B 321 19.70 46.89 57.39
C ALA B 321 18.63 47.21 56.36
N TYR B 322 18.47 48.50 56.08
CA TYR B 322 17.48 48.99 55.14
C TYR B 322 18.16 49.71 53.99
N GLU B 323 17.55 49.65 52.82
CA GLU B 323 18.08 50.30 51.62
C GLU B 323 16.96 51.06 50.92
N TYR B 324 17.31 52.18 50.30
CA TYR B 324 16.34 53.06 49.65
C TYR B 324 16.80 53.33 48.22
N TRP B 325 16.02 52.86 47.26
CA TRP B 325 16.27 53.10 45.84
C TRP B 325 15.16 53.99 45.31
N GLY B 326 15.53 55.15 44.77
CA GLY B 326 14.53 56.08 44.30
C GLY B 326 15.14 57.27 43.58
N PHE B 327 14.28 58.20 43.18
CA PHE B 327 14.66 59.41 42.46
C PHE B 327 14.53 60.60 43.39
N TRP B 328 15.56 61.44 43.41
CA TRP B 328 15.57 62.62 44.27
C TRP B 328 16.13 63.81 43.52
N ASP B 329 15.71 65.00 43.91
CA ASP B 329 16.21 66.25 43.35
C ASP B 329 17.42 66.68 44.18
N ILE B 330 18.61 66.20 43.77
CA ILE B 330 19.80 66.43 44.57
C ILE B 330 20.22 67.90 44.54
N GLU B 331 20.12 68.53 43.38
CA GLU B 331 20.60 69.90 43.22
C GLU B 331 19.51 70.94 43.50
N GLY B 332 18.27 70.52 43.73
CA GLY B 332 17.22 71.47 44.05
C GLY B 332 16.71 72.29 42.89
N ASN B 333 17.10 71.97 41.66
CA ASN B 333 16.68 72.71 40.49
C ASN B 333 15.50 72.07 39.77
N GLY B 334 14.91 71.02 40.33
CA GLY B 334 13.79 70.35 39.70
C GLY B 334 14.15 69.17 38.84
N VAL B 335 15.38 68.65 38.95
CA VAL B 335 15.84 67.53 38.15
C VAL B 335 15.96 66.31 39.06
N LEU B 336 15.26 65.25 38.71
CA LEU B 336 15.27 64.02 39.50
C LEU B 336 16.28 63.03 38.92
N GLU B 337 17.15 62.52 39.78
CA GLU B 337 18.14 61.52 39.39
C GLU B 337 18.12 60.36 40.36
N PRO B 338 18.42 59.15 39.90
CA PRO B 338 18.37 57.98 40.79
C PRO B 338 19.45 58.06 41.86
N ILE B 339 19.13 57.52 43.04
CA ILE B 339 20.04 57.52 44.18
C ILE B 339 19.91 56.19 44.92
N VAL B 340 20.82 55.95 45.85
CA VAL B 340 20.76 54.80 46.75
C VAL B 340 21.17 55.26 48.14
N ALA B 341 20.45 54.81 49.16
CA ALA B 341 20.72 55.16 50.54
C ALA B 341 20.54 53.95 51.43
N THR B 342 21.51 53.70 52.30
CA THR B 342 21.49 52.57 53.22
C THR B 342 21.68 53.08 54.64
N TRP B 343 20.83 52.61 55.56
CA TRP B 343 20.94 52.98 56.95
C TRP B 343 20.68 51.77 57.84
N ILE B 344 21.40 51.71 58.95
CA ILE B 344 21.23 50.66 59.96
C ILE B 344 20.75 51.32 61.25
N GLY B 345 19.60 50.89 61.73
CA GLY B 345 19.03 51.52 62.91
C GLY B 345 18.64 52.95 62.62
N SER B 346 19.35 53.89 63.25
CA SER B 346 19.13 55.32 63.04
C SER B 346 20.36 56.01 62.48
N THR B 347 21.33 55.26 61.96
CA THR B 347 22.57 55.81 61.43
C THR B 347 22.60 55.60 59.91
N LEU B 348 22.88 56.69 59.18
CA LEU B 348 22.98 56.63 57.73
C LEU B 348 24.43 56.34 57.37
N ILE B 349 24.66 55.20 56.71
CA ILE B 349 26.03 54.75 56.49
C ILE B 349 26.47 55.01 55.06
N ARG B 350 25.55 54.92 54.10
CA ARG B 350 25.91 55.02 52.68
C ARG B 350 24.95 55.96 51.97
N LEU B 351 25.50 56.82 51.11
CA LEU B 351 24.70 57.75 50.32
C LEU B 351 25.48 58.08 49.05
N GLU B 352 24.92 57.70 47.91
CA GLU B 352 25.56 57.95 46.62
C GLU B 352 24.54 57.76 45.51
N LYS B 353 24.98 57.96 44.28
CA LYS B 353 24.11 57.83 43.13
C LYS B 353 23.96 56.35 42.74
N ASN B 354 23.15 56.13 41.69
CA ASN B 354 22.93 54.77 41.23
C ASN B 354 24.18 54.24 40.54
N PRO B 355 24.74 53.12 41.02
CA PRO B 355 25.96 52.59 40.37
C PRO B 355 25.70 51.88 39.06
N TYR B 356 24.55 51.21 38.93
CA TYR B 356 24.28 50.41 37.75
C TYR B 356 24.01 51.29 36.54
N PRO B 357 24.44 50.85 35.34
CA PRO B 357 24.31 51.71 34.16
C PRO B 357 22.88 51.92 33.69
N ASP B 358 22.00 50.94 33.91
CA ASP B 358 20.65 51.03 33.37
C ASP B 358 19.88 52.18 34.00
N GLY B 359 20.20 52.53 35.23
CA GLY B 359 19.55 53.64 35.90
C GLY B 359 18.16 53.36 36.41
N LYS B 360 17.78 52.09 36.57
CA LYS B 360 16.47 51.71 37.06
C LYS B 360 16.61 50.93 38.37
N LEU B 361 15.50 50.81 39.08
CA LEU B 361 15.49 50.03 40.31
C LEU B 361 15.75 48.56 39.97
N PRO B 362 16.64 47.89 40.69
CA PRO B 362 16.98 46.50 40.37
C PRO B 362 15.96 45.51 40.90
N PHE B 363 14.71 45.66 40.47
CA PHE B 363 13.63 44.78 40.86
C PHE B 363 12.80 44.40 39.64
N VAL B 364 12.39 43.14 39.57
CA VAL B 364 11.59 42.62 38.48
C VAL B 364 10.38 41.91 39.08
N LEU B 365 9.19 42.25 38.59
CA LEU B 365 7.95 41.67 39.09
C LEU B 365 7.28 40.87 37.99
N ILE B 366 6.79 39.68 38.35
CA ILE B 366 6.12 38.78 37.42
C ILE B 366 4.82 38.32 38.07
N PRO B 367 3.66 38.66 37.52
CA PRO B 367 2.40 38.25 38.13
C PRO B 367 1.90 36.91 37.60
N TYR B 368 1.36 36.07 38.49
CA TYR B 368 0.81 34.79 38.07
C TYR B 368 -0.44 34.98 37.22
N MET B 369 -1.39 35.77 37.72
CA MET B 369 -2.60 36.10 36.98
C MET B 369 -2.76 37.61 37.02
N PRO B 370 -2.53 38.32 35.91
CA PRO B 370 -2.54 39.78 35.95
C PRO B 370 -3.91 40.34 36.32
N VAL B 371 -3.88 41.44 37.07
CA VAL B 371 -5.07 42.24 37.36
C VAL B 371 -4.93 43.56 36.63
N LYS B 372 -5.96 43.93 35.87
CA LYS B 372 -5.87 45.10 35.00
C LYS B 372 -5.60 46.36 35.81
N ARG B 373 -4.62 47.15 35.37
CA ARG B 373 -4.23 48.39 36.03
C ARG B 373 -3.83 48.15 37.49
N ASP B 374 -3.02 47.12 37.72
CA ASP B 374 -2.54 46.80 39.05
C ASP B 374 -1.23 46.04 38.96
N MET B 375 -0.37 46.25 39.94
CA MET B 375 0.94 45.59 39.96
C MET B 375 0.82 44.10 40.25
N TYR B 376 0.06 43.74 41.29
CA TYR B 376 0.10 42.40 41.83
C TYR B 376 -0.78 41.44 41.03
N GLY B 377 -0.58 40.15 41.28
CA GLY B 377 -1.37 39.12 40.64
C GLY B 377 -2.10 38.28 41.68
N GLU B 378 -2.90 37.34 41.18
CA GLU B 378 -3.72 36.53 42.07
C GLU B 378 -3.44 35.04 41.86
N PRO B 379 -3.37 34.26 42.93
CA PRO B 379 -3.22 32.82 42.80
C PRO B 379 -4.57 32.13 42.59
N ASP B 380 -4.53 30.80 42.55
CA ASP B 380 -5.75 30.03 42.33
C ASP B 380 -6.50 29.74 43.62
N ALA B 381 -5.93 30.07 44.78
CA ALA B 381 -6.60 29.78 46.05
C ALA B 381 -7.88 30.59 46.21
N GLU B 382 -7.92 31.79 45.63
CA GLU B 382 -9.10 32.65 45.73
C GLU B 382 -10.35 31.94 45.21
N LEU B 383 -10.22 31.25 44.08
CA LEU B 383 -11.37 30.61 43.47
C LEU B 383 -11.70 29.29 44.16
N LEU B 384 -10.71 28.67 44.81
CA LEU B 384 -10.83 27.28 45.25
C LEU B 384 -11.01 27.12 46.76
N GLY B 385 -10.94 28.20 47.54
CA GLY B 385 -11.13 28.06 48.97
C GLY B 385 -12.49 27.49 49.34
N ASP B 386 -13.55 28.00 48.70
CA ASP B 386 -14.90 27.51 48.99
C ASP B 386 -15.07 26.04 48.62
N ASN B 387 -14.57 25.65 47.45
CA ASN B 387 -14.65 24.26 47.03
C ASN B 387 -13.87 23.36 47.98
N GLN B 388 -12.69 23.81 48.41
CA GLN B 388 -11.91 23.03 49.37
C GLN B 388 -12.67 22.85 50.67
N ALA B 389 -13.30 23.91 51.16
CA ALA B 389 -14.07 23.81 52.40
C ALA B 389 -15.22 22.83 52.26
N VAL B 390 -15.96 22.91 51.16
CA VAL B 390 -17.11 22.02 50.97
C VAL B 390 -16.65 20.57 50.85
N LEU B 391 -15.58 20.32 50.09
CA LEU B 391 -15.08 18.96 49.94
C LEU B 391 -14.61 18.40 51.28
N GLY B 392 -13.90 19.22 52.07
CA GLY B 392 -13.48 18.78 53.38
C GLY B 392 -14.66 18.45 54.29
N ALA B 393 -15.71 19.28 54.23
CA ALA B 393 -16.90 19.01 55.04
C ALA B 393 -17.56 17.69 54.64
N VAL B 394 -17.67 17.44 53.33
CA VAL B 394 -18.28 16.20 52.86
C VAL B 394 -17.46 14.99 53.29
N MET B 395 -16.12 15.09 53.15
CA MET B 395 -15.26 13.98 53.54
C MET B 395 -15.35 13.71 55.03
N ARG B 396 -15.36 14.78 55.84
CA ARG B 396 -15.52 14.63 57.28
C ARG B 396 -16.85 13.96 57.62
N GLY B 397 -17.92 14.36 56.94
CA GLY B 397 -19.21 13.71 57.17
C GLY B 397 -19.17 12.23 56.88
N MET B 398 -18.57 11.84 55.75
CA MET B 398 -18.47 10.42 55.41
C MET B 398 -17.66 9.66 56.45
N ILE B 399 -16.51 10.21 56.86
CA ILE B 399 -15.64 9.51 57.79
C ILE B 399 -16.30 9.39 59.16
N ASP B 400 -17.00 10.45 59.59
CA ASP B 400 -17.75 10.36 60.85
C ASP B 400 -18.84 9.31 60.77
N LEU B 401 -19.56 9.25 59.64
CA LEU B 401 -20.60 8.26 59.46
C LEU B 401 -20.05 6.85 59.60
N LEU B 402 -18.91 6.58 58.97
CA LEU B 402 -18.32 5.24 59.09
C LEU B 402 -17.77 4.98 60.49
N GLY B 403 -17.07 5.95 61.06
CA GLY B 403 -16.39 5.72 62.32
C GLY B 403 -17.33 5.54 63.51
N ARG B 404 -18.40 6.33 63.55
CA ARG B 404 -19.25 6.31 64.74
C ARG B 404 -20.13 5.06 64.80
N SER B 405 -20.24 4.34 63.69
CA SER B 405 -21.06 3.14 63.66
C SER B 405 -20.38 2.01 64.44
N ALA B 406 -21.21 1.11 64.97
CA ALA B 406 -20.69 -0.06 65.68
C ALA B 406 -20.44 -1.20 64.70
N ASN B 407 -19.23 -1.78 64.77
CA ASN B 407 -18.83 -2.85 63.87
C ASN B 407 -18.25 -4.00 64.67
N GLY B 408 -18.62 -5.22 64.30
CA GLY B 408 -18.11 -6.42 64.93
C GLY B 408 -18.89 -6.91 66.13
N GLN B 409 -19.85 -6.14 66.61
CA GLN B 409 -20.64 -6.56 67.77
C GLN B 409 -21.69 -7.59 67.37
N ARG B 410 -22.07 -8.43 68.33
CA ARG B 410 -23.06 -9.47 68.12
C ARG B 410 -24.13 -9.36 69.20
N GLY B 411 -25.40 -9.39 68.78
CA GLY B 411 -26.53 -9.32 69.69
C GLY B 411 -27.36 -10.60 69.60
N MET B 412 -27.68 -11.17 70.76
CA MET B 412 -28.44 -12.40 70.84
C MET B 412 -29.72 -12.19 71.64
N PRO B 413 -30.87 -12.65 71.15
CA PRO B 413 -32.11 -12.46 71.89
C PRO B 413 -32.12 -13.28 73.17
N LYS B 414 -32.86 -12.78 74.17
CA LYS B 414 -32.98 -13.49 75.43
C LYS B 414 -33.92 -14.67 75.32
N GLY B 415 -33.53 -15.79 75.92
CA GLY B 415 -34.37 -16.98 75.97
C GLY B 415 -34.23 -17.93 74.80
N MET B 416 -33.48 -17.56 73.77
CA MET B 416 -33.28 -18.46 72.63
C MET B 416 -32.41 -19.65 73.02
N LEU B 417 -31.36 -19.41 73.78
CA LEU B 417 -30.43 -20.45 74.20
C LEU B 417 -30.31 -20.44 75.73
N ASP B 418 -30.39 -21.63 76.33
CA ASP B 418 -30.14 -21.73 77.75
C ASP B 418 -28.64 -21.64 78.04
N ALA B 419 -28.27 -21.85 79.31
CA ALA B 419 -26.90 -21.62 79.72
C ALA B 419 -25.91 -22.51 78.98
N LEU B 420 -26.15 -23.83 78.97
CA LEU B 420 -25.21 -24.75 78.38
C LEU B 420 -25.08 -24.54 76.87
N ASN B 421 -26.20 -24.37 76.19
CA ASN B 421 -26.16 -24.15 74.74
C ASN B 421 -25.51 -22.81 74.41
N SER B 422 -25.75 -21.78 75.23
CA SER B 422 -25.09 -20.50 75.01
C SER B 422 -23.59 -20.61 75.17
N ARG B 423 -23.14 -21.33 76.20
CA ARG B 423 -21.70 -21.53 76.37
C ARG B 423 -21.12 -22.32 75.19
N ARG B 424 -21.83 -23.35 74.73
CA ARG B 424 -21.36 -24.13 73.59
C ARG B 424 -21.25 -23.27 72.34
N TYR B 425 -22.23 -22.39 72.13
CA TYR B 425 -22.17 -21.46 71.00
C TYR B 425 -20.99 -20.50 71.13
N ARG B 426 -20.75 -20.00 72.34
CA ARG B 426 -19.67 -19.03 72.54
C ARG B 426 -18.30 -19.65 72.32
N GLU B 427 -18.11 -20.90 72.77
CA GLU B 427 -16.82 -21.56 72.59
C GLU B 427 -16.54 -21.83 71.12
N GLY B 428 -17.57 -22.17 70.35
CA GLY B 428 -17.38 -22.41 68.93
C GLY B 428 -17.70 -23.82 68.48
N GLU B 429 -18.71 -24.45 69.11
CA GLU B 429 -19.12 -25.80 68.76
C GLU B 429 -20.61 -25.81 68.51
N ASP B 430 -21.12 -26.98 68.10
CA ASP B 430 -22.52 -27.11 67.74
C ASP B 430 -23.42 -26.90 68.96
N TYR B 431 -24.63 -26.43 68.70
CA TYR B 431 -25.58 -26.10 69.75
C TYR B 431 -26.98 -26.51 69.34
N GLU B 432 -27.93 -26.35 70.26
CA GLU B 432 -29.34 -26.59 70.00
C GLU B 432 -30.15 -25.39 70.49
N TYR B 433 -31.06 -24.91 69.66
CA TYR B 433 -31.82 -23.71 69.94
C TYR B 433 -33.32 -24.02 70.04
N ASN B 434 -34.04 -23.11 70.69
CA ASN B 434 -35.48 -23.26 70.80
C ASN B 434 -36.13 -22.97 69.45
N PRO B 435 -37.06 -23.83 69.01
CA PRO B 435 -37.63 -23.64 67.66
C PRO B 435 -38.43 -22.36 67.49
N THR B 436 -38.83 -21.73 68.59
CA THR B 436 -39.65 -20.53 68.49
C THR B 436 -38.90 -19.39 67.81
N GLN B 437 -37.61 -19.24 68.11
CA GLN B 437 -36.79 -18.17 67.54
C GLN B 437 -35.78 -18.76 66.57
N ASN B 438 -35.55 -18.05 65.47
CA ASN B 438 -34.67 -18.53 64.41
C ASN B 438 -33.32 -17.81 64.50
N PRO B 439 -32.24 -18.50 64.83
CA PRO B 439 -30.94 -17.82 64.96
C PRO B 439 -30.48 -17.11 63.69
N ALA B 440 -30.92 -17.58 62.52
CA ALA B 440 -30.45 -16.99 61.27
C ALA B 440 -30.86 -15.52 61.17
N GLN B 441 -32.06 -15.19 61.66
CA GLN B 441 -32.52 -13.81 61.60
C GLN B 441 -32.28 -13.09 62.92
N MET B 442 -32.41 -13.81 64.04
CA MET B 442 -32.31 -13.16 65.34
C MET B 442 -30.88 -12.74 65.65
N ILE B 443 -29.90 -13.58 65.35
CA ILE B 443 -28.50 -13.21 65.59
C ILE B 443 -28.08 -12.17 64.57
N ILE B 444 -27.58 -11.03 65.04
CA ILE B 444 -27.26 -9.89 64.20
C ILE B 444 -25.78 -9.57 64.36
N GLU B 445 -25.09 -9.43 63.24
CA GLU B 445 -23.70 -8.96 63.20
C GLU B 445 -23.68 -7.59 62.57
N HIS B 446 -23.28 -6.58 63.35
CA HIS B 446 -23.34 -5.20 62.88
C HIS B 446 -22.27 -4.94 61.83
N LYS B 447 -22.58 -4.01 60.92
CA LYS B 447 -21.71 -3.72 59.79
C LYS B 447 -21.67 -2.22 59.55
N PHE B 448 -20.81 -1.82 58.61
CA PHE B 448 -20.73 -0.41 58.25
C PHE B 448 -22.00 0.01 57.52
N PRO B 449 -22.49 1.23 57.77
CA PRO B 449 -23.65 1.71 57.03
C PRO B 449 -23.30 2.01 55.58
N GLU B 450 -24.30 1.98 54.72
CA GLU B 450 -24.08 2.24 53.31
C GLU B 450 -23.95 3.74 53.04
N LEU B 451 -22.95 4.10 52.25
CA LEU B 451 -22.71 5.51 51.96
C LEU B 451 -23.77 6.05 51.00
N PRO B 452 -24.32 7.23 51.27
CA PRO B 452 -25.28 7.83 50.33
C PRO B 452 -24.58 8.31 49.07
N GLN B 453 -25.34 8.39 47.99
CA GLN B 453 -24.79 8.83 46.71
C GLN B 453 -24.59 10.35 46.68
N SER B 454 -25.28 11.08 47.57
CA SER B 454 -25.19 12.53 47.55
C SER B 454 -23.77 13.02 47.84
N ALA B 455 -23.09 12.38 48.80
CA ALA B 455 -21.74 12.81 49.14
C ALA B 455 -20.79 12.65 47.96
N LEU B 456 -20.84 11.48 47.30
CA LEU B 456 -19.99 11.26 46.14
C LEU B 456 -20.32 12.22 45.00
N THR B 457 -21.62 12.44 44.76
CA THR B 457 -22.03 13.35 43.70
C THR B 457 -21.54 14.77 43.96
N MET B 458 -21.65 15.24 45.20
CA MET B 458 -21.22 16.60 45.51
C MET B 458 -19.69 16.72 45.48
N ALA B 459 -18.98 15.67 45.93
CA ALA B 459 -17.53 15.69 45.81
C ALA B 459 -17.10 15.77 44.34
N THR B 460 -17.76 15.00 43.47
CA THR B 460 -17.47 15.08 42.05
C THR B 460 -17.78 16.46 41.49
N LEU B 461 -18.90 17.05 41.92
CA LEU B 461 -19.26 18.39 41.44
C LEU B 461 -18.22 19.42 41.86
N GLN B 462 -17.76 19.37 43.11
CA GLN B 462 -16.74 20.31 43.56
C GLN B 462 -15.44 20.12 42.80
N ASN B 463 -15.04 18.86 42.58
CA ASN B 463 -13.81 18.61 41.82
C ASN B 463 -13.93 19.13 40.40
N GLN B 464 -15.07 18.90 39.74
CA GLN B 464 -15.26 19.39 38.38
C GLN B 464 -15.26 20.91 38.33
N GLU B 465 -15.90 21.56 39.31
CA GLU B 465 -15.91 23.02 39.34
C GLU B 465 -14.49 23.56 39.53
N ALA B 466 -13.71 22.94 40.42
CA ALA B 466 -12.33 23.38 40.61
C ALA B 466 -11.50 23.20 39.35
N GLU B 467 -11.65 22.06 38.67
CA GLU B 467 -10.89 21.82 37.46
C GLU B 467 -11.29 22.79 36.35
N SER B 468 -12.58 23.13 36.27
CA SER B 468 -13.04 24.08 35.26
C SER B 468 -12.50 25.47 35.54
N LEU B 469 -12.61 25.94 36.78
CA LEU B 469 -12.14 27.29 37.12
C LEU B 469 -10.63 27.40 36.96
N THR B 470 -9.88 26.44 37.49
CA THR B 470 -8.43 26.52 37.43
C THR B 470 -7.91 26.19 36.03
N GLY B 471 -8.50 25.18 35.39
CA GLY B 471 -8.02 24.75 34.09
C GLY B 471 -6.97 23.66 34.12
N VAL B 472 -6.79 22.99 35.26
CA VAL B 472 -5.80 21.93 35.41
C VAL B 472 -6.52 20.62 35.69
N LYS B 473 -6.18 19.58 34.94
CA LYS B 473 -6.65 18.24 35.18
C LYS B 473 -5.54 17.42 35.84
N ALA B 474 -5.93 16.29 36.45
CA ALA B 474 -5.00 15.52 37.24
C ALA B 474 -3.85 14.97 36.38
N PHE B 475 -4.16 14.10 35.44
CA PHE B 475 -3.13 13.38 34.69
C PHE B 475 -3.07 13.80 33.22
N ALA B 476 -3.31 15.08 32.94
CA ALA B 476 -3.27 15.59 31.58
C ALA B 476 -2.54 16.92 31.53
N GLY B 477 -2.00 17.23 30.36
CA GLY B 477 -1.35 18.51 30.12
C GLY B 477 0.11 18.52 30.50
N GLY B 478 0.64 19.74 30.56
CA GLY B 478 2.02 19.96 30.94
C GLY B 478 3.03 19.97 29.80
N VAL B 479 2.59 19.70 28.57
CA VAL B 479 3.49 19.58 27.43
C VAL B 479 3.63 20.90 26.67
N THR B 480 3.27 22.03 27.30
CA THR B 480 3.37 23.31 26.61
C THR B 480 4.83 23.74 26.44
N GLY B 481 5.71 23.25 27.30
CA GLY B 481 7.11 23.66 27.23
C GLY B 481 7.80 23.24 25.95
N GLU B 482 7.42 22.10 25.39
CA GLU B 482 8.06 21.60 24.17
C GLU B 482 7.71 22.49 22.97
N SER B 483 6.64 23.26 23.07
CA SER B 483 6.16 24.09 21.98
C SER B 483 6.48 25.57 22.18
N TYR B 484 7.40 25.90 23.10
CA TYR B 484 7.76 27.30 23.31
C TYR B 484 8.45 27.88 22.10
N GLY B 485 9.29 27.09 21.44
CA GLY B 485 10.06 27.60 20.31
C GLY B 485 9.15 28.10 19.20
N ASP B 486 9.48 29.29 18.68
CA ASP B 486 8.65 29.88 17.63
C ASP B 486 8.72 29.07 16.34
N VAL B 487 9.91 29.01 15.71
CA VAL B 487 10.05 28.23 14.50
C VAL B 487 9.91 26.74 14.80
N ALA B 488 10.20 26.34 16.03
CA ALA B 488 10.16 24.93 16.39
C ALA B 488 8.74 24.36 16.30
N ALA B 489 7.83 24.92 17.08
CA ALA B 489 6.46 24.39 17.10
C ALA B 489 5.38 25.45 17.02
N GLY B 490 5.70 26.75 17.08
CA GLY B 490 4.67 27.76 16.94
C GLY B 490 4.06 27.76 15.55
N ILE B 491 4.86 27.42 14.53
CA ILE B 491 4.36 27.34 13.17
C ILE B 491 3.55 26.07 13.01
N ARG B 492 2.27 26.24 12.63
CA ARG B 492 1.36 25.12 12.41
C ARG B 492 1.31 24.20 13.63
N GLY B 493 1.29 24.82 14.81
CA GLY B 493 1.21 24.06 16.06
C GLY B 493 -0.16 24.13 16.69
N VAL B 494 -0.82 22.98 16.85
CA VAL B 494 -2.17 22.91 17.39
C VAL B 494 -2.09 22.32 18.79
N LEU B 495 -2.65 23.03 19.76
CA LEU B 495 -2.72 22.59 21.14
C LEU B 495 -4.12 22.81 21.68
N ASP B 496 -4.50 21.99 22.65
CA ASP B 496 -5.83 22.09 23.23
C ASP B 496 -5.97 23.41 24.00
N ALA B 497 -7.22 23.72 24.37
CA ALA B 497 -7.50 25.01 25.00
C ALA B 497 -6.80 25.15 26.34
N ALA B 498 -6.59 24.05 27.05
CA ALA B 498 -5.97 24.13 28.38
C ALA B 498 -4.48 24.44 28.30
N SER B 499 -3.86 24.20 27.14
CA SER B 499 -2.42 24.40 27.03
C SER B 499 -2.06 25.88 26.89
N LYS B 500 -2.99 26.69 26.38
CA LYS B 500 -2.65 28.07 26.03
C LYS B 500 -2.52 28.94 27.28
N ARG B 501 -3.27 28.64 28.33
CA ARG B 501 -3.11 29.38 29.58
C ARG B 501 -1.73 29.15 30.18
N GLU B 502 -1.29 27.88 30.20
CA GLU B 502 0.07 27.57 30.65
C GLU B 502 1.10 28.22 29.74
N MET B 503 0.83 28.27 28.43
CA MET B 503 1.73 28.94 27.51
C MET B 503 1.87 30.41 27.85
N ALA B 504 0.74 31.07 28.15
CA ALA B 504 0.78 32.49 28.52
C ALA B 504 1.57 32.72 29.80
N ILE B 505 1.36 31.86 30.80
CA ILE B 505 2.11 32.00 32.05
C ILE B 505 3.61 31.77 31.81
N LEU B 506 3.94 30.82 30.94
CA LEU B 506 5.34 30.57 30.61
C LEU B 506 5.96 31.78 29.92
N ARG B 507 5.21 32.42 29.03
CA ARG B 507 5.70 33.65 28.39
C ARG B 507 5.90 34.76 29.42
N ARG B 508 4.98 34.86 30.39
CA ARG B 508 5.14 35.86 31.44
C ARG B 508 6.41 35.63 32.24
N LEU B 509 6.71 34.36 32.57
CA LEU B 509 7.96 34.06 33.26
C LEU B 509 9.18 34.35 32.40
N ALA B 510 9.10 34.03 31.11
CA ALA B 510 10.22 34.25 30.21
C ALA B 510 10.52 35.73 30.04
N LYS B 511 9.49 36.58 30.13
CA LYS B 511 9.73 38.02 30.07
C LYS B 511 10.59 38.49 31.24
N GLY B 512 10.28 38.03 32.45
CA GLY B 512 11.11 38.37 33.61
C GLY B 512 12.51 37.81 33.48
N MET B 513 12.63 36.58 32.96
CA MET B 513 13.96 36.02 32.74
C MET B 513 14.77 36.86 31.76
N SER B 514 14.13 37.33 30.69
CA SER B 514 14.81 38.19 29.72
C SER B 514 15.22 39.52 30.36
N GLU B 515 14.36 40.08 31.20
CA GLU B 515 14.71 41.32 31.89
C GLU B 515 15.94 41.12 32.79
N ILE B 516 15.96 40.01 33.53
CA ILE B 516 17.10 39.71 34.39
C ILE B 516 18.38 39.56 33.56
N GLY B 517 18.28 38.83 32.44
CA GLY B 517 19.43 38.68 31.58
C GLY B 517 19.94 39.98 31.02
N ASN B 518 19.03 40.86 30.61
CA ASN B 518 19.42 42.17 30.10
C ASN B 518 20.13 42.99 31.16
N LYS B 519 19.59 43.00 32.39
CA LYS B 519 20.24 43.73 33.47
C LYS B 519 21.64 43.19 33.74
N ILE B 520 21.79 41.86 33.77
CA ILE B 520 23.08 41.27 34.07
C ILE B 520 24.08 41.55 32.95
N ILE B 521 23.62 41.54 31.70
CA ILE B 521 24.49 41.89 30.59
C ILE B 521 24.95 43.35 30.70
N ALA B 522 24.02 44.24 31.06
CA ALA B 522 24.37 45.65 31.21
C ALA B 522 25.42 45.83 32.30
N MET B 523 25.26 45.11 33.42
CA MET B 523 26.24 45.22 34.50
C MET B 523 27.59 44.63 34.09
N ASN B 524 27.59 43.51 33.38
CA ASN B 524 28.83 42.90 32.92
C ASN B 524 29.56 43.81 31.95
N ALA B 525 28.81 44.60 31.17
CA ALA B 525 29.43 45.49 30.18
C ALA B 525 30.37 46.49 30.85
N VAL B 526 30.14 46.80 32.13
CA VAL B 526 30.96 47.79 32.81
C VAL B 526 31.92 47.11 33.79
N PHE B 527 31.40 46.21 34.63
CA PHE B 527 32.18 45.74 35.77
C PHE B 527 33.30 44.80 35.35
N LEU B 528 33.03 43.90 34.40
CA LEU B 528 34.03 42.92 33.99
C LEU B 528 35.16 43.58 33.21
N ALA B 529 36.37 43.10 33.44
CA ALA B 529 37.55 43.61 32.75
C ALA B 529 37.78 42.85 31.45
N GLU B 530 38.78 43.30 30.69
CA GLU B 530 39.05 42.69 29.39
C GLU B 530 39.65 41.30 29.54
N HIS B 531 40.60 41.13 30.46
CA HIS B 531 41.30 39.86 30.56
C HIS B 531 40.37 38.74 31.02
N GLU B 532 39.41 39.06 31.90
CA GLU B 532 38.46 38.05 32.34
C GLU B 532 37.60 37.56 31.18
N VAL B 533 37.10 38.49 30.36
CA VAL B 533 36.28 38.09 29.22
C VAL B 533 37.11 37.31 28.21
N VAL B 534 38.37 37.70 28.01
CA VAL B 534 39.24 36.96 27.10
C VAL B 534 39.45 35.54 27.62
N ARG B 535 39.66 35.39 28.93
CA ARG B 535 39.86 34.06 29.51
C ARG B 535 38.61 33.21 29.35
N ILE B 536 37.42 33.80 29.59
CA ILE B 536 36.18 33.02 29.49
C ILE B 536 35.89 32.61 28.06
N THR B 537 36.05 33.54 27.11
CA THR B 537 35.64 33.30 25.73
C THR B 537 36.76 32.82 24.81
N ASN B 538 38.02 33.13 25.15
CA ASN B 538 39.18 32.76 24.33
C ASN B 538 39.05 33.35 22.92
N GLU B 539 38.66 34.62 22.85
CA GLU B 539 38.51 35.34 21.60
C GLU B 539 38.84 36.80 21.82
N GLU B 540 38.97 37.54 20.71
CA GLU B 540 39.27 38.96 20.80
C GLU B 540 38.11 39.71 21.46
N PHE B 541 38.46 40.74 22.22
CA PHE B 541 37.46 41.50 22.97
C PHE B 541 36.80 42.55 22.08
N VAL B 542 35.51 42.79 22.33
CA VAL B 542 34.74 43.84 21.66
C VAL B 542 34.31 44.84 22.73
N THR B 543 34.38 46.13 22.39
CA THR B 543 34.10 47.20 23.33
C THR B 543 32.72 47.78 23.08
N ILE B 544 32.00 48.05 24.16
CA ILE B 544 30.68 48.69 24.12
C ILE B 544 30.82 50.08 24.71
N LYS B 545 30.46 51.10 23.93
CA LYS B 545 30.57 52.47 24.40
C LYS B 545 29.60 52.74 25.54
N ARG B 546 30.02 53.58 26.47
CA ARG B 546 29.20 53.86 27.66
C ARG B 546 27.93 54.62 27.31
N GLU B 547 27.93 55.39 26.22
CA GLU B 547 26.73 56.11 25.83
C GLU B 547 25.64 55.16 25.35
N ASP B 548 26.03 54.07 24.68
CA ASP B 548 25.04 53.14 24.13
C ASP B 548 24.51 52.19 25.19
N LEU B 549 25.02 52.26 26.41
CA LEU B 549 24.60 51.32 27.46
C LEU B 549 23.17 51.60 27.90
N LYS B 550 22.75 52.86 27.89
CA LYS B 550 21.41 53.21 28.36
C LYS B 550 20.32 52.57 27.51
N GLY B 551 20.50 52.59 26.18
CA GLY B 551 19.53 52.02 25.26
C GLY B 551 20.05 50.70 24.71
N ASN B 552 19.29 49.64 24.94
CA ASN B 552 19.70 48.29 24.57
C ASN B 552 19.60 48.13 23.05
N PHE B 553 20.68 48.40 22.35
CA PHE B 553 20.80 48.08 20.93
C PHE B 553 21.60 46.81 20.76
N ASP B 554 21.57 46.26 19.55
CA ASP B 554 22.47 45.25 19.02
C ASP B 554 22.25 43.86 19.63
N LEU B 555 21.36 43.72 20.62
CA LEU B 555 21.22 42.45 21.30
C LEU B 555 19.75 42.16 21.57
N GLU B 556 19.41 40.88 21.62
CA GLU B 556 18.10 40.40 22.01
C GLU B 556 18.28 39.12 22.83
N VAL B 557 17.65 39.07 23.99
CA VAL B 557 17.82 37.98 24.94
C VAL B 557 16.51 37.21 25.05
N ASP B 558 16.59 35.88 24.94
CA ASP B 558 15.43 35.02 25.07
C ASP B 558 15.88 33.66 25.59
N ILE B 559 14.94 32.93 26.18
CA ILE B 559 15.24 31.61 26.72
C ILE B 559 15.49 30.64 25.59
N SER B 560 16.53 29.81 25.75
CA SER B 560 16.92 28.82 24.76
C SER B 560 16.42 27.44 25.17
N THR B 561 15.86 26.72 24.20
CA THR B 561 15.37 25.36 24.42
C THR B 561 15.99 24.43 23.39
N ALA B 562 15.89 23.12 23.66
CA ALA B 562 16.52 22.13 22.79
C ALA B 562 15.90 22.13 21.40
N GLU B 563 14.58 22.23 21.31
CA GLU B 563 13.91 22.16 20.01
C GLU B 563 14.22 23.39 19.16
N VAL B 564 14.51 24.53 19.79
CA VAL B 564 14.87 25.72 19.04
C VAL B 564 16.16 25.49 18.26
N ASP B 565 17.15 24.86 18.90
CA ASP B 565 18.41 24.57 18.21
C ASP B 565 18.20 23.62 17.05
N ASN B 566 17.36 22.59 17.24
CA ASN B 566 17.08 21.65 16.16
C ASN B 566 16.41 22.35 14.99
N GLN B 567 15.42 23.20 15.26
CA GLN B 567 14.73 23.89 14.18
C GLN B 567 15.65 24.87 13.46
N LYS B 568 16.53 25.53 14.21
CA LYS B 568 17.51 26.42 13.58
C LYS B 568 18.47 25.63 12.69
N SER B 569 18.87 24.42 13.13
CA SER B 569 19.70 23.57 12.31
C SER B 569 18.98 23.15 11.03
N GLN B 570 17.70 22.80 11.13
CA GLN B 570 16.94 22.44 9.94
C GLN B 570 16.81 23.64 9.00
N ASP B 571 16.59 24.84 9.54
CA ASP B 571 16.49 26.03 8.70
C ASP B 571 17.81 26.31 8.01
N LEU B 572 18.93 26.16 8.72
CA LEU B 572 20.24 26.36 8.10
C LEU B 572 20.49 25.32 7.01
N GLY B 573 20.10 24.07 7.24
CA GLY B 573 20.23 23.06 6.21
C GLY B 573 19.38 23.36 4.98
N PHE B 574 18.17 23.85 5.20
CA PHE B 574 17.31 24.25 4.08
C PHE B 574 17.93 25.40 3.30
N MET B 575 18.50 26.38 4.01
CA MET B 575 19.14 27.51 3.34
C MET B 575 20.36 27.04 2.54
N LEU B 576 21.13 26.11 3.11
CA LEU B 576 22.28 25.57 2.40
C LEU B 576 21.85 24.80 1.15
N GLN B 577 20.76 24.05 1.24
CA GLN B 577 20.26 23.31 0.09
C GLN B 577 19.76 24.26 -1.00
N THR B 578 19.03 25.31 -0.62
CA THR B 578 18.48 26.24 -1.60
C THR B 578 19.59 26.98 -2.33
N ILE B 579 20.59 27.47 -1.61
CA ILE B 579 21.69 28.18 -2.23
C ILE B 579 22.66 27.17 -2.86
N GLY B 580 23.19 27.52 -4.03
CA GLY B 580 24.17 26.70 -4.68
C GLY B 580 25.41 26.51 -3.83
N PRO B 581 25.85 25.26 -3.66
CA PRO B 581 27.07 25.03 -2.87
C PRO B 581 28.30 25.69 -3.44
N ASN B 582 28.38 25.85 -4.77
CA ASN B 582 29.60 26.32 -5.40
C ASN B 582 29.61 27.82 -5.64
N VAL B 583 28.53 28.54 -5.32
CA VAL B 583 28.47 29.96 -5.62
C VAL B 583 29.48 30.73 -4.78
N ASP B 584 29.67 30.32 -3.53
CA ASP B 584 30.61 30.97 -2.62
C ASP B 584 31.04 29.98 -1.55
N GLN B 585 32.36 29.83 -1.38
CA GLN B 585 32.88 28.90 -0.39
C GLN B 585 32.77 29.48 1.02
N GLN B 586 32.91 30.80 1.14
CA GLN B 586 32.87 31.43 2.46
C GLN B 586 31.49 31.27 3.11
N ILE B 587 30.43 31.46 2.32
CA ILE B 587 29.08 31.32 2.86
C ILE B 587 28.83 29.90 3.34
N THR B 588 29.25 28.91 2.54
CA THR B 588 29.07 27.52 2.94
C THR B 588 29.86 27.19 4.20
N LEU B 589 31.10 27.64 4.28
CA LEU B 589 31.91 27.38 5.47
C LEU B 589 31.29 28.03 6.70
N ASN B 590 30.82 29.27 6.58
CA ASN B 590 30.18 29.92 7.71
C ASN B 590 28.93 29.17 8.14
N ILE B 591 28.05 28.83 7.19
CA ILE B 591 26.82 28.12 7.53
C ILE B 591 27.14 26.81 8.23
N LEU B 592 28.13 26.07 7.73
CA LEU B 592 28.57 24.86 8.41
C LEU B 592 29.06 25.17 9.81
N ALA B 593 29.65 26.35 10.00
CA ALA B 593 30.13 26.72 11.33
C ALA B 593 28.97 26.87 12.32
N GLU B 594 27.92 27.60 11.95
CA GLU B 594 26.79 27.70 12.90
C GLU B 594 26.08 26.36 13.05
N ILE B 595 26.05 25.54 11.99
CA ILE B 595 25.42 24.22 12.13
C ILE B 595 26.19 23.38 13.14
N ALA B 596 27.52 23.42 13.09
CA ALA B 596 28.32 22.67 14.04
C ALA B 596 28.18 23.24 15.46
N ASP B 597 28.08 24.57 15.56
CA ASP B 597 27.93 25.19 16.88
C ASP B 597 26.66 24.76 17.57
N LEU B 598 25.54 24.67 16.83
CA LEU B 598 24.28 24.26 17.43
C LEU B 598 24.33 22.80 17.86
N LYS B 599 25.24 22.03 17.29
CA LYS B 599 25.41 20.62 17.66
C LYS B 599 26.43 20.42 18.77
N ARG B 600 26.93 21.49 19.37
CA ARG B 600 27.92 21.46 20.44
C ARG B 600 29.24 20.83 20.00
N MET B 601 29.83 21.34 18.92
CA MET B 601 31.12 20.84 18.43
C MET B 601 32.05 22.03 18.23
N PRO B 602 32.57 22.64 19.30
CA PRO B 602 33.40 23.84 19.12
C PRO B 602 34.63 23.62 18.23
N LYS B 603 35.29 22.47 18.35
CA LYS B 603 36.50 22.23 17.58
C LYS B 603 36.19 22.15 16.09
N LEU B 604 35.12 21.45 15.72
CA LEU B 604 34.75 21.35 14.31
C LEU B 604 34.38 22.71 13.74
N ALA B 605 33.63 23.51 14.51
CA ALA B 605 33.25 24.85 14.05
C ALA B 605 34.48 25.72 13.87
N HIS B 606 35.43 25.67 14.81
CA HIS B 606 36.63 26.47 14.68
C HIS B 606 37.47 26.03 13.48
N ASP B 607 37.54 24.72 13.23
CA ASP B 607 38.26 24.21 12.07
C ASP B 607 37.61 24.68 10.77
N LEU B 608 36.28 24.66 10.71
CA LEU B 608 35.58 25.10 9.51
C LEU B 608 35.74 26.60 9.29
N ARG B 609 35.66 27.39 10.36
CA ARG B 609 35.77 28.85 10.22
C ARG B 609 37.14 29.26 9.68
N THR B 610 38.20 28.79 10.31
CA THR B 610 39.57 29.13 9.92
C THR B 610 40.15 28.08 8.97
N TRP B 611 39.45 27.83 7.87
CA TRP B 611 39.87 26.85 6.88
C TRP B 611 40.34 27.55 5.61
N GLN B 612 41.55 27.19 5.15
CA GLN B 612 42.12 27.75 3.95
C GLN B 612 42.59 26.63 3.04
N PRO B 613 42.20 26.62 1.77
CA PRO B 613 42.65 25.56 0.86
C PRO B 613 44.16 25.61 0.64
N GLN B 614 44.76 24.43 0.49
CA GLN B 614 46.19 24.32 0.25
C GLN B 614 46.47 24.18 -1.24
N PRO B 615 47.29 25.06 -1.81
CA PRO B 615 47.52 25.02 -3.26
C PRO B 615 48.37 23.84 -3.68
N ASP B 616 48.19 23.43 -4.93
CA ASP B 616 49.00 22.38 -5.55
C ASP B 616 49.74 22.97 -6.75
N PRO B 617 51.08 23.05 -6.70
CA PRO B 617 51.80 23.69 -7.82
C PRO B 617 51.61 23.00 -9.16
N VAL B 618 51.34 21.69 -9.15
CA VAL B 618 51.24 20.93 -10.40
C VAL B 618 50.11 21.46 -11.26
N GLN B 619 48.95 21.71 -10.66
CA GLN B 619 47.80 22.20 -11.43
C GLN B 619 48.06 23.58 -12.01
N GLU B 620 48.69 24.47 -11.23
CA GLU B 620 49.02 25.80 -11.74
C GLU B 620 50.00 25.72 -12.90
N GLN B 621 51.01 24.86 -12.77
CA GLN B 621 51.97 24.68 -13.87
C GLN B 621 51.29 24.13 -15.11
N LEU B 622 50.38 23.18 -14.94
CA LEU B 622 49.66 22.62 -16.08
C LEU B 622 48.79 23.68 -16.75
N LYS B 623 48.15 24.54 -15.96
CA LYS B 623 47.34 25.61 -16.54
C LYS B 623 48.21 26.58 -17.33
N GLN B 624 49.37 26.95 -16.79
CA GLN B 624 50.28 27.83 -17.50
C GLN B 624 50.74 27.19 -18.81
N LEU B 625 51.06 25.89 -18.77
CA LEU B 625 51.46 25.20 -19.99
C LEU B 625 50.32 25.16 -21.01
N ALA B 626 49.08 25.02 -20.54
CA ALA B 626 47.95 25.03 -21.46
C ALA B 626 47.81 26.39 -22.15
N VAL B 627 47.96 27.47 -21.39
CA VAL B 627 47.88 28.81 -21.98
C VAL B 627 49.00 29.00 -23.01
N GLU B 628 50.21 28.57 -22.66
CA GLU B 628 51.32 28.66 -23.60
C GLU B 628 51.06 27.85 -24.86
N LYS B 629 50.45 26.67 -24.69
CA LYS B 629 50.11 25.83 -25.84
C LYS B 629 49.11 26.53 -26.74
N ALA B 630 48.11 27.19 -26.16
CA ALA B 630 47.14 27.91 -26.99
C ALA B 630 47.81 29.04 -27.77
N GLN B 631 48.69 29.80 -27.11
CA GLN B 631 49.39 30.87 -27.82
C GLN B 631 50.26 30.31 -28.94
N LEU B 632 50.94 29.19 -28.69
CA LEU B 632 51.78 28.60 -29.73
C LEU B 632 50.95 28.04 -30.88
N GLU B 633 49.74 27.55 -30.58
CA GLU B 633 48.85 27.12 -31.65
C GLU B 633 48.44 28.29 -32.54
N ASN B 634 48.14 29.44 -31.93
CA ASN B 634 47.83 30.62 -32.73
C ASN B 634 49.03 31.03 -33.60
N GLU B 635 50.23 31.00 -33.01
CA GLU B 635 51.43 31.34 -33.78
C GLU B 635 51.65 30.37 -34.94
N GLU B 636 51.39 29.08 -34.70
CA GLU B 636 51.53 28.08 -35.75
C GLU B 636 50.54 28.33 -36.88
N LEU B 637 49.31 28.71 -36.54
CA LEU B 637 48.33 29.06 -37.57
C LEU B 637 48.83 30.23 -38.41
N ARG B 638 49.37 31.26 -37.76
CA ARG B 638 49.91 32.39 -38.49
C ARG B 638 51.05 31.97 -39.42
N SER B 639 51.93 31.10 -38.94
CA SER B 639 53.03 30.61 -39.76
C SER B 639 52.53 29.84 -40.97
N LYS B 640 51.51 29.01 -40.77
CA LYS B 640 50.93 28.27 -41.89
C LYS B 640 50.35 29.23 -42.93
N ILE B 641 49.67 30.29 -42.47
CA ILE B 641 49.13 31.29 -43.40
C ILE B 641 50.27 31.92 -44.20
N ARG B 642 51.36 32.29 -43.53
CA ARG B 642 52.49 32.91 -44.23
C ARG B 642 53.08 31.95 -45.27
N LEU B 643 53.24 30.68 -44.91
CA LEU B 643 53.80 29.71 -45.85
C LEU B 643 52.90 29.54 -47.07
N ASN B 644 51.58 29.46 -46.85
CA ASN B 644 50.65 29.34 -47.97
C ASN B 644 50.74 30.56 -48.89
N ASP B 645 50.82 31.76 -48.31
CA ASP B 645 50.94 32.96 -49.13
C ASP B 645 52.23 32.93 -49.96
N ALA B 646 53.34 32.54 -49.34
CA ALA B 646 54.60 32.48 -50.07
C ALA B 646 54.53 31.48 -51.23
N GLN B 647 53.93 30.32 -50.99
CA GLN B 647 53.80 29.34 -52.06
C GLN B 647 52.93 29.86 -53.19
N ALA B 648 51.85 30.58 -52.86
CA ALA B 648 51.00 31.16 -53.89
C ALA B 648 51.76 32.18 -54.74
N GLN B 649 52.56 33.03 -54.10
CA GLN B 649 53.35 34.00 -54.86
C GLN B 649 54.36 33.30 -55.77
N LYS B 650 55.00 32.24 -55.26
CA LYS B 650 55.94 31.50 -56.10
C LYS B 650 55.24 30.87 -57.31
N ALA B 651 54.04 30.32 -57.10
CA ALA B 651 53.28 29.76 -58.21
C ALA B 651 52.93 30.83 -59.23
N MET B 652 52.55 32.02 -58.77
CA MET B 652 52.25 33.11 -59.69
C MET B 652 53.49 33.50 -60.51
N ALA B 653 54.65 33.55 -59.86
CA ALA B 653 55.88 33.84 -60.58
C ALA B 653 56.17 32.79 -61.65
N GLU B 654 55.95 31.51 -61.31
CA GLU B 654 56.14 30.44 -62.30
C GLU B 654 55.18 30.62 -63.47
N ARG B 655 53.92 30.97 -63.18
CA ARG B 655 52.96 31.21 -64.26
C ARG B 655 53.43 32.33 -65.17
N ASP B 656 53.95 33.41 -64.60
CA ASP B 656 54.46 34.50 -65.42
C ASP B 656 55.62 34.04 -66.29
N ASN B 657 56.51 33.22 -65.74
CA ASN B 657 57.64 32.72 -66.52
C ASN B 657 57.16 31.88 -67.70
N LYS B 658 56.23 30.96 -67.47
CA LYS B 658 55.71 30.16 -68.57
C LYS B 658 54.94 31.00 -69.59
N ASN B 659 54.24 32.03 -69.13
CA ASN B 659 53.54 32.91 -70.06
C ASN B 659 54.53 33.64 -70.96
N LEU B 660 55.64 34.14 -70.40
CA LEU B 660 56.66 34.78 -71.21
C LEU B 660 57.28 33.78 -72.19
N ASP B 661 57.52 32.56 -71.74
CA ASP B 661 58.06 31.53 -72.63
C ASP B 661 57.11 31.27 -73.80
N TYR B 662 55.82 31.16 -73.51
CA TYR B 662 54.82 30.97 -74.56
C TYR B 662 54.84 32.13 -75.55
N LEU B 663 54.87 33.37 -75.04
CA LEU B 663 54.85 34.53 -75.92
C LEU B 663 56.08 34.56 -76.82
N GLU B 664 57.26 34.24 -76.27
CA GLU B 664 58.46 34.21 -77.08
C GLU B 664 58.44 33.08 -78.10
N GLN B 665 57.92 31.91 -77.71
CA GLN B 665 57.95 30.77 -78.61
C GLN B 665 56.94 30.93 -79.75
N GLU B 666 55.83 31.62 -79.51
CA GLU B 666 54.83 31.79 -80.55
C GLU B 666 55.41 32.52 -81.76
N SER B 667 56.18 33.57 -81.53
CA SER B 667 56.85 34.29 -82.62
C SER B 667 58.20 33.63 -82.90
N GLY B 668 59.01 34.28 -83.73
CA GLY B 668 60.33 33.80 -84.09
C GLY B 668 61.47 34.39 -83.30
N THR B 669 61.22 34.84 -82.06
CA THR B 669 62.25 35.53 -81.30
C THR B 669 63.46 34.64 -81.04
N LYS B 670 63.24 33.38 -80.67
CA LYS B 670 64.34 32.46 -80.43
C LYS B 670 65.11 32.18 -81.72
N HIS B 671 64.38 31.94 -82.81
CA HIS B 671 65.02 31.72 -84.10
C HIS B 671 65.76 32.97 -84.56
N ALA B 672 65.16 34.15 -84.34
CA ALA B 672 65.83 35.39 -84.70
C ALA B 672 67.12 35.58 -83.92
N ARG B 673 67.11 35.26 -82.62
CA ARG B 673 68.32 35.41 -81.81
C ARG B 673 69.39 34.41 -82.24
N ASP B 674 68.99 33.17 -82.57
CA ASP B 674 69.97 32.20 -83.07
C ASP B 674 70.58 32.66 -84.39
N LEU B 675 69.75 33.18 -85.29
CA LEU B 675 70.27 33.70 -86.56
C LEU B 675 71.19 34.89 -86.32
N GLU B 676 70.84 35.74 -85.36
CA GLU B 676 71.70 36.88 -85.04
C GLU B 676 73.05 36.41 -84.50
N LYS B 677 73.05 35.38 -83.66
CA LYS B 677 74.32 34.83 -83.16
C LYS B 677 75.16 34.26 -84.29
N MET B 678 74.53 33.52 -85.20
CA MET B 678 75.26 32.94 -86.33
C MET B 678 75.84 34.04 -87.22
N LYS B 679 75.04 35.08 -87.49
CA LYS B 679 75.51 36.18 -88.32
C LYS B 679 76.64 36.95 -87.63
N ALA B 680 76.55 37.10 -86.30
CA ALA B 680 77.62 37.76 -85.56
C ALA B 680 78.91 36.96 -85.64
N GLN B 681 78.81 35.63 -85.52
CA GLN B 681 79.99 34.78 -85.64
C GLN B 681 80.59 34.90 -87.04
N SER B 682 79.74 34.88 -88.07
CA SER B 682 80.23 35.02 -89.44
C SER B 682 80.90 36.38 -89.65
N GLN B 683 80.30 37.45 -89.12
CA GLN B 683 80.87 38.78 -89.28
C GLN B 683 82.19 38.89 -88.53
N GLY B 684 82.29 38.27 -87.36
CA GLY B 684 83.56 38.26 -86.65
C GLY B 684 84.64 37.53 -87.41
N ASN B 685 84.29 36.39 -88.02
CA ASN B 685 85.27 35.68 -88.84
C ASN B 685 85.69 36.51 -90.04
N GLN B 686 84.74 37.18 -90.68
CA GLN B 686 85.07 38.03 -91.83
C GLN B 686 85.97 39.19 -91.42
N GLN B 687 85.69 39.81 -90.26
CA GLN B 687 86.51 40.91 -89.78
C GLN B 687 87.92 40.43 -89.44
N LEU B 688 88.02 39.25 -88.83
CA LEU B 688 89.34 38.68 -88.54
C LEU B 688 90.11 38.41 -89.82
N GLU B 689 89.44 37.90 -90.85
CA GLU B 689 90.09 37.67 -92.13
C GLU B 689 90.55 38.98 -92.75
N ILE B 690 89.72 40.02 -92.68
CA ILE B 690 90.07 41.31 -93.26
C ILE B 690 91.28 41.91 -92.56
N THR B 691 91.29 41.87 -91.22
CA THR B 691 92.40 42.45 -90.47
C THR B 691 93.71 41.73 -90.75
N LYS B 692 93.68 40.40 -90.84
CA LYS B 692 94.89 39.62 -91.09
C LYS B 692 95.33 39.78 -92.55
N LYS C 19 -3.49 86.48 28.65
CA LYS C 19 -3.70 85.85 27.35
C LYS C 19 -2.53 84.96 26.99
N LEU C 20 -2.76 83.64 27.02
CA LEU C 20 -1.67 82.69 26.79
C LEU C 20 -1.21 82.70 25.34
N THR C 21 -2.13 82.90 24.40
CA THR C 21 -1.82 82.81 22.98
C THR C 21 -2.15 84.13 22.29
N SER C 22 -1.74 84.21 21.02
CA SER C 22 -1.99 85.38 20.20
C SER C 22 -3.18 85.23 19.27
N TRP C 23 -3.99 84.18 19.46
CA TRP C 23 -5.14 83.95 18.60
C TRP C 23 -6.16 85.07 18.74
N LYS C 24 -6.85 85.36 17.64
CA LYS C 24 -7.87 86.42 17.68
C LYS C 24 -9.00 86.06 18.63
N ASN C 25 -9.45 84.81 18.61
CA ASN C 25 -10.49 84.31 19.51
C ASN C 25 -9.89 83.23 20.39
N GLU C 26 -10.00 83.40 21.70
CA GLU C 26 -9.41 82.47 22.65
C GLU C 26 -10.51 81.74 23.41
N LEU C 27 -10.27 80.45 23.64
CA LEU C 27 -11.30 79.57 24.20
C LEU C 27 -11.70 79.97 25.61
N SER C 28 -10.72 80.32 26.47
CA SER C 28 -10.94 80.60 27.88
C SER C 28 -11.43 79.38 28.66
N LEU C 29 -11.22 79.37 29.98
CA LEU C 29 -11.47 78.17 30.76
C LEU C 29 -12.97 77.91 30.94
N GLN C 30 -13.77 78.97 30.92
CA GLN C 30 -15.20 78.81 31.15
C GLN C 30 -15.85 77.96 30.07
N ALA C 31 -15.42 78.12 28.82
CA ALA C 31 -15.98 77.33 27.72
C ALA C 31 -15.69 75.85 27.90
N LEU C 32 -14.45 75.51 28.26
CA LEU C 32 -14.11 74.11 28.49
C LEU C 32 -14.87 73.53 29.67
N LYS C 33 -15.00 74.31 30.76
CA LYS C 33 -15.75 73.82 31.90
C LYS C 33 -17.21 73.60 31.56
N ALA C 34 -17.81 74.50 30.76
CA ALA C 34 -19.19 74.32 30.34
C ALA C 34 -19.36 73.09 29.46
N ASP C 35 -18.41 72.87 28.54
CA ASP C 35 -18.48 71.68 27.69
C ASP C 35 -18.37 70.41 28.53
N LEU C 36 -17.45 70.39 29.51
CA LEU C 36 -17.32 69.23 30.38
C LEU C 36 -18.58 68.99 31.18
N ASP C 37 -19.18 70.05 31.72
CA ASP C 37 -20.41 69.91 32.50
C ASP C 37 -21.55 69.41 31.63
N ALA C 38 -21.61 69.86 30.38
CA ALA C 38 -22.65 69.38 29.47
C ALA C 38 -22.45 67.91 29.12
N ALA C 39 -21.20 67.49 28.90
CA ALA C 39 -20.95 66.12 28.46
C ALA C 39 -20.99 65.14 29.63
N LYS C 40 -20.90 65.63 30.86
CA LYS C 40 -20.84 64.75 32.03
C LYS C 40 -22.08 63.87 32.20
N PRO C 41 -23.32 64.37 32.05
CA PRO C 41 -24.49 63.51 32.34
C PRO C 41 -24.52 62.19 31.56
N SER C 42 -24.14 62.20 30.28
CA SER C 42 -24.18 60.97 29.50
C SER C 42 -23.14 59.97 30.00
N HIS C 43 -21.93 60.44 30.28
CA HIS C 43 -20.89 59.57 30.80
C HIS C 43 -21.27 58.99 32.16
N THR C 44 -21.88 59.81 33.02
CA THR C 44 -22.30 59.34 34.33
C THR C 44 -23.33 58.23 34.21
N ALA C 45 -24.30 58.39 33.29
CA ALA C 45 -25.29 57.34 33.10
C ALA C 45 -24.67 56.09 32.49
N MET C 46 -23.71 56.26 31.59
CA MET C 46 -23.07 55.12 30.94
C MET C 46 -22.25 54.29 31.92
N MET C 47 -21.55 54.95 32.85
CA MET C 47 -20.66 54.26 33.77
C MET C 47 -21.39 53.28 34.67
N ILE C 48 -22.71 53.48 34.84
CA ILE C 48 -23.49 52.57 35.68
C ILE C 48 -23.50 51.17 35.09
N LYS C 49 -23.63 51.06 33.77
CA LYS C 49 -23.62 49.75 33.12
C LYS C 49 -22.29 49.05 33.31
N VAL C 50 -21.18 49.77 33.16
CA VAL C 50 -19.86 49.18 33.35
C VAL C 50 -19.69 48.72 34.80
N LYS C 51 -20.15 49.54 35.75
CA LYS C 51 -20.06 49.16 37.15
C LYS C 51 -20.88 47.90 37.44
N GLU C 52 -22.09 47.81 36.86
CA GLU C 52 -22.91 46.62 37.05
C GLU C 52 -22.24 45.39 36.46
N TRP C 53 -21.66 45.52 35.27
CA TRP C 53 -20.98 44.39 34.65
C TRP C 53 -19.79 43.93 35.50
N ASN C 54 -19.01 44.88 36.01
CA ASN C 54 -17.87 44.52 36.86
C ASN C 54 -18.34 43.87 38.16
N ASP C 55 -19.43 44.35 38.73
CA ASP C 55 -19.97 43.75 39.95
C ASP C 55 -20.45 42.32 39.69
N LEU C 56 -21.08 42.10 38.53
CA LEU C 56 -21.48 40.74 38.16
C LEU C 56 -20.26 39.84 38.00
N MET C 57 -19.20 40.35 37.37
CA MET C 57 -17.99 39.56 37.18
C MET C 57 -17.34 39.21 38.51
N ARG C 58 -17.26 40.17 39.43
CA ARG C 58 -16.55 40.00 40.68
C ARG C 58 -17.44 39.57 41.84
N ILE C 59 -18.73 39.34 41.59
CA ILE C 59 -19.69 38.94 42.60
C ILE C 59 -19.68 39.96 43.73
N GLU C 60 -20.16 41.17 43.44
CA GLU C 60 -20.29 42.24 44.43
C GLU C 60 -21.59 42.98 44.18
N GLY C 61 -21.97 43.81 45.15
CA GLY C 61 -23.18 44.60 45.00
C GLY C 61 -24.42 43.74 44.96
N LYS C 62 -25.21 43.89 43.88
CA LYS C 62 -26.45 43.15 43.76
C LYS C 62 -26.20 41.66 43.54
N ALA C 63 -25.03 41.31 42.98
CA ALA C 63 -24.73 39.91 42.71
C ALA C 63 -24.47 39.13 43.99
N LYS C 64 -24.13 39.81 45.07
CA LYS C 64 -23.81 39.13 46.31
C LYS C 64 -25.06 38.45 46.88
N PRO C 65 -24.98 37.17 47.25
CA PRO C 65 -26.16 36.48 47.80
C PRO C 65 -26.54 37.04 49.16
N PRO C 66 -27.80 36.92 49.55
CA PRO C 66 -28.21 37.39 50.88
C PRO C 66 -27.55 36.57 51.98
N LYS C 67 -27.35 37.22 53.12
CA LYS C 67 -26.66 36.62 54.26
C LYS C 67 -27.70 36.09 55.24
N VAL C 68 -27.62 34.79 55.53
CA VAL C 68 -28.54 34.12 56.45
C VAL C 68 -27.73 33.36 57.48
N LYS C 69 -28.22 33.35 58.72
CA LYS C 69 -27.51 32.71 59.81
C LYS C 69 -27.37 31.20 59.59
N GLY C 70 -28.46 30.53 59.23
CA GLY C 70 -28.46 29.09 59.10
C GLY C 70 -28.36 28.52 57.70
N ARG C 71 -28.01 29.33 56.71
CA ARG C 71 -27.96 28.87 55.33
C ARG C 71 -26.70 29.36 54.66
N SER C 72 -26.37 28.73 53.53
CA SER C 72 -25.12 28.98 52.84
C SER C 72 -25.20 30.26 52.02
N GLN C 73 -24.02 30.78 51.67
CA GLN C 73 -23.86 32.02 50.91
C GLN C 73 -22.84 31.82 49.78
N VAL C 74 -22.98 30.74 49.02
CA VAL C 74 -22.02 30.35 48.00
C VAL C 74 -22.62 30.70 46.63
N GLN C 75 -21.76 31.12 45.70
CA GLN C 75 -22.20 31.39 44.34
C GLN C 75 -21.09 31.03 43.36
N PRO C 76 -21.32 30.07 42.46
CA PRO C 76 -20.32 29.76 41.43
C PRO C 76 -20.16 30.91 40.45
N LYS C 77 -18.97 30.99 39.88
CA LYS C 77 -18.60 32.09 38.99
C LYS C 77 -18.62 31.58 37.54
N LEU C 78 -19.69 31.96 36.83
CA LEU C 78 -19.84 31.56 35.43
C LEU C 78 -19.19 32.57 34.49
N VAL C 79 -19.54 33.85 34.64
CA VAL C 79 -18.97 34.90 33.78
C VAL C 79 -17.46 34.96 33.95
N ARG C 80 -16.99 34.73 35.17
CA ARG C 80 -15.55 34.73 35.42
C ARG C 80 -14.85 33.70 34.54
N ARG C 81 -15.35 32.46 34.50
CA ARG C 81 -14.69 31.42 33.71
C ARG C 81 -14.85 31.67 32.21
N GLN C 82 -16.03 32.16 31.80
CA GLN C 82 -16.22 32.50 30.39
C GLN C 82 -15.23 33.56 29.95
N ALA C 83 -14.86 34.47 30.85
CA ALA C 83 -13.81 35.44 30.53
C ALA C 83 -12.42 34.80 30.63
N GLU C 84 -12.25 33.84 31.54
CA GLU C 84 -10.94 33.23 31.75
C GLU C 84 -10.44 32.47 30.54
N TRP C 85 -11.30 31.69 29.88
CA TRP C 85 -10.79 31.06 28.65
C TRP C 85 -10.60 32.08 27.52
N ARG C 86 -11.44 33.10 27.46
CA ARG C 86 -11.32 34.09 26.38
C ARG C 86 -10.01 34.87 26.51
N TYR C 87 -9.57 35.18 27.74
CA TYR C 87 -8.33 35.90 27.92
C TYR C 87 -7.17 35.18 27.25
N SER C 88 -7.01 33.89 27.56
CA SER C 88 -5.89 33.13 27.01
C SER C 88 -6.10 32.82 25.55
N ALA C 89 -7.36 32.77 25.10
CA ALA C 89 -7.63 32.58 23.68
C ALA C 89 -7.17 33.78 22.87
N LEU C 90 -7.34 34.98 23.41
CA LEU C 90 -7.06 36.19 22.62
C LEU C 90 -5.63 36.68 22.80
N THR C 91 -5.06 36.52 24.00
CA THR C 91 -3.74 37.10 24.28
C THR C 91 -2.64 36.44 23.45
N GLU C 92 -2.71 35.12 23.26
CA GLU C 92 -1.58 34.39 22.69
C GLU C 92 -1.18 34.86 21.29
N PRO C 93 -2.10 35.16 20.36
CA PRO C 93 -1.65 35.56 19.01
C PRO C 93 -0.69 36.74 18.99
N PHE C 94 -0.82 37.68 19.94
CA PHE C 94 0.03 38.87 19.96
C PHE C 94 1.39 38.62 20.62
N LEU C 95 1.62 37.42 21.15
CA LEU C 95 2.87 37.14 21.83
C LEU C 95 3.63 35.95 21.26
N GLY C 96 3.22 35.38 20.13
CA GLY C 96 3.86 34.16 19.64
C GLY C 96 5.21 34.38 19.02
N SER C 97 5.52 35.59 18.56
CA SER C 97 6.75 35.88 17.86
C SER C 97 7.49 37.05 18.51
N ASN C 98 8.80 37.12 18.26
CA ASN C 98 9.60 38.18 18.83
C ASN C 98 9.27 39.53 18.19
N LYS C 99 8.81 39.52 16.94
CA LYS C 99 8.43 40.72 16.22
C LYS C 99 6.92 40.93 16.36
N LEU C 100 6.52 42.14 16.76
CA LEU C 100 5.11 42.43 16.96
C LEU C 100 4.44 43.02 15.73
N PHE C 101 5.14 43.87 14.98
CA PHE C 101 4.54 44.61 13.87
C PHE C 101 5.17 44.17 12.55
N LYS C 102 4.35 44.19 11.50
CA LYS C 102 4.79 43.86 10.14
C LYS C 102 4.42 45.02 9.23
N VAL C 103 5.43 45.60 8.58
CA VAL C 103 5.23 46.71 7.65
C VAL C 103 5.58 46.23 6.25
N THR C 104 4.67 46.45 5.31
CA THR C 104 4.85 46.00 3.94
C THR C 104 4.72 47.17 2.97
N PRO C 105 5.52 47.21 1.91
CA PRO C 105 5.43 48.31 0.95
C PRO C 105 4.16 48.22 0.11
N VAL C 106 3.64 49.38 -0.29
CA VAL C 106 2.50 49.39 -1.20
C VAL C 106 2.97 49.35 -2.64
N THR C 107 4.04 50.07 -2.97
CA THR C 107 4.62 50.10 -4.30
C THR C 107 6.05 49.60 -4.24
N TRP C 108 6.74 49.66 -5.38
CA TRP C 108 8.06 49.04 -5.49
C TRP C 108 9.15 49.90 -4.86
N GLU C 109 8.91 51.22 -4.73
CA GLU C 109 9.96 52.10 -4.22
C GLU C 109 9.91 52.22 -2.70
N ASP C 110 8.98 51.50 -2.05
CA ASP C 110 8.74 51.70 -0.62
C ASP C 110 9.45 50.69 0.26
N VAL C 111 10.30 49.83 -0.32
CA VAL C 111 10.85 48.69 0.43
C VAL C 111 11.76 49.17 1.54
N GLN C 112 12.66 50.11 1.23
CA GLN C 112 13.61 50.58 2.24
C GLN C 112 12.91 51.31 3.37
N GLY C 113 11.94 52.15 3.04
CA GLY C 113 11.18 52.84 4.07
C GLY C 113 10.41 51.88 4.96
N ALA C 114 9.77 50.88 4.35
CA ALA C 114 9.05 49.88 5.15
C ALA C 114 9.98 49.12 6.06
N ARG C 115 11.15 48.72 5.56
CA ARG C 115 12.11 47.99 6.38
C ARG C 115 12.59 48.83 7.56
N GLN C 116 12.95 50.09 7.31
CA GLN C 116 13.44 50.93 8.39
C GLN C 116 12.35 51.21 9.42
N ASN C 117 11.12 51.47 8.96
CA ASN C 117 10.03 51.72 9.90
C ASN C 117 9.74 50.48 10.74
N GLU C 118 9.76 49.30 10.12
CA GLU C 118 9.56 48.07 10.88
C GLU C 118 10.65 47.87 11.92
N LEU C 119 11.91 48.11 11.54
CA LEU C 119 13.01 47.95 12.48
C LEU C 119 12.86 48.89 13.66
N VAL C 120 12.59 50.18 13.39
CA VAL C 120 12.49 51.15 14.47
C VAL C 120 11.30 50.83 15.38
N LEU C 121 10.15 50.49 14.78
CA LEU C 121 8.97 50.19 15.59
C LEU C 121 9.19 48.97 16.46
N ASN C 122 9.77 47.90 15.89
CA ASN C 122 10.03 46.70 16.68
C ASN C 122 11.04 46.98 17.80
N TYR C 123 12.10 47.74 17.51
CA TYR C 123 13.05 48.08 18.56
C TYR C 123 12.39 48.88 19.68
N GLN C 124 11.57 49.86 19.32
CA GLN C 124 10.92 50.68 20.34
C GLN C 124 9.99 49.85 21.21
N PHE C 125 9.19 48.98 20.59
CA PHE C 125 8.25 48.18 21.36
C PHE C 125 8.96 47.13 22.20
N ARG C 126 10.13 46.66 21.74
CA ARG C 126 10.87 45.66 22.50
C ARG C 126 11.60 46.29 23.68
N THR C 127 12.10 47.51 23.51
CA THR C 127 12.96 48.11 24.53
C THR C 127 12.17 48.97 25.50
N LYS C 128 11.42 49.95 24.99
CA LYS C 128 10.81 50.97 25.85
C LYS C 128 9.54 50.51 26.55
N LEU C 129 9.00 49.35 26.19
CA LEU C 129 7.72 48.90 26.73
C LEU C 129 7.83 47.48 27.22
N ASN C 130 6.97 47.14 28.18
CA ASN C 130 6.77 45.77 28.62
C ASN C 130 5.61 45.20 27.82
N ARG C 131 5.92 44.48 26.73
CA ARG C 131 4.89 44.07 25.79
C ARG C 131 3.88 43.12 26.42
N VAL C 132 4.35 42.17 27.23
CA VAL C 132 3.45 41.16 27.79
C VAL C 132 2.41 41.80 28.69
N SER C 133 2.84 42.69 29.60
CA SER C 133 1.91 43.32 30.52
C SER C 133 0.92 44.20 29.77
N PHE C 134 1.39 44.94 28.76
CA PHE C 134 0.50 45.79 27.97
C PHE C 134 -0.55 44.96 27.25
N ILE C 135 -0.13 43.84 26.65
CA ILE C 135 -1.08 42.98 25.94
C ILE C 135 -2.10 42.39 26.91
N ASP C 136 -1.65 41.92 28.07
CA ASP C 136 -2.57 41.36 29.05
C ASP C 136 -3.59 42.39 29.52
N ASN C 137 -3.12 43.60 29.86
CA ASN C 137 -4.04 44.65 30.30
C ASN C 137 -5.02 45.02 29.19
N TYR C 138 -4.52 45.16 27.96
CA TYR C 138 -5.38 45.50 26.83
C TYR C 138 -6.49 44.48 26.64
N VAL C 139 -6.12 43.20 26.55
CA VAL C 139 -7.12 42.16 26.31
C VAL C 139 -8.08 42.05 27.47
N ARG C 140 -7.56 42.10 28.70
CA ARG C 140 -8.42 41.96 29.87
C ARG C 140 -9.42 43.11 29.95
N SER C 141 -8.98 44.34 29.71
CA SER C 141 -9.89 45.48 29.75
C SER C 141 -10.93 45.40 28.65
N VAL C 142 -10.52 45.02 27.43
CA VAL C 142 -11.47 44.92 26.33
C VAL C 142 -12.53 43.88 26.63
N VAL C 143 -12.13 42.73 27.19
CA VAL C 143 -13.10 41.68 27.50
C VAL C 143 -14.00 42.09 28.65
N ASP C 144 -13.42 42.70 29.70
CA ASP C 144 -14.19 42.97 30.91
C ASP C 144 -15.17 44.11 30.72
N ASP C 145 -14.75 45.22 30.10
CA ASP C 145 -15.60 46.39 29.98
C ASP C 145 -16.34 46.49 28.66
N GLY C 146 -15.89 45.76 27.63
CA GLY C 146 -16.49 45.85 26.32
C GLY C 146 -15.95 46.95 25.45
N THR C 147 -15.11 47.84 25.99
CA THR C 147 -14.54 48.94 25.23
C THR C 147 -13.21 49.33 25.85
N GLY C 148 -12.19 49.49 25.00
CA GLY C 148 -10.88 49.87 25.46
C GLY C 148 -10.37 51.14 24.81
N ILE C 149 -9.88 52.07 25.62
CA ILE C 149 -9.37 53.35 25.14
C ILE C 149 -7.87 53.39 25.38
N VAL C 150 -7.11 53.68 24.33
CA VAL C 150 -5.66 53.73 24.38
C VAL C 150 -5.21 55.17 24.13
N ARG C 151 -4.32 55.66 24.98
CA ARG C 151 -3.76 57.00 24.85
C ARG C 151 -2.34 56.90 24.32
N VAL C 152 -2.07 57.62 23.23
CA VAL C 152 -0.77 57.60 22.57
C VAL C 152 -0.13 58.98 22.73
N GLY C 153 1.13 59.00 23.18
CA GLY C 153 1.82 60.25 23.39
C GLY C 153 3.32 60.07 23.22
N TRP C 154 4.04 61.18 23.33
CA TRP C 154 5.49 61.21 23.19
C TRP C 154 6.12 61.75 24.46
N ASN C 155 7.24 61.15 24.85
CA ASN C 155 7.99 61.55 26.03
C ASN C 155 9.37 62.00 25.59
N ARG C 156 9.75 63.23 25.97
CA ARG C 156 11.04 63.79 25.60
C ARG C 156 11.63 64.49 26.82
N GLU C 157 12.93 64.26 27.05
CA GLU C 157 13.66 64.90 28.14
C GLU C 157 15.11 65.10 27.69
N ILE C 158 15.59 66.34 27.81
CA ILE C 158 16.93 66.70 27.34
C ILE C 158 17.67 67.38 28.49
N ARG C 159 18.94 67.01 28.65
CA ARG C 159 19.79 67.58 29.70
C ARG C 159 20.98 68.29 29.06
N LYS C 160 21.22 69.53 29.47
CA LYS C 160 22.35 70.28 28.95
C LYS C 160 23.63 69.91 29.69
N GLU C 161 24.71 69.71 28.93
CA GLU C 161 26.00 69.36 29.50
C GLU C 161 27.09 70.15 28.80
N LYS C 162 28.21 70.32 29.49
CA LYS C 162 29.37 71.03 28.96
C LYS C 162 30.53 70.06 28.84
N GLN C 163 31.10 69.98 27.64
CA GLN C 163 32.22 69.10 27.36
C GLN C 163 33.27 69.84 26.55
N GLU C 164 34.53 69.47 26.74
CA GLU C 164 35.62 70.06 25.97
C GLU C 164 35.56 69.57 24.52
N VAL C 165 35.67 70.50 23.58
CA VAL C 165 35.60 70.20 22.16
C VAL C 165 36.87 70.72 21.50
N PRO C 166 37.65 69.87 20.83
CA PRO C 166 38.86 70.36 20.16
C PRO C 166 38.53 71.32 19.02
N VAL C 167 39.44 72.24 18.76
CA VAL C 167 39.31 73.21 17.68
C VAL C 167 40.29 72.83 16.57
N PHE C 168 39.78 72.69 15.35
CA PHE C 168 40.56 72.25 14.21
C PHE C 168 40.68 73.37 13.19
N SER C 169 41.88 73.56 12.66
CA SER C 169 42.15 74.55 11.62
C SER C 169 42.35 73.82 10.29
N LEU C 170 41.62 74.26 9.27
CA LEU C 170 41.68 73.59 7.97
C LEU C 170 42.99 73.88 7.26
N PHE C 171 43.38 72.95 6.39
CA PHE C 171 44.59 73.05 5.59
C PHE C 171 44.36 72.31 4.27
N PRO C 172 44.82 72.85 3.16
CA PRO C 172 44.57 72.20 1.86
C PRO C 172 45.17 70.80 1.80
N ILE C 173 44.48 69.92 1.08
CA ILE C 173 44.91 68.54 0.96
C ILE C 173 46.20 68.47 0.15
N GLN C 174 47.21 67.81 0.69
CA GLN C 174 48.52 67.70 0.07
C GLN C 174 48.86 66.22 -0.12
N THR C 175 49.56 65.90 -1.21
CA THR C 175 50.02 64.56 -1.53
C THR C 175 48.86 63.60 -1.76
N GLN C 176 49.18 62.33 -2.06
CA GLN C 176 48.13 61.36 -2.32
C GLN C 176 47.67 60.66 -1.04
N GLU C 177 48.48 60.73 0.02
CA GLU C 177 48.12 60.05 1.26
C GLU C 177 46.87 60.63 1.88
N GLN C 178 46.75 61.96 1.90
CA GLN C 178 45.55 62.59 2.46
C GLN C 178 44.31 62.24 1.65
N ALA C 179 44.44 62.25 0.32
CA ALA C 179 43.31 61.89 -0.53
C ALA C 179 42.90 60.44 -0.32
N ASP C 180 43.88 59.54 -0.19
CA ASP C 180 43.56 58.13 0.06
C ASP C 180 42.88 57.95 1.41
N ALA C 181 43.35 58.66 2.44
CA ALA C 181 42.72 58.56 3.74
C ALA C 181 41.28 59.08 3.70
N LEU C 182 41.06 60.20 3.02
CA LEU C 182 39.71 60.73 2.90
C LEU C 182 38.80 59.78 2.14
N GLN C 183 39.29 59.19 1.05
CA GLN C 183 38.50 58.23 0.29
C GLN C 183 38.17 57.01 1.12
N GLN C 184 39.13 56.52 1.90
CA GLN C 184 38.86 55.38 2.77
C GLN C 184 37.82 55.73 3.83
N ALA C 185 37.88 56.95 4.38
CA ALA C 185 36.89 57.38 5.34
C ALA C 185 35.50 57.43 4.72
N LEU C 186 35.40 57.97 3.50
CA LEU C 186 34.11 58.03 2.82
C LEU C 186 33.57 56.63 2.54
N GLN C 187 34.44 55.71 2.11
CA GLN C 187 34.00 54.34 1.84
C GLN C 187 33.55 53.65 3.12
N LEU C 188 34.27 53.87 4.22
CA LEU C 188 33.87 53.28 5.50
C LEU C 188 32.53 53.83 5.96
N ARG C 189 32.31 55.14 5.80
CA ARG C 189 31.02 55.72 6.17
C ARG C 189 29.90 55.15 5.33
N THR C 190 30.14 54.98 4.03
CA THR C 190 29.11 54.43 3.14
C THR C 190 28.80 52.98 3.49
N ASP C 191 29.84 52.20 3.80
CA ASP C 191 29.64 50.77 4.02
C ASP C 191 29.15 50.48 5.44
N ASN C 192 29.87 50.97 6.44
CA ASN C 192 29.55 50.67 7.83
C ASN C 192 29.56 51.93 8.68
N PRO C 193 28.40 52.54 8.93
CA PRO C 193 28.37 53.75 9.76
C PRO C 193 28.94 53.57 11.16
N ARG C 194 28.70 52.41 11.79
CA ARG C 194 29.19 52.20 13.15
C ARG C 194 30.73 52.19 13.19
N GLY C 195 31.35 51.51 12.24
CA GLY C 195 32.81 51.55 12.16
C GLY C 195 33.33 52.95 11.92
N TYR C 196 32.62 53.72 11.09
CA TYR C 196 33.00 55.11 10.86
C TYR C 196 32.95 55.93 12.15
N GLU C 197 31.89 55.74 12.94
CA GLU C 197 31.76 56.48 14.19
C GLU C 197 32.82 56.05 15.19
N GLU C 198 33.18 54.77 15.21
CA GLU C 198 34.01 54.27 16.30
C GLU C 198 35.50 54.43 16.01
N ASN C 199 35.93 54.28 14.75
CA ASN C 199 37.35 54.10 14.47
C ASN C 199 38.00 55.22 13.66
N VAL C 200 37.22 56.07 12.99
CA VAL C 200 37.80 57.02 12.04
C VAL C 200 38.55 58.14 12.76
N ASP C 201 38.06 58.54 13.95
CA ASP C 201 38.64 59.56 14.83
C ASP C 201 38.15 60.95 14.44
N GLU C 202 38.35 61.91 15.35
CA GLU C 202 37.63 63.19 15.25
C GLU C 202 38.12 64.05 14.09
N ALA C 203 39.43 64.10 13.85
CA ALA C 203 39.97 64.99 12.83
C ALA C 203 39.49 64.61 11.44
N ILE C 204 39.55 63.33 11.11
CA ILE C 204 39.08 62.88 9.80
C ILE C 204 37.58 63.05 9.70
N LYS C 205 36.86 62.90 10.82
CA LYS C 205 35.42 63.16 10.82
C LYS C 205 35.13 64.61 10.48
N GLU C 206 35.90 65.54 11.04
CA GLU C 206 35.75 66.95 10.67
C GLU C 206 36.07 67.16 9.21
N SER C 207 37.08 66.46 8.69
CA SER C 207 37.40 66.58 7.27
C SER C 207 36.24 66.13 6.40
N VAL C 208 35.61 65.01 6.75
CA VAL C 208 34.45 64.53 5.99
C VAL C 208 33.28 65.49 6.13
N ARG C 209 33.09 66.08 7.31
CA ARG C 209 32.01 67.05 7.48
C ARG C 209 32.22 68.26 6.59
N PHE C 210 33.46 68.77 6.52
CA PHE C 210 33.74 69.91 5.64
C PHE C 210 33.61 69.52 4.17
N PHE C 211 33.96 68.28 3.83
CA PHE C 211 33.76 67.80 2.47
C PHE C 211 32.28 67.77 2.12
N ASP C 212 31.44 67.33 3.06
CA ASP C 212 29.99 67.35 2.85
C ASP C 212 29.49 68.78 2.67
N GLU C 213 29.98 69.70 3.50
CA GLU C 213 29.52 71.09 3.39
C GLU C 213 30.10 71.76 2.15
N THR C 214 31.40 71.60 1.91
CA THR C 214 32.06 72.22 0.77
C THR C 214 32.75 71.16 -0.07
N GLY C 215 32.61 71.27 -1.39
CA GLY C 215 33.13 70.23 -2.27
C GLY C 215 34.63 70.07 -2.17
N GLN C 216 35.35 71.16 -1.91
CA GLN C 216 36.80 71.09 -1.81
C GLN C 216 37.23 70.27 -0.62
N ALA C 217 38.20 69.38 -0.84
CA ALA C 217 38.74 68.55 0.23
C ALA C 217 39.72 69.34 1.07
N THR C 218 39.68 69.13 2.39
CA THR C 218 40.52 69.85 3.32
C THR C 218 41.05 68.90 4.38
N TYR C 219 42.15 69.32 5.02
CA TYR C 219 42.76 68.58 6.11
C TYR C 219 42.82 69.48 7.35
N ALA C 220 42.47 68.91 8.49
CA ALA C 220 42.34 69.67 9.73
C ALA C 220 43.37 69.20 10.75
N VAL C 221 43.93 70.16 11.49
CA VAL C 221 44.89 69.87 12.56
C VAL C 221 44.38 70.54 13.83
N GLN C 222 44.46 69.80 14.94
CA GLN C 222 43.94 70.30 16.21
C GLN C 222 44.79 71.45 16.73
N THR C 223 44.13 72.46 17.27
CA THR C 223 44.79 73.64 17.85
C THR C 223 44.54 73.79 19.35
N GLY C 224 43.28 73.75 19.77
CA GLY C 224 42.96 73.90 21.18
C GLY C 224 41.60 73.33 21.49
N THR C 225 41.25 73.36 22.77
CA THR C 225 39.98 72.84 23.26
C THR C 225 39.16 73.96 23.85
N THR C 226 37.89 74.03 23.47
CA THR C 226 36.96 75.05 23.95
C THR C 226 35.70 74.38 24.49
N THR C 227 35.25 74.83 25.65
CA THR C 227 34.04 74.27 26.25
C THR C 227 32.81 74.72 25.48
N THR C 228 31.91 73.77 25.22
CA THR C 228 30.67 74.04 24.51
C THR C 228 29.52 73.34 25.23
N GLU C 229 28.31 73.85 25.00
CA GLU C 229 27.11 73.30 25.62
C GLU C 229 26.47 72.30 24.67
N VAL C 230 26.30 71.07 25.13
CA VAL C 230 25.71 69.99 24.33
C VAL C 230 24.54 69.41 25.10
N GLU C 231 23.45 69.15 24.39
CA GLU C 231 22.23 68.60 24.96
C GLU C 231 22.21 67.09 24.74
N VAL C 232 22.12 66.33 25.82
CA VAL C 232 22.07 64.87 25.79
C VAL C 232 20.65 64.44 26.14
N PRO C 233 19.87 63.92 25.18
CA PRO C 233 18.51 63.48 25.48
C PRO C 233 18.47 62.12 26.15
N LEU C 234 17.95 62.06 27.37
CA LEU C 234 17.86 60.78 28.07
C LEU C 234 16.77 59.89 27.47
N ALA C 235 15.60 60.45 27.21
CA ALA C 235 14.46 59.66 26.76
C ALA C 235 13.81 60.33 25.55
N ASN C 236 13.70 59.56 24.46
CA ASN C 236 12.96 59.96 23.27
C ASN C 236 12.26 58.70 22.74
N HIS C 237 11.02 58.50 23.17
CA HIS C 237 10.28 57.28 22.86
C HIS C 237 8.80 57.52 23.04
N PRO C 238 7.96 56.94 22.17
CA PRO C 238 6.52 57.06 22.34
C PRO C 238 6.04 56.23 23.53
N THR C 239 4.91 56.65 24.10
CA THR C 239 4.29 55.98 25.23
C THR C 239 2.83 55.71 24.91
N VAL C 240 2.37 54.49 25.19
CA VAL C 240 0.97 54.12 25.06
C VAL C 240 0.50 53.61 26.42
N GLU C 241 -0.67 54.09 26.84
CA GLU C 241 -1.22 53.75 28.15
C GLU C 241 -2.71 53.50 28.02
N MET C 242 -3.19 52.43 28.64
CA MET C 242 -4.61 52.16 28.67
C MET C 242 -5.30 53.05 29.69
N LEU C 243 -6.48 53.55 29.33
CA LEU C 243 -7.18 54.55 30.12
C LEU C 243 -8.41 53.94 30.79
N ASN C 244 -8.64 54.34 32.03
CA ASN C 244 -9.86 53.99 32.72
C ASN C 244 -11.05 54.66 32.02
N PRO C 245 -12.11 53.91 31.70
CA PRO C 245 -13.26 54.52 31.02
C PRO C 245 -13.89 55.67 31.79
N GLU C 246 -13.78 55.66 33.13
CA GLU C 246 -14.35 56.75 33.92
C GLU C 246 -13.57 58.05 33.73
N ASN C 247 -12.29 57.96 33.37
CA ASN C 247 -11.46 59.15 33.30
C ASN C 247 -11.77 59.97 32.04
N ILE C 248 -11.97 59.30 30.91
CA ILE C 248 -12.10 59.98 29.62
C ILE C 248 -13.58 60.24 29.34
N ILE C 249 -13.89 61.44 28.89
CA ILE C 249 -15.24 61.84 28.50
C ILE C 249 -15.21 62.23 27.03
N ILE C 250 -16.11 61.63 26.25
CA ILE C 250 -16.14 61.82 24.80
C ILE C 250 -17.43 62.54 24.44
N ASP C 251 -17.38 63.29 23.33
CA ASP C 251 -18.53 64.05 22.88
C ASP C 251 -19.71 63.11 22.61
N PRO C 252 -20.87 63.33 23.25
CA PRO C 252 -22.02 62.44 23.02
C PRO C 252 -22.67 62.61 21.65
N SER C 253 -22.44 63.73 20.96
CA SER C 253 -23.06 64.00 19.67
C SER C 253 -22.19 63.53 18.51
N CYS C 254 -21.34 62.54 18.73
CA CYS C 254 -20.46 62.05 17.67
C CYS C 254 -21.19 61.18 16.66
N GLN C 255 -22.44 60.82 16.93
CA GLN C 255 -23.25 59.97 16.06
C GLN C 255 -22.61 58.59 15.85
N GLY C 256 -21.97 58.07 16.88
CA GLY C 256 -21.40 56.74 16.85
C GLY C 256 -20.05 56.62 16.20
N ASP C 257 -19.44 57.72 15.78
CA ASP C 257 -18.12 57.70 15.14
C ASP C 257 -17.15 58.53 15.96
N ILE C 258 -16.01 57.93 16.31
CA ILE C 258 -15.02 58.62 17.13
C ILE C 258 -14.43 59.81 16.37
N ASN C 259 -14.25 59.66 15.06
CA ASN C 259 -13.68 60.74 14.26
C ASN C 259 -14.62 61.94 14.19
N LYS C 260 -15.93 61.70 14.33
CA LYS C 260 -16.89 62.79 14.26
C LYS C 260 -16.98 63.55 15.58
N ALA C 261 -16.32 63.07 16.62
CA ALA C 261 -16.38 63.73 17.92
C ALA C 261 -15.71 65.10 17.87
N MET C 262 -16.37 66.09 18.48
CA MET C 262 -15.82 67.44 18.48
C MET C 262 -14.67 67.59 19.49
N PHE C 263 -14.80 66.95 20.65
CA PHE C 263 -13.82 67.12 21.72
C PHE C 263 -13.72 65.86 22.55
N ALA C 264 -12.63 65.77 23.31
CA ALA C 264 -12.40 64.68 24.26
C ALA C 264 -11.59 65.21 25.42
N ILE C 265 -11.98 64.81 26.64
CA ILE C 265 -11.36 65.31 27.87
C ILE C 265 -10.88 64.10 28.68
N VAL C 266 -9.63 64.15 29.13
CA VAL C 266 -9.02 63.08 29.90
C VAL C 266 -8.34 63.68 31.13
N SER C 267 -8.46 63.01 32.26
CA SER C 267 -7.85 63.44 33.51
C SER C 267 -6.80 62.43 33.96
N PHE C 268 -5.65 62.93 34.39
CA PHE C 268 -4.53 62.07 34.78
C PHE C 268 -3.81 62.70 35.98
N GLU C 269 -2.98 61.90 36.62
CA GLU C 269 -2.15 62.34 37.74
C GLU C 269 -0.76 62.70 37.23
N THR C 270 -0.23 63.82 37.69
CA THR C 270 1.08 64.30 37.28
C THR C 270 1.75 65.02 38.43
N CYS C 271 3.07 65.19 38.32
CA CYS C 271 3.86 65.86 39.33
C CYS C 271 4.53 67.08 38.72
N LYS C 272 5.14 67.89 39.60
CA LYS C 272 5.77 69.13 39.13
C LYS C 272 6.98 68.83 38.24
N ALA C 273 7.68 67.73 38.51
CA ALA C 273 8.85 67.38 37.70
C ALA C 273 8.46 67.10 36.25
N ASP C 274 7.33 66.44 36.04
CA ASP C 274 6.88 66.17 34.68
C ASP C 274 6.59 67.47 33.92
N LEU C 275 5.98 68.45 34.60
CA LEU C 275 5.71 69.72 33.95
C LEU C 275 7.00 70.50 33.72
N LEU C 276 7.96 70.41 34.63
CA LEU C 276 9.23 71.11 34.48
C LEU C 276 10.14 70.45 33.45
N LYS C 277 9.87 69.20 33.06
CA LYS C 277 10.63 68.58 31.98
C LYS C 277 10.59 69.42 30.72
N GLU C 278 9.43 70.00 30.40
CA GLU C 278 9.26 70.90 29.26
C GLU C 278 8.77 72.24 29.80
N LYS C 279 9.72 73.12 30.14
CA LYS C 279 9.35 74.39 30.74
C LYS C 279 8.64 75.31 29.76
N ASP C 280 9.04 75.25 28.48
CA ASP C 280 8.47 76.17 27.49
C ASP C 280 6.99 75.87 27.25
N ARG C 281 6.60 74.61 27.33
CA ARG C 281 5.23 74.23 27.02
C ARG C 281 4.24 74.81 28.03
N TYR C 282 4.59 74.81 29.31
CA TYR C 282 3.66 75.16 30.37
C TYR C 282 3.97 76.54 30.93
N HIS C 283 2.91 77.26 31.31
CA HIS C 283 3.02 78.57 31.93
C HIS C 283 2.21 78.59 33.22
N ASN C 284 2.39 79.66 34.00
CA ASN C 284 1.65 79.90 35.23
C ASN C 284 1.79 78.75 36.22
N LEU C 285 2.99 78.17 36.32
CA LEU C 285 3.21 77.08 37.26
C LEU C 285 3.24 77.60 38.70
N ASN C 286 3.67 78.86 38.89
CA ASN C 286 3.76 79.40 40.24
C ASN C 286 2.38 79.63 40.85
N LYS C 287 1.40 80.01 40.03
CA LYS C 287 0.08 80.30 40.55
C LYS C 287 -0.64 79.05 41.04
N ILE C 288 -0.17 77.87 40.64
CA ILE C 288 -0.84 76.63 41.01
C ILE C 288 -0.72 76.39 42.52
N ASP C 289 -1.84 76.06 43.14
CA ASP C 289 -1.87 75.62 44.53
C ASP C 289 -1.97 74.10 44.56
N TRP C 290 -0.88 73.46 44.99
CA TRP C 290 -0.77 72.00 44.86
C TRP C 290 -1.71 71.28 45.81
N GLN C 291 -1.91 71.83 47.01
CA GLN C 291 -2.74 71.16 48.01
C GLN C 291 -4.21 71.12 47.58
N SER C 292 -4.69 72.17 46.92
CA SER C 292 -6.09 72.22 46.51
C SER C 292 -6.42 71.13 45.51
N SER C 293 -5.52 70.88 44.55
CA SER C 293 -5.72 69.86 43.53
C SER C 293 -5.07 68.56 43.97
N ALA C 294 -5.86 67.66 44.53
CA ALA C 294 -5.37 66.38 45.02
C ALA C 294 -6.35 65.30 44.61
N PRO C 295 -5.88 64.05 44.48
CA PRO C 295 -6.81 62.96 44.13
C PRO C 295 -7.96 62.80 45.12
N VAL C 296 -7.69 62.99 46.42
CA VAL C 296 -8.75 62.91 47.41
C VAL C 296 -9.72 64.09 47.27
N ASN C 297 -9.20 65.25 46.87
CA ASN C 297 -10.04 66.44 46.77
C ASN C 297 -11.06 66.31 45.63
N GLU C 298 -10.75 65.50 44.62
CA GLU C 298 -11.65 65.34 43.48
C GLU C 298 -12.22 63.95 43.47
N PRO C 299 -13.46 63.73 43.95
CA PRO C 299 -14.05 62.40 43.87
C PRO C 299 -14.18 61.87 42.44
N ASP C 300 -14.27 62.77 41.46
CA ASP C 300 -14.54 62.33 40.09
C ASP C 300 -13.42 61.46 39.54
N HIS C 301 -12.17 61.82 39.82
CA HIS C 301 -11.05 61.03 39.32
C HIS C 301 -11.02 59.66 40.00
N ALA C 302 -10.86 58.62 39.20
CA ALA C 302 -10.83 57.24 39.68
C ALA C 302 -9.39 56.72 39.57
N THR C 303 -8.82 56.32 40.71
CA THR C 303 -7.45 55.84 40.75
C THR C 303 -7.31 54.83 41.88
N THR C 304 -6.23 54.05 41.82
CA THR C 304 -5.91 53.07 42.85
C THR C 304 -5.02 53.64 43.95
N THR C 305 -4.62 54.90 43.84
CA THR C 305 -3.77 55.50 44.86
C THR C 305 -4.53 55.60 46.19
N PRO C 306 -3.91 55.21 47.30
CA PRO C 306 -4.58 55.36 48.60
C PRO C 306 -4.88 56.82 48.90
N GLN C 307 -6.02 57.04 49.56
CA GLN C 307 -6.46 58.40 49.86
C GLN C 307 -5.49 59.11 50.79
N GLU C 308 -4.98 58.41 51.81
CA GLU C 308 -4.12 59.03 52.81
C GLU C 308 -2.65 58.99 52.46
N PHE C 309 -2.27 58.36 51.34
CA PHE C 309 -0.88 58.35 50.93
C PHE C 309 -0.46 59.73 50.42
N GLN C 310 0.71 60.19 50.84
CA GLN C 310 1.19 61.51 50.46
C GLN C 310 2.70 61.53 50.48
N ILE C 311 3.31 61.98 49.39
CA ILE C 311 4.77 62.09 49.32
C ILE C 311 5.22 63.39 49.97
N SER C 312 6.26 63.30 50.81
CA SER C 312 6.73 64.47 51.54
C SER C 312 7.31 65.52 50.60
N ASP C 313 8.08 65.11 49.61
CA ASP C 313 8.79 66.07 48.76
C ASP C 313 7.79 66.83 47.88
N PRO C 314 7.82 68.17 47.93
CA PRO C 314 6.90 68.94 47.07
C PRO C 314 7.09 68.70 45.58
N MET C 315 8.34 68.46 45.16
CA MET C 315 8.61 68.30 43.73
C MET C 315 8.01 67.00 43.20
N ARG C 316 7.96 65.96 44.04
CA ARG C 316 7.50 64.65 43.62
C ARG C 316 6.02 64.41 43.95
N LYS C 317 5.30 65.42 44.45
CA LYS C 317 3.91 65.23 44.81
C LYS C 317 3.04 65.19 43.57
N ARG C 318 2.01 64.35 43.60
CA ARG C 318 1.14 64.11 42.45
C ARG C 318 -0.11 64.96 42.56
N VAL C 319 -0.48 65.62 41.46
CA VAL C 319 -1.68 66.44 41.39
C VAL C 319 -2.48 66.04 40.15
N VAL C 320 -3.80 66.16 40.24
CA VAL C 320 -4.66 65.80 39.12
C VAL C 320 -4.71 66.95 38.12
N ALA C 321 -4.68 66.61 36.84
CA ALA C 321 -4.72 67.60 35.77
C ALA C 321 -5.71 67.15 34.70
N TYR C 322 -6.16 68.11 33.90
CA TYR C 322 -7.13 67.86 32.84
C TYR C 322 -6.58 68.36 31.51
N GLU C 323 -6.96 67.69 30.43
CA GLU C 323 -6.60 68.12 29.08
C GLU C 323 -7.84 68.15 28.20
N TYR C 324 -7.82 69.02 27.20
CA TYR C 324 -8.94 69.19 26.28
C TYR C 324 -8.42 69.08 24.85
N TRP C 325 -8.76 67.97 24.20
CA TRP C 325 -8.39 67.74 22.79
C TRP C 325 -9.64 67.92 21.95
N GLY C 326 -9.62 68.90 21.05
CA GLY C 326 -10.80 69.18 20.25
C GLY C 326 -10.50 70.21 19.17
N PHE C 327 -11.56 70.56 18.44
CA PHE C 327 -11.48 71.51 17.34
C PHE C 327 -12.14 72.82 17.75
N TRP C 328 -11.45 73.93 17.50
CA TRP C 328 -11.94 75.25 17.86
C TRP C 328 -11.69 76.21 16.71
N ASP C 329 -12.54 77.24 16.62
CA ASP C 329 -12.38 78.31 15.64
C ASP C 329 -11.48 79.37 16.27
N ILE C 330 -10.18 79.24 16.05
CA ILE C 330 -9.22 80.12 16.72
C ILE C 330 -9.30 81.53 16.18
N GLU C 331 -9.43 81.68 14.87
CA GLU C 331 -9.45 83.00 14.25
C GLU C 331 -10.85 83.56 14.05
N GLY C 332 -11.89 82.79 14.36
CA GLY C 332 -13.25 83.31 14.34
C GLY C 332 -13.87 83.48 12.97
N ASN C 333 -13.26 82.92 11.92
CA ASN C 333 -13.79 83.07 10.57
C ASN C 333 -14.57 81.85 10.10
N GLY C 334 -14.86 80.90 10.98
CA GLY C 334 -15.57 79.70 10.61
C GLY C 334 -14.70 78.51 10.26
N VAL C 335 -13.42 78.56 10.57
CA VAL C 335 -12.48 77.47 10.28
C VAL C 335 -12.09 76.80 11.60
N LEU C 336 -12.33 75.50 11.68
CA LEU C 336 -12.02 74.74 12.89
C LEU C 336 -10.68 74.02 12.73
N GLU C 337 -9.81 74.16 13.74
CA GLU C 337 -8.52 73.49 13.73
C GLU C 337 -8.29 72.80 15.07
N PRO C 338 -7.55 71.70 15.10
CA PRO C 338 -7.33 70.99 16.37
C PRO C 338 -6.48 71.81 17.32
N ILE C 339 -6.77 71.67 18.61
CA ILE C 339 -6.07 72.39 19.67
C ILE C 339 -5.88 71.46 20.85
N VAL C 340 -5.07 71.90 21.82
CA VAL C 340 -4.89 71.22 23.08
C VAL C 340 -4.84 72.26 24.19
N ALA C 341 -5.50 71.97 25.32
CA ALA C 341 -5.53 72.86 26.46
C ALA C 341 -5.43 72.04 27.75
N THR C 342 -4.56 72.48 28.65
CA THR C 342 -4.32 71.80 29.92
C THR C 342 -4.52 72.78 31.06
N TRP C 343 -5.30 72.39 32.06
CA TRP C 343 -5.53 73.22 33.23
C TRP C 343 -5.48 72.38 34.49
N ILE C 344 -4.95 72.96 35.57
CA ILE C 344 -4.92 72.34 36.88
C ILE C 344 -5.75 73.19 37.83
N GLY C 345 -6.75 72.58 38.45
CA GLY C 345 -7.63 73.34 39.33
C GLY C 345 -8.45 74.33 38.54
N SER C 346 -8.18 75.62 38.75
CA SER C 346 -8.85 76.69 38.03
C SER C 346 -7.87 77.55 37.24
N THR C 347 -6.65 77.08 37.00
CA THR C 347 -5.63 77.83 36.30
C THR C 347 -5.27 77.11 35.00
N LEU C 348 -5.24 77.87 33.90
CA LEU C 348 -4.90 77.32 32.59
C LEU C 348 -3.39 77.46 32.40
N ILE C 349 -2.72 76.33 32.21
CA ILE C 349 -1.26 76.34 32.18
C ILE C 349 -0.73 76.23 30.75
N ARG C 350 -1.44 75.52 29.88
CA ARG C 350 -0.94 75.23 28.55
C ARG C 350 -2.05 75.44 27.53
N LEU C 351 -1.70 76.07 26.41
CA LEU C 351 -2.65 76.32 25.32
C LEU C 351 -1.87 76.45 24.02
N GLU C 352 -2.10 75.53 23.09
CA GLU C 352 -1.42 75.54 21.80
C GLU C 352 -2.17 74.63 20.84
N LYS C 353 -1.63 74.53 19.63
CA LYS C 353 -2.24 73.68 18.60
C LYS C 353 -1.85 72.22 18.82
N ASN C 354 -2.43 71.36 17.98
CA ASN C 354 -2.15 69.93 18.08
C ASN C 354 -0.73 69.66 17.58
N PRO C 355 0.14 69.08 18.42
CA PRO C 355 1.52 68.86 17.97
C PRO C 355 1.69 67.68 17.03
N TYR C 356 0.87 66.64 17.18
CA TYR C 356 1.07 65.42 16.40
C TYR C 356 0.69 65.65 14.94
N PRO C 357 1.47 65.08 14.02
CA PRO C 357 1.22 65.33 12.59
C PRO C 357 -0.13 64.85 12.08
N ASP C 358 -0.67 63.77 12.67
CA ASP C 358 -1.90 63.18 12.13
C ASP C 358 -3.07 64.14 12.23
N GLY C 359 -3.09 64.98 13.27
CA GLY C 359 -4.14 65.95 13.44
C GLY C 359 -5.43 65.42 14.03
N LYS C 360 -5.44 64.19 14.56
CA LYS C 360 -6.61 63.60 15.16
C LYS C 360 -6.38 63.41 16.65
N LEU C 361 -7.47 63.18 17.37
CA LEU C 361 -7.37 62.93 18.80
C LEU C 361 -6.59 61.64 19.04
N PRO C 362 -5.64 61.62 19.98
CA PRO C 362 -4.81 60.43 20.21
C PRO C 362 -5.52 59.39 21.07
N PHE C 363 -6.69 58.94 20.61
CA PHE C 363 -7.46 57.92 21.31
C PHE C 363 -7.95 56.89 20.31
N VAL C 364 -7.93 55.63 20.74
CA VAL C 364 -8.37 54.51 19.93
C VAL C 364 -9.35 53.67 20.75
N LEU C 365 -10.52 53.40 20.17
CA LEU C 365 -11.56 52.64 20.85
C LEU C 365 -11.78 51.33 20.12
N ILE C 366 -11.88 50.24 20.88
CA ILE C 366 -12.06 48.89 20.35
C ILE C 366 -13.23 48.25 21.08
N PRO C 367 -14.32 47.91 20.40
CA PRO C 367 -15.46 47.30 21.10
C PRO C 367 -15.40 45.77 21.11
N TYR C 368 -15.80 45.16 22.22
CA TYR C 368 -15.83 43.70 22.31
C TYR C 368 -16.96 43.13 21.47
N MET C 369 -18.18 43.58 21.73
CA MET C 369 -19.36 43.20 20.94
C MET C 369 -19.99 44.47 20.41
N PRO C 370 -19.86 44.78 19.12
CA PRO C 370 -20.33 46.07 18.62
C PRO C 370 -21.84 46.21 18.74
N VAL C 371 -22.28 47.46 18.94
CA VAL C 371 -23.68 47.83 18.90
C VAL C 371 -23.88 48.74 17.71
N LYS C 372 -24.85 48.41 16.86
CA LYS C 372 -25.04 49.14 15.60
C LYS C 372 -25.32 50.61 15.87
N ARG C 373 -24.62 51.47 15.13
CA ARG C 373 -24.76 52.92 15.26
C ARG C 373 -24.50 53.39 16.69
N ASP C 374 -23.53 52.78 17.35
CA ASP C 374 -23.14 53.16 18.71
C ASP C 374 -21.64 53.01 18.86
N MET C 375 -21.07 53.86 19.71
CA MET C 375 -19.62 53.84 19.92
C MET C 375 -19.19 52.64 20.77
N TYR C 376 -19.91 52.35 21.84
CA TYR C 376 -19.45 51.41 22.84
C TYR C 376 -19.82 49.97 22.47
N GLY C 377 -19.29 49.03 23.26
CA GLY C 377 -19.58 47.63 23.08
C GLY C 377 -20.16 47.04 24.35
N GLU C 378 -20.44 45.73 24.27
CA GLU C 378 -21.06 45.06 25.42
C GLU C 378 -20.29 43.80 25.80
N PRO C 379 -20.20 43.49 27.09
CA PRO C 379 -19.57 42.25 27.52
C PRO C 379 -20.57 41.10 27.54
N ASP C 380 -20.09 39.93 27.99
CA ASP C 380 -20.93 38.74 28.03
C ASP C 380 -21.71 38.61 29.32
N ALA C 381 -21.42 39.46 30.32
CA ALA C 381 -22.13 39.36 31.59
C ALA C 381 -23.60 39.74 31.46
N GLU C 382 -23.90 40.66 30.53
CA GLU C 382 -25.28 41.10 30.33
C GLU C 382 -26.21 39.93 30.03
N LEU C 383 -25.70 38.95 29.28
CA LEU C 383 -26.53 37.80 28.92
C LEU C 383 -26.54 36.73 30.00
N LEU C 384 -25.48 36.67 30.81
CA LEU C 384 -25.26 35.55 31.71
C LEU C 384 -25.59 35.86 33.17
N GLY C 385 -26.00 37.09 33.49
CA GLY C 385 -26.30 37.40 34.88
C GLY C 385 -27.42 36.55 35.46
N ASP C 386 -28.52 36.40 34.71
CA ASP C 386 -29.65 35.63 35.21
C ASP C 386 -29.29 34.15 35.36
N ASN C 387 -28.55 33.59 34.40
CA ASN C 387 -28.13 32.21 34.51
C ASN C 387 -27.21 32.01 35.71
N GLN C 388 -26.30 32.96 35.95
CA GLN C 388 -25.44 32.88 37.13
C GLN C 388 -26.27 32.91 38.41
N ALA C 389 -27.28 33.78 38.47
CA ALA C 389 -28.13 33.84 39.66
C ALA C 389 -28.86 32.53 39.89
N VAL C 390 -29.43 31.95 38.83
CA VAL C 390 -30.18 30.70 38.97
C VAL C 390 -29.25 29.56 39.41
N LEU C 391 -28.06 29.48 38.80
CA LEU C 391 -27.12 28.43 39.17
C LEU C 391 -26.67 28.58 40.62
N GLY C 392 -26.41 29.81 41.06
CA GLY C 392 -26.05 30.03 42.45
C GLY C 392 -27.17 29.64 43.39
N ALA C 393 -28.42 29.95 43.03
CA ALA C 393 -29.55 29.56 43.87
C ALA C 393 -29.66 28.04 43.98
N VAL C 394 -29.49 27.33 42.86
CA VAL C 394 -29.58 25.88 42.88
C VAL C 394 -28.47 25.29 43.74
N MET C 395 -27.24 25.80 43.59
CA MET C 395 -26.14 25.29 44.39
C MET C 395 -26.35 25.55 45.88
N ARG C 396 -26.85 26.74 46.21
CA ARG C 396 -27.15 27.06 47.60
C ARG C 396 -28.22 26.12 48.16
N GLY C 397 -29.25 25.83 47.36
CA GLY C 397 -30.26 24.90 47.81
C GLY C 397 -29.70 23.51 48.10
N MET C 398 -28.85 23.01 47.20
CA MET C 398 -28.24 21.70 47.42
C MET C 398 -27.38 21.68 48.68
N ILE C 399 -26.55 22.72 48.85
CA ILE C 399 -25.64 22.74 49.99
C ILE C 399 -26.41 22.90 51.30
N ASP C 400 -27.48 23.70 51.29
CA ASP C 400 -28.33 23.80 52.48
C ASP C 400 -28.99 22.47 52.79
N LEU C 401 -29.49 21.77 51.77
CA LEU C 401 -30.11 20.47 51.97
C LEU C 401 -29.14 19.50 52.64
N LEU C 402 -27.89 19.48 52.17
CA LEU C 402 -26.91 18.58 52.79
C LEU C 402 -26.54 19.04 54.20
N GLY C 403 -26.28 20.34 54.38
CA GLY C 403 -25.76 20.81 55.65
C GLY C 403 -26.75 20.74 56.80
N ARG C 404 -28.01 21.10 56.54
CA ARG C 404 -28.97 21.19 57.64
C ARG C 404 -29.40 19.81 58.13
N SER C 405 -29.08 18.75 57.38
CA SER C 405 -29.45 17.41 57.80
C SER C 405 -28.57 16.95 58.94
N ALA C 406 -29.10 16.01 59.73
CA ALA C 406 -28.34 15.43 60.83
C ALA C 406 -27.59 14.19 60.35
N ASN C 407 -26.29 14.13 60.64
CA ASN C 407 -25.43 13.04 60.20
C ASN C 407 -24.63 12.52 61.38
N GLY C 408 -24.53 11.19 61.48
CA GLY C 408 -23.74 10.55 62.52
C GLY C 408 -24.48 10.26 63.81
N GLN C 409 -25.71 10.76 63.97
CA GLN C 409 -26.45 10.52 65.19
C GLN C 409 -27.02 9.10 65.20
N ARG C 410 -27.23 8.57 66.40
CA ARG C 410 -27.79 7.24 66.60
C ARG C 410 -29.00 7.33 67.52
N GLY C 411 -30.11 6.70 67.11
CA GLY C 411 -31.33 6.68 67.89
C GLY C 411 -31.69 5.25 68.27
N MET C 412 -32.02 5.07 69.55
CA MET C 412 -32.33 3.76 70.08
C MET C 412 -33.69 3.78 70.77
N PRO C 413 -34.56 2.81 70.49
CA PRO C 413 -35.88 2.80 71.13
C PRO C 413 -35.79 2.47 72.61
N LYS C 414 -36.78 2.93 73.36
CA LYS C 414 -36.83 2.65 74.79
C LYS C 414 -37.29 1.22 75.03
N GLY C 415 -36.65 0.56 76.01
CA GLY C 415 -37.07 -0.76 76.44
C GLY C 415 -36.37 -1.93 75.77
N MET C 416 -35.57 -1.68 74.73
CA MET C 416 -34.83 -2.78 74.10
C MET C 416 -33.79 -3.36 75.04
N LEU C 417 -32.96 -2.50 75.63
CA LEU C 417 -31.86 -2.93 76.48
C LEU C 417 -31.99 -2.32 77.86
N ASP C 418 -31.75 -3.13 78.89
CA ASP C 418 -31.67 -2.60 80.24
C ASP C 418 -30.35 -1.88 80.44
N ALA C 419 -30.10 -1.47 81.69
CA ALA C 419 -28.94 -0.63 81.98
C ALA C 419 -27.63 -1.32 81.60
N LEU C 420 -27.44 -2.56 82.07
CA LEU C 420 -26.17 -3.24 81.84
C LEU C 420 -25.95 -3.54 80.36
N ASN C 421 -26.98 -4.02 79.67
CA ASN C 421 -26.84 -4.31 78.24
C ASN C 421 -26.63 -3.03 77.44
N SER C 422 -27.31 -1.95 77.81
CA SER C 422 -27.10 -0.69 77.13
C SER C 422 -25.67 -0.19 77.30
N ARG C 423 -25.13 -0.31 78.52
CA ARG C 423 -23.74 0.08 78.74
C ARG C 423 -22.80 -0.80 77.93
N ARG C 424 -23.05 -2.11 77.90
CA ARG C 424 -22.20 -3.01 77.13
C ARG C 424 -22.23 -2.65 75.64
N TYR C 425 -23.41 -2.31 75.13
CA TYR C 425 -23.52 -1.87 73.74
C TYR C 425 -22.74 -0.57 73.51
N ARG C 426 -22.83 0.37 74.45
CA ARG C 426 -22.17 1.66 74.28
C ARG C 426 -20.65 1.52 74.28
N GLU C 427 -20.10 0.70 75.19
CA GLU C 427 -18.65 0.54 75.22
C GLU C 427 -18.13 -0.16 73.98
N GLY C 428 -18.92 -1.08 73.41
CA GLY C 428 -18.50 -1.73 72.18
C GLY C 428 -18.28 -3.21 72.29
N GLU C 429 -19.04 -3.88 73.15
CA GLU C 429 -18.92 -5.32 73.33
C GLU C 429 -20.28 -5.97 73.11
N ASP C 430 -20.29 -7.31 73.18
CA ASP C 430 -21.49 -8.07 72.88
C ASP C 430 -22.59 -7.79 73.92
N TYR C 431 -23.84 -7.93 73.49
CA TYR C 431 -24.98 -7.60 74.32
C TYR C 431 -26.10 -8.59 74.05
N GLU C 432 -27.19 -8.44 74.80
CA GLU C 432 -28.40 -9.23 74.61
C GLU C 432 -29.60 -8.28 74.60
N TYR C 433 -30.50 -8.48 73.65
CA TYR C 433 -31.65 -7.61 73.46
C TYR C 433 -32.96 -8.38 73.65
N ASN C 434 -34.01 -7.62 73.95
CA ASN C 434 -35.32 -8.22 74.10
C ASN C 434 -35.85 -8.68 72.74
N PRO C 435 -36.38 -9.90 72.64
CA PRO C 435 -36.82 -10.40 71.32
C PRO C 435 -37.96 -9.63 70.71
N THR C 436 -38.72 -8.87 71.52
CA THR C 436 -39.86 -8.13 71.00
C THR C 436 -39.45 -7.09 69.97
N GLN C 437 -38.33 -6.39 70.23
CA GLN C 437 -37.82 -5.39 69.30
C GLN C 437 -36.53 -5.89 68.66
N ASN C 438 -36.46 -5.77 67.33
CA ASN C 438 -35.30 -6.26 66.59
C ASN C 438 -34.34 -5.11 66.30
N PRO C 439 -33.12 -5.13 66.82
CA PRO C 439 -32.25 -3.95 66.68
C PRO C 439 -31.82 -3.67 65.25
N ALA C 440 -32.03 -4.60 64.32
CA ALA C 440 -31.59 -4.39 62.94
C ALA C 440 -32.29 -3.19 62.31
N GLN C 441 -33.58 -3.03 62.60
CA GLN C 441 -34.34 -1.92 62.02
C GLN C 441 -34.51 -0.78 63.03
N MET C 442 -34.68 -1.11 64.31
CA MET C 442 -35.00 -0.08 65.29
C MET C 442 -33.84 0.87 65.54
N ILE C 443 -32.60 0.34 65.57
CA ILE C 443 -31.44 1.22 65.69
C ILE C 443 -31.23 1.95 64.37
N ILE C 444 -31.19 3.28 64.45
CA ILE C 444 -31.19 4.13 63.26
C ILE C 444 -29.91 4.96 63.26
N GLU C 445 -29.18 4.90 62.13
CA GLU C 445 -28.03 5.76 61.90
C GLU C 445 -28.40 6.75 60.80
N HIS C 446 -28.34 8.04 61.11
CA HIS C 446 -28.77 9.06 60.17
C HIS C 446 -27.73 9.26 59.08
N LYS C 447 -28.21 9.66 57.90
CA LYS C 447 -27.36 9.80 56.73
C LYS C 447 -27.78 11.03 55.94
N PHE C 448 -26.97 11.37 54.94
CA PHE C 448 -27.28 12.49 54.07
C PHE C 448 -28.51 12.16 53.22
N PRO C 449 -29.43 13.11 53.03
CA PRO C 449 -30.55 12.87 52.13
C PRO C 449 -30.08 12.79 50.68
N GLU C 450 -30.85 12.07 49.86
CA GLU C 450 -30.48 11.89 48.47
C GLU C 450 -30.89 13.11 47.65
N LEU C 451 -29.99 13.56 46.78
CA LEU C 451 -30.22 14.77 46.01
C LEU C 451 -31.26 14.50 44.91
N PRO C 452 -32.21 15.41 44.71
CA PRO C 452 -33.16 15.25 43.60
C PRO C 452 -32.49 15.50 42.26
N GLN C 453 -33.08 14.91 41.21
CA GLN C 453 -32.52 15.06 39.87
C GLN C 453 -32.82 16.44 39.29
N SER C 454 -33.81 17.14 39.85
CA SER C 454 -34.22 18.44 39.30
C SER C 454 -33.08 19.46 39.39
N ALA C 455 -32.37 19.48 40.51
CA ALA C 455 -31.30 20.45 40.68
C ALA C 455 -30.19 20.24 39.66
N LEU C 456 -29.77 18.99 39.47
CA LEU C 456 -28.72 18.70 38.48
C LEU C 456 -29.20 19.01 37.07
N THR C 457 -30.45 18.66 36.76
CA THR C 457 -30.99 18.95 35.43
C THR C 457 -31.02 20.44 35.15
N MET C 458 -31.46 21.24 36.12
CA MET C 458 -31.54 22.68 35.90
C MET C 458 -30.16 23.31 35.85
N ALA C 459 -29.21 22.81 36.65
CA ALA C 459 -27.84 23.30 36.54
C ALA C 459 -27.27 23.02 35.15
N THR C 460 -27.50 21.81 34.63
CA THR C 460 -27.06 21.49 33.28
C THR C 460 -27.73 22.38 32.24
N LEU C 461 -29.03 22.64 32.42
CA LEU C 461 -29.74 23.52 31.47
C LEU C 461 -29.15 24.93 31.47
N GLN C 462 -28.89 25.47 32.66
CA GLN C 462 -28.29 26.81 32.74
C GLN C 462 -26.90 26.83 32.11
N ASN C 463 -26.08 25.81 32.38
CA ASN C 463 -24.76 25.77 31.78
C ASN C 463 -24.83 25.69 30.26
N GLN C 464 -25.73 24.85 29.73
CA GLN C 464 -25.88 24.72 28.29
C GLN C 464 -26.37 26.01 27.66
N GLU C 465 -27.33 26.68 28.30
CA GLU C 465 -27.82 27.95 27.78
C GLU C 465 -26.72 29.00 27.77
N ALA C 466 -25.92 29.06 28.84
CA ALA C 466 -24.82 30.01 28.88
C ALA C 466 -23.79 29.73 27.79
N GLU C 467 -23.44 28.44 27.59
CA GLU C 467 -22.47 28.10 26.56
C GLU C 467 -23.01 28.41 25.17
N SER C 468 -24.31 28.20 24.96
CA SER C 468 -24.90 28.51 23.66
C SER C 468 -24.90 30.01 23.40
N LEU C 469 -25.31 30.80 24.40
CA LEU C 469 -25.34 32.26 24.22
C LEU C 469 -23.94 32.81 24.00
N THR C 470 -22.98 32.43 24.86
CA THR C 470 -21.63 32.98 24.76
C THR C 470 -20.88 32.36 23.58
N GLY C 471 -21.04 31.07 23.35
CA GLY C 471 -20.29 30.38 22.32
C GLY C 471 -18.92 29.88 22.75
N VAL C 472 -18.66 29.81 24.05
CA VAL C 472 -17.37 29.37 24.59
C VAL C 472 -17.62 28.12 25.43
N LYS C 473 -16.82 27.08 25.19
CA LYS C 473 -16.89 25.84 25.94
C LYS C 473 -15.71 25.74 26.90
N ALA C 474 -15.76 24.73 27.77
CA ALA C 474 -14.75 24.60 28.83
C ALA C 474 -13.40 24.24 28.24
N PHE C 475 -13.30 23.10 27.55
CA PHE C 475 -12.01 22.57 27.10
C PHE C 475 -11.93 22.45 25.59
N ALA C 476 -12.51 23.40 24.85
CA ALA C 476 -12.51 23.37 23.40
C ALA C 476 -12.20 24.76 22.85
N GLY C 477 -11.67 24.78 21.64
CA GLY C 477 -11.41 26.03 20.94
C GLY C 477 -10.12 26.70 21.36
N GLY C 478 -10.01 27.96 20.96
CA GLY C 478 -8.86 28.78 21.27
C GLY C 478 -7.76 28.79 20.24
N VAL C 479 -7.85 27.98 19.19
CA VAL C 479 -6.80 27.84 18.20
C VAL C 479 -7.02 28.75 16.99
N THR C 480 -7.84 29.80 17.14
CA THR C 480 -8.11 30.69 16.01
C THR C 480 -6.88 31.52 15.67
N GLY C 481 -6.06 31.84 16.67
CA GLY C 481 -4.91 32.70 16.43
C GLY C 481 -3.89 32.11 15.48
N GLU C 482 -3.73 30.78 15.51
CA GLU C 482 -2.75 30.14 14.64
C GLU C 482 -3.19 30.20 13.18
N SER C 483 -4.48 30.43 12.93
CA SER C 483 -5.02 30.53 11.58
C SER C 483 -5.32 31.96 11.16
N TYR C 484 -4.82 32.94 11.92
CA TYR C 484 -5.10 34.34 11.59
C TYR C 484 -4.38 34.74 10.30
N GLY C 485 -3.20 34.19 10.06
CA GLY C 485 -2.45 34.58 8.88
C GLY C 485 -3.22 34.30 7.60
N ASP C 486 -3.26 35.31 6.73
CA ASP C 486 -4.06 35.19 5.51
C ASP C 486 -3.48 34.13 4.58
N VAL C 487 -2.27 34.36 4.07
CA VAL C 487 -1.65 33.39 3.18
C VAL C 487 -1.39 32.08 3.91
N ALA C 488 -1.17 32.15 5.22
CA ALA C 488 -0.81 30.96 5.98
C ALA C 488 -1.97 29.97 6.04
N ALA C 489 -3.10 30.38 6.62
CA ALA C 489 -4.20 29.44 6.80
C ALA C 489 -5.55 29.97 6.32
N GLY C 490 -5.67 31.23 5.92
CA GLY C 490 -6.93 31.70 5.38
C GLY C 490 -7.31 31.01 4.09
N ILE C 491 -6.31 30.67 3.28
CA ILE C 491 -6.55 29.95 2.03
C ILE C 491 -6.89 28.49 2.34
N ARG C 492 -8.07 28.06 1.92
CA ARG C 492 -8.53 26.69 2.13
C ARG C 492 -8.45 26.30 3.61
N GLY C 493 -8.87 27.22 4.48
CA GLY C 493 -8.88 26.97 5.90
C GLY C 493 -10.28 26.77 6.45
N VAL C 494 -10.55 25.61 7.02
CA VAL C 494 -11.86 25.25 7.53
C VAL C 494 -11.80 25.22 9.05
N LEU C 495 -12.68 25.99 9.69
CA LEU C 495 -12.79 26.02 11.14
C LEU C 495 -14.26 25.89 11.53
N ASP C 496 -14.48 25.36 12.74
CA ASP C 496 -15.84 25.18 13.22
C ASP C 496 -16.51 26.53 13.46
N ALA C 497 -17.82 26.49 13.71
CA ALA C 497 -18.61 27.71 13.81
C ALA C 497 -18.17 28.56 15.00
N ALA C 498 -17.68 27.93 16.07
CA ALA C 498 -17.33 28.68 17.27
C ALA C 498 -16.04 29.47 17.08
N SER C 499 -15.21 29.07 16.11
CA SER C 499 -13.90 29.73 15.95
C SER C 499 -14.04 31.09 15.29
N LYS C 500 -15.09 31.29 14.49
CA LYS C 500 -15.19 32.49 13.69
C LYS C 500 -15.54 33.72 14.53
N ARG C 501 -16.30 33.53 15.61
CA ARG C 501 -16.57 34.64 16.52
C ARG C 501 -15.28 35.13 17.18
N GLU C 502 -14.46 34.19 17.65
CA GLU C 502 -13.16 34.55 18.21
C GLU C 502 -12.27 35.21 17.16
N MET C 503 -12.33 34.73 15.92
CA MET C 503 -11.56 35.35 14.85
C MET C 503 -12.00 36.79 14.61
N ALA C 504 -13.31 37.03 14.65
CA ALA C 504 -13.82 38.39 14.48
C ALA C 504 -13.35 39.31 15.60
N ILE C 505 -13.40 38.83 16.84
CA ILE C 505 -12.91 39.64 17.96
C ILE C 505 -11.42 39.92 17.80
N LEU C 506 -10.66 38.92 17.36
CA LEU C 506 -9.23 39.09 17.16
C LEU C 506 -8.95 40.13 16.08
N ARG C 507 -9.73 40.11 14.99
CA ARG C 507 -9.57 41.12 13.95
C ARG C 507 -9.91 42.50 14.47
N ARG C 508 -10.93 42.60 15.32
CA ARG C 508 -11.27 43.89 15.92
C ARG C 508 -10.12 44.42 16.76
N LEU C 509 -9.45 43.55 17.53
CA LEU C 509 -8.28 43.97 18.29
C LEU C 509 -7.13 44.36 17.36
N ALA C 510 -6.92 43.60 16.30
CA ALA C 510 -5.81 43.85 15.39
C ALA C 510 -5.98 45.18 14.67
N LYS C 511 -7.22 45.59 14.42
CA LYS C 511 -7.45 46.90 13.81
C LYS C 511 -6.96 48.02 14.71
N GLY C 512 -7.28 47.94 16.00
CA GLY C 512 -6.78 48.95 16.93
C GLY C 512 -5.26 48.91 17.05
N MET C 513 -4.68 47.71 17.02
CA MET C 513 -3.22 47.60 17.04
C MET C 513 -2.61 48.27 15.82
N SER C 514 -3.21 48.07 14.65
CA SER C 514 -2.72 48.72 13.43
C SER C 514 -2.84 50.24 13.52
N GLU C 515 -3.94 50.74 14.08
CA GLU C 515 -4.08 52.18 14.26
C GLU C 515 -3.00 52.73 15.19
N ILE C 516 -2.72 52.03 16.28
CA ILE C 516 -1.69 52.46 17.21
C ILE C 516 -0.33 52.48 16.50
N GLY C 517 -0.03 51.43 15.72
CA GLY C 517 1.22 51.40 15.00
C GLY C 517 1.35 52.53 14.00
N ASN C 518 0.27 52.83 13.28
CA ASN C 518 0.30 53.92 12.32
C ASN C 518 0.54 55.27 13.02
N LYS C 519 -0.12 55.49 14.15
CA LYS C 519 0.10 56.73 14.89
C LYS C 519 1.54 56.84 15.35
N ILE C 520 2.10 55.74 15.87
CA ILE C 520 3.47 55.78 16.38
C ILE C 520 4.46 56.01 15.24
N ILE C 521 4.20 55.41 14.07
CA ILE C 521 5.06 55.64 12.91
C ILE C 521 4.99 57.10 12.49
N ALA C 522 3.79 57.68 12.47
CA ALA C 522 3.64 59.07 12.09
C ALA C 522 4.40 59.99 13.05
N MET C 523 4.34 59.69 14.35
CA MET C 523 5.07 60.50 15.32
C MET C 523 6.58 60.32 15.19
N ASN C 524 7.04 59.09 14.94
CA ASN C 524 8.47 58.85 14.74
C ASN C 524 8.98 59.57 13.51
N ALA C 525 8.14 59.73 12.49
CA ALA C 525 8.56 60.39 11.26
C ALA C 525 9.03 61.82 11.52
N VAL C 526 8.47 62.46 12.56
CA VAL C 526 8.83 63.84 12.84
C VAL C 526 9.83 63.91 13.99
N PHE C 527 9.53 63.24 15.11
CA PHE C 527 10.27 63.50 16.33
C PHE C 527 11.69 62.92 16.28
N LEU C 528 11.84 61.71 15.76
CA LEU C 528 13.15 61.07 15.73
C LEU C 528 14.08 61.76 14.74
N ALA C 529 15.35 61.86 15.12
CA ALA C 529 16.36 62.48 14.27
C ALA C 529 17.02 61.44 13.37
N GLU C 530 17.92 61.92 12.51
CA GLU C 530 18.58 61.03 11.55
C GLU C 530 19.57 60.10 12.24
N HIS C 531 20.37 60.63 13.17
CA HIS C 531 21.43 59.82 13.75
C HIS C 531 20.87 58.68 14.59
N GLU C 532 19.74 58.91 15.27
CA GLU C 532 19.12 57.84 16.05
C GLU C 532 18.65 56.70 15.16
N VAL C 533 18.01 57.03 14.04
CA VAL C 533 17.53 56.00 13.12
C VAL C 533 18.71 55.26 12.49
N VAL C 534 19.78 55.98 12.17
CA VAL C 534 20.97 55.33 11.61
C VAL C 534 21.58 54.38 12.63
N ARG C 535 21.62 54.79 13.90
CA ARG C 535 22.15 53.93 14.95
C ARG C 535 21.31 52.67 15.11
N ILE C 536 19.98 52.82 15.06
CA ILE C 536 19.10 51.67 15.26
C ILE C 536 19.20 50.71 14.07
N THR C 537 19.18 51.24 12.84
CA THR C 537 19.07 50.41 11.65
C THR C 537 20.41 50.11 10.99
N ASN C 538 21.43 50.93 11.21
CA ASN C 538 22.75 50.75 10.60
C ASN C 538 22.65 50.75 9.08
N GLU C 539 21.83 51.67 8.55
CA GLU C 539 21.67 51.81 7.11
C GLU C 539 21.41 53.28 6.79
N GLU C 540 21.40 53.58 5.49
CA GLU C 540 21.20 54.96 5.05
C GLU C 540 19.79 55.43 5.40
N PHE C 541 19.68 56.71 5.72
CA PHE C 541 18.39 57.27 6.13
C PHE C 541 17.56 57.65 4.91
N VAL C 542 16.25 57.48 5.02
CA VAL C 542 15.29 57.89 4.01
C VAL C 542 14.38 58.95 4.63
N THR C 543 14.08 59.99 3.86
CA THR C 543 13.33 61.13 4.35
C THR C 543 11.88 61.06 3.86
N ILE C 544 10.94 61.43 4.73
CA ILE C 544 9.53 61.49 4.40
C ILE C 544 9.11 62.95 4.45
N LYS C 545 8.56 63.45 3.34
CA LYS C 545 8.15 64.85 3.27
C LYS C 545 7.00 65.13 4.23
N ARG C 546 6.99 66.35 4.77
CA ARG C 546 5.98 66.72 5.75
C ARG C 546 4.58 66.80 5.15
N GLU C 547 4.48 67.09 3.86
CA GLU C 547 3.17 67.16 3.21
C GLU C 547 2.53 65.77 3.12
N ASP C 548 3.34 64.74 2.94
CA ASP C 548 2.81 63.39 2.78
C ASP C 548 2.44 62.76 4.11
N LEU C 549 2.73 63.44 5.23
CA LEU C 549 2.49 62.85 6.53
C LEU C 549 1.00 62.74 6.83
N LYS C 550 0.19 63.68 6.32
CA LYS C 550 -1.24 63.67 6.62
C LYS C 550 -1.93 62.43 6.08
N GLY C 551 -1.59 62.03 4.85
CA GLY C 551 -2.18 60.86 4.23
C GLY C 551 -1.18 59.71 4.20
N ASN C 552 -1.58 58.59 4.80
CA ASN C 552 -0.68 57.44 4.94
C ASN C 552 -0.54 56.75 3.59
N PHE C 553 0.46 57.16 2.82
CA PHE C 553 0.85 56.45 1.61
C PHE C 553 2.04 55.57 1.92
N ASP C 554 2.35 54.67 0.99
CA ASP C 554 3.60 53.91 0.88
C ASP C 554 3.75 52.84 1.95
N LEU C 555 2.82 52.73 2.90
CA LEU C 555 3.01 51.84 4.02
C LEU C 555 1.70 51.14 4.38
N GLU C 556 1.83 49.95 4.95
CA GLU C 556 0.71 49.19 5.49
C GLU C 556 1.19 48.41 6.71
N VAL C 557 0.50 48.56 7.83
CA VAL C 557 0.91 47.98 9.11
C VAL C 557 -0.08 46.89 9.49
N ASP C 558 0.43 45.74 9.88
CA ASP C 558 -0.40 44.62 10.31
C ASP C 558 0.37 43.78 11.32
N ILE C 559 -0.36 43.02 12.13
CA ILE C 559 0.25 42.16 13.13
C ILE C 559 0.97 41.00 12.45
N SER C 560 2.17 40.70 12.93
CA SER C 560 3.00 39.63 12.37
C SER C 560 2.89 38.39 13.24
N THR C 561 2.76 37.24 12.60
CA THR C 561 2.69 35.95 13.29
C THR C 561 3.73 35.01 12.70
N ALA C 562 3.96 33.90 13.42
CA ALA C 562 4.98 32.94 13.01
C ALA C 562 4.63 32.28 11.69
N GLU C 563 3.36 31.87 11.53
CA GLU C 563 2.97 31.14 10.33
C GLU C 563 2.99 32.02 9.08
N VAL C 564 2.81 33.33 9.24
CA VAL C 564 2.88 34.24 8.10
C VAL C 564 4.27 34.22 7.48
N ASP C 565 5.31 34.25 8.33
CA ASP C 565 6.67 34.21 7.82
C ASP C 565 6.95 32.89 7.10
N ASN C 566 6.49 31.78 7.65
CA ASN C 566 6.69 30.48 7.00
C ASN C 566 6.00 30.45 5.64
N GLN C 567 4.75 30.92 5.56
CA GLN C 567 4.05 30.90 4.29
C GLN C 567 4.70 31.83 3.28
N LYS C 568 5.20 32.98 3.74
CA LYS C 568 5.93 33.87 2.84
C LYS C 568 7.19 33.21 2.31
N SER C 569 7.89 32.47 3.18
CA SER C 569 9.07 31.73 2.73
C SER C 569 8.71 30.67 1.70
N GLN C 570 7.61 29.95 1.92
CA GLN C 570 7.17 28.95 0.95
C GLN C 570 6.80 29.60 -0.38
N ASP C 571 6.12 30.74 -0.33
CA ASP C 571 5.76 31.45 -1.56
C ASP C 571 7.00 31.92 -2.30
N LEU C 572 7.99 32.44 -1.57
CA LEU C 572 9.24 32.86 -2.20
C LEU C 572 9.96 31.67 -2.83
N GLY C 573 9.97 30.54 -2.15
CA GLY C 573 10.58 29.35 -2.72
C GLY C 573 9.86 28.88 -3.98
N PHE C 574 8.53 28.92 -3.97
CA PHE C 574 7.76 28.56 -5.15
C PHE C 574 8.07 29.50 -6.31
N MET C 575 8.16 30.80 -6.04
CA MET C 575 8.48 31.76 -7.10
C MET C 575 9.89 31.54 -7.63
N LEU C 576 10.83 31.21 -6.74
CA LEU C 576 12.19 30.91 -7.18
C LEU C 576 12.23 29.66 -8.05
N GLN C 577 11.45 28.64 -7.69
CA GLN C 577 11.38 27.44 -8.52
C GLN C 577 10.76 27.73 -9.88
N THR C 578 9.70 28.54 -9.91
CA THR C 578 9.01 28.81 -11.17
C THR C 578 9.90 29.55 -12.16
N ILE C 579 10.57 30.62 -11.71
CA ILE C 579 11.47 31.35 -12.59
C ILE C 579 12.79 30.60 -12.70
N GLY C 580 13.39 30.65 -13.89
CA GLY C 580 14.68 30.04 -14.12
C GLY C 580 15.76 30.69 -13.29
N PRO C 581 16.53 29.87 -12.56
CA PRO C 581 17.62 30.44 -11.75
C PRO C 581 18.67 31.16 -12.58
N ASN C 582 18.88 30.73 -13.83
CA ASN C 582 19.91 31.35 -14.66
C ASN C 582 19.38 32.57 -15.42
N VAL C 583 18.10 32.90 -15.28
CA VAL C 583 17.53 34.03 -16.01
C VAL C 583 18.20 35.33 -15.57
N ASP C 584 18.27 35.57 -14.27
CA ASP C 584 18.87 36.78 -13.73
C ASP C 584 19.46 36.48 -12.36
N GLN C 585 20.71 36.90 -12.16
CA GLN C 585 21.38 36.64 -10.88
C GLN C 585 20.88 37.58 -9.80
N GLN C 586 20.57 38.83 -10.16
CA GLN C 586 20.13 39.80 -9.18
C GLN C 586 18.79 39.39 -8.56
N ILE C 587 17.86 38.90 -9.38
CA ILE C 587 16.56 38.47 -8.87
C ILE C 587 16.74 37.31 -7.90
N THR C 588 17.58 36.34 -8.26
CA THR C 588 17.82 35.20 -7.38
C THR C 588 18.45 35.65 -6.07
N LEU C 589 19.43 36.56 -6.13
CA LEU C 589 20.07 37.04 -4.91
C LEU C 589 19.07 37.77 -4.01
N ASN C 590 18.21 38.60 -4.60
CA ASN C 590 17.20 39.29 -3.80
C ASN C 590 16.22 38.31 -3.18
N ILE C 591 15.79 37.31 -3.95
CA ILE C 591 14.87 36.31 -3.40
C ILE C 591 15.52 35.58 -2.23
N LEU C 592 16.80 35.20 -2.39
CA LEU C 592 17.50 34.52 -1.31
C LEU C 592 17.67 35.42 -0.08
N ALA C 593 17.93 36.71 -0.30
CA ALA C 593 18.09 37.62 0.82
C ALA C 593 16.80 37.77 1.61
N GLU C 594 15.67 37.94 0.93
CA GLU C 594 14.38 38.02 1.62
C GLU C 594 14.00 36.70 2.28
N ILE C 595 14.39 35.56 1.68
CA ILE C 595 14.15 34.28 2.36
C ILE C 595 14.97 34.19 3.64
N ALA C 596 16.23 34.61 3.58
CA ALA C 596 17.10 34.54 4.76
C ALA C 596 16.63 35.49 5.85
N ASP C 597 16.12 36.66 5.47
CA ASP C 597 15.64 37.61 6.47
C ASP C 597 14.48 37.04 7.28
N LEU C 598 13.56 36.34 6.60
CA LEU C 598 12.44 35.74 7.32
C LEU C 598 12.91 34.64 8.28
N LYS C 599 14.06 34.04 7.99
CA LYS C 599 14.61 32.99 8.83
C LYS C 599 15.55 33.50 9.91
N ARG C 600 15.69 34.83 10.04
CA ARG C 600 16.46 35.49 11.08
C ARG C 600 17.96 35.22 11.01
N MET C 601 18.57 35.40 9.83
CA MET C 601 20.01 35.45 9.71
C MET C 601 20.39 36.74 9.01
N PRO C 602 20.51 37.87 9.72
CA PRO C 602 20.83 39.14 9.04
C PRO C 602 22.17 39.11 8.33
N LYS C 603 23.17 38.43 8.89
CA LYS C 603 24.48 38.39 8.25
C LYS C 603 24.44 37.70 6.90
N LEU C 604 23.72 36.57 6.82
CA LEU C 604 23.60 35.87 5.54
C LEU C 604 22.87 36.71 4.51
N ALA C 605 21.80 37.39 4.92
CA ALA C 605 21.06 38.25 4.01
C ALA C 605 21.92 39.40 3.51
N HIS C 606 22.69 40.02 4.41
CA HIS C 606 23.57 41.11 3.99
C HIS C 606 24.65 40.62 3.05
N ASP C 607 25.20 39.43 3.30
CA ASP C 607 26.21 38.87 2.40
C ASP C 607 25.62 38.59 1.03
N LEU C 608 24.41 38.05 0.98
CA LEU C 608 23.78 37.75 -0.29
C LEU C 608 23.45 39.04 -1.06
N ARG C 609 22.98 40.07 -0.36
CA ARG C 609 22.61 41.31 -1.03
C ARG C 609 23.82 41.99 -1.66
N THR C 610 24.90 42.14 -0.90
CA THR C 610 26.12 42.78 -1.38
C THR C 610 27.13 41.74 -1.87
N TRP C 611 26.73 40.93 -2.85
CA TRP C 611 27.57 39.88 -3.39
C TRP C 611 27.95 40.21 -4.83
N GLN C 612 29.25 40.17 -5.12
CA GLN C 612 29.77 40.41 -6.46
C GLN C 612 30.72 39.28 -6.85
N PRO C 613 30.54 38.67 -8.02
CA PRO C 613 31.45 37.58 -8.42
C PRO C 613 32.87 38.06 -8.61
N GLN C 614 33.82 37.19 -8.30
CA GLN C 614 35.23 37.49 -8.46
C GLN C 614 35.74 36.93 -9.77
N PRO C 615 36.27 37.77 -10.65
CA PRO C 615 36.71 37.28 -11.97
C PRO C 615 37.93 36.39 -11.87
N ASP C 616 38.03 35.46 -12.82
CA ASP C 616 39.18 34.56 -12.93
C ASP C 616 40.00 34.96 -14.14
N PRO C 617 41.24 35.41 -13.97
CA PRO C 617 42.01 35.94 -15.12
C PRO C 617 42.25 34.92 -16.22
N VAL C 618 42.45 33.64 -15.90
CA VAL C 618 42.82 32.66 -16.92
C VAL C 618 41.67 32.42 -17.89
N GLN C 619 40.44 32.45 -17.38
CA GLN C 619 39.28 32.19 -18.25
C GLN C 619 39.13 33.26 -19.31
N GLU C 620 39.25 34.53 -18.93
CA GLU C 620 39.15 35.61 -19.91
C GLU C 620 40.25 35.49 -20.97
N GLN C 621 41.48 35.19 -20.54
CA GLN C 621 42.59 35.02 -21.46
C GLN C 621 42.31 33.91 -22.47
N LEU C 622 41.81 32.77 -21.98
CA LEU C 622 41.41 31.69 -22.87
C LEU C 622 40.31 32.15 -23.81
N LYS C 623 39.44 33.06 -23.35
CA LYS C 623 38.39 33.56 -24.21
C LYS C 623 38.96 34.32 -25.42
N GLN C 624 39.84 35.29 -25.19
CA GLN C 624 40.31 36.03 -26.38
C GLN C 624 41.26 35.17 -27.21
N LEU C 625 41.93 34.20 -26.58
CA LEU C 625 42.72 33.24 -27.37
C LEU C 625 41.83 32.44 -28.32
N ALA C 626 40.69 31.96 -27.83
CA ALA C 626 39.75 31.25 -28.70
C ALA C 626 39.23 32.15 -29.80
N VAL C 627 38.92 33.41 -29.46
CA VAL C 627 38.45 34.35 -30.47
C VAL C 627 39.51 34.57 -31.55
N GLU C 628 40.77 34.72 -31.13
CA GLU C 628 41.85 34.91 -32.09
C GLU C 628 42.02 33.69 -32.99
N LYS C 629 41.90 32.49 -32.43
CA LYS C 629 41.99 31.28 -33.24
C LYS C 629 40.87 31.23 -34.26
N ALA C 630 39.65 31.56 -33.83
CA ALA C 630 38.51 31.58 -34.75
C ALA C 630 38.73 32.59 -35.88
N GLN C 631 39.30 33.74 -35.55
CA GLN C 631 39.62 34.73 -36.58
C GLN C 631 40.68 34.21 -37.55
N LEU C 632 41.70 33.52 -37.03
CA LEU C 632 42.80 33.08 -37.88
C LEU C 632 42.39 31.95 -38.81
N GLU C 633 41.38 31.17 -38.42
CA GLU C 633 40.93 30.08 -39.29
C GLU C 633 40.44 30.61 -40.64
N ASN C 634 39.70 31.73 -40.64
CA ASN C 634 39.22 32.31 -41.88
C ASN C 634 40.37 32.75 -42.77
N GLU C 635 41.40 33.36 -42.18
CA GLU C 635 42.57 33.76 -42.97
C GLU C 635 43.27 32.55 -43.56
N GLU C 636 43.35 31.46 -42.80
CA GLU C 636 43.93 30.22 -43.32
C GLU C 636 43.13 29.72 -44.52
N LEU C 637 41.80 29.75 -44.43
CA LEU C 637 40.96 29.33 -45.55
C LEU C 637 41.19 30.21 -46.77
N ARG C 638 41.31 31.52 -46.56
CA ARG C 638 41.55 32.44 -47.67
C ARG C 638 42.90 32.15 -48.33
N SER C 639 43.92 31.87 -47.53
CA SER C 639 45.22 31.52 -48.08
C SER C 639 45.15 30.24 -48.90
N LYS C 640 44.41 29.25 -48.40
CA LYS C 640 44.23 28.01 -49.16
C LYS C 640 43.55 28.27 -50.50
N ILE C 641 42.53 29.12 -50.51
CA ILE C 641 41.83 29.46 -51.75
C ILE C 641 42.79 30.13 -52.72
N ARG C 642 43.59 31.08 -52.23
CA ARG C 642 44.55 31.77 -53.11
C ARG C 642 45.56 30.79 -53.70
N LEU C 643 46.06 29.87 -52.88
CA LEU C 643 47.03 28.89 -53.37
C LEU C 643 46.41 28.00 -54.44
N ASN C 644 45.18 27.55 -54.21
CA ASN C 644 44.50 26.73 -55.21
C ASN C 644 44.30 27.48 -56.52
N ASP C 645 43.91 28.75 -56.44
CA ASP C 645 43.74 29.54 -57.65
C ASP C 645 45.06 29.69 -58.40
N ALA C 646 46.15 29.95 -57.68
CA ALA C 646 47.45 30.09 -58.32
C ALA C 646 47.86 28.80 -59.02
N GLN C 647 47.65 27.66 -58.37
CA GLN C 647 47.98 26.39 -59.00
C GLN C 647 47.14 26.14 -60.24
N ALA C 648 45.85 26.51 -60.19
CA ALA C 648 45.00 26.35 -61.36
C ALA C 648 45.49 27.20 -62.53
N GLN C 649 45.86 28.45 -62.26
CA GLN C 649 46.38 29.31 -63.33
C GLN C 649 47.68 28.76 -63.90
N LYS C 650 48.56 28.23 -63.04
CA LYS C 650 49.80 27.64 -63.54
C LYS C 650 49.50 26.43 -64.44
N ALA C 651 48.54 25.61 -64.04
CA ALA C 651 48.15 24.47 -64.88
C ALA C 651 47.61 24.94 -66.23
N MET C 652 46.81 26.01 -66.22
CA MET C 652 46.29 26.55 -67.48
C MET C 652 47.42 27.04 -68.38
N ALA C 653 48.41 27.72 -67.81
CA ALA C 653 49.55 28.17 -68.59
C ALA C 653 50.33 27.00 -69.18
N GLU C 654 50.52 25.95 -68.39
CA GLU C 654 51.19 24.75 -68.90
C GLU C 654 50.40 24.13 -70.05
N ARG C 655 49.07 24.10 -69.93
CA ARG C 655 48.24 23.57 -71.02
C ARG C 655 48.42 24.40 -72.29
N ASP C 656 48.45 25.73 -72.14
CA ASP C 656 48.63 26.59 -73.31
C ASP C 656 49.99 26.34 -73.97
N ASN C 657 51.04 26.19 -73.16
CA ASN C 657 52.35 25.90 -73.72
C ASN C 657 52.36 24.56 -74.46
N LYS C 658 51.73 23.55 -73.88
CA LYS C 658 51.67 22.24 -74.55
C LYS C 658 50.87 22.31 -75.84
N ASN C 659 49.79 23.09 -75.86
CA ASN C 659 49.00 23.27 -77.07
C ASN C 659 49.83 23.94 -78.16
N LEU C 660 50.60 24.96 -77.79
CA LEU C 660 51.48 25.60 -78.77
C LEU C 660 52.51 24.62 -79.31
N ASP C 661 53.09 23.80 -78.42
CA ASP C 661 54.04 22.80 -78.87
C ASP C 661 53.41 21.81 -79.84
N TYR C 662 52.18 21.37 -79.54
CA TYR C 662 51.46 20.48 -80.45
C TYR C 662 51.23 21.12 -81.80
N LEU C 663 50.80 22.38 -81.80
CA LEU C 663 50.53 23.07 -83.07
C LEU C 663 51.81 23.21 -83.90
N GLU C 664 52.92 23.57 -83.25
CA GLU C 664 54.18 23.70 -83.98
C GLU C 664 54.66 22.35 -84.51
N GLN C 665 54.51 21.28 -83.71
CA GLN C 665 55.02 19.98 -84.12
C GLN C 665 54.19 19.39 -85.25
N GLU C 666 52.88 19.68 -85.27
CA GLU C 666 52.03 19.13 -86.33
C GLU C 666 52.48 19.58 -87.71
N SER C 667 52.81 20.86 -87.85
CA SER C 667 53.32 21.37 -89.12
C SER C 667 54.82 21.16 -89.19
N GLY C 668 55.46 21.74 -90.20
CA GLY C 668 56.89 21.64 -90.40
C GLY C 668 57.69 22.80 -89.86
N THR C 669 57.14 23.59 -88.95
CA THR C 669 57.82 24.79 -88.46
C THR C 669 59.14 24.44 -87.77
N LYS C 670 59.14 23.39 -86.95
CA LYS C 670 60.37 23.00 -86.26
C LYS C 670 61.43 22.56 -87.26
N HIS C 671 61.04 21.79 -88.27
CA HIS C 671 61.98 21.41 -89.32
C HIS C 671 62.38 22.61 -90.17
N ALA C 672 61.44 23.52 -90.45
CA ALA C 672 61.74 24.67 -91.27
C ALA C 672 62.77 25.59 -90.60
N ARG C 673 62.67 25.75 -89.29
CA ARG C 673 63.63 26.61 -88.58
C ARG C 673 65.03 26.01 -88.64
N ASP C 674 65.15 24.69 -88.46
CA ASP C 674 66.46 24.05 -88.57
C ASP C 674 67.01 24.17 -89.99
N LEU C 675 66.15 24.00 -90.99
CA LEU C 675 66.61 24.17 -92.37
C LEU C 675 67.07 25.59 -92.63
N GLU C 676 66.35 26.57 -92.08
CA GLU C 676 66.75 27.97 -92.24
C GLU C 676 68.08 28.24 -91.55
N LYS C 677 68.30 27.66 -90.38
CA LYS C 677 69.58 27.83 -89.69
C LYS C 677 70.72 27.23 -90.51
N MET C 678 70.51 26.03 -91.06
CA MET C 678 71.54 25.40 -91.89
C MET C 678 71.82 26.24 -93.14
N LYS C 679 70.77 26.75 -93.78
CA LYS C 679 70.96 27.57 -94.97
C LYS C 679 71.67 28.88 -94.63
N ALA C 680 71.36 29.47 -93.48
CA ALA C 680 72.05 30.68 -93.05
C ALA C 680 73.52 30.41 -92.79
N GLN C 681 73.84 29.27 -92.16
CA GLN C 681 75.23 28.92 -91.94
C GLN C 681 75.97 28.72 -93.26
N SER C 682 75.34 28.05 -94.21
CA SER C 682 75.95 27.86 -95.52
C SER C 682 76.15 29.19 -96.23
N GLN C 683 75.17 30.10 -96.15
CA GLN C 683 75.30 31.40 -96.77
C GLN C 683 76.41 32.22 -96.12
N GLY C 684 76.55 32.11 -94.80
CA GLY C 684 77.65 32.78 -94.13
C GLY C 684 79.00 32.25 -94.57
N ASN C 685 79.11 30.94 -94.73
CA ASN C 685 80.35 30.36 -95.24
C ASN C 685 80.63 30.85 -96.66
N GLN C 686 79.60 30.90 -97.50
CA GLN C 686 79.78 31.39 -98.87
C GLN C 686 80.21 32.85 -98.89
N GLN C 687 79.61 33.68 -98.02
CA GLN C 687 79.99 35.09 -97.96
C GLN C 687 81.42 35.24 -97.46
N LEU C 688 81.83 34.44 -96.48
CA LEU C 688 83.20 34.49 -96.00
C LEU C 688 84.18 34.09 -97.10
N GLU C 689 83.83 33.07 -97.89
CA GLU C 689 84.67 32.68 -99.02
C GLU C 689 84.76 33.79 -100.06
N ILE C 690 83.63 34.45 -100.34
CA ILE C 690 83.62 35.51 -101.36
C ILE C 690 84.47 36.69 -100.90
N THR C 691 84.33 37.10 -99.63
CA THR C 691 85.06 38.26 -99.14
C THR C 691 86.56 38.01 -99.15
N LYS C 692 86.98 36.82 -98.75
CA LYS C 692 88.41 36.50 -98.71
C LYS C 692 88.97 36.32 -100.12
N LYS D 19 -35.28 84.03 -5.81
CA LYS D 19 -35.18 82.83 -6.62
C LYS D 19 -33.74 82.32 -6.65
N LEU D 20 -33.55 81.11 -6.13
CA LEU D 20 -32.19 80.57 -5.99
C LEU D 20 -31.58 80.22 -7.34
N THR D 21 -32.40 79.74 -8.27
CA THR D 21 -31.90 79.26 -9.55
C THR D 21 -32.54 80.04 -10.70
N SER D 22 -32.01 79.83 -11.90
CA SER D 22 -32.49 80.49 -13.11
C SER D 22 -33.42 79.59 -13.93
N TRP D 23 -33.87 78.47 -13.37
CA TRP D 23 -34.75 77.57 -14.10
C TRP D 23 -36.08 78.24 -14.39
N LYS D 24 -36.68 77.86 -15.52
CA LYS D 24 -37.98 78.43 -15.89
C LYS D 24 -39.05 78.05 -14.88
N ASN D 25 -39.06 76.80 -14.44
CA ASN D 25 -39.98 76.32 -13.41
C ASN D 25 -39.17 75.90 -12.20
N GLU D 26 -39.51 76.44 -11.04
CA GLU D 26 -38.79 76.15 -9.81
C GLU D 26 -39.70 75.42 -8.83
N LEU D 27 -39.10 74.49 -8.09
CA LEU D 27 -39.87 73.57 -7.25
C LEU D 27 -40.55 74.27 -6.07
N SER D 28 -39.84 75.18 -5.41
CA SER D 28 -40.30 75.85 -4.19
C SER D 28 -40.49 74.88 -3.03
N LEU D 29 -40.47 75.39 -1.80
CA LEU D 29 -40.46 74.51 -0.63
C LEU D 29 -41.81 73.84 -0.41
N GLN D 30 -42.89 74.45 -0.90
CA GLN D 30 -44.22 73.90 -0.69
C GLN D 30 -44.38 72.54 -1.35
N ALA D 31 -43.83 72.37 -2.56
CA ALA D 31 -43.92 71.10 -3.26
C ALA D 31 -43.21 69.98 -2.49
N LEU D 32 -42.01 70.28 -1.98
CA LEU D 32 -41.26 69.30 -1.21
C LEU D 32 -41.98 68.94 0.08
N LYS D 33 -42.53 69.95 0.76
CA LYS D 33 -43.29 69.67 1.99
C LYS D 33 -44.51 68.82 1.69
N ALA D 34 -45.22 69.10 0.60
CA ALA D 34 -46.39 68.29 0.24
C ALA D 34 -45.99 66.85 -0.08
N ASP D 35 -44.89 66.67 -0.82
CA ASP D 35 -44.43 65.32 -1.13
C ASP D 35 -44.04 64.56 0.13
N LEU D 36 -43.33 65.22 1.05
CA LEU D 36 -42.95 64.58 2.30
C LEU D 36 -44.17 64.20 3.12
N ASP D 37 -45.16 65.09 3.21
CA ASP D 37 -46.37 64.80 3.97
C ASP D 37 -47.16 63.66 3.35
N ALA D 38 -47.17 63.59 2.01
CA ALA D 38 -47.84 62.49 1.35
C ALA D 38 -47.14 61.17 1.58
N ALA D 39 -45.80 61.17 1.56
CA ALA D 39 -45.07 59.91 1.67
C ALA D 39 -44.93 59.45 3.11
N LYS D 40 -45.18 60.35 4.08
CA LYS D 40 -45.02 60.00 5.49
C LYS D 40 -45.92 58.86 5.96
N PRO D 41 -47.22 58.80 5.61
CA PRO D 41 -48.08 57.74 6.18
C PRO D 41 -47.58 56.33 5.95
N SER D 42 -47.05 56.03 4.77
CA SER D 42 -46.57 54.66 4.51
C SER D 42 -45.35 54.33 5.36
N HIS D 43 -44.41 55.28 5.46
CA HIS D 43 -43.22 55.07 6.27
C HIS D 43 -43.57 54.90 7.74
N THR D 44 -44.56 55.67 8.22
CA THR D 44 -44.97 55.55 9.61
C THR D 44 -45.52 54.16 9.92
N ALA D 45 -46.33 53.62 9.02
CA ALA D 45 -46.85 52.26 9.22
C ALA D 45 -45.75 51.23 9.09
N MET D 46 -44.80 51.45 8.18
CA MET D 46 -43.70 50.51 7.96
C MET D 46 -42.81 50.40 9.20
N MET D 47 -42.54 51.53 9.85
CA MET D 47 -41.62 51.55 10.98
C MET D 47 -42.12 50.74 12.18
N ILE D 48 -43.42 50.51 12.24
CA ILE D 48 -43.99 49.75 13.36
C ILE D 48 -43.45 48.31 13.34
N LYS D 49 -43.35 47.72 12.16
CA LYS D 49 -42.82 46.36 12.05
C LYS D 49 -41.37 46.29 12.51
N VAL D 50 -40.55 47.27 12.11
CA VAL D 50 -39.15 47.29 12.54
C VAL D 50 -39.05 47.46 14.05
N LYS D 51 -39.90 48.33 14.62
CA LYS D 51 -39.90 48.51 16.06
C LYS D 51 -40.29 47.22 16.78
N GLU D 52 -41.29 46.51 16.26
CA GLU D 52 -41.69 45.24 16.88
C GLU D 52 -40.58 44.21 16.79
N TRP D 53 -39.90 44.13 15.64
CA TRP D 53 -38.79 43.19 15.50
C TRP D 53 -37.66 43.51 16.47
N ASN D 54 -37.32 44.79 16.62
CA ASN D 54 -36.27 45.17 17.56
C ASN D 54 -36.69 44.89 19.00
N ASP D 55 -37.97 45.10 19.33
CA ASP D 55 -38.46 44.78 20.67
C ASP D 55 -38.38 43.29 20.94
N LEU D 56 -38.71 42.46 19.95
CA LEU D 56 -38.55 41.02 20.09
C LEU D 56 -37.07 40.64 20.28
N MET D 57 -36.18 41.31 19.54
CA MET D 57 -34.77 41.01 19.65
C MET D 57 -34.23 41.34 21.03
N ARG D 58 -34.59 42.51 21.57
CA ARG D 58 -34.04 43.00 22.83
C ARG D 58 -34.93 42.71 24.03
N ILE D 59 -36.02 41.97 23.83
CA ILE D 59 -36.96 41.63 24.90
C ILE D 59 -37.47 42.91 25.55
N GLU D 60 -38.27 43.66 24.81
CA GLU D 60 -38.88 44.89 25.29
C GLU D 60 -40.32 44.98 24.79
N GLY D 61 -41.08 45.90 25.37
CA GLY D 61 -42.46 46.07 24.94
C GLY D 61 -43.30 44.84 25.27
N LYS D 62 -43.94 44.28 24.24
CA LYS D 62 -44.81 43.14 24.44
C LYS D 62 -44.02 41.88 24.78
N ALA D 63 -42.73 41.87 24.47
CA ALA D 63 -41.91 40.68 24.70
C ALA D 63 -41.65 40.46 26.18
N LYS D 64 -41.65 41.52 26.97
CA LYS D 64 -41.32 41.39 28.38
C LYS D 64 -42.39 40.57 29.11
N PRO D 65 -42.01 39.66 30.00
CA PRO D 65 -42.99 38.89 30.75
C PRO D 65 -43.72 39.77 31.75
N PRO D 66 -44.95 39.40 32.13
CA PRO D 66 -45.66 40.16 33.15
C PRO D 66 -44.95 40.07 34.49
N LYS D 67 -45.09 41.14 35.28
CA LYS D 67 -44.44 41.25 36.58
C LYS D 67 -45.37 40.68 37.65
N VAL D 68 -44.88 39.66 38.36
CA VAL D 68 -45.62 39.03 39.45
C VAL D 68 -44.72 38.99 40.67
N LYS D 69 -45.29 39.30 41.84
CA LYS D 69 -44.50 39.38 43.06
C LYS D 69 -43.88 38.03 43.43
N GLY D 70 -44.65 36.95 43.33
CA GLY D 70 -44.20 35.65 43.75
C GLY D 70 -43.72 34.71 42.68
N ARG D 71 -43.50 35.19 41.45
CA ARG D 71 -43.09 34.33 40.35
C ARG D 71 -41.98 35.00 39.54
N SER D 72 -41.28 34.18 38.77
CA SER D 72 -40.10 34.64 38.03
C SER D 72 -40.51 35.43 36.78
N GLN D 73 -39.55 36.18 36.25
CA GLN D 73 -39.73 37.01 35.07
C GLN D 73 -38.57 36.82 34.09
N VAL D 74 -38.21 35.57 33.83
CA VAL D 74 -37.06 35.23 33.01
C VAL D 74 -37.55 34.84 31.62
N GLN D 75 -36.77 35.18 30.59
CA GLN D 75 -37.08 34.78 29.23
C GLN D 75 -35.78 34.54 28.46
N PRO D 76 -35.53 33.32 28.00
CA PRO D 76 -34.36 33.08 27.16
C PRO D 76 -34.45 33.79 25.82
N LYS D 77 -33.29 34.15 25.29
CA LYS D 77 -33.20 34.92 24.06
C LYS D 77 -32.91 33.98 22.88
N LEU D 78 -33.95 33.68 22.11
CA LEU D 78 -33.81 32.79 20.98
C LEU D 78 -33.37 33.55 19.73
N VAL D 79 -34.09 34.62 19.38
CA VAL D 79 -33.77 35.39 18.17
C VAL D 79 -32.39 36.01 18.30
N ARG D 80 -32.05 36.51 19.48
CA ARG D 80 -30.72 37.07 19.71
C ARG D 80 -29.64 36.03 19.43
N ARG D 81 -29.86 34.78 19.86
CA ARG D 81 -28.88 33.72 19.67
C ARG D 81 -28.74 33.36 18.19
N GLN D 82 -29.88 33.18 17.51
CA GLN D 82 -29.86 32.84 16.09
C GLN D 82 -29.17 33.91 15.27
N ALA D 83 -29.42 35.18 15.59
CA ALA D 83 -28.72 36.25 14.90
C ALA D 83 -27.27 36.35 15.34
N GLU D 84 -26.98 35.93 16.58
CA GLU D 84 -25.62 36.01 17.11
C GLU D 84 -24.65 35.12 16.37
N TRP D 85 -25.05 33.89 16.02
CA TRP D 85 -24.14 33.14 15.15
C TRP D 85 -24.12 33.70 13.72
N ARG D 86 -25.25 34.21 13.22
CA ARG D 86 -25.29 34.68 11.84
C ARG D 86 -24.39 35.90 11.63
N TYR D 87 -24.27 36.77 12.63
CA TYR D 87 -23.39 37.92 12.50
C TYR D 87 -21.97 37.49 12.16
N SER D 88 -21.41 36.58 12.96
CA SER D 88 -20.03 36.15 12.72
C SER D 88 -19.94 35.25 11.49
N ALA D 89 -21.03 34.58 11.14
CA ALA D 89 -21.04 33.81 9.90
C ALA D 89 -20.90 34.70 8.68
N LEU D 90 -21.53 35.87 8.70
CA LEU D 90 -21.56 36.73 7.52
C LEU D 90 -20.39 37.71 7.49
N THR D 91 -19.93 38.16 8.66
CA THR D 91 -18.92 39.23 8.69
C THR D 91 -17.57 38.76 8.16
N GLU D 92 -17.24 37.48 8.38
CA GLU D 92 -15.87 37.02 8.12
C GLU D 92 -15.44 37.15 6.67
N PRO D 93 -16.25 36.81 5.65
CA PRO D 93 -15.74 36.90 4.27
C PRO D 93 -15.22 38.28 3.88
N PHE D 94 -15.78 39.36 4.42
CA PHE D 94 -15.41 40.71 4.03
C PHE D 94 -14.14 41.20 4.72
N LEU D 95 -13.62 40.45 5.69
CA LEU D 95 -12.43 40.88 6.39
C LEU D 95 -11.27 39.90 6.34
N GLY D 96 -11.32 38.87 5.48
CA GLY D 96 -10.28 37.86 5.47
C GLY D 96 -8.97 38.31 4.88
N SER D 97 -8.98 39.32 4.01
CA SER D 97 -7.79 39.75 3.29
C SER D 97 -7.60 41.26 3.45
N ASN D 98 -6.37 41.70 3.16
CA ASN D 98 -6.05 43.12 3.27
C ASN D 98 -6.76 43.95 2.20
N LYS D 99 -6.98 43.35 1.03
CA LYS D 99 -7.65 44.02 -0.08
C LYS D 99 -9.13 43.70 -0.05
N LEU D 100 -9.97 44.73 -0.13
CA LEU D 100 -11.41 44.53 -0.06
C LEU D 100 -12.05 44.39 -1.43
N PHE D 101 -11.61 45.16 -2.42
CA PHE D 101 -12.25 45.21 -3.72
C PHE D 101 -11.34 44.60 -4.78
N LYS D 102 -11.95 43.94 -5.76
CA LYS D 102 -11.24 43.35 -6.88
C LYS D 102 -11.83 43.92 -8.17
N VAL D 103 -10.96 44.46 -9.02
CA VAL D 103 -11.37 45.05 -10.29
C VAL D 103 -10.71 44.26 -11.41
N THR D 104 -11.51 43.84 -12.38
CA THR D 104 -11.02 43.01 -13.47
C THR D 104 -11.34 43.64 -14.82
N PRO D 105 -10.45 43.50 -15.81
CA PRO D 105 -10.70 44.11 -17.12
C PRO D 105 -11.78 43.34 -17.89
N VAL D 106 -12.52 44.08 -18.74
CA VAL D 106 -13.48 43.43 -19.62
C VAL D 106 -12.85 43.12 -20.97
N THR D 107 -12.05 44.06 -21.50
CA THR D 107 -11.32 43.87 -22.74
C THR D 107 -9.82 43.97 -22.46
N TRP D 108 -9.02 43.92 -23.52
CA TRP D 108 -7.58 43.85 -23.33
C TRP D 108 -6.96 45.22 -23.11
N GLU D 109 -7.71 46.29 -23.38
CA GLU D 109 -7.20 47.63 -23.10
C GLU D 109 -7.34 47.98 -21.63
N ASP D 110 -8.16 47.24 -20.89
CA ASP D 110 -8.66 47.70 -19.60
C ASP D 110 -7.76 47.32 -18.43
N VAL D 111 -6.63 46.66 -18.68
CA VAL D 111 -5.80 46.15 -17.58
C VAL D 111 -5.25 47.30 -16.76
N GLN D 112 -4.69 48.32 -17.42
CA GLN D 112 -4.11 49.45 -16.71
C GLN D 112 -5.16 50.21 -15.91
N GLY D 113 -6.32 50.45 -16.53
CA GLY D 113 -7.38 51.14 -15.82
C GLY D 113 -7.89 50.36 -14.62
N ALA D 114 -8.04 49.04 -14.78
CA ALA D 114 -8.47 48.21 -13.67
C ALA D 114 -7.47 48.23 -12.53
N ARG D 115 -6.18 48.13 -12.84
CA ARG D 115 -5.16 48.17 -11.81
C ARG D 115 -5.16 49.52 -11.09
N GLN D 116 -5.23 50.61 -11.85
CA GLN D 116 -5.25 51.94 -11.25
C GLN D 116 -6.45 52.11 -10.32
N ASN D 117 -7.64 51.76 -10.80
CA ASN D 117 -8.85 51.95 -9.99
C ASN D 117 -8.83 51.05 -8.76
N GLU D 118 -8.32 49.81 -8.90
CA GLU D 118 -8.20 48.93 -7.76
C GLU D 118 -7.27 49.50 -6.70
N LEU D 119 -6.11 50.00 -7.12
CA LEU D 119 -5.17 50.59 -6.17
C LEU D 119 -5.79 51.78 -5.46
N VAL D 120 -6.42 52.68 -6.21
CA VAL D 120 -6.99 53.88 -5.61
C VAL D 120 -8.11 53.52 -4.63
N LEU D 121 -9.00 52.61 -5.03
CA LEU D 121 -10.12 52.23 -4.18
C LEU D 121 -9.64 51.53 -2.92
N ASN D 122 -8.67 50.62 -3.05
CA ASN D 122 -8.14 49.93 -1.88
C ASN D 122 -7.45 50.90 -0.93
N TYR D 123 -6.67 51.83 -1.46
CA TYR D 123 -6.04 52.83 -0.61
C TYR D 123 -7.07 53.68 0.12
N GLN D 124 -8.10 54.12 -0.60
CA GLN D 124 -9.12 54.97 0.03
C GLN D 124 -9.85 54.21 1.14
N PHE D 125 -10.22 52.96 0.89
CA PHE D 125 -10.95 52.20 1.90
C PHE D 125 -10.07 51.84 3.08
N ARG D 126 -8.77 51.66 2.84
CA ARG D 126 -7.86 51.30 3.93
C ARG D 126 -7.53 52.52 4.79
N THR D 127 -7.45 53.70 4.18
CA THR D 127 -7.00 54.88 4.92
C THR D 127 -8.16 55.68 5.50
N LYS D 128 -9.12 56.07 4.66
CA LYS D 128 -10.13 57.03 5.06
C LYS D 128 -11.26 56.42 5.87
N LEU D 129 -11.40 55.10 5.92
CA LEU D 129 -12.52 54.47 6.60
C LEU D 129 -12.01 53.40 7.55
N ASN D 130 -12.79 53.16 8.60
CA ASN D 130 -12.56 52.04 9.51
C ASN D 130 -13.34 50.85 8.98
N ARG D 131 -12.66 49.97 8.25
CA ARG D 131 -13.36 48.91 7.52
C ARG D 131 -14.09 47.95 8.47
N VAL D 132 -13.44 47.58 9.57
CA VAL D 132 -14.03 46.58 10.47
C VAL D 132 -15.34 47.08 11.07
N SER D 133 -15.34 48.33 11.56
CA SER D 133 -16.55 48.87 12.16
C SER D 133 -17.67 49.02 11.13
N PHE D 134 -17.32 49.48 9.92
CA PHE D 134 -18.32 49.63 8.86
C PHE D 134 -18.93 48.29 8.50
N ILE D 135 -18.11 47.25 8.37
CA ILE D 135 -18.62 45.92 8.04
C ILE D 135 -19.51 45.39 9.16
N ASP D 136 -19.09 45.58 10.42
CA ASP D 136 -19.89 45.12 11.54
C ASP D 136 -21.26 45.80 11.55
N ASN D 137 -21.27 47.13 11.39
CA ASN D 137 -22.53 47.86 11.37
C ASN D 137 -23.40 47.43 10.20
N TYR D 138 -22.80 47.27 9.02
CA TYR D 138 -23.54 46.83 7.84
C TYR D 138 -24.23 45.49 8.08
N VAL D 139 -23.47 44.48 8.52
CA VAL D 139 -24.04 43.15 8.70
C VAL D 139 -25.08 43.17 9.81
N ARG D 140 -24.79 43.84 10.93
CA ARG D 140 -25.72 43.87 12.04
C ARG D 140 -27.03 44.55 11.65
N SER D 141 -26.95 45.67 10.94
CA SER D 141 -28.17 46.35 10.52
C SER D 141 -28.98 45.50 9.54
N VAL D 142 -28.30 44.87 8.57
CA VAL D 142 -29.02 44.06 7.59
C VAL D 142 -29.73 42.90 8.28
N VAL D 143 -29.06 42.25 9.24
CA VAL D 143 -29.66 41.11 9.92
C VAL D 143 -30.80 41.57 10.83
N ASP D 144 -30.59 42.65 11.59
CA ASP D 144 -31.57 43.05 12.59
C ASP D 144 -32.82 43.65 11.97
N ASP D 145 -32.66 44.55 10.99
CA ASP D 145 -33.81 45.26 10.44
C ASP D 145 -34.36 44.61 9.17
N GLY D 146 -33.58 43.77 8.50
CA GLY D 146 -34.02 43.16 7.26
C GLY D 146 -33.76 44.00 6.02
N THR D 147 -33.37 45.26 6.18
CA THR D 147 -33.08 46.14 5.06
C THR D 147 -32.02 47.14 5.49
N GLY D 148 -31.04 47.35 4.64
CA GLY D 148 -29.96 48.28 4.93
C GLY D 148 -29.81 49.35 3.87
N ILE D 149 -29.80 50.62 4.30
CA ILE D 149 -29.67 51.75 3.39
C ILE D 149 -28.30 52.38 3.59
N VAL D 150 -27.58 52.57 2.50
CA VAL D 150 -26.23 53.12 2.52
C VAL D 150 -26.23 54.44 1.76
N ARG D 151 -25.68 55.48 2.39
CA ARG D 151 -25.56 56.80 1.80
C ARG D 151 -24.12 57.03 1.38
N VAL D 152 -23.93 57.41 0.12
CA VAL D 152 -22.60 57.65 -0.45
C VAL D 152 -22.50 59.12 -0.81
N GLY D 153 -21.42 59.76 -0.39
CA GLY D 153 -21.21 61.17 -0.66
C GLY D 153 -19.73 61.48 -0.76
N TRP D 154 -19.44 62.76 -1.01
CA TRP D 154 -18.07 63.25 -1.16
C TRP D 154 -17.81 64.35 -0.14
N ASN D 155 -16.60 64.34 0.41
CA ASN D 155 -16.17 65.34 1.37
C ASN D 155 -14.95 66.05 0.79
N ARG D 156 -15.05 67.37 0.65
CA ARG D 156 -13.97 68.18 0.11
C ARG D 156 -13.81 69.43 0.95
N GLU D 157 -12.56 69.79 1.24
CA GLU D 157 -12.25 70.99 2.01
C GLU D 157 -10.91 71.54 1.53
N ILE D 158 -10.90 72.80 1.09
CA ILE D 158 -9.71 73.43 0.54
C ILE D 158 -9.41 74.68 1.37
N ARG D 159 -8.13 74.93 1.62
CA ARG D 159 -7.68 76.07 2.39
C ARG D 159 -6.69 76.88 1.57
N LYS D 160 -6.90 78.20 1.51
CA LYS D 160 -6.02 79.07 0.77
C LYS D 160 -4.80 79.45 1.61
N GLU D 161 -3.62 79.36 0.99
CA GLU D 161 -2.38 79.69 1.66
C GLU D 161 -1.50 80.52 0.73
N LYS D 162 -0.60 81.30 1.32
CA LYS D 162 0.32 82.14 0.57
C LYS D 162 1.74 81.66 0.84
N GLN D 163 2.47 81.37 -0.24
CA GLN D 163 3.85 80.91 -0.14
C GLN D 163 4.71 81.64 -1.17
N GLU D 164 5.98 81.84 -0.84
CA GLU D 164 6.90 82.47 -1.78
C GLU D 164 7.20 81.52 -2.93
N VAL D 165 7.13 82.04 -4.16
CA VAL D 165 7.36 81.26 -5.36
C VAL D 165 8.48 81.93 -6.16
N PRO D 166 9.57 81.24 -6.46
CA PRO D 166 10.63 81.86 -7.26
C PRO D 166 10.16 82.17 -8.68
N VAL D 167 10.76 83.21 -9.26
CA VAL D 167 10.47 83.63 -10.62
C VAL D 167 11.65 83.26 -11.50
N PHE D 168 11.38 82.55 -12.60
CA PHE D 168 12.40 82.05 -13.49
C PHE D 168 12.29 82.72 -14.85
N SER D 169 13.43 83.11 -15.42
CA SER D 169 13.49 83.69 -16.75
C SER D 169 14.12 82.69 -17.70
N LEU D 170 13.44 82.43 -18.82
CA LEU D 170 13.90 81.42 -19.76
C LEU D 170 15.13 81.90 -20.53
N PHE D 171 15.91 80.93 -21.00
CA PHE D 171 17.11 81.16 -21.78
C PHE D 171 17.32 79.99 -22.71
N PRO D 172 17.73 80.23 -23.95
CA PRO D 172 17.89 79.13 -24.91
C PRO D 172 18.91 78.10 -24.44
N ILE D 173 18.64 76.84 -24.79
CA ILE D 173 19.52 75.76 -24.39
C ILE D 173 20.85 75.87 -25.11
N GLN D 174 21.94 75.81 -24.36
CA GLN D 174 23.29 75.97 -24.88
C GLN D 174 24.12 74.74 -24.50
N THR D 175 25.02 74.34 -25.39
CA THR D 175 25.94 73.22 -25.19
C THR D 175 25.20 71.90 -25.03
N GLN D 176 25.95 70.82 -24.84
CA GLN D 176 25.34 69.50 -24.72
C GLN D 176 24.95 69.19 -23.27
N GLU D 177 25.53 69.91 -22.32
CA GLU D 177 25.26 69.64 -20.91
C GLU D 177 23.80 69.90 -20.56
N GLN D 178 23.25 71.02 -21.04
CA GLN D 178 21.86 71.34 -20.77
C GLN D 178 20.93 70.31 -21.40
N ALA D 179 21.22 69.89 -22.63
CA ALA D 179 20.40 68.88 -23.27
C ALA D 179 20.46 67.55 -22.53
N ASP D 180 21.66 67.17 -22.07
CA ASP D 180 21.79 65.93 -21.30
C ASP D 180 21.02 66.01 -20.00
N ALA D 181 21.09 67.14 -19.31
CA ALA D 181 20.34 67.30 -18.06
C ALA D 181 18.85 67.22 -18.30
N LEU D 182 18.36 67.88 -19.37
CA LEU D 182 16.94 67.82 -19.68
C LEU D 182 16.50 66.40 -20.02
N GLN D 183 17.32 65.68 -20.81
CA GLN D 183 16.98 64.31 -21.16
C GLN D 183 16.95 63.41 -19.93
N GLN D 184 17.91 63.59 -19.02
CA GLN D 184 17.91 62.81 -17.78
C GLN D 184 16.69 63.13 -16.94
N ALA D 185 16.28 64.40 -16.88
CA ALA D 185 15.08 64.76 -16.13
C ALA D 185 13.83 64.11 -16.73
N LEU D 186 13.71 64.14 -18.06
CA LEU D 186 12.57 63.50 -18.71
C LEU D 186 12.56 61.99 -18.47
N GLN D 187 13.73 61.36 -18.54
CA GLN D 187 13.81 59.92 -18.29
C GLN D 187 13.44 59.59 -16.85
N LEU D 188 13.90 60.41 -15.90
CA LEU D 188 13.54 60.20 -14.50
C LEU D 188 12.05 60.37 -14.28
N ARG D 189 11.44 61.37 -14.92
CA ARG D 189 9.99 61.55 -14.81
C ARG D 189 9.24 60.36 -15.38
N THR D 190 9.70 59.84 -16.52
CA THR D 190 9.04 58.69 -17.14
C THR D 190 9.18 57.44 -16.27
N ASP D 191 10.37 57.25 -15.68
CA ASP D 191 10.63 56.01 -14.95
C ASP D 191 10.09 56.06 -13.53
N ASN D 192 10.42 57.13 -12.79
CA ASN D 192 10.04 57.22 -11.39
C ASN D 192 9.49 58.60 -11.06
N PRO D 193 8.17 58.77 -11.02
CA PRO D 193 7.61 60.10 -10.70
C PRO D 193 8.04 60.64 -9.35
N ARG D 194 8.13 59.77 -8.33
CA ARG D 194 8.49 60.23 -6.99
C ARG D 194 9.91 60.78 -6.96
N GLY D 195 10.84 60.08 -7.60
CA GLY D 195 12.20 60.60 -7.69
C GLY D 195 12.26 61.93 -8.43
N TYR D 196 11.46 62.06 -9.49
CA TYR D 196 11.40 63.32 -10.22
C TYR D 196 10.90 64.45 -9.32
N GLU D 197 9.85 64.19 -8.54
CA GLU D 197 9.31 65.22 -7.66
C GLU D 197 10.30 65.57 -6.55
N GLU D 198 11.09 64.60 -6.11
CA GLU D 198 11.88 64.80 -4.90
C GLU D 198 13.26 65.38 -5.20
N ASN D 199 13.90 64.98 -6.31
CA ASN D 199 15.32 65.26 -6.50
C ASN D 199 15.66 66.18 -7.66
N VAL D 200 14.74 66.41 -8.60
CA VAL D 200 15.09 67.11 -9.83
C VAL D 200 15.33 68.59 -9.58
N ASP D 201 14.58 69.19 -8.63
CA ASP D 201 14.67 70.58 -8.20
C ASP D 201 13.80 71.48 -9.08
N GLU D 202 13.54 72.70 -8.61
CA GLU D 202 12.48 73.52 -9.18
C GLU D 202 12.81 74.03 -10.57
N ALA D 203 14.05 74.46 -10.81
CA ALA D 203 14.39 75.07 -12.10
C ALA D 203 14.26 74.08 -13.24
N ILE D 204 14.78 72.87 -13.06
CA ILE D 204 14.68 71.86 -14.10
C ILE D 204 13.23 71.44 -14.29
N LYS D 205 12.45 71.43 -13.19
CA LYS D 205 11.03 71.16 -13.31
C LYS D 205 10.32 72.20 -14.17
N GLU D 206 10.67 73.48 -13.98
CA GLU D 206 10.12 74.53 -14.83
C GLU D 206 10.53 74.35 -16.29
N SER D 207 11.79 73.96 -16.51
CA SER D 207 12.24 73.69 -17.87
C SER D 207 11.43 72.57 -18.51
N VAL D 208 11.18 71.49 -17.75
CA VAL D 208 10.39 70.37 -18.26
C VAL D 208 8.96 70.81 -18.54
N ARG D 209 8.40 71.65 -17.66
CA ARG D 209 7.04 72.14 -17.89
C ARG D 209 6.97 72.96 -19.17
N PHE D 210 7.96 73.83 -19.40
CA PHE D 210 7.98 74.62 -20.64
C PHE D 210 8.18 73.72 -21.85
N PHE D 211 8.97 72.66 -21.71
CA PHE D 211 9.13 71.70 -22.80
C PHE D 211 7.81 71.02 -23.11
N ASP D 212 7.03 70.68 -22.07
CA ASP D 212 5.72 70.09 -22.28
C ASP D 212 4.79 71.07 -22.99
N GLU D 213 4.82 72.34 -22.57
CA GLU D 213 3.95 73.33 -23.20
C GLU D 213 4.43 73.69 -24.60
N THR D 214 5.74 73.93 -24.76
CA THR D 214 6.31 74.33 -26.04
C THR D 214 7.42 73.36 -26.42
N GLY D 215 7.44 72.95 -27.68
CA GLY D 215 8.38 71.94 -28.13
C GLY D 215 9.83 72.36 -27.95
N GLN D 216 10.11 73.65 -28.09
CA GLN D 216 11.47 74.15 -27.97
C GLN D 216 11.98 73.98 -26.54
N ALA D 217 13.21 73.51 -26.41
CA ALA D 217 13.84 73.35 -25.10
C ALA D 217 14.39 74.67 -24.61
N THR D 218 14.24 74.92 -23.31
CA THR D 218 14.67 76.17 -22.71
C THR D 218 15.32 75.90 -21.36
N TYR D 219 16.14 76.87 -20.92
CA TYR D 219 16.80 76.82 -19.63
C TYR D 219 16.39 78.04 -18.82
N ALA D 220 16.08 77.83 -17.54
CA ALA D 220 15.53 78.88 -16.67
C ALA D 220 16.51 79.20 -15.56
N VAL D 221 16.63 80.48 -15.22
CA VAL D 221 17.47 80.96 -14.13
C VAL D 221 16.60 81.78 -13.19
N GLN D 222 16.76 81.56 -11.89
CA GLN D 222 15.94 82.24 -10.91
C GLN D 222 16.30 83.72 -10.83
N THR D 223 15.27 84.56 -10.70
CA THR D 223 15.43 86.00 -10.59
C THR D 223 14.95 86.56 -9.26
N GLY D 224 13.73 86.23 -8.84
CA GLY D 224 13.18 86.73 -7.59
C GLY D 224 12.05 85.85 -7.11
N THR D 225 11.55 86.19 -5.93
CA THR D 225 10.47 85.45 -5.29
C THR D 225 9.24 86.34 -5.15
N THR D 226 8.08 85.83 -5.56
CA THR D 226 6.82 86.56 -5.49
C THR D 226 5.79 85.71 -4.75
N THR D 227 5.05 86.35 -3.85
CA THR D 227 4.03 85.64 -3.09
C THR D 227 2.82 85.34 -3.98
N THR D 228 2.33 84.10 -3.88
CA THR D 228 1.17 83.67 -4.65
C THR D 228 0.23 82.90 -3.73
N GLU D 229 -1.04 82.84 -4.13
CA GLU D 229 -2.06 82.14 -3.36
C GLU D 229 -2.19 80.71 -3.88
N VAL D 230 -2.00 79.74 -2.99
CA VAL D 230 -2.08 78.32 -3.33
C VAL D 230 -3.09 77.66 -2.42
N GLU D 231 -3.93 76.80 -3.00
CA GLU D 231 -4.96 76.08 -2.27
C GLU D 231 -4.46 74.68 -1.93
N VAL D 232 -4.42 74.37 -0.64
CA VAL D 232 -4.00 73.07 -0.14
C VAL D 232 -5.23 72.34 0.39
N PRO D 233 -5.71 71.29 -0.29
CA PRO D 233 -6.90 70.59 0.19
C PRO D 233 -6.57 69.61 1.32
N LEU D 234 -7.23 69.80 2.47
CA LEU D 234 -6.99 68.91 3.59
C LEU D 234 -7.61 67.54 3.36
N ALA D 235 -8.86 67.50 2.89
CA ALA D 235 -9.58 66.25 2.74
C ALA D 235 -10.22 66.19 1.37
N ASN D 236 -9.95 65.11 0.62
CA ASN D 236 -10.59 64.79 -0.64
C ASN D 236 -10.78 63.28 -0.66
N HIS D 237 -11.94 62.81 -0.20
CA HIS D 237 -12.22 61.40 -0.06
C HIS D 237 -13.72 61.17 0.01
N PRO D 238 -14.20 60.07 -0.56
CA PRO D 238 -15.63 59.75 -0.44
C PRO D 238 -15.98 59.32 0.97
N THR D 239 -17.26 59.50 1.32
CA THR D 239 -17.77 59.13 2.63
C THR D 239 -18.90 58.11 2.46
N VAL D 240 -18.85 57.05 3.26
CA VAL D 240 -19.88 56.02 3.27
C VAL D 240 -20.42 55.93 4.69
N GLU D 241 -21.74 56.02 4.82
CA GLU D 241 -22.40 56.05 6.12
C GLU D 241 -23.70 55.26 6.07
N MET D 242 -23.93 54.43 7.07
CA MET D 242 -25.21 53.75 7.20
C MET D 242 -26.28 54.73 7.67
N LEU D 243 -27.53 54.47 7.26
CA LEU D 243 -28.64 55.34 7.55
C LEU D 243 -29.68 54.63 8.40
N ASN D 244 -30.19 55.34 9.41
CA ASN D 244 -31.31 54.84 10.17
C ASN D 244 -32.54 54.74 9.28
N PRO D 245 -33.22 53.59 9.26
CA PRO D 245 -34.40 53.44 8.39
C PRO D 245 -35.48 54.48 8.64
N GLU D 246 -35.62 54.95 9.89
CA GLU D 246 -36.65 55.94 10.19
C GLU D 246 -36.30 57.30 9.58
N ASN D 247 -35.02 57.54 9.32
CA ASN D 247 -34.61 58.85 8.81
C ASN D 247 -34.97 59.04 7.35
N ILE D 248 -34.79 58.00 6.53
CA ILE D 248 -34.97 58.10 5.09
C ILE D 248 -36.38 57.69 4.72
N ILE D 249 -37.03 58.48 3.88
CA ILE D 249 -38.36 58.18 3.35
C ILE D 249 -38.25 58.05 1.83
N ILE D 250 -38.73 56.92 1.31
CA ILE D 250 -38.62 56.61 -0.11
C ILE D 250 -40.02 56.67 -0.72
N ASP D 251 -40.05 56.86 -2.04
CA ASP D 251 -41.33 56.95 -2.76
C ASP D 251 -42.11 55.64 -2.62
N PRO D 252 -43.34 55.68 -2.10
CA PRO D 252 -44.11 54.45 -1.96
C PRO D 252 -44.58 53.85 -3.29
N SER D 253 -44.63 54.64 -4.35
CA SER D 253 -45.10 54.18 -5.65
C SER D 253 -43.95 53.71 -6.54
N CYS D 254 -42.85 53.24 -5.94
CA CYS D 254 -41.71 52.77 -6.73
C CYS D 254 -41.98 51.41 -7.36
N GLN D 255 -43.07 50.74 -6.98
CA GLN D 255 -43.41 49.41 -7.49
C GLN D 255 -42.32 48.38 -7.20
N GLY D 256 -41.70 48.49 -6.03
CA GLY D 256 -40.72 47.51 -5.59
C GLY D 256 -39.33 47.68 -6.14
N ASP D 257 -39.06 48.73 -6.90
CA ASP D 257 -37.74 48.95 -7.48
C ASP D 257 -37.24 50.32 -7.05
N ILE D 258 -36.02 50.35 -6.49
CA ILE D 258 -35.46 51.61 -5.99
C ILE D 258 -35.19 52.57 -7.15
N ASN D 259 -34.79 52.04 -8.31
CA ASN D 259 -34.48 52.89 -9.44
C ASN D 259 -35.73 53.60 -9.97
N LYS D 260 -36.90 52.98 -9.79
CA LYS D 260 -38.13 53.58 -10.31
C LYS D 260 -38.67 54.64 -9.36
N ALA D 261 -38.06 54.80 -8.18
CA ALA D 261 -38.54 55.79 -7.22
C ALA D 261 -38.36 57.20 -7.77
N MET D 262 -39.39 58.03 -7.59
CA MET D 262 -39.32 59.40 -8.09
C MET D 262 -38.45 60.28 -7.20
N PHE D 263 -38.52 60.10 -5.89
CA PHE D 263 -37.83 60.97 -4.95
C PHE D 263 -37.43 60.20 -3.70
N ALA D 264 -36.47 60.77 -2.97
CA ALA D 264 -36.02 60.22 -1.70
C ALA D 264 -35.61 61.38 -0.79
N ILE D 265 -36.01 61.31 0.48
CA ILE D 265 -35.77 62.38 1.44
C ILE D 265 -35.04 61.78 2.64
N VAL D 266 -33.94 62.43 3.04
CA VAL D 266 -33.12 61.98 4.16
C VAL D 266 -32.85 63.17 5.07
N SER D 267 -32.89 62.94 6.38
CA SER D 267 -32.62 63.97 7.37
C SER D 267 -31.38 63.59 8.18
N PHE D 268 -30.49 64.56 8.37
CA PHE D 268 -29.22 64.32 9.04
C PHE D 268 -28.90 65.49 9.96
N GLU D 269 -27.89 65.30 10.79
CA GLU D 269 -27.40 66.32 11.71
C GLU D 269 -26.19 67.03 11.10
N THR D 270 -26.18 68.35 11.19
CA THR D 270 -25.10 69.14 10.61
C THR D 270 -24.86 70.39 11.47
N CYS D 271 -23.70 71.00 11.28
CA CYS D 271 -23.32 72.20 11.98
C CYS D 271 -22.97 73.28 10.96
N LYS D 272 -22.79 74.51 11.48
CA LYS D 272 -22.52 75.64 10.59
C LYS D 272 -21.17 75.50 9.90
N ALA D 273 -20.20 74.86 10.57
CA ALA D 273 -18.89 74.68 9.97
C ALA D 273 -18.95 73.82 8.72
N ASP D 274 -19.78 72.76 8.75
CA ASP D 274 -19.92 71.91 7.58
C ASP D 274 -20.50 72.68 6.40
N LEU D 275 -21.48 73.54 6.64
CA LEU D 275 -22.05 74.34 5.58
C LEU D 275 -21.06 75.39 5.07
N LEU D 276 -20.26 75.95 5.98
CA LEU D 276 -19.27 76.95 5.58
C LEU D 276 -18.06 76.35 4.89
N LYS D 277 -17.87 75.03 4.99
CA LYS D 277 -16.79 74.39 4.24
C LYS D 277 -16.91 74.67 2.74
N GLU D 278 -18.14 74.66 2.22
CA GLU D 278 -18.42 74.99 0.82
C GLU D 278 -19.38 76.18 0.82
N LYS D 279 -18.81 77.38 0.83
CA LYS D 279 -19.63 78.59 0.91
C LYS D 279 -20.47 78.79 -0.34
N ASP D 280 -19.90 78.51 -1.51
CA ASP D 280 -20.61 78.77 -2.76
C ASP D 280 -21.82 77.85 -2.91
N ARG D 281 -21.77 76.65 -2.31
CA ARG D 281 -22.86 75.69 -2.49
C ARG D 281 -24.14 76.17 -1.82
N TYR D 282 -24.04 76.79 -0.65
CA TYR D 282 -25.20 77.13 0.18
C TYR D 282 -25.45 78.63 0.16
N HIS D 283 -26.73 78.99 0.24
CA HIS D 283 -27.15 80.38 0.32
C HIS D 283 -28.09 80.55 1.51
N ASN D 284 -28.41 81.81 1.81
CA ASN D 284 -29.37 82.17 2.86
C ASN D 284 -28.98 81.60 4.23
N LEU D 285 -27.68 81.59 4.52
CA LEU D 285 -27.22 81.06 5.81
C LEU D 285 -27.58 81.99 6.96
N ASN D 286 -27.64 83.30 6.68
CA ASN D 286 -27.91 84.27 7.74
C ASN D 286 -29.35 84.17 8.24
N LYS D 287 -30.28 83.84 7.35
CA LYS D 287 -31.69 83.79 7.74
C LYS D 287 -31.99 82.62 8.67
N ILE D 288 -31.09 81.64 8.72
CA ILE D 288 -31.34 80.45 9.54
C ILE D 288 -31.31 80.81 11.02
N ASP D 289 -32.32 80.36 11.75
CA ASP D 289 -32.36 80.45 13.20
C ASP D 289 -32.01 79.08 13.78
N TRP D 290 -30.86 79.01 14.47
CA TRP D 290 -30.34 77.72 14.88
C TRP D 290 -31.16 77.11 16.01
N GLN D 291 -31.71 77.94 16.89
CA GLN D 291 -32.48 77.42 18.03
C GLN D 291 -33.77 76.77 17.58
N SER D 292 -34.40 77.30 16.54
CA SER D 292 -35.67 76.74 16.08
C SER D 292 -35.51 75.32 15.57
N SER D 293 -34.44 75.05 14.84
CA SER D 293 -34.16 73.73 14.30
C SER D 293 -33.19 73.01 15.23
N ALA D 294 -33.73 72.16 16.11
CA ALA D 294 -32.92 71.45 17.09
C ALA D 294 -33.39 70.00 17.13
N PRO D 295 -32.52 69.07 17.53
CA PRO D 295 -32.94 67.67 17.63
C PRO D 295 -34.13 67.46 18.55
N VAL D 296 -34.19 68.19 19.67
CA VAL D 296 -35.33 68.09 20.56
C VAL D 296 -36.58 68.69 19.91
N ASN D 297 -36.39 69.74 19.10
CA ASN D 297 -37.54 70.41 18.48
C ASN D 297 -38.23 69.51 17.46
N GLU D 298 -37.48 68.59 16.84
CA GLU D 298 -38.05 67.71 15.83
C GLU D 298 -38.18 66.30 16.38
N PRO D 299 -39.37 65.86 16.80
CA PRO D 299 -39.50 64.47 17.26
C PRO D 299 -39.27 63.45 16.17
N ASP D 300 -39.48 63.82 14.91
CA ASP D 300 -39.40 62.85 13.82
C ASP D 300 -37.99 62.30 13.67
N HIS D 301 -36.98 63.15 13.79
CA HIS D 301 -35.61 62.70 13.64
C HIS D 301 -35.21 61.79 14.79
N ALA D 302 -34.63 60.64 14.46
CA ALA D 302 -34.21 59.64 15.44
C ALA D 302 -32.69 59.66 15.54
N THR D 303 -32.18 59.93 16.74
CA THR D 303 -30.74 60.02 16.97
C THR D 303 -30.44 59.58 18.39
N THR D 304 -29.16 59.27 18.63
CA THR D 304 -28.68 58.88 19.96
C THR D 304 -28.17 60.07 20.75
N THR D 305 -28.21 61.27 20.19
CA THR D 305 -27.74 62.45 20.91
C THR D 305 -28.62 62.72 22.12
N PRO D 306 -28.05 63.04 23.28
CA PRO D 306 -28.88 63.40 24.44
C PRO D 306 -29.75 64.61 24.14
N GLN D 307 -30.95 64.60 24.72
CA GLN D 307 -31.92 65.65 24.43
C GLN D 307 -31.42 67.02 24.90
N GLU D 308 -30.81 67.08 26.08
CA GLU D 308 -30.42 68.35 26.68
C GLU D 308 -28.99 68.76 26.33
N PHE D 309 -28.27 67.98 25.53
CA PHE D 309 -26.89 68.32 25.20
C PHE D 309 -26.86 69.41 24.15
N GLN D 310 -26.12 70.49 24.43
CA GLN D 310 -25.97 71.60 23.51
C GLN D 310 -24.54 72.14 23.63
N ILE D 311 -23.86 72.27 22.50
CA ILE D 311 -22.50 72.80 22.50
C ILE D 311 -22.54 74.32 22.67
N SER D 312 -21.65 74.84 23.52
CA SER D 312 -21.66 76.26 23.83
C SER D 312 -21.35 77.10 22.59
N ASP D 313 -20.36 76.70 21.81
CA ASP D 313 -19.96 77.50 20.65
C ASP D 313 -21.04 77.46 19.58
N PRO D 314 -21.51 78.63 19.12
CA PRO D 314 -22.54 78.63 18.07
C PRO D 314 -22.10 77.97 16.78
N MET D 315 -20.80 78.05 16.45
CA MET D 315 -20.32 77.48 15.19
C MET D 315 -20.41 75.96 15.20
N ARG D 316 -20.20 75.34 16.36
CA ARG D 316 -20.13 73.88 16.45
C ARG D 316 -21.46 73.25 16.88
N LYS D 317 -22.52 74.03 17.04
CA LYS D 317 -23.79 73.47 17.47
C LYS D 317 -24.46 72.74 16.30
N ARG D 318 -25.11 71.63 16.61
CA ARG D 318 -25.68 70.73 15.60
C ARG D 318 -27.15 71.05 15.38
N VAL D 319 -27.54 71.12 14.11
CA VAL D 319 -28.92 71.39 13.71
C VAL D 319 -29.36 70.35 12.70
N VAL D 320 -30.66 70.06 12.68
CA VAL D 320 -31.19 69.07 11.76
C VAL D 320 -31.47 69.70 10.41
N ALA D 321 -31.14 68.97 9.33
CA ALA D 321 -31.35 69.45 7.98
C ALA D 321 -31.97 68.33 7.15
N TYR D 322 -32.62 68.71 6.05
CA TYR D 322 -33.30 67.79 5.15
C TYR D 322 -32.77 67.96 3.74
N GLU D 323 -32.80 66.88 2.96
CA GLU D 323 -32.42 66.92 1.56
C GLU D 323 -33.47 66.20 0.72
N TYR D 324 -33.61 66.63 -0.52
CA TYR D 324 -34.59 66.07 -1.46
C TYR D 324 -33.86 65.65 -2.72
N TRP D 325 -33.72 64.35 -2.92
CA TRP D 325 -33.10 63.78 -4.11
C TRP D 325 -34.20 63.19 -4.98
N GLY D 326 -34.35 63.73 -6.19
CA GLY D 326 -35.41 63.28 -7.06
C GLY D 326 -35.32 63.90 -8.44
N PHE D 327 -36.34 63.62 -9.25
CA PHE D 327 -36.43 64.09 -10.63
C PHE D 327 -37.52 65.15 -10.72
N TRP D 328 -37.22 66.26 -11.40
CA TRP D 328 -38.16 67.34 -11.57
C TRP D 328 -38.09 67.87 -12.99
N ASP D 329 -39.20 68.44 -13.45
CA ASP D 329 -39.27 69.10 -14.77
C ASP D 329 -38.87 70.55 -14.57
N ILE D 330 -37.57 70.82 -14.75
CA ILE D 330 -37.05 72.16 -14.45
C ILE D 330 -37.55 73.18 -15.47
N GLU D 331 -37.57 72.80 -16.75
CA GLU D 331 -37.96 73.73 -17.81
C GLU D 331 -39.43 73.65 -18.18
N GLY D 332 -40.18 72.74 -17.57
CA GLY D 332 -41.61 72.67 -17.80
C GLY D 332 -42.05 72.11 -19.13
N ASN D 333 -41.14 71.48 -19.88
CA ASN D 333 -41.46 70.95 -21.20
C ASN D 333 -41.69 69.45 -21.19
N GLY D 334 -41.84 68.83 -20.02
CA GLY D 334 -42.04 67.40 -19.93
C GLY D 334 -40.78 66.57 -19.83
N VAL D 335 -39.63 67.20 -19.55
CA VAL D 335 -38.37 66.50 -19.44
C VAL D 335 -37.95 66.49 -17.98
N LEU D 336 -37.77 65.31 -17.41
CA LEU D 336 -37.38 65.16 -16.01
C LEU D 336 -35.88 64.96 -15.89
N GLU D 337 -35.25 65.73 -15.02
CA GLU D 337 -33.82 65.61 -14.76
C GLU D 337 -33.57 65.55 -13.25
N PRO D 338 -32.52 64.86 -12.82
CA PRO D 338 -32.26 64.75 -11.37
C PRO D 338 -31.87 66.09 -10.78
N ILE D 339 -32.29 66.30 -9.53
CA ILE D 339 -32.01 67.54 -8.80
C ILE D 339 -31.68 67.19 -7.35
N VAL D 340 -31.22 68.20 -6.61
CA VAL D 340 -31.01 68.09 -5.17
C VAL D 340 -31.43 69.41 -4.52
N ALA D 341 -32.11 69.32 -3.38
CA ALA D 341 -32.57 70.50 -2.65
C ALA D 341 -32.38 70.27 -1.15
N THR D 342 -31.82 71.27 -0.47
CA THR D 342 -31.56 71.21 0.96
C THR D 342 -32.22 72.39 1.64
N TRP D 343 -32.95 72.13 2.73
CA TRP D 343 -33.59 73.18 3.50
C TRP D 343 -33.44 72.90 4.99
N ILE D 344 -33.30 73.97 5.76
CA ILE D 344 -33.24 73.90 7.22
C ILE D 344 -34.44 74.66 7.78
N GLY D 345 -35.25 73.99 8.59
CA GLY D 345 -36.45 74.64 9.10
C GLY D 345 -37.43 74.93 7.98
N SER D 346 -37.66 76.20 7.73
CA SER D 346 -38.54 76.65 6.66
C SER D 346 -37.81 77.48 5.61
N THR D 347 -36.48 77.43 5.57
CA THR D 347 -35.68 78.20 4.64
C THR D 347 -34.94 77.26 3.70
N LEU D 348 -35.01 77.54 2.40
CA LEU D 348 -34.33 76.75 1.38
C LEU D 348 -32.94 77.34 1.17
N ILE D 349 -31.90 76.53 1.41
CA ILE D 349 -30.54 77.06 1.39
C ILE D 349 -29.82 76.65 0.12
N ARG D 350 -30.12 75.48 -0.42
CA ARG D 350 -29.39 74.93 -1.55
C ARG D 350 -30.35 74.37 -2.58
N LEU D 351 -30.08 74.67 -3.86
CA LEU D 351 -30.88 74.16 -4.97
C LEU D 351 -29.99 74.08 -6.20
N GLU D 352 -29.78 72.88 -6.71
CA GLU D 352 -28.94 72.68 -7.88
C GLU D 352 -29.21 71.30 -8.45
N LYS D 353 -28.56 71.02 -9.58
CA LYS D 353 -28.70 69.73 -10.25
C LYS D 353 -27.90 68.66 -9.53
N ASN D 354 -28.07 67.42 -9.99
CA ASN D 354 -27.36 66.30 -9.39
C ASN D 354 -25.87 66.40 -9.71
N PRO D 355 -24.99 66.46 -8.71
CA PRO D 355 -23.56 66.62 -9.00
C PRO D 355 -22.89 65.33 -9.43
N TYR D 356 -23.33 64.19 -8.90
CA TYR D 356 -22.65 62.94 -9.17
C TYR D 356 -22.85 62.47 -10.61
N PRO D 357 -21.81 61.93 -11.24
CA PRO D 357 -21.91 61.56 -12.66
C PRO D 357 -22.93 60.49 -12.95
N ASP D 358 -23.17 59.57 -12.00
CA ASP D 358 -24.04 58.43 -12.28
C ASP D 358 -25.47 58.86 -12.59
N GLY D 359 -25.94 59.93 -11.93
CA GLY D 359 -27.28 60.43 -12.16
C GLY D 359 -28.38 59.71 -11.42
N LYS D 360 -28.05 58.87 -10.45
CA LYS D 360 -29.02 58.13 -9.67
C LYS D 360 -28.95 58.58 -8.22
N LEU D 361 -29.98 58.23 -7.45
CA LEU D 361 -30.00 58.56 -6.04
C LEU D 361 -28.88 57.79 -5.32
N PRO D 362 -28.10 58.46 -4.46
CA PRO D 362 -26.97 57.80 -3.79
C PRO D 362 -27.41 56.95 -2.60
N PHE D 363 -28.28 55.99 -2.87
CA PHE D 363 -28.77 55.07 -1.84
C PHE D 363 -28.74 53.65 -2.38
N VAL D 364 -28.41 52.71 -1.49
CA VAL D 364 -28.33 51.30 -1.82
C VAL D 364 -29.13 50.52 -0.78
N LEU D 365 -30.03 49.66 -1.24
CA LEU D 365 -30.87 48.86 -0.36
C LEU D 365 -30.55 47.39 -0.54
N ILE D 366 -30.40 46.68 0.58
CA ILE D 366 -30.04 45.26 0.58
C ILE D 366 -31.03 44.54 1.49
N PRO D 367 -31.84 43.62 0.98
CA PRO D 367 -32.81 42.93 1.84
C PRO D 367 -32.25 41.64 2.42
N TYR D 368 -32.59 41.36 3.69
CA TYR D 368 -32.15 40.11 4.31
C TYR D 368 -32.90 38.91 3.74
N MET D 369 -34.24 38.96 3.78
CA MET D 369 -35.08 37.94 3.17
C MET D 369 -36.00 38.63 2.19
N PRO D 370 -35.79 38.49 0.89
CA PRO D 370 -36.60 39.23 -0.08
C PRO D 370 -38.07 38.84 -0.04
N VAL D 371 -38.92 39.84 -0.32
CA VAL D 371 -40.36 39.63 -0.48
C VAL D 371 -40.69 39.95 -1.93
N LYS D 372 -41.40 39.03 -2.59
CA LYS D 372 -41.65 39.17 -4.02
C LYS D 372 -42.42 40.45 -4.32
N ARG D 373 -41.96 41.19 -5.32
CA ARG D 373 -42.57 42.45 -5.73
C ARG D 373 -42.67 43.43 -4.56
N ASP D 374 -41.64 43.45 -3.71
CA ASP D 374 -41.58 44.36 -2.58
C ASP D 374 -40.16 44.87 -2.41
N MET D 375 -40.05 46.10 -1.90
CA MET D 375 -38.74 46.73 -1.76
C MET D 375 -38.03 46.29 -0.49
N TYR D 376 -38.77 46.09 0.60
CA TYR D 376 -38.17 45.80 1.88
C TYR D 376 -37.96 44.30 2.08
N GLY D 377 -37.32 43.95 3.19
CA GLY D 377 -37.08 42.57 3.53
C GLY D 377 -37.58 42.25 4.92
N GLU D 378 -37.38 40.98 5.32
CA GLU D 378 -37.90 40.55 6.60
C GLU D 378 -36.82 39.87 7.43
N PRO D 379 -36.82 40.06 8.74
CA PRO D 379 -35.89 39.33 9.62
C PRO D 379 -36.46 37.99 10.05
N ASP D 380 -35.70 37.30 10.90
CA ASP D 380 -36.10 35.98 11.37
C ASP D 380 -36.99 36.06 12.61
N ALA D 381 -37.15 37.24 13.21
CA ALA D 381 -37.95 37.35 14.42
C ALA D 381 -39.42 37.05 14.16
N GLU D 382 -39.90 37.31 12.94
CA GLU D 382 -41.29 37.07 12.59
C GLU D 382 -41.67 35.61 12.83
N LEU D 383 -40.77 34.70 12.47
CA LEU D 383 -41.08 33.28 12.60
C LEU D 383 -40.85 32.79 14.02
N LEU D 384 -40.02 33.48 14.80
CA LEU D 384 -39.51 32.97 16.06
C LEU D 384 -40.14 33.62 17.29
N GLY D 385 -40.97 34.65 17.12
CA GLY D 385 -41.59 35.27 18.28
C GLY D 385 -42.44 34.32 19.10
N ASP D 386 -43.27 33.52 18.42
CA ASP D 386 -44.12 32.57 19.12
C ASP D 386 -43.31 31.53 19.86
N ASN D 387 -42.28 30.98 19.21
CA ASN D 387 -41.43 29.98 19.86
C ASN D 387 -40.71 30.58 21.06
N GLN D 388 -40.24 31.81 20.94
CA GLN D 388 -39.59 32.47 22.07
C GLN D 388 -40.56 32.64 23.23
N ALA D 389 -41.80 33.04 22.94
CA ALA D 389 -42.78 33.22 24.01
C ALA D 389 -43.07 31.89 24.70
N VAL D 390 -43.27 30.82 23.93
CA VAL D 390 -43.58 29.52 24.52
C VAL D 390 -42.41 29.01 25.36
N LEU D 391 -41.19 29.14 24.84
CA LEU D 391 -40.02 28.69 25.59
C LEU D 391 -39.86 29.48 26.88
N GLY D 392 -40.06 30.79 26.82
CA GLY D 392 -39.99 31.59 28.04
C GLY D 392 -41.04 31.18 29.06
N ALA D 393 -42.26 30.91 28.59
CA ALA D 393 -43.31 30.47 29.51
C ALA D 393 -42.96 29.14 30.17
N VAL D 394 -42.44 28.19 29.39
CA VAL D 394 -42.06 26.90 29.96
C VAL D 394 -40.95 27.06 30.99
N MET D 395 -39.93 27.85 30.65
CA MET D 395 -38.81 28.06 31.58
C MET D 395 -39.28 28.74 32.86
N ARG D 396 -40.17 29.73 32.73
CA ARG D 396 -40.73 30.38 33.91
C ARG D 396 -41.51 29.39 34.76
N GLY D 397 -42.27 28.50 34.12
CA GLY D 397 -42.99 27.49 34.88
C GLY D 397 -42.07 26.59 35.68
N MET D 398 -41.00 26.10 35.05
CA MET D 398 -40.05 25.24 35.76
C MET D 398 -39.39 25.98 36.92
N ILE D 399 -38.96 27.23 36.68
CA ILE D 399 -38.26 27.97 37.72
C ILE D 399 -39.19 28.30 38.88
N ASP D 400 -40.44 28.63 38.58
CA ASP D 400 -41.43 28.86 39.63
C ASP D 400 -41.68 27.59 40.44
N LEU D 401 -41.80 26.46 39.75
CA LEU D 401 -42.02 25.19 40.44
C LEU D 401 -40.88 24.89 41.40
N LEU D 402 -39.64 25.10 40.98
CA LEU D 402 -38.51 24.83 41.87
C LEU D 402 -38.44 25.86 43.01
N GLY D 403 -38.61 27.14 42.69
CA GLY D 403 -38.42 28.18 43.69
C GLY D 403 -39.47 28.18 44.78
N ARG D 404 -40.74 27.95 44.41
CA ARG D 404 -41.81 28.09 45.39
C ARG D 404 -41.82 26.96 46.40
N SER D 405 -41.17 25.84 46.07
CA SER D 405 -41.15 24.70 46.99
C SER D 405 -40.28 24.99 48.20
N ALA D 406 -40.63 24.36 49.32
CA ALA D 406 -39.85 24.52 50.55
C ALA D 406 -38.69 23.53 50.55
N ASN D 407 -37.49 24.04 50.84
CA ASN D 407 -36.28 23.23 50.84
C ASN D 407 -35.52 23.46 52.14
N GLY D 408 -34.99 22.39 52.72
CA GLY D 408 -34.19 22.47 53.94
C GLY D 408 -34.98 22.39 55.23
N GLN D 409 -36.30 22.45 55.18
CA GLN D 409 -37.09 22.37 56.39
C GLN D 409 -37.16 20.92 56.89
N ARG D 410 -37.41 20.78 58.19
CA ARG D 410 -37.52 19.47 58.82
C ARG D 410 -38.83 19.40 59.59
N GLY D 411 -39.55 18.29 59.42
CA GLY D 411 -40.83 18.06 60.09
C GLY D 411 -40.69 16.98 61.15
N MET D 412 -41.27 17.24 62.32
CA MET D 412 -41.16 16.34 63.46
C MET D 412 -42.54 15.96 63.96
N PRO D 413 -42.83 14.66 64.11
CA PRO D 413 -44.10 14.25 64.72
C PRO D 413 -44.16 14.59 66.21
N LYS D 414 -45.36 14.84 66.69
CA LYS D 414 -45.53 15.18 68.10
C LYS D 414 -45.51 13.93 68.96
N GLY D 415 -44.78 13.99 70.08
CA GLY D 415 -44.73 12.91 71.03
C GLY D 415 -43.66 11.86 70.78
N MET D 416 -42.94 11.95 69.66
CA MET D 416 -41.87 10.99 69.41
C MET D 416 -40.75 11.13 70.43
N LEU D 417 -40.37 12.37 70.76
CA LEU D 417 -39.30 12.64 71.70
C LEU D 417 -39.78 13.61 72.76
N ASP D 418 -39.46 13.33 74.03
CA ASP D 418 -39.77 14.26 75.09
C ASP D 418 -38.78 15.43 75.06
N ALA D 419 -38.91 16.32 76.05
CA ALA D 419 -38.17 17.58 76.02
C ALA D 419 -36.66 17.34 76.00
N LEU D 420 -36.16 16.50 76.90
CA LEU D 420 -34.72 16.28 76.98
C LEU D 420 -34.18 15.59 75.73
N ASN D 421 -34.89 14.56 75.26
CA ASN D 421 -34.44 13.86 74.06
C ASN D 421 -34.54 14.74 72.82
N SER D 422 -35.58 15.58 72.75
CA SER D 422 -35.70 16.51 71.64
C SER D 422 -34.56 17.51 71.63
N ARG D 423 -34.20 18.03 72.82
CA ARG D 423 -33.06 18.94 72.90
C ARG D 423 -31.77 18.23 72.49
N ARG D 424 -31.58 17.00 72.94
CA ARG D 424 -30.37 16.25 72.58
C ARG D 424 -30.30 16.05 71.07
N TYR D 425 -31.44 15.72 70.45
CA TYR D 425 -31.48 15.59 68.99
C TYR D 425 -31.15 16.91 68.31
N ARG D 426 -31.69 18.01 68.83
CA ARG D 426 -31.49 19.32 68.20
C ARG D 426 -30.03 19.77 68.27
N GLU D 427 -29.38 19.55 69.40
CA GLU D 427 -27.98 19.97 69.52
C GLU D 427 -27.08 19.16 68.60
N GLY D 428 -27.39 17.89 68.39
CA GLY D 428 -26.60 17.08 67.48
C GLY D 428 -25.91 15.91 68.13
N GLU D 429 -26.51 15.34 69.16
CA GLU D 429 -25.94 14.19 69.86
C GLU D 429 -26.96 13.06 69.86
N ASP D 430 -26.55 11.92 70.43
CA ASP D 430 -27.38 10.73 70.43
C ASP D 430 -28.66 10.96 71.24
N TYR D 431 -29.74 10.33 70.81
CA TYR D 431 -31.04 10.47 71.44
C TYR D 431 -31.67 9.10 71.63
N GLU D 432 -32.83 9.09 72.29
CA GLU D 432 -33.58 7.88 72.58
C GLU D 432 -35.07 8.16 72.35
N TYR D 433 -35.69 7.35 71.50
CA TYR D 433 -37.03 7.63 71.01
C TYR D 433 -38.03 6.56 71.45
N ASN D 434 -39.30 6.89 71.35
CA ASN D 434 -40.36 5.96 71.70
C ASN D 434 -40.54 4.93 70.58
N PRO D 435 -40.62 3.64 70.90
CA PRO D 435 -40.67 2.61 69.84
C PRO D 435 -41.92 2.70 68.97
N THR D 436 -42.97 3.37 69.44
CA THR D 436 -44.22 3.43 68.67
C THR D 436 -44.02 4.13 67.33
N GLN D 437 -43.23 5.21 67.32
CA GLN D 437 -42.99 5.98 66.11
C GLN D 437 -41.57 5.74 65.63
N ASN D 438 -41.40 5.59 64.31
CA ASN D 438 -40.11 5.29 63.72
C ASN D 438 -39.50 6.55 63.13
N PRO D 439 -38.39 7.07 63.67
CA PRO D 439 -37.83 8.32 63.15
C PRO D 439 -37.42 8.24 61.69
N ALA D 440 -37.13 7.05 61.17
CA ALA D 440 -36.66 6.92 59.80
C ALA D 440 -37.72 7.39 58.81
N GLN D 441 -38.99 7.11 59.10
CA GLN D 441 -40.05 7.47 58.16
C GLN D 441 -40.74 8.76 58.57
N MET D 442 -40.98 8.94 59.87
CA MET D 442 -41.78 10.07 60.33
C MET D 442 -41.03 11.39 60.21
N ILE D 443 -39.72 11.38 60.45
CA ILE D 443 -38.93 12.59 60.24
C ILE D 443 -38.81 12.86 58.75
N ILE D 444 -39.25 14.05 58.33
CA ILE D 444 -39.33 14.40 56.92
C ILE D 444 -38.41 15.60 56.67
N GLU D 445 -37.53 15.46 55.68
CA GLU D 445 -36.70 16.56 55.20
C GLU D 445 -37.12 16.88 53.78
N HIS D 446 -37.50 18.14 53.55
CA HIS D 446 -38.09 18.52 52.27
C HIS D 446 -37.01 18.69 51.21
N LYS D 447 -37.40 18.48 49.96
CA LYS D 447 -36.48 18.53 48.83
C LYS D 447 -37.18 19.18 47.64
N PHE D 448 -36.40 19.41 46.59
CA PHE D 448 -36.96 19.97 45.37
C PHE D 448 -37.88 18.96 44.70
N PRO D 449 -39.00 19.39 44.14
CA PRO D 449 -39.88 18.46 43.42
C PRO D 449 -39.24 18.02 42.11
N GLU D 450 -39.65 16.85 41.63
CA GLU D 450 -39.10 16.32 40.39
C GLU D 450 -39.74 17.00 39.18
N LEU D 451 -38.90 17.40 38.24
CA LEU D 451 -39.40 18.10 37.05
C LEU D 451 -40.12 17.13 36.12
N PRO D 452 -41.27 17.51 35.58
CA PRO D 452 -41.95 16.65 34.60
C PRO D 452 -41.23 16.65 33.27
N GLN D 453 -41.42 15.56 32.51
CA GLN D 453 -40.76 15.44 31.21
C GLN D 453 -41.43 16.32 30.16
N SER D 454 -42.66 16.77 30.42
CA SER D 454 -43.39 17.56 29.43
C SER D 454 -42.69 18.88 29.13
N ALA D 455 -42.18 19.54 30.16
CA ALA D 455 -41.51 20.83 29.96
C ALA D 455 -40.26 20.67 29.10
N LEU D 456 -39.44 19.66 29.40
CA LEU D 456 -38.24 19.43 28.59
C LEU D 456 -38.60 19.05 27.16
N THR D 457 -39.60 18.20 26.99
CA THR D 457 -40.01 17.80 25.65
C THR D 457 -40.49 18.99 24.84
N MET D 458 -41.30 19.86 25.44
CA MET D 458 -41.82 21.01 24.70
C MET D 458 -40.73 22.03 24.41
N ALA D 459 -39.79 22.22 25.35
CA ALA D 459 -38.67 23.10 25.09
C ALA D 459 -37.84 22.58 23.91
N THR D 460 -37.59 21.26 23.88
CA THR D 460 -36.87 20.67 22.76
C THR D 460 -37.63 20.85 21.46
N LEU D 461 -38.96 20.66 21.48
CA LEU D 461 -39.76 20.82 20.27
C LEU D 461 -39.71 22.26 19.76
N GLN D 462 -39.82 23.24 20.66
CA GLN D 462 -39.72 24.64 20.24
C GLN D 462 -38.35 24.95 19.66
N ASN D 463 -37.29 24.46 20.30
CA ASN D 463 -35.94 24.70 19.77
C ASN D 463 -35.77 24.07 18.39
N GLN D 464 -36.25 22.84 18.22
CA GLN D 464 -36.12 22.18 16.92
C GLN D 464 -36.92 22.89 15.84
N GLU D 465 -38.13 23.35 16.18
CA GLU D 465 -38.93 24.09 15.21
C GLU D 465 -38.25 25.40 14.82
N ALA D 466 -37.66 26.09 15.81
CA ALA D 466 -36.96 27.34 15.51
C ALA D 466 -35.76 27.09 14.61
N GLU D 467 -34.98 26.04 14.89
CA GLU D 467 -33.82 25.74 14.06
C GLU D 467 -34.24 25.32 12.66
N SER D 468 -35.35 24.60 12.53
CA SER D 468 -35.84 24.19 11.22
C SER D 468 -36.30 25.41 10.41
N LEU D 469 -37.06 26.30 11.04
CA LEU D 469 -37.54 27.48 10.33
C LEU D 469 -36.40 28.40 9.93
N THR D 470 -35.50 28.70 10.87
CA THR D 470 -34.40 29.62 10.59
C THR D 470 -33.34 28.97 9.72
N GLY D 471 -33.00 27.70 10.00
CA GLY D 471 -31.91 27.05 9.32
C GLY D 471 -30.56 27.20 9.98
N VAL D 472 -30.52 27.62 11.24
CA VAL D 472 -29.27 27.85 11.96
C VAL D 472 -29.19 26.86 13.12
N LYS D 473 -28.06 26.17 13.23
CA LYS D 473 -27.77 25.29 14.35
C LYS D 473 -26.71 25.95 15.23
N ALA D 474 -26.61 25.45 16.46
CA ALA D 474 -25.74 26.10 17.44
C ALA D 474 -24.28 26.06 17.01
N PHE D 475 -23.70 24.86 16.92
CA PHE D 475 -22.26 24.72 16.70
C PHE D 475 -21.93 24.12 15.34
N ALA D 476 -22.69 24.45 14.31
CA ALA D 476 -22.47 23.93 12.96
C ALA D 476 -22.59 25.05 11.95
N GLY D 477 -21.92 24.87 10.81
CA GLY D 477 -22.02 25.80 9.71
C GLY D 477 -21.11 27.00 9.82
N GLY D 478 -21.39 27.98 8.98
CA GLY D 478 -20.64 29.21 8.95
C GLY D 478 -19.45 29.26 8.01
N VAL D 479 -19.16 28.15 7.32
CA VAL D 479 -17.97 28.05 6.47
C VAL D 479 -18.31 28.36 5.01
N THR D 480 -19.43 29.06 4.76
CA THR D 480 -19.80 29.36 3.38
C THR D 480 -18.88 30.40 2.77
N GLY D 481 -18.30 31.27 3.60
CA GLY D 481 -17.47 32.34 3.08
C GLY D 481 -16.21 31.86 2.40
N GLU D 482 -15.64 30.74 2.86
CA GLU D 482 -14.42 30.22 2.26
C GLU D 482 -14.67 29.71 0.85
N SER D 483 -15.94 29.43 0.51
CA SER D 483 -16.30 28.90 -0.79
C SER D 483 -16.92 29.96 -1.71
N TYR D 484 -16.76 31.25 -1.37
CA TYR D 484 -17.34 32.30 -2.20
C TYR D 484 -16.68 32.34 -3.57
N GLY D 485 -15.37 32.09 -3.63
CA GLY D 485 -14.67 32.16 -4.89
C GLY D 485 -15.24 31.21 -5.92
N ASP D 486 -15.46 31.73 -7.13
CA ASP D 486 -16.06 30.91 -8.18
C ASP D 486 -15.11 29.81 -8.63
N VAL D 487 -13.99 30.18 -9.25
CA VAL D 487 -13.00 29.18 -9.65
C VAL D 487 -12.33 28.58 -8.43
N ALA D 488 -12.37 29.28 -7.30
CA ALA D 488 -11.71 28.79 -6.09
C ALA D 488 -12.39 27.54 -5.56
N ALA D 489 -13.67 27.64 -5.20
CA ALA D 489 -14.36 26.48 -4.65
C ALA D 489 -15.75 26.24 -5.24
N GLY D 490 -16.28 27.14 -6.07
CA GLY D 490 -17.57 26.87 -6.68
C GLY D 490 -17.52 25.69 -7.63
N ILE D 491 -16.39 25.50 -8.31
CA ILE D 491 -16.24 24.37 -9.21
C ILE D 491 -16.12 23.09 -8.41
N ARG D 492 -17.04 22.15 -8.66
CA ARG D 492 -17.07 20.87 -7.95
C ARG D 492 -17.09 21.09 -6.43
N GLY D 493 -17.86 22.08 -6.00
CA GLY D 493 -17.98 22.39 -4.59
C GLY D 493 -19.30 21.93 -4.01
N VAL D 494 -19.26 20.95 -3.11
CA VAL D 494 -20.45 20.36 -2.53
C VAL D 494 -20.58 20.86 -1.09
N LEU D 495 -21.72 21.47 -0.78
CA LEU D 495 -22.02 21.96 0.55
C LEU D 495 -23.40 21.48 0.96
N ASP D 496 -23.59 21.33 2.28
CA ASP D 496 -24.86 20.86 2.80
C ASP D 496 -25.97 21.88 2.52
N ALA D 497 -27.21 21.44 2.75
CA ALA D 497 -28.36 22.27 2.40
C ALA D 497 -28.39 23.57 3.19
N ALA D 498 -27.87 23.55 4.42
CA ALA D 498 -27.94 24.75 5.25
C ALA D 498 -26.95 25.82 4.79
N SER D 499 -25.92 25.44 4.04
CA SER D 499 -24.90 26.41 3.65
C SER D 499 -25.38 27.32 2.53
N LYS D 500 -26.32 26.85 1.71
CA LYS D 500 -26.68 27.59 0.50
C LYS D 500 -27.51 28.83 0.81
N ARG D 501 -28.30 28.78 1.89
CA ARG D 501 -29.04 29.99 2.29
C ARG D 501 -28.08 31.09 2.71
N GLU D 502 -27.07 30.75 3.51
CA GLU D 502 -26.05 31.72 3.89
C GLU D 502 -25.27 32.19 2.67
N MET D 503 -25.03 31.28 1.72
CA MET D 503 -24.36 31.67 0.48
C MET D 503 -25.17 32.71 -0.28
N ALA D 504 -26.49 32.50 -0.37
CA ALA D 504 -27.36 33.45 -1.07
C ALA D 504 -27.36 34.80 -0.37
N ILE D 505 -27.42 34.82 0.97
CA ILE D 505 -27.39 36.09 1.69
C ILE D 505 -26.05 36.79 1.49
N LEU D 506 -24.97 36.02 1.46
CA LEU D 506 -23.65 36.61 1.20
C LEU D 506 -23.58 37.22 -0.19
N ARG D 507 -24.16 36.55 -1.18
CA ARG D 507 -24.22 37.13 -2.53
C ARG D 507 -25.05 38.40 -2.55
N ARG D 508 -26.15 38.43 -1.80
CA ARG D 508 -26.96 39.65 -1.71
C ARG D 508 -26.16 40.80 -1.13
N LEU D 509 -25.38 40.54 -0.09
CA LEU D 509 -24.53 41.59 0.47
C LEU D 509 -23.44 42.02 -0.50
N ALA D 510 -22.85 41.06 -1.21
CA ALA D 510 -21.78 41.37 -2.14
C ALA D 510 -22.28 42.22 -3.31
N LYS D 511 -23.55 42.04 -3.70
CA LYS D 511 -24.12 42.88 -4.75
C LYS D 511 -24.16 44.35 -4.31
N GLY D 512 -24.60 44.61 -3.08
CA GLY D 512 -24.59 45.97 -2.59
C GLY D 512 -23.19 46.53 -2.46
N MET D 513 -22.24 45.69 -2.03
CA MET D 513 -20.85 46.14 -1.95
C MET D 513 -20.31 46.51 -3.32
N SER D 514 -20.63 45.71 -4.34
CA SER D 514 -20.21 46.01 -5.70
C SER D 514 -20.83 47.31 -6.20
N GLU D 515 -22.12 47.54 -5.88
CA GLU D 515 -22.75 48.80 -6.27
C GLU D 515 -22.06 49.99 -5.61
N ILE D 516 -21.73 49.86 -4.32
CA ILE D 516 -21.02 50.94 -3.62
C ILE D 516 -19.68 51.20 -4.28
N GLY D 517 -18.94 50.13 -4.60
CA GLY D 517 -17.65 50.29 -5.25
C GLY D 517 -17.76 50.96 -6.59
N ASN D 518 -18.77 50.58 -7.39
CA ASN D 518 -18.97 51.21 -8.69
C ASN D 518 -19.28 52.69 -8.55
N LYS D 519 -20.14 53.04 -7.60
CA LYS D 519 -20.45 54.46 -7.36
C LYS D 519 -19.20 55.24 -6.97
N ILE D 520 -18.38 54.67 -6.08
CA ILE D 520 -17.19 55.39 -5.63
C ILE D 520 -16.18 55.52 -6.75
N ILE D 521 -16.06 54.49 -7.61
CA ILE D 521 -15.17 54.59 -8.76
C ILE D 521 -15.64 55.69 -9.71
N ALA D 522 -16.95 55.76 -9.96
CA ALA D 522 -17.48 56.81 -10.82
C ALA D 522 -17.20 58.19 -10.24
N MET D 523 -17.36 58.33 -8.92
CA MET D 523 -17.06 59.61 -8.27
C MET D 523 -15.58 59.98 -8.37
N ASN D 524 -14.69 59.00 -8.15
CA ASN D 524 -13.25 59.26 -8.24
C ASN D 524 -12.85 59.62 -9.66
N ALA D 525 -13.57 59.10 -10.66
CA ALA D 525 -13.24 59.39 -12.05
C ALA D 525 -13.31 60.89 -12.34
N VAL D 526 -14.14 61.62 -11.60
CA VAL D 526 -14.31 63.04 -11.84
C VAL D 526 -13.57 63.85 -10.78
N PHE D 527 -13.78 63.55 -9.50
CA PHE D 527 -13.37 64.46 -8.45
C PHE D 527 -11.86 64.46 -8.25
N LEU D 528 -11.22 63.29 -8.29
CA LEU D 528 -9.79 63.21 -8.06
C LEU D 528 -9.01 63.80 -9.22
N ALA D 529 -7.88 64.43 -8.91
CA ALA D 529 -7.03 65.03 -9.93
C ALA D 529 -5.95 64.05 -10.37
N GLU D 530 -5.16 64.48 -11.36
CA GLU D 530 -4.12 63.61 -11.91
C GLU D 530 -2.99 63.38 -10.92
N HIS D 531 -2.52 64.44 -10.25
CA HIS D 531 -1.34 64.32 -9.40
C HIS D 531 -1.62 63.42 -8.20
N GLU D 532 -2.84 63.47 -7.67
CA GLU D 532 -3.19 62.60 -6.54
C GLU D 532 -3.13 61.13 -6.93
N VAL D 533 -3.69 60.78 -8.10
CA VAL D 533 -3.66 59.39 -8.54
C VAL D 533 -2.24 58.96 -8.86
N VAL D 534 -1.43 59.86 -9.44
CA VAL D 534 -0.04 59.53 -9.69
C VAL D 534 0.71 59.27 -8.39
N ARG D 535 0.44 60.09 -7.36
CA ARG D 535 1.08 59.89 -6.07
C ARG D 535 0.66 58.55 -5.45
N ILE D 536 -0.62 58.21 -5.54
CA ILE D 536 -1.10 56.97 -4.96
C ILE D 536 -0.52 55.76 -5.68
N THR D 537 -0.50 55.78 -7.02
CA THR D 537 -0.16 54.61 -7.80
C THR D 537 1.28 54.60 -8.30
N ASN D 538 1.94 55.75 -8.39
CA ASN D 538 3.31 55.85 -8.90
C ASN D 538 3.41 55.29 -10.31
N GLU D 539 2.44 55.64 -11.15
CA GLU D 539 2.41 55.19 -12.53
C GLU D 539 1.73 56.27 -13.37
N GLU D 540 1.77 56.07 -14.69
CA GLU D 540 1.18 57.04 -15.61
C GLU D 540 -0.34 57.08 -15.45
N PHE D 541 -0.90 58.25 -15.69
CA PHE D 541 -2.34 58.44 -15.51
C PHE D 541 -3.11 57.98 -16.74
N VAL D 542 -4.29 57.42 -16.51
CA VAL D 542 -5.21 57.01 -17.57
C VAL D 542 -6.48 57.82 -17.43
N THR D 543 -6.94 58.40 -18.54
CA THR D 543 -8.08 59.30 -18.54
C THR D 543 -9.33 58.56 -18.99
N ILE D 544 -10.46 58.91 -18.39
CA ILE D 544 -11.77 58.36 -18.75
C ILE D 544 -12.64 59.49 -19.29
N LYS D 545 -13.17 59.29 -20.49
CA LYS D 545 -14.02 60.31 -21.11
C LYS D 545 -15.30 60.50 -20.32
N ARG D 546 -15.78 61.76 -20.29
CA ARG D 546 -16.95 62.09 -19.49
C ARG D 546 -18.22 61.46 -20.02
N GLU D 547 -18.37 61.36 -21.34
CA GLU D 547 -19.59 60.76 -21.90
C GLU D 547 -19.64 59.27 -21.65
N ASP D 548 -18.48 58.64 -21.42
CA ASP D 548 -18.46 57.20 -21.14
C ASP D 548 -18.75 56.90 -19.67
N LEU D 549 -18.88 57.94 -18.85
CA LEU D 549 -19.05 57.73 -17.41
C LEU D 549 -20.46 57.22 -17.08
N LYS D 550 -21.45 57.58 -17.89
CA LYS D 550 -22.82 57.19 -17.60
C LYS D 550 -22.99 55.68 -17.66
N GLY D 551 -22.37 55.02 -18.65
CA GLY D 551 -22.44 53.58 -18.79
C GLY D 551 -21.14 52.94 -18.37
N ASN D 552 -21.23 52.03 -17.41
CA ASN D 552 -20.04 51.40 -16.83
C ASN D 552 -19.48 50.38 -17.82
N PHE D 553 -18.56 50.83 -18.67
CA PHE D 553 -17.80 49.94 -19.53
C PHE D 553 -16.43 49.70 -18.90
N ASP D 554 -15.74 48.69 -19.42
CA ASP D 554 -14.32 48.41 -19.23
C ASP D 554 -13.99 47.93 -17.82
N LEU D 555 -14.97 47.82 -16.92
CA LEU D 555 -14.67 47.53 -15.54
C LEU D 555 -15.69 46.56 -14.96
N GLU D 556 -15.24 45.77 -13.99
CA GLU D 556 -16.10 44.87 -13.22
C GLU D 556 -15.58 44.80 -11.81
N VAL D 557 -16.45 45.05 -10.84
CA VAL D 557 -16.08 45.15 -9.42
C VAL D 557 -16.69 43.98 -8.68
N ASP D 558 -15.88 43.28 -7.87
CA ASP D 558 -16.35 42.17 -7.07
C ASP D 558 -15.49 42.07 -5.82
N ILE D 559 -16.05 41.43 -4.78
CA ILE D 559 -15.33 41.25 -3.54
C ILE D 559 -14.18 40.26 -3.73
N SER D 560 -13.03 40.59 -3.16
CA SER D 560 -11.84 39.77 -3.26
C SER D 560 -11.63 38.98 -1.97
N THR D 561 -11.26 37.70 -2.12
CA THR D 561 -10.98 36.82 -1.00
C THR D 561 -9.62 36.16 -1.20
N ALA D 562 -9.11 35.59 -0.12
CA ALA D 562 -7.77 34.99 -0.15
C ALA D 562 -7.72 33.80 -1.10
N GLU D 563 -8.74 32.94 -1.07
CA GLU D 563 -8.73 31.74 -1.89
C GLU D 563 -8.84 32.07 -3.38
N VAL D 564 -9.46 33.20 -3.73
CA VAL D 564 -9.54 33.60 -5.12
C VAL D 564 -8.15 33.86 -5.69
N ASP D 565 -7.31 34.55 -4.93
CA ASP D 565 -5.95 34.83 -5.39
C ASP D 565 -5.15 33.54 -5.57
N ASN D 566 -5.30 32.61 -4.62
CA ASN D 566 -4.58 31.34 -4.72
C ASN D 566 -5.03 30.57 -5.96
N GLN D 567 -6.34 30.50 -6.20
CA GLN D 567 -6.83 29.76 -7.36
C GLN D 567 -6.41 30.44 -8.66
N LYS D 568 -6.40 31.77 -8.68
CA LYS D 568 -5.91 32.48 -9.87
C LYS D 568 -4.44 32.19 -10.11
N SER D 569 -3.64 32.12 -9.04
CA SER D 569 -2.23 31.75 -9.18
C SER D 569 -2.08 30.35 -9.74
N GLN D 570 -2.88 29.40 -9.25
CA GLN D 570 -2.82 28.04 -9.78
C GLN D 570 -3.22 28.00 -11.25
N ASP D 571 -4.24 28.76 -11.63
CA ASP D 571 -4.66 28.80 -13.03
C ASP D 571 -3.57 29.41 -13.91
N LEU D 572 -2.92 30.47 -13.43
CA LEU D 572 -1.82 31.07 -14.18
C LEU D 572 -0.65 30.10 -14.33
N GLY D 573 -0.35 29.36 -13.27
CA GLY D 573 0.69 28.35 -13.36
C GLY D 573 0.36 27.26 -14.36
N PHE D 574 -0.90 26.80 -14.36
CA PHE D 574 -1.33 25.81 -15.33
C PHE D 574 -1.23 26.35 -16.76
N MET D 575 -1.63 27.60 -16.96
CA MET D 575 -1.55 28.20 -18.30
C MET D 575 -0.10 28.34 -18.75
N LEU D 576 0.80 28.71 -17.83
CA LEU D 576 2.21 28.78 -18.15
C LEU D 576 2.78 27.40 -18.49
N GLN D 577 2.35 26.37 -17.75
CA GLN D 577 2.80 25.02 -18.05
C GLN D 577 2.32 24.55 -19.41
N THR D 578 1.07 24.84 -19.76
CA THR D 578 0.53 24.39 -21.04
C THR D 578 1.26 25.03 -22.21
N ILE D 579 1.51 26.33 -22.15
CA ILE D 579 2.24 27.01 -23.22
C ILE D 579 3.72 26.73 -23.08
N GLY D 580 4.40 26.54 -24.21
CA GLY D 580 5.83 26.36 -24.22
C GLY D 580 6.56 27.58 -23.68
N PRO D 581 7.44 27.35 -22.70
CA PRO D 581 8.20 28.49 -22.14
C PRO D 581 9.01 29.24 -23.19
N ASN D 582 9.52 28.56 -24.20
CA ASN D 582 10.36 29.20 -25.21
C ASN D 582 9.54 29.81 -26.34
N VAL D 583 8.23 29.68 -26.31
CA VAL D 583 7.39 30.20 -27.40
C VAL D 583 7.52 31.72 -27.49
N ASP D 584 7.37 32.41 -26.36
CA ASP D 584 7.48 33.86 -26.33
C ASP D 584 7.95 34.29 -24.94
N GLN D 585 8.96 35.16 -24.90
CA GLN D 585 9.49 35.61 -23.62
C GLN D 585 8.58 36.64 -22.97
N GLN D 586 7.93 37.48 -23.78
CA GLN D 586 7.07 38.52 -23.24
C GLN D 586 5.87 37.94 -22.50
N ILE D 587 5.26 36.90 -23.07
CA ILE D 587 4.11 36.25 -22.44
C ILE D 587 4.53 35.64 -21.11
N THR D 588 5.68 34.97 -21.09
CA THR D 588 6.17 34.37 -19.85
C THR D 588 6.44 35.43 -18.79
N LEU D 589 7.08 36.54 -19.18
CA LEU D 589 7.36 37.61 -18.23
C LEU D 589 6.08 38.21 -17.67
N ASN D 590 5.08 38.44 -18.54
CA ASN D 590 3.81 38.99 -18.06
C ASN D 590 3.11 38.02 -17.11
N ILE D 591 3.13 36.72 -17.43
CA ILE D 591 2.52 35.74 -16.55
C ILE D 591 3.22 35.71 -15.19
N LEU D 592 4.56 35.74 -15.21
CA LEU D 592 5.31 35.75 -13.96
C LEU D 592 5.01 36.99 -13.13
N ALA D 593 4.92 38.15 -13.79
CA ALA D 593 4.57 39.38 -13.07
C ALA D 593 3.17 39.29 -12.46
N GLU D 594 2.22 38.73 -13.21
CA GLU D 594 0.87 38.57 -12.69
C GLU D 594 0.84 37.64 -11.48
N ILE D 595 1.61 36.55 -11.53
CA ILE D 595 1.69 35.65 -10.38
C ILE D 595 2.33 36.35 -9.19
N ALA D 596 3.39 37.11 -9.44
CA ALA D 596 4.09 37.80 -8.36
C ALA D 596 3.18 38.84 -7.69
N ASP D 597 2.36 39.53 -8.48
CA ASP D 597 1.43 40.51 -7.90
C ASP D 597 0.45 39.84 -6.94
N LEU D 598 -0.07 38.68 -7.30
CA LEU D 598 -1.02 37.99 -6.43
C LEU D 598 -0.34 37.49 -5.16
N LYS D 599 0.97 37.28 -5.21
CA LYS D 599 1.73 36.81 -4.07
C LYS D 599 2.29 37.93 -3.21
N ARG D 600 1.93 39.18 -3.50
CA ARG D 600 2.23 40.36 -2.67
C ARG D 600 3.71 40.74 -2.69
N MET D 601 4.39 40.59 -3.83
CA MET D 601 5.71 41.16 -4.00
C MET D 601 5.68 42.14 -5.17
N PRO D 602 5.46 43.43 -4.92
CA PRO D 602 5.39 44.38 -6.06
C PRO D 602 6.75 44.64 -6.70
N LYS D 603 7.83 44.63 -5.91
CA LYS D 603 9.16 44.90 -6.47
C LYS D 603 9.56 43.82 -7.46
N LEU D 604 9.31 42.55 -7.13
CA LEU D 604 9.63 41.47 -8.04
C LEU D 604 8.82 41.56 -9.33
N ALA D 605 7.53 41.88 -9.22
CA ALA D 605 6.69 42.01 -10.40
C ALA D 605 7.16 43.16 -11.28
N HIS D 606 7.51 44.30 -10.68
CA HIS D 606 8.00 45.42 -11.46
C HIS D 606 9.32 45.08 -12.14
N ASP D 607 10.20 44.35 -11.45
CA ASP D 607 11.47 43.96 -12.06
C ASP D 607 11.24 43.02 -13.24
N LEU D 608 10.31 42.07 -13.08
CA LEU D 608 10.02 41.14 -14.17
C LEU D 608 9.40 41.86 -15.37
N ARG D 609 8.49 42.80 -15.11
CA ARG D 609 7.82 43.51 -16.20
C ARG D 609 8.82 44.30 -17.05
N THR D 610 9.66 45.09 -16.40
CA THR D 610 10.66 45.92 -17.09
C THR D 610 12.01 45.21 -17.14
N TRP D 611 12.05 44.03 -17.74
CA TRP D 611 13.26 43.23 -17.83
C TRP D 611 13.72 43.18 -19.28
N GLN D 612 14.98 43.55 -19.51
CA GLN D 612 15.58 43.52 -20.83
C GLN D 612 16.87 42.70 -20.78
N PRO D 613 17.01 41.69 -21.65
CA PRO D 613 18.25 40.90 -21.64
C PRO D 613 19.46 41.75 -22.02
N GLN D 614 20.58 41.46 -21.38
CA GLN D 614 21.82 42.17 -21.63
C GLN D 614 22.67 41.42 -22.65
N PRO D 615 23.05 42.06 -23.75
CA PRO D 615 23.80 41.35 -24.79
C PRO D 615 25.22 41.02 -24.36
N ASP D 616 25.75 39.95 -24.94
CA ASP D 616 27.14 39.54 -24.73
C ASP D 616 27.92 39.77 -26.00
N PRO D 617 28.90 40.68 -26.01
CA PRO D 617 29.61 40.98 -27.26
C PRO D 617 30.34 39.78 -27.87
N VAL D 618 30.79 38.83 -27.03
CA VAL D 618 31.58 37.71 -27.54
C VAL D 618 30.74 36.84 -28.46
N GLN D 619 29.50 36.58 -28.07
CA GLN D 619 28.65 35.65 -28.83
C GLN D 619 28.33 36.20 -30.22
N GLU D 620 28.07 37.51 -30.32
CA GLU D 620 27.79 38.10 -31.63
C GLU D 620 28.99 37.98 -32.56
N GLN D 621 30.19 38.25 -32.04
CA GLN D 621 31.39 38.12 -32.86
C GLN D 621 31.61 36.66 -33.27
N LEU D 622 31.34 35.72 -32.36
CA LEU D 622 31.49 34.30 -32.69
C LEU D 622 30.51 33.90 -33.80
N LYS D 623 29.27 34.39 -33.73
CA LYS D 623 28.29 34.10 -34.77
C LYS D 623 28.73 34.68 -36.11
N GLN D 624 29.26 35.91 -36.09
CA GLN D 624 29.75 36.53 -37.33
C GLN D 624 30.89 35.72 -37.92
N LEU D 625 31.82 35.26 -37.08
CA LEU D 625 32.93 34.45 -37.57
C LEU D 625 32.45 33.12 -38.14
N ALA D 626 31.45 32.51 -37.50
CA ALA D 626 30.89 31.26 -38.03
C ALA D 626 30.26 31.47 -39.40
N VAL D 627 29.52 32.57 -39.55
CA VAL D 627 28.91 32.88 -40.85
C VAL D 627 30.00 33.10 -41.90
N GLU D 628 31.07 33.81 -41.54
CA GLU D 628 32.16 34.04 -42.48
C GLU D 628 32.81 32.74 -42.90
N LYS D 629 33.03 31.82 -41.95
CA LYS D 629 33.62 30.52 -42.29
C LYS D 629 32.70 29.73 -43.22
N ALA D 630 31.39 29.76 -42.93
CA ALA D 630 30.43 29.06 -43.80
C ALA D 630 30.46 29.63 -45.21
N GLN D 631 30.60 30.95 -45.34
CA GLN D 631 30.72 31.55 -46.66
C GLN D 631 32.01 31.13 -47.35
N LEU D 632 33.12 31.07 -46.61
CA LEU D 632 34.41 30.79 -47.23
C LEU D 632 34.52 29.34 -47.68
N GLU D 633 33.78 28.44 -47.04
CA GLU D 633 33.85 27.03 -47.44
C GLU D 633 33.40 26.83 -48.89
N ASN D 634 32.35 27.54 -49.31
CA ASN D 634 31.89 27.44 -50.69
C ASN D 634 32.93 27.92 -51.67
N GLU D 635 33.62 29.03 -51.35
CA GLU D 635 34.69 29.52 -52.21
C GLU D 635 35.83 28.51 -52.30
N GLU D 636 36.16 27.86 -51.18
CA GLU D 636 37.18 26.82 -51.20
C GLU D 636 36.77 25.66 -52.12
N LEU D 637 35.50 25.25 -52.05
CA LEU D 637 35.03 24.20 -52.93
C LEU D 637 35.11 24.62 -54.40
N ARG D 638 34.75 25.87 -54.70
CA ARG D 638 34.83 26.37 -56.07
C ARG D 638 36.27 26.36 -56.56
N SER D 639 37.22 26.76 -55.71
CA SER D 639 38.63 26.73 -56.09
C SER D 639 39.08 25.30 -56.37
N LYS D 640 38.63 24.34 -55.55
CA LYS D 640 38.98 22.94 -55.79
C LYS D 640 38.45 22.47 -57.14
N ILE D 641 37.20 22.84 -57.46
CA ILE D 641 36.63 22.45 -58.76
C ILE D 641 37.44 23.05 -59.91
N ARG D 642 37.82 24.32 -59.78
CA ARG D 642 38.61 24.96 -60.84
C ARG D 642 39.95 24.27 -61.02
N LEU D 643 40.61 23.91 -59.91
CA LEU D 643 41.90 23.22 -60.00
C LEU D 643 41.75 21.86 -60.68
N ASN D 644 40.69 21.12 -60.32
CA ASN D 644 40.46 19.81 -60.94
C ASN D 644 40.22 19.97 -62.44
N ASP D 645 39.43 20.97 -62.84
CA ASP D 645 39.18 21.19 -64.26
C ASP D 645 40.48 21.52 -65.00
N ALA D 646 41.31 22.39 -64.41
CA ALA D 646 42.58 22.73 -65.05
C ALA D 646 43.47 21.51 -65.22
N GLN D 647 43.55 20.67 -64.20
CA GLN D 647 44.36 19.46 -64.30
C GLN D 647 43.82 18.53 -65.38
N ALA D 648 42.50 18.41 -65.48
CA ALA D 648 41.91 17.57 -66.53
C ALA D 648 42.26 18.08 -67.91
N GLN D 649 42.18 19.40 -68.12
CA GLN D 649 42.54 19.96 -69.42
C GLN D 649 44.02 19.73 -69.74
N LYS D 650 44.89 19.88 -68.74
CA LYS D 650 46.31 19.64 -68.96
C LYS D 650 46.56 18.18 -69.35
N ALA D 651 45.86 17.25 -68.68
CA ALA D 651 45.99 15.84 -69.03
C ALA D 651 45.52 15.58 -70.47
N MET D 652 44.42 16.21 -70.86
CA MET D 652 43.93 16.05 -72.24
C MET D 652 44.96 16.58 -73.25
N ALA D 653 45.58 17.72 -72.95
CA ALA D 653 46.61 18.25 -73.84
C ALA D 653 47.79 17.30 -73.95
N GLU D 654 48.21 16.73 -72.82
CA GLU D 654 49.31 15.75 -72.85
C GLU D 654 48.92 14.53 -73.69
N ARG D 655 47.68 14.06 -73.56
CA ARG D 655 47.22 12.95 -74.37
C ARG D 655 47.27 13.29 -75.86
N ASP D 656 46.85 14.50 -76.22
CA ASP D 656 46.88 14.90 -77.63
C ASP D 656 48.31 14.93 -78.15
N ASN D 657 49.24 15.47 -77.35
CA ASN D 657 50.65 15.49 -77.77
C ASN D 657 51.19 14.07 -77.95
N LYS D 658 50.85 13.17 -77.03
CA LYS D 658 51.30 11.78 -77.15
C LYS D 658 50.71 11.11 -78.39
N ASN D 659 49.45 11.40 -78.69
CA ASN D 659 48.82 10.84 -79.90
C ASN D 659 49.51 11.35 -81.15
N LEU D 660 49.86 12.63 -81.19
CA LEU D 660 50.61 13.15 -82.34
C LEU D 660 51.96 12.46 -82.46
N ASP D 661 52.65 12.27 -81.34
CA ASP D 661 53.94 11.58 -81.37
C ASP D 661 53.78 10.16 -81.90
N TYR D 662 52.74 9.46 -81.46
CA TYR D 662 52.48 8.10 -81.94
C TYR D 662 52.24 8.09 -83.44
N LEU D 663 51.40 9.02 -83.93
CA LEU D 663 51.10 9.07 -85.35
C LEU D 663 52.35 9.36 -86.18
N GLU D 664 53.18 10.30 -85.71
CA GLU D 664 54.42 10.60 -86.43
C GLU D 664 55.37 9.42 -86.42
N GLN D 665 55.46 8.71 -85.29
CA GLN D 665 56.41 7.61 -85.18
C GLN D 665 55.98 6.42 -86.02
N GLU D 666 54.66 6.22 -86.19
CA GLU D 666 54.19 5.09 -86.99
C GLU D 666 54.68 5.19 -88.42
N SER D 667 54.64 6.38 -89.01
CA SER D 667 55.14 6.58 -90.37
C SER D 667 56.62 6.90 -90.33
N GLY D 668 57.18 7.28 -91.48
CA GLY D 668 58.58 7.63 -91.60
C GLY D 668 58.89 9.11 -91.52
N THR D 669 57.97 9.91 -90.97
CA THR D 669 58.16 11.36 -90.96
C THR D 669 59.41 11.75 -90.18
N LYS D 670 59.63 11.13 -89.02
CA LYS D 670 60.81 11.43 -88.22
C LYS D 670 62.09 11.09 -88.99
N HIS D 671 62.10 9.92 -89.64
CA HIS D 671 63.24 9.56 -90.47
C HIS D 671 63.35 10.46 -91.70
N ALA D 672 62.21 10.83 -92.29
CA ALA D 672 62.22 11.67 -93.48
C ALA D 672 62.81 13.04 -93.19
N ARG D 673 62.50 13.61 -92.03
CA ARG D 673 63.04 14.92 -91.69
C ARG D 673 64.54 14.88 -91.50
N ASP D 674 65.06 13.82 -90.85
CA ASP D 674 66.50 13.68 -90.71
C ASP D 674 67.17 13.50 -92.07
N LEU D 675 66.55 12.69 -92.95
CA LEU D 675 67.10 12.53 -94.29
C LEU D 675 67.11 13.85 -95.05
N GLU D 676 66.05 14.66 -94.90
CA GLU D 676 66.00 15.96 -95.54
C GLU D 676 67.08 16.88 -95.00
N LYS D 677 67.33 16.83 -93.69
CA LYS D 677 68.39 17.65 -93.11
C LYS D 677 69.75 17.25 -93.67
N MET D 678 70.01 15.94 -93.75
CA MET D 678 71.29 15.48 -94.31
C MET D 678 71.43 15.89 -95.77
N LYS D 679 70.36 15.75 -96.55
CA LYS D 679 70.40 16.14 -97.96
C LYS D 679 70.61 17.65 -98.11
N ALA D 680 69.99 18.44 -97.24
CA ALA D 680 70.17 19.89 -97.28
C ALA D 680 71.61 20.26 -96.95
N GLN D 681 72.20 19.58 -95.95
CA GLN D 681 73.61 19.84 -95.63
C GLN D 681 74.51 19.48 -96.80
N SER D 682 74.25 18.34 -97.45
CA SER D 682 75.04 17.94 -98.61
C SER D 682 74.90 18.94 -99.75
N GLN D 683 73.67 19.41 -99.99
CA GLN D 683 73.44 20.38 -101.06
C GLN D 683 74.12 21.71 -100.75
N GLY D 684 74.10 22.12 -99.48
CA GLY D 684 74.81 23.33 -99.10
C GLY D 684 76.31 23.21 -99.30
N ASN D 685 76.88 22.05 -98.94
CA ASN D 685 78.30 21.82 -99.18
C ASN D 685 78.62 21.84 -100.67
N GLN D 686 77.77 21.23 -101.49
CA GLN D 686 77.97 21.23 -102.93
C GLN D 686 77.90 22.64 -103.49
N GLN D 687 76.93 23.44 -103.02
CA GLN D 687 76.82 24.82 -103.48
C GLN D 687 78.03 25.64 -103.07
N LEU D 688 78.53 25.44 -101.85
CA LEU D 688 79.73 26.13 -101.41
C LEU D 688 80.92 25.76 -102.28
N GLU D 689 81.05 24.47 -102.62
CA GLU D 689 82.12 24.04 -103.51
C GLU D 689 82.00 24.68 -104.89
N ILE D 690 80.77 24.74 -105.42
CA ILE D 690 80.56 25.30 -106.75
C ILE D 690 80.90 26.79 -106.76
N THR D 691 80.45 27.53 -105.74
CA THR D 691 80.69 28.97 -105.72
C THR D 691 82.17 29.29 -105.61
N LYS D 692 82.91 28.54 -104.80
CA LYS D 692 84.33 28.78 -104.63
C LYS D 692 85.11 28.33 -105.87
N LYS E 19 -59.57 58.51 -36.75
CA LYS E 19 -58.99 57.23 -37.16
C LYS E 19 -57.48 57.27 -37.00
N LEU E 20 -56.96 56.46 -36.07
CA LEU E 20 -55.54 56.53 -35.73
C LEU E 20 -54.67 55.97 -36.85
N THR E 21 -55.16 54.95 -37.55
CA THR E 21 -54.36 54.26 -38.56
C THR E 21 -55.04 54.34 -39.92
N SER E 22 -54.31 53.93 -40.94
CA SER E 22 -54.79 53.91 -42.32
C SER E 22 -55.28 52.53 -42.76
N TRP E 23 -55.40 51.58 -41.83
CA TRP E 23 -55.84 50.24 -42.19
C TRP E 23 -57.27 50.26 -42.70
N LYS E 24 -57.57 49.35 -43.62
CA LYS E 24 -58.92 49.27 -44.18
C LYS E 24 -59.94 48.91 -43.12
N ASN E 25 -59.61 47.96 -42.25
CA ASN E 25 -60.46 47.56 -41.13
C ASN E 25 -59.73 47.89 -39.84
N GLU E 26 -60.38 48.65 -38.97
CA GLU E 26 -59.79 49.09 -37.72
C GLU E 26 -60.51 48.45 -36.54
N LEU E 27 -59.74 48.06 -35.53
CA LEU E 27 -60.27 47.30 -34.41
C LEU E 27 -61.29 48.07 -33.58
N SER E 28 -61.03 49.34 -33.30
CA SER E 28 -61.85 50.18 -32.42
C SER E 28 -61.84 49.66 -30.98
N LEU E 29 -62.16 50.54 -30.02
CA LEU E 29 -62.01 50.18 -28.61
C LEU E 29 -63.09 49.21 -28.15
N GLN E 30 -64.23 49.21 -28.83
CA GLN E 30 -65.33 48.34 -28.43
C GLN E 30 -64.96 46.87 -28.54
N ALA E 31 -64.26 46.49 -29.60
CA ALA E 31 -63.86 45.10 -29.79
C ALA E 31 -62.91 44.65 -28.69
N LEU E 32 -61.93 45.48 -28.36
CA LEU E 32 -60.98 45.14 -27.30
C LEU E 32 -61.69 45.02 -25.95
N LYS E 33 -62.59 45.96 -25.65
CA LYS E 33 -63.29 45.89 -24.37
C LYS E 33 -64.20 44.68 -24.29
N ALA E 34 -64.85 44.31 -25.41
CA ALA E 34 -65.67 43.11 -25.43
C ALA E 34 -64.82 41.86 -25.23
N ASP E 35 -63.65 41.80 -25.86
CA ASP E 35 -62.76 40.66 -25.67
C ASP E 35 -62.29 40.56 -24.22
N LEU E 36 -61.95 41.70 -23.62
CA LEU E 36 -61.53 41.70 -22.22
C LEU E 36 -62.66 41.23 -21.31
N ASP E 37 -63.88 41.72 -21.55
CA ASP E 37 -65.02 41.31 -20.73
C ASP E 37 -65.31 39.83 -20.89
N ALA E 38 -65.14 39.30 -22.10
CA ALA E 38 -65.36 37.88 -22.32
C ALA E 38 -64.30 37.04 -21.62
N ALA E 39 -63.04 37.48 -21.64
CA ALA E 39 -61.96 36.67 -21.08
C ALA E 39 -61.87 36.83 -19.57
N LYS E 40 -62.51 37.85 -19.01
CA LYS E 40 -62.42 38.09 -17.57
C LYS E 40 -62.98 36.95 -16.71
N PRO E 41 -64.14 36.34 -17.00
CA PRO E 41 -64.67 35.31 -16.09
C PRO E 41 -63.72 34.17 -15.78
N SER E 42 -62.96 33.68 -16.76
CA SER E 42 -62.04 32.58 -16.50
C SER E 42 -60.91 33.02 -15.58
N HIS E 43 -60.35 34.21 -15.82
CA HIS E 43 -59.29 34.74 -14.97
C HIS E 43 -59.78 34.95 -13.54
N THR E 44 -61.01 35.44 -13.39
CA THR E 44 -61.56 35.68 -12.05
C THR E 44 -61.66 34.38 -11.26
N ALA E 45 -62.11 33.30 -11.90
CA ALA E 45 -62.17 32.01 -11.22
C ALA E 45 -60.78 31.46 -10.97
N MET E 46 -59.84 31.69 -11.88
CA MET E 46 -58.49 31.18 -11.73
C MET E 46 -57.77 31.80 -10.55
N MET E 47 -57.94 33.11 -10.35
CA MET E 47 -57.19 33.82 -9.32
C MET E 47 -57.58 33.39 -7.90
N ILE E 48 -58.74 32.75 -7.76
CA ILE E 48 -59.18 32.29 -6.44
C ILE E 48 -58.21 31.23 -5.90
N LYS E 49 -57.76 30.32 -6.78
CA LYS E 49 -56.82 29.29 -6.37
C LYS E 49 -55.49 29.91 -5.91
N VAL E 50 -55.00 30.90 -6.65
CA VAL E 50 -53.76 31.57 -6.27
C VAL E 50 -53.92 32.28 -4.94
N LYS E 51 -55.07 32.94 -4.73
CA LYS E 51 -55.32 33.59 -3.45
C LYS E 51 -55.34 32.58 -2.30
N GLU E 52 -55.99 31.44 -2.52
CA GLU E 52 -56.04 30.40 -1.48
C GLU E 52 -54.65 29.86 -1.17
N TRP E 53 -53.83 29.63 -2.21
CA TRP E 53 -52.47 29.16 -1.99
C TRP E 53 -51.64 30.17 -1.21
N ASN E 54 -51.76 31.45 -1.56
CA ASN E 54 -51.03 32.48 -0.84
C ASN E 54 -51.50 32.58 0.62
N ASP E 55 -52.81 32.44 0.85
CA ASP E 55 -53.32 32.48 2.21
C ASP E 55 -52.81 31.29 3.02
N LEU E 56 -52.73 30.11 2.40
CA LEU E 56 -52.15 28.95 3.08
C LEU E 56 -50.68 29.20 3.40
N MET E 57 -49.94 29.79 2.47
CA MET E 57 -48.52 30.07 2.72
C MET E 57 -48.34 31.07 3.87
N ARG E 58 -49.16 32.12 3.89
CA ARG E 58 -49.01 33.20 4.85
C ARG E 58 -49.88 33.04 6.10
N ILE E 59 -50.63 31.94 6.20
CA ILE E 59 -51.51 31.68 7.34
C ILE E 59 -52.50 32.82 7.48
N GLU E 60 -53.42 32.94 6.51
CA GLU E 60 -54.47 33.95 6.53
C GLU E 60 -55.77 33.32 6.02
N GLY E 61 -56.87 34.04 6.20
CA GLY E 61 -58.15 33.56 5.73
C GLY E 61 -58.59 32.30 6.46
N LYS E 62 -58.89 31.25 5.69
CA LYS E 62 -59.37 30.00 6.28
C LYS E 62 -58.27 29.31 7.07
N ALA E 63 -57.01 29.56 6.74
CA ALA E 63 -55.90 28.92 7.44
C ALA E 63 -55.76 29.43 8.86
N LYS E 64 -56.25 30.63 9.15
CA LYS E 64 -56.10 31.20 10.47
C LYS E 64 -56.89 30.40 11.50
N PRO E 65 -56.30 30.05 12.64
CA PRO E 65 -57.02 29.29 13.65
C PRO E 65 -58.12 30.12 14.29
N PRO E 66 -59.17 29.48 14.80
CA PRO E 66 -60.23 30.24 15.49
C PRO E 66 -59.70 30.90 16.75
N LYS E 67 -60.35 32.01 17.12
CA LYS E 67 -59.94 32.81 18.27
C LYS E 67 -60.79 32.41 19.46
N VAL E 68 -60.13 31.98 20.54
CA VAL E 68 -60.79 31.56 21.77
C VAL E 68 -60.15 32.29 22.94
N LYS E 69 -60.99 32.67 23.91
CA LYS E 69 -60.50 33.43 25.06
C LYS E 69 -59.47 32.65 25.87
N GLY E 70 -59.78 31.41 26.23
CA GLY E 70 -58.93 30.63 27.10
C GLY E 70 -58.06 29.58 26.44
N ARG E 71 -57.90 29.63 25.12
CA ARG E 71 -57.14 28.60 24.42
C ARG E 71 -56.20 29.26 23.41
N SER E 72 -55.19 28.51 23.00
CA SER E 72 -54.12 29.04 22.17
C SER E 72 -54.57 29.17 20.71
N GLN E 73 -53.83 30.00 19.96
CA GLN E 73 -54.10 30.28 18.56
C GLN E 73 -52.81 30.19 17.74
N VAL E 74 -52.04 29.13 17.94
CA VAL E 74 -50.72 28.98 17.33
C VAL E 74 -50.83 27.98 16.19
N GLN E 75 -50.06 28.20 15.12
CA GLN E 75 -50.03 27.27 14.01
C GLN E 75 -48.63 27.24 13.39
N PRO E 76 -47.96 26.09 13.39
CA PRO E 76 -46.67 25.99 12.70
C PRO E 76 -46.82 26.13 11.20
N LYS E 77 -45.76 26.61 10.56
CA LYS E 77 -45.75 26.90 9.13
C LYS E 77 -44.99 25.79 8.40
N LEU E 78 -45.77 24.87 7.80
CA LEU E 78 -45.17 23.76 7.06
C LEU E 78 -44.86 24.15 5.62
N VAL E 79 -45.86 24.69 4.92
CA VAL E 79 -45.68 25.06 3.51
C VAL E 79 -44.60 26.13 3.37
N ARG E 80 -44.60 27.10 4.29
CA ARG E 80 -43.57 28.14 4.26
C ARG E 80 -42.18 27.53 4.40
N ARG E 81 -42.04 26.53 5.27
CA ARG E 81 -40.74 25.88 5.48
C ARG E 81 -40.28 25.11 4.24
N GLN E 82 -41.21 24.33 3.66
CA GLN E 82 -40.89 23.56 2.46
C GLN E 82 -40.50 24.47 1.31
N ALA E 83 -41.19 25.60 1.16
CA ALA E 83 -40.81 26.56 0.13
C ALA E 83 -39.52 27.28 0.52
N GLU E 84 -39.26 27.43 1.81
CA GLU E 84 -38.10 28.17 2.28
C GLU E 84 -36.80 27.48 1.93
N TRP E 85 -36.72 26.15 2.08
CA TRP E 85 -35.51 25.51 1.55
C TRP E 85 -35.46 25.51 0.02
N ARG E 86 -36.61 25.38 -0.64
CA ARG E 86 -36.61 25.29 -2.10
C ARG E 86 -36.14 26.59 -2.74
N TYR E 87 -36.46 27.73 -2.13
CA TYR E 87 -35.99 29.01 -2.68
C TYR E 87 -34.47 29.02 -2.82
N SER E 88 -33.76 28.69 -1.74
CA SER E 88 -32.31 28.72 -1.79
C SER E 88 -31.75 27.55 -2.59
N ALA E 89 -32.51 26.46 -2.70
CA ALA E 89 -32.09 25.35 -3.55
C ALA E 89 -32.07 25.77 -5.01
N LEU E 90 -33.06 26.57 -5.43
CA LEU E 90 -33.20 26.89 -6.85
C LEU E 90 -32.41 28.15 -7.23
N THR E 91 -32.32 29.12 -6.32
CA THR E 91 -31.73 30.41 -6.67
C THR E 91 -30.24 30.30 -6.96
N GLU E 92 -29.54 29.43 -6.25
CA GLU E 92 -28.07 29.43 -6.31
C GLU E 92 -27.49 29.16 -7.69
N PRO E 93 -28.00 28.21 -8.49
CA PRO E 93 -27.36 27.95 -9.79
C PRO E 93 -27.28 29.17 -10.70
N PHE E 94 -28.25 30.10 -10.62
CA PHE E 94 -28.29 31.26 -11.49
C PHE E 94 -27.37 32.38 -11.01
N LEU E 95 -26.74 32.24 -9.85
CA LEU E 95 -25.89 33.31 -9.33
C LEU E 95 -24.47 32.87 -9.03
N GLY E 96 -24.05 31.66 -9.42
CA GLY E 96 -22.74 31.18 -9.06
C GLY E 96 -21.59 31.84 -9.81
N SER E 97 -21.84 32.39 -10.99
CA SER E 97 -20.79 32.94 -11.83
C SER E 97 -21.13 34.36 -12.25
N ASN E 98 -20.09 35.10 -12.64
CA ASN E 98 -20.28 36.49 -13.04
C ASN E 98 -20.99 36.58 -14.40
N LYS E 99 -20.92 35.52 -15.19
CA LYS E 99 -21.59 35.46 -16.49
C LYS E 99 -22.89 34.69 -16.34
N LEU E 100 -23.98 35.25 -16.86
CA LEU E 100 -25.29 34.62 -16.72
C LEU E 100 -25.66 33.75 -17.92
N PHE E 101 -25.34 34.18 -19.14
CA PHE E 101 -25.75 33.49 -20.35
C PHE E 101 -24.54 32.99 -21.11
N LYS E 102 -24.71 31.87 -21.81
CA LYS E 102 -23.67 31.27 -22.63
C LYS E 102 -24.22 31.10 -24.05
N VAL E 103 -23.51 31.66 -25.03
CA VAL E 103 -23.90 31.57 -26.43
C VAL E 103 -22.87 30.73 -27.17
N THR E 104 -23.34 29.73 -27.91
CA THR E 104 -22.46 28.83 -28.62
C THR E 104 -22.82 28.79 -30.10
N PRO E 105 -21.84 28.69 -30.99
CA PRO E 105 -22.13 28.65 -32.43
C PRO E 105 -22.76 27.31 -32.81
N VAL E 106 -23.63 27.36 -33.82
CA VAL E 106 -24.20 26.13 -34.35
C VAL E 106 -23.30 25.56 -35.44
N THR E 107 -22.74 26.43 -36.29
CA THR E 107 -21.83 26.04 -37.35
C THR E 107 -20.49 26.73 -37.14
N TRP E 108 -19.59 26.53 -38.09
CA TRP E 108 -18.21 26.99 -37.91
C TRP E 108 -18.07 28.49 -38.12
N GLU E 109 -18.96 29.10 -38.91
CA GLU E 109 -18.82 30.51 -39.23
C GLU E 109 -19.45 31.41 -38.17
N ASP E 110 -20.04 30.82 -37.13
CA ASP E 110 -20.86 31.58 -36.20
C ASP E 110 -20.12 32.01 -34.94
N VAL E 111 -18.81 31.76 -34.87
CA VAL E 111 -18.07 31.99 -33.62
C VAL E 111 -18.04 33.47 -33.27
N GLN E 112 -17.73 34.33 -34.25
CA GLN E 112 -17.64 35.75 -33.99
C GLN E 112 -18.98 36.33 -33.57
N GLY E 113 -20.06 35.93 -34.25
CA GLY E 113 -21.38 36.39 -33.87
C GLY E 113 -21.78 35.93 -32.47
N ALA E 114 -21.47 34.68 -32.14
CA ALA E 114 -21.78 34.17 -30.81
C ALA E 114 -21.01 34.94 -29.74
N ARG E 115 -19.72 35.21 -29.98
CA ARG E 115 -18.94 35.95 -29.01
C ARG E 115 -19.47 37.37 -28.83
N GLN E 116 -19.81 38.05 -29.94
CA GLN E 116 -20.36 39.39 -29.86
C GLN E 116 -21.67 39.41 -29.07
N ASN E 117 -22.58 38.49 -29.41
CA ASN E 117 -23.87 38.45 -28.74
C ASN E 117 -23.70 38.16 -27.24
N GLU E 118 -22.82 37.22 -26.90
CA GLU E 118 -22.57 36.91 -25.50
C GLU E 118 -22.03 38.11 -24.75
N LEU E 119 -21.05 38.81 -25.33
CA LEU E 119 -20.48 39.98 -24.67
C LEU E 119 -21.54 41.05 -24.45
N VAL E 120 -22.30 41.38 -25.49
CA VAL E 120 -23.30 42.44 -25.36
C VAL E 120 -24.36 42.05 -24.33
N LEU E 121 -24.82 40.80 -24.38
CA LEU E 121 -25.91 40.39 -23.51
C LEU E 121 -25.46 40.37 -22.05
N ASN E 122 -24.28 39.81 -21.78
CA ASN E 122 -23.74 39.80 -20.42
C ASN E 122 -23.51 41.21 -19.91
N TYR E 123 -22.98 42.11 -20.75
CA TYR E 123 -22.82 43.49 -20.33
C TYR E 123 -24.16 44.12 -19.97
N GLN E 124 -25.18 43.87 -20.78
CA GLN E 124 -26.49 44.47 -20.52
C GLN E 124 -27.07 44.01 -19.20
N PHE E 125 -27.00 42.70 -18.91
CA PHE E 125 -27.52 42.24 -17.63
C PHE E 125 -26.63 42.66 -16.45
N ARG E 126 -25.33 42.85 -16.69
CA ARG E 126 -24.45 43.23 -15.60
C ARG E 126 -24.63 44.70 -15.23
N THR E 127 -24.93 45.54 -16.23
CA THR E 127 -25.00 46.98 -15.97
C THR E 127 -26.43 47.44 -15.72
N LYS E 128 -27.34 47.15 -16.66
CA LYS E 128 -28.66 47.78 -16.63
C LYS E 128 -29.64 47.12 -15.66
N LEU E 129 -29.28 45.98 -15.07
CA LEU E 129 -30.21 45.26 -14.22
C LEU E 129 -29.54 44.86 -12.91
N ASN E 130 -30.37 44.69 -11.88
CA ASN E 130 -29.94 44.09 -10.62
C ASN E 130 -30.24 42.61 -10.69
N ARG E 131 -29.22 41.80 -11.03
CA ARG E 131 -29.44 40.40 -11.32
C ARG E 131 -29.95 39.64 -10.11
N VAL E 132 -29.39 39.91 -8.93
CA VAL E 132 -29.74 39.14 -7.74
C VAL E 132 -31.21 39.32 -7.39
N SER E 133 -31.68 40.56 -7.34
CA SER E 133 -33.07 40.83 -6.98
C SER E 133 -34.02 40.23 -8.01
N PHE E 134 -33.67 40.33 -9.29
CA PHE E 134 -34.51 39.76 -10.34
C PHE E 134 -34.61 38.25 -10.19
N ILE E 135 -33.48 37.58 -9.92
CA ILE E 135 -33.49 36.13 -9.76
C ILE E 135 -34.33 35.73 -8.55
N ASP E 136 -34.16 36.44 -7.43
CA ASP E 136 -34.93 36.12 -6.24
C ASP E 136 -36.43 36.29 -6.49
N ASN E 137 -36.83 37.40 -7.12
CA ASN E 137 -38.23 37.63 -7.41
C ASN E 137 -38.78 36.56 -8.36
N TYR E 138 -38.00 36.22 -9.39
CA TYR E 138 -38.42 35.18 -10.35
C TYR E 138 -38.67 33.86 -9.65
N VAL E 139 -37.68 33.38 -8.88
CA VAL E 139 -37.80 32.08 -8.24
C VAL E 139 -38.93 32.09 -7.21
N ARG E 140 -39.03 33.16 -6.42
CA ARG E 140 -40.06 33.23 -5.39
C ARG E 140 -41.46 33.23 -6.01
N SER E 141 -41.65 34.00 -7.09
CA SER E 141 -42.94 34.01 -7.76
C SER E 141 -43.29 32.64 -8.34
N VAL E 142 -42.31 31.99 -8.99
CA VAL E 142 -42.56 30.69 -9.59
C VAL E 142 -42.95 29.68 -8.52
N VAL E 143 -42.24 29.67 -7.39
CA VAL E 143 -42.53 28.70 -6.33
C VAL E 143 -43.86 29.00 -5.67
N ASP E 144 -44.12 30.27 -5.35
CA ASP E 144 -45.30 30.62 -4.56
C ASP E 144 -46.58 30.49 -5.38
N ASP E 145 -46.60 31.01 -6.61
CA ASP E 145 -47.82 31.03 -7.39
C ASP E 145 -47.97 29.83 -8.31
N GLY E 146 -46.88 29.11 -8.59
CA GLY E 146 -46.92 27.98 -9.50
C GLY E 146 -46.75 28.35 -10.97
N THR E 147 -46.82 29.63 -11.30
CA THR E 147 -46.65 30.09 -12.67
C THR E 147 -46.06 31.49 -12.65
N GLY E 148 -45.06 31.71 -13.50
CA GLY E 148 -44.42 33.01 -13.58
C GLY E 148 -44.49 33.62 -14.96
N ILE E 149 -44.95 34.86 -15.04
CA ILE E 149 -45.08 35.59 -16.31
C ILE E 149 -44.05 36.69 -16.33
N VAL E 150 -43.27 36.75 -17.41
CA VAL E 150 -42.21 37.74 -17.56
C VAL E 150 -42.53 38.61 -18.77
N ARG E 151 -42.43 39.93 -18.58
CA ARG E 151 -42.66 40.90 -19.64
C ARG E 151 -41.33 41.45 -20.12
N VAL E 152 -41.11 41.39 -21.43
CA VAL E 152 -39.87 41.84 -22.04
C VAL E 152 -40.18 43.03 -22.95
N GLY E 153 -39.43 44.12 -22.77
CA GLY E 153 -39.64 45.32 -23.56
C GLY E 153 -38.34 46.08 -23.75
N TRP E 154 -38.44 47.17 -24.50
CA TRP E 154 -37.30 48.02 -24.81
C TRP E 154 -37.57 49.43 -24.31
N ASN E 155 -36.54 50.06 -23.75
CA ASN E 155 -36.62 51.42 -23.22
C ASN E 155 -35.65 52.28 -24.02
N ARG E 156 -36.15 53.35 -24.62
CA ARG E 156 -35.34 54.26 -25.40
C ARG E 156 -35.72 55.70 -25.07
N GLU E 157 -34.71 56.56 -24.95
CA GLU E 157 -34.91 57.98 -24.67
C GLU E 157 -33.77 58.76 -25.32
N ILE E 158 -34.12 59.73 -26.17
CA ILE E 158 -33.15 60.52 -26.92
C ILE E 158 -33.41 61.99 -26.63
N ARG E 159 -32.33 62.77 -26.56
CA ARG E 159 -32.40 64.20 -26.28
C ARG E 159 -31.61 64.98 -27.32
N LYS E 160 -32.22 66.03 -27.85
CA LYS E 160 -31.55 66.85 -28.85
C LYS E 160 -30.64 67.88 -28.18
N GLU E 161 -29.43 68.01 -28.71
CA GLU E 161 -28.46 68.97 -28.19
C GLU E 161 -27.77 69.66 -29.35
N LYS E 162 -27.26 70.87 -29.08
CA LYS E 162 -26.57 71.68 -30.08
C LYS E 162 -25.13 71.84 -29.65
N GLN E 163 -24.20 71.48 -30.53
CA GLN E 163 -22.77 71.59 -30.27
C GLN E 163 -22.07 72.16 -31.50
N GLU E 164 -21.01 72.93 -31.26
CA GLU E 164 -20.23 73.49 -32.36
C GLU E 164 -19.46 72.37 -33.06
N VAL E 165 -19.52 72.36 -34.38
CA VAL E 165 -18.87 71.35 -35.21
C VAL E 165 -17.95 72.06 -36.19
N PRO E 166 -16.65 71.75 -36.20
CA PRO E 166 -15.75 72.40 -37.15
C PRO E 166 -16.08 72.01 -38.59
N VAL E 167 -15.79 72.91 -39.52
CA VAL E 167 -16.01 72.69 -40.94
C VAL E 167 -14.66 72.48 -41.61
N PHE E 168 -14.53 71.39 -42.35
CA PHE E 168 -13.28 71.01 -42.99
C PHE E 168 -13.43 71.07 -44.50
N SER E 169 -12.41 71.61 -45.17
CA SER E 169 -12.36 71.69 -46.62
C SER E 169 -11.33 70.70 -47.14
N LEU E 170 -11.74 69.86 -48.08
CA LEU E 170 -10.85 68.82 -48.59
C LEU E 170 -9.75 69.39 -49.47
N PHE E 171 -8.64 68.68 -49.52
CA PHE E 171 -7.48 69.04 -50.34
C PHE E 171 -6.78 67.77 -50.77
N PRO E 172 -6.31 67.70 -52.01
CA PRO E 172 -5.66 66.47 -52.49
C PRO E 172 -4.43 66.10 -51.67
N ILE E 173 -4.23 64.78 -51.53
CA ILE E 173 -3.12 64.29 -50.74
C ILE E 173 -1.81 64.61 -51.45
N GLN E 174 -0.87 65.22 -50.72
CA GLN E 174 0.40 65.66 -51.26
C GLN E 174 1.53 65.02 -50.46
N THR E 175 2.62 64.67 -51.14
CA THR E 175 3.82 64.09 -50.53
C THR E 175 3.54 62.74 -49.90
N GLN E 176 4.57 62.12 -49.32
CA GLN E 176 4.41 60.79 -48.72
C GLN E 176 3.94 60.89 -47.27
N GLU E 177 4.12 62.06 -46.65
CA GLU E 177 3.76 62.20 -45.24
C GLU E 177 2.26 62.03 -45.02
N GLN E 178 1.45 62.64 -45.88
CA GLN E 178 0.00 62.52 -45.75
C GLN E 178 -0.45 61.08 -45.95
N ALA E 179 0.12 60.40 -46.95
CA ALA E 179 -0.22 59.00 -47.18
C ALA E 179 0.18 58.13 -46.00
N ASP E 180 1.36 58.38 -45.42
CA ASP E 180 1.79 57.61 -44.26
C ASP E 180 0.87 57.85 -43.07
N ALA E 181 0.48 59.11 -42.85
CA ALA E 181 -0.44 59.40 -41.75
C ALA E 181 -1.78 58.71 -41.95
N LEU E 182 -2.30 58.73 -43.17
CA LEU E 182 -3.57 58.06 -43.45
C LEU E 182 -3.45 56.56 -43.25
N GLN E 183 -2.34 55.96 -43.68
CA GLN E 183 -2.15 54.53 -43.50
C GLN E 183 -2.05 54.18 -42.01
N GLN E 184 -1.35 54.99 -41.23
CA GLN E 184 -1.27 54.75 -39.79
C GLN E 184 -2.65 54.87 -39.15
N ALA E 185 -3.45 55.85 -39.58
CA ALA E 185 -4.80 55.98 -39.04
C ALA E 185 -5.66 54.76 -39.36
N LEU E 186 -5.58 54.29 -40.61
CA LEU E 186 -6.35 53.10 -40.98
C LEU E 186 -5.91 51.88 -40.18
N GLN E 187 -4.60 51.71 -40.00
CA GLN E 187 -4.09 50.58 -39.24
C GLN E 187 -4.52 50.67 -37.78
N LEU E 188 -4.51 51.88 -37.20
CA LEU E 188 -4.96 52.05 -35.83
C LEU E 188 -6.43 51.74 -35.69
N ARG E 189 -7.25 52.16 -36.66
CA ARG E 189 -8.67 51.83 -36.63
C ARG E 189 -8.90 50.34 -36.72
N THR E 190 -8.13 49.66 -37.59
CA THR E 190 -8.28 48.21 -37.74
C THR E 190 -7.87 47.48 -36.46
N ASP E 191 -6.78 47.94 -35.82
CA ASP E 191 -6.26 47.23 -34.66
C ASP E 191 -6.98 47.63 -33.38
N ASN E 192 -7.01 48.94 -33.09
CA ASN E 192 -7.58 49.40 -31.83
C ASN E 192 -8.59 50.52 -32.08
N PRO E 193 -9.88 50.20 -32.18
CA PRO E 193 -10.88 51.26 -32.38
C PRO E 193 -10.90 52.31 -31.28
N ARG E 194 -10.70 51.92 -30.03
CA ARG E 194 -10.72 52.89 -28.94
C ARG E 194 -9.58 53.90 -29.06
N GLY E 195 -8.38 53.42 -29.38
CA GLY E 195 -7.28 54.34 -29.62
C GLY E 195 -7.54 55.26 -30.80
N TYR E 196 -8.18 54.72 -31.85
CA TYR E 196 -8.55 55.54 -33.00
C TYR E 196 -9.51 56.66 -32.58
N GLU E 197 -10.51 56.33 -31.77
CA GLU E 197 -11.47 57.34 -31.33
C GLU E 197 -10.81 58.37 -30.43
N GLU E 198 -9.83 57.94 -29.61
CA GLU E 198 -9.33 58.82 -28.57
C GLU E 198 -8.20 59.71 -29.05
N ASN E 199 -7.33 59.22 -29.94
CA ASN E 199 -6.08 59.90 -30.22
C ASN E 199 -5.90 60.39 -31.66
N VAL E 200 -6.73 59.92 -32.60
CA VAL E 200 -6.48 60.21 -34.01
C VAL E 200 -6.72 61.68 -34.32
N ASP E 201 -7.74 62.28 -33.69
CA ASP E 201 -8.16 63.68 -33.83
C ASP E 201 -9.12 63.86 -34.99
N GLU E 202 -9.84 64.99 -35.01
CA GLU E 202 -11.03 65.12 -35.86
C GLU E 202 -10.69 65.19 -37.34
N ALA E 203 -9.64 65.93 -37.71
CA ALA E 203 -9.34 66.12 -39.12
C ALA E 203 -8.97 64.81 -39.81
N ILE E 204 -8.12 64.01 -39.17
CA ILE E 204 -7.74 62.71 -39.75
C ILE E 204 -8.95 61.78 -39.78
N LYS E 205 -9.83 61.89 -38.78
CA LYS E 205 -11.06 61.10 -38.78
C LYS E 205 -11.94 61.46 -39.98
N GLU E 206 -12.04 62.75 -40.29
CA GLU E 206 -12.80 63.18 -41.47
C GLU E 206 -12.15 62.66 -42.74
N SER E 207 -10.81 62.70 -42.81
CA SER E 207 -10.12 62.14 -43.97
C SER E 207 -10.41 60.66 -44.14
N VAL E 208 -10.41 59.92 -43.03
CA VAL E 208 -10.72 58.49 -43.08
C VAL E 208 -12.16 58.26 -43.52
N ARG E 209 -13.08 59.09 -43.03
CA ARG E 209 -14.49 58.96 -43.43
C ARG E 209 -14.64 59.21 -44.93
N PHE E 210 -13.96 60.22 -45.45
CA PHE E 210 -14.03 60.49 -46.89
C PHE E 210 -13.39 59.36 -47.69
N PHE E 211 -12.32 58.77 -47.16
CA PHE E 211 -11.71 57.62 -47.81
C PHE E 211 -12.69 56.45 -47.85
N ASP E 212 -13.44 56.24 -46.77
CA ASP E 212 -14.45 55.20 -46.75
C ASP E 212 -15.55 55.47 -47.78
N GLU E 213 -15.99 56.72 -47.87
CA GLU E 213 -17.04 57.06 -48.83
C GLU E 213 -16.51 57.06 -50.26
N THR E 214 -15.35 57.68 -50.49
CA THR E 214 -14.77 57.77 -51.82
C THR E 214 -13.37 57.20 -51.80
N GLY E 215 -13.04 56.40 -52.83
CA GLY E 215 -11.76 55.71 -52.84
C GLY E 215 -10.57 56.65 -52.83
N GLN E 216 -10.72 57.83 -53.44
CA GLN E 216 -9.63 58.78 -53.50
C GLN E 216 -9.30 59.32 -52.11
N ALA E 217 -8.00 59.40 -51.81
CA ALA E 217 -7.54 59.92 -50.53
C ALA E 217 -7.53 61.45 -50.57
N THR E 218 -7.93 62.06 -49.45
CA THR E 218 -8.02 63.51 -49.36
C THR E 218 -7.50 63.98 -48.01
N TYR E 219 -7.12 65.26 -47.95
CA TYR E 219 -6.67 65.90 -46.73
C TYR E 219 -7.57 67.09 -46.43
N ALA E 220 -7.96 67.25 -45.18
CA ALA E 220 -8.92 68.26 -44.77
C ALA E 220 -8.26 69.26 -43.84
N VAL E 221 -8.61 70.53 -44.00
CA VAL E 221 -8.13 71.62 -43.16
C VAL E 221 -9.34 72.36 -42.59
N GLN E 222 -9.30 72.67 -41.31
CA GLN E 222 -10.42 73.32 -40.65
C GLN E 222 -10.58 74.76 -41.15
N THR E 223 -11.84 75.17 -41.35
CA THR E 223 -12.17 76.51 -41.80
C THR E 223 -12.98 77.30 -40.77
N GLY E 224 -14.07 76.72 -40.27
CA GLY E 224 -14.90 77.40 -39.30
C GLY E 224 -15.75 76.41 -38.53
N THR E 225 -16.51 76.95 -37.58
CA THR E 225 -17.37 76.15 -36.71
C THR E 225 -18.83 76.52 -36.94
N THR E 226 -19.67 75.52 -37.13
CA THR E 226 -21.10 75.70 -37.35
C THR E 226 -21.88 74.87 -36.36
N THR E 227 -22.88 75.47 -35.73
CA THR E 227 -23.71 74.75 -34.77
C THR E 227 -24.63 73.76 -35.47
N THR E 228 -24.70 72.54 -34.93
CA THR E 228 -25.54 71.49 -35.48
C THR E 228 -26.28 70.81 -34.35
N GLU E 229 -27.40 70.16 -34.71
CA GLU E 229 -28.23 69.46 -33.74
C GLU E 229 -27.83 67.99 -33.68
N VAL E 230 -27.46 67.52 -32.49
CA VAL E 230 -27.04 66.14 -32.28
C VAL E 230 -27.88 65.54 -31.17
N GLU E 231 -28.30 64.29 -31.38
CA GLU E 231 -29.13 63.57 -30.44
C GLU E 231 -28.27 62.65 -29.59
N VAL E 232 -28.32 62.83 -28.28
CA VAL E 232 -27.57 62.03 -27.32
C VAL E 232 -28.57 61.17 -26.55
N PRO E 233 -28.61 59.86 -26.80
CA PRO E 233 -29.55 58.99 -26.07
C PRO E 233 -29.04 58.60 -24.69
N LEU E 234 -29.80 58.89 -23.64
CA LEU E 234 -29.38 58.50 -22.31
C LEU E 234 -29.51 57.00 -22.09
N ALA E 235 -30.64 56.42 -22.48
CA ALA E 235 -30.92 55.03 -22.19
C ALA E 235 -31.34 54.29 -23.46
N ASN E 236 -30.64 53.19 -23.74
CA ASN E 236 -30.99 52.26 -24.81
C ASN E 236 -30.66 50.86 -24.28
N HIS E 237 -31.64 50.21 -23.67
CA HIS E 237 -31.45 48.94 -23.01
C HIS E 237 -32.78 48.22 -22.83
N PRO E 238 -32.78 46.89 -22.96
CA PRO E 238 -34.02 46.14 -22.72
C PRO E 238 -34.37 46.10 -21.24
N THR E 239 -35.65 45.87 -20.96
CA THR E 239 -36.16 45.76 -19.61
C THR E 239 -36.98 44.49 -19.48
N VAL E 240 -36.79 43.76 -18.38
CA VAL E 240 -37.59 42.58 -18.05
C VAL E 240 -38.19 42.81 -16.67
N GLU E 241 -39.46 42.45 -16.50
CA GLU E 241 -40.18 42.69 -15.27
C GLU E 241 -41.14 41.53 -14.99
N MET E 242 -41.11 41.04 -13.77
CA MET E 242 -42.07 40.04 -13.35
C MET E 242 -43.46 40.67 -13.19
N LEU E 243 -44.48 39.95 -13.63
CA LEU E 243 -45.84 40.47 -13.68
C LEU E 243 -46.71 39.79 -12.63
N ASN E 244 -47.54 40.58 -11.97
CA ASN E 244 -48.55 40.03 -11.08
C ASN E 244 -49.56 39.23 -11.91
N PRO E 245 -49.83 37.97 -11.52
CA PRO E 245 -50.76 37.16 -12.33
C PRO E 245 -52.13 37.77 -12.48
N GLU E 246 -52.58 38.57 -11.50
CA GLU E 246 -53.90 39.18 -11.60
C GLU E 246 -53.95 40.24 -12.70
N ASN E 247 -52.80 40.81 -13.05
CA ASN E 247 -52.78 41.91 -14.01
C ASN E 247 -52.99 41.42 -15.44
N ILE E 248 -52.37 40.30 -15.80
CA ILE E 248 -52.36 39.82 -17.18
C ILE E 248 -53.52 38.85 -17.38
N ILE E 249 -54.23 39.01 -18.50
CA ILE E 249 -55.33 38.13 -18.89
C ILE E 249 -54.97 37.49 -20.22
N ILE E 250 -55.06 36.16 -20.28
CA ILE E 250 -54.65 35.40 -21.45
C ILE E 250 -55.88 34.69 -22.02
N ASP E 251 -55.87 34.52 -23.34
CA ASP E 251 -56.99 33.88 -24.02
C ASP E 251 -57.21 32.47 -23.47
N PRO E 252 -58.42 32.16 -22.97
CA PRO E 252 -58.66 30.82 -22.42
C PRO E 252 -58.77 29.73 -23.48
N SER E 253 -59.01 30.08 -24.74
CA SER E 253 -59.24 29.11 -25.79
C SER E 253 -57.97 28.76 -26.56
N CYS E 254 -56.80 28.94 -25.94
CA CYS E 254 -55.54 28.61 -26.60
C CYS E 254 -55.23 27.12 -26.54
N GLN E 255 -56.04 26.34 -25.83
CA GLN E 255 -55.86 24.89 -25.69
C GLN E 255 -54.53 24.54 -25.04
N GLY E 256 -54.14 25.31 -24.02
CA GLY E 256 -52.99 24.97 -23.20
C GLY E 256 -51.64 25.39 -23.73
N ASP E 257 -51.57 26.14 -24.83
CA ASP E 257 -50.31 26.60 -25.38
C ASP E 257 -50.33 28.12 -25.48
N ILE E 258 -49.29 28.76 -24.96
CA ILE E 258 -49.21 30.22 -25.00
C ILE E 258 -49.01 30.71 -26.41
N ASN E 259 -48.35 29.91 -27.25
CA ASN E 259 -48.08 30.33 -28.63
C ASN E 259 -49.37 30.41 -29.44
N LYS E 260 -50.33 29.53 -29.17
CA LYS E 260 -51.57 29.53 -29.94
C LYS E 260 -52.58 30.53 -29.39
N ALA E 261 -52.22 31.25 -28.33
CA ALA E 261 -53.11 32.27 -27.79
C ALA E 261 -53.34 33.37 -28.81
N MET E 262 -54.58 33.87 -28.88
CA MET E 262 -54.91 34.88 -29.88
C MET E 262 -54.61 36.28 -29.38
N PHE E 263 -54.81 36.54 -28.08
CA PHE E 263 -54.60 37.88 -27.54
C PHE E 263 -54.15 37.78 -26.09
N ALA E 264 -53.52 38.86 -25.62
CA ALA E 264 -53.11 38.99 -24.23
C ALA E 264 -53.20 40.46 -23.82
N ILE E 265 -53.74 40.71 -22.63
CA ILE E 265 -53.98 42.05 -22.13
C ILE E 265 -53.28 42.21 -20.80
N VAL E 266 -52.50 43.29 -20.65
CA VAL E 266 -51.76 43.58 -19.43
C VAL E 266 -52.04 45.03 -19.03
N SER E 267 -52.16 45.26 -17.74
CA SER E 267 -52.41 46.60 -17.20
C SER E 267 -51.22 47.03 -16.34
N PHE E 268 -50.74 48.24 -16.56
CA PHE E 268 -49.57 48.76 -15.86
C PHE E 268 -49.79 50.21 -15.50
N GLU E 269 -48.97 50.70 -14.56
CA GLU E 269 -49.02 52.09 -14.11
C GLU E 269 -47.96 52.89 -14.85
N THR E 270 -48.36 54.05 -15.36
CA THR E 270 -47.46 54.91 -16.11
C THR E 270 -47.76 56.37 -15.80
N CYS E 271 -46.81 57.24 -16.14
CA CYS E 271 -46.95 58.67 -15.94
C CYS E 271 -46.86 59.38 -17.27
N LYS E 272 -47.13 60.69 -17.25
CA LYS E 272 -47.14 61.46 -18.48
C LYS E 272 -45.74 61.57 -19.08
N ALA E 273 -44.71 61.58 -18.24
CA ALA E 273 -43.34 61.68 -18.74
C ALA E 273 -42.98 60.46 -19.57
N ASP E 274 -43.41 59.27 -19.14
CA ASP E 274 -43.11 58.06 -19.90
C ASP E 274 -43.76 58.10 -21.29
N LEU E 275 -44.99 58.60 -21.37
CA LEU E 275 -45.65 58.72 -22.67
C LEU E 275 -44.98 59.80 -23.53
N LEU E 276 -44.53 60.89 -22.90
CA LEU E 276 -43.89 61.97 -23.64
C LEU E 276 -42.47 61.63 -24.07
N LYS E 277 -41.87 60.58 -23.49
CA LYS E 277 -40.55 60.14 -23.94
C LYS E 277 -40.56 59.83 -25.44
N GLU E 278 -41.64 59.23 -25.93
CA GLU E 278 -41.82 58.93 -27.34
C GLU E 278 -43.11 59.62 -27.79
N LYS E 279 -42.99 60.86 -28.22
CA LYS E 279 -44.17 61.64 -28.59
C LYS E 279 -44.85 61.08 -29.84
N ASP E 280 -44.06 60.61 -30.81
CA ASP E 280 -44.63 60.14 -32.07
C ASP E 280 -45.44 58.87 -31.86
N ARG E 281 -45.08 58.06 -30.86
CA ARG E 281 -45.77 56.79 -30.64
C ARG E 281 -47.21 57.00 -30.20
N TYR E 282 -47.46 57.99 -29.35
CA TYR E 282 -48.76 58.16 -28.71
C TYR E 282 -49.49 59.37 -29.27
N HIS E 283 -50.82 59.28 -29.32
CA HIS E 283 -51.67 60.37 -29.77
C HIS E 283 -52.79 60.59 -28.76
N ASN E 284 -53.51 61.70 -28.93
CA ASN E 284 -54.67 62.05 -28.10
C ASN E 284 -54.30 62.12 -26.62
N LEU E 285 -53.12 62.67 -26.30
CA LEU E 285 -52.71 62.79 -24.91
C LEU E 285 -53.49 63.90 -24.19
N ASN E 286 -53.93 64.90 -24.94
CA ASN E 286 -54.64 66.03 -24.32
C ASN E 286 -56.01 65.61 -23.81
N LYS E 287 -56.67 64.68 -24.51
CA LYS E 287 -58.03 64.28 -24.14
C LYS E 287 -58.04 63.47 -22.84
N ILE E 288 -56.88 62.95 -22.42
CA ILE E 288 -56.83 62.11 -21.24
C ILE E 288 -57.08 62.94 -19.99
N ASP E 289 -57.92 62.42 -19.11
CA ASP E 289 -58.15 63.00 -17.79
C ASP E 289 -57.47 62.11 -16.75
N TRP E 290 -56.52 62.69 -16.01
CA TRP E 290 -55.69 61.89 -15.11
C TRP E 290 -56.46 61.46 -13.87
N GLN E 291 -57.39 62.30 -13.41
CA GLN E 291 -58.14 61.98 -12.19
C GLN E 291 -59.07 60.79 -12.41
N SER E 292 -59.66 60.69 -13.59
CA SER E 292 -60.61 59.60 -13.86
C SER E 292 -59.91 58.24 -13.81
N SER E 293 -58.72 58.14 -14.38
CA SER E 293 -57.96 56.90 -14.39
C SER E 293 -56.91 56.93 -13.28
N ALA E 294 -57.21 56.29 -12.17
CA ALA E 294 -56.33 56.27 -11.00
C ALA E 294 -56.33 54.87 -10.44
N PRO E 295 -55.25 54.48 -9.72
CA PRO E 295 -55.24 53.15 -9.10
C PRO E 295 -56.39 52.91 -8.15
N VAL E 296 -56.79 53.94 -7.39
CA VAL E 296 -57.93 53.78 -6.49
C VAL E 296 -59.23 53.67 -7.29
N ASN E 297 -59.29 54.30 -8.46
CA ASN E 297 -60.51 54.27 -9.26
C ASN E 297 -60.74 52.90 -9.86
N GLU E 298 -59.66 52.16 -10.16
CA GLU E 298 -59.78 50.85 -10.78
C GLU E 298 -59.53 49.77 -9.75
N PRO E 299 -60.55 49.07 -9.26
CA PRO E 299 -60.29 47.99 -8.30
C PRO E 299 -59.63 46.77 -8.92
N ASP E 300 -59.75 46.59 -10.23
CA ASP E 300 -59.21 45.40 -10.88
C ASP E 300 -57.69 45.36 -10.78
N HIS E 301 -57.03 46.51 -10.96
CA HIS E 301 -55.58 46.56 -10.91
C HIS E 301 -55.10 46.30 -9.49
N ALA E 302 -54.13 45.39 -9.36
CA ALA E 302 -53.55 45.02 -8.08
C ALA E 302 -52.15 45.61 -7.99
N THR E 303 -51.93 46.46 -6.97
CA THR E 303 -50.65 47.12 -6.79
C THR E 303 -50.42 47.37 -5.31
N THR E 304 -49.16 47.62 -4.96
CA THR E 304 -48.76 47.92 -3.60
C THR E 304 -48.80 49.42 -3.29
N THR E 305 -49.12 50.25 -4.28
CA THR E 305 -49.18 51.68 -4.05
C THR E 305 -50.31 52.03 -3.07
N PRO E 306 -50.06 52.87 -2.08
CA PRO E 306 -51.14 53.29 -1.18
C PRO E 306 -52.26 53.99 -1.93
N GLN E 307 -53.49 53.77 -1.46
CA GLN E 307 -54.65 54.33 -2.13
C GLN E 307 -54.65 55.86 -2.10
N GLU E 308 -54.24 56.44 -0.97
CA GLU E 308 -54.30 57.88 -0.78
C GLU E 308 -53.08 58.63 -1.30
N PHE E 309 -52.09 57.92 -1.84
CA PHE E 309 -50.87 58.58 -2.29
C PHE E 309 -51.07 59.19 -3.68
N GLN E 310 -50.77 60.48 -3.79
CA GLN E 310 -50.84 61.20 -5.06
C GLN E 310 -49.70 62.20 -5.13
N ILE E 311 -48.95 62.19 -6.23
CA ILE E 311 -47.85 63.14 -6.41
C ILE E 311 -48.41 64.48 -6.83
N SER E 312 -47.86 65.56 -6.25
CA SER E 312 -48.38 66.90 -6.51
C SER E 312 -48.19 67.30 -7.97
N ASP E 313 -47.02 67.01 -8.53
CA ASP E 313 -46.73 67.44 -9.90
C ASP E 313 -47.59 66.66 -10.88
N PRO E 314 -48.32 67.35 -11.77
CA PRO E 314 -49.14 66.62 -12.76
C PRO E 314 -48.33 65.74 -13.69
N MET E 315 -47.11 66.14 -14.02
CA MET E 315 -46.29 65.35 -14.94
C MET E 315 -45.90 64.01 -14.32
N ARG E 316 -45.66 63.98 -13.02
CA ARG E 316 -45.23 62.78 -12.34
C ARG E 316 -46.38 61.96 -11.77
N LYS E 317 -47.62 62.37 -12.01
CA LYS E 317 -48.77 61.61 -11.53
C LYS E 317 -48.87 60.28 -12.26
N ARG E 318 -49.22 59.23 -11.52
CA ARG E 318 -49.29 57.88 -12.05
C ARG E 318 -50.73 57.53 -12.39
N VAL E 319 -50.95 57.03 -13.60
CA VAL E 319 -52.27 56.65 -14.08
C VAL E 319 -52.20 55.22 -14.63
N VAL E 320 -53.26 54.45 -14.40
CA VAL E 320 -53.31 53.08 -14.88
C VAL E 320 -53.65 53.06 -16.36
N ALA E 321 -52.96 52.21 -17.11
CA ALA E 321 -53.18 52.08 -18.54
C ALA E 321 -53.29 50.60 -18.91
N TYR E 322 -53.96 50.34 -20.03
CA TYR E 322 -54.16 48.98 -20.52
C TYR E 322 -53.50 48.84 -21.88
N GLU E 323 -53.02 47.63 -22.18
CA GLU E 323 -52.33 47.35 -23.42
C GLU E 323 -52.81 46.01 -23.97
N TYR E 324 -52.94 45.94 -25.30
CA TYR E 324 -53.52 44.79 -25.98
C TYR E 324 -52.54 44.27 -27.02
N TRP E 325 -52.08 43.03 -26.83
CA TRP E 325 -51.22 42.34 -27.79
C TRP E 325 -52.01 41.18 -28.38
N GLY E 326 -52.13 41.15 -29.70
CA GLY E 326 -52.88 40.08 -30.34
C GLY E 326 -52.78 40.15 -31.85
N PHE E 327 -53.49 39.23 -32.49
CA PHE E 327 -53.53 39.11 -33.94
C PHE E 327 -54.88 39.60 -34.45
N TRP E 328 -54.85 40.45 -35.48
CA TRP E 328 -56.06 41.02 -36.05
C TRP E 328 -55.96 41.01 -37.57
N ASP E 329 -57.13 40.94 -38.21
CA ASP E 329 -57.23 41.01 -39.67
C ASP E 329 -57.37 42.48 -40.05
N ILE E 330 -56.22 43.14 -40.26
CA ILE E 330 -56.23 44.59 -40.46
C ILE E 330 -56.84 44.94 -41.82
N GLU E 331 -56.51 44.19 -42.86
CA GLU E 331 -56.97 44.51 -44.20
C GLU E 331 -58.26 43.80 -44.59
N GLY E 332 -58.79 42.94 -43.71
CA GLY E 332 -60.09 42.34 -43.95
C GLY E 332 -60.13 41.24 -44.99
N ASN E 333 -58.97 40.73 -45.43
CA ASN E 333 -58.95 39.67 -46.43
C ASN E 333 -58.72 38.30 -45.82
N GLY E 334 -58.78 38.16 -44.50
CA GLY E 334 -58.57 36.88 -43.86
C GLY E 334 -57.15 36.59 -43.41
N VAL E 335 -56.29 37.61 -43.37
CA VAL E 335 -54.90 37.45 -42.97
C VAL E 335 -54.71 38.10 -41.61
N LEU E 336 -54.24 37.32 -40.64
CA LEU E 336 -54.02 37.82 -39.29
C LEU E 336 -52.57 38.22 -39.09
N GLU E 337 -52.36 39.44 -38.59
CA GLU E 337 -51.02 39.93 -38.30
C GLU E 337 -50.97 40.51 -36.89
N PRO E 338 -49.82 40.43 -36.22
CA PRO E 338 -49.75 40.93 -34.83
C PRO E 338 -49.90 42.44 -34.78
N ILE E 339 -50.50 42.92 -33.68
CA ILE E 339 -50.74 44.34 -33.47
C ILE E 339 -50.51 44.66 -32.00
N VAL E 340 -50.50 45.96 -31.69
CA VAL E 340 -50.43 46.44 -30.32
C VAL E 340 -51.37 47.63 -30.20
N ALA E 341 -52.12 47.68 -29.10
CA ALA E 341 -53.07 48.77 -28.84
C ALA E 341 -53.01 49.15 -27.37
N THR E 342 -52.93 50.45 -27.10
CA THR E 342 -52.87 50.97 -25.75
C THR E 342 -53.95 52.02 -25.57
N TRP E 343 -54.71 51.93 -24.48
CA TRP E 343 -55.75 52.90 -24.18
C TRP E 343 -55.74 53.23 -22.70
N ILE E 344 -56.03 54.49 -22.38
CA ILE E 344 -56.16 54.96 -21.00
C ILE E 344 -57.59 55.40 -20.80
N GLY E 345 -58.27 54.82 -19.81
CA GLY E 345 -59.66 55.13 -19.59
C GLY E 345 -60.51 54.63 -20.75
N SER E 346 -61.12 55.57 -21.47
CA SER E 346 -61.93 55.26 -22.64
C SER E 346 -61.36 55.85 -23.91
N THR E 347 -60.11 56.30 -23.90
CA THR E 347 -59.48 56.93 -25.05
C THR E 347 -58.35 56.05 -25.56
N LEU E 348 -58.33 55.82 -26.87
CA LEU E 348 -57.29 55.00 -27.50
C LEU E 348 -56.15 55.92 -27.91
N ILE E 349 -54.96 55.70 -27.35
CA ILE E 349 -53.85 56.62 -27.55
C ILE E 349 -52.88 56.10 -28.60
N ARG E 350 -52.69 54.78 -28.66
CA ARG E 350 -51.67 54.18 -29.51
C ARG E 350 -52.26 53.01 -30.28
N LEU E 351 -51.93 52.93 -31.57
CA LEU E 351 -52.36 51.84 -32.43
C LEU E 351 -51.35 51.66 -33.54
N GLU E 352 -50.69 50.50 -33.57
CA GLU E 352 -49.68 50.22 -34.59
C GLU E 352 -49.41 48.72 -34.61
N LYS E 353 -48.52 48.32 -35.51
CA LYS E 353 -48.16 46.92 -35.64
C LYS E 353 -47.15 46.51 -34.57
N ASN E 354 -46.82 45.22 -34.57
CA ASN E 354 -45.87 44.70 -33.61
C ASN E 354 -44.47 45.23 -33.91
N PRO E 355 -43.82 45.92 -32.97
CA PRO E 355 -42.49 46.46 -33.27
C PRO E 355 -41.38 45.42 -33.20
N TYR E 356 -41.50 44.44 -32.32
CA TYR E 356 -40.43 43.49 -32.10
C TYR E 356 -40.29 42.54 -33.29
N PRO E 357 -39.06 42.16 -33.63
CA PRO E 357 -38.86 41.33 -34.84
C PRO E 357 -39.42 39.93 -34.71
N ASP E 358 -39.45 39.36 -33.51
CA ASP E 358 -39.86 37.96 -33.37
C ASP E 358 -41.32 37.76 -33.75
N GLY E 359 -42.14 38.80 -33.59
CA GLY E 359 -43.53 38.73 -33.96
C GLY E 359 -44.42 37.95 -33.01
N LYS E 360 -43.98 37.73 -31.78
CA LYS E 360 -44.74 37.00 -30.78
C LYS E 360 -45.06 37.91 -29.60
N LEU E 361 -46.01 37.47 -28.79
CA LEU E 361 -46.33 38.22 -27.57
C LEU E 361 -45.15 38.18 -26.61
N PRO E 362 -44.75 39.31 -26.05
CA PRO E 362 -43.57 39.35 -25.17
C PRO E 362 -43.86 38.86 -23.77
N PHE E 363 -44.31 37.62 -23.67
CA PHE E 363 -44.62 36.99 -22.38
C PHE E 363 -44.05 35.58 -22.37
N VAL E 364 -43.50 35.19 -21.22
CA VAL E 364 -42.93 33.87 -21.02
C VAL E 364 -43.52 33.28 -19.75
N LEU E 365 -44.03 32.05 -19.84
CA LEU E 365 -44.67 31.39 -18.71
C LEU E 365 -43.86 30.16 -18.34
N ILE E 366 -43.65 29.98 -17.03
CA ILE E 366 -42.87 28.86 -16.49
C ILE E 366 -43.69 28.23 -15.37
N PRO E 367 -44.12 26.99 -15.50
CA PRO E 367 -44.93 26.37 -14.44
C PRO E 367 -44.09 25.62 -13.41
N TYR E 368 -44.44 25.74 -12.14
CA TYR E 368 -43.71 25.01 -11.09
C TYR E 368 -43.94 23.51 -11.21
N MET E 369 -45.20 23.09 -11.29
CA MET E 369 -45.56 21.70 -11.49
C MET E 369 -46.53 21.63 -12.65
N PRO E 370 -46.12 21.13 -13.82
CA PRO E 370 -47.00 21.18 -14.99
C PRO E 370 -48.25 20.35 -14.80
N VAL E 371 -49.35 20.86 -15.37
CA VAL E 371 -50.61 20.13 -15.47
C VAL E 371 -50.84 19.81 -16.94
N LYS E 372 -51.10 18.55 -17.24
CA LYS E 372 -51.19 18.11 -18.63
C LYS E 372 -52.29 18.85 -19.37
N ARG E 373 -51.96 19.34 -20.56
CA ARG E 373 -52.90 20.09 -21.41
C ARG E 373 -53.48 21.29 -20.67
N ASP E 374 -52.63 22.04 -19.99
CA ASP E 374 -53.04 23.24 -19.27
C ASP E 374 -51.87 24.19 -19.14
N MET E 375 -52.17 25.49 -19.15
CA MET E 375 -51.12 26.50 -19.06
C MET E 375 -50.51 26.55 -17.67
N TYR E 376 -51.34 26.61 -16.64
CA TYR E 376 -50.88 26.96 -15.30
C TYR E 376 -50.29 25.75 -14.59
N GLY E 377 -49.56 26.03 -13.51
CA GLY E 377 -48.96 25.00 -12.69
C GLY E 377 -49.51 25.06 -11.27
N GLU E 378 -49.08 24.10 -10.46
CA GLU E 378 -49.61 23.99 -9.11
C GLU E 378 -48.47 24.04 -8.09
N PRO E 379 -48.66 24.75 -6.97
CA PRO E 379 -47.66 24.75 -5.90
C PRO E 379 -47.84 23.55 -4.98
N ASP E 380 -47.02 23.54 -3.93
CA ASP E 380 -47.05 22.43 -2.97
C ASP E 380 -48.10 22.63 -1.88
N ALA E 381 -48.73 23.81 -1.80
CA ALA E 381 -49.71 24.07 -0.75
C ALA E 381 -50.94 23.17 -0.89
N GLU E 382 -51.29 22.81 -2.13
CA GLU E 382 -52.46 21.97 -2.37
C GLU E 382 -52.36 20.66 -1.61
N LEU E 383 -51.18 20.04 -1.61
CA LEU E 383 -51.03 18.75 -0.97
C LEU E 383 -50.87 18.89 0.54
N LEU E 384 -50.41 20.06 1.01
CA LEU E 384 -49.95 20.20 2.38
C LEU E 384 -50.90 21.00 3.27
N GLY E 385 -51.98 21.56 2.73
CA GLY E 385 -52.91 22.29 3.57
C GLY E 385 -53.52 21.46 4.68
N ASP E 386 -53.95 20.24 4.33
CA ASP E 386 -54.56 19.35 5.33
C ASP E 386 -53.56 18.96 6.42
N ASN E 387 -52.34 18.62 6.02
CA ASN E 387 -51.31 18.26 7.00
C ASN E 387 -50.99 19.44 7.90
N GLN E 388 -50.91 20.64 7.32
CA GLN E 388 -50.66 21.83 8.13
C GLN E 388 -51.77 22.05 9.15
N ALA E 389 -53.02 21.88 8.72
CA ALA E 389 -54.15 22.05 9.64
C ALA E 389 -54.09 21.04 10.78
N VAL E 390 -53.82 19.77 10.46
CA VAL E 390 -53.78 18.74 11.49
C VAL E 390 -52.63 18.99 12.46
N LEU E 391 -51.45 19.35 11.95
CA LEU E 391 -50.31 19.63 12.81
C LEU E 391 -50.59 20.82 13.72
N GLY E 392 -51.20 21.88 13.18
CA GLY E 392 -51.56 23.01 14.00
C GLY E 392 -52.55 22.64 15.10
N ALA E 393 -53.54 21.80 14.76
CA ALA E 393 -54.51 21.38 15.76
C ALA E 393 -53.83 20.58 16.88
N VAL E 394 -52.93 19.67 16.52
CA VAL E 394 -52.23 18.88 17.53
C VAL E 394 -51.38 19.77 18.43
N MET E 395 -50.65 20.72 17.82
CA MET E 395 -49.81 21.62 18.61
C MET E 395 -50.65 22.47 19.55
N ARG E 396 -51.79 22.99 19.05
CA ARG E 396 -52.68 23.75 19.90
C ARG E 396 -53.21 22.92 21.05
N GLY E 397 -53.55 21.66 20.79
CA GLY E 397 -54.00 20.79 21.87
C GLY E 397 -52.94 20.60 22.94
N MET E 398 -51.69 20.36 22.52
CA MET E 398 -50.60 20.19 23.48
C MET E 398 -50.40 21.46 24.31
N ILE E 399 -50.38 22.62 23.65
CA ILE E 399 -50.12 23.87 24.35
C ILE E 399 -51.25 24.21 25.30
N ASP E 400 -52.50 23.94 24.90
CA ASP E 400 -53.63 24.14 25.80
C ASP E 400 -53.54 23.21 27.00
N LEU E 401 -53.16 21.95 26.78
CA LEU E 401 -53.02 21.00 27.86
C LEU E 401 -52.01 21.49 28.89
N LEU E 402 -50.87 21.99 28.42
CA LEU E 402 -49.86 22.49 29.37
C LEU E 402 -50.31 23.78 30.03
N GLY E 403 -50.88 24.72 29.26
CA GLY E 403 -51.19 26.03 29.80
C GLY E 403 -52.32 26.02 30.83
N ARG E 404 -53.36 25.22 30.57
CA ARG E 404 -54.54 25.31 31.43
C ARG E 404 -54.31 24.62 32.77
N SER E 405 -53.25 23.82 32.89
CA SER E 405 -52.96 23.14 34.14
C SER E 405 -52.45 24.13 35.19
N ALA E 406 -52.70 23.80 36.46
CA ALA E 406 -52.21 24.62 37.56
C ALA E 406 -50.80 24.18 37.95
N ASN E 407 -49.89 25.16 38.05
CA ASN E 407 -48.50 24.89 38.36
C ASN E 407 -48.03 25.83 39.46
N GLY E 408 -47.28 25.28 40.43
CA GLY E 408 -46.72 26.06 41.51
C GLY E 408 -47.60 26.17 42.74
N GLN E 409 -48.85 25.72 42.68
CA GLN E 409 -49.74 25.81 43.83
C GLN E 409 -49.42 24.73 44.85
N ARG E 410 -49.75 25.01 46.10
CA ARG E 410 -49.54 24.08 47.21
C ARG E 410 -50.84 23.92 47.99
N GLY E 411 -51.21 22.67 48.25
CA GLY E 411 -52.41 22.36 49.02
C GLY E 411 -52.04 21.62 50.30
N MET E 412 -52.63 22.07 51.40
CA MET E 412 -52.35 21.51 52.71
C MET E 412 -53.63 21.01 53.35
N PRO E 413 -53.66 19.79 53.89
CA PRO E 413 -54.88 19.28 54.52
C PRO E 413 -55.23 20.06 55.78
N LYS E 414 -56.52 20.11 56.09
CA LYS E 414 -56.98 20.79 57.29
C LYS E 414 -56.71 19.94 58.52
N GLY E 415 -56.24 20.61 59.58
CA GLY E 415 -56.02 19.96 60.86
C GLY E 415 -54.66 19.33 61.04
N MET E 416 -53.83 19.28 60.00
CA MET E 416 -52.49 18.71 60.15
C MET E 416 -51.60 19.61 61.00
N LEU E 417 -51.67 20.91 60.79
CA LEU E 417 -50.86 21.87 61.52
C LEU E 417 -51.77 22.91 62.18
N ASP E 418 -51.50 23.21 63.45
CA ASP E 418 -52.22 24.28 64.11
C ASP E 418 -51.67 25.64 63.65
N ALA E 419 -52.17 26.71 64.28
CA ALA E 419 -51.85 28.05 63.81
C ALA E 419 -50.36 28.34 63.85
N LEU E 420 -49.72 28.12 65.00
CA LEU E 420 -48.31 28.47 65.15
C LEU E 420 -47.43 27.64 64.24
N ASN E 421 -47.67 26.34 64.17
CA ASN E 421 -46.86 25.48 63.32
C ASN E 421 -47.09 25.81 61.84
N SER E 422 -48.33 26.15 61.47
CA SER E 422 -48.60 26.55 60.09
C SER E 422 -47.85 27.82 59.73
N ARG E 423 -47.85 28.81 60.64
CA ARG E 423 -47.09 30.03 60.38
C ARG E 423 -45.60 29.73 60.28
N ARG E 424 -45.08 28.88 61.16
CA ARG E 424 -43.66 28.52 61.09
C ARG E 424 -43.32 27.84 59.79
N TYR E 425 -44.20 26.96 59.30
CA TYR E 425 -43.99 26.32 58.01
C TYR E 425 -44.02 27.35 56.88
N ARG E 426 -44.95 28.30 56.94
CA ARG E 426 -45.07 29.29 55.87
C ARG E 426 -43.86 30.21 55.80
N GLU E 427 -43.33 30.62 56.96
CA GLU E 427 -42.17 31.50 56.95
C GLU E 427 -40.94 30.80 56.40
N GLY E 428 -40.79 29.50 56.68
CA GLY E 428 -39.65 28.77 56.15
C GLY E 428 -38.72 28.21 57.21
N GLU E 429 -39.27 27.81 58.36
CA GLU E 429 -38.47 27.24 59.43
C GLU E 429 -39.08 25.91 59.85
N ASP E 430 -38.42 25.25 60.79
CA ASP E 430 -38.83 23.93 61.23
C ASP E 430 -40.18 23.98 61.93
N TYR E 431 -40.92 22.88 61.85
CA TYR E 431 -42.27 22.80 62.39
C TYR E 431 -42.49 21.43 63.02
N GLU E 432 -43.67 21.25 63.60
CA GLU E 432 -44.08 19.98 64.17
C GLU E 432 -45.51 19.68 63.72
N TYR E 433 -45.74 18.46 63.26
CA TYR E 433 -47.02 18.07 62.69
C TYR E 433 -47.68 16.97 63.52
N ASN E 434 -48.99 16.82 63.34
CA ASN E 434 -49.71 15.76 64.01
C ASN E 434 -49.36 14.41 63.37
N PRO E 435 -49.06 13.38 64.18
CA PRO E 435 -48.61 12.11 63.59
C PRO E 435 -49.65 11.42 62.74
N THR E 436 -50.93 11.79 62.88
CA THR E 436 -51.99 11.11 62.13
C THR E 436 -51.82 11.29 60.63
N GLN E 437 -51.43 12.49 60.20
CA GLN E 437 -51.26 12.80 58.78
C GLN E 437 -49.78 12.98 58.46
N ASN E 438 -49.37 12.48 57.29
CA ASN E 438 -47.97 12.52 56.89
C ASN E 438 -47.74 13.63 55.88
N PRO E 439 -47.00 14.68 56.22
CA PRO E 439 -46.80 15.79 55.28
C PRO E 439 -46.17 15.38 53.95
N ALA E 440 -45.40 14.30 53.94
CA ALA E 440 -44.71 13.89 52.72
C ALA E 440 -45.69 13.53 51.61
N GLN E 441 -46.82 12.91 51.98
CA GLN E 441 -47.82 12.54 50.99
C GLN E 441 -48.95 13.55 50.94
N MET E 442 -49.31 14.14 52.07
CA MET E 442 -50.46 15.03 52.12
C MET E 442 -50.17 16.35 51.41
N ILE E 443 -48.98 16.92 51.61
CA ILE E 443 -48.64 18.18 50.94
C ILE E 443 -48.41 17.90 49.47
N ILE E 444 -49.11 18.65 48.62
CA ILE E 444 -49.12 18.42 47.18
C ILE E 444 -48.58 19.66 46.48
N GLU E 445 -47.61 19.46 45.60
CA GLU E 445 -47.08 20.51 44.73
C GLU E 445 -47.47 20.17 43.30
N HIS E 446 -48.31 20.99 42.69
CA HIS E 446 -48.83 20.70 41.37
C HIS E 446 -47.77 20.91 40.30
N LYS E 447 -47.88 20.12 39.23
CA LYS E 447 -46.89 20.12 38.16
C LYS E 447 -47.58 20.02 36.82
N PHE E 448 -46.78 20.13 35.76
CA PHE E 448 -47.32 19.98 34.41
C PHE E 448 -47.76 18.55 34.17
N PRO E 449 -48.88 18.33 33.47
CA PRO E 449 -49.28 16.96 33.14
C PRO E 449 -48.35 16.35 32.10
N GLU E 450 -48.31 15.02 32.08
CA GLU E 450 -47.45 14.33 31.14
C GLU E 450 -48.08 14.29 29.74
N LEU E 451 -47.27 14.59 28.73
CA LEU E 451 -47.78 14.63 27.37
C LEU E 451 -48.03 13.22 26.85
N PRO E 452 -49.17 12.97 26.21
CA PRO E 452 -49.42 11.65 25.61
C PRO E 452 -48.53 11.43 24.40
N GLN E 453 -48.29 10.15 24.09
CA GLN E 453 -47.45 9.81 22.95
C GLN E 453 -48.21 9.97 21.63
N SER E 454 -49.54 10.01 21.68
CA SER E 454 -50.33 10.09 20.45
C SER E 454 -50.06 11.39 19.70
N ALA E 455 -49.94 12.50 20.43
CA ALA E 455 -49.71 13.79 19.77
C ALA E 455 -48.37 13.79 19.04
N LEU E 456 -47.31 13.32 19.69
CA LEU E 456 -46.00 13.26 19.04
C LEU E 456 -46.01 12.31 17.85
N THR E 457 -46.66 11.14 18.01
CA THR E 457 -46.73 10.19 16.91
C THR E 457 -47.45 10.77 15.71
N MET E 458 -48.57 11.47 15.93
CA MET E 458 -49.32 12.01 14.82
C MET E 458 -48.59 13.20 14.18
N ALA E 459 -47.90 14.01 14.99
CA ALA E 459 -47.08 15.07 14.42
C ALA E 459 -45.98 14.50 13.53
N THR E 460 -45.33 13.42 13.99
CA THR E 460 -44.32 12.76 13.16
C THR E 460 -44.93 12.20 11.88
N LEU E 461 -46.12 11.61 11.99
CA LEU E 461 -46.77 11.06 10.80
C LEU E 461 -47.09 12.15 9.79
N GLN E 462 -47.62 13.29 10.25
CA GLN E 462 -47.91 14.38 9.34
C GLN E 462 -46.65 14.93 8.69
N ASN E 463 -45.58 15.08 9.47
CA ASN E 463 -44.33 15.57 8.91
C ASN E 463 -43.78 14.60 7.86
N GLN E 464 -43.83 13.30 8.14
CA GLN E 464 -43.35 12.31 7.18
C GLN E 464 -44.20 12.31 5.92
N GLU E 465 -45.52 12.42 6.06
CA GLU E 465 -46.38 12.47 4.89
C GLU E 465 -46.08 13.71 4.04
N ALA E 466 -45.88 14.86 4.69
CA ALA E 466 -45.54 16.07 3.94
C ALA E 466 -44.21 15.93 3.22
N GLU E 467 -43.21 15.37 3.89
CA GLU E 467 -41.90 15.21 3.26
C GLU E 467 -41.97 14.22 2.10
N SER E 468 -42.78 13.17 2.23
CA SER E 468 -42.93 12.21 1.14
C SER E 468 -43.64 12.84 -0.06
N LEU E 469 -44.75 13.52 0.18
CA LEU E 469 -45.49 14.13 -0.93
C LEU E 469 -44.68 15.21 -1.61
N THR E 470 -44.07 16.11 -0.84
CA THR E 470 -43.33 17.22 -1.44
C THR E 470 -41.99 16.74 -1.99
N GLY E 471 -41.31 15.86 -1.28
CA GLY E 471 -39.99 15.41 -1.68
C GLY E 471 -38.83 16.23 -1.15
N VAL E 472 -39.07 17.06 -0.14
CA VAL E 472 -38.04 17.91 0.46
C VAL E 472 -37.84 17.49 1.91
N LYS E 473 -36.58 17.27 2.28
CA LYS E 473 -36.21 17.02 3.66
C LYS E 473 -35.59 18.28 4.25
N ALA E 474 -35.54 18.33 5.58
CA ALA E 474 -35.11 19.55 6.26
C ALA E 474 -33.67 19.91 5.92
N PHE E 475 -32.71 19.06 6.31
CA PHE E 475 -31.30 19.39 6.20
C PHE E 475 -30.58 18.55 5.15
N ALA E 476 -31.26 18.18 4.07
CA ALA E 476 -30.65 17.37 3.02
C ALA E 476 -31.02 17.93 1.65
N GLY E 477 -30.16 17.65 0.68
CA GLY E 477 -30.42 18.03 -0.70
C GLY E 477 -29.93 19.42 -1.04
N GLY E 478 -30.38 19.89 -2.20
CA GLY E 478 -30.04 21.21 -2.67
C GLY E 478 -28.81 21.30 -3.55
N VAL E 479 -28.09 20.19 -3.76
CA VAL E 479 -26.84 20.18 -4.49
C VAL E 479 -27.04 19.87 -5.97
N THR E 480 -28.27 20.00 -6.48
CA THR E 480 -28.52 19.68 -7.88
C THR E 480 -27.91 20.72 -8.81
N GLY E 481 -27.68 21.94 -8.29
CA GLY E 481 -27.15 23.00 -9.13
C GLY E 481 -25.76 22.72 -9.66
N GLU E 482 -24.93 22.03 -8.87
CA GLU E 482 -23.57 21.73 -9.30
C GLU E 482 -23.55 20.73 -10.44
N SER E 483 -24.65 20.00 -10.64
CA SER E 483 -24.73 18.96 -11.65
C SER E 483 -25.49 19.39 -12.90
N TYR E 484 -25.77 20.69 -13.05
CA TYR E 484 -26.48 21.16 -14.23
C TYR E 484 -25.66 20.95 -15.50
N GLY E 485 -24.34 21.16 -15.40
CA GLY E 485 -23.50 21.05 -16.58
C GLY E 485 -23.59 19.67 -17.21
N ASP E 486 -23.76 19.65 -18.53
CA ASP E 486 -23.88 18.38 -19.24
C ASP E 486 -22.58 17.59 -19.20
N VAL E 487 -21.53 18.11 -19.85
CA VAL E 487 -20.23 17.44 -19.82
C VAL E 487 -19.65 17.49 -18.42
N ALA E 488 -20.05 18.48 -17.62
CA ALA E 488 -19.48 18.64 -16.29
C ALA E 488 -19.85 17.47 -15.38
N ALA E 489 -21.14 17.25 -15.17
CA ALA E 489 -21.56 16.20 -14.24
C ALA E 489 -22.68 15.31 -14.77
N GLY E 490 -23.29 15.63 -15.92
CA GLY E 490 -24.31 14.75 -16.47
C GLY E 490 -23.74 13.41 -16.89
N ILE E 491 -22.48 13.41 -17.37
CA ILE E 491 -21.84 12.16 -17.75
C ILE E 491 -21.42 11.39 -16.51
N ARG E 492 -21.92 10.17 -16.38
CA ARG E 492 -21.60 9.28 -15.25
C ARG E 492 -21.87 9.99 -13.92
N GLY E 493 -22.98 10.71 -13.86
CA GLY E 493 -23.37 11.42 -12.65
C GLY E 493 -24.53 10.75 -11.94
N VAL E 494 -24.32 10.32 -10.70
CA VAL E 494 -25.32 9.60 -9.92
C VAL E 494 -25.82 10.52 -8.82
N LEU E 495 -27.14 10.72 -8.78
CA LEU E 495 -27.78 11.52 -7.75
C LEU E 495 -28.98 10.77 -7.20
N ASP E 496 -29.32 11.04 -5.95
CA ASP E 496 -30.43 10.36 -5.31
C ASP E 496 -31.76 10.74 -5.97
N ALA E 497 -32.81 10.02 -5.59
CA ALA E 497 -34.10 10.18 -6.24
C ALA E 497 -34.68 11.58 -6.01
N ALA E 498 -34.40 12.17 -4.85
CA ALA E 498 -34.98 13.47 -4.53
C ALA E 498 -34.32 14.59 -5.33
N SER E 499 -33.14 14.35 -5.89
CA SER E 499 -32.42 15.41 -6.60
C SER E 499 -33.00 15.63 -7.99
N LYS E 500 -33.61 14.60 -8.57
CA LYS E 500 -34.02 14.69 -9.98
C LYS E 500 -35.24 15.58 -10.16
N ARG E 501 -36.13 15.64 -9.16
CA ARG E 501 -37.26 16.56 -9.25
C ARG E 501 -36.79 18.01 -9.25
N GLU E 502 -35.84 18.34 -8.36
CA GLU E 502 -35.25 19.67 -8.37
C GLU E 502 -34.51 19.94 -9.67
N MET E 503 -33.85 18.91 -10.22
CA MET E 503 -33.18 19.06 -11.51
C MET E 503 -34.18 19.41 -12.60
N ALA E 504 -35.33 18.73 -12.62
CA ALA E 504 -36.36 19.01 -13.62
C ALA E 504 -36.90 20.43 -13.49
N ILE E 505 -37.14 20.88 -12.25
CA ILE E 505 -37.63 22.24 -12.06
C ILE E 505 -36.57 23.26 -12.49
N LEU E 506 -35.30 22.96 -12.22
CA LEU E 506 -34.22 23.84 -12.67
C LEU E 506 -34.18 23.92 -14.19
N ARG E 507 -34.37 22.80 -14.86
CA ARG E 507 -34.42 22.80 -16.33
C ARG E 507 -35.60 23.62 -16.83
N ARG E 508 -36.74 23.51 -16.15
CA ARG E 508 -37.91 24.31 -16.53
C ARG E 508 -37.61 25.80 -16.41
N LEU E 509 -36.94 26.21 -15.33
CA LEU E 509 -36.56 27.62 -15.18
C LEU E 509 -35.55 28.04 -16.25
N ALA E 510 -34.59 27.17 -16.56
CA ALA E 510 -33.57 27.49 -17.54
C ALA E 510 -34.16 27.66 -18.93
N LYS E 511 -35.24 26.93 -19.23
CA LYS E 511 -35.92 27.10 -20.51
C LYS E 511 -36.47 28.51 -20.65
N GLY E 512 -37.14 29.02 -19.60
CA GLY E 512 -37.63 30.39 -19.64
C GLY E 512 -36.51 31.40 -19.72
N MET E 513 -35.40 31.14 -19.01
CA MET E 513 -34.25 32.03 -19.10
C MET E 513 -33.70 32.08 -20.52
N SER E 514 -33.62 30.92 -21.18
CA SER E 514 -33.15 30.87 -22.56
C SER E 514 -34.10 31.61 -23.49
N GLU E 515 -35.41 31.48 -23.27
CA GLU E 515 -36.38 32.21 -24.08
C GLU E 515 -36.21 33.72 -23.93
N ILE E 516 -36.01 34.18 -22.68
CA ILE E 516 -35.80 35.60 -22.44
C ILE E 516 -34.52 36.07 -23.14
N GLY E 517 -33.45 35.28 -23.04
CA GLY E 517 -32.22 35.65 -23.70
C GLY E 517 -32.36 35.72 -25.21
N ASN E 518 -33.09 34.77 -25.81
CA ASN E 518 -33.30 34.79 -27.25
C ASN E 518 -34.09 36.01 -27.67
N LYS E 519 -35.14 36.36 -26.93
CA LYS E 519 -35.92 37.54 -27.25
C LYS E 519 -35.07 38.81 -27.17
N ILE E 520 -34.25 38.91 -26.12
CA ILE E 520 -33.44 40.12 -25.95
C ILE E 520 -32.37 40.21 -27.03
N ILE E 521 -31.80 39.06 -27.44
CA ILE E 521 -30.84 39.05 -28.53
C ILE E 521 -31.50 39.51 -29.83
N ALA E 522 -32.72 39.02 -30.08
CA ALA E 522 -33.44 39.42 -31.29
C ALA E 522 -33.70 40.93 -31.29
N MET E 523 -34.08 41.48 -30.13
CA MET E 523 -34.30 42.93 -30.05
C MET E 523 -33.02 43.72 -30.22
N ASN E 524 -31.91 43.25 -29.63
CA ASN E 524 -30.64 43.94 -29.80
C ASN E 524 -30.17 43.91 -31.24
N ALA E 525 -30.53 42.86 -31.97
CA ALA E 525 -30.11 42.75 -33.37
C ALA E 525 -30.62 43.93 -34.21
N VAL E 526 -31.73 44.54 -33.78
CA VAL E 526 -32.30 45.64 -34.55
C VAL E 526 -32.03 46.97 -33.88
N PHE E 527 -32.32 47.08 -32.58
CA PHE E 527 -32.37 48.38 -31.94
C PHE E 527 -30.97 48.97 -31.75
N LEU E 528 -30.00 48.15 -31.34
CA LEU E 528 -28.66 48.66 -31.07
C LEU E 528 -27.96 49.07 -32.36
N ALA E 529 -27.22 50.17 -32.28
CA ALA E 529 -26.47 50.67 -33.43
C ALA E 529 -25.08 50.03 -33.48
N GLU E 530 -24.37 50.31 -34.58
CA GLU E 530 -23.04 49.71 -34.77
C GLU E 530 -22.03 50.25 -33.75
N HIS E 531 -22.03 51.57 -33.54
CA HIS E 531 -20.99 52.16 -32.69
C HIS E 531 -21.14 51.70 -31.23
N GLU E 532 -22.37 51.51 -30.77
CA GLU E 532 -22.57 51.02 -29.40
C GLU E 532 -21.99 49.62 -29.23
N VAL E 533 -22.25 48.73 -30.19
CA VAL E 533 -21.73 47.37 -30.09
C VAL E 533 -20.21 47.38 -30.21
N VAL E 534 -19.67 48.24 -31.07
CA VAL E 534 -18.21 48.36 -31.18
C VAL E 534 -17.62 48.83 -29.87
N ARG E 535 -18.26 49.79 -29.20
CA ARG E 535 -17.77 50.26 -27.91
C ARG E 535 -17.82 49.17 -26.86
N ILE E 536 -18.90 48.39 -26.83
CA ILE E 536 -19.05 47.36 -25.81
C ILE E 536 -18.04 46.23 -26.02
N THR E 537 -17.90 45.76 -27.27
CA THR E 537 -17.07 44.58 -27.54
C THR E 537 -15.67 44.92 -28.01
N ASN E 538 -15.48 46.06 -28.68
CA ASN E 538 -14.18 46.48 -29.20
C ASN E 538 -13.64 45.48 -30.22
N GLU E 539 -14.49 45.10 -31.17
CA GLU E 539 -14.10 44.24 -32.27
C GLU E 539 -14.90 44.65 -33.49
N GLU E 540 -14.56 44.06 -34.64
CA GLU E 540 -15.27 44.36 -35.87
C GLU E 540 -16.73 43.94 -35.77
N PHE E 541 -17.62 44.73 -36.36
CA PHE E 541 -19.05 44.48 -36.25
C PHE E 541 -19.48 43.38 -37.22
N VAL E 542 -20.44 42.57 -36.78
CA VAL E 542 -21.05 41.53 -37.60
C VAL E 542 -22.51 41.90 -37.85
N THR E 543 -22.96 41.72 -39.08
CA THR E 543 -24.29 42.13 -39.50
C THR E 543 -25.21 40.92 -39.62
N ILE E 544 -26.42 41.02 -39.08
CA ILE E 544 -27.44 39.99 -39.19
C ILE E 544 -28.54 40.51 -40.09
N LYS E 545 -28.84 39.77 -41.16
CA LYS E 545 -29.87 40.19 -42.10
C LYS E 545 -31.24 40.14 -41.45
N ARG E 546 -32.10 41.07 -41.87
CA ARG E 546 -33.44 41.17 -41.29
C ARG E 546 -34.31 39.98 -41.61
N GLU E 547 -34.07 39.32 -42.76
CA GLU E 547 -34.87 38.16 -43.13
C GLU E 547 -34.58 36.98 -42.19
N ASP E 548 -33.34 36.85 -41.74
CA ASP E 548 -32.96 35.71 -40.90
C ASP E 548 -33.36 35.93 -39.45
N LEU E 549 -33.91 37.09 -39.12
CA LEU E 549 -34.24 37.39 -37.73
C LEU E 549 -35.43 36.54 -37.25
N LYS E 550 -36.36 36.23 -38.14
CA LYS E 550 -37.56 35.49 -37.74
C LYS E 550 -37.20 34.09 -37.24
N GLY E 551 -36.29 33.41 -37.93
CA GLY E 551 -35.88 32.07 -37.55
C GLY E 551 -34.50 32.11 -36.90
N ASN E 552 -34.42 31.63 -35.66
CA ASN E 552 -33.19 31.71 -34.89
C ASN E 552 -32.19 30.68 -35.42
N PHE E 553 -31.34 31.10 -36.33
CA PHE E 553 -30.20 30.29 -36.77
C PHE E 553 -28.94 30.80 -36.09
N ASP E 554 -27.88 30.00 -36.19
CA ASP E 554 -26.50 30.35 -35.93
C ASP E 554 -26.18 30.53 -34.45
N LEU E 555 -27.18 30.45 -33.56
CA LEU E 555 -26.95 30.73 -32.16
C LEU E 555 -27.73 29.75 -31.29
N GLU E 556 -27.20 29.49 -30.11
CA GLU E 556 -27.88 28.71 -29.08
C GLU E 556 -27.55 29.32 -27.72
N VAL E 557 -28.58 29.55 -26.91
CA VAL E 557 -28.45 30.25 -25.64
C VAL E 557 -28.75 29.27 -24.51
N ASP E 558 -27.87 29.24 -23.52
CA ASP E 558 -28.05 28.39 -22.35
C ASP E 558 -27.37 29.04 -21.15
N ILE E 559 -27.82 28.65 -19.95
CA ILE E 559 -27.26 29.19 -18.73
C ILE E 559 -25.83 28.66 -18.54
N SER E 560 -24.93 29.56 -18.15
CA SER E 560 -23.53 29.22 -17.93
C SER E 560 -23.25 29.05 -16.45
N THR E 561 -22.51 28.00 -16.11
CA THR E 561 -22.12 27.72 -14.73
C THR E 561 -20.59 27.56 -14.67
N ALA E 562 -20.07 27.62 -13.45
CA ALA E 562 -18.62 27.54 -13.26
C ALA E 562 -18.06 26.21 -13.69
N GLU E 563 -18.75 25.11 -13.35
CA GLU E 563 -18.24 23.78 -13.66
C GLU E 563 -18.26 23.51 -15.16
N VAL E 564 -19.16 24.15 -15.91
CA VAL E 564 -19.19 24.00 -17.37
C VAL E 564 -17.89 24.52 -17.96
N ASP E 565 -17.42 25.68 -17.50
CA ASP E 565 -16.17 26.23 -18.02
C ASP E 565 -15.00 25.33 -17.69
N ASN E 566 -14.96 24.77 -16.48
CA ASN E 566 -13.88 23.86 -16.12
C ASN E 566 -13.89 22.62 -16.99
N GLN E 567 -15.06 22.04 -17.22
CA GLN E 567 -15.12 20.83 -18.04
C GLN E 567 -14.76 21.14 -19.49
N LYS E 568 -15.15 22.31 -20.00
CA LYS E 568 -14.76 22.71 -21.35
C LYS E 568 -13.24 22.88 -21.43
N SER E 569 -12.63 23.45 -20.39
CA SER E 569 -11.18 23.56 -20.35
C SER E 569 -10.50 22.20 -20.37
N GLN E 570 -11.04 21.25 -19.59
CA GLN E 570 -10.48 19.90 -19.59
C GLN E 570 -10.63 19.25 -20.95
N ASP E 571 -11.78 19.43 -21.61
CA ASP E 571 -11.99 18.87 -22.93
C ASP E 571 -11.02 19.47 -23.95
N LEU E 572 -10.80 20.79 -23.87
CA LEU E 572 -9.85 21.43 -24.77
C LEU E 572 -8.43 20.93 -24.52
N GLY E 573 -8.07 20.74 -23.25
CA GLY E 573 -6.76 20.16 -22.95
C GLY E 573 -6.61 18.76 -23.49
N PHE E 574 -7.66 17.94 -23.36
CA PHE E 574 -7.62 16.59 -23.92
C PHE E 574 -7.47 16.62 -25.43
N MET E 575 -8.19 17.53 -26.10
CA MET E 575 -8.07 17.65 -27.54
C MET E 575 -6.66 18.10 -27.94
N LEU E 576 -6.08 19.03 -27.18
CA LEU E 576 -4.72 19.47 -27.46
C LEU E 576 -3.71 18.35 -27.27
N GLN E 577 -3.91 17.52 -26.23
CA GLN E 577 -3.03 16.40 -26.00
C GLN E 577 -3.13 15.36 -27.11
N THR E 578 -4.37 15.04 -27.53
CA THR E 578 -4.56 14.02 -28.55
C THR E 578 -3.95 14.45 -29.89
N ILE E 579 -4.19 15.69 -30.29
CA ILE E 579 -3.63 16.19 -31.55
C ILE E 579 -2.17 16.54 -31.34
N GLY E 580 -1.35 16.24 -32.35
CA GLY E 580 0.05 16.59 -32.32
C GLY E 580 0.27 18.08 -32.20
N PRO E 581 1.09 18.50 -31.24
CA PRO E 581 1.38 19.94 -31.11
C PRO E 581 1.99 20.56 -32.36
N ASN E 582 2.77 19.80 -33.12
CA ASN E 582 3.53 20.37 -34.23
C ASN E 582 2.83 20.25 -35.57
N VAL E 583 1.64 19.62 -35.62
CA VAL E 583 0.98 19.41 -36.91
C VAL E 583 0.53 20.75 -37.49
N ASP E 584 0.09 21.67 -36.65
CA ASP E 584 -0.37 22.98 -37.09
C ASP E 584 -0.27 23.97 -35.94
N GLN E 585 0.40 25.10 -36.19
CA GLN E 585 0.58 26.10 -35.14
C GLN E 585 -0.71 26.90 -34.92
N GLN E 586 -1.48 27.12 -36.00
CA GLN E 586 -2.70 27.91 -35.88
C GLN E 586 -3.73 27.23 -34.98
N ILE E 587 -3.88 25.91 -35.13
CA ILE E 587 -4.84 25.17 -34.31
C ILE E 587 -4.44 25.24 -32.85
N THR E 588 -3.15 25.06 -32.55
CA THR E 588 -2.68 25.14 -31.17
C THR E 588 -2.89 26.53 -30.59
N LEU E 589 -2.58 27.58 -31.35
CA LEU E 589 -2.76 28.94 -30.87
C LEU E 589 -4.23 29.23 -30.59
N ASN E 590 -5.11 28.80 -31.50
CA ASN E 590 -6.54 28.97 -31.26
C ASN E 590 -6.97 28.24 -29.98
N ILE E 591 -6.66 26.95 -29.88
CA ILE E 591 -7.07 26.18 -28.71
C ILE E 591 -6.60 26.85 -27.43
N LEU E 592 -5.36 27.34 -27.43
CA LEU E 592 -4.86 28.10 -26.29
C LEU E 592 -5.70 29.36 -26.07
N ALA E 593 -6.21 29.97 -27.14
CA ALA E 593 -7.00 31.18 -26.98
C ALA E 593 -8.31 30.90 -26.25
N GLU E 594 -9.06 29.88 -26.68
CA GLU E 594 -10.28 29.56 -25.94
C GLU E 594 -9.98 29.01 -24.55
N ILE E 595 -8.83 28.35 -24.35
CA ILE E 595 -8.49 27.92 -22.99
C ILE E 595 -8.26 29.14 -22.10
N ALA E 596 -7.58 30.16 -22.61
CA ALA E 596 -7.32 31.36 -21.82
C ALA E 596 -8.60 32.16 -21.58
N ASP E 597 -9.50 32.17 -22.56
CA ASP E 597 -10.76 32.90 -22.40
C ASP E 597 -11.60 32.33 -21.26
N LEU E 598 -11.64 31.00 -21.13
CA LEU E 598 -12.46 30.40 -20.08
C LEU E 598 -11.89 30.69 -18.70
N LYS E 599 -10.61 31.06 -18.63
CA LYS E 599 -9.96 31.40 -17.37
C LYS E 599 -10.00 32.89 -17.06
N ARG E 600 -10.68 33.69 -17.89
CA ARG E 600 -10.77 35.14 -17.76
C ARG E 600 -9.40 35.83 -17.86
N MET E 601 -8.70 35.61 -18.97
CA MET E 601 -7.47 36.34 -19.25
C MET E 601 -7.57 36.94 -20.64
N PRO E 602 -8.35 38.00 -20.85
CA PRO E 602 -8.53 38.52 -22.22
C PRO E 602 -7.23 38.96 -22.87
N LYS E 603 -6.31 39.54 -22.10
CA LYS E 603 -5.04 40.00 -22.68
C LYS E 603 -4.22 38.83 -23.19
N LEU E 604 -4.14 37.75 -22.42
CA LEU E 604 -3.39 36.57 -22.85
C LEU E 604 -4.01 35.94 -24.09
N ALA E 605 -5.34 35.86 -24.13
CA ALA E 605 -6.01 35.30 -25.30
C ALA E 605 -5.78 36.16 -26.54
N HIS E 606 -5.85 37.48 -26.39
CA HIS E 606 -5.60 38.36 -27.52
C HIS E 606 -4.16 38.25 -28.00
N ASP E 607 -3.21 38.12 -27.07
CA ASP E 607 -1.81 37.95 -27.44
C ASP E 607 -1.61 36.66 -28.21
N LEU E 608 -2.25 35.57 -27.75
CA LEU E 608 -2.11 34.28 -28.43
C LEU E 608 -2.75 34.31 -29.81
N ARG E 609 -3.92 34.93 -29.93
CA ARG E 609 -4.62 34.95 -31.21
C ARG E 609 -3.82 35.70 -32.27
N THR E 610 -3.40 36.91 -31.96
CA THR E 610 -2.64 37.74 -32.90
C THR E 610 -1.14 37.59 -32.67
N TRP E 611 -0.63 36.37 -32.78
CA TRP E 611 0.77 36.07 -32.56
C TRP E 611 1.42 35.68 -33.89
N GLN E 612 2.50 36.39 -34.25
CA GLN E 612 3.25 36.11 -35.45
C GLN E 612 4.71 35.87 -35.10
N PRO E 613 5.29 34.75 -35.52
CA PRO E 613 6.70 34.50 -35.20
C PRO E 613 7.62 35.54 -35.84
N GLN E 614 8.68 35.89 -35.13
CA GLN E 614 9.65 36.85 -35.60
C GLN E 614 10.82 36.15 -36.26
N PRO E 615 11.13 36.46 -37.52
CA PRO E 615 12.21 35.74 -38.21
C PRO E 615 13.58 36.09 -37.65
N ASP E 616 14.49 35.13 -37.76
CA ASP E 616 15.89 35.32 -37.39
C ASP E 616 16.72 35.40 -38.65
N PRO E 617 17.34 36.54 -38.94
CA PRO E 617 18.04 36.69 -40.24
C PRO E 617 19.17 35.70 -40.45
N VAL E 618 19.89 35.33 -39.40
CA VAL E 618 21.07 34.49 -39.56
C VAL E 618 20.69 33.09 -40.02
N GLN E 619 19.54 32.59 -39.57
CA GLN E 619 19.13 31.22 -39.91
C GLN E 619 18.86 31.07 -41.39
N GLU E 620 18.20 32.07 -42.00
CA GLU E 620 17.92 32.00 -43.43
C GLU E 620 19.22 31.99 -44.24
N GLN E 621 20.18 32.84 -43.86
CA GLN E 621 21.47 32.85 -44.54
C GLN E 621 22.20 31.53 -44.38
N LEU E 622 22.13 30.93 -43.18
CA LEU E 622 22.77 29.64 -42.96
C LEU E 622 22.13 28.56 -43.83
N LYS E 623 20.80 28.57 -43.94
CA LYS E 623 20.12 27.60 -44.80
C LYS E 623 20.52 27.79 -46.27
N GLN E 624 20.61 29.04 -46.72
CA GLN E 624 21.03 29.31 -48.08
C GLN E 624 22.45 28.81 -48.34
N LEU E 625 23.35 29.04 -47.38
CA LEU E 625 24.73 28.56 -47.52
C LEU E 625 24.78 27.04 -47.55
N ALA E 626 23.96 26.37 -46.72
CA ALA E 626 23.91 24.91 -46.74
C ALA E 626 23.44 24.39 -48.09
N VAL E 627 22.40 25.03 -48.66
CA VAL E 627 21.91 24.62 -49.98
C VAL E 627 23.00 24.83 -51.04
N GLU E 628 23.72 25.95 -50.95
CA GLU E 628 24.79 26.21 -51.91
C GLU E 628 25.89 25.15 -51.81
N LYS E 629 26.27 24.78 -50.59
CA LYS E 629 27.28 23.74 -50.41
C LYS E 629 26.81 22.40 -50.97
N ALA E 630 25.53 22.06 -50.73
CA ALA E 630 24.99 20.82 -51.27
C ALA E 630 25.03 20.83 -52.79
N GLN E 631 24.73 21.99 -53.40
CA GLN E 631 24.83 22.09 -54.85
C GLN E 631 26.28 21.94 -55.34
N LEU E 632 27.23 22.54 -54.62
CA LEU E 632 28.61 22.54 -55.08
C LEU E 632 29.26 21.17 -54.95
N GLU E 633 28.77 20.34 -54.02
CA GLU E 633 29.35 19.01 -53.87
C GLU E 633 29.20 18.18 -55.14
N ASN E 634 28.05 18.28 -55.80
CA ASN E 634 27.83 17.54 -57.05
C ASN E 634 28.80 18.00 -58.14
N GLU E 635 29.03 19.30 -58.24
CA GLU E 635 29.99 19.82 -59.21
C GLU E 635 31.39 19.32 -58.91
N GLU E 636 31.75 19.25 -57.63
CA GLU E 636 33.05 18.69 -57.26
C GLU E 636 33.17 17.24 -57.69
N LEU E 637 32.12 16.46 -57.48
CA LEU E 637 32.13 15.06 -57.91
C LEU E 637 32.28 14.95 -59.43
N ARG E 638 31.57 15.81 -60.16
CA ARG E 638 31.67 15.80 -61.62
C ARG E 638 33.09 16.13 -62.08
N SER E 639 33.72 17.12 -61.42
CA SER E 639 35.11 17.45 -61.76
C SER E 639 36.04 16.29 -61.49
N LYS E 640 35.82 15.58 -60.37
CA LYS E 640 36.64 14.40 -60.08
C LYS E 640 36.48 13.35 -61.15
N ILE E 641 35.24 13.11 -61.60
CA ILE E 641 35.00 12.12 -62.64
C ILE E 641 35.71 12.52 -63.92
N ARG E 642 35.63 13.80 -64.30
CA ARG E 642 36.30 14.26 -65.51
C ARG E 642 37.81 14.07 -65.42
N LEU E 643 38.39 14.40 -64.27
CA LEU E 643 39.83 14.24 -64.09
C LEU E 643 40.23 12.77 -64.21
N ASN E 644 39.46 11.88 -63.59
CA ASN E 644 39.77 10.45 -63.68
C ASN E 644 39.68 9.96 -65.12
N ASP E 645 38.67 10.41 -65.86
CA ASP E 645 38.56 10.02 -67.27
C ASP E 645 39.75 10.50 -68.08
N ALA E 646 40.18 11.75 -67.85
CA ALA E 646 41.32 12.29 -68.57
C ALA E 646 42.59 11.49 -68.26
N GLN E 647 42.79 11.13 -66.99
CA GLN E 647 43.96 10.33 -66.63
C GLN E 647 43.92 8.96 -67.29
N ALA E 648 42.73 8.35 -67.36
CA ALA E 648 42.61 7.05 -68.01
C ALA E 648 42.94 7.14 -69.49
N GLN E 649 42.45 8.17 -70.17
CA GLN E 649 42.78 8.33 -71.58
C GLN E 649 44.27 8.57 -71.79
N LYS E 650 44.90 9.36 -70.92
CA LYS E 650 46.35 9.58 -71.03
C LYS E 650 47.11 8.26 -70.86
N ALA E 651 46.70 7.44 -69.88
CA ALA E 651 47.36 6.15 -69.68
C ALA E 651 47.18 5.25 -70.89
N MET E 652 46.01 5.27 -71.51
CA MET E 652 45.80 4.50 -72.73
C MET E 652 46.73 4.97 -73.84
N ALA E 653 46.91 6.29 -73.97
CA ALA E 653 47.83 6.81 -74.98
C ALA E 653 49.26 6.34 -74.73
N GLU E 654 49.71 6.37 -73.47
CA GLU E 654 51.04 5.86 -73.15
C GLU E 654 51.16 4.38 -73.48
N ARG E 655 50.11 3.60 -73.20
CA ARG E 655 50.13 2.18 -73.55
C ARG E 655 50.28 1.99 -75.05
N ASP E 656 49.55 2.77 -75.84
CA ASP E 656 49.64 2.65 -77.29
C ASP E 656 51.05 2.99 -77.78
N ASN E 657 51.65 4.05 -77.22
CA ASN E 657 53.00 4.41 -77.60
C ASN E 657 54.00 3.30 -77.25
N LYS E 658 53.86 2.71 -76.07
CA LYS E 658 54.75 1.63 -75.67
C LYS E 658 54.57 0.41 -76.55
N ASN E 659 53.33 0.12 -76.94
CA ASN E 659 53.08 -1.01 -77.85
C ASN E 659 53.74 -0.77 -79.21
N LEU E 660 53.64 0.46 -79.73
CA LEU E 660 54.31 0.77 -80.99
C LEU E 660 55.82 0.62 -80.85
N ASP E 661 56.38 1.09 -79.73
CA ASP E 661 57.81 0.93 -79.50
C ASP E 661 58.22 -0.54 -79.47
N TYR E 662 57.42 -1.37 -78.80
CA TYR E 662 57.69 -2.80 -78.76
C TYR E 662 57.66 -3.41 -80.15
N LEU E 663 56.64 -3.07 -80.95
CA LEU E 663 56.53 -3.62 -82.29
C LEU E 663 57.71 -3.19 -83.16
N GLU E 664 58.13 -1.94 -83.05
CA GLU E 664 59.28 -1.46 -83.82
C GLU E 664 60.57 -2.15 -83.38
N GLN E 665 60.75 -2.32 -82.07
CA GLN E 665 61.99 -2.90 -81.57
C GLN E 665 62.08 -4.39 -81.89
N GLU E 666 60.95 -5.08 -81.95
CA GLU E 666 60.98 -6.51 -82.25
C GLU E 666 61.59 -6.78 -83.62
N SER E 667 61.22 -5.99 -84.62
CA SER E 667 61.79 -6.11 -85.94
C SER E 667 63.08 -5.30 -86.02
N GLY E 668 63.63 -5.16 -87.22
CA GLY E 668 64.84 -4.42 -87.47
C GLY E 668 64.63 -3.00 -87.95
N THR E 669 63.45 -2.42 -87.75
CA THR E 669 63.17 -1.09 -88.28
C THR E 669 64.10 -0.04 -87.69
N LYS E 670 64.35 -0.10 -86.39
CA LYS E 670 65.24 0.87 -85.76
C LYS E 670 66.66 0.76 -86.33
N HIS E 671 67.15 -0.46 -86.49
CA HIS E 671 68.45 -0.67 -87.13
C HIS E 671 68.42 -0.28 -88.61
N ALA E 672 67.32 -0.57 -89.29
CA ALA E 672 67.22 -0.25 -90.71
C ALA E 672 67.28 1.25 -90.95
N ARG E 673 66.64 2.04 -90.08
CA ARG E 673 66.66 3.48 -90.25
C ARG E 673 68.06 4.05 -90.06
N ASP E 674 68.80 3.54 -89.06
CA ASP E 674 70.19 3.98 -88.87
C ASP E 674 71.05 3.59 -90.06
N LEU E 675 70.85 2.37 -90.58
CA LEU E 675 71.59 1.96 -91.77
C LEU E 675 71.27 2.85 -92.96
N GLU E 676 70.00 3.22 -93.12
CA GLU E 676 69.62 4.11 -94.21
C GLU E 676 70.24 5.48 -94.04
N LYS E 677 70.30 6.00 -92.81
CA LYS E 677 70.95 7.27 -92.57
C LYS E 677 72.44 7.21 -92.93
N MET E 678 73.12 6.14 -92.52
CA MET E 678 74.54 6.00 -92.85
C MET E 678 74.74 5.89 -94.36
N LYS E 679 73.90 5.12 -95.04
CA LYS E 679 74.01 4.99 -96.49
C LYS E 679 73.74 6.32 -97.19
N ALA E 680 72.76 7.09 -96.69
CA ALA E 680 72.49 8.40 -97.26
C ALA E 680 73.66 9.35 -97.09
N GLN E 681 74.30 9.31 -95.90
CA GLN E 681 75.47 10.14 -95.68
C GLN E 681 76.61 9.75 -96.63
N SER E 682 76.82 8.44 -96.80
CA SER E 682 77.86 7.98 -97.72
C SER E 682 77.55 8.40 -99.15
N GLN E 683 76.29 8.29 -99.57
CA GLN E 683 75.91 8.68 -100.92
C GLN E 683 76.06 10.18 -101.12
N GLY E 684 75.74 10.97 -100.10
CA GLY E 684 75.96 12.41 -100.20
C GLY E 684 77.43 12.77 -100.32
N ASN E 685 78.28 12.08 -99.56
CA ASN E 685 79.73 12.31 -99.69
C ASN E 685 80.21 11.91 -101.08
N GLN E 686 79.73 10.79 -101.61
CA GLN E 686 80.12 10.37 -102.95
C GLN E 686 79.66 11.38 -104.00
N GLN E 687 78.44 11.90 -103.86
CA GLN E 687 77.94 12.89 -104.81
C GLN E 687 78.75 14.18 -104.73
N LEU E 688 79.12 14.59 -103.52
CA LEU E 688 79.96 15.77 -103.36
C LEU E 688 81.32 15.56 -104.03
N GLU E 689 81.90 14.37 -103.86
CA GLU E 689 83.17 14.07 -104.52
C GLU E 689 83.03 14.09 -106.03
N ILE E 690 81.93 13.54 -106.56
CA ILE E 690 81.72 13.49 -108.01
C ILE E 690 81.56 14.89 -108.57
N THR E 691 80.76 15.74 -107.90
CA THR E 691 80.52 17.08 -108.41
C THR E 691 81.79 17.92 -108.43
N LYS E 692 82.60 17.81 -107.39
CA LYS E 692 83.84 18.58 -107.31
C LYS E 692 84.88 18.04 -108.29
N LYS F 19 -69.80 16.85 -56.17
CA LYS F 19 -68.73 15.87 -56.18
C LYS F 19 -67.38 16.54 -56.02
N LEU F 20 -66.76 16.35 -54.86
CA LEU F 20 -65.50 17.04 -54.57
C LEU F 20 -64.35 16.50 -55.40
N THR F 21 -64.35 15.20 -55.67
CA THR F 21 -63.23 14.57 -56.37
C THR F 21 -63.73 13.91 -57.65
N SER F 22 -62.78 13.43 -58.44
CA SER F 22 -63.05 12.75 -59.70
C SER F 22 -62.99 11.24 -59.59
N TRP F 23 -62.92 10.71 -58.37
CA TRP F 23 -62.83 9.26 -58.19
C TRP F 23 -64.09 8.58 -58.68
N LYS F 24 -63.94 7.36 -59.19
CA LYS F 24 -65.08 6.60 -59.68
C LYS F 24 -66.07 6.30 -58.55
N ASN F 25 -65.56 5.91 -57.39
CA ASN F 25 -66.38 5.64 -56.21
C ASN F 25 -66.00 6.64 -55.13
N GLU F 26 -66.99 7.37 -54.62
CA GLU F 26 -66.75 8.41 -53.63
C GLU F 26 -67.37 8.00 -52.30
N LEU F 27 -66.65 8.31 -51.21
CA LEU F 27 -67.04 7.83 -49.88
C LEU F 27 -68.37 8.40 -49.42
N SER F 28 -68.60 9.70 -49.64
CA SER F 28 -69.78 10.42 -49.15
C SER F 28 -69.82 10.50 -47.62
N LEU F 29 -70.54 11.48 -47.08
CA LEU F 29 -70.47 11.75 -45.64
C LEU F 29 -71.21 10.68 -44.84
N GLN F 30 -72.22 10.06 -45.44
CA GLN F 30 -73.02 9.07 -44.70
C GLN F 30 -72.18 7.88 -44.28
N ALA F 31 -71.27 7.44 -45.14
CA ALA F 31 -70.41 6.30 -44.83
C ALA F 31 -69.52 6.61 -43.62
N LEU F 32 -68.92 7.79 -43.59
CA LEU F 32 -68.06 8.19 -42.48
C LEU F 32 -68.87 8.31 -41.20
N LYS F 33 -70.07 8.90 -41.28
CA LYS F 33 -70.90 9.02 -40.09
C LYS F 33 -71.31 7.64 -39.57
N ALA F 34 -71.64 6.71 -40.46
CA ALA F 34 -71.98 5.36 -40.04
C ALA F 34 -70.80 4.66 -39.38
N ASP F 35 -69.61 4.82 -39.95
CA ASP F 35 -68.41 4.22 -39.35
C ASP F 35 -68.15 4.80 -37.96
N LEU F 36 -68.29 6.12 -37.81
CA LEU F 36 -68.10 6.75 -36.51
C LEU F 36 -69.12 6.25 -35.50
N ASP F 37 -70.38 6.14 -35.92
CA ASP F 37 -71.42 5.66 -35.02
C ASP F 37 -71.18 4.22 -34.61
N ALA F 38 -70.68 3.40 -35.54
CA ALA F 38 -70.37 2.01 -35.20
C ALA F 38 -69.20 1.93 -34.23
N ALA F 39 -68.17 2.75 -34.43
CA ALA F 39 -66.98 2.64 -33.60
C ALA F 39 -67.16 3.32 -32.24
N LYS F 40 -68.18 4.17 -32.11
CA LYS F 40 -68.38 4.92 -30.87
C LYS F 40 -68.62 4.04 -29.64
N PRO F 41 -69.46 2.98 -29.69
CA PRO F 41 -69.74 2.23 -28.45
C PRO F 41 -68.51 1.69 -27.73
N SER F 42 -67.51 1.20 -28.46
CA SER F 42 -66.32 0.66 -27.80
C SER F 42 -65.53 1.76 -27.11
N HIS F 43 -65.35 2.89 -27.78
CA HIS F 43 -64.64 4.02 -27.19
C HIS F 43 -65.36 4.55 -25.96
N THR F 44 -66.70 4.62 -26.02
CA THR F 44 -67.47 5.10 -24.88
C THR F 44 -67.29 4.19 -23.68
N ALA F 45 -67.30 2.87 -23.89
CA ALA F 45 -67.08 1.94 -22.78
C ALA F 45 -65.66 2.03 -22.26
N MET F 46 -64.69 2.23 -23.15
CA MET F 46 -63.29 2.30 -22.74
C MET F 46 -63.01 3.54 -21.89
N MET F 47 -63.61 4.67 -22.25
CA MET F 47 -63.34 5.93 -21.56
C MET F 47 -63.72 5.90 -20.09
N ILE F 48 -64.62 4.98 -19.71
CA ILE F 48 -65.04 4.87 -18.31
C ILE F 48 -63.86 4.47 -17.44
N LYS F 49 -63.03 3.54 -17.92
CA LYS F 49 -61.85 3.12 -17.15
C LYS F 49 -60.88 4.27 -16.94
N VAL F 50 -60.63 5.05 -17.99
CA VAL F 50 -59.73 6.19 -17.88
C VAL F 50 -60.29 7.21 -16.90
N LYS F 51 -61.60 7.47 -16.97
CA LYS F 51 -62.23 8.39 -16.04
C LYS F 51 -62.10 7.91 -14.60
N GLU F 52 -62.31 6.60 -14.37
CA GLU F 52 -62.17 6.06 -13.02
C GLU F 52 -60.74 6.18 -12.52
N TRP F 53 -59.76 5.90 -13.38
CA TRP F 53 -58.36 6.03 -12.98
C TRP F 53 -58.02 7.47 -12.62
N ASN F 54 -58.49 8.42 -13.44
CA ASN F 54 -58.23 9.83 -13.14
C ASN F 54 -58.91 10.26 -11.85
N ASP F 55 -60.13 9.77 -11.60
CA ASP F 55 -60.82 10.10 -10.36
C ASP F 55 -60.08 9.53 -9.15
N LEU F 56 -59.55 8.31 -9.28
CA LEU F 56 -58.74 7.74 -8.21
C LEU F 56 -57.49 8.58 -7.97
N MET F 57 -56.84 9.03 -9.04
CA MET F 57 -55.62 9.83 -8.90
C MET F 57 -55.93 11.16 -8.22
N ARG F 58 -57.03 11.82 -8.61
CA ARG F 58 -57.35 13.15 -8.14
C ARG F 58 -58.29 13.16 -6.94
N ILE F 59 -58.68 11.99 -6.44
CA ILE F 59 -59.59 11.87 -5.29
C ILE F 59 -60.89 12.59 -5.60
N GLU F 60 -61.64 12.07 -6.57
CA GLU F 60 -62.94 12.60 -6.94
C GLU F 60 -63.90 11.45 -7.22
N GLY F 61 -65.18 11.77 -7.31
CA GLY F 61 -66.18 10.74 -7.60
C GLY F 61 -66.29 9.73 -6.49
N LYS F 62 -66.10 8.46 -6.84
CA LYS F 62 -66.24 7.38 -5.87
C LYS F 62 -65.11 7.41 -4.84
N ALA F 63 -63.95 7.97 -5.22
CA ALA F 63 -62.82 7.99 -4.31
C ALA F 63 -63.04 8.99 -3.17
N LYS F 64 -63.95 9.94 -3.34
CA LYS F 64 -64.17 10.94 -2.30
C LYS F 64 -64.78 10.31 -1.07
N PRO F 65 -64.24 10.58 0.12
CA PRO F 65 -64.80 9.98 1.35
C PRO F 65 -66.18 10.54 1.65
N PRO F 66 -67.01 9.79 2.36
CA PRO F 66 -68.33 10.30 2.74
C PRO F 66 -68.20 11.49 3.69
N LYS F 67 -69.20 12.37 3.62
CA LYS F 67 -69.22 13.60 4.39
C LYS F 67 -70.07 13.38 5.65
N VAL F 68 -69.47 13.61 6.82
CA VAL F 68 -70.13 13.44 8.09
C VAL F 68 -69.94 14.70 8.92
N LYS F 69 -70.97 15.09 9.67
CA LYS F 69 -70.92 16.31 10.45
C LYS F 69 -69.84 16.26 11.53
N GLY F 70 -69.80 15.16 12.28
CA GLY F 70 -68.89 15.05 13.41
C GLY F 70 -67.63 14.25 13.19
N ARG F 71 -67.28 13.92 11.95
CA ARG F 71 -66.11 13.09 11.67
C ARG F 71 -65.32 13.68 10.52
N SER F 72 -64.07 13.23 10.40
CA SER F 72 -63.14 13.78 9.44
C SER F 72 -63.40 13.23 8.04
N GLN F 73 -62.88 13.95 7.05
CA GLN F 73 -63.02 13.60 5.64
C GLN F 73 -61.67 13.70 4.92
N VAL F 74 -60.63 13.12 5.51
CA VAL F 74 -59.27 13.24 5.01
C VAL F 74 -58.90 11.94 4.31
N GLN F 75 -58.09 12.02 3.26
CA GLN F 75 -57.61 10.86 2.56
C GLN F 75 -56.21 11.10 2.02
N PRO F 76 -55.20 10.33 2.46
CA PRO F 76 -53.87 10.46 1.88
C PRO F 76 -53.84 10.01 0.43
N LYS F 77 -52.90 10.57 -0.32
CA LYS F 77 -52.77 10.33 -1.75
C LYS F 77 -51.59 9.39 -2.00
N LEU F 78 -51.91 8.12 -2.27
CA LEU F 78 -50.87 7.14 -2.54
C LEU F 78 -50.52 7.09 -4.02
N VAL F 79 -51.54 6.92 -4.88
CA VAL F 79 -51.31 6.86 -6.33
C VAL F 79 -50.66 8.14 -6.81
N ARG F 80 -51.06 9.27 -6.24
CA ARG F 80 -50.47 10.55 -6.60
C ARG F 80 -48.96 10.53 -6.42
N ARG F 81 -48.48 10.08 -5.26
CA ARG F 81 -47.04 10.09 -5.01
C ARG F 81 -46.32 9.04 -5.84
N GLN F 82 -46.95 7.87 -6.02
CA GLN F 82 -46.36 6.85 -6.89
C GLN F 82 -46.17 7.38 -8.30
N ALA F 83 -47.08 8.24 -8.75
CA ALA F 83 -46.89 8.89 -10.05
C ALA F 83 -45.87 10.02 -9.97
N GLU F 84 -45.80 10.71 -8.82
CA GLU F 84 -44.90 11.86 -8.68
C GLU F 84 -43.44 11.47 -8.79
N TRP F 85 -43.01 10.39 -8.15
CA TRP F 85 -41.62 10.00 -8.39
C TRP F 85 -41.40 9.47 -9.80
N ARG F 86 -42.38 8.79 -10.38
CA ARG F 86 -42.20 8.24 -11.72
C ARG F 86 -42.06 9.35 -12.76
N TYR F 87 -42.79 10.46 -12.60
CA TYR F 87 -42.67 11.56 -13.55
C TYR F 87 -41.23 12.04 -13.66
N SER F 88 -40.60 12.34 -12.51
CA SER F 88 -39.24 12.85 -12.54
C SER F 88 -38.24 11.76 -12.90
N ALA F 89 -38.58 10.50 -12.62
CA ALA F 89 -37.71 9.40 -13.02
C ALA F 89 -37.65 9.28 -14.54
N LEU F 90 -38.79 9.50 -15.21
CA LEU F 90 -38.85 9.24 -16.65
C LEU F 90 -38.49 10.47 -17.47
N THR F 91 -38.84 11.66 -16.97
CA THR F 91 -38.66 12.88 -17.77
C THR F 91 -37.19 13.19 -18.00
N GLU F 92 -36.35 12.95 -17.00
CA GLU F 92 -34.96 13.44 -17.05
C GLU F 92 -34.15 12.90 -18.22
N PRO F 93 -34.23 11.62 -18.60
CA PRO F 93 -33.39 11.15 -19.73
C PRO F 93 -33.56 11.94 -21.02
N PHE F 94 -34.76 12.46 -21.30
CA PHE F 94 -35.03 13.17 -22.53
C PHE F 94 -34.59 14.64 -22.49
N LEU F 95 -34.12 15.12 -21.34
CA LEU F 95 -33.74 16.53 -21.23
C LEU F 95 -32.31 16.74 -20.77
N GLY F 96 -31.46 15.70 -20.70
CA GLY F 96 -30.13 15.87 -20.17
C GLY F 96 -29.16 16.58 -21.09
N SER F 97 -29.42 16.56 -22.40
CA SER F 97 -28.49 17.11 -23.37
C SER F 97 -29.20 18.10 -24.27
N ASN F 98 -28.40 18.99 -24.89
CA ASN F 98 -28.97 19.99 -25.79
C ASN F 98 -29.51 19.36 -27.07
N LYS F 99 -28.95 18.23 -27.47
CA LYS F 99 -29.39 17.51 -28.66
C LYS F 99 -30.38 16.43 -28.24
N LEU F 100 -31.52 16.38 -28.91
CA LEU F 100 -32.55 15.41 -28.58
C LEU F 100 -32.46 14.14 -29.40
N PHE F 101 -32.12 14.24 -30.68
CA PHE F 101 -32.15 13.09 -31.58
C PHE F 101 -30.75 12.76 -32.05
N LYS F 102 -30.51 11.47 -32.27
CA LYS F 102 -29.23 10.96 -32.78
C LYS F 102 -29.52 10.13 -34.03
N VAL F 103 -28.91 10.53 -35.14
CA VAL F 103 -29.07 9.82 -36.41
C VAL F 103 -27.73 9.21 -36.79
N THR F 104 -27.74 7.91 -37.10
CA THR F 104 -26.51 7.20 -37.42
C THR F 104 -26.64 6.51 -38.78
N PRO F 105 -25.58 6.49 -39.57
CA PRO F 105 -25.66 5.84 -40.89
C PRO F 105 -25.73 4.33 -40.76
N VAL F 106 -26.41 3.69 -41.71
CA VAL F 106 -26.44 2.23 -41.75
C VAL F 106 -25.26 1.70 -42.55
N THR F 107 -24.92 2.35 -43.66
CA THR F 107 -23.79 1.97 -44.50
C THR F 107 -22.79 3.12 -44.55
N TRP F 108 -21.75 2.96 -45.37
CA TRP F 108 -20.65 3.91 -45.37
C TRP F 108 -20.98 5.17 -46.16
N GLU F 109 -21.94 5.09 -47.09
CA GLU F 109 -22.23 6.25 -47.94
C GLU F 109 -23.29 7.15 -47.31
N ASP F 110 -23.77 6.82 -46.11
CA ASP F 110 -24.91 7.52 -45.53
C ASP F 110 -24.51 8.62 -44.54
N VAL F 111 -23.20 8.88 -44.39
CA VAL F 111 -22.74 9.76 -43.31
C VAL F 111 -23.25 11.18 -43.50
N GLN F 112 -23.14 11.71 -44.73
CA GLN F 112 -23.55 13.09 -44.98
C GLN F 112 -25.05 13.26 -44.80
N GLY F 113 -25.83 12.30 -45.32
CA GLY F 113 -27.27 12.37 -45.13
C GLY F 113 -27.68 12.30 -43.67
N ALA F 114 -27.05 11.40 -42.91
CA ALA F 114 -27.35 11.30 -41.49
C ALA F 114 -27.01 12.60 -40.76
N ARG F 115 -25.85 13.19 -41.07
CA ARG F 115 -25.46 14.43 -40.43
C ARG F 115 -26.44 15.55 -40.73
N GLN F 116 -26.82 15.72 -42.01
CA GLN F 116 -27.74 16.78 -42.36
C GLN F 116 -29.11 16.58 -41.73
N ASN F 117 -29.61 15.34 -41.73
CA ASN F 117 -30.90 15.07 -41.12
C ASN F 117 -30.87 15.34 -39.63
N GLU F 118 -29.79 14.95 -38.96
CA GLU F 118 -29.66 15.24 -37.53
C GLU F 118 -29.64 16.73 -37.26
N LEU F 119 -28.88 17.49 -38.07
CA LEU F 119 -28.82 18.93 -37.89
C LEU F 119 -30.19 19.57 -38.05
N VAL F 120 -30.89 19.22 -39.14
CA VAL F 120 -32.20 19.83 -39.40
C VAL F 120 -33.20 19.46 -38.31
N LEU F 121 -33.22 18.18 -37.90
CA LEU F 121 -34.17 17.75 -36.88
C LEU F 121 -33.90 18.44 -35.55
N ASN F 122 -32.63 18.52 -35.15
CA ASN F 122 -32.30 19.19 -33.89
C ASN F 122 -32.65 20.67 -33.95
N TYR F 123 -32.35 21.34 -35.07
CA TYR F 123 -32.72 22.75 -35.19
C TYR F 123 -34.23 22.94 -35.10
N GLN F 124 -35.00 22.10 -35.78
CA GLN F 124 -36.45 22.24 -35.76
C GLN F 124 -37.00 22.03 -34.35
N PHE F 125 -36.51 21.01 -33.65
CA PHE F 125 -37.04 20.73 -32.31
C PHE F 125 -36.57 21.78 -31.31
N ARG F 126 -35.42 22.41 -31.55
CA ARG F 126 -34.94 23.44 -30.64
C ARG F 126 -35.68 24.75 -30.87
N THR F 127 -36.01 25.07 -32.11
CA THR F 127 -36.56 26.38 -32.43
C THR F 127 -38.09 26.38 -32.41
N LYS F 128 -38.71 25.51 -33.18
CA LYS F 128 -40.16 25.58 -33.41
C LYS F 128 -40.98 25.01 -32.28
N LEU F 129 -40.38 24.33 -31.31
CA LEU F 129 -41.12 23.66 -30.25
C LEU F 129 -40.55 24.03 -28.89
N ASN F 130 -41.41 23.95 -27.88
CA ASN F 130 -41.00 24.03 -26.48
C ASN F 130 -40.76 22.61 -25.99
N ARG F 131 -39.49 22.17 -26.01
CA ARG F 131 -39.19 20.77 -25.76
C ARG F 131 -39.57 20.35 -24.34
N VAL F 132 -39.30 21.20 -23.35
CA VAL F 132 -39.53 20.83 -21.96
C VAL F 132 -41.02 20.58 -21.71
N SER F 133 -41.87 21.51 -22.16
CA SER F 133 -43.30 21.37 -21.94
C SER F 133 -43.85 20.14 -22.66
N PHE F 134 -43.39 19.90 -23.88
CA PHE F 134 -43.84 18.72 -24.63
C PHE F 134 -43.44 17.44 -23.91
N ILE F 135 -42.20 17.37 -23.43
CA ILE F 135 -41.75 16.16 -22.73
C ILE F 135 -42.56 15.95 -21.45
N ASP F 136 -42.78 17.02 -20.68
CA ASP F 136 -43.55 16.89 -19.45
C ASP F 136 -44.97 16.41 -19.73
N ASN F 137 -45.64 17.01 -20.72
CA ASN F 137 -46.99 16.60 -21.05
C ASN F 137 -47.02 15.14 -21.54
N TYR F 138 -46.06 14.77 -22.38
CA TYR F 138 -46.00 13.40 -22.89
C TYR F 138 -45.86 12.40 -21.77
N VAL F 139 -44.87 12.60 -20.89
CA VAL F 139 -44.64 11.65 -19.81
C VAL F 139 -45.81 11.61 -18.85
N ARG F 140 -46.35 12.79 -18.50
CA ARG F 140 -47.45 12.83 -17.55
C ARG F 140 -48.68 12.13 -18.09
N SER F 141 -49.01 12.35 -19.37
CA SER F 141 -50.16 11.69 -19.97
C SER F 141 -49.95 10.18 -20.04
N VAL F 142 -48.75 9.75 -20.44
CA VAL F 142 -48.48 8.31 -20.54
C VAL F 142 -48.63 7.64 -19.18
N VAL F 143 -48.11 8.29 -18.14
CA VAL F 143 -48.20 7.69 -16.80
C VAL F 143 -49.63 7.72 -16.29
N ASP F 144 -50.35 8.83 -16.50
CA ASP F 144 -51.67 8.99 -15.90
C ASP F 144 -52.71 8.11 -16.58
N ASP F 145 -52.74 8.08 -17.91
CA ASP F 145 -53.78 7.38 -18.63
C ASP F 145 -53.38 5.98 -19.06
N GLY F 146 -52.08 5.68 -19.11
CA GLY F 146 -51.61 4.39 -19.58
C GLY F 146 -51.43 4.29 -21.07
N THR F 147 -51.84 5.29 -21.83
CA THR F 147 -51.70 5.29 -23.28
C THR F 147 -51.62 6.73 -23.76
N GLY F 148 -50.66 6.99 -24.64
CA GLY F 148 -50.49 8.32 -25.19
C GLY F 148 -50.54 8.35 -26.71
N ILE F 149 -51.34 9.26 -27.26
CA ILE F 149 -51.52 9.39 -28.71
C ILE F 149 -50.91 10.71 -29.15
N VAL F 150 -50.03 10.67 -30.13
CA VAL F 150 -49.34 11.84 -30.66
C VAL F 150 -49.77 12.06 -32.10
N ARG F 151 -50.14 13.29 -32.42
CA ARG F 151 -50.54 13.68 -33.76
C ARG F 151 -49.41 14.45 -34.42
N VAL F 152 -49.00 14.01 -35.60
CA VAL F 152 -47.90 14.62 -36.34
C VAL F 152 -48.46 15.24 -37.61
N GLY F 153 -48.11 16.51 -37.85
CA GLY F 153 -48.60 17.21 -39.02
C GLY F 153 -47.62 18.27 -39.46
N TRP F 154 -47.95 18.92 -40.58
CA TRP F 154 -47.13 19.97 -41.17
C TRP F 154 -47.92 21.27 -41.24
N ASN F 155 -47.23 22.38 -40.96
CA ASN F 155 -47.83 23.71 -40.98
C ASN F 155 -47.09 24.52 -42.04
N ARG F 156 -47.83 25.08 -42.99
CA ARG F 156 -47.27 25.88 -44.06
C ARG F 156 -48.13 27.12 -44.29
N GLU F 157 -47.48 28.27 -44.43
CA GLU F 157 -48.16 29.53 -44.71
C GLU F 157 -47.24 30.39 -45.57
N ILE F 158 -47.77 30.86 -46.70
CA ILE F 158 -47.00 31.63 -47.67
C ILE F 158 -47.73 32.93 -47.95
N ARG F 159 -46.98 34.03 -48.02
CA ARG F 159 -47.53 35.35 -48.30
C ARG F 159 -46.91 35.89 -49.58
N LYS F 160 -47.76 36.36 -50.50
CA LYS F 160 -47.29 36.94 -51.74
C LYS F 160 -46.87 38.39 -51.53
N GLU F 161 -45.72 38.76 -52.08
CA GLU F 161 -45.22 40.11 -51.98
C GLU F 161 -44.66 40.54 -53.33
N LYS F 162 -44.62 41.86 -53.54
CA LYS F 162 -44.09 42.45 -54.76
C LYS F 162 -42.86 43.27 -54.42
N GLN F 163 -41.75 42.97 -55.11
CA GLN F 163 -40.49 43.65 -54.91
C GLN F 163 -39.86 43.98 -56.25
N GLU F 164 -39.11 45.08 -56.30
CA GLU F 164 -38.41 45.46 -57.52
C GLU F 164 -37.25 44.50 -57.76
N VAL F 165 -37.12 44.04 -58.99
CA VAL F 165 -36.08 43.09 -59.39
C VAL F 165 -35.31 43.69 -60.55
N PRO F 166 -34.00 43.87 -60.44
CA PRO F 166 -33.23 44.41 -61.57
C PRO F 166 -33.24 43.46 -62.76
N VAL F 167 -33.14 44.03 -63.95
CA VAL F 167 -33.08 43.28 -65.20
C VAL F 167 -31.66 43.35 -65.73
N PHE F 168 -31.07 42.19 -66.01
CA PHE F 168 -29.69 42.08 -66.44
C PHE F 168 -29.63 41.56 -67.87
N SER F 169 -28.77 42.17 -68.68
CA SER F 169 -28.55 41.76 -70.06
C SER F 169 -27.19 41.09 -70.15
N LEU F 170 -27.16 39.88 -70.72
CA LEU F 170 -25.94 39.11 -70.81
C LEU F 170 -24.97 39.70 -71.83
N PHE F 171 -23.69 39.44 -71.61
CA PHE F 171 -22.61 39.89 -72.48
C PHE F 171 -21.48 38.88 -72.39
N PRO F 172 -20.84 38.56 -73.52
CA PRO F 172 -19.77 37.55 -73.50
C PRO F 172 -18.62 37.95 -72.59
N ILE F 173 -18.01 36.94 -71.97
CA ILE F 173 -16.92 37.18 -71.04
C ILE F 173 -15.69 37.67 -71.81
N GLN F 174 -15.13 38.78 -71.36
CA GLN F 174 -14.00 39.42 -72.01
C GLN F 174 -12.85 39.54 -71.01
N THR F 175 -11.62 39.40 -71.50
CA THR F 175 -10.40 39.53 -70.71
C THR F 175 -10.31 38.47 -69.62
N GLN F 176 -9.23 38.51 -68.83
CA GLN F 176 -9.03 37.50 -67.80
C GLN F 176 -9.67 37.92 -66.49
N GLU F 177 -9.97 39.22 -66.33
CA GLU F 177 -10.55 39.70 -65.08
C GLU F 177 -11.92 39.11 -64.82
N GLN F 178 -12.77 39.05 -65.86
CA GLN F 178 -14.09 38.48 -65.71
C GLN F 178 -14.02 37.01 -65.37
N ALA F 179 -13.12 36.27 -66.03
CA ALA F 179 -12.96 34.85 -65.73
C ALA F 179 -12.47 34.64 -64.31
N ASP F 180 -11.53 35.47 -63.85
CA ASP F 180 -11.03 35.35 -62.48
C ASP F 180 -12.14 35.65 -61.47
N ALA F 181 -12.95 36.67 -61.74
CA ALA F 181 -14.06 36.99 -60.84
C ALA F 181 -15.07 35.85 -60.79
N LEU F 182 -15.39 35.26 -61.95
CA LEU F 182 -16.32 34.14 -61.97
C LEU F 182 -15.76 32.94 -61.22
N GLN F 183 -14.47 32.65 -61.41
CA GLN F 183 -13.86 31.53 -60.70
C GLN F 183 -13.85 31.76 -59.21
N GLN F 184 -13.56 32.99 -58.77
CA GLN F 184 -13.61 33.30 -57.35
C GLN F 184 -15.02 33.15 -56.79
N ALA F 185 -16.03 33.56 -57.57
CA ALA F 185 -17.41 33.39 -57.13
C ALA F 185 -17.75 31.91 -56.98
N LEU F 186 -17.35 31.09 -57.95
CA LEU F 186 -17.61 29.65 -57.86
C LEU F 186 -16.91 29.03 -56.65
N GLN F 187 -15.66 29.42 -56.40
CA GLN F 187 -14.93 28.89 -55.26
C GLN F 187 -15.57 29.32 -53.95
N LEU F 188 -16.02 30.57 -53.87
CA LEU F 188 -16.69 31.03 -52.66
C LEU F 188 -18.00 30.29 -52.43
N ARG F 189 -18.76 30.05 -53.50
CA ARG F 189 -20.00 29.28 -53.36
C ARG F 189 -19.72 27.85 -52.89
N THR F 190 -18.67 27.23 -53.45
CA THR F 190 -18.33 25.87 -53.06
C THR F 190 -17.88 25.81 -51.60
N ASP F 191 -17.08 26.80 -51.17
CA ASP F 191 -16.50 26.76 -49.83
C ASP F 191 -17.49 27.24 -48.78
N ASN F 192 -18.03 28.45 -48.95
CA ASN F 192 -18.90 29.05 -47.95
C ASN F 192 -20.15 29.62 -48.60
N PRO F 193 -21.27 28.88 -48.57
CA PRO F 193 -22.51 29.39 -49.18
C PRO F 193 -22.99 30.70 -48.58
N ARG F 194 -22.84 30.89 -47.27
CA ARG F 194 -23.33 32.11 -46.64
C ARG F 194 -22.56 33.33 -47.14
N GLY F 195 -21.23 33.22 -47.23
CA GLY F 195 -20.46 34.31 -47.80
C GLY F 195 -20.85 34.60 -49.24
N TYR F 196 -21.13 33.54 -50.02
CA TYR F 196 -21.59 33.73 -51.39
C TYR F 196 -22.90 34.50 -51.43
N GLU F 197 -23.84 34.16 -50.56
CA GLU F 197 -25.12 34.85 -50.53
C GLU F 197 -24.97 36.30 -50.09
N GLU F 198 -24.05 36.56 -49.16
CA GLU F 198 -24.02 37.88 -48.53
C GLU F 198 -23.16 38.87 -49.31
N ASN F 199 -22.06 38.42 -49.92
CA ASN F 199 -21.04 39.35 -50.40
C ASN F 199 -20.84 39.38 -51.91
N VAL F 200 -21.31 38.37 -52.64
CA VAL F 200 -20.96 38.26 -54.06
C VAL F 200 -21.67 39.32 -54.90
N ASP F 201 -22.90 39.68 -54.51
CA ASP F 201 -23.74 40.70 -55.14
C ASP F 201 -24.56 40.11 -56.28
N GLU F 202 -25.59 40.84 -56.72
CA GLU F 202 -26.63 40.25 -57.56
C GLU F 202 -26.14 39.93 -58.96
N ALA F 203 -25.34 40.81 -59.57
CA ALA F 203 -24.93 40.61 -60.95
C ALA F 203 -24.08 39.36 -61.11
N ILE F 204 -23.10 39.18 -60.24
CA ILE F 204 -22.26 37.99 -60.32
C ILE F 204 -23.07 36.75 -59.99
N LYS F 205 -24.06 36.89 -59.10
CA LYS F 205 -24.96 35.77 -58.81
C LYS F 205 -25.72 35.35 -60.05
N GLU F 206 -26.22 36.33 -60.83
CA GLU F 206 -26.88 36.01 -62.09
C GLU F 206 -25.91 35.35 -63.06
N SER F 207 -24.65 35.81 -63.07
CA SER F 207 -23.66 35.18 -63.93
C SER F 207 -23.45 33.71 -63.57
N VAL F 208 -23.35 33.42 -62.27
CA VAL F 208 -23.20 32.03 -61.83
C VAL F 208 -24.45 31.22 -62.14
N ARG F 209 -25.63 31.82 -62.02
CA ARG F 209 -26.85 31.10 -62.36
C ARG F 209 -26.88 30.73 -63.83
N PHE F 210 -26.49 31.67 -64.71
CA PHE F 210 -26.44 31.37 -66.14
C PHE F 210 -25.37 30.34 -66.45
N PHE F 211 -24.25 30.38 -65.71
CA PHE F 211 -23.21 29.36 -65.89
C PHE F 211 -23.74 27.98 -65.50
N ASP F 212 -24.52 27.91 -64.43
CA ASP F 212 -25.14 26.65 -64.04
C ASP F 212 -26.11 26.17 -65.12
N GLU F 213 -26.93 27.08 -65.65
CA GLU F 213 -27.88 26.68 -66.68
C GLU F 213 -27.20 26.38 -68.00
N THR F 214 -26.27 27.24 -68.43
CA THR F 214 -25.57 27.07 -69.70
C THR F 214 -24.07 27.07 -69.46
N GLY F 215 -23.38 26.14 -70.12
CA GLY F 215 -21.95 25.98 -69.86
C GLY F 215 -21.14 27.20 -70.20
N GLN F 216 -21.55 27.96 -71.21
CA GLN F 216 -20.83 29.15 -71.62
C GLN F 216 -20.89 30.22 -70.53
N ALA F 217 -19.73 30.82 -70.25
CA ALA F 217 -19.66 31.88 -69.26
C ALA F 217 -20.13 33.20 -69.86
N THR F 218 -20.85 33.98 -69.05
CA THR F 218 -21.43 35.23 -69.51
C THR F 218 -21.29 36.29 -68.42
N TYR F 219 -21.36 37.55 -68.84
CA TYR F 219 -21.31 38.71 -67.96
C TYR F 219 -22.59 39.52 -68.13
N ALA F 220 -23.16 39.97 -67.02
CA ALA F 220 -24.45 40.64 -67.01
C ALA F 220 -24.29 42.07 -66.53
N VAL F 221 -25.01 42.99 -67.16
CA VAL F 221 -25.03 44.39 -66.77
C VAL F 221 -26.49 44.80 -66.54
N GLN F 222 -26.73 45.54 -65.45
CA GLN F 222 -28.08 45.93 -65.10
C GLN F 222 -28.63 46.94 -66.09
N THR F 223 -29.91 46.79 -66.44
CA THR F 223 -30.60 47.68 -67.36
C THR F 223 -31.76 48.42 -66.70
N GLY F 224 -32.65 47.71 -66.03
CA GLY F 224 -33.80 48.33 -65.40
C GLY F 224 -34.38 47.44 -64.33
N THR F 225 -35.38 47.97 -63.63
CA THR F 225 -36.04 47.27 -62.53
C THR F 225 -37.50 47.02 -62.89
N THR F 226 -37.95 45.78 -62.70
CA THR F 226 -39.31 45.37 -63.00
C THR F 226 -39.92 44.71 -61.76
N THR F 227 -41.15 45.09 -61.44
CA THR F 227 -41.83 44.50 -60.29
C THR F 227 -42.24 43.07 -60.58
N THR F 228 -41.99 42.18 -59.62
CA THR F 228 -42.34 40.77 -59.73
C THR F 228 -42.99 40.32 -58.44
N GLU F 229 -43.77 39.23 -58.53
CA GLU F 229 -44.46 38.66 -57.39
C GLU F 229 -43.61 37.55 -56.79
N VAL F 230 -43.27 37.68 -55.51
CA VAL F 230 -42.46 36.71 -54.80
C VAL F 230 -43.21 36.25 -53.56
N GLU F 231 -43.17 34.95 -53.31
CA GLU F 231 -43.85 34.34 -52.17
C GLU F 231 -42.85 34.15 -51.03
N VAL F 232 -43.15 34.75 -49.88
CA VAL F 232 -42.31 34.65 -48.69
C VAL F 232 -43.01 33.76 -47.68
N PRO F 233 -42.51 32.54 -47.43
CA PRO F 233 -43.16 31.65 -46.46
C PRO F 233 -42.81 32.01 -45.03
N LEU F 234 -43.82 32.37 -44.23
CA LEU F 234 -43.57 32.70 -42.84
C LEU F 234 -43.27 31.45 -42.01
N ALA F 235 -44.05 30.38 -42.19
CA ALA F 235 -43.92 29.19 -41.37
C ALA F 235 -43.83 27.96 -42.26
N ASN F 236 -42.80 27.14 -42.02
CA ASN F 236 -42.63 25.84 -42.65
C ASN F 236 -41.92 24.95 -41.63
N HIS F 237 -42.71 24.20 -40.86
CA HIS F 237 -42.17 23.40 -39.77
C HIS F 237 -43.19 22.36 -39.35
N PRO F 238 -42.73 21.16 -39.00
CA PRO F 238 -43.65 20.13 -38.50
C PRO F 238 -44.17 20.49 -37.12
N THR F 239 -45.37 19.97 -36.82
CA THR F 239 -46.02 20.19 -35.53
C THR F 239 -46.42 18.84 -34.95
N VAL F 240 -46.13 18.63 -33.67
CA VAL F 240 -46.56 17.45 -32.93
C VAL F 240 -47.38 17.92 -31.74
N GLU F 241 -48.52 17.28 -31.51
CA GLU F 241 -49.44 17.65 -30.45
C GLU F 241 -49.98 16.39 -29.79
N MET F 242 -50.01 16.39 -28.46
CA MET F 242 -50.61 15.28 -27.74
C MET F 242 -52.12 15.40 -27.76
N LEU F 243 -52.79 14.26 -27.93
CA LEU F 243 -54.23 14.22 -28.13
C LEU F 243 -54.93 13.66 -26.91
N ASN F 244 -56.08 14.26 -26.58
CA ASN F 244 -56.94 13.72 -25.55
C ASN F 244 -57.49 12.37 -26.02
N PRO F 245 -57.40 11.33 -25.19
CA PRO F 245 -57.93 10.02 -25.61
C PRO F 245 -59.41 10.03 -25.96
N GLU F 246 -60.19 10.95 -25.39
CA GLU F 246 -61.60 11.02 -25.70
C GLU F 246 -61.83 11.52 -27.12
N ASN F 247 -60.89 12.31 -27.65
CA ASN F 247 -61.10 12.93 -28.95
C ASN F 247 -60.94 11.94 -30.09
N ILE F 248 -59.94 11.06 -30.00
CA ILE F 248 -59.59 10.16 -31.10
C ILE F 248 -60.32 8.84 -30.93
N ILE F 249 -60.89 8.34 -32.02
CA ILE F 249 -61.57 7.05 -32.06
C ILE F 249 -60.86 6.16 -33.06
N ILE F 250 -60.48 4.96 -32.64
CA ILE F 250 -59.69 4.05 -33.44
C ILE F 250 -60.55 2.82 -33.75
N ASP F 251 -60.24 2.19 -34.88
CA ASP F 251 -60.99 1.01 -35.32
C ASP F 251 -60.90 -0.09 -34.26
N PRO F 252 -62.03 -0.60 -33.76
CA PRO F 252 -61.96 -1.66 -32.75
C PRO F 252 -61.52 -3.01 -33.29
N SER F 253 -61.62 -3.23 -34.61
CA SER F 253 -61.28 -4.52 -35.21
C SER F 253 -59.83 -4.57 -35.67
N CYS F 254 -58.95 -3.78 -35.04
CA CYS F 254 -57.55 -3.76 -35.44
C CYS F 254 -56.78 -4.98 -34.94
N GLN F 255 -57.39 -5.80 -34.08
CA GLN F 255 -56.77 -6.99 -33.52
C GLN F 255 -55.51 -6.65 -32.71
N GLY F 256 -55.53 -5.51 -32.03
CA GLY F 256 -54.45 -5.12 -31.15
C GLY F 256 -53.27 -4.47 -31.82
N ASP F 257 -53.33 -4.22 -33.13
CA ASP F 257 -52.22 -3.59 -33.86
C ASP F 257 -52.72 -2.31 -34.49
N ILE F 258 -52.00 -1.20 -34.24
CA ILE F 258 -52.41 0.09 -34.77
C ILE F 258 -52.31 0.11 -36.29
N ASN F 259 -51.30 -0.58 -36.84
CA ASN F 259 -51.12 -0.60 -38.28
C ASN F 259 -52.26 -1.35 -38.97
N LYS F 260 -52.89 -2.29 -38.26
CA LYS F 260 -53.98 -3.06 -38.85
C LYS F 260 -55.30 -2.30 -38.83
N ALA F 261 -55.33 -1.14 -38.18
CA ALA F 261 -56.57 -0.36 -38.09
C ALA F 261 -56.97 0.15 -39.47
N MET F 262 -58.26 0.03 -39.77
CA MET F 262 -58.77 0.49 -41.07
C MET F 262 -58.90 2.01 -41.12
N PHE F 263 -59.33 2.62 -40.02
CA PHE F 263 -59.60 4.05 -40.00
C PHE F 263 -59.35 4.64 -38.62
N ALA F 264 -59.21 5.95 -38.57
CA ALA F 264 -59.06 6.70 -37.33
C ALA F 264 -59.69 8.08 -37.50
N ILE F 265 -60.43 8.52 -36.48
CA ILE F 265 -61.16 9.77 -36.52
C ILE F 265 -60.74 10.62 -35.33
N VAL F 266 -60.40 11.88 -35.59
CA VAL F 266 -59.96 12.82 -34.57
C VAL F 266 -60.73 14.13 -34.73
N SER F 267 -61.12 14.73 -33.62
CA SER F 267 -61.84 15.99 -33.60
C SER F 267 -61.00 17.07 -32.93
N PHE F 268 -60.96 18.25 -33.55
CA PHE F 268 -60.15 19.35 -33.04
C PHE F 268 -60.89 20.66 -33.26
N GLU F 269 -60.39 21.71 -32.60
CA GLU F 269 -60.94 23.06 -32.72
C GLU F 269 -60.10 23.84 -33.73
N THR F 270 -60.77 24.56 -34.62
CA THR F 270 -60.10 25.34 -35.65
C THR F 270 -60.90 26.61 -35.93
N CYS F 271 -60.24 27.56 -36.57
CA CYS F 271 -60.86 28.84 -36.93
C CYS F 271 -60.83 29.00 -38.44
N LYS F 272 -61.54 30.04 -38.91
CA LYS F 272 -61.63 30.27 -40.35
C LYS F 272 -60.28 30.66 -40.93
N ALA F 273 -59.44 31.35 -40.15
CA ALA F 273 -58.13 31.75 -40.65
C ALA F 273 -57.26 30.54 -40.96
N ASP F 274 -57.32 29.50 -40.12
CA ASP F 274 -56.54 28.30 -40.37
C ASP F 274 -56.96 27.64 -41.68
N LEU F 275 -58.27 27.59 -41.96
CA LEU F 275 -58.74 27.01 -43.21
C LEU F 275 -58.36 27.89 -44.40
N LEU F 276 -58.40 29.21 -44.23
CA LEU F 276 -58.04 30.12 -45.31
C LEU F 276 -56.54 30.18 -45.57
N LYS F 277 -55.73 29.70 -44.63
CA LYS F 277 -54.29 29.61 -44.88
C LYS F 277 -53.99 28.81 -46.15
N GLU F 278 -54.72 27.72 -46.36
CA GLU F 278 -54.60 26.89 -47.56
C GLU F 278 -55.97 26.87 -48.24
N LYS F 279 -56.21 27.85 -49.12
CA LYS F 279 -57.51 27.98 -49.76
C LYS F 279 -57.79 26.81 -50.71
N ASP F 280 -56.74 26.35 -51.41
CA ASP F 280 -56.94 25.30 -52.41
C ASP F 280 -57.38 23.99 -51.77
N ARG F 281 -56.90 23.70 -50.56
CA ARG F 281 -57.20 22.42 -49.93
C ARG F 281 -58.69 22.29 -49.60
N TYR F 282 -59.31 23.36 -49.12
CA TYR F 282 -60.66 23.29 -48.60
C TYR F 282 -61.66 23.91 -49.58
N HIS F 283 -62.86 23.33 -49.62
CA HIS F 283 -63.95 23.84 -50.44
C HIS F 283 -65.20 23.99 -49.58
N ASN F 284 -66.21 24.64 -50.17
CA ASN F 284 -67.52 24.83 -49.53
C ASN F 284 -67.41 25.54 -48.18
N LEU F 285 -66.50 26.53 -48.08
CA LEU F 285 -66.36 27.27 -46.83
C LEU F 285 -67.55 28.19 -46.60
N ASN F 286 -68.18 28.67 -47.68
CA ASN F 286 -69.30 29.59 -47.54
C ASN F 286 -70.52 28.90 -46.96
N LYS F 287 -70.73 27.62 -47.31
CA LYS F 287 -71.92 26.92 -46.86
C LYS F 287 -71.88 26.63 -45.36
N ILE F 288 -70.70 26.74 -44.74
CA ILE F 288 -70.58 26.41 -43.33
C ILE F 288 -71.32 27.44 -42.48
N ASP F 289 -72.10 26.94 -41.53
CA ASP F 289 -72.75 27.78 -40.52
C ASP F 289 -71.94 27.69 -39.23
N TRP F 290 -71.27 28.80 -38.88
CA TRP F 290 -70.30 28.76 -37.80
C TRP F 290 -70.97 28.61 -36.44
N GLN F 291 -72.15 29.21 -36.26
CA GLN F 291 -72.82 29.16 -34.97
C GLN F 291 -73.28 27.75 -34.62
N SER F 292 -73.72 26.98 -35.63
CA SER F 292 -74.23 25.63 -35.37
C SER F 292 -73.13 24.72 -34.83
N SER F 293 -71.91 24.82 -35.36
CA SER F 293 -70.79 24.00 -34.94
C SER F 293 -69.98 24.77 -33.90
N ALA F 294 -70.20 24.46 -32.63
CA ALA F 294 -69.52 25.14 -31.53
C ALA F 294 -69.15 24.09 -30.49
N PRO F 295 -68.10 24.35 -29.70
CA PRO F 295 -67.74 23.39 -28.64
C PRO F 295 -68.86 23.12 -27.66
N VAL F 296 -69.65 24.14 -27.32
CA VAL F 296 -70.80 23.94 -26.43
C VAL F 296 -71.87 23.10 -27.11
N ASN F 297 -72.05 23.29 -28.42
CA ASN F 297 -73.10 22.57 -29.14
C ASN F 297 -72.82 21.07 -29.20
N GLU F 298 -71.54 20.68 -29.17
CA GLU F 298 -71.19 19.28 -29.27
C GLU F 298 -70.66 18.79 -27.93
N PRO F 299 -71.47 18.07 -27.13
CA PRO F 299 -70.96 17.57 -25.85
C PRO F 299 -69.86 16.54 -26.01
N ASP F 300 -69.78 15.88 -27.17
CA ASP F 300 -68.82 14.80 -27.36
C ASP F 300 -67.38 15.31 -27.27
N HIS F 301 -67.11 16.47 -27.86
CA HIS F 301 -65.77 17.03 -27.83
C HIS F 301 -65.40 17.46 -26.42
N ALA F 302 -64.21 17.05 -25.98
CA ALA F 302 -63.70 17.37 -24.65
C ALA F 302 -62.60 18.41 -24.78
N THR F 303 -62.79 19.55 -24.12
CA THR F 303 -61.82 20.64 -24.18
C THR F 303 -61.89 21.44 -22.88
N THR F 304 -60.84 22.23 -22.66
CA THR F 304 -60.76 23.10 -21.49
C THR F 304 -61.33 24.49 -21.75
N THR F 305 -61.78 24.77 -22.97
CA THR F 305 -62.34 26.07 -23.28
C THR F 305 -63.62 26.31 -22.48
N PRO F 306 -63.77 27.47 -21.86
CA PRO F 306 -65.04 27.76 -21.16
C PRO F 306 -66.22 27.74 -22.11
N GLN F 307 -67.36 27.26 -21.59
CA GLN F 307 -68.55 27.14 -22.42
C GLN F 307 -69.04 28.49 -22.91
N GLU F 308 -69.03 29.51 -22.03
CA GLU F 308 -69.58 30.81 -22.36
C GLU F 308 -68.57 31.75 -23.01
N PHE F 309 -67.31 31.33 -23.15
CA PHE F 309 -66.32 32.18 -23.81
C PHE F 309 -66.58 32.21 -25.31
N GLN F 310 -66.52 33.40 -25.89
CA GLN F 310 -66.78 33.57 -27.31
C GLN F 310 -66.02 34.78 -27.84
N ILE F 311 -65.28 34.58 -28.93
CA ILE F 311 -64.54 35.67 -29.55
C ILE F 311 -65.46 36.46 -30.47
N SER F 312 -65.41 37.79 -30.37
CA SER F 312 -66.30 38.64 -31.14
C SER F 312 -66.02 38.53 -32.65
N ASP F 313 -64.75 38.52 -33.03
CA ASP F 313 -64.40 38.56 -34.45
C ASP F 313 -64.79 37.25 -35.13
N PRO F 314 -65.59 37.32 -36.20
CA PRO F 314 -65.97 36.08 -36.91
C PRO F 314 -64.79 35.31 -37.47
N MET F 315 -63.73 36.01 -37.91
CA MET F 315 -62.60 35.32 -38.53
C MET F 315 -61.83 34.51 -37.51
N ARG F 316 -61.78 34.96 -36.26
CA ARG F 316 -61.01 34.31 -35.21
C ARG F 316 -61.83 33.36 -34.36
N LYS F 317 -63.10 33.13 -34.70
CA LYS F 317 -63.94 32.26 -33.91
C LYS F 317 -63.58 30.80 -34.15
N ARG F 318 -63.64 30.00 -33.09
CA ARG F 318 -63.23 28.60 -33.12
C ARG F 318 -64.44 27.71 -33.33
N VAL F 319 -64.32 26.75 -34.25
CA VAL F 319 -65.36 25.78 -34.54
C VAL F 319 -64.76 24.38 -34.51
N VAL F 320 -65.57 23.40 -34.12
CA VAL F 320 -65.10 22.02 -34.04
C VAL F 320 -65.16 21.38 -35.42
N ALA F 321 -64.13 20.61 -35.76
CA ALA F 321 -64.05 19.93 -37.03
C ALA F 321 -63.63 18.48 -36.82
N TYR F 322 -63.90 17.65 -37.82
CA TYR F 322 -63.59 16.23 -37.78
C TYR F 322 -62.75 15.84 -38.98
N GLU F 323 -61.88 14.86 -38.81
CA GLU F 323 -61.09 14.31 -39.90
C GLU F 323 -61.19 12.79 -39.90
N TYR F 324 -61.06 12.20 -41.09
CA TYR F 324 -61.15 10.76 -41.27
C TYR F 324 -59.92 10.27 -42.01
N TRP F 325 -59.03 9.59 -41.29
CA TRP F 325 -57.83 8.99 -41.87
C TRP F 325 -58.04 7.48 -41.98
N GLY F 326 -58.03 6.97 -43.20
CA GLY F 326 -58.29 5.55 -43.40
C GLY F 326 -58.05 5.13 -44.83
N PHE F 327 -58.34 3.86 -45.10
CA PHE F 327 -58.15 3.25 -46.40
C PHE F 327 -59.51 3.02 -47.05
N TRP F 328 -59.63 3.44 -48.31
CA TRP F 328 -60.88 3.29 -49.06
C TRP F 328 -60.58 2.80 -50.46
N ASP F 329 -61.55 2.11 -51.05
CA ASP F 329 -61.47 1.64 -52.43
C ASP F 329 -61.99 2.76 -53.32
N ILE F 330 -61.09 3.62 -53.77
CA ILE F 330 -61.49 4.81 -54.50
C ILE F 330 -62.02 4.45 -55.88
N GLU F 331 -61.36 3.54 -56.58
CA GLU F 331 -61.75 3.18 -57.93
C GLU F 331 -62.68 1.97 -58.00
N GLY F 332 -62.96 1.33 -56.87
CA GLY F 332 -63.93 0.26 -56.83
C GLY F 332 -63.48 -1.07 -57.38
N ASN F 333 -62.19 -1.25 -57.62
CA ASN F 333 -61.67 -2.50 -58.18
C ASN F 333 -61.09 -3.44 -57.13
N GLY F 334 -61.29 -3.13 -55.85
CA GLY F 334 -60.73 -3.96 -54.80
C GLY F 334 -59.39 -3.52 -54.27
N VAL F 335 -58.94 -2.31 -54.59
CA VAL F 335 -57.65 -1.79 -54.16
C VAL F 335 -57.91 -0.68 -53.14
N LEU F 336 -57.33 -0.84 -51.96
CA LEU F 336 -57.49 0.13 -50.88
C LEU F 336 -56.29 1.07 -50.84
N GLU F 337 -56.58 2.37 -50.80
CA GLU F 337 -55.54 3.39 -50.72
C GLU F 337 -55.84 4.37 -49.60
N PRO F 338 -54.83 4.95 -48.96
CA PRO F 338 -55.08 5.90 -47.88
C PRO F 338 -55.73 7.18 -48.40
N ILE F 339 -56.62 7.75 -47.57
CA ILE F 339 -57.34 8.97 -47.91
C ILE F 339 -57.45 9.84 -46.67
N VAL F 340 -57.90 11.08 -46.87
CA VAL F 340 -58.21 11.99 -45.78
C VAL F 340 -59.49 12.74 -46.14
N ALA F 341 -60.38 12.90 -45.16
CA ALA F 341 -61.64 13.60 -45.35
C ALA F 341 -61.92 14.47 -44.13
N THR F 342 -62.29 15.72 -44.37
CA THR F 342 -62.56 16.68 -43.31
C THR F 342 -63.96 17.26 -43.52
N TRP F 343 -64.76 17.28 -42.46
CA TRP F 343 -66.11 17.83 -42.52
C TRP F 343 -66.39 18.64 -41.27
N ILE F 344 -67.14 19.73 -41.43
CA ILE F 344 -67.59 20.57 -40.32
C ILE F 344 -69.11 20.52 -40.29
N GLY F 345 -69.66 20.09 -39.16
CA GLY F 345 -71.11 19.96 -39.07
C GLY F 345 -71.60 18.85 -39.97
N SER F 346 -72.35 19.23 -41.00
CA SER F 346 -72.87 18.29 -42.00
C SER F 346 -72.35 18.58 -43.39
N THR F 347 -71.30 19.39 -43.54
CA THR F 347 -70.76 19.76 -44.83
C THR F 347 -69.34 19.21 -44.97
N LEU F 348 -69.06 18.57 -46.11
CA LEU F 348 -67.74 18.02 -46.39
C LEU F 348 -66.92 19.08 -47.10
N ILE F 349 -65.80 19.46 -46.50
CA ILE F 349 -65.04 20.59 -47.03
C ILE F 349 -63.79 20.11 -47.79
N ARG F 350 -63.20 19.00 -47.36
CA ARG F 350 -61.93 18.55 -47.91
C ARG F 350 -61.98 17.05 -48.18
N LEU F 351 -61.46 16.64 -49.33
CA LEU F 351 -61.40 15.23 -49.71
C LEU F 351 -60.25 15.04 -50.68
N GLU F 352 -59.25 14.26 -50.28
CA GLU F 352 -58.09 14.00 -51.12
C GLU F 352 -57.35 12.79 -50.56
N LYS F 353 -56.24 12.45 -51.23
CA LYS F 353 -55.41 11.33 -50.80
C LYS F 353 -54.52 11.73 -49.64
N ASN F 354 -53.78 10.75 -49.12
CA ASN F 354 -52.87 10.99 -48.01
C ASN F 354 -51.68 11.80 -48.50
N PRO F 355 -51.41 12.98 -47.95
CA PRO F 355 -50.29 13.79 -48.46
C PRO F 355 -48.93 13.32 -47.99
N TYR F 356 -48.85 12.74 -46.79
CA TYR F 356 -47.56 12.38 -46.22
C TYR F 356 -46.95 11.19 -46.96
N PRO F 357 -45.62 11.20 -47.17
CA PRO F 357 -44.99 10.14 -47.96
C PRO F 357 -45.10 8.75 -47.34
N ASP F 358 -45.14 8.67 -46.00
CA ASP F 358 -45.10 7.37 -45.35
C ASP F 358 -46.33 6.53 -45.70
N GLY F 359 -47.48 7.17 -45.84
CA GLY F 359 -48.70 6.47 -46.20
C GLY F 359 -49.42 5.80 -45.05
N LYS F 360 -49.05 6.10 -43.81
CA LYS F 360 -49.71 5.54 -42.64
C LYS F 360 -50.41 6.64 -41.87
N LEU F 361 -51.30 6.24 -40.97
CA LEU F 361 -52.01 7.21 -40.15
C LEU F 361 -51.02 7.94 -39.24
N PRO F 362 -51.10 9.26 -39.14
CA PRO F 362 -50.12 10.02 -38.34
C PRO F 362 -50.44 9.99 -36.84
N PHE F 363 -50.49 8.79 -36.29
CA PHE F 363 -50.74 8.59 -34.87
C PHE F 363 -49.77 7.57 -34.32
N VAL F 364 -49.30 7.83 -33.10
CA VAL F 364 -48.36 6.96 -32.40
C VAL F 364 -48.91 6.68 -31.01
N LEU F 365 -48.99 5.40 -30.65
CA LEU F 365 -49.52 4.98 -29.35
C LEU F 365 -48.41 4.33 -28.54
N ILE F 366 -48.33 4.71 -27.27
CA ILE F 366 -47.31 4.21 -26.35
C ILE F 366 -48.00 3.74 -25.08
N PRO F 367 -47.95 2.45 -24.74
CA PRO F 367 -48.61 1.99 -23.52
C PRO F 367 -47.71 2.00 -22.30
N TYR F 368 -48.27 2.37 -21.14
CA TYR F 368 -47.50 2.37 -19.91
C TYR F 368 -47.23 0.96 -19.44
N MET F 369 -48.28 0.16 -19.26
CA MET F 369 -48.16 -1.24 -18.90
C MET F 369 -48.89 -2.05 -19.98
N PRO F 370 -48.19 -2.73 -20.86
CA PRO F 370 -48.86 -3.40 -21.99
C PRO F 370 -49.79 -4.50 -21.54
N VAL F 371 -50.86 -4.69 -22.31
CA VAL F 371 -51.79 -5.80 -22.14
C VAL F 371 -51.65 -6.69 -23.38
N LYS F 372 -51.44 -7.99 -23.16
CA LYS F 372 -51.16 -8.90 -24.26
C LYS F 372 -52.32 -8.92 -25.24
N ARG F 373 -51.99 -8.81 -26.53
CA ARG F 373 -52.98 -8.81 -27.61
C ARG F 373 -54.03 -7.71 -27.41
N ASP F 374 -53.58 -6.56 -26.95
CA ASP F 374 -54.45 -5.41 -26.76
C ASP F 374 -53.70 -4.13 -27.09
N MET F 375 -54.43 -3.13 -27.59
CA MET F 375 -53.79 -1.88 -27.98
C MET F 375 -53.42 -1.03 -26.75
N TYR F 376 -54.30 -0.94 -25.77
CA TYR F 376 -54.16 0.02 -24.70
C TYR F 376 -53.29 -0.53 -23.57
N GLY F 377 -52.97 0.36 -22.62
CA GLY F 377 -52.20 -0.01 -21.47
C GLY F 377 -52.95 0.31 -20.19
N GLU F 378 -52.29 0.02 -19.06
CA GLU F 378 -52.95 0.24 -17.78
C GLU F 378 -52.07 1.05 -16.83
N PRO F 379 -52.66 1.91 -16.01
CA PRO F 379 -51.90 2.65 -15.02
C PRO F 379 -51.76 1.86 -13.72
N ASP F 380 -51.12 2.49 -12.73
CA ASP F 380 -50.89 1.83 -11.45
C ASP F 380 -52.04 2.02 -10.48
N ALA F 381 -53.01 2.89 -10.81
CA ALA F 381 -54.12 3.12 -9.89
C ALA F 381 -55.02 1.90 -9.76
N GLU F 382 -55.12 1.10 -10.83
CA GLU F 382 -55.96 -0.10 -10.81
C GLU F 382 -55.57 -1.04 -9.67
N LEU F 383 -54.27 -1.13 -9.39
CA LEU F 383 -53.80 -2.02 -8.34
C LEU F 383 -53.89 -1.38 -6.96
N LEU F 384 -53.81 -0.05 -6.90
CA LEU F 384 -53.62 0.66 -5.64
C LEU F 384 -54.89 1.32 -5.11
N GLY F 385 -56.02 1.22 -5.82
CA GLY F 385 -57.23 1.85 -5.33
C GLY F 385 -57.68 1.33 -3.98
N ASP F 386 -57.69 -0.01 -3.82
CA ASP F 386 -58.14 -0.61 -2.57
C ASP F 386 -57.21 -0.26 -1.42
N ASN F 387 -55.90 -0.29 -1.67
CA ASN F 387 -54.94 0.09 -0.64
C ASN F 387 -55.12 1.55 -0.23
N GLN F 388 -55.35 2.43 -1.21
CA GLN F 388 -55.60 3.84 -0.89
C GLN F 388 -56.85 3.98 -0.03
N ALA F 389 -57.91 3.24 -0.37
CA ALA F 389 -59.14 3.32 0.42
C ALA F 389 -58.91 2.86 1.85
N VAL F 390 -58.20 1.74 2.04
CA VAL F 390 -57.96 1.23 3.37
C VAL F 390 -57.10 2.20 4.18
N LEU F 391 -56.05 2.75 3.56
CA LEU F 391 -55.20 3.70 4.26
C LEU F 391 -55.96 4.95 4.66
N GLY F 392 -56.81 5.46 3.76
CA GLY F 392 -57.63 6.60 4.10
C GLY F 392 -58.58 6.30 5.24
N ALA F 393 -59.18 5.11 5.26
CA ALA F 393 -60.06 4.74 6.35
C ALA F 393 -59.32 4.69 7.68
N VAL F 394 -58.12 4.11 7.69
CA VAL F 394 -57.34 4.02 8.91
C VAL F 394 -56.97 5.42 9.41
N MET F 395 -56.53 6.29 8.50
CA MET F 395 -56.17 7.65 8.89
C MET F 395 -57.37 8.41 9.44
N ARG F 396 -58.53 8.25 8.80
CA ARG F 396 -59.75 8.89 9.29
C ARG F 396 -60.11 8.37 10.68
N GLY F 397 -59.97 7.07 10.91
CA GLY F 397 -60.24 6.53 12.23
C GLY F 397 -59.34 7.12 13.30
N MET F 398 -58.04 7.22 13.00
CA MET F 398 -57.11 7.81 13.96
C MET F 398 -57.44 9.27 14.25
N ILE F 399 -57.73 10.05 13.20
CA ILE F 399 -57.99 11.46 13.40
C ILE F 399 -59.31 11.67 14.14
N ASP F 400 -60.32 10.85 13.85
CA ASP F 400 -61.56 10.92 14.61
C ASP F 400 -61.34 10.57 16.07
N LEU F 401 -60.54 9.54 16.34
CA LEU F 401 -60.24 9.15 17.71
C LEU F 401 -59.61 10.30 18.48
N LEU F 402 -58.65 10.99 17.85
CA LEU F 402 -58.02 12.12 18.52
C LEU F 402 -58.98 13.30 18.68
N GLY F 403 -59.71 13.64 17.61
CA GLY F 403 -60.51 14.85 17.64
C GLY F 403 -61.71 14.78 18.56
N ARG F 404 -62.41 13.65 18.59
CA ARG F 404 -63.66 13.58 19.35
C ARG F 404 -63.39 13.52 20.86
N SER F 405 -62.15 13.29 21.26
CA SER F 405 -61.83 13.23 22.67
C SER F 405 -61.82 14.63 23.28
N ALA F 406 -62.04 14.69 24.60
CA ALA F 406 -62.01 15.96 25.31
C ALA F 406 -60.61 16.21 25.85
N ASN F 407 -60.09 17.41 25.59
CA ASN F 407 -58.73 17.78 25.98
C ASN F 407 -58.75 19.13 26.68
N GLY F 408 -58.01 19.23 27.78
CA GLY F 408 -57.89 20.47 28.52
C GLY F 408 -58.91 20.70 29.60
N GLN F 409 -59.94 19.86 29.69
CA GLN F 409 -60.96 20.03 30.71
C GLN F 409 -60.45 19.56 32.07
N ARG F 410 -61.03 20.13 33.12
CA ARG F 410 -60.67 19.77 34.50
C ARG F 410 -61.93 19.42 35.27
N GLY F 411 -61.89 18.29 35.97
CA GLY F 411 -63.00 17.82 36.79
C GLY F 411 -62.59 17.76 38.25
N MET F 412 -63.45 18.31 39.10
CA MET F 412 -63.19 18.40 40.53
C MET F 412 -64.34 17.76 41.31
N PRO F 413 -64.05 16.84 42.23
CA PRO F 413 -65.13 16.20 42.98
C PRO F 413 -65.82 17.18 43.93
N LYS F 414 -67.09 16.91 44.19
CA LYS F 414 -67.86 17.74 45.11
C LYS F 414 -67.45 17.48 46.55
N GLY F 415 -67.31 18.56 47.33
CA GLY F 415 -67.03 18.44 48.74
C GLY F 415 -65.58 18.57 49.14
N MET F 416 -64.65 18.56 48.18
CA MET F 416 -63.24 18.72 48.53
C MET F 416 -62.96 20.11 49.08
N LEU F 417 -63.40 21.15 48.38
CA LEU F 417 -63.12 22.53 48.75
C LEU F 417 -64.42 23.30 48.94
N ASP F 418 -64.48 24.09 50.01
CA ASP F 418 -65.61 25.01 50.18
C ASP F 418 -65.46 26.18 49.21
N ALA F 419 -66.37 27.16 49.35
CA ALA F 419 -66.43 28.26 48.40
C ALA F 419 -65.12 29.04 48.35
N LEU F 420 -64.61 29.45 49.51
CA LEU F 420 -63.42 30.30 49.53
C LEU F 420 -62.19 29.55 49.01
N ASN F 421 -62.01 28.30 49.44
CA ASN F 421 -60.87 27.53 48.97
C ASN F 421 -60.98 27.22 47.48
N SER F 422 -62.20 26.94 47.00
CA SER F 422 -62.38 26.71 45.58
C SER F 422 -62.04 27.95 44.76
N ARG F 423 -62.48 29.12 45.24
CA ARG F 423 -62.12 30.36 44.54
C ARG F 423 -60.61 30.58 44.56
N ARG F 424 -59.97 30.34 45.70
CA ARG F 424 -58.51 30.50 45.79
C ARG F 424 -57.80 29.57 44.82
N TYR F 425 -58.28 28.34 44.70
CA TYR F 425 -57.70 27.40 43.73
C TYR F 425 -57.91 27.89 42.31
N ARG F 426 -59.10 28.43 42.00
CA ARG F 426 -59.38 28.86 40.64
C ARG F 426 -58.54 30.06 40.23
N GLU F 427 -58.35 31.02 41.13
CA GLU F 427 -57.53 32.19 40.79
C GLU F 427 -56.07 31.81 40.60
N GLY F 428 -55.59 30.82 41.35
CA GLY F 428 -54.22 30.37 41.17
C GLY F 428 -53.32 30.58 42.36
N GLU F 429 -53.87 30.51 43.57
CA GLU F 429 -53.09 30.68 44.79
C GLU F 429 -53.28 29.46 45.68
N ASP F 430 -52.56 29.46 46.81
CA ASP F 430 -52.55 28.31 47.71
C ASP F 430 -53.93 28.12 48.33
N TYR F 431 -54.23 26.86 48.68
CA TYR F 431 -55.53 26.49 49.20
C TYR F 431 -55.37 25.41 50.26
N GLU F 432 -56.49 25.04 50.87
CA GLU F 432 -56.55 23.96 51.85
C GLU F 432 -57.70 23.04 51.50
N TYR F 433 -57.45 21.73 51.54
CA TYR F 433 -58.43 20.73 51.13
C TYR F 433 -58.79 19.83 52.30
N ASN F 434 -59.96 19.18 52.17
CA ASN F 434 -60.39 18.24 53.18
C ASN F 434 -59.54 16.97 53.10
N PRO F 435 -59.04 16.46 54.23
CA PRO F 435 -58.14 15.30 54.18
C PRO F 435 -58.79 14.03 53.65
N THR F 436 -60.12 13.96 53.65
CA THR F 436 -60.79 12.74 53.20
C THR F 436 -60.52 12.47 51.73
N GLN F 437 -60.49 13.51 50.90
CA GLN F 437 -60.23 13.35 49.47
C GLN F 437 -58.87 13.94 49.13
N ASN F 438 -58.06 13.19 48.38
CA ASN F 438 -56.71 13.61 48.04
C ASN F 438 -56.69 14.22 46.64
N PRO F 439 -56.36 15.51 46.50
CA PRO F 439 -56.47 16.14 45.17
C PRO F 439 -55.56 15.54 44.11
N ALA F 440 -54.54 14.77 44.51
CA ALA F 440 -53.59 14.24 43.54
C ALA F 440 -54.27 13.32 42.53
N GLN F 441 -55.22 12.51 42.99
CA GLN F 441 -55.90 11.58 42.09
C GLN F 441 -57.28 12.11 41.69
N MET F 442 -57.97 12.78 42.61
CA MET F 442 -59.36 13.17 42.36
C MET F 442 -59.45 14.27 41.30
N ILE F 443 -58.54 15.23 41.31
CA ILE F 443 -58.50 16.24 40.26
C ILE F 443 -57.99 15.61 38.98
N ILE F 444 -58.76 15.71 37.91
CA ILE F 444 -58.51 15.00 36.66
C ILE F 444 -58.31 16.02 35.55
N GLU F 445 -57.22 15.89 34.82
CA GLU F 445 -56.96 16.65 33.60
C GLU F 445 -57.03 15.68 32.43
N HIS F 446 -57.92 15.97 31.49
CA HIS F 446 -58.15 15.07 30.36
C HIS F 446 -57.04 15.20 29.33
N LYS F 447 -56.77 14.11 28.62
CA LYS F 447 -55.68 14.04 27.67
C LYS F 447 -56.10 13.25 26.45
N PHE F 448 -55.25 13.27 25.43
CA PHE F 448 -55.51 12.51 24.22
C PHE F 448 -55.42 11.00 24.53
N PRO F 449 -56.32 10.19 23.98
CA PRO F 449 -56.19 8.75 24.15
C PRO F 449 -54.98 8.21 23.38
N GLU F 450 -54.45 7.09 23.86
CA GLU F 450 -53.27 6.50 23.23
C GLU F 450 -53.67 5.70 21.99
N LEU F 451 -52.91 5.88 20.91
CA LEU F 451 -53.24 5.24 19.65
C LEU F 451 -52.93 3.74 19.72
N PRO F 452 -53.82 2.89 19.21
CA PRO F 452 -53.51 1.45 19.16
C PRO F 452 -52.46 1.15 18.11
N GLN F 453 -51.76 0.02 18.30
CA GLN F 453 -50.72 -0.38 17.36
C GLN F 453 -51.30 -0.94 16.08
N SER F 454 -52.57 -1.36 16.11
CA SER F 454 -53.18 -1.99 14.93
C SER F 454 -53.24 -1.02 13.76
N ALA F 455 -53.60 0.23 14.01
CA ALA F 455 -53.71 1.20 12.92
C ALA F 455 -52.37 1.43 12.24
N LEU F 456 -51.30 1.61 13.03
CA LEU F 456 -49.98 1.81 12.45
C LEU F 456 -49.51 0.56 11.70
N THR F 457 -49.76 -0.62 12.27
CA THR F 457 -49.35 -1.86 11.62
C THR F 457 -50.06 -2.03 10.28
N MET F 458 -51.36 -1.75 10.22
CA MET F 458 -52.09 -1.91 8.98
C MET F 458 -51.71 -0.86 7.96
N ALA F 459 -51.43 0.37 8.41
CA ALA F 459 -50.95 1.38 7.48
C ALA F 459 -49.61 0.97 6.88
N THR F 460 -48.72 0.43 7.70
CA THR F 460 -47.43 -0.06 7.19
C THR F 460 -47.64 -1.21 6.21
N LEU F 461 -48.57 -2.11 6.52
CA LEU F 461 -48.84 -3.24 5.62
C LEU F 461 -49.36 -2.75 4.27
N GLN F 462 -50.29 -1.79 4.28
CA GLN F 462 -50.80 -1.25 3.01
C GLN F 462 -49.70 -0.55 2.23
N ASN F 463 -48.85 0.23 2.90
CA ASN F 463 -47.76 0.90 2.21
C ASN F 463 -46.79 -0.11 1.59
N GLN F 464 -46.44 -1.16 2.35
CA GLN F 464 -45.53 -2.17 1.83
C GLN F 464 -46.13 -2.92 0.66
N GLU F 465 -47.42 -3.26 0.74
CA GLU F 465 -48.08 -3.94 -0.37
C GLU F 465 -48.11 -3.06 -1.61
N ALA F 466 -48.40 -1.77 -1.44
CA ALA F 466 -48.41 -0.87 -2.58
C ALA F 466 -47.02 -0.74 -3.21
N GLU F 467 -45.98 -0.62 -2.37
CA GLU F 467 -44.62 -0.51 -2.90
C GLU F 467 -44.20 -1.79 -3.61
N SER F 468 -44.62 -2.94 -3.09
CA SER F 468 -44.29 -4.20 -3.74
C SER F 468 -44.98 -4.34 -5.08
N LEU F 469 -46.28 -4.02 -5.13
CA LEU F 469 -47.01 -4.12 -6.38
C LEU F 469 -46.48 -3.15 -7.42
N THR F 470 -46.30 -1.88 -7.04
CA THR F 470 -45.85 -0.87 -8.00
C THR F 470 -44.37 -1.03 -8.32
N GLY F 471 -43.56 -1.32 -7.31
CA GLY F 471 -42.13 -1.38 -7.48
C GLY F 471 -41.40 -0.06 -7.34
N VAL F 472 -42.06 0.95 -6.78
CA VAL F 472 -41.47 2.28 -6.61
C VAL F 472 -41.41 2.59 -5.12
N LYS F 473 -40.26 3.05 -4.65
CA LYS F 473 -40.05 3.43 -3.27
C LYS F 473 -39.99 4.95 -3.16
N ALA F 474 -39.98 5.44 -1.91
CA ALA F 474 -40.05 6.88 -1.68
C ALA F 474 -38.76 7.57 -2.12
N PHE F 475 -37.63 7.19 -1.53
CA PHE F 475 -36.38 7.90 -1.74
C PHE F 475 -35.31 7.02 -2.37
N ALA F 476 -35.69 6.13 -3.29
CA ALA F 476 -34.75 5.23 -3.94
C ALA F 476 -35.05 5.16 -5.43
N GLY F 477 -34.01 4.83 -6.20
CA GLY F 477 -34.16 4.62 -7.63
C GLY F 477 -34.16 5.90 -8.44
N GLY F 478 -34.56 5.76 -9.69
CA GLY F 478 -34.64 6.87 -10.61
C GLY F 478 -33.42 7.11 -11.47
N VAL F 479 -32.34 6.36 -11.26
CA VAL F 479 -31.09 6.57 -11.96
C VAL F 479 -30.95 5.66 -13.17
N THR F 480 -32.06 5.13 -13.70
CA THR F 480 -32.00 4.25 -14.84
C THR F 480 -31.63 5.00 -16.12
N GLY F 481 -32.02 6.28 -16.20
CA GLY F 481 -31.78 7.04 -17.42
C GLY F 481 -30.30 7.25 -17.71
N GLU F 482 -29.48 7.38 -16.67
CA GLU F 482 -28.06 7.59 -16.88
C GLU F 482 -27.39 6.35 -17.47
N SER F 483 -28.01 5.18 -17.29
CA SER F 483 -27.50 3.92 -17.82
C SER F 483 -28.25 3.48 -19.07
N TYR F 484 -29.06 4.36 -19.66
CA TYR F 484 -29.83 3.99 -20.85
C TYR F 484 -28.92 3.72 -22.04
N GLY F 485 -27.82 4.47 -22.15
CA GLY F 485 -26.93 4.32 -23.28
C GLY F 485 -26.38 2.90 -23.37
N ASP F 486 -26.44 2.32 -24.56
CA ASP F 486 -25.99 0.94 -24.75
C ASP F 486 -24.49 0.82 -24.56
N VAL F 487 -23.71 1.46 -25.44
CA VAL F 487 -22.26 1.35 -25.36
C VAL F 487 -21.73 1.94 -24.06
N ALA F 488 -22.45 2.93 -23.52
CA ALA F 488 -21.96 3.63 -22.33
C ALA F 488 -22.05 2.73 -21.10
N ALA F 489 -23.25 2.30 -20.74
CA ALA F 489 -23.42 1.55 -19.50
C ALA F 489 -24.13 0.22 -19.65
N GLY F 490 -24.68 -0.12 -20.82
CA GLY F 490 -25.28 -1.43 -20.99
C GLY F 490 -24.26 -2.55 -20.90
N ILE F 491 -23.03 -2.27 -21.35
CA ILE F 491 -21.96 -3.26 -21.25
C ILE F 491 -21.48 -3.36 -19.81
N ARG F 492 -21.57 -4.56 -19.24
CA ARG F 492 -21.17 -4.82 -17.85
C ARG F 492 -21.84 -3.84 -16.89
N GLY F 493 -23.13 -3.60 -17.10
CA GLY F 493 -23.88 -2.73 -16.23
C GLY F 493 -24.86 -3.49 -15.35
N VAL F 494 -24.69 -3.39 -14.04
CA VAL F 494 -25.50 -4.12 -13.08
C VAL F 494 -26.39 -3.12 -12.35
N LEU F 495 -27.70 -3.39 -12.37
CA LEU F 495 -28.69 -2.57 -11.69
C LEU F 495 -29.62 -3.47 -10.89
N ASP F 496 -30.17 -2.91 -9.82
CA ASP F 496 -31.09 -3.67 -8.98
C ASP F 496 -32.38 -4.01 -9.75
N ALA F 497 -33.18 -4.90 -9.15
CA ALA F 497 -34.36 -5.41 -9.83
C ALA F 497 -35.37 -4.32 -10.13
N ALA F 498 -35.42 -3.29 -9.27
CA ALA F 498 -36.42 -2.24 -9.45
C ALA F 498 -36.09 -1.34 -10.63
N SER F 499 -34.82 -1.29 -11.04
CA SER F 499 -34.41 -0.36 -12.09
C SER F 499 -34.84 -0.85 -13.47
N LYS F 500 -34.99 -2.16 -13.63
CA LYS F 500 -35.23 -2.71 -14.96
C LYS F 500 -36.64 -2.43 -15.46
N ARG F 501 -37.61 -2.35 -14.54
CA ARG F 501 -38.96 -1.97 -14.94
C ARG F 501 -38.99 -0.55 -15.49
N GLU F 502 -38.31 0.37 -14.79
CA GLU F 502 -38.21 1.74 -15.27
C GLU F 502 -37.45 1.80 -16.60
N MET F 503 -36.43 0.97 -16.75
CA MET F 503 -35.70 0.90 -18.01
C MET F 503 -36.62 0.44 -19.15
N ALA F 504 -37.47 -0.55 -18.88
CA ALA F 504 -38.42 -1.02 -19.89
C ALA F 504 -39.39 0.09 -20.29
N ILE F 505 -39.91 0.83 -19.30
CA ILE F 505 -40.81 1.94 -19.62
C ILE F 505 -40.09 2.99 -20.44
N LEU F 506 -38.83 3.27 -20.10
CA LEU F 506 -38.05 4.25 -20.85
C LEU F 506 -37.84 3.80 -22.29
N ARG F 507 -37.57 2.51 -22.49
CA ARG F 507 -37.43 1.99 -23.86
C ARG F 507 -38.75 2.09 -24.62
N ARG F 508 -39.86 1.83 -23.95
CA ARG F 508 -41.16 1.98 -24.60
C ARG F 508 -41.40 3.41 -25.05
N LEU F 509 -41.03 4.39 -24.21
CA LEU F 509 -41.15 5.79 -24.61
C LEU F 509 -40.21 6.13 -25.76
N ALA F 510 -38.98 5.61 -25.70
CA ALA F 510 -37.99 5.91 -26.72
C ALA F 510 -38.40 5.35 -28.09
N LYS F 511 -39.12 4.23 -28.10
CA LYS F 511 -39.62 3.69 -29.36
C LYS F 511 -40.58 4.67 -30.02
N GLY F 512 -41.52 5.23 -29.25
CA GLY F 512 -42.42 6.23 -29.80
C GLY F 512 -41.69 7.48 -30.25
N MET F 513 -40.67 7.90 -29.49
CA MET F 513 -39.89 9.04 -29.89
C MET F 513 -39.18 8.79 -31.23
N SER F 514 -38.64 7.58 -31.40
CA SER F 514 -37.99 7.22 -32.66
C SER F 514 -38.99 7.22 -33.82
N GLU F 515 -40.20 6.71 -33.57
CA GLU F 515 -41.23 6.74 -34.62
C GLU F 515 -41.57 8.17 -35.01
N ILE F 516 -41.71 9.06 -34.03
CA ILE F 516 -42.00 10.46 -34.32
C ILE F 516 -40.87 11.08 -35.12
N GLY F 517 -39.62 10.81 -34.73
CA GLY F 517 -38.50 11.33 -35.47
C GLY F 517 -38.44 10.84 -36.91
N ASN F 518 -38.73 9.56 -37.11
CA ASN F 518 -38.74 9.00 -38.46
C ASN F 518 -39.83 9.66 -39.31
N LYS F 519 -41.03 9.84 -38.75
CA LYS F 519 -42.09 10.50 -39.48
C LYS F 519 -41.71 11.92 -39.86
N ILE F 520 -41.11 12.66 -38.92
CA ILE F 520 -40.73 14.04 -39.19
C ILE F 520 -39.63 14.11 -40.25
N ILE F 521 -38.68 13.18 -40.20
CA ILE F 521 -37.64 13.13 -41.23
C ILE F 521 -38.25 12.85 -42.60
N ALA F 522 -39.20 11.90 -42.65
CA ALA F 522 -39.85 11.58 -43.92
C ALA F 522 -40.58 12.80 -44.48
N MET F 523 -41.26 13.55 -43.62
CA MET F 523 -41.96 14.75 -44.08
C MET F 523 -40.99 15.84 -44.52
N ASN F 524 -39.89 16.02 -43.79
CA ASN F 524 -38.89 17.02 -44.18
C ASN F 524 -38.25 16.66 -45.52
N ALA F 525 -38.14 15.37 -45.82
CA ALA F 525 -37.52 14.95 -47.08
C ALA F 525 -38.27 15.50 -48.28
N VAL F 526 -39.58 15.73 -48.14
CA VAL F 526 -40.38 16.22 -49.26
C VAL F 526 -40.63 17.72 -49.13
N PHE F 527 -41.10 18.16 -47.96
CA PHE F 527 -41.64 19.50 -47.86
C PHE F 527 -40.55 20.57 -47.90
N LEU F 528 -39.43 20.35 -47.21
CA LEU F 528 -38.37 21.34 -47.15
C LEU F 528 -37.66 21.47 -48.50
N ALA F 529 -37.31 22.71 -48.85
CA ALA F 529 -36.62 22.98 -50.09
C ALA F 529 -35.10 22.90 -49.90
N GLU F 530 -34.36 23.12 -50.99
CA GLU F 530 -32.91 23.01 -50.93
C GLU F 530 -32.29 24.19 -50.19
N HIS F 531 -32.77 25.41 -50.46
CA HIS F 531 -32.13 26.59 -49.89
C HIS F 531 -32.28 26.64 -48.38
N GLU F 532 -33.43 26.17 -47.86
CA GLU F 532 -33.62 26.15 -46.42
C GLU F 532 -32.64 25.20 -45.74
N VAL F 533 -32.46 24.00 -46.30
CA VAL F 533 -31.53 23.04 -45.72
C VAL F 533 -30.10 23.56 -45.83
N VAL F 534 -29.76 24.21 -46.93
CA VAL F 534 -28.42 24.78 -47.07
C VAL F 534 -28.20 25.87 -46.03
N ARG F 535 -29.22 26.70 -45.79
CA ARG F 535 -29.10 27.76 -44.78
C ARG F 535 -28.91 27.16 -43.38
N ILE F 536 -29.66 26.10 -43.07
CA ILE F 536 -29.58 25.51 -41.74
C ILE F 536 -28.22 24.81 -41.54
N THR F 537 -27.76 24.05 -42.54
CA THR F 537 -26.59 23.21 -42.37
C THR F 537 -25.30 23.84 -42.89
N ASN F 538 -25.39 24.80 -43.81
CA ASN F 538 -24.21 25.45 -44.40
C ASN F 538 -23.30 24.43 -45.08
N GLU F 539 -23.91 23.47 -45.79
CA GLU F 539 -23.17 22.45 -46.51
C GLU F 539 -23.95 22.08 -47.76
N GLU F 540 -23.30 21.28 -48.61
CA GLU F 540 -23.92 20.85 -49.86
C GLU F 540 -25.13 19.98 -49.61
N PHE F 541 -26.15 20.11 -50.46
CA PHE F 541 -27.38 19.37 -50.29
C PHE F 541 -27.26 17.96 -50.87
N VAL F 542 -27.91 17.01 -50.21
CA VAL F 542 -28.02 15.63 -50.69
C VAL F 542 -29.48 15.34 -50.95
N THR F 543 -29.76 14.64 -52.06
CA THR F 543 -31.12 14.38 -52.50
C THR F 543 -31.51 12.95 -52.19
N ILE F 544 -32.76 12.77 -51.75
CA ILE F 544 -33.33 11.46 -51.48
C ILE F 544 -34.42 11.19 -52.50
N LYS F 545 -34.29 10.08 -53.23
CA LYS F 545 -35.26 9.75 -54.27
C LYS F 545 -36.62 9.45 -53.65
N ARG F 546 -37.67 9.80 -54.40
CA ARG F 546 -39.03 9.63 -53.90
C ARG F 546 -39.42 8.17 -53.75
N GLU F 547 -38.82 7.28 -54.55
CA GLU F 547 -39.13 5.86 -54.45
C GLU F 547 -38.60 5.27 -53.14
N ASP F 548 -37.47 5.78 -52.66
CA ASP F 548 -36.87 5.23 -51.45
C ASP F 548 -37.53 5.77 -50.19
N LEU F 549 -38.48 6.69 -50.34
CA LEU F 549 -39.11 7.30 -49.16
C LEU F 549 -39.99 6.32 -48.42
N LYS F 550 -40.63 5.38 -49.14
CA LYS F 550 -41.55 4.46 -48.51
C LYS F 550 -40.85 3.55 -47.50
N GLY F 551 -39.67 3.05 -47.86
CA GLY F 551 -38.90 2.18 -46.99
C GLY F 551 -37.71 2.92 -46.42
N ASN F 552 -37.65 2.95 -45.08
CA ASN F 552 -36.61 3.71 -44.38
C ASN F 552 -35.28 2.98 -44.48
N PHE F 553 -34.51 3.29 -45.52
CA PHE F 553 -33.13 2.83 -45.63
C PHE F 553 -32.21 3.95 -45.18
N ASP F 554 -30.94 3.59 -44.98
CA ASP F 554 -29.79 4.48 -44.85
C ASP F 554 -29.78 5.25 -43.54
N LEU F 555 -30.78 5.10 -42.68
CA LEU F 555 -30.89 5.94 -41.49
C LEU F 555 -31.37 5.12 -40.31
N GLU F 556 -30.98 5.56 -39.11
CA GLU F 556 -31.45 5.00 -37.86
C GLU F 556 -31.52 6.12 -36.83
N VAL F 557 -32.69 6.26 -36.19
CA VAL F 557 -32.97 7.37 -35.28
C VAL F 557 -33.10 6.81 -33.88
N ASP F 558 -32.41 7.44 -32.93
CA ASP F 558 -32.48 7.03 -31.53
C ASP F 558 -32.23 8.24 -30.64
N ILE F 559 -32.68 8.14 -29.39
CA ILE F 559 -32.50 9.23 -28.45
C ILE F 559 -31.03 9.34 -28.05
N SER F 560 -30.53 10.57 -28.00
CA SER F 560 -29.14 10.85 -27.68
C SER F 560 -29.03 11.30 -26.23
N THR F 561 -28.02 10.78 -25.54
CA THR F 561 -27.74 11.14 -24.15
C THR F 561 -26.28 11.57 -24.02
N ALA F 562 -25.98 12.19 -22.88
CA ALA F 562 -24.63 12.72 -22.66
C ALA F 562 -23.59 11.61 -22.58
N GLU F 563 -23.91 10.52 -21.86
CA GLU F 563 -22.93 9.45 -21.66
C GLU F 563 -22.66 8.69 -22.95
N VAL F 564 -23.61 8.67 -23.88
CA VAL F 564 -23.38 8.02 -25.17
C VAL F 564 -22.26 8.72 -25.93
N ASP F 565 -22.27 10.05 -25.93
CA ASP F 565 -21.22 10.80 -26.61
C ASP F 565 -19.86 10.54 -25.98
N ASN F 566 -19.81 10.51 -24.64
CA ASN F 566 -18.55 10.22 -23.96
C ASN F 566 -18.02 8.84 -24.30
N GLN F 567 -18.91 7.83 -24.30
CA GLN F 567 -18.46 6.48 -24.63
C GLN F 567 -18.01 6.38 -26.07
N LYS F 568 -18.70 7.08 -26.98
CA LYS F 568 -18.27 7.09 -28.37
C LYS F 568 -16.90 7.75 -28.52
N SER F 569 -16.66 8.82 -27.76
CA SER F 569 -15.34 9.46 -27.77
C SER F 569 -14.26 8.51 -27.25
N GLN F 570 -14.55 7.77 -26.18
CA GLN F 570 -13.59 6.80 -25.66
C GLN F 570 -13.32 5.70 -26.68
N ASP F 571 -14.36 5.22 -27.36
CA ASP F 571 -14.18 4.19 -28.38
C ASP F 571 -13.34 4.71 -29.55
N LEU F 572 -13.59 5.95 -29.96
CA LEU F 572 -12.79 6.54 -31.03
C LEU F 572 -11.34 6.69 -30.61
N GLY F 573 -11.10 7.11 -29.36
CA GLY F 573 -9.74 7.20 -28.87
C GLY F 573 -9.04 5.85 -28.82
N PHE F 574 -9.77 4.81 -28.39
CA PHE F 574 -9.21 3.46 -28.38
C PHE F 574 -8.86 3.00 -29.80
N MET F 575 -9.73 3.27 -30.75
CA MET F 575 -9.45 2.89 -32.14
C MET F 575 -8.27 3.66 -32.69
N LEU F 576 -8.15 4.94 -32.34
CA LEU F 576 -6.99 5.72 -32.77
C LEU F 576 -5.70 5.18 -32.16
N GLN F 577 -5.74 4.78 -30.89
CA GLN F 577 -4.56 4.19 -30.27
C GLN F 577 -4.19 2.85 -30.92
N THR F 578 -5.19 2.03 -31.24
CA THR F 578 -4.91 0.72 -31.80
C THR F 578 -4.25 0.81 -33.16
N ILE F 579 -4.79 1.63 -34.07
CA ILE F 579 -4.19 1.81 -35.38
C ILE F 579 -3.00 2.75 -35.28
N GLY F 580 -1.97 2.48 -36.07
CA GLY F 580 -0.82 3.34 -36.12
C GLY F 580 -1.16 4.72 -36.64
N PRO F 581 -0.74 5.75 -35.91
CA PRO F 581 -1.01 7.12 -36.38
C PRO F 581 -0.36 7.44 -37.72
N ASN F 582 0.78 6.82 -38.02
CA ASN F 582 1.48 7.11 -39.26
C ASN F 582 0.98 6.27 -40.42
N VAL F 583 0.05 5.35 -40.18
CA VAL F 583 -0.44 4.48 -41.25
C VAL F 583 -1.12 5.29 -42.33
N ASP F 584 -2.04 6.16 -41.95
CA ASP F 584 -2.77 7.00 -42.90
C ASP F 584 -3.16 8.30 -42.23
N GLN F 585 -2.88 9.42 -42.91
CA GLN F 585 -3.19 10.73 -42.34
C GLN F 585 -4.68 11.03 -42.44
N GLN F 586 -5.33 10.59 -43.51
CA GLN F 586 -6.75 10.87 -43.70
C GLN F 586 -7.59 10.21 -42.62
N ILE F 587 -7.27 8.96 -42.28
CA ILE F 587 -8.02 8.25 -41.24
C ILE F 587 -7.86 8.96 -39.90
N THR F 588 -6.65 9.38 -39.57
CA THR F 588 -6.42 10.09 -38.32
C THR F 588 -7.18 11.41 -38.29
N LEU F 589 -7.16 12.15 -39.40
CA LEU F 589 -7.88 13.42 -39.45
C LEU F 589 -9.38 13.22 -39.28
N ASN F 590 -9.93 12.20 -39.94
CA ASN F 590 -11.37 11.92 -39.79
C ASN F 590 -11.70 11.52 -38.36
N ILE F 591 -10.86 10.68 -37.75
CA ILE F 591 -11.10 10.29 -36.37
C ILE F 591 -11.09 11.50 -35.45
N LEU F 592 -10.11 12.39 -35.65
CA LEU F 592 -10.04 13.60 -34.84
C LEU F 592 -11.24 14.50 -35.06
N ALA F 593 -11.71 14.61 -36.31
CA ALA F 593 -12.86 15.45 -36.60
C ALA F 593 -14.12 14.93 -35.90
N GLU F 594 -14.36 13.63 -35.97
CA GLU F 594 -15.51 13.06 -35.26
C GLU F 594 -15.36 13.14 -33.75
N ILE F 595 -14.14 13.05 -33.24
CA ILE F 595 -13.95 13.25 -31.80
C ILE F 595 -14.28 14.69 -31.41
N ALA F 596 -13.83 15.65 -32.22
CA ALA F 596 -14.08 17.06 -31.92
C ALA F 596 -15.57 17.39 -32.02
N ASP F 597 -16.27 16.78 -32.98
CA ASP F 597 -17.69 17.04 -33.14
C ASP F 597 -18.48 16.62 -31.90
N LEU F 598 -18.12 15.48 -31.30
CA LEU F 598 -18.81 15.02 -30.10
C LEU F 598 -18.54 15.96 -28.92
N LYS F 599 -17.43 16.69 -28.97
CA LYS F 599 -17.06 17.62 -27.91
C LYS F 599 -17.56 19.04 -28.16
N ARG F 600 -18.34 19.24 -29.22
CA ARG F 600 -18.99 20.52 -29.54
C ARG F 600 -18.01 21.64 -29.89
N MET F 601 -17.04 21.37 -30.76
CA MET F 601 -16.26 22.44 -31.36
C MET F 601 -16.37 22.32 -32.89
N PRO F 602 -17.39 22.89 -33.51
CA PRO F 602 -17.52 22.75 -34.97
C PRO F 602 -16.36 23.35 -35.75
N LYS F 603 -15.79 24.46 -35.27
CA LYS F 603 -14.69 25.10 -36.00
C LYS F 603 -13.46 24.19 -36.04
N LEU F 604 -13.13 23.57 -34.91
CA LEU F 604 -11.98 22.67 -34.88
C LEU F 604 -12.20 21.47 -35.79
N ALA F 605 -13.41 20.90 -35.78
CA ALA F 605 -13.70 19.77 -36.65
C ALA F 605 -13.61 20.16 -38.12
N HIS F 606 -14.13 21.34 -38.48
CA HIS F 606 -14.06 21.78 -39.87
C HIS F 606 -12.61 22.03 -40.28
N ASP F 607 -11.80 22.59 -39.38
CA ASP F 607 -10.39 22.81 -39.70
C ASP F 607 -9.66 21.50 -39.89
N LEU F 608 -9.95 20.51 -39.04
CA LEU F 608 -9.30 19.20 -39.19
C LEU F 608 -9.72 18.51 -40.47
N ARG F 609 -11.01 18.59 -40.82
CA ARG F 609 -11.50 17.91 -42.02
C ARG F 609 -10.86 18.49 -43.28
N THR F 610 -10.87 19.81 -43.42
CA THR F 610 -10.31 20.49 -44.58
C THR F 610 -8.88 20.95 -44.31
N TRP F 611 -8.00 20.01 -43.98
CA TRP F 611 -6.61 20.31 -43.67
C TRP F 611 -5.71 19.72 -44.73
N GLN F 612 -4.80 20.54 -45.27
CA GLN F 612 -3.84 20.11 -46.26
C GLN F 612 -2.44 20.59 -45.85
N PRO F 613 -1.45 19.71 -45.82
CA PRO F 613 -0.10 20.14 -45.43
C PRO F 613 0.48 21.13 -46.42
N GLN F 614 1.27 22.07 -45.90
CA GLN F 614 1.92 23.08 -46.73
C GLN F 614 3.35 22.66 -47.04
N PRO F 615 3.72 22.61 -48.31
CA PRO F 615 5.07 22.14 -48.67
C PRO F 615 6.15 23.12 -48.26
N ASP F 616 7.34 22.57 -48.00
CA ASP F 616 8.53 23.36 -47.71
C ASP F 616 9.49 23.26 -48.88
N PRO F 617 9.75 24.35 -49.61
CA PRO F 617 10.56 24.24 -50.83
C PRO F 617 11.97 23.71 -50.61
N VAL F 618 12.60 24.05 -49.49
CA VAL F 618 14.01 23.68 -49.29
C VAL F 618 14.17 22.18 -49.14
N GLN F 619 13.19 21.52 -48.50
CA GLN F 619 13.29 20.08 -48.29
C GLN F 619 13.27 19.31 -49.61
N GLU F 620 12.35 19.68 -50.51
CA GLU F 620 12.30 19.02 -51.81
C GLU F 620 13.60 19.21 -52.58
N GLN F 621 14.14 20.43 -52.56
CA GLN F 621 15.39 20.71 -53.24
C GLN F 621 16.52 19.85 -52.70
N LEU F 622 16.62 19.76 -51.37
CA LEU F 622 17.60 18.86 -50.77
C LEU F 622 17.37 17.43 -51.20
N LYS F 623 16.10 17.05 -51.42
CA LYS F 623 15.80 15.70 -51.87
C LYS F 623 16.42 15.40 -53.23
N GLN F 624 16.18 16.26 -54.23
CA GLN F 624 16.74 15.90 -55.54
C GLN F 624 18.25 16.12 -55.56
N LEU F 625 18.77 17.01 -54.70
CA LEU F 625 20.22 17.11 -54.57
C LEU F 625 20.83 15.81 -54.04
N ALA F 626 20.20 15.21 -53.03
CA ALA F 626 20.68 13.93 -52.52
C ALA F 626 20.57 12.84 -53.58
N VAL F 627 19.49 12.85 -54.35
CA VAL F 627 19.32 11.86 -55.42
C VAL F 627 20.43 12.03 -56.46
N GLU F 628 20.73 13.28 -56.84
CA GLU F 628 21.80 13.54 -57.81
C GLU F 628 23.15 13.07 -57.29
N LYS F 629 23.43 13.32 -56.01
CA LYS F 629 24.69 12.86 -55.42
C LYS F 629 24.79 11.33 -55.46
N ALA F 630 23.69 10.65 -55.12
CA ALA F 630 23.67 9.19 -55.16
C ALA F 630 23.91 8.69 -56.58
N GLN F 631 23.33 9.36 -57.57
CA GLN F 631 23.57 8.99 -58.97
C GLN F 631 25.03 9.19 -59.35
N LEU F 632 25.63 10.31 -58.91
CA LEU F 632 26.99 10.63 -59.34
C LEU F 632 28.02 9.71 -58.69
N GLU F 633 27.71 9.16 -57.52
CA GLU F 633 28.65 8.24 -56.88
C GLU F 633 28.96 7.03 -57.75
N ASN F 634 27.94 6.48 -58.42
CA ASN F 634 28.14 5.34 -59.30
C ASN F 634 29.04 5.69 -60.48
N GLU F 635 28.85 6.87 -61.05
CA GLU F 635 29.71 7.32 -62.15
C GLU F 635 31.15 7.48 -61.68
N GLU F 636 31.33 8.00 -60.45
CA GLU F 636 32.69 8.10 -59.89
C GLU F 636 33.33 6.72 -59.76
N LEU F 637 32.56 5.74 -59.28
CA LEU F 637 33.08 4.38 -59.16
C LEU F 637 33.46 3.81 -60.52
N ARG F 638 32.62 4.06 -61.53
CA ARG F 638 32.93 3.58 -62.89
C ARG F 638 34.21 4.21 -63.41
N SER F 639 34.39 5.52 -63.17
CA SER F 639 35.62 6.18 -63.59
C SER F 639 36.84 5.59 -62.90
N LYS F 640 36.71 5.30 -61.60
CA LYS F 640 37.82 4.66 -60.88
C LYS F 640 38.16 3.30 -61.49
N ILE F 641 37.14 2.51 -61.82
CA ILE F 641 37.38 1.21 -62.43
C ILE F 641 38.10 1.36 -63.77
N ARG F 642 37.66 2.32 -64.59
CA ARG F 642 38.30 2.53 -65.88
C ARG F 642 39.77 2.94 -65.70
N LEU F 643 40.04 3.82 -64.75
CA LEU F 643 41.42 4.26 -64.52
C LEU F 643 42.30 3.08 -64.07
N ASN F 644 41.76 2.25 -63.18
CA ASN F 644 42.52 1.08 -62.72
C ASN F 644 42.81 0.14 -63.88
N ASP F 645 41.82 -0.10 -64.74
CA ASP F 645 42.04 -0.96 -65.90
C ASP F 645 43.11 -0.40 -66.82
N ALA F 646 43.07 0.91 -67.08
CA ALA F 646 44.07 1.53 -67.95
C ALA F 646 45.47 1.39 -67.35
N GLN F 647 45.61 1.60 -66.04
CA GLN F 647 46.91 1.45 -65.40
C GLN F 647 47.40 0.01 -65.50
N ALA F 648 46.49 -0.96 -65.33
CA ALA F 648 46.88 -2.36 -65.45
C ALA F 648 47.39 -2.68 -66.84
N GLN F 649 46.68 -2.19 -67.88
CA GLN F 649 47.13 -2.43 -69.25
C GLN F 649 48.49 -1.78 -69.52
N LYS F 650 48.70 -0.57 -68.99
CA LYS F 650 50.00 0.07 -69.16
C LYS F 650 51.11 -0.74 -68.50
N ALA F 651 50.84 -1.28 -67.31
CA ALA F 651 51.82 -2.12 -66.64
C ALA F 651 52.12 -3.37 -67.45
N MET F 652 51.10 -3.97 -68.05
CA MET F 652 51.31 -5.15 -68.90
C MET F 652 52.18 -4.81 -70.09
N ALA F 653 51.93 -3.66 -70.73
CA ALA F 653 52.76 -3.25 -71.86
C ALA F 653 54.21 -3.03 -71.44
N GLU F 654 54.41 -2.42 -70.27
CA GLU F 654 55.77 -2.24 -69.76
C GLU F 654 56.45 -3.58 -69.52
N ARG F 655 55.70 -4.56 -68.98
CA ARG F 655 56.26 -5.89 -68.78
C ARG F 655 56.67 -6.51 -70.10
N ASP F 656 55.84 -6.38 -71.13
CA ASP F 656 56.18 -6.94 -72.43
C ASP F 656 57.44 -6.30 -72.99
N ASN F 657 57.56 -4.97 -72.87
CA ASN F 657 58.77 -4.30 -73.34
C ASN F 657 60.01 -4.78 -72.59
N LYS F 658 59.90 -4.95 -71.27
CA LYS F 658 61.03 -5.44 -70.49
C LYS F 658 61.39 -6.87 -70.87
N ASN F 659 60.39 -7.70 -71.16
CA ASN F 659 60.66 -9.06 -71.59
C ASN F 659 61.38 -9.08 -72.93
N LEU F 660 60.97 -8.22 -73.86
CA LEU F 660 61.70 -8.11 -75.14
C LEU F 660 63.14 -7.67 -74.92
N ASP F 661 63.34 -6.69 -74.02
CA ASP F 661 64.69 -6.24 -73.72
C ASP F 661 65.54 -7.37 -73.17
N TYR F 662 64.96 -8.16 -72.25
CA TYR F 662 65.67 -9.31 -71.68
C TYR F 662 66.04 -10.31 -72.77
N LEU F 663 65.10 -10.62 -73.67
CA LEU F 663 65.36 -11.59 -74.72
C LEU F 663 66.46 -11.13 -75.65
N GLU F 664 66.44 -9.84 -76.03
CA GLU F 664 67.49 -9.33 -76.90
C GLU F 664 68.85 -9.29 -76.19
N GLN F 665 68.85 -8.93 -74.90
CA GLN F 665 70.12 -8.82 -74.19
C GLN F 665 70.75 -10.18 -73.94
N GLU F 666 69.92 -11.22 -73.74
CA GLU F 666 70.47 -12.55 -73.49
C GLU F 666 71.31 -13.04 -74.66
N SER F 667 70.85 -12.82 -75.88
CA SER F 667 71.61 -13.21 -77.06
C SER F 667 72.56 -12.06 -77.44
N GLY F 668 73.19 -12.19 -78.61
CA GLY F 668 74.11 -11.18 -79.11
C GLY F 668 73.51 -10.20 -80.10
N THR F 669 72.19 -10.05 -80.12
CA THR F 669 71.55 -9.18 -81.11
C THR F 669 72.01 -7.73 -80.96
N LYS F 670 72.08 -7.25 -79.72
CA LYS F 670 72.52 -5.87 -79.50
C LYS F 670 73.95 -5.66 -79.98
N HIS F 671 74.83 -6.61 -79.68
CA HIS F 671 76.20 -6.55 -80.19
C HIS F 671 76.25 -6.74 -81.70
N ALA F 672 75.40 -7.62 -82.24
CA ALA F 672 75.40 -7.87 -83.67
C ALA F 672 75.00 -6.63 -84.46
N ARG F 673 74.02 -5.87 -83.95
CA ARG F 673 73.59 -4.66 -84.65
C ARG F 673 74.70 -3.61 -84.67
N ASP F 674 75.40 -3.44 -83.55
CA ASP F 674 76.53 -2.51 -83.52
C ASP F 674 77.64 -2.95 -84.47
N LEU F 675 77.93 -4.26 -84.51
CA LEU F 675 78.93 -4.76 -85.45
C LEU F 675 78.51 -4.52 -86.88
N GLU F 676 77.21 -4.70 -87.18
CA GLU F 676 76.71 -4.44 -88.53
C GLU F 676 76.83 -2.97 -88.88
N LYS F 677 76.55 -2.08 -87.92
CA LYS F 677 76.71 -0.65 -88.17
C LYS F 677 78.16 -0.30 -88.48
N MET F 678 79.09 -0.84 -87.69
CA MET F 678 80.51 -0.57 -87.93
C MET F 678 80.95 -1.11 -89.29
N LYS F 679 80.49 -2.33 -89.64
CA LYS F 679 80.85 -2.91 -90.93
C LYS F 679 80.26 -2.09 -92.08
N ALA F 680 79.03 -1.60 -91.92
CA ALA F 680 78.42 -0.77 -92.95
C ALA F 680 79.17 0.54 -93.11
N GLN F 681 79.61 1.15 -92.01
CA GLN F 681 80.40 2.37 -92.11
C GLN F 681 81.72 2.12 -92.81
N SER F 682 82.38 1.01 -92.49
CA SER F 682 83.63 0.67 -93.16
C SER F 682 83.41 0.41 -94.64
N GLN F 683 82.33 -0.28 -94.99
CA GLN F 683 82.02 -0.54 -96.40
C GLN F 683 81.71 0.74 -97.15
N GLY F 684 81.02 1.68 -96.49
CA GLY F 684 80.78 2.97 -97.11
C GLY F 684 82.06 3.74 -97.35
N ASN F 685 82.98 3.70 -96.39
CA ASN F 685 84.29 4.34 -96.58
C ASN F 685 85.04 3.69 -97.74
N GLN F 686 85.01 2.37 -97.82
CA GLN F 686 85.68 1.67 -98.92
C GLN F 686 85.07 2.02 -100.27
N GLN F 687 83.73 2.11 -100.33
CA GLN F 687 83.06 2.47 -101.57
C GLN F 687 83.41 3.90 -101.97
N LEU F 688 83.46 4.81 -101.00
CA LEU F 688 83.84 6.19 -101.29
C LEU F 688 85.26 6.26 -101.82
N GLU F 689 86.17 5.47 -101.23
CA GLU F 689 87.54 5.43 -101.73
C GLU F 689 87.61 4.87 -103.14
N ILE F 690 86.83 3.83 -103.42
CA ILE F 690 86.85 3.21 -104.75
C ILE F 690 86.31 4.18 -105.79
N THR F 691 85.20 4.86 -105.50
CA THR F 691 84.60 5.76 -106.47
C THR F 691 85.52 6.94 -106.79
N LYS F 692 86.18 7.49 -105.78
CA LYS F 692 87.08 8.62 -105.99
C LYS F 692 88.35 8.18 -106.69
N LYS G 19 -63.05 -29.50 -59.11
CA LYS G 19 -61.78 -29.96 -58.54
C LYS G 19 -60.73 -28.86 -58.64
N LEU G 20 -60.25 -28.40 -57.47
CA LEU G 20 -59.33 -27.27 -57.45
C LEU G 20 -57.96 -27.65 -58.00
N THR G 21 -57.51 -28.87 -57.75
CA THR G 21 -56.17 -29.29 -58.12
C THR G 21 -56.23 -30.49 -59.07
N SER G 22 -55.07 -30.82 -59.63
CA SER G 22 -54.93 -31.94 -60.55
C SER G 22 -54.39 -33.19 -59.89
N TRP G 23 -54.32 -33.22 -58.56
CA TRP G 23 -53.80 -34.38 -57.85
C TRP G 23 -54.68 -35.59 -58.08
N LYS G 24 -54.07 -36.77 -58.09
CA LYS G 24 -54.83 -38.01 -58.27
C LYS G 24 -55.81 -38.22 -57.12
N ASN G 25 -55.37 -37.98 -55.89
CA ASN G 25 -56.22 -38.07 -54.71
C ASN G 25 -56.32 -36.70 -54.08
N GLU G 26 -57.55 -36.23 -53.87
CA GLU G 26 -57.79 -34.91 -53.32
C GLU G 26 -58.45 -35.03 -51.96
N LEU G 27 -58.07 -34.11 -51.05
CA LEU G 27 -58.47 -34.22 -49.65
C LEU G 27 -59.97 -34.00 -49.45
N SER G 28 -60.55 -33.01 -50.13
CA SER G 28 -61.95 -32.60 -49.95
C SER G 28 -62.21 -32.05 -48.56
N LEU G 29 -63.27 -31.26 -48.41
CA LEU G 29 -63.50 -30.54 -47.16
C LEU G 29 -63.95 -31.48 -46.04
N GLN G 30 -64.55 -32.61 -46.40
CA GLN G 30 -65.05 -33.54 -45.39
C GLN G 30 -63.93 -34.10 -44.53
N ALA G 31 -62.78 -34.42 -45.13
CA ALA G 31 -61.66 -34.95 -44.39
C ALA G 31 -61.13 -33.94 -43.37
N LEU G 32 -61.01 -32.68 -43.79
CA LEU G 32 -60.54 -31.63 -42.89
C LEU G 32 -61.53 -31.41 -41.76
N LYS G 33 -62.82 -31.39 -42.08
CA LYS G 33 -63.83 -31.23 -41.02
C LYS G 33 -63.78 -32.38 -40.03
N ALA G 34 -63.62 -33.61 -40.52
CA ALA G 34 -63.53 -34.77 -39.62
C ALA G 34 -62.29 -34.68 -38.74
N ASP G 35 -61.16 -34.28 -39.32
CA ASP G 35 -59.93 -34.15 -38.51
C ASP G 35 -60.10 -33.08 -37.45
N LEU G 36 -60.69 -31.93 -37.80
CA LEU G 36 -60.91 -30.87 -36.83
C LEU G 36 -61.84 -31.33 -35.72
N ASP G 37 -62.92 -32.03 -36.07
CA ASP G 37 -63.86 -32.50 -35.06
C ASP G 37 -63.23 -33.54 -34.15
N ALA G 38 -62.33 -34.37 -34.70
CA ALA G 38 -61.64 -35.34 -33.87
C ALA G 38 -60.65 -34.66 -32.93
N ALA G 39 -59.96 -33.64 -33.40
CA ALA G 39 -58.91 -33.01 -32.58
C ALA G 39 -59.50 -32.02 -31.58
N LYS G 40 -60.75 -31.61 -31.78
CA LYS G 40 -61.36 -30.61 -30.91
C LYS G 40 -61.46 -31.04 -29.45
N PRO G 41 -61.89 -32.27 -29.11
CA PRO G 41 -62.08 -32.62 -27.68
C PRO G 41 -60.86 -32.39 -26.81
N SER G 42 -59.66 -32.71 -27.29
CA SER G 42 -58.47 -32.53 -26.47
C SER G 42 -58.18 -31.05 -26.23
N HIS G 43 -58.31 -30.23 -27.28
CA HIS G 43 -58.08 -28.80 -27.14
C HIS G 43 -59.09 -28.16 -26.20
N THR G 44 -60.36 -28.63 -26.27
CA THR G 44 -61.38 -28.09 -25.39
C THR G 44 -61.06 -28.36 -23.92
N ALA G 45 -60.59 -29.56 -23.61
CA ALA G 45 -60.21 -29.87 -22.24
C ALA G 45 -58.95 -29.11 -21.83
N MET G 46 -58.02 -28.92 -22.77
CA MET G 46 -56.78 -28.22 -22.47
C MET G 46 -57.04 -26.76 -22.12
N MET G 47 -57.95 -26.10 -22.84
CA MET G 47 -58.19 -24.68 -22.64
C MET G 47 -58.75 -24.36 -21.26
N ILE G 48 -59.34 -25.35 -20.58
CA ILE G 48 -59.89 -25.12 -19.25
C ILE G 48 -58.78 -24.73 -18.27
N LYS G 49 -57.62 -25.40 -18.37
CA LYS G 49 -56.51 -25.09 -17.49
C LYS G 49 -56.01 -23.67 -17.72
N VAL G 50 -55.90 -23.25 -18.99
CA VAL G 50 -55.45 -21.89 -19.29
C VAL G 50 -56.45 -20.87 -18.77
N LYS G 51 -57.75 -21.17 -18.92
CA LYS G 51 -58.77 -20.26 -18.40
C LYS G 51 -58.68 -20.14 -16.88
N GLU G 52 -58.46 -21.26 -16.19
CA GLU G 52 -58.33 -21.22 -14.74
C GLU G 52 -57.10 -20.43 -14.31
N TRP G 53 -55.99 -20.61 -15.03
CA TRP G 53 -54.77 -19.86 -14.70
C TRP G 53 -54.98 -18.36 -14.90
N ASN G 54 -55.66 -17.97 -15.99
CA ASN G 54 -55.93 -16.56 -16.23
C ASN G 54 -56.88 -15.99 -15.19
N ASP G 55 -57.87 -16.79 -14.77
CA ASP G 55 -58.79 -16.35 -13.72
C ASP G 55 -58.05 -16.15 -12.40
N LEU G 56 -57.12 -17.04 -12.08
CA LEU G 56 -56.30 -16.85 -10.89
C LEU G 56 -55.45 -15.59 -11.00
N MET G 57 -54.90 -15.34 -12.19
CA MET G 57 -54.06 -14.16 -12.39
C MET G 57 -54.85 -12.88 -12.21
N ARG G 58 -56.04 -12.80 -12.79
CA ARG G 58 -56.84 -11.58 -12.80
C ARG G 58 -57.89 -11.53 -11.70
N ILE G 59 -57.91 -12.53 -10.81
CA ILE G 59 -58.87 -12.60 -9.71
C ILE G 59 -60.28 -12.58 -10.29
N GLU G 60 -60.67 -13.65 -10.97
CA GLU G 60 -62.00 -13.80 -11.53
C GLU G 60 -62.47 -15.24 -11.34
N GLY G 61 -63.76 -15.46 -11.56
CA GLY G 61 -64.30 -16.80 -11.42
C GLY G 61 -64.24 -17.28 -9.98
N LYS G 62 -63.59 -18.43 -9.77
CA LYS G 62 -63.51 -19.01 -8.44
C LYS G 62 -62.59 -18.20 -7.53
N ALA G 63 -61.72 -17.39 -8.12
CA ALA G 63 -60.76 -16.63 -7.32
C ALA G 63 -61.43 -15.50 -6.54
N LYS G 64 -62.55 -15.00 -7.04
CA LYS G 64 -63.19 -13.86 -6.40
C LYS G 64 -63.73 -14.26 -5.02
N PRO G 65 -63.57 -13.43 -4.00
CA PRO G 65 -64.11 -13.75 -2.68
C PRO G 65 -65.63 -13.68 -2.69
N PRO G 66 -66.29 -14.41 -1.79
CA PRO G 66 -67.75 -14.32 -1.69
C PRO G 66 -68.17 -12.93 -1.25
N LYS G 67 -69.36 -12.53 -1.70
CA LYS G 67 -69.91 -11.21 -1.41
C LYS G 67 -70.73 -11.28 -0.14
N VAL G 68 -70.34 -10.49 0.86
CA VAL G 68 -71.05 -10.39 2.12
C VAL G 68 -71.33 -8.93 2.42
N LYS G 69 -72.54 -8.65 2.90
CA LYS G 69 -72.96 -7.27 3.12
C LYS G 69 -72.10 -6.58 4.18
N GLY G 70 -71.80 -7.27 5.28
CA GLY G 70 -71.09 -6.67 6.38
C GLY G 70 -69.62 -6.99 6.49
N ARG G 71 -69.00 -7.57 5.46
CA ARG G 71 -67.60 -7.95 5.51
C ARG G 71 -66.90 -7.57 4.21
N SER G 72 -65.57 -7.53 4.27
CA SER G 72 -64.77 -7.07 3.16
C SER G 72 -64.64 -8.14 2.08
N GLN G 73 -64.25 -7.70 0.88
CA GLN G 73 -64.07 -8.56 -0.28
C GLN G 73 -62.75 -8.26 -0.97
N VAL G 74 -61.67 -8.17 -0.21
CA VAL G 74 -60.36 -7.78 -0.71
C VAL G 74 -59.52 -9.04 -0.87
N GLN G 75 -58.66 -9.06 -1.89
CA GLN G 75 -57.72 -10.15 -2.08
C GLN G 75 -56.43 -9.63 -2.69
N PRO G 76 -55.30 -9.73 -1.99
CA PRO G 76 -54.02 -9.34 -2.58
C PRO G 76 -53.65 -10.24 -3.75
N LYS G 77 -52.90 -9.65 -4.69
CA LYS G 77 -52.52 -10.33 -5.92
C LYS G 77 -51.08 -10.85 -5.80
N LEU G 78 -50.96 -12.15 -5.55
CA LEU G 78 -49.65 -12.76 -5.40
C LEU G 78 -49.08 -13.18 -6.75
N VAL G 79 -49.85 -13.94 -7.53
CA VAL G 79 -49.37 -14.42 -8.83
C VAL G 79 -49.09 -13.25 -9.76
N ARG G 80 -49.95 -12.24 -9.73
CA ARG G 80 -49.73 -11.04 -10.54
C ARG G 80 -48.40 -10.39 -10.20
N ARG G 81 -48.07 -10.32 -8.91
CA ARG G 81 -46.83 -9.70 -8.46
C ARG G 81 -45.60 -10.51 -8.90
N GLN G 82 -45.67 -11.83 -8.68
CA GLN G 82 -44.56 -12.70 -9.05
C GLN G 82 -44.30 -12.65 -10.55
N ALA G 83 -45.36 -12.63 -11.36
CA ALA G 83 -45.18 -12.48 -12.80
C ALA G 83 -44.77 -11.07 -13.17
N GLU G 84 -45.16 -10.08 -12.35
CA GLU G 84 -44.84 -8.68 -12.64
C GLU G 84 -43.36 -8.40 -12.59
N TRP G 85 -42.64 -8.96 -11.61
CA TRP G 85 -41.18 -8.81 -11.72
C TRP G 85 -40.59 -9.66 -12.84
N ARG G 86 -41.15 -10.85 -13.10
CA ARG G 86 -40.56 -11.73 -14.11
C ARG G 86 -40.67 -11.14 -15.51
N TYR G 87 -41.74 -10.40 -15.79
CA TYR G 87 -41.87 -9.77 -17.11
C TYR G 87 -40.67 -8.89 -17.41
N SER G 88 -40.35 -7.97 -16.49
CA SER G 88 -39.25 -7.04 -16.71
C SER G 88 -37.90 -7.76 -16.59
N ALA G 89 -37.86 -8.85 -15.83
CA ALA G 89 -36.63 -9.63 -15.76
C ALA G 89 -36.30 -10.26 -17.10
N LEU G 90 -37.33 -10.73 -17.83
CA LEU G 90 -37.08 -11.46 -19.06
C LEU G 90 -37.03 -10.54 -20.28
N THR G 91 -37.79 -9.45 -20.27
CA THR G 91 -37.90 -8.62 -21.48
C THR G 91 -36.60 -7.90 -21.80
N GLU G 92 -35.84 -7.53 -20.78
CA GLU G 92 -34.70 -6.63 -20.98
C GLU G 92 -33.63 -7.18 -21.92
N PRO G 93 -33.21 -8.45 -21.84
CA PRO G 93 -32.13 -8.91 -22.72
C PRO G 93 -32.40 -8.73 -24.21
N PHE G 94 -33.66 -8.81 -24.64
CA PHE G 94 -34.01 -8.72 -26.06
C PHE G 94 -34.07 -7.29 -26.57
N LEU G 95 -33.98 -6.29 -25.70
CA LEU G 95 -34.06 -4.91 -26.14
C LEU G 95 -32.86 -4.06 -25.76
N GLY G 96 -31.76 -4.64 -25.30
CA GLY G 96 -30.63 -3.85 -24.84
C GLY G 96 -29.84 -3.18 -25.95
N SER G 97 -29.87 -3.72 -27.16
CA SER G 97 -29.04 -3.23 -28.25
C SER G 97 -29.91 -2.95 -29.48
N ASN G 98 -29.35 -2.16 -30.39
CA ASN G 98 -30.07 -1.82 -31.62
C ASN G 98 -30.23 -3.02 -32.54
N LYS G 99 -29.26 -3.93 -32.51
CA LYS G 99 -29.29 -5.13 -33.35
C LYS G 99 -29.90 -6.28 -32.55
N LEU G 100 -30.88 -6.97 -33.14
CA LEU G 100 -31.55 -8.06 -32.45
C LEU G 100 -30.94 -9.41 -32.75
N PHE G 101 -30.52 -9.66 -33.98
CA PHE G 101 -30.06 -10.98 -34.40
C PHE G 101 -28.57 -10.93 -34.71
N LYS G 102 -27.89 -12.04 -34.41
CA LYS G 102 -26.46 -12.18 -34.69
C LYS G 102 -26.27 -13.43 -35.55
N VAL G 103 -25.62 -13.27 -36.69
CA VAL G 103 -25.36 -14.37 -37.62
C VAL G 103 -23.85 -14.57 -37.71
N THR G 104 -23.41 -15.80 -37.55
CA THR G 104 -21.99 -16.11 -37.54
C THR G 104 -21.67 -17.20 -38.56
N PRO G 105 -20.51 -17.12 -39.21
CA PRO G 105 -20.16 -18.12 -40.23
C PRO G 105 -19.79 -19.46 -39.60
N VAL G 106 -20.05 -20.54 -40.33
CA VAL G 106 -19.62 -21.86 -39.88
C VAL G 106 -18.26 -22.21 -40.47
N THR G 107 -18.04 -21.90 -41.75
CA THR G 107 -16.78 -22.10 -42.42
C THR G 107 -16.23 -20.75 -42.88
N TRP G 108 -15.12 -20.77 -43.61
CA TRP G 108 -14.45 -19.53 -43.96
C TRP G 108 -15.07 -18.88 -45.21
N GLU G 109 -15.90 -19.63 -45.94
CA GLU G 109 -16.59 -19.03 -47.08
C GLU G 109 -17.79 -18.21 -46.64
N ASP G 110 -18.26 -18.40 -45.41
CA ASP G 110 -19.59 -17.98 -45.02
C ASP G 110 -19.65 -16.56 -44.48
N VAL G 111 -18.52 -15.84 -44.45
CA VAL G 111 -18.50 -14.52 -43.81
C VAL G 111 -19.39 -13.55 -44.56
N GLN G 112 -19.28 -13.51 -45.89
CA GLN G 112 -20.07 -12.58 -46.68
C GLN G 112 -21.57 -12.90 -46.58
N GLY G 113 -21.92 -14.18 -46.66
CA GLY G 113 -23.31 -14.56 -46.53
C GLY G 113 -23.88 -14.22 -45.16
N ALA G 114 -23.10 -14.47 -44.10
CA ALA G 114 -23.55 -14.14 -42.76
C ALA G 114 -23.76 -12.64 -42.59
N ARG G 115 -22.83 -11.83 -43.11
CA ARG G 115 -22.98 -10.38 -43.01
C ARG G 115 -24.22 -9.91 -43.78
N GLN G 116 -24.41 -10.42 -45.00
CA GLN G 116 -25.56 -10.05 -45.81
C GLN G 116 -26.87 -10.39 -45.09
N ASN G 117 -26.97 -11.63 -44.60
CA ASN G 117 -28.21 -12.06 -43.96
C ASN G 117 -28.45 -11.30 -42.67
N GLU G 118 -27.39 -11.02 -41.90
CA GLU G 118 -27.55 -10.23 -40.69
C GLU G 118 -28.07 -8.83 -41.01
N LEU G 119 -27.49 -8.17 -42.02
CA LEU G 119 -27.95 -6.84 -42.38
C LEU G 119 -29.41 -6.85 -42.82
N VAL G 120 -29.78 -7.80 -43.68
CA VAL G 120 -31.15 -7.84 -44.18
C VAL G 120 -32.13 -8.13 -43.04
N LEU G 121 -31.81 -9.09 -42.18
CA LEU G 121 -32.72 -9.45 -41.08
C LEU G 121 -32.86 -8.29 -40.09
N ASN G 122 -31.75 -7.63 -39.75
CA ASN G 122 -31.82 -6.51 -38.83
C ASN G 122 -32.63 -5.36 -39.42
N TYR G 123 -32.43 -5.06 -40.71
CA TYR G 123 -33.22 -4.01 -41.35
C TYR G 123 -34.70 -4.36 -41.34
N GLN G 124 -35.04 -5.60 -41.68
CA GLN G 124 -36.45 -5.99 -41.72
C GLN G 124 -37.08 -5.89 -40.34
N PHE G 125 -36.39 -6.36 -39.31
CA PHE G 125 -36.97 -6.32 -37.97
C PHE G 125 -37.06 -4.90 -37.43
N ARG G 126 -36.13 -4.04 -37.84
CA ARG G 126 -36.14 -2.65 -37.36
C ARG G 126 -37.22 -1.84 -38.08
N THR G 127 -37.47 -2.13 -39.35
CA THR G 127 -38.39 -1.29 -40.12
C THR G 127 -39.81 -1.83 -40.11
N LYS G 128 -40.00 -3.09 -40.49
CA LYS G 128 -41.33 -3.62 -40.74
C LYS G 128 -42.09 -4.01 -39.48
N LEU G 129 -41.42 -4.12 -38.33
CA LEU G 129 -42.07 -4.59 -37.11
C LEU G 129 -41.79 -3.60 -35.98
N ASN G 130 -42.72 -3.58 -35.03
CA ASN G 130 -42.54 -2.85 -33.77
C ASN G 130 -41.93 -3.83 -32.77
N ARG G 131 -40.60 -3.77 -32.61
CA ARG G 131 -39.89 -4.79 -31.84
C ARG G 131 -40.32 -4.78 -30.37
N VAL G 132 -40.47 -3.60 -29.78
CA VAL G 132 -40.76 -3.52 -28.35
C VAL G 132 -42.11 -4.16 -28.03
N SER G 133 -43.14 -3.83 -28.82
CA SER G 133 -44.46 -4.38 -28.56
C SER G 133 -44.47 -5.89 -28.78
N PHE G 134 -43.79 -6.36 -29.82
CA PHE G 134 -43.75 -7.80 -30.08
C PHE G 134 -43.07 -8.54 -28.94
N ILE G 135 -41.95 -7.99 -28.45
CA ILE G 135 -41.24 -8.63 -27.34
C ILE G 135 -42.10 -8.64 -26.08
N ASP G 136 -42.77 -7.52 -25.79
CA ASP G 136 -43.63 -7.46 -24.61
C ASP G 136 -44.74 -8.49 -24.69
N ASN G 137 -45.43 -8.57 -25.84
CA ASN G 137 -46.50 -9.55 -25.99
C ASN G 137 -45.97 -10.97 -25.89
N TYR G 138 -44.83 -11.24 -26.52
CA TYR G 138 -44.21 -12.57 -26.46
C TYR G 138 -43.95 -12.99 -25.03
N VAL G 139 -43.23 -12.16 -24.27
CA VAL G 139 -42.86 -12.52 -22.91
C VAL G 139 -44.09 -12.63 -22.03
N ARG G 140 -45.02 -11.67 -22.15
CA ARG G 140 -46.20 -11.69 -21.30
C ARG G 140 -47.05 -12.94 -21.55
N SER G 141 -47.25 -13.30 -22.82
CA SER G 141 -48.05 -14.49 -23.12
C SER G 141 -47.35 -15.76 -22.67
N VAL G 142 -46.03 -15.85 -22.87
CA VAL G 142 -45.31 -17.04 -22.44
C VAL G 142 -45.41 -17.21 -20.93
N VAL G 143 -45.27 -16.12 -20.19
CA VAL G 143 -45.34 -16.20 -18.72
C VAL G 143 -46.77 -16.51 -18.27
N ASP G 144 -47.76 -15.87 -18.88
CA ASP G 144 -49.13 -15.99 -18.39
C ASP G 144 -49.72 -17.37 -18.72
N ASP G 145 -49.56 -17.83 -19.95
CA ASP G 145 -50.21 -19.06 -20.38
C ASP G 145 -49.31 -20.29 -20.25
N GLY G 146 -47.99 -20.12 -20.19
CA GLY G 146 -47.07 -21.22 -20.13
C GLY G 146 -46.64 -21.77 -21.47
N THR G 147 -47.27 -21.34 -22.55
CA THR G 147 -46.92 -21.79 -23.90
C THR G 147 -47.24 -20.68 -24.88
N GLY G 148 -46.30 -20.43 -25.79
CA GLY G 148 -46.48 -19.41 -26.80
C GLY G 148 -46.34 -19.93 -28.21
N ILE G 149 -47.31 -19.62 -29.07
CA ILE G 149 -47.32 -20.05 -30.45
C ILE G 149 -47.10 -18.84 -31.34
N VAL G 150 -46.13 -18.94 -32.25
CA VAL G 150 -45.77 -17.87 -33.16
C VAL G 150 -46.07 -18.31 -34.59
N ARG G 151 -46.79 -17.47 -35.33
CA ARG G 151 -47.12 -17.71 -36.72
C ARG G 151 -46.24 -16.85 -37.61
N VAL G 152 -45.56 -17.48 -38.57
CA VAL G 152 -44.65 -16.81 -39.48
C VAL G 152 -45.21 -16.92 -40.89
N GLY G 153 -45.29 -15.80 -41.59
CA GLY G 153 -45.82 -15.78 -42.94
C GLY G 153 -45.18 -14.67 -43.75
N TRP G 154 -45.61 -14.57 -45.01
CA TRP G 154 -45.09 -13.59 -45.94
C TRP G 154 -46.24 -12.72 -46.47
N ASN G 155 -45.96 -11.43 -46.60
CA ASN G 155 -46.92 -10.46 -47.13
C ASN G 155 -46.33 -9.86 -48.40
N ARG G 156 -47.06 -9.98 -49.51
CA ARG G 156 -46.62 -9.46 -50.79
C ARG G 156 -47.79 -8.80 -51.49
N GLU G 157 -47.54 -7.63 -52.08
CA GLU G 157 -48.55 -6.88 -52.82
C GLU G 157 -47.87 -6.11 -53.94
N ILE G 158 -48.34 -6.32 -55.16
CA ILE G 158 -47.75 -5.71 -56.35
C ILE G 158 -48.83 -4.93 -57.09
N ARG G 159 -48.46 -3.76 -57.61
CA ARG G 159 -49.38 -2.90 -58.34
C ARG G 159 -48.82 -2.63 -59.73
N LYS G 160 -49.64 -2.81 -60.75
CA LYS G 160 -49.21 -2.56 -62.11
C LYS G 160 -49.33 -1.08 -62.46
N GLU G 161 -48.28 -0.54 -63.09
CA GLU G 161 -48.24 0.86 -63.49
C GLU G 161 -47.68 0.97 -64.89
N LYS G 162 -48.04 2.05 -65.57
CA LYS G 162 -47.58 2.33 -66.93
C LYS G 162 -46.73 3.59 -66.92
N GLN G 163 -45.50 3.48 -67.42
CA GLN G 163 -44.57 4.60 -67.47
C GLN G 163 -43.91 4.64 -68.84
N GLU G 164 -43.57 5.85 -69.29
CA GLU G 164 -42.86 6.01 -70.55
C GLU G 164 -41.43 5.49 -70.42
N VAL G 165 -41.00 4.70 -71.39
CA VAL G 165 -39.67 4.10 -71.39
C VAL G 165 -38.99 4.49 -72.69
N PRO G 166 -37.83 5.15 -72.64
CA PRO G 166 -37.13 5.51 -73.88
C PRO G 166 -36.66 4.27 -74.62
N VAL G 167 -36.57 4.39 -75.95
CA VAL G 167 -36.11 3.31 -76.82
C VAL G 167 -34.72 3.69 -77.33
N PHE G 168 -33.76 2.77 -77.17
CA PHE G 168 -32.38 3.02 -77.52
C PHE G 168 -31.96 2.09 -78.66
N SER G 169 -31.24 2.65 -79.63
CA SER G 169 -30.70 1.88 -80.76
C SER G 169 -29.20 1.76 -80.59
N LEU G 170 -28.70 0.53 -80.66
CA LEU G 170 -27.28 0.27 -80.43
C LEU G 170 -26.43 0.77 -81.59
N PHE G 171 -25.18 1.08 -81.29
CA PHE G 171 -24.19 1.54 -82.27
C PHE G 171 -22.82 1.09 -81.80
N PRO G 172 -21.96 0.65 -82.72
CA PRO G 172 -20.64 0.16 -82.33
C PRO G 172 -19.81 1.22 -81.62
N ILE G 173 -19.00 0.77 -80.66
CA ILE G 173 -18.18 1.68 -79.88
C ILE G 173 -17.10 2.28 -80.77
N GLN G 174 -16.98 3.60 -80.75
CA GLN G 174 -16.04 4.33 -81.59
C GLN G 174 -15.15 5.20 -80.70
N THR G 175 -13.88 5.34 -81.09
CA THR G 175 -12.89 6.17 -80.40
C THR G 175 -12.62 5.66 -78.99
N GLN G 176 -11.73 6.34 -78.28
CA GLN G 176 -11.36 5.91 -76.94
C GLN G 176 -12.29 6.50 -75.88
N GLU G 177 -13.01 7.56 -76.23
CA GLU G 177 -13.88 8.22 -75.25
C GLU G 177 -15.01 7.30 -74.81
N GLN G 178 -15.64 6.60 -75.75
CA GLN G 178 -16.72 5.68 -75.41
C GLN G 178 -16.21 4.54 -74.53
N ALA G 179 -15.04 3.99 -74.87
CA ALA G 179 -14.46 2.92 -74.05
C ALA G 179 -14.14 3.41 -72.64
N ASP G 180 -13.60 4.62 -72.53
CA ASP G 180 -13.28 5.18 -71.22
C ASP G 180 -14.56 5.39 -70.40
N ALA G 181 -15.62 5.91 -71.04
CA ALA G 181 -16.88 6.10 -70.33
C ALA G 181 -17.46 4.77 -69.86
N LEU G 182 -17.41 3.74 -70.72
CA LEU G 182 -17.92 2.43 -70.33
C LEU G 182 -17.11 1.84 -69.17
N GLN G 183 -15.78 1.98 -69.23
CA GLN G 183 -14.94 1.47 -68.16
C GLN G 183 -15.21 2.20 -66.85
N GLN G 184 -15.39 3.52 -66.91
CA GLN G 184 -15.72 4.27 -65.71
C GLN G 184 -17.07 3.85 -65.14
N ALA G 185 -18.05 3.59 -66.01
CA ALA G 185 -19.35 3.13 -65.55
C ALA G 185 -19.25 1.77 -64.86
N LEU G 186 -18.48 0.84 -65.45
CA LEU G 186 -18.31 -0.47 -64.83
C LEU G 186 -17.60 -0.35 -63.49
N GLN G 187 -16.57 0.50 -63.41
CA GLN G 187 -15.85 0.68 -62.16
C GLN G 187 -16.76 1.29 -61.09
N LEU G 188 -17.60 2.26 -61.48
CA LEU G 188 -18.53 2.85 -60.53
C LEU G 188 -19.54 1.83 -60.04
N ARG G 189 -20.05 0.98 -60.94
CA ARG G 189 -20.97 -0.07 -60.52
C ARG G 189 -20.31 -1.03 -59.55
N THR G 190 -19.06 -1.42 -59.83
CA THR G 190 -18.36 -2.34 -58.96
C THR G 190 -18.10 -1.72 -57.59
N ASP G 191 -17.74 -0.43 -57.56
CA ASP G 191 -17.35 0.20 -56.31
C ASP G 191 -18.56 0.66 -55.51
N ASN G 192 -19.47 1.40 -56.16
CA ASN G 192 -20.61 1.97 -55.45
C ASN G 192 -21.90 1.78 -56.25
N PRO G 193 -22.70 0.76 -55.91
CA PRO G 193 -23.95 0.55 -56.66
C PRO G 193 -24.91 1.74 -56.61
N ARG G 194 -25.01 2.42 -55.47
CA ARG G 194 -25.94 3.55 -55.36
C ARG G 194 -25.53 4.69 -56.27
N GLY G 195 -24.25 5.01 -56.33
CA GLY G 195 -23.77 6.03 -57.26
C GLY G 195 -24.04 5.65 -58.70
N TYR G 196 -23.87 4.35 -59.03
CA TYR G 196 -24.17 3.89 -60.38
C TYR G 196 -25.64 4.08 -60.70
N GLU G 197 -26.52 3.73 -59.77
CA GLU G 197 -27.96 3.87 -60.02
C GLU G 197 -28.36 5.34 -60.12
N GLU G 198 -27.66 6.22 -59.41
CA GLU G 198 -28.14 7.60 -59.29
C GLU G 198 -27.57 8.50 -60.38
N ASN G 199 -26.31 8.30 -60.78
CA ASN G 199 -25.62 9.30 -61.58
C ASN G 199 -25.24 8.87 -62.99
N VAL G 200 -25.25 7.57 -63.30
CA VAL G 200 -24.69 7.09 -64.56
C VAL G 200 -25.59 7.47 -65.74
N ASP G 201 -26.91 7.48 -65.53
CA ASP G 201 -27.95 7.84 -66.50
C ASP G 201 -28.35 6.64 -67.34
N GLU G 202 -29.49 6.75 -68.04
CA GLU G 202 -30.15 5.58 -68.60
C GLU G 202 -29.39 4.98 -69.77
N ALA G 203 -28.85 5.82 -70.66
CA ALA G 203 -28.21 5.30 -71.87
C ALA G 203 -26.98 4.46 -71.54
N ILE G 204 -26.13 4.96 -70.65
CA ILE G 204 -24.93 4.20 -70.28
C ILE G 204 -25.33 2.95 -69.51
N LYS G 205 -26.42 3.01 -68.74
CA LYS G 205 -26.93 1.82 -68.08
C LYS G 205 -27.36 0.77 -69.08
N GLU G 206 -28.02 1.19 -70.17
CA GLU G 206 -28.39 0.24 -71.23
C GLU G 206 -27.15 -0.34 -71.89
N SER G 207 -26.13 0.49 -72.11
CA SER G 207 -24.89 -0.01 -72.68
C SER G 207 -24.24 -1.06 -71.78
N VAL G 208 -24.24 -0.81 -70.46
CA VAL G 208 -23.67 -1.77 -69.52
C VAL G 208 -24.50 -3.06 -69.50
N ARG G 209 -25.82 -2.94 -69.58
CA ARG G 209 -26.66 -4.12 -69.63
C ARG G 209 -26.37 -4.96 -70.87
N PHE G 210 -26.21 -4.31 -72.02
CA PHE G 210 -25.87 -5.04 -73.24
C PHE G 210 -24.48 -5.67 -73.14
N PHE G 211 -23.55 -4.98 -72.48
CA PHE G 211 -22.23 -5.55 -72.25
C PHE G 211 -22.33 -6.79 -71.38
N ASP G 212 -23.20 -6.76 -70.36
CA ASP G 212 -23.42 -7.93 -69.53
C ASP G 212 -24.00 -9.08 -70.35
N GLU G 213 -24.98 -8.78 -71.20
CA GLU G 213 -25.60 -9.83 -72.01
C GLU G 213 -24.68 -10.31 -73.12
N THR G 214 -24.03 -9.38 -73.83
CA THR G 214 -23.15 -9.71 -74.94
C THR G 214 -21.78 -9.10 -74.70
N GLY G 215 -20.73 -9.88 -74.96
CA GLY G 215 -19.38 -9.43 -74.66
C GLY G 215 -18.99 -8.19 -75.42
N GLN G 216 -19.50 -8.03 -76.63
CA GLN G 216 -19.15 -6.87 -77.44
C GLN G 216 -19.70 -5.58 -76.83
N ALA G 217 -18.86 -4.55 -76.80
CA ALA G 217 -19.27 -3.25 -76.28
C ALA G 217 -20.06 -2.48 -77.32
N THR G 218 -21.12 -1.79 -76.88
CA THR G 218 -22.00 -1.06 -77.78
C THR G 218 -22.35 0.29 -77.16
N TYR G 219 -22.77 1.22 -78.02
CA TYR G 219 -23.22 2.54 -77.62
C TYR G 219 -24.65 2.75 -78.10
N ALA G 220 -25.49 3.30 -77.23
CA ALA G 220 -26.92 3.42 -77.49
C ALA G 220 -27.31 4.89 -77.57
N VAL G 221 -28.20 5.22 -78.51
CA VAL G 221 -28.72 6.56 -78.68
C VAL G 221 -30.25 6.48 -78.62
N GLN G 222 -30.86 7.41 -77.89
CA GLN G 222 -32.30 7.40 -77.70
C GLN G 222 -33.02 7.75 -79.00
N THR G 223 -34.12 7.05 -79.27
CA THR G 223 -34.93 7.28 -80.46
C THR G 223 -36.35 7.75 -80.12
N GLY G 224 -37.04 7.03 -79.25
CA GLY G 224 -38.40 7.39 -78.89
C GLY G 224 -38.79 6.78 -77.56
N THR G 225 -40.00 7.13 -77.12
CA THR G 225 -40.53 6.66 -75.84
C THR G 225 -41.77 5.81 -76.09
N THR G 226 -41.81 4.64 -75.45
CA THR G 226 -42.93 3.71 -75.58
C THR G 226 -43.44 3.35 -74.20
N THR G 227 -44.76 3.35 -74.04
CA THR G 227 -45.37 3.00 -72.76
C THR G 227 -45.27 1.50 -72.50
N THR G 228 -44.86 1.15 -71.28
CA THR G 228 -44.73 -0.24 -70.88
C THR G 228 -45.35 -0.43 -69.49
N GLU G 229 -45.72 -1.66 -69.19
CA GLU G 229 -46.33 -2.00 -67.91
C GLU G 229 -45.24 -2.46 -66.95
N VAL G 230 -45.14 -1.79 -65.80
CA VAL G 230 -44.15 -2.09 -64.78
C VAL G 230 -44.86 -2.33 -63.46
N GLU G 231 -44.44 -3.37 -62.75
CA GLU G 231 -45.02 -3.75 -61.47
C GLU G 231 -44.18 -3.17 -60.34
N VAL G 232 -44.80 -2.34 -59.51
CA VAL G 232 -44.15 -1.71 -58.36
C VAL G 232 -44.67 -2.38 -57.10
N PRO G 233 -43.85 -3.18 -56.40
CA PRO G 233 -44.34 -3.84 -55.19
C PRO G 233 -44.33 -2.89 -53.99
N LEU G 234 -45.51 -2.68 -53.39
CA LEU G 234 -45.58 -1.81 -52.23
C LEU G 234 -44.97 -2.47 -51.00
N ALA G 235 -45.30 -3.73 -50.74
CA ALA G 235 -44.85 -4.42 -49.54
C ALA G 235 -44.30 -5.79 -49.90
N ASN G 236 -43.07 -6.06 -49.46
CA ASN G 236 -42.42 -7.36 -49.57
C ASN G 236 -41.62 -7.56 -48.28
N HIS G 237 -42.26 -8.19 -47.29
CA HIS G 237 -41.67 -8.34 -45.97
C HIS G 237 -42.37 -9.48 -45.23
N PRO G 238 -41.63 -10.24 -44.42
CA PRO G 238 -42.26 -11.27 -43.61
C PRO G 238 -43.09 -10.67 -42.50
N THR G 239 -44.07 -11.44 -42.04
CA THR G 239 -44.96 -11.02 -40.95
C THR G 239 -44.85 -12.03 -39.81
N VAL G 240 -44.68 -11.53 -38.60
CA VAL G 240 -44.62 -12.35 -37.39
C VAL G 240 -45.76 -11.91 -36.48
N GLU G 241 -46.60 -12.86 -36.08
CA GLU G 241 -47.77 -12.58 -35.24
C GLU G 241 -47.92 -13.68 -34.21
N MET G 242 -48.14 -13.29 -32.95
CA MET G 242 -48.39 -14.27 -31.91
C MET G 242 -49.86 -14.71 -31.96
N LEU G 243 -50.09 -15.97 -31.61
CA LEU G 243 -51.39 -16.61 -31.78
C LEU G 243 -52.04 -16.88 -30.44
N ASN G 244 -53.36 -16.66 -30.39
CA ASN G 244 -54.15 -17.07 -29.24
C ASN G 244 -54.18 -18.60 -29.16
N PRO G 245 -53.89 -19.17 -27.99
CA PRO G 245 -53.90 -20.63 -27.87
C PRO G 245 -55.23 -21.26 -28.24
N GLU G 246 -56.34 -20.57 -28.03
CA GLU G 246 -57.64 -21.14 -28.35
C GLU G 246 -57.84 -21.25 -29.86
N ASN G 247 -57.14 -20.41 -30.63
CA ASN G 247 -57.37 -20.37 -32.07
C ASN G 247 -56.74 -21.57 -32.77
N ILE G 248 -55.55 -21.98 -32.35
CA ILE G 248 -54.78 -23.02 -33.04
C ILE G 248 -55.04 -24.36 -32.37
N ILE G 249 -55.31 -25.38 -33.17
CA ILE G 249 -55.49 -26.75 -32.71
C ILE G 249 -54.41 -27.62 -33.34
N ILE G 250 -53.68 -28.35 -32.50
CA ILE G 250 -52.55 -29.16 -32.93
C ILE G 250 -52.92 -30.63 -32.78
N ASP G 251 -52.21 -31.47 -33.53
CA ASP G 251 -52.48 -32.91 -33.50
C ASP G 251 -52.22 -33.46 -32.11
N PRO G 252 -53.20 -34.10 -31.48
CA PRO G 252 -52.98 -34.64 -30.13
C PRO G 252 -52.04 -35.84 -30.09
N SER G 253 -51.86 -36.54 -31.21
CA SER G 253 -51.00 -37.71 -31.27
C SER G 253 -49.57 -37.38 -31.69
N CYS G 254 -49.11 -36.16 -31.42
CA CYS G 254 -47.76 -35.76 -31.79
C CYS G 254 -46.71 -36.39 -30.88
N GLN G 255 -47.13 -37.02 -29.78
CA GLN G 255 -46.22 -37.64 -28.82
C GLN G 255 -45.24 -36.63 -28.22
N GLY G 256 -45.72 -35.40 -27.98
CA GLY G 256 -44.93 -34.39 -27.30
C GLY G 256 -43.95 -33.64 -28.18
N ASP G 257 -43.94 -33.87 -29.48
CA ASP G 257 -43.02 -33.19 -30.39
C ASP G 257 -43.83 -32.50 -31.47
N ILE G 258 -43.57 -31.20 -31.68
CA ILE G 258 -44.32 -30.44 -32.67
C ILE G 258 -44.01 -30.92 -34.08
N ASN G 259 -42.76 -31.34 -34.32
CA ASN G 259 -42.37 -31.79 -35.65
C ASN G 259 -43.09 -33.08 -36.03
N LYS G 260 -43.44 -33.90 -35.04
CA LYS G 260 -44.11 -35.16 -35.34
C LYS G 260 -45.61 -34.98 -35.58
N ALA G 261 -46.12 -33.77 -35.38
CA ALA G 261 -47.54 -33.52 -35.58
C ALA G 261 -47.92 -33.69 -37.05
N MET G 262 -49.04 -34.36 -37.29
CA MET G 262 -49.48 -34.60 -38.66
C MET G 262 -50.10 -33.36 -39.27
N PHE G 263 -50.86 -32.59 -38.49
CA PHE G 263 -51.59 -31.45 -39.02
C PHE G 263 -51.74 -30.38 -37.95
N ALA G 264 -52.02 -29.15 -38.40
CA ALA G 264 -52.28 -28.02 -37.53
C ALA G 264 -53.31 -27.12 -38.19
N ILE G 265 -54.29 -26.65 -37.41
CA ILE G 265 -55.38 -25.83 -37.91
C ILE G 265 -55.42 -24.52 -37.13
N VAL G 266 -55.49 -23.40 -37.84
CA VAL G 266 -55.51 -22.08 -37.24
C VAL G 266 -56.64 -21.27 -37.89
N SER G 267 -57.35 -20.50 -37.08
CA SER G 267 -58.44 -19.65 -37.55
C SER G 267 -58.08 -18.18 -37.31
N PHE G 268 -58.30 -17.34 -38.31
CA PHE G 268 -57.94 -15.94 -38.24
C PHE G 268 -59.02 -15.09 -38.88
N GLU G 269 -58.90 -13.78 -38.70
CA GLU G 269 -59.82 -12.81 -39.29
C GLU G 269 -59.22 -12.24 -40.57
N THR G 270 -60.03 -12.14 -41.61
CA THR G 270 -59.57 -11.64 -42.90
C THR G 270 -60.70 -10.91 -43.59
N CYS G 271 -60.33 -10.10 -44.58
CA CYS G 271 -61.27 -9.33 -45.38
C CYS G 271 -61.09 -9.67 -46.85
N LYS G 272 -62.02 -9.19 -47.68
CA LYS G 272 -61.98 -9.49 -49.10
C LYS G 272 -60.76 -8.87 -49.76
N ALA G 273 -60.32 -7.71 -49.28
CA ALA G 273 -59.15 -7.05 -49.87
C ALA G 273 -57.89 -7.90 -49.71
N ASP G 274 -57.73 -8.55 -48.56
CA ASP G 274 -56.58 -9.40 -48.34
C ASP G 274 -56.57 -10.57 -49.31
N LEU G 275 -57.73 -11.17 -49.56
CA LEU G 275 -57.80 -12.27 -50.52
C LEU G 275 -57.57 -11.79 -51.94
N LEU G 276 -58.06 -10.59 -52.27
CA LEU G 276 -57.87 -10.04 -53.61
C LEU G 276 -56.46 -9.54 -53.85
N LYS G 277 -55.66 -9.35 -52.80
CA LYS G 277 -54.26 -8.99 -52.99
C LYS G 277 -53.54 -10.01 -53.86
N GLU G 278 -53.85 -11.29 -53.67
CA GLU G 278 -53.30 -12.37 -54.49
C GLU G 278 -54.48 -13.10 -55.13
N LYS G 279 -54.89 -12.62 -56.31
CA LYS G 279 -56.06 -13.19 -56.97
C LYS G 279 -55.82 -14.62 -57.43
N ASP G 280 -54.62 -14.91 -57.92
CA ASP G 280 -54.35 -16.24 -58.48
C ASP G 280 -54.35 -17.31 -57.38
N ARG G 281 -54.01 -16.92 -56.15
CA ARG G 281 -53.91 -17.90 -55.07
C ARG G 281 -55.27 -18.48 -54.71
N TYR G 282 -56.31 -17.65 -54.70
CA TYR G 282 -57.62 -18.04 -54.19
C TYR G 282 -58.62 -18.23 -55.34
N HIS G 283 -59.55 -19.16 -55.15
CA HIS G 283 -60.63 -19.41 -56.10
C HIS G 283 -61.96 -19.42 -55.36
N ASN G 284 -63.05 -19.45 -56.14
CA ASN G 284 -64.40 -19.55 -55.60
C ASN G 284 -64.74 -18.43 -54.64
N LEU G 285 -64.26 -17.21 -54.93
CA LEU G 285 -64.54 -16.08 -54.05
C LEU G 285 -66.00 -15.64 -54.16
N ASN G 286 -66.60 -15.79 -55.34
CA ASN G 286 -67.96 -15.30 -55.55
C ASN G 286 -68.97 -16.13 -54.76
N LYS G 287 -68.72 -17.44 -54.61
CA LYS G 287 -69.69 -18.30 -53.93
C LYS G 287 -69.77 -18.01 -52.44
N ILE G 288 -68.76 -17.31 -51.89
CA ILE G 288 -68.74 -17.06 -50.46
C ILE G 288 -69.82 -16.06 -50.09
N ASP G 289 -70.58 -16.38 -49.04
CA ASP G 289 -71.53 -15.46 -48.44
C ASP G 289 -70.90 -14.87 -47.18
N TRP G 290 -70.68 -13.55 -47.19
CA TRP G 290 -69.92 -12.92 -46.11
C TRP G 290 -70.70 -12.89 -44.80
N GLN G 291 -72.04 -12.75 -44.89
CA GLN G 291 -72.84 -12.64 -43.68
C GLN G 291 -72.86 -13.95 -42.89
N SER G 292 -72.84 -15.09 -43.60
CA SER G 292 -72.89 -16.38 -42.92
C SER G 292 -71.66 -16.59 -42.04
N SER G 293 -70.48 -16.21 -42.54
CA SER G 293 -69.24 -16.35 -41.78
C SER G 293 -68.91 -15.03 -41.11
N ALA G 294 -69.26 -14.92 -39.82
CA ALA G 294 -69.05 -13.70 -39.07
C ALA G 294 -68.50 -14.06 -37.70
N PRO G 295 -67.75 -13.15 -37.06
CA PRO G 295 -67.23 -13.46 -35.72
C PRO G 295 -68.32 -13.80 -34.71
N VAL G 296 -69.47 -13.13 -34.78
CA VAL G 296 -70.57 -13.44 -33.88
C VAL G 296 -71.16 -14.81 -34.20
N ASN G 297 -71.16 -15.18 -35.49
CA ASN G 297 -71.77 -16.44 -35.90
C ASN G 297 -71.00 -17.64 -35.37
N GLU G 298 -69.67 -17.51 -35.26
CA GLU G 298 -68.85 -18.62 -34.80
C GLU G 298 -68.38 -18.36 -33.37
N PRO G 299 -68.96 -19.03 -32.37
CA PRO G 299 -68.49 -18.81 -30.99
C PRO G 299 -67.11 -19.40 -30.73
N ASP G 300 -66.65 -20.34 -31.55
CA ASP G 300 -65.37 -20.99 -31.30
C ASP G 300 -64.22 -20.01 -31.40
N HIS G 301 -64.26 -19.12 -32.39
CA HIS G 301 -63.19 -18.13 -32.55
C HIS G 301 -63.19 -17.13 -31.40
N ALA G 302 -62.03 -16.92 -30.81
CA ALA G 302 -61.86 -16.00 -29.69
C ALA G 302 -61.15 -14.75 -30.19
N THR G 303 -61.80 -13.60 -30.04
CA THR G 303 -61.26 -12.33 -30.50
C THR G 303 -61.78 -11.20 -29.62
N THR G 304 -61.09 -10.06 -29.67
CA THR G 304 -61.48 -8.87 -28.93
C THR G 304 -62.42 -7.96 -29.71
N THR G 305 -62.74 -8.31 -30.95
CA THR G 305 -63.65 -7.50 -31.75
C THR G 305 -65.04 -7.48 -31.13
N PRO G 306 -65.67 -6.32 -31.01
CA PRO G 306 -67.05 -6.27 -30.49
C PRO G 306 -68.00 -7.07 -31.39
N GLN G 307 -69.01 -7.67 -30.76
CA GLN G 307 -69.92 -8.54 -31.50
C GLN G 307 -70.73 -7.75 -32.52
N GLU G 308 -71.18 -6.56 -32.16
CA GLU G 308 -72.07 -5.78 -33.02
C GLU G 308 -71.34 -4.87 -34.00
N PHE G 309 -70.01 -4.87 -34.00
CA PHE G 309 -69.27 -3.99 -34.90
C PHE G 309 -69.20 -4.59 -36.30
N GLN G 310 -69.62 -3.82 -37.30
CA GLN G 310 -69.57 -4.23 -38.69
C GLN G 310 -69.24 -3.03 -39.55
N ILE G 311 -68.22 -3.16 -40.40
CA ILE G 311 -67.84 -2.07 -41.30
C ILE G 311 -68.85 -1.99 -42.44
N SER G 312 -69.22 -0.75 -42.79
CA SER G 312 -70.25 -0.55 -43.81
C SER G 312 -69.80 -1.07 -45.17
N ASP G 313 -68.55 -0.79 -45.56
CA ASP G 313 -68.07 -1.18 -46.87
C ASP G 313 -67.94 -2.70 -46.95
N PRO G 314 -68.56 -3.33 -47.95
CA PRO G 314 -68.43 -4.79 -48.07
C PRO G 314 -67.00 -5.26 -48.27
N MET G 315 -66.17 -4.46 -48.95
CA MET G 315 -64.80 -4.87 -49.22
C MET G 315 -63.98 -4.96 -47.95
N ARG G 316 -64.26 -4.09 -46.98
CA ARG G 316 -63.47 -4.02 -45.75
C ARG G 316 -64.06 -4.80 -44.60
N LYS G 317 -65.15 -5.54 -44.82
CA LYS G 317 -65.75 -6.32 -43.74
C LYS G 317 -64.91 -7.55 -43.45
N ARG G 318 -64.82 -7.89 -42.17
CA ARG G 318 -63.95 -8.97 -41.70
C ARG G 318 -64.75 -10.26 -41.55
N VAL G 319 -64.19 -11.36 -42.06
CA VAL G 319 -64.81 -12.67 -41.99
C VAL G 319 -63.78 -13.67 -41.47
N VAL G 320 -64.26 -14.68 -40.75
CA VAL G 320 -63.37 -15.68 -40.17
C VAL G 320 -63.04 -16.74 -41.22
N ALA G 321 -61.78 -17.16 -41.25
CA ALA G 321 -61.32 -18.18 -42.19
C ALA G 321 -60.47 -19.20 -41.44
N TYR G 322 -60.33 -20.38 -42.05
CA TYR G 322 -59.58 -21.48 -41.47
C TYR G 322 -58.51 -21.95 -42.46
N GLU G 323 -57.40 -22.46 -41.92
CA GLU G 323 -56.34 -23.03 -42.72
C GLU G 323 -55.95 -24.40 -42.16
N TYR G 324 -55.48 -25.28 -43.04
CA TYR G 324 -55.08 -26.63 -42.67
C TYR G 324 -53.66 -26.86 -43.17
N TRP G 325 -52.71 -26.90 -42.24
CA TRP G 325 -51.30 -27.16 -42.55
C TRP G 325 -50.98 -28.58 -42.09
N GLY G 326 -50.61 -29.44 -43.04
CA GLY G 326 -50.34 -30.82 -42.70
C GLY G 326 -49.79 -31.59 -43.88
N PHE G 327 -49.64 -32.90 -43.68
CA PHE G 327 -49.08 -33.81 -44.66
C PHE G 327 -50.20 -34.71 -45.19
N TRP G 328 -50.25 -34.86 -46.51
CA TRP G 328 -51.27 -35.69 -47.15
C TRP G 328 -50.64 -36.50 -48.27
N ASP G 329 -51.24 -37.65 -48.57
CA ASP G 329 -50.82 -38.50 -49.68
C ASP G 329 -51.58 -38.04 -50.92
N ILE G 330 -50.95 -37.13 -51.68
CA ILE G 330 -51.64 -36.51 -52.80
C ILE G 330 -51.84 -37.52 -53.94
N GLU G 331 -50.83 -38.34 -54.21
CA GLU G 331 -50.89 -39.28 -55.33
C GLU G 331 -51.38 -40.66 -54.92
N GLY G 332 -51.62 -40.90 -53.63
CA GLY G 332 -52.19 -42.15 -53.19
C GLY G 332 -51.24 -43.33 -53.20
N ASN G 333 -49.94 -43.11 -53.35
CA ASN G 333 -48.97 -44.20 -53.41
C ASN G 333 -48.23 -44.40 -52.10
N GLY G 334 -48.67 -43.79 -51.01
CA GLY G 334 -48.01 -43.94 -49.74
C GLY G 334 -46.95 -42.89 -49.45
N VAL G 335 -46.90 -41.81 -50.21
CA VAL G 335 -45.92 -40.75 -50.03
C VAL G 335 -46.62 -39.51 -49.50
N LEU G 336 -46.21 -39.05 -48.33
CA LEU G 336 -46.81 -37.88 -47.69
C LEU G 336 -45.98 -36.64 -47.99
N GLU G 337 -46.65 -35.58 -48.44
CA GLU G 337 -46.01 -34.31 -48.71
C GLU G 337 -46.80 -33.18 -48.05
N PRO G 338 -46.12 -32.10 -47.64
CA PRO G 338 -46.84 -31.00 -46.99
C PRO G 338 -47.78 -30.29 -47.94
N ILE G 339 -48.91 -29.83 -47.39
CA ILE G 339 -49.94 -29.14 -48.15
C ILE G 339 -50.49 -28.00 -47.32
N VAL G 340 -51.30 -27.16 -47.96
CA VAL G 340 -52.04 -26.09 -47.28
C VAL G 340 -53.42 -26.00 -47.91
N ALA G 341 -54.45 -25.81 -47.08
CA ALA G 341 -55.83 -25.70 -47.54
C ALA G 341 -56.54 -24.64 -46.73
N THR G 342 -57.27 -23.75 -47.41
CA THR G 342 -58.00 -22.66 -46.80
C THR G 342 -59.46 -22.74 -47.21
N TRP G 343 -60.36 -22.63 -46.25
CA TRP G 343 -61.80 -22.63 -46.53
C TRP G 343 -62.50 -21.59 -45.66
N ILE G 344 -63.53 -20.97 -46.21
CA ILE G 344 -64.37 -20.01 -45.50
C ILE G 344 -65.78 -20.58 -45.46
N GLY G 345 -66.31 -20.75 -44.25
CA GLY G 345 -67.63 -21.36 -44.12
C GLY G 345 -67.60 -22.81 -44.57
N SER G 346 -68.31 -23.08 -45.66
CA SER G 346 -68.34 -24.41 -46.26
C SER G 346 -67.78 -24.42 -47.68
N THR G 347 -67.03 -23.39 -48.06
CA THR G 347 -66.47 -23.28 -49.40
C THR G 347 -64.95 -23.37 -49.33
N LEU G 348 -64.37 -24.25 -50.13
CA LEU G 348 -62.92 -24.42 -50.19
C LEU G 348 -62.38 -23.47 -51.26
N ILE G 349 -61.51 -22.55 -50.85
CA ILE G 349 -61.09 -21.48 -51.76
C ILE G 349 -59.67 -21.70 -52.25
N ARG G 350 -58.81 -22.30 -51.43
CA ARG G 350 -57.40 -22.43 -51.76
C ARG G 350 -56.92 -23.85 -51.45
N LEU G 351 -56.16 -24.43 -52.37
CA LEU G 351 -55.58 -25.76 -52.20
C LEU G 351 -54.30 -25.83 -53.01
N GLU G 352 -53.18 -26.01 -52.33
CA GLU G 352 -51.88 -26.08 -53.00
C GLU G 352 -50.86 -26.67 -52.04
N LYS G 353 -49.65 -26.88 -52.56
CA LYS G 353 -48.56 -27.43 -51.77
C LYS G 353 -47.98 -26.37 -50.83
N ASN G 354 -47.06 -26.81 -49.98
CA ASN G 354 -46.44 -25.90 -49.03
C ASN G 354 -45.52 -24.93 -49.77
N PRO G 355 -45.75 -23.61 -49.66
CA PRO G 355 -44.92 -22.67 -50.42
C PRO G 355 -43.54 -22.45 -49.80
N TYR G 356 -43.45 -22.49 -48.48
CA TYR G 356 -42.21 -22.13 -47.80
C TYR G 356 -41.14 -23.20 -48.03
N PRO G 357 -39.89 -22.78 -48.23
CA PRO G 357 -38.83 -23.76 -48.56
C PRO G 357 -38.55 -24.76 -47.45
N ASP G 358 -38.75 -24.38 -46.19
CA ASP G 358 -38.36 -25.26 -45.09
C ASP G 358 -39.16 -26.56 -45.09
N GLY G 359 -40.42 -26.49 -45.49
CA GLY G 359 -41.26 -27.67 -45.55
C GLY G 359 -41.88 -28.10 -44.24
N LYS G 360 -41.84 -27.25 -43.22
CA LYS G 360 -42.42 -27.54 -41.92
C LYS G 360 -43.55 -26.56 -41.63
N LEU G 361 -44.37 -26.91 -40.64
CA LEU G 361 -45.45 -26.03 -40.25
C LEU G 361 -44.89 -24.72 -39.70
N PRO G 362 -45.44 -23.57 -40.08
CA PRO G 362 -44.90 -22.28 -39.63
C PRO G 362 -45.38 -21.90 -38.22
N PHE G 363 -45.12 -22.79 -37.27
CA PHE G 363 -45.50 -22.56 -35.88
C PHE G 363 -44.33 -22.91 -34.98
N VAL G 364 -44.15 -22.12 -33.92
CA VAL G 364 -43.08 -22.31 -32.95
C VAL G 364 -43.71 -22.29 -31.56
N LEU G 365 -43.41 -23.31 -30.76
CA LEU G 365 -43.95 -23.44 -29.41
C LEU G 365 -42.82 -23.32 -28.40
N ILE G 366 -43.05 -22.54 -27.36
CA ILE G 366 -42.06 -22.25 -26.32
C ILE G 366 -42.72 -22.48 -24.97
N PRO G 367 -42.26 -23.45 -24.17
CA PRO G 367 -42.89 -23.68 -22.87
C PRO G 367 -42.22 -22.89 -21.74
N TYR G 368 -43.03 -22.38 -20.82
CA TYR G 368 -42.48 -21.67 -19.66
C TYR G 368 -41.82 -22.64 -18.70
N MET G 369 -42.56 -23.65 -18.25
CA MET G 369 -42.02 -24.71 -17.39
C MET G 369 -42.28 -26.04 -18.09
N PRO G 370 -41.26 -26.69 -18.65
CA PRO G 370 -41.51 -27.91 -19.43
C PRO G 370 -42.06 -29.03 -18.58
N VAL G 371 -42.89 -29.85 -19.22
CA VAL G 371 -43.41 -31.09 -18.65
C VAL G 371 -42.85 -32.24 -19.46
N LYS G 372 -42.27 -33.23 -18.78
CA LYS G 372 -41.59 -34.31 -19.47
C LYS G 372 -42.55 -35.08 -20.37
N ARG G 373 -42.11 -35.32 -21.61
CA ARG G 373 -42.90 -36.02 -22.62
C ARG G 373 -44.26 -35.34 -22.83
N ASP G 374 -44.27 -34.01 -22.81
CA ASP G 374 -45.48 -33.24 -23.03
C ASP G 374 -45.13 -32.02 -23.87
N MET G 375 -46.11 -31.59 -24.68
CA MET G 375 -45.88 -30.47 -25.59
C MET G 375 -46.05 -29.13 -24.89
N TYR G 376 -47.02 -29.05 -23.97
CA TYR G 376 -47.35 -27.78 -23.34
C TYR G 376 -46.50 -27.53 -22.10
N GLY G 377 -46.68 -26.35 -21.52
CA GLY G 377 -45.96 -25.97 -20.32
C GLY G 377 -46.91 -25.51 -19.24
N GLU G 378 -46.33 -25.13 -18.10
CA GLU G 378 -47.16 -24.74 -16.97
C GLU G 378 -46.73 -23.40 -16.40
N PRO G 379 -47.68 -22.58 -15.95
CA PRO G 379 -47.32 -21.32 -15.28
C PRO G 379 -47.13 -21.52 -13.78
N ASP G 380 -46.85 -20.42 -13.09
CA ASP G 380 -46.61 -20.46 -11.65
C ASP G 380 -47.89 -20.39 -10.83
N ALA G 381 -49.04 -20.12 -11.47
CA ALA G 381 -50.28 -19.99 -10.73
C ALA G 381 -50.71 -21.31 -10.09
N GLU G 382 -50.34 -22.44 -10.71
CA GLU G 382 -50.71 -23.74 -10.18
C GLU G 382 -50.21 -23.93 -8.76
N LEU G 383 -48.99 -23.48 -8.48
CA LEU G 383 -48.41 -23.65 -7.15
C LEU G 383 -48.92 -22.60 -6.18
N LEU G 384 -49.36 -21.45 -6.68
CA LEU G 384 -49.60 -20.28 -5.85
C LEU G 384 -51.08 -19.99 -5.60
N GLY G 385 -52.00 -20.73 -6.23
CA GLY G 385 -53.41 -20.48 -6.00
C GLY G 385 -53.81 -20.66 -4.54
N ASP G 386 -53.35 -21.74 -3.92
CA ASP G 386 -53.69 -22.00 -2.51
C ASP G 386 -53.13 -20.92 -1.60
N ASN G 387 -51.88 -20.53 -1.81
CA ASN G 387 -51.27 -19.48 -0.99
C ASN G 387 -52.00 -18.17 -1.16
N GLN G 388 -52.39 -17.84 -2.40
CA GLN G 388 -53.15 -16.62 -2.64
C GLN G 388 -54.49 -16.65 -1.90
N ALA G 389 -55.18 -17.79 -1.95
CA ALA G 389 -56.45 -17.90 -1.24
C ALA G 389 -56.29 -17.73 0.26
N VAL G 390 -55.28 -18.37 0.84
CA VAL G 390 -55.07 -18.28 2.29
C VAL G 390 -54.70 -16.86 2.68
N LEU G 391 -53.82 -16.21 1.92
CA LEU G 391 -53.43 -14.84 2.22
C LEU G 391 -54.60 -13.90 2.12
N GLY G 392 -55.43 -14.06 1.09
CA GLY G 392 -56.63 -13.24 0.98
C GLY G 392 -57.58 -13.44 2.14
N ALA G 393 -57.75 -14.69 2.58
CA ALA G 393 -58.62 -14.94 3.72
C ALA G 393 -58.10 -14.29 4.99
N VAL G 394 -56.79 -14.37 5.22
CA VAL G 394 -56.20 -13.76 6.41
C VAL G 394 -56.36 -12.24 6.37
N MET G 395 -56.09 -11.63 5.21
CA MET G 395 -56.22 -10.18 5.09
C MET G 395 -57.66 -9.74 5.29
N ARG G 396 -58.62 -10.49 4.73
CA ARG G 396 -60.02 -10.17 4.94
C ARG G 396 -60.38 -10.28 6.41
N GLY G 397 -59.86 -11.30 7.11
CA GLY G 397 -60.12 -11.42 8.53
C GLY G 397 -59.63 -10.22 9.31
N MET G 398 -58.39 -9.77 9.04
CA MET G 398 -57.86 -8.60 9.74
C MET G 398 -58.68 -7.35 9.45
N ILE G 399 -59.04 -7.14 8.17
CA ILE G 399 -59.76 -5.93 7.81
C ILE G 399 -61.16 -5.94 8.41
N ASP G 400 -61.82 -7.10 8.44
CA ASP G 400 -63.12 -7.20 9.10
C ASP G 400 -63.00 -6.92 10.58
N LEU G 401 -61.95 -7.47 11.22
CA LEU G 401 -61.72 -7.23 12.64
C LEU G 401 -61.62 -5.74 12.93
N LEU G 402 -60.85 -5.01 12.12
CA LEU G 402 -60.70 -3.58 12.38
C LEU G 402 -61.99 -2.82 12.04
N GLY G 403 -62.62 -3.14 10.91
CA GLY G 403 -63.75 -2.36 10.45
C GLY G 403 -64.98 -2.52 11.32
N ARG G 404 -65.27 -3.73 11.79
CA ARG G 404 -66.53 -3.96 12.49
C ARG G 404 -66.51 -3.37 13.89
N SER G 405 -65.33 -3.08 14.43
CA SER G 405 -65.24 -2.51 15.77
C SER G 405 -65.73 -1.08 15.79
N ALA G 406 -66.26 -0.66 16.94
CA ALA G 406 -66.72 0.71 17.11
C ALA G 406 -65.56 1.61 17.53
N ASN G 407 -65.40 2.73 16.83
CA ASN G 407 -64.31 3.67 17.07
C ASN G 407 -64.87 5.08 17.22
N GLY G 408 -64.35 5.83 18.18
CA GLY G 408 -64.76 7.20 18.39
C GLY G 408 -65.93 7.40 19.33
N GLN G 409 -66.61 6.34 19.72
CA GLN G 409 -67.74 6.47 20.62
C GLN G 409 -67.26 6.70 22.05
N ARG G 410 -68.12 7.30 22.87
CA ARG G 410 -67.83 7.58 24.25
C ARG G 410 -68.94 7.02 25.13
N GLY G 411 -68.57 6.33 26.20
CA GLY G 411 -69.53 5.76 27.14
C GLY G 411 -69.51 6.50 28.47
N MET G 412 -70.70 6.77 28.98
CA MET G 412 -70.85 7.55 30.20
C MET G 412 -71.65 6.77 31.23
N PRO G 413 -71.15 6.61 32.47
CA PRO G 413 -71.96 5.98 33.52
C PRO G 413 -73.12 6.87 33.95
N LYS G 414 -74.20 6.22 34.39
CA LYS G 414 -75.37 6.97 34.82
C LYS G 414 -75.18 7.49 36.23
N GLY G 415 -75.53 8.76 36.44
CA GLY G 415 -75.49 9.36 37.76
C GLY G 415 -74.18 10.02 38.12
N MET G 416 -73.14 9.90 37.30
CA MET G 416 -71.88 10.56 37.58
C MET G 416 -72.03 12.08 37.57
N LEU G 417 -72.75 12.60 36.58
CA LEU G 417 -72.94 14.04 36.43
C LEU G 417 -74.42 14.35 36.27
N ASP G 418 -74.88 15.38 36.98
CA ASP G 418 -76.26 15.82 36.81
C ASP G 418 -76.40 16.61 35.50
N ALA G 419 -77.61 17.14 35.28
CA ALA G 419 -77.94 17.73 33.98
C ALA G 419 -77.00 18.89 33.64
N LEU G 420 -76.82 19.83 34.57
CA LEU G 420 -76.01 21.00 34.29
C LEU G 420 -74.54 20.62 34.10
N ASN G 421 -74.01 19.75 34.96
CA ASN G 421 -72.62 19.34 34.81
C ASN G 421 -72.42 18.50 33.56
N SER G 422 -73.39 17.66 33.21
CA SER G 422 -73.30 16.90 31.97
C SER G 422 -73.27 17.82 30.76
N ARG G 423 -74.13 18.85 30.76
CA ARG G 423 -74.11 19.81 29.66
C ARG G 423 -72.77 20.55 29.60
N ARG G 424 -72.24 20.95 30.76
CA ARG G 424 -70.96 21.64 30.77
C ARG G 424 -69.85 20.76 30.23
N TYR G 425 -69.87 19.47 30.59
CA TYR G 425 -68.89 18.54 30.05
C TYR G 425 -69.05 18.38 28.54
N ARG G 426 -70.30 18.32 28.07
CA ARG G 426 -70.54 18.11 26.63
C ARG G 426 -70.08 19.31 25.81
N GLU G 427 -70.33 20.53 26.29
CA GLU G 427 -69.92 21.71 25.54
C GLU G 427 -68.40 21.83 25.49
N GLY G 428 -67.71 21.40 26.55
CA GLY G 428 -66.27 21.43 26.55
C GLY G 428 -65.64 22.36 27.58
N GLU G 429 -66.30 22.51 28.72
CA GLU G 429 -65.80 23.37 29.79
C GLU G 429 -65.70 22.56 31.08
N ASP G 430 -65.18 23.22 32.11
CA ASP G 430 -64.92 22.53 33.38
C ASP G 430 -66.23 22.08 34.03
N TYR G 431 -66.14 21.00 34.79
CA TYR G 431 -67.29 20.39 35.43
C TYR G 431 -66.91 19.91 36.83
N GLU G 432 -67.92 19.45 37.57
CA GLU G 432 -67.73 18.85 38.89
C GLU G 432 -68.52 17.57 38.97
N TYR G 433 -67.89 16.50 39.45
CA TYR G 433 -68.46 15.16 39.45
C TYR G 433 -68.65 14.64 40.87
N ASN G 434 -69.48 13.61 40.97
CA ASN G 434 -69.71 12.96 42.26
C ASN G 434 -68.48 12.12 42.64
N PRO G 435 -67.98 12.24 43.87
CA PRO G 435 -66.74 11.53 44.22
C PRO G 435 -66.86 10.03 44.19
N THR G 436 -68.08 9.48 44.21
CA THR G 436 -68.26 8.04 44.22
C THR G 436 -67.71 7.39 42.95
N GLN G 437 -67.92 8.04 41.81
CA GLN G 437 -67.49 7.52 40.52
C GLN G 437 -66.31 8.33 40.00
N ASN G 438 -65.30 7.64 39.47
CA ASN G 438 -64.09 8.30 39.00
C ASN G 438 -64.12 8.42 37.49
N PRO G 439 -64.20 9.64 36.94
CA PRO G 439 -64.29 9.78 35.47
C PRO G 439 -63.11 9.20 34.72
N ALA G 440 -61.95 9.08 35.36
CA ALA G 440 -60.76 8.59 34.66
C ALA G 440 -60.94 7.16 34.18
N GLN G 441 -61.63 6.34 34.98
CA GLN G 441 -61.79 4.94 34.62
C GLN G 441 -63.16 4.67 34.00
N MET G 442 -64.21 5.30 34.54
CA MET G 442 -65.57 4.98 34.09
C MET G 442 -65.85 5.53 32.70
N ILE G 443 -65.33 6.70 32.36
CA ILE G 443 -65.48 7.23 31.01
C ILE G 443 -64.64 6.39 30.06
N ILE G 444 -65.28 5.81 29.06
CA ILE G 444 -64.64 4.88 28.13
C ILE G 444 -64.69 5.47 26.73
N GLU G 445 -63.54 5.54 26.08
CA GLU G 445 -63.44 5.93 24.68
C GLU G 445 -62.94 4.72 23.90
N HIS G 446 -63.74 4.28 22.91
CA HIS G 446 -63.45 3.05 22.21
C HIS G 446 -62.30 3.24 21.21
N LYS G 447 -61.60 2.15 20.93
CA LYS G 447 -60.44 2.17 20.05
C LYS G 447 -60.41 0.90 19.21
N PHE G 448 -59.48 0.85 18.27
CA PHE G 448 -59.32 -0.33 17.43
C PHE G 448 -58.79 -1.49 18.28
N PRO G 449 -59.28 -2.71 18.05
CA PRO G 449 -58.73 -3.86 18.78
C PRO G 449 -57.32 -4.18 18.31
N GLU G 450 -56.56 -4.83 19.18
CA GLU G 450 -55.18 -5.19 18.86
C GLU G 450 -55.14 -6.42 17.97
N LEU G 451 -54.34 -6.35 16.91
CA LEU G 451 -54.25 -7.46 15.96
C LEU G 451 -53.47 -8.62 16.56
N PRO G 452 -53.95 -9.85 16.41
CA PRO G 452 -53.18 -11.00 16.89
C PRO G 452 -51.96 -11.26 16.03
N GLN G 453 -50.96 -11.90 16.63
CA GLN G 453 -49.72 -12.20 15.90
C GLN G 453 -49.91 -13.35 14.93
N SER G 454 -50.97 -14.15 15.10
CA SER G 454 -51.17 -15.32 14.26
C SER G 454 -51.38 -14.93 12.79
N ALA G 455 -52.16 -13.87 12.55
CA ALA G 455 -52.42 -13.45 11.18
C ALA G 455 -51.14 -13.01 10.48
N LEU G 456 -50.32 -12.20 11.16
CA LEU G 456 -49.06 -11.77 10.56
C LEU G 456 -48.12 -12.95 10.33
N THR G 457 -48.05 -13.86 11.30
CA THR G 457 -47.17 -15.02 11.15
C THR G 457 -47.59 -15.87 9.97
N MET G 458 -48.90 -16.11 9.82
CA MET G 458 -49.37 -16.96 8.72
C MET G 458 -49.20 -16.26 7.37
N ALA G 459 -49.43 -14.94 7.33
CA ALA G 459 -49.18 -14.21 6.08
C ALA G 459 -47.71 -14.31 5.69
N THR G 460 -46.80 -14.16 6.67
CA THR G 460 -45.38 -14.30 6.38
C THR G 460 -45.04 -15.71 5.90
N LEU G 461 -45.65 -16.73 6.52
CA LEU G 461 -45.39 -18.10 6.11
C LEU G 461 -45.86 -18.35 4.67
N GLN G 462 -47.06 -17.86 4.32
CA GLN G 462 -47.55 -18.03 2.96
C GLN G 462 -46.64 -17.32 1.96
N ASN G 463 -46.22 -16.09 2.29
CA ASN G 463 -45.33 -15.36 1.38
C ASN G 463 -44.00 -16.09 1.21
N GLN G 464 -43.42 -16.59 2.30
CA GLN G 464 -42.16 -17.31 2.20
C GLN G 464 -42.31 -18.59 1.40
N GLU G 465 -43.40 -19.32 1.60
CA GLU G 465 -43.63 -20.54 0.82
C GLU G 465 -43.78 -20.22 -0.66
N ALA G 466 -44.50 -19.15 -0.99
CA ALA G 466 -44.66 -18.76 -2.39
C ALA G 466 -43.32 -18.39 -3.02
N GLU G 467 -42.50 -17.61 -2.29
CA GLU G 467 -41.21 -17.23 -2.83
C GLU G 467 -40.29 -18.44 -3.00
N SER G 468 -40.34 -19.38 -2.04
CA SER G 468 -39.51 -20.57 -2.15
C SER G 468 -39.92 -21.43 -3.33
N LEU G 469 -41.23 -21.62 -3.53
CA LEU G 469 -41.71 -22.42 -4.64
C LEU G 469 -41.39 -21.76 -5.98
N THR G 470 -41.71 -20.47 -6.12
CA THR G 470 -41.51 -19.79 -7.39
C THR G 470 -40.03 -19.48 -7.62
N GLY G 471 -39.31 -19.05 -6.58
CA GLY G 471 -37.95 -18.61 -6.73
C GLY G 471 -37.78 -17.14 -7.04
N VAL G 472 -38.81 -16.33 -6.81
CA VAL G 472 -38.77 -14.90 -7.10
C VAL G 472 -38.90 -14.14 -5.78
N LYS G 473 -37.99 -13.20 -5.57
CA LYS G 473 -38.06 -12.29 -4.43
C LYS G 473 -38.43 -10.90 -4.91
N ALA G 474 -38.86 -10.06 -3.97
CA ALA G 474 -39.40 -8.76 -4.32
C ALA G 474 -38.36 -7.88 -5.01
N PHE G 475 -37.29 -7.51 -4.28
CA PHE G 475 -36.33 -6.53 -4.77
C PHE G 475 -34.95 -7.14 -5.03
N ALA G 476 -34.90 -8.38 -5.50
CA ALA G 476 -33.62 -9.04 -5.78
C ALA G 476 -33.70 -9.77 -7.11
N GLY G 477 -32.54 -9.94 -7.73
CA GLY G 477 -32.43 -10.69 -8.96
C GLY G 477 -32.71 -9.87 -10.20
N GLY G 478 -32.90 -10.59 -11.30
CA GLY G 478 -33.20 -9.97 -12.58
C GLY G 478 -32.00 -9.65 -13.46
N VAL G 479 -30.78 -9.87 -12.98
CA VAL G 479 -29.57 -9.48 -13.68
C VAL G 479 -29.00 -10.63 -14.51
N THR G 480 -29.81 -11.64 -14.82
CA THR G 480 -29.31 -12.78 -15.59
C THR G 480 -29.05 -12.40 -17.04
N GLY G 481 -29.74 -11.37 -17.53
CA GLY G 481 -29.59 -10.99 -18.93
C GLY G 481 -28.21 -10.48 -19.27
N GLU G 482 -27.54 -9.83 -18.31
CA GLU G 482 -26.21 -9.28 -18.58
C GLU G 482 -25.18 -10.39 -18.76
N SER G 483 -25.47 -11.59 -18.27
CA SER G 483 -24.55 -12.70 -18.33
C SER G 483 -24.93 -13.73 -19.40
N TYR G 484 -25.81 -13.36 -20.35
CA TYR G 484 -26.21 -14.29 -21.39
C TYR G 484 -25.02 -14.63 -22.30
N GLY G 485 -24.17 -13.64 -22.55
CA GLY G 485 -23.04 -13.87 -23.45
C GLY G 485 -22.15 -14.98 -22.95
N ASP G 486 -21.78 -15.89 -23.86
CA ASP G 486 -20.96 -17.03 -23.49
C ASP G 486 -19.55 -16.58 -23.11
N VAL G 487 -18.79 -16.07 -24.08
CA VAL G 487 -17.45 -15.57 -23.79
C VAL G 487 -17.53 -14.30 -22.96
N ALA G 488 -18.68 -13.61 -23.01
CA ALA G 488 -18.83 -12.36 -22.27
C ALA G 488 -18.77 -12.59 -20.77
N ALA G 489 -19.72 -13.36 -20.23
CA ALA G 489 -19.74 -13.59 -18.79
C ALA G 489 -19.94 -15.04 -18.40
N GLY G 490 -20.21 -15.96 -19.33
CA GLY G 490 -20.33 -17.35 -18.96
C GLY G 490 -19.02 -17.93 -18.45
N ILE G 491 -17.91 -17.47 -19.01
CA ILE G 491 -16.60 -17.94 -18.56
C ILE G 491 -16.30 -17.36 -17.18
N ARG G 492 -16.08 -18.25 -16.21
CA ARG G 492 -15.79 -17.87 -14.83
C ARG G 492 -16.88 -16.92 -14.30
N GLY G 493 -18.13 -17.23 -14.62
CA GLY G 493 -19.26 -16.45 -14.16
C GLY G 493 -20.03 -17.14 -13.06
N VAL G 494 -20.06 -16.53 -11.88
CA VAL G 494 -20.72 -17.11 -10.71
C VAL G 494 -21.99 -16.32 -10.43
N LEU G 495 -23.12 -17.03 -10.36
CA LEU G 495 -24.41 -16.42 -10.06
C LEU G 495 -25.10 -17.27 -9.00
N ASP G 496 -25.95 -16.60 -8.21
CA ASP G 496 -26.67 -17.29 -7.15
C ASP G 496 -27.65 -18.31 -7.73
N ALA G 497 -28.18 -19.15 -6.84
CA ALA G 497 -29.02 -20.25 -7.28
C ALA G 497 -30.30 -19.76 -7.96
N ALA G 498 -30.80 -18.60 -7.57
CA ALA G 498 -32.05 -18.10 -8.12
C ALA G 498 -31.88 -17.59 -9.55
N SER G 499 -30.65 -17.26 -9.95
CA SER G 499 -30.43 -16.68 -11.27
C SER G 499 -30.49 -17.73 -12.37
N LYS G 500 -30.19 -18.99 -12.04
CA LYS G 500 -30.03 -20.01 -13.07
C LYS G 500 -31.37 -20.44 -13.65
N ARG G 501 -32.45 -20.40 -12.86
CA ARG G 501 -33.77 -20.70 -13.39
C ARG G 501 -34.19 -19.67 -14.44
N GLU G 502 -33.97 -18.39 -14.13
CA GLU G 502 -34.24 -17.34 -15.10
C GLU G 502 -33.33 -17.48 -16.32
N MET G 503 -32.09 -17.89 -16.11
CA MET G 503 -31.18 -18.13 -17.22
C MET G 503 -31.72 -19.22 -18.14
N ALA G 504 -32.23 -20.31 -17.56
CA ALA G 504 -32.78 -21.40 -18.36
C ALA G 504 -34.00 -20.94 -19.14
N ILE G 505 -34.88 -20.16 -18.51
CA ILE G 505 -36.06 -19.66 -19.22
C ILE G 505 -35.64 -18.72 -20.36
N LEU G 506 -34.62 -17.90 -20.12
CA LEU G 506 -34.11 -17.02 -21.17
C LEU G 506 -33.55 -17.82 -22.33
N ARG G 507 -32.84 -18.91 -22.04
CA ARG G 507 -32.34 -19.77 -23.11
C ARG G 507 -33.49 -20.41 -23.89
N ARG G 508 -34.55 -20.80 -23.18
CA ARG G 508 -35.73 -21.36 -23.85
C ARG G 508 -36.34 -20.35 -24.80
N LEU G 509 -36.45 -19.09 -24.37
CA LEU G 509 -36.98 -18.05 -25.27
C LEU G 509 -36.04 -17.80 -26.45
N ALA G 510 -34.73 -17.79 -26.19
CA ALA G 510 -33.77 -17.53 -27.25
C ALA G 510 -33.79 -18.63 -28.30
N LYS G 511 -34.09 -19.87 -27.90
CA LYS G 511 -34.22 -20.95 -28.87
C LYS G 511 -35.35 -20.68 -29.87
N GLY G 512 -36.51 -20.25 -29.36
CA GLY G 512 -37.61 -19.91 -30.24
C GLY G 512 -37.27 -18.71 -31.12
N MET G 513 -36.58 -17.73 -30.57
CA MET G 513 -36.16 -16.58 -31.37
C MET G 513 -35.22 -17.01 -32.50
N SER G 514 -34.29 -17.92 -32.21
CA SER G 514 -33.39 -18.43 -33.23
C SER G 514 -34.15 -19.20 -34.30
N GLU G 515 -35.16 -19.99 -33.90
CA GLU G 515 -35.98 -20.70 -34.87
C GLU G 515 -36.72 -19.72 -35.79
N ILE G 516 -37.28 -18.66 -35.21
CA ILE G 516 -37.97 -17.65 -36.01
C ILE G 516 -37.00 -17.00 -36.99
N GLY G 517 -35.80 -16.64 -36.52
CA GLY G 517 -34.81 -16.04 -37.39
C GLY G 517 -34.40 -16.95 -38.53
N ASN G 518 -34.21 -18.25 -38.23
CA ASN G 518 -33.85 -19.20 -39.28
C ASN G 518 -34.96 -19.33 -40.32
N LYS G 519 -36.22 -19.39 -39.87
CA LYS G 519 -37.33 -19.47 -40.81
C LYS G 519 -37.38 -18.23 -41.69
N ILE G 520 -37.19 -17.05 -41.11
CA ILE G 520 -37.27 -15.82 -41.89
C ILE G 520 -36.11 -15.72 -42.88
N ILE G 521 -34.92 -16.18 -42.47
CA ILE G 521 -33.79 -16.21 -43.39
C ILE G 521 -34.07 -17.14 -44.56
N ALA G 522 -34.63 -18.32 -44.27
CA ALA G 522 -34.97 -19.25 -45.35
C ALA G 522 -35.99 -18.64 -46.31
N MET G 523 -36.98 -17.94 -45.76
CA MET G 523 -37.98 -17.27 -46.61
C MET G 523 -37.35 -16.16 -47.46
N ASN G 524 -36.47 -15.36 -46.87
CA ASN G 524 -35.82 -14.28 -47.62
C ASN G 524 -34.92 -14.83 -48.71
N ALA G 525 -34.36 -16.03 -48.50
CA ALA G 525 -33.47 -16.62 -49.50
C ALA G 525 -34.20 -16.84 -50.83
N VAL G 526 -35.51 -17.02 -50.79
CA VAL G 526 -36.27 -17.27 -52.01
C VAL G 526 -37.03 -16.02 -52.44
N PHE G 527 -37.77 -15.40 -51.52
CA PHE G 527 -38.75 -14.39 -51.92
C PHE G 527 -38.09 -13.09 -52.36
N LEU G 528 -37.07 -12.64 -51.64
CA LEU G 528 -36.43 -11.37 -51.96
C LEU G 528 -35.63 -11.48 -53.25
N ALA G 529 -35.60 -10.38 -54.01
CA ALA G 529 -34.87 -10.34 -55.27
C ALA G 529 -33.46 -9.79 -55.04
N GLU G 530 -32.68 -9.76 -56.13
CA GLU G 530 -31.29 -9.32 -56.02
C GLU G 530 -31.20 -7.83 -55.77
N HIS G 531 -31.99 -7.02 -56.50
CA HIS G 531 -31.86 -5.58 -56.40
C HIS G 531 -32.24 -5.06 -55.02
N GLU G 532 -33.24 -5.69 -54.39
CA GLU G 532 -33.62 -5.28 -53.04
C GLU G 532 -32.49 -5.50 -52.04
N VAL G 533 -31.85 -6.67 -52.11
CA VAL G 533 -30.74 -6.96 -51.19
C VAL G 533 -29.56 -6.05 -51.47
N VAL G 534 -29.30 -5.76 -52.75
CA VAL G 534 -28.23 -4.83 -53.08
C VAL G 534 -28.52 -3.44 -52.52
N ARG G 535 -29.77 -2.99 -52.62
CA ARG G 535 -30.15 -1.69 -52.08
C ARG G 535 -29.97 -1.67 -50.57
N ILE G 536 -30.38 -2.73 -49.89
CA ILE G 536 -30.29 -2.76 -48.43
C ILE G 536 -28.83 -2.80 -47.97
N THR G 537 -28.00 -3.61 -48.63
CA THR G 537 -26.64 -3.85 -48.15
C THR G 537 -25.58 -3.04 -48.87
N ASN G 538 -25.86 -2.54 -50.08
CA ASN G 538 -24.88 -1.78 -50.87
C ASN G 538 -23.61 -2.60 -51.11
N GLU G 539 -23.78 -3.88 -51.41
CA GLU G 539 -22.66 -4.76 -51.69
C GLU G 539 -23.10 -5.79 -52.73
N GLU G 540 -22.13 -6.59 -53.18
CA GLU G 540 -22.41 -7.61 -54.19
C GLU G 540 -23.32 -8.69 -53.63
N PHE G 541 -24.15 -9.26 -54.50
CA PHE G 541 -25.12 -10.26 -54.08
C PHE G 541 -24.47 -11.64 -54.02
N VAL G 542 -24.89 -12.43 -53.04
CA VAL G 542 -24.45 -13.82 -52.88
C VAL G 542 -25.67 -14.72 -53.02
N THR G 543 -25.55 -15.75 -53.85
CA THR G 543 -26.66 -16.63 -54.19
C THR G 543 -26.60 -17.90 -53.37
N ILE G 544 -27.77 -18.41 -52.99
CA ILE G 544 -27.90 -19.66 -52.26
C ILE G 544 -28.65 -20.65 -53.13
N LYS G 545 -28.05 -21.82 -53.34
CA LYS G 545 -28.68 -22.84 -54.17
C LYS G 545 -29.95 -23.36 -53.51
N ARG G 546 -30.94 -23.70 -54.35
CA ARG G 546 -32.24 -24.12 -53.85
C ARG G 546 -32.19 -25.47 -53.14
N GLU G 547 -31.34 -26.38 -53.61
CA GLU G 547 -31.24 -27.69 -52.97
C GLU G 547 -30.61 -27.60 -51.58
N ASP G 548 -29.80 -26.57 -51.36
CA ASP G 548 -29.16 -26.40 -50.06
C ASP G 548 -30.08 -25.72 -49.05
N LEU G 549 -31.26 -25.29 -49.48
CA LEU G 549 -32.15 -24.54 -48.60
C LEU G 549 -32.79 -25.45 -47.55
N LYS G 550 -33.00 -26.72 -47.88
CA LYS G 550 -33.66 -27.63 -46.95
C LYS G 550 -32.85 -27.82 -45.68
N GLY G 551 -31.53 -27.97 -45.81
CA GLY G 551 -30.64 -28.15 -44.67
C GLY G 551 -29.86 -26.87 -44.41
N ASN G 552 -29.98 -26.36 -43.18
CA ASN G 552 -29.37 -25.10 -42.81
C ASN G 552 -27.87 -25.29 -42.65
N PHE G 553 -27.11 -25.10 -43.72
CA PHE G 553 -25.66 -25.05 -43.66
C PHE G 553 -25.21 -23.60 -43.65
N ASP G 554 -23.94 -23.41 -43.31
CA ASP G 554 -23.17 -22.17 -43.48
C ASP G 554 -23.63 -21.05 -42.56
N LEU G 555 -24.62 -21.26 -41.70
CA LEU G 555 -25.18 -20.17 -40.93
C LEU G 555 -25.50 -20.63 -39.51
N GLU G 556 -25.46 -19.68 -38.58
CA GLU G 556 -25.86 -19.91 -37.20
C GLU G 556 -26.44 -18.61 -36.66
N VAL G 557 -27.65 -18.68 -36.11
CA VAL G 557 -28.40 -17.50 -35.67
C VAL G 557 -28.52 -17.55 -34.15
N ASP G 558 -28.20 -16.43 -33.50
CA ASP G 558 -28.31 -16.33 -32.05
C ASP G 558 -28.60 -14.88 -31.68
N ILE G 559 -29.17 -14.69 -30.50
CA ILE G 559 -29.49 -13.36 -30.02
C ILE G 559 -28.20 -12.60 -29.69
N SER G 560 -28.16 -11.33 -30.10
CA SER G 560 -26.99 -10.48 -29.89
C SER G 560 -27.25 -9.53 -28.73
N THR G 561 -26.23 -9.36 -27.88
CA THR G 561 -26.29 -8.46 -26.74
C THR G 561 -25.08 -7.54 -26.76
N ALA G 562 -25.16 -6.47 -25.98
CA ALA G 562 -24.10 -5.46 -25.97
C ALA G 562 -22.78 -6.03 -25.44
N GLU G 563 -22.84 -6.82 -24.38
CA GLU G 563 -21.62 -7.35 -23.78
C GLU G 563 -20.93 -8.35 -24.69
N VAL G 564 -21.68 -9.03 -25.56
CA VAL G 564 -21.08 -9.97 -26.50
C VAL G 564 -20.15 -9.23 -27.45
N ASP G 565 -20.59 -8.08 -27.97
CA ASP G 565 -19.75 -7.30 -28.87
C ASP G 565 -18.50 -6.81 -28.18
N ASN G 566 -18.62 -6.35 -26.94
CA ASN G 566 -17.46 -5.88 -26.19
C ASN G 566 -16.46 -7.01 -25.98
N GLN G 567 -16.95 -8.20 -25.58
CA GLN G 567 -16.05 -9.31 -25.35
C GLN G 567 -15.40 -9.78 -26.64
N LYS G 568 -16.14 -9.76 -27.75
CA LYS G 568 -15.55 -10.09 -29.03
C LYS G 568 -14.47 -9.10 -29.43
N SER G 569 -14.70 -7.81 -29.14
CA SER G 569 -13.67 -6.80 -29.40
C SER G 569 -12.42 -7.05 -28.57
N GLN G 570 -12.60 -7.40 -27.29
CA GLN G 570 -11.45 -7.72 -26.45
C GLN G 570 -10.70 -8.94 -26.96
N ASP G 571 -11.44 -9.97 -27.39
CA ASP G 571 -10.78 -11.16 -27.94
C ASP G 571 -10.02 -10.84 -29.21
N LEU G 572 -10.60 -10.01 -30.09
CA LEU G 572 -9.90 -9.60 -31.29
C LEU G 572 -8.65 -8.80 -30.97
N GLY G 573 -8.72 -7.91 -29.99
CA GLY G 573 -7.54 -7.18 -29.57
C GLY G 573 -6.46 -8.08 -29.02
N PHE G 574 -6.85 -9.07 -28.22
CA PHE G 574 -5.88 -10.04 -27.71
C PHE G 574 -5.24 -10.83 -28.84
N MET G 575 -6.04 -11.25 -29.82
CA MET G 575 -5.50 -12.01 -30.95
C MET G 575 -4.54 -11.14 -31.77
N LEU G 576 -4.87 -9.87 -31.96
CA LEU G 576 -3.97 -8.96 -32.66
C LEU G 576 -2.67 -8.75 -31.88
N GLN G 577 -2.77 -8.65 -30.56
CA GLN G 577 -1.57 -8.51 -29.73
C GLN G 577 -0.68 -9.74 -29.83
N THR G 578 -1.28 -10.94 -29.80
CA THR G 578 -0.49 -12.16 -29.82
C THR G 578 0.27 -12.30 -31.14
N ILE G 579 -0.40 -12.04 -32.26
CA ILE G 579 0.26 -12.13 -33.56
C ILE G 579 1.11 -10.87 -33.77
N GLY G 580 2.27 -11.06 -34.39
CA GLY G 580 3.13 -9.95 -34.74
C GLY G 580 2.46 -9.01 -35.73
N PRO G 581 2.43 -7.72 -35.40
CA PRO G 581 1.81 -6.75 -36.34
C PRO G 581 2.46 -6.76 -37.72
N ASN G 582 3.77 -7.00 -37.79
CA ASN G 582 4.46 -6.95 -39.08
C ASN G 582 4.40 -8.28 -39.82
N VAL G 583 3.78 -9.31 -39.24
CA VAL G 583 3.74 -10.62 -39.88
C VAL G 583 2.98 -10.54 -41.20
N ASP G 584 1.79 -9.95 -41.20
CA ASP G 584 0.99 -9.80 -42.41
C ASP G 584 0.12 -8.57 -42.28
N GLN G 585 0.11 -7.73 -43.31
CA GLN G 585 -0.69 -6.51 -43.27
C GLN G 585 -2.17 -6.80 -43.50
N GLN G 586 -2.48 -7.80 -44.33
CA GLN G 586 -3.87 -8.11 -44.62
C GLN G 586 -4.61 -8.61 -43.39
N ILE G 587 -3.96 -9.46 -42.60
CA ILE G 587 -4.57 -9.97 -41.37
C ILE G 587 -4.86 -8.82 -40.40
N THR G 588 -3.90 -7.92 -40.25
CA THR G 588 -4.09 -6.77 -39.36
C THR G 588 -5.22 -5.88 -39.84
N LEU G 589 -5.29 -5.62 -41.15
CA LEU G 589 -6.36 -4.79 -41.68
C LEU G 589 -7.73 -5.44 -41.47
N ASN G 590 -7.82 -6.75 -41.71
CA ASN G 590 -9.10 -7.44 -41.50
C ASN G 590 -9.50 -7.42 -40.03
N ILE G 591 -8.54 -7.62 -39.12
CA ILE G 591 -8.84 -7.58 -37.70
C ILE G 591 -9.32 -6.19 -37.30
N LEU G 592 -8.65 -5.15 -37.79
CA LEU G 592 -9.05 -3.78 -37.47
C LEU G 592 -10.44 -3.48 -38.01
N ALA G 593 -10.75 -3.94 -39.23
CA ALA G 593 -12.09 -3.73 -39.78
C ALA G 593 -13.14 -4.45 -38.94
N GLU G 594 -12.84 -5.68 -38.50
CA GLU G 594 -13.77 -6.41 -37.66
C GLU G 594 -14.02 -5.70 -36.34
N ILE G 595 -12.96 -5.15 -35.74
CA ILE G 595 -13.13 -4.40 -34.49
C ILE G 595 -13.94 -3.14 -34.74
N ALA G 596 -13.69 -2.45 -35.85
CA ALA G 596 -14.41 -1.22 -36.15
C ALA G 596 -15.89 -1.49 -36.37
N ASP G 597 -16.22 -2.61 -37.02
CA ASP G 597 -17.63 -2.96 -37.23
C ASP G 597 -18.36 -3.14 -35.90
N LEU G 598 -17.73 -3.80 -34.94
CA LEU G 598 -18.37 -4.01 -33.64
C LEU G 598 -18.54 -2.70 -32.89
N LYS G 599 -17.70 -1.71 -33.19
CA LYS G 599 -17.77 -0.41 -32.53
C LYS G 599 -18.67 0.59 -33.26
N ARG G 600 -19.39 0.14 -34.28
CA ARG G 600 -20.43 0.92 -34.96
C ARG G 600 -19.88 2.07 -35.80
N MET G 601 -18.72 1.89 -36.43
CA MET G 601 -18.26 2.83 -37.43
C MET G 601 -18.10 2.10 -38.76
N PRO G 602 -19.12 2.11 -39.63
CA PRO G 602 -18.98 1.37 -40.91
C PRO G 602 -18.02 2.04 -41.88
N LYS G 603 -17.96 3.38 -41.88
CA LYS G 603 -17.07 4.07 -42.82
C LYS G 603 -15.61 3.74 -42.54
N LEU G 604 -15.22 3.73 -41.25
CA LEU G 604 -13.85 3.40 -40.91
C LEU G 604 -13.51 1.96 -41.30
N ALA G 605 -14.43 1.03 -41.06
CA ALA G 605 -14.20 -0.36 -41.43
C ALA G 605 -14.05 -0.52 -42.93
N HIS G 606 -14.92 0.16 -43.71
CA HIS G 606 -14.81 0.08 -45.16
C HIS G 606 -13.51 0.68 -45.65
N ASP G 607 -13.06 1.78 -45.03
CA ASP G 607 -11.80 2.40 -45.43
C ASP G 607 -10.63 1.46 -45.13
N LEU G 608 -10.66 0.81 -43.96
CA LEU G 608 -9.59 -0.12 -43.61
C LEU G 608 -9.56 -1.33 -44.53
N ARG G 609 -10.74 -1.86 -44.87
CA ARG G 609 -10.80 -3.05 -45.72
C ARG G 609 -10.21 -2.78 -47.11
N THR G 610 -10.64 -1.70 -47.75
CA THR G 610 -10.17 -1.33 -49.08
C THR G 610 -9.03 -0.32 -48.99
N TRP G 611 -7.95 -0.68 -48.32
CA TRP G 611 -6.80 0.19 -48.13
C TRP G 611 -5.62 -0.35 -48.92
N GLN G 612 -5.04 0.50 -49.76
CA GLN G 612 -3.87 0.15 -50.55
C GLN G 612 -2.77 1.17 -50.30
N PRO G 613 -1.56 0.72 -49.93
CA PRO G 613 -0.47 1.68 -49.71
C PRO G 613 -0.10 2.41 -51.00
N GLN G 614 0.25 3.68 -50.85
CA GLN G 614 0.64 4.51 -51.98
C GLN G 614 2.16 4.53 -52.12
N PRO G 615 2.68 4.15 -53.29
CA PRO G 615 4.14 4.08 -53.45
C PRO G 615 4.78 5.45 -53.47
N ASP G 616 6.04 5.49 -53.05
CA ASP G 616 6.85 6.69 -53.10
C ASP G 616 7.94 6.52 -54.15
N PRO G 617 7.93 7.31 -55.23
CA PRO G 617 8.92 7.09 -56.30
C PRO G 617 10.37 7.25 -55.85
N VAL G 618 10.62 8.10 -54.85
CA VAL G 618 11.99 8.39 -54.44
C VAL G 618 12.65 7.14 -53.86
N GLN G 619 11.91 6.40 -53.04
CA GLN G 619 12.48 5.25 -52.35
C GLN G 619 12.88 4.15 -53.32
N GLU G 620 12.06 3.91 -54.35
CA GLU G 620 12.40 2.89 -55.33
C GLU G 620 13.67 3.24 -56.09
N GLN G 621 13.81 4.51 -56.48
CA GLN G 621 15.03 4.94 -57.16
C GLN G 621 16.24 4.83 -56.24
N LEU G 622 16.06 5.16 -54.96
CA LEU G 622 17.17 5.04 -54.01
C LEU G 622 17.59 3.58 -53.85
N LYS G 623 16.63 2.67 -53.78
CA LYS G 623 16.95 1.24 -53.70
C LYS G 623 17.69 0.78 -54.94
N GLN G 624 17.24 1.21 -56.12
CA GLN G 624 17.92 0.84 -57.36
C GLN G 624 19.35 1.35 -57.38
N LEU G 625 19.56 2.60 -56.93
CA LEU G 625 20.92 3.14 -56.89
C LEU G 625 21.79 2.38 -55.90
N ALA G 626 21.22 1.99 -54.75
CA ALA G 626 21.98 1.20 -53.79
C ALA G 626 22.39 -0.14 -54.37
N VAL G 627 21.49 -0.80 -55.08
CA VAL G 627 21.82 -2.07 -55.72
C VAL G 627 22.92 -1.87 -56.77
N GLU G 628 22.83 -0.80 -57.55
CA GLU G 628 23.85 -0.52 -58.54
C GLU G 628 25.21 -0.30 -57.91
N LYS G 629 25.26 0.45 -56.79
CA LYS G 629 26.53 0.67 -56.09
C LYS G 629 27.09 -0.65 -55.55
N ALA G 630 26.22 -1.49 -54.99
CA ALA G 630 26.67 -2.79 -54.50
C ALA G 630 27.25 -3.64 -55.62
N GLN G 631 26.64 -3.57 -56.81
CA GLN G 631 27.19 -4.30 -57.95
C GLN G 631 28.54 -3.73 -58.38
N LEU G 632 28.68 -2.40 -58.36
CA LEU G 632 29.90 -1.78 -58.87
C LEU G 632 31.08 -2.00 -57.93
N GLU G 633 30.81 -2.20 -56.64
CA GLU G 633 31.91 -2.43 -55.70
C GLU G 633 32.71 -3.68 -56.06
N ASN G 634 32.02 -4.74 -56.47
CA ASN G 634 32.72 -5.97 -56.86
C ASN G 634 33.60 -5.76 -58.07
N GLU G 635 33.11 -4.99 -59.06
CA GLU G 635 33.93 -4.68 -60.23
C GLU G 635 35.15 -3.86 -59.84
N GLU G 636 34.99 -2.93 -58.90
CA GLU G 636 36.13 -2.16 -58.41
C GLU G 636 37.17 -3.07 -57.76
N LEU G 637 36.71 -4.03 -56.95
CA LEU G 637 37.63 -4.98 -56.34
C LEU G 637 38.36 -5.81 -57.39
N ARG G 638 37.63 -6.25 -58.42
CA ARG G 638 38.26 -7.03 -59.49
C ARG G 638 39.32 -6.22 -60.21
N SER G 639 39.04 -4.93 -60.47
CA SER G 639 40.03 -4.07 -61.11
C SER G 639 41.26 -3.91 -60.22
N LYS G 640 41.06 -3.77 -58.91
CA LYS G 640 42.19 -3.68 -58.00
C LYS G 640 43.05 -4.94 -58.05
N ILE G 641 42.40 -6.12 -58.07
CA ILE G 641 43.14 -7.37 -58.16
C ILE G 641 43.95 -7.45 -59.45
N ARG G 642 43.33 -7.04 -60.57
CA ARG G 642 44.03 -7.07 -61.84
C ARG G 642 45.25 -6.14 -61.83
N LEU G 643 45.10 -4.94 -61.26
CA LEU G 643 46.22 -4.01 -61.18
C LEU G 643 47.35 -4.58 -60.33
N ASN G 644 47.00 -5.19 -59.19
CA ASN G 644 48.02 -5.79 -58.34
C ASN G 644 48.77 -6.91 -59.07
N ASP G 645 48.04 -7.75 -59.80
CA ASP G 645 48.68 -8.82 -60.55
C ASP G 645 49.62 -8.26 -61.61
N ALA G 646 49.18 -7.22 -62.33
CA ALA G 646 50.04 -6.63 -63.35
C ALA G 646 51.31 -6.05 -62.74
N GLN G 647 51.19 -5.37 -61.61
CA GLN G 647 52.38 -4.82 -60.94
C GLN G 647 53.32 -5.94 -60.49
N ALA G 648 52.77 -7.04 -59.99
CA ALA G 648 53.61 -8.16 -59.58
C ALA G 648 54.37 -8.75 -60.76
N GLN G 649 53.70 -8.91 -61.90
CA GLN G 649 54.38 -9.43 -63.09
C GLN G 649 55.47 -8.48 -63.56
N LYS G 650 55.20 -7.17 -63.52
CA LYS G 650 56.23 -6.20 -63.92
C LYS G 650 57.45 -6.28 -62.99
N ALA G 651 57.20 -6.43 -61.68
CA ALA G 651 58.31 -6.57 -60.73
C ALA G 651 59.11 -7.82 -61.03
N MET G 652 58.43 -8.93 -61.35
CA MET G 652 59.14 -10.16 -61.68
C MET G 652 60.01 -9.98 -62.93
N ALA G 653 59.48 -9.28 -63.94
CA ALA G 653 60.27 -9.03 -65.15
C ALA G 653 61.50 -8.19 -64.83
N GLU G 654 61.33 -7.16 -63.98
CA GLU G 654 62.49 -6.35 -63.58
C GLU G 654 63.52 -7.20 -62.84
N ARG G 655 63.06 -8.09 -61.97
CA ARG G 655 63.99 -8.98 -61.28
C ARG G 655 64.75 -9.87 -62.26
N ASP G 656 64.06 -10.40 -63.26
CA ASP G 656 64.74 -11.24 -64.26
C ASP G 656 65.80 -10.44 -65.02
N ASN G 657 65.46 -9.20 -65.41
CA ASN G 657 66.44 -8.36 -66.10
C ASN G 657 67.65 -8.08 -65.22
N LYS G 658 67.41 -7.79 -63.94
CA LYS G 658 68.53 -7.54 -63.02
C LYS G 658 69.39 -8.78 -62.83
N ASN G 659 68.76 -9.96 -62.78
CA ASN G 659 69.52 -11.20 -62.66
C ASN G 659 70.38 -11.44 -63.90
N LEU G 660 69.84 -11.17 -65.08
CA LEU G 660 70.65 -11.28 -66.29
C LEU G 660 71.82 -10.32 -66.26
N ASP G 661 71.59 -9.08 -65.82
CA ASP G 661 72.67 -8.11 -65.72
C ASP G 661 73.74 -8.58 -64.76
N TYR G 662 73.34 -9.12 -63.61
CA TYR G 662 74.29 -9.66 -62.64
C TYR G 662 75.11 -10.80 -63.23
N LEU G 663 74.46 -11.73 -63.93
CA LEU G 663 75.17 -12.85 -64.52
C LEU G 663 76.16 -12.38 -65.58
N GLU G 664 75.76 -11.42 -66.41
CA GLU G 664 76.67 -10.90 -67.41
C GLU G 664 77.85 -10.15 -66.78
N GLN G 665 77.59 -9.40 -65.70
CA GLN G 665 78.65 -8.61 -65.09
C GLN G 665 79.64 -9.51 -64.35
N GLU G 666 79.18 -10.64 -63.81
CA GLU G 666 80.10 -11.53 -63.10
C GLU G 666 81.21 -12.03 -64.02
N SER G 667 80.86 -12.41 -65.24
CA SER G 667 81.87 -12.86 -66.20
C SER G 667 82.43 -11.66 -66.96
N GLY G 668 83.21 -11.93 -67.99
CA GLY G 668 83.82 -10.90 -68.82
C GLY G 668 83.07 -10.59 -70.10
N THR G 669 81.79 -10.95 -70.19
CA THR G 669 81.04 -10.76 -71.43
C THR G 669 80.97 -9.29 -71.82
N LYS G 670 80.71 -8.41 -70.84
CA LYS G 670 80.64 -6.98 -71.13
C LYS G 670 81.98 -6.46 -71.64
N HIS G 671 83.07 -6.88 -71.01
CA HIS G 671 84.40 -6.51 -71.48
C HIS G 671 84.71 -7.18 -72.83
N ALA G 672 84.29 -8.43 -73.01
CA ALA G 672 84.56 -9.14 -74.25
C ALA G 672 83.89 -8.47 -75.43
N ARG G 673 82.67 -7.98 -75.26
CA ARG G 673 81.97 -7.32 -76.35
C ARG G 673 82.66 -6.03 -76.75
N ASP G 674 83.12 -5.24 -75.77
CA ASP G 674 83.86 -4.03 -76.08
C ASP G 674 85.17 -4.35 -76.80
N LEU G 675 85.87 -5.40 -76.34
CA LEU G 675 87.10 -5.81 -77.01
C LEU G 675 86.82 -6.24 -78.44
N GLU G 676 85.71 -6.97 -78.66
CA GLU G 676 85.35 -7.38 -80.01
C GLU G 676 85.02 -6.18 -80.88
N LYS G 677 84.34 -5.16 -80.33
CA LYS G 677 84.07 -3.96 -81.09
C LYS G 677 85.36 -3.24 -81.49
N MET G 678 86.30 -3.12 -80.55
CA MET G 678 87.57 -2.48 -80.88
C MET G 678 88.33 -3.27 -81.93
N LYS G 679 88.35 -4.60 -81.81
CA LYS G 679 89.04 -5.43 -82.80
C LYS G 679 88.38 -5.32 -84.17
N ALA G 680 87.05 -5.26 -84.20
CA ALA G 680 86.34 -5.10 -85.47
C ALA G 680 86.65 -3.77 -86.11
N GLN G 681 86.72 -2.70 -85.30
CA GLN G 681 87.09 -1.39 -85.83
C GLN G 681 88.51 -1.41 -86.40
N SER G 682 89.44 -2.04 -85.68
CA SER G 682 90.81 -2.15 -86.16
C SER G 682 90.89 -2.95 -87.46
N GLN G 683 90.14 -4.06 -87.53
CA GLN G 683 90.13 -4.88 -88.74
C GLN G 683 89.52 -4.12 -89.91
N GLY G 684 88.47 -3.34 -89.65
CA GLY G 684 87.91 -2.52 -90.71
C GLY G 684 88.87 -1.48 -91.22
N ASN G 685 89.60 -0.83 -90.32
CA ASN G 685 90.62 0.13 -90.74
C ASN G 685 91.72 -0.56 -91.55
N GLN G 686 92.15 -1.74 -91.12
CA GLN G 686 93.16 -2.48 -91.87
C GLN G 686 92.67 -2.87 -93.25
N GLN G 687 91.41 -3.31 -93.35
CA GLN G 687 90.84 -3.65 -94.66
C GLN G 687 90.73 -2.43 -95.56
N LEU G 688 90.34 -1.29 -95.00
CA LEU G 688 90.29 -0.06 -95.78
C LEU G 688 91.67 0.33 -96.28
N GLU G 689 92.69 0.18 -95.44
CA GLU G 689 94.06 0.47 -95.87
C GLU G 689 94.50 -0.48 -96.97
N ILE G 690 94.15 -1.76 -96.85
CA ILE G 690 94.56 -2.75 -97.85
C ILE G 690 93.90 -2.46 -99.19
N THR G 691 92.59 -2.16 -99.17
CA THR G 691 91.87 -1.93 -100.41
C THR G 691 92.38 -0.70 -101.14
N LYS G 692 92.68 0.37 -100.40
CA LYS G 692 93.18 1.60 -101.02
C LYS G 692 94.62 1.43 -101.49
N LYS H 19 -41.30 -68.29 -44.12
CA LYS H 19 -39.98 -68.12 -43.50
C LYS H 19 -39.34 -66.83 -43.99
N LEU H 20 -39.21 -65.85 -43.10
CA LEU H 20 -38.72 -64.53 -43.49
C LEU H 20 -37.24 -64.55 -43.85
N THR H 21 -36.46 -65.39 -43.18
CA THR H 21 -35.01 -65.41 -43.35
C THR H 21 -34.56 -66.79 -43.80
N SER H 22 -33.29 -66.86 -44.21
CA SER H 22 -32.67 -68.10 -44.65
C SER H 22 -31.86 -68.78 -43.57
N TRP H 23 -31.95 -68.32 -42.32
CA TRP H 23 -31.19 -68.91 -41.23
C TRP H 23 -31.61 -70.35 -40.99
N LYS H 24 -30.65 -71.19 -40.58
CA LYS H 24 -30.95 -72.58 -40.31
C LYS H 24 -31.95 -72.72 -39.16
N ASN H 25 -31.77 -71.94 -38.09
CA ASN H 25 -32.68 -71.92 -36.96
C ASN H 25 -33.32 -70.54 -36.88
N GLU H 26 -34.64 -70.50 -36.88
CA GLU H 26 -35.38 -69.25 -36.86
C GLU H 26 -36.13 -69.09 -35.55
N LEU H 27 -36.14 -67.86 -35.04
CA LEU H 27 -36.68 -67.58 -33.71
C LEU H 27 -38.17 -67.87 -33.60
N SER H 28 -38.95 -67.46 -34.60
CA SER H 28 -40.42 -67.54 -34.59
C SER H 28 -41.03 -66.67 -33.50
N LEU H 29 -42.31 -66.30 -33.67
CA LEU H 29 -42.91 -65.31 -32.78
C LEU H 29 -43.20 -65.89 -31.40
N GLN H 30 -43.37 -67.21 -31.31
CA GLN H 30 -43.70 -67.84 -30.04
C GLN H 30 -42.59 -67.65 -29.02
N ALA H 31 -41.33 -67.78 -29.45
CA ALA H 31 -40.20 -67.60 -28.54
C ALA H 31 -40.15 -66.19 -27.98
N LEU H 32 -40.33 -65.19 -28.84
CA LEU H 32 -40.31 -63.80 -28.41
C LEU H 32 -41.46 -63.51 -27.44
N LYS H 33 -42.65 -64.01 -27.76
CA LYS H 33 -43.79 -63.76 -26.88
C LYS H 33 -43.60 -64.45 -25.53
N ALA H 34 -43.02 -65.66 -25.52
CA ALA H 34 -42.74 -66.34 -24.27
C ALA H 34 -41.71 -65.57 -23.44
N ASP H 35 -40.66 -65.06 -24.10
CA ASP H 35 -39.67 -64.26 -23.38
C ASP H 35 -40.29 -63.00 -22.80
N LEU H 36 -41.15 -62.33 -23.57
CA LEU H 36 -41.82 -61.13 -23.07
C LEU H 36 -42.71 -61.46 -21.87
N ASP H 37 -43.47 -62.55 -21.96
CA ASP H 37 -44.35 -62.94 -20.85
C ASP H 37 -43.55 -63.31 -19.61
N ALA H 38 -42.37 -63.93 -19.80
CA ALA H 38 -41.53 -64.27 -18.66
C ALA H 38 -40.94 -63.02 -18.02
N ALA H 39 -40.54 -62.04 -18.84
CA ALA H 39 -39.87 -60.86 -18.28
C ALA H 39 -40.86 -59.85 -17.74
N LYS H 40 -42.14 -59.99 -18.10
CA LYS H 40 -43.15 -59.02 -17.66
C LYS H 40 -43.32 -58.93 -16.14
N PRO H 41 -43.38 -60.04 -15.38
CA PRO H 41 -43.64 -59.91 -13.94
C PRO H 41 -42.69 -58.99 -13.19
N SER H 42 -41.39 -59.03 -13.50
CA SER H 42 -40.45 -58.17 -12.81
C SER H 42 -40.69 -56.70 -13.13
N HIS H 43 -40.94 -56.39 -14.40
CA HIS H 43 -41.23 -55.02 -14.80
C HIS H 43 -42.52 -54.50 -14.15
N THR H 44 -43.53 -55.37 -14.05
CA THR H 44 -44.79 -54.96 -13.44
C THR H 44 -44.60 -54.58 -11.97
N ALA H 45 -43.79 -55.34 -11.24
CA ALA H 45 -43.51 -55.00 -9.85
C ALA H 45 -42.64 -53.76 -9.75
N MET H 46 -41.70 -53.59 -10.70
CA MET H 46 -40.80 -52.45 -10.68
C MET H 46 -41.53 -51.13 -10.90
N MET H 47 -42.50 -51.12 -11.82
CA MET H 47 -43.18 -49.87 -12.17
C MET H 47 -44.03 -49.32 -11.02
N ILE H 48 -44.35 -50.16 -10.04
CA ILE H 48 -45.14 -49.70 -8.90
C ILE H 48 -44.37 -48.64 -8.11
N LYS H 49 -43.06 -48.84 -7.94
CA LYS H 49 -42.25 -47.87 -7.22
C LYS H 49 -42.22 -46.53 -7.96
N VAL H 50 -42.06 -46.57 -9.29
CA VAL H 50 -42.05 -45.34 -10.08
C VAL H 50 -43.39 -44.62 -9.97
N LYS H 51 -44.49 -45.38 -10.03
CA LYS H 51 -45.81 -44.78 -9.89
C LYS H 51 -45.97 -44.13 -8.51
N GLU H 52 -45.50 -44.80 -7.46
CA GLU H 52 -45.61 -44.24 -6.12
C GLU H 52 -44.79 -42.96 -6.00
N TRP H 53 -43.57 -42.95 -6.55
CA TRP H 53 -42.75 -41.75 -6.51
C TRP H 53 -43.41 -40.59 -7.26
N ASN H 54 -43.97 -40.87 -8.43
CA ASN H 54 -44.65 -39.82 -9.19
C ASN H 54 -45.87 -39.30 -8.45
N ASP H 55 -46.63 -40.20 -7.80
CA ASP H 55 -47.78 -39.78 -7.02
C ASP H 55 -47.36 -38.91 -5.84
N LEU H 56 -46.25 -39.26 -5.19
CA LEU H 56 -45.73 -38.43 -4.11
C LEU H 56 -45.32 -37.06 -4.63
N MET H 57 -44.68 -37.01 -5.81
CA MET H 57 -44.26 -35.73 -6.35
C MET H 57 -45.45 -34.84 -6.71
N ARG H 58 -46.47 -35.43 -7.34
CA ARG H 58 -47.60 -34.66 -7.85
C ARG H 58 -48.77 -34.59 -6.87
N ILE H 59 -48.61 -35.12 -5.66
CA ILE H 59 -49.65 -35.12 -4.63
C ILE H 59 -50.90 -35.80 -5.19
N GLU H 60 -50.81 -37.11 -5.42
CA GLU H 60 -51.93 -37.91 -5.89
C GLU H 60 -51.91 -39.25 -5.17
N GLY H 61 -53.01 -39.99 -5.28
CA GLY H 61 -53.08 -41.30 -4.65
C GLY H 61 -53.04 -41.20 -3.15
N LYS H 62 -52.10 -41.94 -2.54
CA LYS H 62 -52.00 -41.97 -1.09
C LYS H 62 -51.54 -40.63 -0.53
N ALA H 63 -50.81 -39.85 -1.33
CA ALA H 63 -50.30 -38.56 -0.84
C ALA H 63 -51.42 -37.55 -0.67
N LYS H 64 -52.54 -37.74 -1.35
CA LYS H 64 -53.63 -36.78 -1.27
C LYS H 64 -54.23 -36.79 0.14
N PRO H 65 -54.44 -35.62 0.75
CA PRO H 65 -55.03 -35.57 2.09
C PRO H 65 -56.48 -36.01 2.07
N PRO H 66 -56.99 -36.53 3.18
CA PRO H 66 -58.41 -36.92 3.24
C PRO H 66 -59.32 -35.70 3.11
N LYS H 67 -60.52 -35.94 2.59
CA LYS H 67 -61.50 -34.89 2.35
C LYS H 67 -62.44 -34.82 3.56
N VAL H 68 -62.51 -33.64 4.18
CA VAL H 68 -63.36 -33.40 5.33
C VAL H 68 -64.19 -32.16 5.05
N LYS H 69 -65.47 -32.20 5.46
CA LYS H 69 -66.38 -31.11 5.18
C LYS H 69 -65.93 -29.80 5.84
N GLY H 70 -65.62 -29.86 7.14
CA GLY H 70 -65.28 -28.67 7.89
C GLY H 70 -63.82 -28.42 8.14
N ARG H 71 -62.91 -29.11 7.45
CA ARG H 71 -61.49 -28.98 7.68
C ARG H 71 -60.75 -28.86 6.36
N SER H 72 -59.54 -28.33 6.43
CA SER H 72 -58.77 -28.00 5.24
C SER H 72 -58.15 -29.25 4.61
N GLN H 73 -57.77 -29.13 3.35
CA GLN H 73 -57.19 -30.20 2.55
C GLN H 73 -55.96 -29.71 1.79
N VAL H 74 -55.07 -29.01 2.48
CA VAL H 74 -53.92 -28.36 1.86
C VAL H 74 -52.67 -29.17 2.20
N GLN H 75 -51.73 -29.22 1.27
CA GLN H 75 -50.46 -29.90 1.49
C GLN H 75 -49.34 -29.20 0.75
N PRO H 76 -48.31 -28.70 1.45
CA PRO H 76 -47.16 -28.12 0.77
C PRO H 76 -46.37 -29.17 0.00
N LYS H 77 -45.69 -28.71 -1.03
CA LYS H 77 -44.93 -29.58 -1.93
C LYS H 77 -43.43 -29.47 -1.62
N LEU H 78 -42.91 -30.50 -0.96
CA LEU H 78 -41.50 -30.51 -0.60
C LEU H 78 -40.65 -31.16 -1.69
N VAL H 79 -41.03 -32.37 -2.13
CA VAL H 79 -40.25 -33.09 -3.14
C VAL H 79 -40.22 -32.32 -4.44
N ARG H 80 -41.38 -31.76 -4.84
CA ARG H 80 -41.43 -30.93 -6.03
C ARG H 80 -40.47 -29.76 -5.94
N ARG H 81 -40.39 -29.13 -4.77
CA ARG H 81 -39.53 -27.95 -4.59
C ARG H 81 -38.05 -28.33 -4.68
N GLN H 82 -37.67 -29.41 -4.00
CA GLN H 82 -36.30 -29.89 -4.06
C GLN H 82 -35.90 -30.27 -5.47
N ALA H 83 -36.83 -30.85 -6.23
CA ALA H 83 -36.55 -31.17 -7.62
C ALA H 83 -36.52 -29.91 -8.47
N GLU H 84 -37.29 -28.89 -8.09
CA GLU H 84 -37.35 -27.65 -8.85
C GLU H 84 -36.02 -26.91 -8.86
N TRP H 85 -35.32 -26.85 -7.73
CA TRP H 85 -33.98 -26.27 -7.87
C TRP H 85 -33.00 -27.20 -8.58
N ARG H 86 -33.14 -28.52 -8.40
CA ARG H 86 -32.18 -29.44 -9.01
C ARG H 86 -32.25 -29.42 -10.54
N TYR H 87 -33.45 -29.23 -11.10
CA TYR H 87 -33.57 -29.13 -12.55
C TYR H 87 -32.69 -28.01 -13.10
N SER H 88 -32.82 -26.81 -12.53
CA SER H 88 -32.05 -25.68 -13.04
C SER H 88 -30.58 -25.81 -12.68
N ALA H 89 -30.28 -26.53 -11.60
CA ALA H 89 -28.89 -26.79 -11.25
C ALA H 89 -28.21 -27.68 -12.29
N LEU H 90 -28.94 -28.67 -12.80
CA LEU H 90 -28.31 -29.67 -13.66
C LEU H 90 -28.37 -29.29 -15.14
N THR H 91 -29.46 -28.65 -15.57
CA THR H 91 -29.65 -28.40 -17.00
C THR H 91 -28.65 -27.40 -17.55
N GLU H 92 -28.26 -26.41 -16.74
CA GLU H 92 -27.48 -25.29 -17.26
C GLU H 92 -26.14 -25.70 -17.87
N PRO H 93 -25.34 -26.60 -17.28
CA PRO H 93 -24.05 -26.93 -17.91
C PRO H 93 -24.15 -27.41 -19.35
N PHE H 94 -25.23 -28.08 -19.73
CA PHE H 94 -25.39 -28.64 -21.07
C PHE H 94 -25.86 -27.60 -22.08
N LEU H 95 -26.19 -26.39 -21.64
CA LEU H 95 -26.70 -25.37 -22.56
C LEU H 95 -25.89 -24.08 -22.55
N GLY H 96 -24.73 -24.03 -21.90
CA GLY H 96 -24.00 -22.78 -21.79
C GLY H 96 -23.30 -22.34 -23.07
N SER H 97 -23.02 -23.27 -23.97
CA SER H 97 -22.25 -22.97 -25.18
C SER H 97 -22.99 -23.45 -26.41
N ASN H 98 -22.64 -22.86 -27.56
CA ASN H 98 -23.28 -23.24 -28.82
C ASN H 98 -22.84 -24.63 -29.26
N LYS H 99 -21.69 -25.09 -28.79
CA LYS H 99 -21.19 -26.42 -29.11
C LYS H 99 -21.51 -27.37 -27.97
N LEU H 100 -22.07 -28.54 -28.29
CA LEU H 100 -22.47 -29.48 -27.26
C LEU H 100 -21.40 -30.54 -26.98
N PHE H 101 -20.72 -31.03 -28.00
CA PHE H 101 -19.77 -32.12 -27.86
C PHE H 101 -18.37 -31.66 -28.22
N LYS H 102 -17.37 -32.25 -27.57
CA LYS H 102 -15.96 -31.97 -27.82
C LYS H 102 -15.26 -33.28 -28.15
N VAL H 103 -14.59 -33.31 -29.30
CA VAL H 103 -13.86 -34.50 -29.74
C VAL H 103 -12.37 -34.16 -29.75
N THR H 104 -11.57 -35.01 -29.11
CA THR H 104 -10.14 -34.79 -29.01
C THR H 104 -9.36 -35.99 -29.53
N PRO H 105 -8.25 -35.77 -30.21
CA PRO H 105 -7.46 -36.90 -30.74
C PRO H 105 -6.76 -37.65 -29.61
N VAL H 106 -6.63 -38.96 -29.80
CA VAL H 106 -5.86 -39.77 -28.86
C VAL H 106 -4.38 -39.74 -29.21
N THR H 107 -4.06 -39.81 -30.49
CA THR H 107 -2.69 -39.77 -30.99
C THR H 107 -2.53 -38.57 -31.92
N TRP H 108 -1.35 -38.46 -32.51
CA TRP H 108 -1.02 -37.26 -33.28
C TRP H 108 -1.67 -37.26 -34.65
N GLU H 109 -1.99 -38.43 -35.20
CA GLU H 109 -2.53 -38.49 -36.56
C GLU H 109 -4.04 -38.30 -36.57
N ASP H 110 -4.66 -38.14 -35.40
CA ASP H 110 -6.11 -38.18 -35.32
C ASP H 110 -6.77 -36.81 -35.34
N VAL H 111 -6.00 -35.74 -35.55
CA VAL H 111 -6.53 -34.38 -35.41
C VAL H 111 -7.59 -34.11 -36.48
N GLN H 112 -7.30 -34.47 -37.73
CA GLN H 112 -8.24 -34.20 -38.81
C GLN H 112 -9.53 -34.97 -38.62
N GLY H 113 -9.44 -36.24 -38.25
CA GLY H 113 -10.63 -37.02 -38.00
C GLY H 113 -11.45 -36.49 -36.84
N ALA H 114 -10.77 -36.07 -35.76
CA ALA H 114 -11.48 -35.48 -34.63
C ALA H 114 -12.21 -34.22 -35.03
N ARG H 115 -11.55 -33.35 -35.79
CA ARG H 115 -12.18 -32.11 -36.23
C ARG H 115 -13.39 -32.39 -37.12
N GLN H 116 -13.24 -33.32 -38.06
CA GLN H 116 -14.34 -33.68 -38.95
C GLN H 116 -15.54 -34.21 -38.17
N ASN H 117 -15.27 -35.14 -37.24
CA ASN H 117 -16.36 -35.74 -36.47
C ASN H 117 -17.04 -34.71 -35.58
N GLU H 118 -16.24 -33.82 -34.96
CA GLU H 118 -16.83 -32.76 -34.14
C GLU H 118 -17.72 -31.85 -34.96
N LEU H 119 -17.24 -31.42 -36.13
CA LEU H 119 -18.05 -30.53 -36.98
C LEU H 119 -19.36 -31.20 -37.38
N VAL H 120 -19.28 -32.45 -37.87
CA VAL H 120 -20.49 -33.12 -38.33
C VAL H 120 -21.46 -33.33 -37.18
N LEU H 121 -20.95 -33.74 -36.03
CA LEU H 121 -21.82 -34.07 -34.90
C LEU H 121 -22.50 -32.81 -34.37
N ASN H 122 -21.74 -31.73 -34.20
CA ASN H 122 -22.31 -30.46 -33.75
C ASN H 122 -23.33 -29.93 -34.74
N TYR H 123 -23.04 -30.02 -36.04
CA TYR H 123 -24.03 -29.60 -37.04
C TYR H 123 -25.31 -30.41 -36.92
N GLN H 124 -25.18 -31.73 -36.72
CA GLN H 124 -26.37 -32.58 -36.66
C GLN H 124 -27.25 -32.22 -35.47
N PHE H 125 -26.63 -32.02 -34.29
CA PHE H 125 -27.45 -31.64 -33.13
C PHE H 125 -27.97 -30.20 -33.24
N ARG H 126 -27.26 -29.34 -33.96
CA ARG H 126 -27.72 -27.95 -34.06
C ARG H 126 -28.89 -27.84 -35.03
N THR H 127 -28.89 -28.66 -36.09
CA THR H 127 -29.91 -28.53 -37.11
C THR H 127 -31.08 -29.49 -36.89
N LYS H 128 -30.81 -30.78 -36.77
CA LYS H 128 -31.85 -31.80 -36.81
C LYS H 128 -32.60 -31.96 -35.50
N LEU H 129 -32.13 -31.34 -34.41
CA LEU H 129 -32.73 -31.56 -33.10
C LEU H 129 -32.98 -30.23 -32.40
N ASN H 130 -33.97 -30.24 -31.51
CA ASN H 130 -34.20 -29.13 -30.58
C ASN H 130 -33.45 -29.45 -29.29
N ARG H 131 -32.25 -28.87 -29.15
CA ARG H 131 -31.36 -29.26 -28.06
C ARG H 131 -31.95 -28.92 -26.70
N VAL H 132 -32.57 -27.75 -26.57
CA VAL H 132 -33.05 -27.30 -25.27
C VAL H 132 -34.14 -28.23 -24.76
N SER H 133 -35.14 -28.54 -25.59
CA SER H 133 -36.23 -29.40 -25.17
C SER H 133 -35.73 -30.79 -24.81
N PHE H 134 -34.79 -31.32 -25.61
CA PHE H 134 -34.24 -32.63 -25.33
C PHE H 134 -33.50 -32.65 -23.98
N ILE H 135 -32.72 -31.61 -23.71
CA ILE H 135 -31.98 -31.55 -22.46
C ILE H 135 -32.93 -31.45 -21.27
N ASP H 136 -33.96 -30.60 -21.38
CA ASP H 136 -34.92 -30.49 -20.29
C ASP H 136 -35.65 -31.81 -20.04
N ASN H 137 -36.10 -32.47 -21.11
CA ASN H 137 -36.78 -33.76 -20.95
C ASN H 137 -35.86 -34.79 -20.32
N TYR H 138 -34.60 -34.85 -20.79
CA TYR H 138 -33.64 -35.80 -20.25
C TYR H 138 -33.42 -35.60 -18.75
N VAL H 139 -33.12 -34.36 -18.36
CA VAL H 139 -32.82 -34.09 -16.95
C VAL H 139 -34.07 -34.32 -16.09
N ARG H 140 -35.23 -33.89 -16.57
CA ARG H 140 -36.45 -34.04 -15.79
C ARG H 140 -36.79 -35.52 -15.60
N SER H 141 -36.66 -36.33 -16.66
CA SER H 141 -36.93 -37.75 -16.53
C SER H 141 -35.94 -38.41 -15.57
N VAL H 142 -34.66 -38.07 -15.67
CA VAL H 142 -33.66 -38.67 -14.80
C VAL H 142 -33.96 -38.34 -13.34
N VAL H 143 -34.30 -37.08 -13.06
CA VAL H 143 -34.55 -36.68 -11.67
C VAL H 143 -35.84 -37.30 -11.16
N ASP H 144 -36.90 -37.29 -11.97
CA ASP H 144 -38.21 -37.73 -11.50
C ASP H 144 -38.27 -39.23 -11.31
N ASP H 145 -37.79 -40.00 -12.28
CA ASP H 145 -37.94 -41.44 -12.24
C ASP H 145 -36.73 -42.16 -11.62
N GLY H 146 -35.58 -41.49 -11.53
CA GLY H 146 -34.38 -42.11 -11.03
C GLY H 146 -33.58 -42.87 -12.06
N THR H 147 -34.14 -43.10 -13.25
CA THR H 147 -33.45 -43.81 -14.31
C THR H 147 -33.97 -43.30 -15.65
N GLY H 148 -33.04 -43.05 -16.57
CA GLY H 148 -33.41 -42.55 -17.89
C GLY H 148 -32.93 -43.45 -19.00
N ILE H 149 -33.83 -43.83 -19.90
CA ILE H 149 -33.53 -44.71 -21.02
C ILE H 149 -33.63 -43.89 -22.31
N VAL H 150 -32.57 -43.94 -23.12
CA VAL H 150 -32.49 -43.19 -24.36
C VAL H 150 -32.40 -44.17 -25.52
N ARG H 151 -33.22 -43.95 -26.54
CA ARG H 151 -33.23 -44.77 -27.74
C ARG H 151 -32.56 -44.02 -28.87
N VAL H 152 -31.59 -44.65 -29.50
CA VAL H 152 -30.82 -44.05 -30.59
C VAL H 152 -31.09 -44.84 -31.87
N GLY H 153 -31.44 -44.12 -32.94
CA GLY H 153 -31.73 -44.76 -34.21
C GLY H 153 -31.39 -43.84 -35.36
N TRP H 154 -31.60 -44.36 -36.57
CA TRP H 154 -31.31 -43.64 -37.80
C TRP H 154 -32.58 -43.52 -38.63
N ASN H 155 -32.76 -42.34 -39.24
CA ASN H 155 -33.91 -42.06 -40.08
C ASN H 155 -33.41 -41.76 -41.48
N ARG H 156 -33.91 -42.51 -42.47
CA ARG H 156 -33.53 -42.34 -43.86
C ARG H 156 -34.75 -42.41 -44.75
N GLU H 157 -34.81 -41.53 -45.74
CA GLU H 157 -35.90 -41.48 -46.70
C GLU H 157 -35.36 -40.96 -48.04
N ILE H 158 -35.56 -41.74 -49.09
CA ILE H 158 -35.05 -41.43 -50.42
C ILE H 158 -36.20 -41.42 -51.41
N ARG H 159 -36.15 -40.50 -52.37
CA ARG H 159 -37.19 -40.35 -53.38
C ARG H 159 -36.56 -40.38 -54.77
N LYS H 160 -37.12 -41.19 -55.66
CA LYS H 160 -36.62 -41.27 -57.02
C LYS H 160 -37.18 -40.13 -57.86
N GLU H 161 -36.30 -39.50 -58.64
CA GLU H 161 -36.68 -38.40 -59.52
C GLU H 161 -36.00 -38.57 -60.86
N LYS H 162 -36.59 -37.98 -61.89
CA LYS H 162 -36.07 -38.03 -63.25
C LYS H 162 -35.69 -36.62 -63.69
N GLN H 163 -34.44 -36.46 -64.12
CA GLN H 163 -33.94 -35.17 -64.59
C GLN H 163 -33.13 -35.39 -65.86
N GLU H 164 -33.17 -34.39 -66.75
CA GLU H 164 -32.39 -34.44 -67.98
C GLU H 164 -30.91 -34.30 -67.66
N VAL H 165 -30.09 -35.17 -68.25
CA VAL H 165 -28.65 -35.19 -68.02
C VAL H 165 -27.96 -35.06 -69.37
N PRO H 166 -27.11 -34.06 -69.57
CA PRO H 166 -26.41 -33.94 -70.86
C PRO H 166 -25.45 -35.10 -71.08
N VAL H 167 -25.24 -35.44 -72.35
CA VAL H 167 -24.33 -36.50 -72.76
C VAL H 167 -23.09 -35.85 -73.35
N PHE H 168 -21.92 -36.24 -72.86
CA PHE H 168 -20.64 -35.66 -73.27
C PHE H 168 -19.80 -36.72 -73.97
N SER H 169 -19.17 -36.32 -75.07
CA SER H 169 -18.27 -37.19 -75.82
C SER H 169 -16.83 -36.72 -75.61
N LEU H 170 -15.96 -37.65 -75.23
CA LEU H 170 -14.59 -37.29 -74.90
C LEU H 170 -13.80 -36.96 -76.18
N PHE H 171 -12.77 -36.14 -76.00
CA PHE H 171 -11.87 -35.74 -77.07
C PHE H 171 -10.50 -35.48 -76.46
N PRO H 172 -9.43 -35.88 -77.15
CA PRO H 172 -8.08 -35.70 -76.60
C PRO H 172 -7.76 -34.24 -76.33
N ILE H 173 -6.98 -34.01 -75.27
CA ILE H 173 -6.61 -32.66 -74.89
C ILE H 173 -5.68 -32.07 -75.94
N GLN H 174 -6.01 -30.87 -76.41
CA GLN H 174 -5.25 -30.19 -77.46
C GLN H 174 -4.82 -28.83 -76.95
N THR H 175 -3.62 -28.40 -77.37
CA THR H 175 -3.05 -27.10 -77.03
C THR H 175 -2.81 -26.95 -75.52
N GLN H 176 -2.29 -25.80 -75.12
CA GLN H 176 -1.99 -25.58 -73.70
C GLN H 176 -3.20 -25.05 -72.95
N GLU H 177 -4.18 -24.50 -73.67
CA GLU H 177 -5.33 -23.90 -73.01
C GLU H 177 -6.15 -24.93 -72.26
N GLN H 178 -6.38 -26.10 -72.88
CA GLN H 178 -7.14 -27.15 -72.22
C GLN H 178 -6.42 -27.66 -70.98
N ALA H 179 -5.10 -27.84 -71.08
CA ALA H 179 -4.32 -28.29 -69.92
C ALA H 179 -4.36 -27.27 -68.80
N ASP H 180 -4.26 -25.97 -69.15
CA ASP H 180 -4.32 -24.93 -68.13
C ASP H 180 -5.69 -24.91 -67.46
N ALA H 181 -6.77 -25.05 -68.24
CA ALA H 181 -8.10 -25.08 -67.66
C ALA H 181 -8.28 -26.27 -66.73
N LEU H 182 -7.78 -27.45 -67.14
CA LEU H 182 -7.87 -28.62 -66.28
C LEU H 182 -7.07 -28.43 -64.99
N GLN H 183 -5.88 -27.85 -65.09
CA GLN H 183 -5.06 -27.61 -63.90
C GLN H 183 -5.74 -26.63 -62.96
N GLN H 184 -6.34 -25.57 -63.51
CA GLN H 184 -7.08 -24.63 -62.67
C GLN H 184 -8.27 -25.29 -62.00
N ALA H 185 -8.97 -26.17 -62.72
CA ALA H 185 -10.09 -26.89 -62.12
C ALA H 185 -9.63 -27.79 -60.98
N LEU H 186 -8.52 -28.51 -61.18
CA LEU H 186 -8.00 -29.37 -60.12
C LEU H 186 -7.57 -28.55 -58.90
N GLN H 187 -6.91 -27.42 -59.14
CA GLN H 187 -6.48 -26.56 -58.04
C GLN H 187 -7.68 -26.00 -57.28
N LEU H 188 -8.73 -25.60 -58.01
CA LEU H 188 -9.93 -25.09 -57.36
C LEU H 188 -10.61 -26.18 -56.53
N ARG H 189 -10.66 -27.40 -57.04
CA ARG H 189 -11.23 -28.51 -56.27
C ARG H 189 -10.42 -28.77 -55.01
N THR H 190 -9.08 -28.73 -55.13
CA THR H 190 -8.23 -28.97 -53.97
C THR H 190 -8.41 -27.86 -52.92
N ASP H 191 -8.51 -26.61 -53.37
CA ASP H 191 -8.56 -25.49 -52.43
C ASP H 191 -9.97 -25.25 -51.92
N ASN H 192 -10.92 -25.06 -52.83
CA ASN H 192 -12.28 -24.71 -52.44
C ASN H 192 -13.30 -25.62 -53.12
N PRO H 193 -13.71 -26.70 -52.46
CA PRO H 193 -14.72 -27.59 -53.07
C PRO H 193 -16.03 -26.90 -53.42
N ARG H 194 -16.49 -25.97 -52.58
CA ARG H 194 -17.75 -25.30 -52.87
C ARG H 194 -17.67 -24.46 -54.15
N GLY H 195 -16.57 -23.72 -54.31
CA GLY H 195 -16.38 -22.99 -55.56
C GLY H 195 -16.30 -23.91 -56.76
N TYR H 196 -15.65 -25.07 -56.58
CA TYR H 196 -15.60 -26.06 -57.66
C TYR H 196 -16.99 -26.53 -58.04
N GLU H 197 -17.83 -26.82 -57.05
CA GLU H 197 -19.19 -27.27 -57.35
C GLU H 197 -20.02 -26.17 -58.00
N GLU H 198 -19.78 -24.91 -57.61
CA GLU H 198 -20.70 -23.85 -58.01
C GLU H 198 -20.32 -23.24 -59.37
N ASN H 199 -19.02 -23.14 -59.67
CA ASN H 199 -18.58 -22.31 -60.79
C ASN H 199 -17.87 -23.06 -61.90
N VAL H 200 -17.43 -24.29 -61.68
CA VAL H 200 -16.58 -24.97 -62.66
C VAL H 200 -17.35 -25.33 -63.92
N ASP H 201 -18.63 -25.72 -63.77
CA ASP H 201 -19.56 -26.10 -64.83
C ASP H 201 -19.43 -27.59 -65.17
N GLU H 202 -20.43 -28.13 -65.86
CA GLU H 202 -20.60 -29.58 -65.94
C GLU H 202 -19.52 -30.24 -66.80
N ALA H 203 -19.17 -29.63 -67.94
CA ALA H 203 -18.23 -30.26 -68.86
C ALA H 203 -16.86 -30.43 -68.23
N ILE H 204 -16.35 -29.39 -67.57
CA ILE H 204 -15.05 -29.49 -66.92
C ILE H 204 -15.12 -30.46 -65.75
N LYS H 205 -16.27 -30.52 -65.07
CA LYS H 205 -16.44 -31.51 -64.01
C LYS H 205 -16.35 -32.93 -64.55
N GLU H 206 -16.96 -33.18 -65.72
CA GLU H 206 -16.85 -34.49 -66.35
C GLU H 206 -15.41 -34.80 -66.75
N SER H 207 -14.70 -33.80 -67.25
CA SER H 207 -13.29 -33.99 -67.58
C SER H 207 -12.47 -34.35 -66.35
N VAL H 208 -12.74 -33.67 -65.22
CA VAL H 208 -12.03 -33.97 -63.98
C VAL H 208 -12.38 -35.38 -63.49
N ARG H 209 -13.65 -35.77 -63.63
CA ARG H 209 -14.03 -37.13 -63.22
C ARG H 209 -13.31 -38.17 -64.06
N PHE H 210 -13.22 -37.96 -65.38
CA PHE H 210 -12.50 -38.90 -66.23
C PHE H 210 -11.01 -38.91 -65.90
N PHE H 211 -10.45 -37.75 -65.54
CA PHE H 211 -9.05 -37.71 -65.11
C PHE H 211 -8.86 -38.51 -63.83
N ASP H 212 -9.82 -38.43 -62.91
CA ASP H 212 -9.75 -39.23 -61.69
C ASP H 212 -9.82 -40.72 -62.01
N GLU H 213 -10.72 -41.10 -62.93
CA GLU H 213 -10.85 -42.51 -63.27
C GLU H 213 -9.68 -42.99 -64.12
N THR H 214 -9.29 -42.22 -65.13
CA THR H 214 -8.19 -42.58 -66.02
C THR H 214 -7.15 -41.49 -66.03
N GLY H 215 -5.88 -41.88 -65.97
CA GLY H 215 -4.81 -40.90 -65.87
C GLY H 215 -4.75 -39.95 -67.04
N GLN H 216 -5.12 -40.42 -68.23
CA GLN H 216 -5.06 -39.58 -69.41
C GLN H 216 -6.08 -38.45 -69.32
N ALA H 217 -5.64 -37.25 -69.69
CA ALA H 217 -6.52 -36.09 -69.70
C ALA H 217 -7.36 -36.06 -70.96
N THR H 218 -8.63 -35.68 -70.81
CA THR H 218 -9.57 -35.66 -71.92
C THR H 218 -10.43 -34.41 -71.85
N TYR H 219 -11.01 -34.04 -72.99
CA TYR H 219 -11.92 -32.92 -73.11
C TYR H 219 -13.25 -33.41 -73.64
N ALA H 220 -14.35 -32.92 -73.05
CA ALA H 220 -15.68 -33.41 -73.36
C ALA H 220 -16.51 -32.29 -73.97
N VAL H 221 -17.32 -32.65 -74.96
CA VAL H 221 -18.23 -31.72 -75.63
C VAL H 221 -19.64 -32.30 -75.56
N GLN H 222 -20.61 -31.46 -75.23
CA GLN H 222 -21.98 -31.91 -75.07
C GLN H 222 -22.58 -32.33 -76.41
N THR H 223 -23.34 -33.42 -76.41
CA THR H 223 -24.01 -33.93 -77.60
C THR H 223 -25.53 -33.91 -77.48
N GLY H 224 -26.07 -34.47 -76.41
CA GLY H 224 -27.51 -34.51 -76.22
C GLY H 224 -27.86 -34.71 -74.77
N THR H 225 -29.17 -34.71 -74.50
CA THR H 225 -29.70 -34.85 -73.15
C THR H 225 -30.52 -36.14 -73.07
N THR H 226 -30.26 -36.93 -72.03
CA THR H 226 -30.96 -38.19 -71.81
C THR H 226 -31.52 -38.20 -70.38
N THR H 227 -32.78 -38.59 -70.24
CA THR H 227 -33.40 -38.65 -68.92
C THR H 227 -32.86 -39.82 -68.13
N THR H 228 -32.53 -39.56 -66.86
CA THR H 228 -32.01 -40.59 -65.96
C THR H 228 -32.72 -40.48 -64.62
N GLU H 229 -32.70 -41.59 -63.87
CA GLU H 229 -33.34 -41.65 -62.57
C GLU H 229 -32.31 -41.33 -61.49
N VAL H 230 -32.60 -40.32 -60.68
CA VAL H 230 -31.73 -39.87 -59.61
C VAL H 230 -32.52 -39.87 -58.30
N GLU H 231 -31.87 -40.35 -57.24
CA GLU H 231 -32.49 -40.44 -55.92
C GLU H 231 -32.05 -39.25 -55.07
N VAL H 232 -33.01 -38.47 -54.60
CA VAL H 232 -32.77 -37.30 -53.76
C VAL H 232 -33.26 -37.61 -52.36
N PRO H 233 -32.37 -37.83 -51.39
CA PRO H 233 -32.82 -38.12 -50.02
C PRO H 233 -33.19 -36.88 -49.24
N LEU H 234 -34.43 -36.83 -48.72
CA LEU H 234 -34.84 -35.67 -47.95
C LEU H 234 -34.18 -35.66 -46.57
N ALA H 235 -34.15 -36.80 -45.89
CA ALA H 235 -33.67 -36.86 -44.52
C ALA H 235 -32.66 -37.99 -44.35
N ASN H 236 -31.48 -37.66 -43.82
CA ASN H 236 -30.46 -38.61 -43.43
C ASN H 236 -29.80 -38.06 -42.15
N HIS H 237 -30.35 -38.47 -41.01
CA HIS H 237 -29.92 -37.92 -39.72
C HIS H 237 -30.31 -38.87 -38.59
N PRO H 238 -29.48 -38.98 -37.57
CA PRO H 238 -29.84 -39.82 -36.41
C PRO H 238 -30.93 -39.17 -35.57
N THR H 239 -31.63 -40.01 -34.82
CA THR H 239 -32.69 -39.55 -33.93
C THR H 239 -32.47 -40.15 -32.55
N VAL H 240 -32.65 -39.34 -31.52
CA VAL H 240 -32.58 -39.78 -30.13
C VAL H 240 -33.90 -39.38 -29.47
N GLU H 241 -34.46 -40.29 -28.66
CA GLU H 241 -35.75 -40.08 -28.03
C GLU H 241 -35.74 -40.68 -26.63
N MET H 242 -36.23 -39.91 -25.67
CA MET H 242 -36.42 -40.42 -24.32
C MET H 242 -37.59 -41.39 -24.30
N LEU H 243 -37.43 -42.49 -23.56
CA LEU H 243 -38.40 -43.56 -23.53
C LEU H 243 -39.12 -43.61 -22.20
N ASN H 244 -40.43 -43.82 -22.25
CA ASN H 244 -41.19 -44.08 -21.03
C ASN H 244 -40.73 -45.40 -20.42
N PRO H 245 -40.38 -45.40 -19.12
CA PRO H 245 -39.88 -46.64 -18.50
C PRO H 245 -40.85 -47.80 -18.60
N GLU H 246 -42.17 -47.53 -18.65
CA GLU H 246 -43.13 -48.61 -18.74
C GLU H 246 -43.08 -49.31 -20.09
N ASN H 247 -42.59 -48.62 -21.12
CA ASN H 247 -42.61 -49.18 -22.46
C ASN H 247 -41.53 -50.24 -22.65
N ILE H 248 -40.34 -50.00 -22.12
CA ILE H 248 -39.18 -50.86 -22.37
C ILE H 248 -39.09 -51.91 -21.27
N ILE H 249 -38.85 -53.15 -21.68
CA ILE H 249 -38.67 -54.28 -20.75
C ILE H 249 -37.27 -54.84 -20.97
N ILE H 250 -36.50 -54.97 -19.88
CA ILE H 250 -35.12 -55.39 -19.93
C ILE H 250 -34.98 -56.72 -19.20
N ASP H 251 -34.05 -57.55 -19.67
CA ASP H 251 -33.82 -58.86 -19.08
C ASP H 251 -33.48 -58.71 -17.60
N PRO H 252 -34.24 -59.36 -16.70
CA PRO H 252 -33.93 -59.23 -15.26
C PRO H 252 -32.70 -60.01 -14.83
N SER H 253 -32.23 -60.97 -15.61
CA SER H 253 -31.11 -61.82 -15.23
C SER H 253 -29.78 -61.29 -15.74
N CYS H 254 -29.68 -59.97 -15.98
CA CYS H 254 -28.43 -59.40 -16.47
C CYS H 254 -27.42 -59.17 -15.34
N GLN H 255 -27.82 -59.39 -14.08
CA GLN H 255 -26.96 -59.22 -12.92
C GLN H 255 -26.47 -57.77 -12.77
N GLY H 256 -27.36 -56.81 -13.05
CA GLY H 256 -27.08 -55.42 -12.79
C GLY H 256 -26.31 -54.69 -13.87
N ASP H 257 -26.02 -55.32 -14.99
CA ASP H 257 -25.25 -54.69 -16.07
C ASP H 257 -26.09 -54.70 -17.34
N ILE H 258 -26.22 -53.52 -17.96
CA ILE H 258 -27.02 -53.42 -19.19
C ILE H 258 -26.36 -54.16 -20.33
N ASN H 259 -25.02 -54.16 -20.36
CA ASN H 259 -24.30 -54.83 -21.44
C ASN H 259 -24.48 -56.35 -21.37
N LYS H 260 -24.68 -56.88 -20.16
CA LYS H 260 -24.83 -58.32 -20.00
C LYS H 260 -26.26 -58.77 -20.27
N ALA H 261 -27.17 -57.83 -20.55
CA ALA H 261 -28.55 -58.18 -20.83
C ALA H 261 -28.63 -59.00 -22.13
N MET H 262 -29.51 -60.00 -22.14
CA MET H 262 -29.62 -60.86 -23.31
C MET H 262 -30.58 -60.28 -24.34
N PHE H 263 -31.65 -59.63 -23.89
CA PHE H 263 -32.67 -59.10 -24.79
C PHE H 263 -33.30 -57.85 -24.21
N ALA H 264 -33.89 -57.04 -25.09
CA ALA H 264 -34.62 -55.85 -24.71
C ALA H 264 -35.78 -55.65 -25.68
N ILE H 265 -36.95 -55.31 -25.14
CA ILE H 265 -38.17 -55.17 -25.93
C ILE H 265 -38.74 -53.78 -25.68
N VAL H 266 -39.06 -53.07 -26.76
CA VAL H 266 -39.61 -51.72 -26.70
C VAL H 266 -40.84 -51.65 -27.60
N SER H 267 -41.87 -50.94 -27.14
CA SER H 267 -43.10 -50.77 -27.90
C SER H 267 -43.28 -49.30 -28.25
N PHE H 268 -43.59 -49.03 -29.51
CA PHE H 268 -43.73 -47.68 -30.01
C PHE H 268 -44.92 -47.59 -30.96
N GLU H 269 -45.36 -46.36 -31.21
CA GLU H 269 -46.47 -46.09 -32.12
C GLU H 269 -45.92 -45.70 -33.48
N THR H 270 -46.47 -46.31 -34.53
CA THR H 270 -46.02 -46.05 -35.90
C THR H 270 -47.22 -46.06 -36.84
N CYS H 271 -47.01 -45.51 -38.03
CA CYS H 271 -48.04 -45.45 -39.06
C CYS H 271 -47.55 -46.21 -40.29
N LYS H 272 -48.46 -46.39 -41.25
CA LYS H 272 -48.14 -47.15 -42.45
C LYS H 272 -47.09 -46.42 -43.29
N ALA H 273 -47.11 -45.08 -43.27
CA ALA H 273 -46.13 -44.32 -44.05
C ALA H 273 -44.72 -44.57 -43.56
N ASP H 274 -44.52 -44.67 -42.25
CA ASP H 274 -43.19 -44.94 -41.71
C ASP H 274 -42.67 -46.30 -42.18
N LEU H 275 -43.55 -47.31 -42.20
CA LEU H 275 -43.13 -48.63 -42.67
C LEU H 275 -42.87 -48.62 -44.17
N LEU H 276 -43.67 -47.85 -44.93
CA LEU H 276 -43.49 -47.79 -46.37
C LEU H 276 -42.28 -46.95 -46.78
N LYS H 277 -41.74 -46.14 -45.86
CA LYS H 277 -40.52 -45.39 -46.18
C LYS H 277 -39.40 -46.34 -46.61
N GLU H 278 -39.30 -47.50 -45.97
CA GLU H 278 -38.33 -48.53 -46.32
C GLU H 278 -39.11 -49.80 -46.63
N LYS H 279 -39.50 -49.96 -47.90
CA LYS H 279 -40.32 -51.10 -48.30
C LYS H 279 -39.55 -52.41 -48.18
N ASP H 280 -38.27 -52.41 -48.53
CA ASP H 280 -37.49 -53.65 -48.51
C ASP H 280 -37.31 -54.18 -47.11
N ARG H 281 -37.30 -53.29 -46.11
CA ARG H 281 -37.06 -53.72 -44.73
C ARG H 281 -38.20 -54.58 -44.21
N TYR H 282 -39.44 -54.22 -44.53
CA TYR H 282 -40.62 -54.84 -43.92
C TYR H 282 -41.33 -55.74 -44.92
N HIS H 283 -41.93 -56.81 -44.41
CA HIS H 283 -42.72 -57.74 -45.22
C HIS H 283 -44.07 -57.98 -44.54
N ASN H 284 -44.97 -58.64 -45.28
CA ASN H 284 -46.29 -59.01 -44.77
C ASN H 284 -47.09 -57.81 -44.27
N LEU H 285 -46.98 -56.68 -44.98
CA LEU H 285 -47.71 -55.49 -44.56
C LEU H 285 -49.21 -55.63 -44.81
N ASN H 286 -49.59 -56.38 -45.84
CA ASN H 286 -51.01 -56.50 -46.20
C ASN H 286 -51.78 -57.31 -45.16
N LYS H 287 -51.14 -58.30 -44.54
CA LYS H 287 -51.85 -59.17 -43.61
C LYS H 287 -52.23 -58.44 -42.33
N ILE H 288 -51.55 -57.34 -42.01
CA ILE H 288 -51.82 -56.63 -40.77
C ILE H 288 -53.18 -55.95 -40.84
N ASP H 289 -53.94 -56.04 -39.75
CA ASP H 289 -55.20 -55.33 -39.58
C ASP H 289 -54.97 -54.17 -38.62
N TRP H 290 -55.24 -52.95 -39.09
CA TRP H 290 -54.91 -51.76 -38.30
C TRP H 290 -55.85 -51.60 -37.11
N GLN H 291 -57.11 -52.00 -37.27
CA GLN H 291 -58.07 -51.83 -36.19
C GLN H 291 -57.74 -52.71 -34.99
N SER H 292 -57.25 -53.93 -35.24
CA SER H 292 -56.95 -54.85 -34.15
C SER H 292 -55.85 -54.30 -33.25
N SER H 293 -54.81 -53.72 -33.84
CA SER H 293 -53.69 -53.16 -33.09
C SER H 293 -53.87 -51.65 -32.96
N ALA H 294 -54.37 -51.21 -31.81
CA ALA H 294 -54.63 -49.80 -31.58
C ALA H 294 -54.18 -49.47 -30.16
N PRO H 295 -53.85 -48.20 -29.90
CA PRO H 295 -53.46 -47.82 -28.53
C PRO H 295 -54.52 -48.13 -27.49
N VAL H 296 -55.80 -47.97 -27.84
CA VAL H 296 -56.88 -48.29 -26.90
C VAL H 296 -56.97 -49.80 -26.73
N ASN H 297 -56.64 -50.57 -27.77
CA ASN H 297 -56.74 -52.02 -27.69
C ASN H 297 -55.68 -52.60 -26.77
N GLU H 298 -54.51 -51.96 -26.68
CA GLU H 298 -53.43 -52.47 -25.86
C GLU H 298 -53.32 -51.65 -24.58
N PRO H 299 -53.75 -52.16 -23.44
CA PRO H 299 -53.61 -51.38 -22.19
C PRO H 299 -52.17 -51.27 -21.71
N ASP H 300 -51.30 -52.19 -22.13
CA ASP H 300 -49.93 -52.19 -21.65
C ASP H 300 -49.18 -50.94 -22.09
N HIS H 301 -49.38 -50.53 -23.35
CA HIS H 301 -48.69 -49.35 -23.86
C HIS H 301 -49.20 -48.09 -23.16
N ALA H 302 -48.26 -47.27 -22.70
CA ALA H 302 -48.55 -46.03 -22.00
C ALA H 302 -48.22 -44.86 -22.92
N THR H 303 -49.23 -44.05 -23.21
CA THR H 303 -49.08 -42.91 -24.12
C THR H 303 -50.04 -41.81 -23.71
N THR H 304 -49.75 -40.60 -24.20
CA THR H 304 -50.59 -39.43 -23.95
C THR H 304 -51.66 -39.25 -25.02
N THR H 305 -51.69 -40.09 -26.04
CA THR H 305 -52.68 -39.97 -27.09
C THR H 305 -54.08 -40.24 -26.52
N PRO H 306 -55.07 -39.41 -26.84
CA PRO H 306 -56.43 -39.68 -26.39
C PRO H 306 -56.95 -41.01 -26.92
N GLN H 307 -57.75 -41.69 -26.11
CA GLN H 307 -58.25 -43.01 -26.47
C GLN H 307 -59.15 -42.95 -27.70
N GLU H 308 -59.99 -41.91 -27.80
CA GLU H 308 -60.97 -41.82 -28.86
C GLU H 308 -60.44 -41.16 -30.14
N PHE H 309 -59.18 -40.75 -30.15
CA PHE H 309 -58.65 -40.06 -31.33
C PHE H 309 -58.22 -41.06 -32.39
N GLN H 310 -58.74 -40.87 -33.60
CA GLN H 310 -58.39 -41.70 -34.75
C GLN H 310 -58.33 -40.82 -35.99
N ILE H 311 -57.25 -40.93 -36.75
CA ILE H 311 -57.12 -40.16 -37.98
C ILE H 311 -57.92 -40.83 -39.08
N SER H 312 -58.62 -40.02 -39.88
CA SER H 312 -59.49 -40.55 -40.92
C SER H 312 -58.70 -41.31 -41.99
N ASP H 313 -57.58 -40.75 -42.43
CA ASP H 313 -56.81 -41.36 -43.50
C ASP H 313 -56.18 -42.66 -43.03
N PRO H 314 -56.41 -43.78 -43.74
CA PRO H 314 -55.78 -45.05 -43.33
C PRO H 314 -54.26 -45.00 -43.32
N MET H 315 -53.65 -44.24 -44.22
CA MET H 315 -52.20 -44.18 -44.29
C MET H 315 -51.60 -43.54 -43.04
N ARG H 316 -52.28 -42.52 -42.50
CA ARG H 316 -51.79 -41.79 -41.34
C ARG H 316 -52.29 -42.36 -40.01
N LYS H 317 -53.02 -43.47 -40.04
CA LYS H 317 -53.47 -44.10 -38.81
C LYS H 317 -52.29 -44.67 -38.03
N ARG H 318 -52.34 -44.52 -36.71
CA ARG H 318 -51.26 -44.94 -35.83
C ARG H 318 -51.60 -46.28 -35.20
N VAL H 319 -50.64 -47.20 -35.25
CA VAL H 319 -50.79 -48.54 -34.70
C VAL H 319 -49.59 -48.85 -33.81
N VAL H 320 -49.85 -49.55 -32.71
CA VAL H 320 -48.77 -49.91 -31.78
C VAL H 320 -48.01 -51.11 -32.33
N ALA H 321 -46.68 -51.05 -32.24
CA ALA H 321 -45.81 -52.11 -32.72
C ALA H 321 -44.78 -52.44 -31.65
N TYR H 322 -44.26 -53.66 -31.72
CA TYR H 322 -43.27 -54.15 -30.78
C TYR H 322 -41.99 -54.49 -31.52
N GLU H 323 -40.86 -54.32 -30.83
CA GLU H 323 -39.54 -54.56 -31.42
C GLU H 323 -38.68 -55.30 -30.41
N TYR H 324 -37.87 -56.24 -30.93
CA TYR H 324 -37.08 -57.14 -30.09
C TYR H 324 -35.62 -57.03 -30.49
N TRP H 325 -34.78 -56.58 -29.56
CA TRP H 325 -33.34 -56.53 -29.72
C TRP H 325 -32.70 -57.54 -28.77
N GLY H 326 -31.91 -58.46 -29.32
CA GLY H 326 -31.30 -59.47 -28.48
C GLY H 326 -30.32 -60.31 -29.26
N PHE H 327 -29.75 -61.30 -28.56
CA PHE H 327 -28.78 -62.23 -29.12
C PHE H 327 -29.43 -63.59 -29.29
N TRP H 328 -29.26 -64.19 -30.47
CA TRP H 328 -29.86 -65.48 -30.78
C TRP H 328 -28.83 -66.35 -31.51
N ASP H 329 -29.01 -67.66 -31.36
CA ASP H 329 -28.18 -68.65 -32.06
C ASP H 329 -28.86 -68.97 -33.38
N ILE H 330 -28.52 -68.19 -34.42
CA ILE H 330 -29.21 -68.31 -35.69
C ILE H 330 -28.85 -69.64 -36.38
N GLU H 331 -27.58 -70.03 -36.31
CA GLU H 331 -27.11 -71.21 -37.02
C GLU H 331 -27.23 -72.50 -36.19
N GLY H 332 -27.60 -72.40 -34.91
CA GLY H 332 -27.77 -73.58 -34.10
C GLY H 332 -26.49 -74.25 -33.66
N ASN H 333 -25.33 -73.61 -33.86
CA ASN H 333 -24.04 -74.19 -33.50
C ASN H 333 -23.50 -73.65 -32.18
N GLY H 334 -24.30 -72.90 -31.42
CA GLY H 334 -23.85 -72.35 -30.16
C GLY H 334 -23.22 -70.98 -30.25
N VAL H 335 -23.41 -70.27 -31.35
CA VAL H 335 -22.84 -68.94 -31.55
C VAL H 335 -23.97 -67.92 -31.49
N LEU H 336 -23.86 -66.97 -30.58
CA LEU H 336 -24.88 -65.94 -30.40
C LEU H 336 -24.49 -64.67 -31.15
N GLU H 337 -25.41 -64.16 -31.97
CA GLU H 337 -25.19 -62.94 -32.71
C GLU H 337 -26.39 -62.02 -32.54
N PRO H 338 -26.19 -60.70 -32.56
CA PRO H 338 -27.30 -59.77 -32.35
C PRO H 338 -28.30 -59.82 -33.50
N ILE H 339 -29.57 -59.61 -33.18
CA ILE H 339 -30.66 -59.65 -34.14
C ILE H 339 -31.65 -58.54 -33.81
N VAL H 340 -32.58 -58.30 -34.73
CA VAL H 340 -33.69 -57.38 -34.52
C VAL H 340 -34.95 -58.01 -35.11
N ALA H 341 -36.06 -57.92 -34.38
CA ALA H 341 -37.33 -58.48 -34.83
C ALA H 341 -38.46 -57.51 -34.48
N THR H 342 -39.33 -57.25 -35.45
CA THR H 342 -40.46 -56.35 -35.27
C THR H 342 -41.74 -57.07 -35.66
N TRP H 343 -42.76 -56.98 -34.82
CA TRP H 343 -44.05 -57.60 -35.09
C TRP H 343 -45.17 -56.66 -34.68
N ILE H 344 -46.25 -56.66 -35.46
CA ILE H 344 -47.46 -55.89 -35.16
C ILE H 344 -48.59 -56.87 -34.92
N GLY H 345 -49.21 -56.79 -33.74
CA GLY H 345 -50.25 -57.74 -33.40
C GLY H 345 -49.67 -59.14 -33.27
N SER H 346 -50.08 -60.03 -34.18
CA SER H 346 -49.59 -61.39 -34.24
C SER H 346 -48.85 -61.69 -35.55
N THR H 347 -48.47 -60.67 -36.30
CA THR H 347 -47.79 -60.83 -37.58
C THR H 347 -46.35 -60.34 -37.46
N LEU H 348 -45.40 -61.16 -37.89
CA LEU H 348 -43.99 -60.82 -37.86
C LEU H 348 -43.64 -60.17 -39.20
N ILE H 349 -43.23 -58.90 -39.16
CA ILE H 349 -43.07 -58.13 -40.38
C ILE H 349 -41.60 -58.02 -40.77
N ARG H 350 -40.70 -57.94 -39.78
CA ARG H 350 -39.29 -57.68 -40.04
C ARG H 350 -38.44 -58.65 -39.24
N LEU H 351 -37.41 -59.19 -39.88
CA LEU H 351 -36.46 -60.09 -39.23
C LEU H 351 -35.13 -60.00 -39.96
N GLU H 352 -34.10 -59.52 -39.26
CA GLU H 352 -32.78 -59.36 -39.83
C GLU H 352 -31.76 -59.19 -38.71
N LYS H 353 -30.49 -59.06 -39.11
CA LYS H 353 -29.42 -58.88 -38.14
C LYS H 353 -29.36 -57.43 -37.67
N ASN H 354 -28.47 -57.18 -36.72
CA ASN H 354 -28.32 -55.85 -36.17
C ASN H 354 -27.65 -54.94 -37.22
N PRO H 355 -28.31 -53.85 -37.64
CA PRO H 355 -27.70 -53.01 -38.67
C PRO H 355 -26.58 -52.11 -38.15
N TYR H 356 -26.66 -51.66 -36.91
CA TYR H 356 -25.70 -50.70 -36.41
C TYR H 356 -24.33 -51.35 -36.20
N PRO H 357 -23.25 -50.62 -36.49
CA PRO H 357 -21.91 -51.23 -36.44
C PRO H 357 -21.47 -51.63 -35.04
N ASP H 358 -21.91 -50.91 -34.00
CA ASP H 358 -21.41 -51.17 -32.66
C ASP H 358 -21.81 -52.56 -32.18
N GLY H 359 -22.93 -53.08 -32.65
CA GLY H 359 -23.37 -54.40 -32.28
C GLY H 359 -23.98 -54.52 -30.91
N LYS H 360 -24.41 -53.41 -30.30
CA LYS H 360 -25.01 -53.42 -28.98
C LYS H 360 -26.44 -52.90 -29.06
N LEU H 361 -27.20 -53.15 -28.01
CA LEU H 361 -28.55 -52.65 -27.94
C LEU H 361 -28.53 -51.12 -27.87
N PRO H 362 -29.34 -50.43 -28.68
CA PRO H 362 -29.30 -48.96 -28.72
C PRO H 362 -30.07 -48.33 -27.55
N PHE H 363 -29.65 -48.65 -26.34
CA PHE H 363 -30.26 -48.11 -25.13
C PHE H 363 -29.17 -47.69 -24.16
N VAL H 364 -29.38 -46.55 -23.51
CA VAL H 364 -28.46 -46.00 -22.52
C VAL H 364 -29.23 -45.71 -21.25
N LEU H 365 -28.72 -46.18 -20.11
CA LEU H 365 -29.37 -45.99 -18.82
C LEU H 365 -28.48 -45.12 -17.93
N ILE H 366 -29.10 -44.15 -17.26
CA ILE H 366 -28.41 -43.24 -16.37
C ILE H 366 -29.18 -43.19 -15.06
N PRO H 367 -28.60 -43.63 -13.94
CA PRO H 367 -29.33 -43.62 -12.67
C PRO H 367 -29.10 -42.33 -11.88
N TYR H 368 -30.17 -41.81 -11.27
CA TYR H 368 -30.04 -40.61 -10.45
C TYR H 368 -29.22 -40.88 -9.20
N MET H 369 -29.56 -41.93 -8.46
CA MET H 369 -28.82 -42.36 -7.28
C MET H 369 -28.57 -43.86 -7.42
N PRO H 370 -27.35 -44.28 -7.72
CA PRO H 370 -27.10 -45.71 -7.99
C PRO H 370 -27.37 -46.58 -6.78
N VAL H 371 -27.86 -47.79 -7.07
CA VAL H 371 -28.01 -48.85 -6.08
C VAL H 371 -27.01 -49.93 -6.42
N LYS H 372 -26.22 -50.34 -5.44
CA LYS H 372 -25.13 -51.27 -5.69
C LYS H 372 -25.65 -52.59 -6.25
N ARG H 373 -25.01 -53.05 -7.33
CA ARG H 373 -25.39 -54.29 -8.01
C ARG H 373 -26.85 -54.25 -8.47
N ASP H 374 -27.26 -53.11 -9.04
CA ASP H 374 -28.61 -52.95 -9.55
C ASP H 374 -28.61 -51.92 -10.68
N MET H 375 -29.48 -52.14 -11.66
CA MET H 375 -29.57 -51.23 -12.80
C MET H 375 -30.21 -49.90 -12.41
N TYR H 376 -31.34 -49.95 -11.70
CA TYR H 376 -32.16 -48.76 -11.53
C TYR H 376 -31.62 -47.88 -10.40
N GLY H 377 -32.14 -46.65 -10.37
CA GLY H 377 -31.75 -45.70 -9.35
C GLY H 377 -32.95 -45.25 -8.55
N GLU H 378 -32.68 -44.41 -7.55
CA GLU H 378 -33.75 -43.96 -6.67
C GLU H 378 -33.82 -42.44 -6.60
N PRO H 379 -35.02 -41.87 -6.62
CA PRO H 379 -35.17 -40.42 -6.46
C PRO H 379 -35.16 -40.03 -4.98
N ASP H 380 -35.37 -38.74 -4.74
CA ASP H 380 -35.37 -38.21 -3.39
C ASP H 380 -36.72 -38.37 -2.69
N ALA H 381 -37.76 -38.76 -3.42
CA ALA H 381 -39.08 -38.87 -2.81
C ALA H 381 -39.12 -39.95 -1.74
N GLU H 382 -38.31 -41.00 -1.89
CA GLU H 382 -38.29 -42.08 -0.91
C GLU H 382 -37.94 -41.57 0.48
N LEU H 383 -36.99 -40.63 0.56
CA LEU H 383 -36.56 -40.14 1.86
C LEU H 383 -37.50 -39.06 2.38
N LEU H 384 -38.25 -38.40 1.50
CA LEU H 384 -38.96 -37.19 1.85
C LEU H 384 -40.47 -37.37 1.95
N GLY H 385 -41.02 -38.55 1.62
CA GLY H 385 -42.45 -38.74 1.73
C GLY H 385 -42.98 -38.54 3.14
N ASP H 386 -42.28 -39.12 4.12
CA ASP H 386 -42.71 -38.98 5.52
C ASP H 386 -42.66 -37.53 5.98
N ASN H 387 -41.58 -36.82 5.66
CA ASN H 387 -41.47 -35.42 6.04
C ASN H 387 -42.56 -34.58 5.38
N GLN H 388 -42.86 -34.86 4.10
CA GLN H 388 -43.93 -34.16 3.42
C GLN H 388 -45.27 -34.39 4.11
N ALA H 389 -45.54 -35.64 4.48
CA ALA H 389 -46.80 -35.94 5.16
C ALA H 389 -46.91 -35.22 6.50
N VAL H 390 -45.84 -35.24 7.29
CA VAL H 390 -45.87 -34.57 8.59
C VAL H 390 -46.04 -33.07 8.44
N LEU H 391 -45.32 -32.46 7.49
CA LEU H 391 -45.44 -31.02 7.27
C LEU H 391 -46.85 -30.65 6.82
N GLY H 392 -47.43 -31.45 5.92
CA GLY H 392 -48.79 -31.20 5.50
C GLY H 392 -49.78 -31.31 6.64
N ALA H 393 -49.59 -32.30 7.51
CA ALA H 393 -50.48 -32.44 8.67
C ALA H 393 -50.38 -31.24 9.59
N VAL H 394 -49.15 -30.77 9.85
CA VAL H 394 -48.97 -29.61 10.73
C VAL H 394 -49.63 -28.36 10.12
N MET H 395 -49.42 -28.16 8.82
CA MET H 395 -49.99 -26.99 8.16
C MET H 395 -51.52 -27.06 8.18
N ARG H 396 -52.09 -28.23 7.93
CA ARG H 396 -53.53 -28.40 8.01
C ARG H 396 -54.05 -28.11 9.40
N GLY H 397 -53.33 -28.56 10.43
CA GLY H 397 -53.74 -28.26 11.80
C GLY H 397 -53.76 -26.77 12.07
N MET H 398 -52.71 -26.06 11.64
CA MET H 398 -52.67 -24.61 11.85
C MET H 398 -53.82 -23.91 11.13
N ILE H 399 -54.06 -24.29 9.87
CA ILE H 399 -55.09 -23.62 9.09
C ILE H 399 -56.48 -23.91 9.65
N ASP H 400 -56.71 -25.14 10.10
CA ASP H 400 -57.98 -25.46 10.75
C ASP H 400 -58.15 -24.66 12.03
N LEU H 401 -57.08 -24.54 12.83
CA LEU H 401 -57.15 -23.76 14.05
C LEU H 401 -57.56 -22.33 13.78
N LEU H 402 -56.96 -21.72 12.75
CA LEU H 402 -57.33 -20.33 12.44
C LEU H 402 -58.74 -20.24 11.85
N GLY H 403 -59.07 -21.14 10.92
CA GLY H 403 -60.33 -21.02 10.21
C GLY H 403 -61.56 -21.27 11.08
N ARG H 404 -61.47 -22.26 11.97
CA ARG H 404 -62.68 -22.65 12.71
C ARG H 404 -63.01 -21.65 13.81
N SER H 405 -62.08 -20.76 14.15
CA SER H 405 -62.33 -19.78 15.18
C SER H 405 -63.30 -18.70 14.69
N ALA H 406 -64.03 -18.11 15.63
CA ALA H 406 -64.95 -17.03 15.30
C ALA H 406 -64.22 -15.69 15.35
N ASN H 407 -64.37 -14.90 14.28
CA ASN H 407 -63.69 -13.62 14.17
C ASN H 407 -64.69 -12.54 13.75
N GLY H 408 -64.59 -11.37 14.38
CA GLY H 408 -65.44 -10.25 14.06
C GLY H 408 -66.74 -10.17 14.83
N GLN H 409 -67.08 -11.20 15.61
CA GLN H 409 -68.32 -11.17 16.36
C GLN H 409 -68.19 -10.31 17.61
N ARG H 410 -69.31 -9.79 18.08
CA ARG H 410 -69.37 -8.95 19.27
C ARG H 410 -70.43 -9.49 20.22
N GLY H 411 -70.07 -9.64 21.48
CA GLY H 411 -70.99 -10.11 22.51
C GLY H 411 -71.19 -9.04 23.58
N MET H 412 -72.45 -8.80 23.92
CA MET H 412 -72.81 -7.79 24.89
C MET H 412 -73.59 -8.41 26.04
N PRO H 413 -73.24 -8.11 27.29
CA PRO H 413 -73.98 -8.69 28.42
C PRO H 413 -75.41 -8.16 28.49
N LYS H 414 -76.30 -8.98 29.04
CA LYS H 414 -77.69 -8.58 29.20
C LYS H 414 -77.84 -7.62 30.37
N GLY H 415 -78.65 -6.58 30.15
CA GLY H 415 -78.97 -5.62 31.19
C GLY H 415 -78.01 -4.46 31.32
N MET H 416 -76.90 -4.46 30.59
CA MET H 416 -75.98 -3.33 30.67
C MET H 416 -76.57 -2.08 30.03
N LEU H 417 -77.22 -2.24 28.88
CA LEU H 417 -77.83 -1.13 28.15
C LEU H 417 -79.31 -1.42 27.92
N ASP H 418 -80.14 -0.42 28.18
CA ASP H 418 -81.56 -0.54 27.85
C ASP H 418 -81.76 -0.38 26.34
N ALA H 419 -83.03 -0.34 25.93
CA ALA H 419 -83.34 -0.37 24.51
C ALA H 419 -82.76 0.84 23.77
N LEU H 420 -83.04 2.05 24.26
CA LEU H 420 -82.61 3.26 23.56
C LEU H 420 -81.09 3.36 23.51
N ASN H 421 -80.43 3.10 24.63
CA ASN H 421 -78.97 3.18 24.66
C ASN H 421 -78.34 2.10 23.78
N SER H 422 -78.95 0.90 23.76
CA SER H 422 -78.44 -0.16 22.89
C SER H 422 -78.56 0.24 21.42
N ARG H 423 -79.71 0.82 21.04
CA ARG H 423 -79.86 1.28 19.67
C ARG H 423 -78.85 2.37 19.34
N ARG H 424 -78.64 3.32 20.27
CA ARG H 424 -77.66 4.37 20.04
C ARG H 424 -76.27 3.81 19.87
N TYR H 425 -75.91 2.81 20.67
CA TYR H 425 -74.62 2.15 20.52
C TYR H 425 -74.51 1.45 19.17
N ARG H 426 -75.58 0.78 18.74
CA ARG H 426 -75.53 0.04 17.49
C ARG H 426 -75.39 0.96 16.28
N GLU H 427 -76.09 2.11 16.30
CA GLU H 427 -75.99 3.04 15.17
C GLU H 427 -74.60 3.63 15.07
N GLY H 428 -73.95 3.89 16.20
CA GLY H 428 -72.61 4.45 16.17
C GLY H 428 -72.47 5.81 16.78
N GLU H 429 -73.24 6.10 17.83
CA GLU H 429 -73.19 7.37 18.53
C GLU H 429 -73.00 7.13 20.01
N ASP H 430 -72.87 8.22 20.76
CA ASP H 430 -72.60 8.15 22.18
C ASP H 430 -73.77 7.53 22.93
N TYR H 431 -73.47 6.88 24.05
CA TYR H 431 -74.46 6.15 24.83
C TYR H 431 -74.19 6.35 26.31
N GLU H 432 -75.06 5.78 27.14
CA GLU H 432 -74.90 5.78 28.59
C GLU H 432 -75.19 4.38 29.12
N TYR H 433 -74.31 3.88 29.97
CA TYR H 433 -74.39 2.52 30.47
C TYR H 433 -74.61 2.50 31.98
N ASN H 434 -75.09 1.36 32.47
CA ASN H 434 -75.27 1.18 33.90
C ASN H 434 -73.92 1.04 34.58
N PRO H 435 -73.67 1.75 35.69
CA PRO H 435 -72.34 1.72 36.31
C PRO H 435 -71.94 0.35 36.84
N THR H 436 -72.90 -0.55 37.04
CA THR H 436 -72.58 -1.86 37.62
C THR H 436 -71.65 -2.66 36.71
N GLN H 437 -71.86 -2.59 35.40
CA GLN H 437 -71.06 -3.34 34.44
C GLN H 437 -70.19 -2.37 33.64
N ASN H 438 -68.96 -2.79 33.35
CA ASN H 438 -67.99 -1.95 32.66
C ASN H 438 -67.89 -2.37 31.20
N PRO H 439 -68.32 -1.55 30.25
CA PRO H 439 -68.27 -1.96 28.84
C PRO H 439 -66.87 -2.30 28.35
N ALA H 440 -65.83 -1.73 28.95
CA ALA H 440 -64.47 -1.95 28.47
C ALA H 440 -64.07 -3.41 28.60
N GLN H 441 -64.54 -4.08 29.66
CA GLN H 441 -64.20 -5.49 29.86
C GLN H 441 -65.34 -6.39 29.39
N MET H 442 -66.58 -5.95 29.57
CA MET H 442 -67.72 -6.80 29.26
C MET H 442 -67.89 -6.99 27.76
N ILE H 443 -67.73 -5.93 26.98
CA ILE H 443 -67.85 -6.04 25.53
C ILE H 443 -66.65 -6.79 24.99
N ILE H 444 -66.90 -7.86 24.23
CA ILE H 444 -65.86 -8.76 23.74
C ILE H 444 -65.86 -8.75 22.23
N GLU H 445 -64.69 -8.53 21.63
CA GLU H 445 -64.48 -8.65 20.20
C GLU H 445 -63.57 -9.84 19.95
N HIS H 446 -64.10 -10.86 19.29
CA HIS H 446 -63.37 -12.10 19.10
C HIS H 446 -62.25 -11.93 18.08
N LYS H 447 -61.17 -12.69 18.27
CA LYS H 447 -59.98 -12.57 17.45
C LYS H 447 -59.43 -13.96 17.14
N PHE H 448 -58.41 -13.98 16.29
CA PHE H 448 -57.75 -15.24 15.95
C PHE H 448 -57.01 -15.78 17.17
N PRO H 449 -57.02 -17.09 17.39
CA PRO H 449 -56.22 -17.65 18.50
C PRO H 449 -54.73 -17.57 18.19
N GLU H 450 -53.93 -17.59 19.26
CA GLU H 450 -52.48 -17.51 19.09
C GLU H 450 -51.91 -18.87 18.70
N LEU H 451 -51.03 -18.86 17.70
CA LEU H 451 -50.45 -20.10 17.22
C LEU H 451 -49.43 -20.65 18.21
N PRO H 452 -49.48 -21.94 18.51
CA PRO H 452 -48.47 -22.53 19.39
C PRO H 452 -47.11 -22.61 18.70
N GLN H 453 -46.06 -22.63 19.52
CA GLN H 453 -44.70 -22.69 18.99
C GLN H 453 -44.35 -24.10 18.50
N SER H 454 -45.09 -25.11 18.96
CA SER H 454 -44.77 -26.49 18.59
C SER H 454 -44.90 -26.73 17.10
N ALA H 455 -45.95 -26.16 16.48
CA ALA H 455 -46.15 -26.35 15.05
C ALA H 455 -45.00 -25.77 14.24
N LEU H 456 -44.59 -24.54 14.57
CA LEU H 456 -43.48 -23.92 13.86
C LEU H 456 -42.18 -24.69 14.09
N THR H 457 -41.94 -25.12 15.33
CA THR H 457 -40.73 -25.88 15.64
C THR H 457 -40.68 -27.18 14.85
N MET H 458 -41.80 -27.90 14.78
CA MET H 458 -41.80 -29.17 14.07
C MET H 458 -41.70 -28.97 12.57
N ALA H 459 -42.32 -27.91 12.04
CA ALA H 459 -42.16 -27.60 10.61
C ALA H 459 -40.69 -27.31 10.30
N THR H 460 -40.02 -26.54 11.16
CA THR H 460 -38.60 -26.27 10.96
C THR H 460 -37.78 -27.55 11.05
N LEU H 461 -38.11 -28.44 11.99
CA LEU H 461 -37.39 -29.70 12.11
C LEU H 461 -37.54 -30.56 10.87
N GLN H 462 -38.76 -30.66 10.33
CA GLN H 462 -38.98 -31.44 9.12
C GLN H 462 -38.23 -30.83 7.94
N ASN H 463 -38.26 -29.50 7.81
CA ASN H 463 -37.52 -28.86 6.71
C ASN H 463 -36.03 -29.11 6.83
N GLN H 464 -35.48 -29.01 8.05
CA GLN H 464 -34.06 -29.24 8.24
C GLN H 464 -33.70 -30.69 7.95
N GLU H 465 -34.54 -31.64 8.38
CA GLU H 465 -34.27 -33.05 8.09
C GLU H 465 -34.28 -33.31 6.59
N ALA H 466 -35.25 -32.72 5.88
CA ALA H 466 -35.32 -32.90 4.43
C ALA H 466 -34.09 -32.31 3.76
N GLU H 467 -33.67 -31.11 4.17
CA GLU H 467 -32.49 -30.49 3.56
C GLU H 467 -31.23 -31.28 3.86
N SER H 468 -31.14 -31.88 5.05
CA SER H 468 -29.98 -32.69 5.38
C SER H 468 -29.95 -33.96 4.55
N LEU H 469 -31.07 -34.68 4.48
CA LEU H 469 -31.10 -35.92 3.71
C LEU H 469 -30.85 -35.66 2.22
N THR H 470 -31.53 -34.68 1.65
CA THR H 470 -31.38 -34.41 0.22
C THR H 470 -30.06 -33.73 -0.08
N GLY H 471 -29.61 -32.83 0.81
CA GLY H 471 -28.42 -32.04 0.55
C GLY H 471 -28.64 -30.83 -0.31
N VAL H 472 -29.90 -30.40 -0.50
CA VAL H 472 -30.23 -29.26 -1.33
C VAL H 472 -30.85 -28.18 -0.45
N LYS H 473 -30.34 -26.96 -0.55
CA LYS H 473 -30.87 -25.81 0.17
C LYS H 473 -31.64 -24.92 -0.80
N ALA H 474 -32.49 -24.07 -0.25
CA ALA H 474 -33.39 -23.27 -1.08
C ALA H 474 -32.61 -22.32 -1.99
N PHE H 475 -31.89 -21.36 -1.40
CA PHE H 475 -31.27 -20.29 -2.16
C PHE H 475 -29.75 -20.39 -2.19
N ALA H 476 -29.20 -21.61 -2.19
CA ALA H 476 -27.76 -21.81 -2.22
C ALA H 476 -27.41 -22.92 -3.20
N GLY H 477 -26.17 -22.86 -3.69
CA GLY H 477 -25.65 -23.91 -4.55
C GLY H 477 -25.99 -23.70 -6.02
N GLY H 478 -25.77 -24.77 -6.78
CA GLY H 478 -26.06 -24.77 -8.20
C GLY H 478 -24.92 -24.35 -9.10
N VAL H 479 -23.79 -23.93 -8.55
CA VAL H 479 -22.67 -23.41 -9.33
C VAL H 479 -21.65 -24.50 -9.66
N THR H 480 -22.04 -25.77 -9.57
CA THR H 480 -21.09 -26.84 -9.85
C THR H 480 -20.78 -26.93 -11.34
N GLY H 481 -21.71 -26.46 -12.19
CA GLY H 481 -21.50 -26.56 -13.62
C GLY H 481 -20.33 -25.75 -14.13
N GLU H 482 -20.05 -24.61 -13.48
CA GLU H 482 -18.94 -23.77 -13.91
C GLU H 482 -17.59 -24.43 -13.65
N SER H 483 -17.57 -25.43 -12.77
CA SER H 483 -16.33 -26.10 -12.38
C SER H 483 -16.20 -27.48 -13.00
N TYR H 484 -17.01 -27.80 -14.02
CA TYR H 484 -16.92 -29.12 -14.66
C TYR H 484 -15.59 -29.27 -15.39
N GLY H 485 -15.11 -28.19 -15.98
CA GLY H 485 -13.87 -28.27 -16.75
C GLY H 485 -12.71 -28.75 -15.89
N ASP H 486 -11.95 -29.71 -16.43
CA ASP H 486 -10.83 -30.26 -15.66
C ASP H 486 -9.73 -29.22 -15.47
N VAL H 487 -9.09 -28.80 -16.55
CA VAL H 487 -8.06 -27.77 -16.44
C VAL H 487 -8.67 -26.45 -16.03
N ALA H 488 -9.95 -26.24 -16.36
CA ALA H 488 -10.61 -24.97 -16.06
C ALA H 488 -10.65 -24.71 -14.55
N ALA H 489 -11.34 -25.58 -13.82
CA ALA H 489 -11.48 -25.36 -12.38
C ALA H 489 -11.22 -26.58 -11.52
N GLY H 490 -11.02 -27.77 -12.11
CA GLY H 490 -10.71 -28.93 -11.28
C GLY H 490 -9.37 -28.80 -10.59
N ILE H 491 -8.42 -28.12 -11.24
CA ILE H 491 -7.11 -27.89 -10.63
C ILE H 491 -7.23 -26.80 -9.57
N ARG H 492 -6.86 -27.15 -8.33
CA ARG H 492 -6.91 -26.22 -7.20
C ARG H 492 -8.29 -25.59 -7.06
N GLY H 493 -9.32 -26.41 -7.23
CA GLY H 493 -10.68 -25.94 -7.09
C GLY H 493 -11.34 -26.42 -5.81
N VAL H 494 -11.75 -25.49 -4.97
CA VAL H 494 -12.34 -25.80 -3.67
C VAL H 494 -13.83 -25.49 -3.73
N LEU H 495 -14.65 -26.48 -3.41
CA LEU H 495 -16.10 -26.34 -3.37
C LEU H 495 -16.63 -26.94 -2.07
N ASP H 496 -17.76 -26.43 -1.62
CA ASP H 496 -18.37 -26.90 -0.39
C ASP H 496 -18.84 -28.35 -0.55
N ALA H 497 -19.19 -28.97 0.58
CA ALA H 497 -19.55 -30.37 0.58
C ALA H 497 -20.81 -30.64 -0.25
N ALA H 498 -21.74 -29.69 -0.28
CA ALA H 498 -22.99 -29.91 -1.00
C ALA H 498 -22.79 -29.88 -2.51
N SER H 499 -21.69 -29.29 -2.98
CA SER H 499 -21.48 -29.16 -4.42
C SER H 499 -21.04 -30.48 -5.04
N LYS H 500 -20.39 -31.35 -4.27
CA LYS H 500 -19.77 -32.53 -4.85
C LYS H 500 -20.81 -33.58 -5.24
N ARG H 501 -21.94 -33.65 -4.52
CA ARG H 501 -23.00 -34.56 -4.91
C ARG H 501 -23.59 -34.16 -6.26
N GLU H 502 -23.83 -32.86 -6.44
CA GLU H 502 -24.29 -32.36 -7.73
C GLU H 502 -23.23 -32.61 -8.82
N MET H 503 -21.96 -32.47 -8.46
CA MET H 503 -20.89 -32.78 -9.40
C MET H 503 -20.94 -34.24 -9.84
N ALA H 504 -21.17 -35.15 -8.89
CA ALA H 504 -21.27 -36.56 -9.24
C ALA H 504 -22.46 -36.83 -10.15
N ILE H 505 -23.60 -36.21 -9.86
CA ILE H 505 -24.77 -36.39 -10.74
C ILE H 505 -24.48 -35.85 -12.14
N LEU H 506 -23.80 -34.71 -12.22
CA LEU H 506 -23.45 -34.15 -13.52
C LEU H 506 -22.51 -35.07 -14.29
N ARG H 507 -21.55 -35.67 -13.61
CA ARG H 507 -20.66 -36.64 -14.27
C ARG H 507 -21.43 -37.85 -14.74
N ARG H 508 -22.40 -38.32 -13.95
CA ARG H 508 -23.23 -39.45 -14.38
C ARG H 508 -24.00 -39.11 -15.65
N LEU H 509 -24.56 -37.90 -15.72
CA LEU H 509 -25.26 -37.48 -16.94
C LEU H 509 -24.30 -37.36 -18.12
N ALA H 510 -23.10 -36.82 -17.87
CA ALA H 510 -22.14 -36.63 -18.95
C ALA H 510 -21.66 -37.96 -19.52
N LYS H 511 -21.60 -39.00 -18.68
CA LYS H 511 -21.24 -40.32 -19.19
C LYS H 511 -22.25 -40.82 -20.22
N GLY H 512 -23.55 -40.68 -19.92
CA GLY H 512 -24.56 -41.05 -20.89
C GLY H 512 -24.53 -40.20 -22.14
N MET H 513 -24.25 -38.90 -21.97
CA MET H 513 -24.12 -38.04 -23.15
C MET H 513 -22.95 -38.49 -24.03
N SER H 514 -21.83 -38.86 -23.42
CA SER H 514 -20.69 -39.34 -24.18
C SER H 514 -21.01 -40.65 -24.88
N GLU H 515 -21.74 -41.55 -24.22
CA GLU H 515 -22.15 -42.80 -24.86
C GLU H 515 -23.03 -42.53 -26.08
N ILE H 516 -23.98 -41.61 -25.95
CA ILE H 516 -24.85 -41.26 -27.07
C ILE H 516 -24.02 -40.68 -28.22
N GLY H 517 -23.09 -39.79 -27.90
CA GLY H 517 -22.23 -39.23 -28.93
C GLY H 517 -21.40 -40.27 -29.65
N ASN H 518 -20.84 -41.23 -28.89
CA ASN H 518 -20.06 -42.29 -29.50
C ASN H 518 -20.91 -43.15 -30.42
N LYS H 519 -22.12 -43.51 -29.99
CA LYS H 519 -23.01 -44.30 -30.84
C LYS H 519 -23.33 -43.56 -32.13
N ILE H 520 -23.64 -42.26 -32.02
CA ILE H 520 -24.02 -41.49 -33.20
C ILE H 520 -22.83 -41.32 -34.14
N ILE H 521 -21.63 -41.15 -33.59
CA ILE H 521 -20.43 -41.08 -34.42
C ILE H 521 -20.22 -42.40 -35.16
N ALA H 522 -20.40 -43.52 -34.46
CA ALA H 522 -20.25 -44.83 -35.11
C ALA H 522 -21.25 -44.99 -36.24
N MET H 523 -22.49 -44.56 -36.03
CA MET H 523 -23.49 -44.67 -37.09
C MET H 523 -23.18 -43.74 -38.26
N ASN H 524 -22.71 -42.52 -37.99
CA ASN H 524 -22.35 -41.61 -39.08
C ASN H 524 -21.17 -42.14 -39.87
N ALA H 525 -20.29 -42.92 -39.23
CA ALA H 525 -19.13 -43.45 -39.92
C ALA H 525 -19.53 -44.35 -41.08
N VAL H 526 -20.73 -44.92 -41.02
CA VAL H 526 -21.18 -45.83 -42.08
C VAL H 526 -22.23 -45.17 -42.95
N PHE H 527 -23.26 -44.59 -42.33
CA PHE H 527 -24.45 -44.20 -43.09
C PHE H 527 -24.19 -42.98 -43.97
N LEU H 528 -23.47 -41.98 -43.44
CA LEU H 528 -23.24 -40.75 -44.19
C LEU H 528 -22.29 -41.00 -45.36
N ALA H 529 -22.58 -40.35 -46.49
CA ALA H 529 -21.76 -40.47 -47.68
C ALA H 529 -20.65 -39.43 -47.67
N GLU H 530 -19.75 -39.54 -48.64
CA GLU H 530 -18.60 -38.63 -48.71
C GLU H 530 -19.03 -37.21 -49.03
N HIS H 531 -19.94 -37.05 -50.01
CA HIS H 531 -20.29 -35.71 -50.46
C HIS H 531 -21.01 -34.92 -49.37
N GLU H 532 -21.83 -35.60 -48.57
CA GLU H 532 -22.51 -34.92 -47.47
C GLU H 532 -21.51 -34.38 -46.45
N VAL H 533 -20.52 -35.19 -46.07
CA VAL H 533 -19.53 -34.75 -45.10
C VAL H 533 -18.68 -33.63 -45.69
N VAL H 534 -18.35 -33.72 -46.98
CA VAL H 534 -17.61 -32.64 -47.63
C VAL H 534 -18.42 -31.35 -47.62
N ARG H 535 -19.72 -31.45 -47.86
CA ARG H 535 -20.57 -30.26 -47.83
C ARG H 535 -20.62 -29.65 -46.44
N ILE H 536 -20.75 -30.50 -45.41
CA ILE H 536 -20.86 -29.98 -44.04
C ILE H 536 -19.56 -29.35 -43.58
N THR H 537 -18.43 -30.02 -43.80
CA THR H 537 -17.15 -29.55 -43.26
C THR H 537 -16.32 -28.75 -44.24
N ASN H 538 -16.48 -28.99 -45.55
CA ASN H 538 -15.71 -28.30 -46.58
C ASN H 538 -14.20 -28.52 -46.42
N GLU H 539 -13.82 -29.78 -46.25
CA GLU H 539 -12.42 -30.18 -46.19
C GLU H 539 -12.30 -31.57 -46.81
N GLU H 540 -11.05 -32.02 -46.96
CA GLU H 540 -10.82 -33.33 -47.54
C GLU H 540 -11.39 -34.43 -46.64
N PHE H 541 -11.92 -35.47 -47.26
CA PHE H 541 -12.58 -36.53 -46.51
C PHE H 541 -11.56 -37.48 -45.89
N VAL H 542 -11.88 -37.99 -44.70
CA VAL H 542 -11.07 -38.98 -44.01
C VAL H 542 -11.89 -40.27 -43.92
N THR H 543 -11.23 -41.39 -44.19
CA THR H 543 -11.90 -42.69 -44.26
C THR H 543 -11.58 -43.50 -43.02
N ILE H 544 -12.61 -44.12 -42.44
CA ILE H 544 -12.47 -45.01 -41.29
C ILE H 544 -12.78 -46.43 -41.75
N LYS H 545 -11.82 -47.34 -41.54
CA LYS H 545 -12.01 -48.72 -41.96
C LYS H 545 -13.10 -49.40 -41.15
N ARG H 546 -13.81 -50.32 -41.80
CA ARG H 546 -14.93 -50.99 -41.15
C ARG H 546 -14.49 -51.91 -40.03
N GLU H 547 -13.27 -52.44 -40.11
CA GLU H 547 -12.77 -53.32 -39.05
C GLU H 547 -12.54 -52.54 -37.76
N ASP H 548 -12.10 -51.29 -37.87
CA ASP H 548 -11.78 -50.50 -36.69
C ASP H 548 -13.03 -49.91 -36.05
N LEU H 549 -14.20 -50.10 -36.66
CA LEU H 549 -15.42 -49.51 -36.13
C LEU H 549 -15.84 -50.14 -34.82
N LYS H 550 -15.58 -51.44 -34.65
CA LYS H 550 -16.02 -52.14 -33.45
C LYS H 550 -15.35 -51.58 -32.20
N GLY H 551 -14.05 -51.31 -32.27
CA GLY H 551 -13.30 -50.78 -31.15
C GLY H 551 -13.02 -49.30 -31.36
N ASN H 552 -13.49 -48.48 -30.42
CA ASN H 552 -13.38 -47.03 -30.55
C ASN H 552 -11.95 -46.60 -30.29
N PHE H 553 -11.16 -46.50 -31.36
CA PHE H 553 -9.83 -45.90 -31.29
C PHE H 553 -9.90 -44.48 -31.82
N ASP H 554 -8.83 -43.73 -31.59
CA ASP H 554 -8.48 -42.46 -32.23
C ASP H 554 -9.37 -41.31 -31.79
N LEU H 555 -10.40 -41.55 -30.97
CA LEU H 555 -11.35 -40.50 -30.63
C LEU H 555 -11.72 -40.58 -29.16
N GLU H 556 -12.05 -39.42 -28.59
CA GLU H 556 -12.58 -39.32 -27.25
C GLU H 556 -13.62 -38.21 -27.23
N VAL H 557 -14.80 -38.51 -26.69
CA VAL H 557 -15.94 -37.60 -26.72
C VAL H 557 -16.25 -37.15 -25.31
N ASP H 558 -16.41 -35.84 -25.12
CA ASP H 558 -16.75 -35.27 -23.82
C ASP H 558 -17.53 -33.99 -24.03
N ILE H 559 -18.29 -33.60 -23.01
CA ILE H 559 -19.08 -32.38 -23.08
C ILE H 559 -18.17 -31.17 -23.06
N SER H 560 -18.46 -30.20 -23.91
CA SER H 560 -17.68 -28.97 -24.02
C SER H 560 -18.38 -27.84 -23.28
N THR H 561 -17.60 -27.08 -22.51
CA THR H 561 -18.12 -25.94 -21.76
C THR H 561 -17.30 -24.70 -22.11
N ALA H 562 -17.84 -23.54 -21.73
CA ALA H 562 -17.19 -22.27 -22.07
C ALA H 562 -15.82 -22.13 -21.41
N GLU H 563 -15.74 -22.50 -20.13
CA GLU H 563 -14.48 -22.33 -19.40
C GLU H 563 -13.40 -23.27 -19.89
N VAL H 564 -13.77 -24.42 -20.45
CA VAL H 564 -12.78 -25.33 -21.01
C VAL H 564 -12.04 -24.68 -22.16
N ASP H 565 -12.76 -24.00 -23.05
CA ASP H 565 -12.11 -23.32 -24.17
C ASP H 565 -11.18 -22.22 -23.69
N ASN H 566 -11.61 -21.45 -22.69
CA ASN H 566 -10.75 -20.39 -22.16
C ASN H 566 -9.48 -20.96 -21.54
N GLN H 567 -9.60 -22.04 -20.76
CA GLN H 567 -8.43 -22.62 -20.14
C GLN H 567 -7.49 -23.24 -21.18
N LYS H 568 -8.06 -23.84 -22.23
CA LYS H 568 -7.23 -24.36 -23.31
C LYS H 568 -6.50 -23.23 -24.02
N SER H 569 -7.17 -22.09 -24.21
CA SER H 569 -6.51 -20.93 -24.80
C SER H 569 -5.36 -20.44 -23.92
N GLN H 570 -5.58 -20.39 -22.60
CA GLN H 570 -4.51 -19.97 -21.70
C GLN H 570 -3.34 -20.95 -21.74
N ASP H 571 -3.64 -22.25 -21.79
CA ASP H 571 -2.57 -23.25 -21.88
C ASP H 571 -1.79 -23.12 -23.17
N LEU H 572 -2.48 -22.87 -24.29
CA LEU H 572 -1.80 -22.68 -25.56
C LEU H 572 -0.94 -21.43 -25.53
N GLY H 573 -1.43 -20.36 -24.92
CA GLY H 573 -0.63 -19.16 -24.77
C GLY H 573 0.61 -19.39 -23.92
N PHE H 574 0.46 -20.15 -22.83
CA PHE H 574 1.61 -20.49 -21.99
C PHE H 574 2.63 -21.32 -22.78
N MET H 575 2.15 -22.28 -23.57
CA MET H 575 3.07 -23.08 -24.38
C MET H 575 3.78 -22.23 -25.41
N LEU H 576 3.07 -21.29 -26.03
CA LEU H 576 3.68 -20.38 -27.00
C LEU H 576 4.73 -19.49 -26.34
N GLN H 577 4.44 -19.02 -25.12
CA GLN H 577 5.41 -18.19 -24.40
C GLN H 577 6.64 -18.97 -24.02
N THR H 578 6.47 -20.21 -23.53
CA THR H 578 7.61 -21.01 -23.10
C THR H 578 8.52 -21.35 -24.28
N ILE H 579 7.94 -21.77 -25.40
CA ILE H 579 8.75 -22.10 -26.56
C ILE H 579 9.16 -20.83 -27.28
N GLY H 580 10.39 -20.79 -27.77
CA GLY H 580 10.88 -19.67 -28.53
C GLY H 580 10.09 -19.45 -29.81
N PRO H 581 9.62 -18.22 -30.02
CA PRO H 581 8.86 -17.94 -31.25
C PRO H 581 9.67 -18.14 -32.52
N ASN H 582 10.99 -17.96 -32.46
CA ASN H 582 11.81 -18.04 -33.66
C ASN H 582 12.34 -19.45 -33.91
N VAL H 583 12.07 -20.40 -33.03
CA VAL H 583 12.58 -21.76 -33.21
C VAL H 583 11.97 -22.39 -34.46
N ASP H 584 10.64 -22.32 -34.59
CA ASP H 584 9.96 -22.89 -35.74
C ASP H 584 8.73 -22.06 -36.06
N GLN H 585 8.60 -21.67 -37.34
CA GLN H 585 7.45 -20.87 -37.75
C GLN H 585 6.19 -21.71 -37.86
N GLN H 586 6.35 -22.98 -38.27
CA GLN H 586 5.19 -23.85 -38.45
C GLN H 586 4.49 -24.10 -37.12
N ILE H 587 5.26 -24.34 -36.06
CA ILE H 587 4.66 -24.59 -34.75
C ILE H 587 3.90 -23.38 -34.27
N THR H 588 4.48 -22.19 -34.43
CA THR H 588 3.81 -20.96 -34.01
C THR H 588 2.53 -20.73 -34.80
N LEU H 589 2.58 -20.94 -36.12
CA LEU H 589 1.39 -20.75 -36.94
C LEU H 589 0.29 -21.74 -36.55
N ASN H 590 0.66 -22.99 -36.31
CA ASN H 590 -0.34 -23.96 -35.84
C ASN H 590 -0.95 -23.52 -34.51
N ILE H 591 -0.11 -23.23 -33.52
CA ILE H 591 -0.61 -22.85 -32.21
C ILE H 591 -1.57 -21.67 -32.34
N LEU H 592 -1.20 -20.68 -33.16
CA LEU H 592 -2.11 -19.57 -33.42
C LEU H 592 -3.41 -20.06 -34.06
N ALA H 593 -3.34 -21.12 -34.87
CA ALA H 593 -4.55 -21.62 -35.51
C ALA H 593 -5.53 -22.19 -34.49
N GLU H 594 -5.06 -23.07 -33.60
CA GLU H 594 -5.97 -23.56 -32.57
C GLU H 594 -6.39 -22.48 -31.57
N ILE H 595 -5.53 -21.47 -31.35
CA ILE H 595 -5.97 -20.36 -30.50
C ILE H 595 -7.12 -19.61 -31.14
N ALA H 596 -7.03 -19.37 -32.46
CA ALA H 596 -8.09 -18.65 -33.16
C ALA H 596 -9.36 -19.49 -33.26
N ASP H 597 -9.21 -20.80 -33.41
CA ASP H 597 -10.38 -21.68 -33.51
C ASP H 597 -11.21 -21.64 -32.23
N LEU H 598 -10.56 -21.62 -31.07
CA LEU H 598 -11.30 -21.62 -29.80
C LEU H 598 -12.04 -20.30 -29.61
N LYS H 599 -11.63 -19.25 -30.32
CA LYS H 599 -12.28 -17.95 -30.23
C LYS H 599 -13.35 -17.76 -31.30
N ARG H 600 -13.65 -18.79 -32.08
CA ARG H 600 -14.62 -18.74 -33.18
C ARG H 600 -14.25 -17.73 -34.26
N MET H 601 -13.06 -17.86 -34.85
CA MET H 601 -12.67 -17.06 -36.01
C MET H 601 -12.19 -18.01 -37.09
N PRO H 602 -13.08 -18.73 -37.77
CA PRO H 602 -12.61 -19.72 -38.76
C PRO H 602 -11.78 -19.10 -39.88
N LYS H 603 -12.12 -17.90 -40.34
CA LYS H 603 -11.37 -17.28 -41.42
C LYS H 603 -9.94 -16.97 -40.99
N LEU H 604 -9.76 -16.43 -39.79
CA LEU H 604 -8.42 -16.12 -39.30
C LEU H 604 -7.59 -17.39 -39.13
N ALA H 605 -8.20 -18.45 -38.58
CA ALA H 605 -7.48 -19.71 -38.41
C ALA H 605 -7.08 -20.30 -39.76
N HIS H 606 -7.99 -20.28 -40.73
CA HIS H 606 -7.66 -20.80 -42.05
C HIS H 606 -6.56 -19.99 -42.71
N ASP H 607 -6.59 -18.67 -42.56
CA ASP H 607 -5.54 -17.83 -43.14
C ASP H 607 -4.19 -18.12 -42.48
N LEU H 608 -4.18 -18.29 -41.16
CA LEU H 608 -2.93 -18.60 -40.47
C LEU H 608 -2.39 -19.97 -40.87
N ARG H 609 -3.27 -20.96 -41.02
CA ARG H 609 -2.83 -22.31 -41.38
C ARG H 609 -2.18 -22.33 -42.75
N THR H 610 -2.85 -21.78 -43.74
CA THR H 610 -2.35 -21.74 -45.12
C THR H 610 -1.63 -20.43 -45.42
N TRP H 611 -0.59 -20.14 -44.65
CA TRP H 611 0.17 -18.90 -44.79
C TRP H 611 1.56 -19.22 -45.32
N GLN H 612 1.94 -18.58 -46.42
CA GLN H 612 3.24 -18.76 -47.02
C GLN H 612 3.92 -17.39 -47.16
N PRO H 613 5.14 -17.22 -46.63
CA PRO H 613 5.82 -15.93 -46.77
C PRO H 613 6.10 -15.59 -48.22
N GLN H 614 5.99 -14.31 -48.55
CA GLN H 614 6.24 -13.83 -49.90
C GLN H 614 7.67 -13.33 -50.03
N PRO H 615 8.45 -13.87 -50.97
CA PRO H 615 9.85 -13.47 -51.08
C PRO H 615 10.00 -12.03 -51.57
N ASP H 616 11.11 -11.41 -51.15
CA ASP H 616 11.48 -10.08 -51.61
C ASP H 616 12.67 -10.20 -52.56
N PRO H 617 12.51 -9.88 -53.84
CA PRO H 617 13.60 -10.14 -54.81
C PRO H 617 14.90 -9.41 -54.49
N VAL H 618 14.81 -8.19 -53.93
CA VAL H 618 16.02 -7.38 -53.74
C VAL H 618 16.92 -8.00 -52.68
N GLN H 619 16.32 -8.63 -51.67
CA GLN H 619 17.11 -9.17 -50.56
C GLN H 619 18.00 -10.32 -51.03
N GLU H 620 17.47 -11.20 -51.89
CA GLU H 620 18.27 -12.30 -52.41
C GLU H 620 19.45 -11.79 -53.22
N GLN H 621 19.22 -10.78 -54.07
CA GLN H 621 20.31 -10.20 -54.84
C GLN H 621 21.35 -9.56 -53.93
N LEU H 622 20.90 -8.87 -52.88
CA LEU H 622 21.84 -8.27 -51.94
C LEU H 622 22.69 -9.33 -51.23
N LYS H 623 22.06 -10.44 -50.83
CA LYS H 623 22.81 -11.53 -50.22
C LYS H 623 23.83 -12.11 -51.18
N GLN H 624 23.44 -12.30 -52.45
CA GLN H 624 24.37 -12.82 -53.44
C GLN H 624 25.55 -11.87 -53.64
N LEU H 625 25.28 -10.57 -53.69
CA LEU H 625 26.35 -9.59 -53.84
C LEU H 625 27.29 -9.60 -52.63
N ALA H 626 26.72 -9.74 -51.43
CA ALA H 626 27.55 -9.82 -50.22
C ALA H 626 28.46 -11.04 -50.26
N VAL H 627 27.91 -12.19 -50.67
CA VAL H 627 28.73 -13.39 -50.79
C VAL H 627 29.84 -13.20 -51.83
N GLU H 628 29.51 -12.56 -52.95
CA GLU H 628 30.52 -12.31 -53.98
C GLU H 628 31.64 -11.41 -53.46
N LYS H 629 31.27 -10.36 -52.71
CA LYS H 629 32.28 -9.49 -52.13
C LYS H 629 33.16 -10.24 -51.14
N ALA H 630 32.56 -11.08 -50.31
CA ALA H 630 33.33 -11.87 -49.36
C ALA H 630 34.31 -12.79 -50.08
N GLN H 631 33.88 -13.37 -51.21
CA GLN H 631 34.78 -14.21 -52.00
C GLN H 631 35.92 -13.38 -52.60
N LEU H 632 35.61 -12.17 -53.08
CA LEU H 632 36.62 -11.38 -53.78
C LEU H 632 37.66 -10.81 -52.83
N GLU H 633 37.30 -10.63 -51.56
CA GLU H 633 38.26 -10.10 -50.58
C GLU H 633 39.47 -11.04 -50.45
N ASN H 634 39.23 -12.36 -50.43
CA ASN H 634 40.33 -13.31 -50.33
C ASN H 634 41.26 -13.22 -51.55
N GLU H 635 40.68 -13.07 -52.74
CA GLU H 635 41.51 -12.92 -53.94
C GLU H 635 42.33 -11.65 -53.87
N GLU H 636 41.75 -10.56 -53.36
CA GLU H 636 42.50 -9.32 -53.19
C GLU H 636 43.68 -9.52 -52.23
N LEU H 637 43.45 -10.24 -51.13
CA LEU H 637 44.52 -10.54 -50.19
C LEU H 637 45.63 -11.36 -50.86
N ARG H 638 45.25 -12.36 -51.64
CA ARG H 638 46.23 -13.17 -52.35
C ARG H 638 47.05 -12.33 -53.32
N SER H 639 46.40 -11.42 -54.04
CA SER H 639 47.13 -10.53 -54.95
C SER H 639 48.11 -9.66 -54.18
N LYS H 640 47.70 -9.14 -53.02
CA LYS H 640 48.61 -8.35 -52.20
C LYS H 640 49.83 -9.17 -51.77
N ILE H 641 49.61 -10.42 -51.36
CA ILE H 641 50.72 -11.29 -50.96
C ILE H 641 51.66 -11.50 -52.12
N ARG H 642 51.12 -11.77 -53.31
CA ARG H 642 51.96 -12.00 -54.48
C ARG H 642 52.79 -10.75 -54.81
N LEU H 643 52.18 -9.57 -54.75
CA LEU H 643 52.91 -8.35 -55.02
C LEU H 643 54.04 -8.13 -54.01
N ASN H 644 53.76 -8.38 -52.73
CA ASN H 644 54.79 -8.22 -51.71
C ASN H 644 55.95 -9.19 -51.96
N ASP H 645 55.64 -10.44 -52.31
CA ASP H 645 56.68 -11.41 -52.60
C ASP H 645 57.54 -10.96 -53.78
N ALA H 646 56.89 -10.47 -54.84
CA ALA H 646 57.64 -10.01 -56.01
C ALA H 646 58.56 -8.85 -55.65
N GLN H 647 58.07 -7.90 -54.85
CA GLN H 647 58.91 -6.79 -54.44
C GLN H 647 60.09 -7.26 -53.61
N ALA H 648 59.86 -8.25 -52.72
CA ALA H 648 60.96 -8.78 -51.92
C ALA H 648 62.03 -9.42 -52.79
N GLN H 649 61.61 -10.21 -53.80
CA GLN H 649 62.59 -10.83 -54.69
C GLN H 649 63.35 -9.78 -55.49
N LYS H 650 62.66 -8.72 -55.95
CA LYS H 650 63.36 -7.67 -56.67
C LYS H 650 64.39 -6.98 -55.78
N ALA H 651 64.04 -6.71 -54.52
CA ALA H 651 64.99 -6.10 -53.60
C ALA H 651 66.20 -7.01 -53.36
N MET H 652 65.96 -8.32 -53.26
CA MET H 652 67.08 -9.25 -53.12
C MET H 652 67.99 -9.20 -54.34
N ALA H 653 67.40 -9.10 -55.55
CA ALA H 653 68.21 -9.00 -56.76
C ALA H 653 69.07 -7.74 -56.75
N GLU H 654 68.49 -6.61 -56.34
CA GLU H 654 69.27 -5.38 -56.24
C GLU H 654 70.40 -5.52 -55.22
N ARG H 655 70.12 -6.19 -54.10
CA ARG H 655 71.17 -6.41 -53.11
C ARG H 655 72.31 -7.23 -53.69
N ASP H 656 71.98 -8.29 -54.44
CA ASP H 656 73.03 -9.11 -55.05
C ASP H 656 73.86 -8.31 -56.05
N ASN H 657 73.20 -7.47 -56.85
CA ASN H 657 73.93 -6.63 -57.80
C ASN H 657 74.86 -5.67 -57.08
N LYS H 658 74.38 -5.04 -56.00
CA LYS H 658 75.22 -4.12 -55.24
C LYS H 658 76.39 -4.84 -54.58
N ASN H 659 76.17 -6.07 -54.10
CA ASN H 659 77.27 -6.84 -53.52
C ASN H 659 78.32 -7.17 -54.56
N LEU H 660 77.89 -7.54 -55.77
CA LEU H 660 78.85 -7.79 -56.85
C LEU H 660 79.64 -6.52 -57.18
N ASP H 661 78.94 -5.38 -57.23
CA ASP H 661 79.63 -4.12 -57.49
C ASP H 661 80.66 -3.81 -56.42
N TYR H 662 80.31 -4.04 -55.15
CA TYR H 662 81.25 -3.84 -54.06
C TYR H 662 82.47 -4.74 -54.19
N LEU H 663 82.24 -6.02 -54.50
CA LEU H 663 83.36 -6.95 -54.63
C LEU H 663 84.27 -6.55 -55.78
N GLU H 664 83.70 -6.13 -56.91
CA GLU H 664 84.51 -5.70 -58.05
C GLU H 664 85.28 -4.44 -57.73
N GLN H 665 84.65 -3.48 -57.03
CA GLN H 665 85.31 -2.21 -56.76
C GLN H 665 86.43 -2.37 -55.73
N GLU H 666 86.27 -3.31 -54.79
CA GLU H 666 87.30 -3.51 -53.77
C GLU H 666 88.64 -3.90 -54.40
N SER H 667 88.62 -4.79 -55.39
CA SER H 667 89.82 -5.17 -56.10
C SER H 667 90.07 -4.19 -57.24
N GLY H 668 91.04 -4.51 -58.09
CA GLY H 668 91.39 -3.70 -59.25
C GLY H 668 90.77 -4.13 -60.55
N THR H 669 89.69 -4.91 -60.52
CA THR H 669 89.11 -5.44 -61.74
C THR H 669 88.61 -4.32 -62.66
N LYS H 670 87.96 -3.31 -62.10
CA LYS H 670 87.46 -2.21 -62.91
C LYS H 670 88.61 -1.45 -63.57
N HIS H 671 89.68 -1.20 -62.82
CA HIS H 671 90.87 -0.58 -63.40
C HIS H 671 91.56 -1.51 -64.38
N ALA H 672 91.60 -2.81 -64.08
CA ALA H 672 92.26 -3.76 -64.97
C ALA H 672 91.58 -3.83 -66.32
N ARG H 673 90.24 -3.78 -66.34
CA ARG H 673 89.52 -3.83 -67.61
C ARG H 673 89.81 -2.61 -68.47
N ASP H 674 89.85 -1.42 -67.85
CA ASP H 674 90.19 -0.21 -68.59
C ASP H 674 91.62 -0.28 -69.12
N LEU H 675 92.55 -0.78 -68.30
CA LEU H 675 93.92 -0.94 -68.76
C LEU H 675 93.99 -1.91 -69.94
N GLU H 676 93.23 -3.01 -69.88
CA GLU H 676 93.19 -3.97 -70.97
C GLU H 676 92.62 -3.34 -72.24
N LYS H 677 91.58 -2.52 -72.10
CA LYS H 677 91.03 -1.83 -73.26
C LYS H 677 92.06 -0.90 -73.89
N MET H 678 92.77 -0.13 -73.07
CA MET H 678 93.79 0.77 -73.59
C MET H 678 94.91 -0.01 -74.27
N LYS H 679 95.35 -1.11 -73.66
CA LYS H 679 96.40 -1.92 -74.27
C LYS H 679 95.93 -2.55 -75.58
N ALA H 680 94.67 -2.98 -75.64
CA ALA H 680 94.12 -3.53 -76.88
C ALA H 680 94.08 -2.48 -77.97
N GLN H 681 93.68 -1.25 -77.63
CA GLN H 681 93.68 -0.16 -78.61
C GLN H 681 95.09 0.11 -79.11
N SER H 682 96.06 0.15 -78.20
CA SER H 682 97.44 0.38 -78.60
C SER H 682 97.96 -0.74 -79.50
N GLN H 683 97.62 -1.99 -79.16
CA GLN H 683 98.06 -3.13 -79.97
C GLN H 683 97.40 -3.10 -81.35
N GLY H 684 96.13 -2.70 -81.42
CA GLY H 684 95.47 -2.56 -82.70
C GLY H 684 96.11 -1.47 -83.56
N ASN H 685 96.46 -0.35 -82.94
CA ASN H 685 97.17 0.70 -83.68
C ASN H 685 98.52 0.22 -84.17
N GLN H 686 99.25 -0.52 -83.34
CA GLN H 686 100.55 -1.05 -83.75
C GLN H 686 100.40 -2.04 -84.90
N GLN H 687 99.37 -2.90 -84.84
CA GLN H 687 99.13 -3.86 -85.92
C GLN H 687 98.76 -3.14 -87.21
N LEU H 688 97.94 -2.09 -87.12
CA LEU H 688 97.61 -1.31 -88.30
C LEU H 688 98.84 -0.66 -88.90
N GLU H 689 99.73 -0.13 -88.06
CA GLU H 689 100.97 0.45 -88.55
C GLU H 689 101.85 -0.61 -89.22
N ILE H 690 101.93 -1.81 -88.63
CA ILE H 690 102.76 -2.87 -89.19
C ILE H 690 102.23 -3.31 -90.54
N THR H 691 100.91 -3.51 -90.65
CA THR H 691 100.33 -3.99 -91.90
C THR H 691 100.51 -2.99 -93.03
N LYS H 692 100.34 -1.69 -92.74
CA LYS H 692 100.49 -0.67 -93.76
C LYS H 692 101.96 -0.48 -94.13
N LYS I 19 -10.30 -89.22 -15.61
CA LYS I 19 -9.17 -88.41 -15.18
C LYS I 19 -8.96 -87.25 -16.13
N LEU I 20 -9.26 -86.04 -15.65
CA LEU I 20 -9.20 -84.86 -16.51
C LEU I 20 -7.76 -84.49 -16.86
N THR I 21 -6.83 -84.68 -15.93
CA THR I 21 -5.45 -84.26 -16.10
C THR I 21 -4.52 -85.46 -15.99
N SER I 22 -3.25 -85.21 -16.30
CA SER I 22 -2.21 -86.22 -16.23
C SER I 22 -1.37 -86.14 -14.96
N TRP I 23 -1.80 -85.34 -13.98
CA TRP I 23 -1.05 -85.18 -12.75
C TRP I 23 -0.99 -86.49 -11.98
N LYS I 24 0.11 -86.71 -11.27
CA LYS I 24 0.27 -87.93 -10.49
C LYS I 24 -0.78 -88.01 -9.39
N ASN I 25 -1.03 -86.90 -8.70
CA ASN I 25 -2.05 -86.81 -7.66
C ASN I 25 -3.11 -85.82 -8.10
N GLU I 26 -4.36 -86.26 -8.13
CA GLU I 26 -5.46 -85.43 -8.59
C GLU I 26 -6.39 -85.10 -7.43
N LEU I 27 -6.88 -83.85 -7.43
CA LEU I 27 -7.64 -83.34 -6.29
C LEU I 27 -8.95 -84.08 -6.08
N SER I 28 -9.68 -84.39 -7.17
CA SER I 28 -11.02 -84.98 -7.12
C SER I 28 -12.04 -84.06 -6.46
N LEU I 29 -13.33 -84.27 -6.77
CA LEU I 29 -14.36 -83.32 -6.34
C LEU I 29 -14.63 -83.41 -4.85
N GLN I 30 -14.42 -84.59 -4.26
CA GLN I 30 -14.73 -84.78 -2.84
C GLN I 30 -13.87 -83.88 -1.97
N ALA I 31 -12.60 -83.71 -2.32
CA ALA I 31 -11.70 -82.87 -1.54
C ALA I 31 -12.18 -81.42 -1.54
N LEU I 32 -12.56 -80.90 -2.70
CA LEU I 32 -13.06 -79.53 -2.80
C LEU I 32 -14.35 -79.37 -2.03
N LYS I 33 -15.26 -80.34 -2.15
CA LYS I 33 -16.51 -80.25 -1.40
C LYS I 33 -16.26 -80.28 0.10
N ALA I 34 -15.33 -81.11 0.57
CA ALA I 34 -15.00 -81.14 1.98
C ALA I 34 -14.40 -79.82 2.45
N ASP I 35 -13.51 -79.24 1.64
CA ASP I 35 -12.93 -77.94 2.01
C ASP I 35 -14.00 -76.86 2.08
N LEU I 36 -14.92 -76.86 1.11
CA LEU I 36 -16.01 -75.87 1.14
C LEU I 36 -16.90 -76.07 2.37
N ASP I 37 -17.22 -77.31 2.70
CA ASP I 37 -18.06 -77.58 3.86
C ASP I 37 -17.36 -77.16 5.15
N ALA I 38 -16.04 -77.37 5.22
CA ALA I 38 -15.28 -76.94 6.40
C ALA I 38 -15.25 -75.42 6.51
N ALA I 39 -15.07 -74.73 5.39
CA ALA I 39 -14.91 -73.28 5.45
C ALA I 39 -16.26 -72.57 5.59
N LYS I 40 -17.36 -73.26 5.31
CA LYS I 40 -18.68 -72.63 5.34
C LYS I 40 -19.07 -72.08 6.71
N PRO I 41 -18.86 -72.78 7.84
CA PRO I 41 -19.36 -72.25 9.12
C PRO I 41 -18.87 -70.84 9.47
N SER I 42 -17.61 -70.53 9.20
CA SER I 42 -17.10 -69.20 9.53
C SER I 42 -17.76 -68.12 8.67
N HIS I 43 -17.89 -68.38 7.37
CA HIS I 43 -18.55 -67.43 6.49
C HIS I 43 -20.01 -67.22 6.87
N THR I 44 -20.70 -68.30 7.25
CA THR I 44 -22.10 -68.19 7.65
C THR I 44 -22.24 -67.32 8.88
N ALA I 45 -21.35 -67.49 9.87
CA ALA I 45 -21.40 -66.66 11.06
C ALA I 45 -21.05 -65.21 10.74
N MET I 46 -20.10 -65.00 9.83
CA MET I 46 -19.68 -63.65 9.47
C MET I 46 -20.79 -62.87 8.77
N MET I 47 -21.52 -63.54 7.88
CA MET I 47 -22.54 -62.88 7.08
C MET I 47 -23.65 -62.26 7.92
N ILE I 48 -23.82 -62.75 9.14
CA ILE I 48 -24.86 -62.21 10.03
C ILE I 48 -24.57 -60.75 10.35
N LYS I 49 -23.30 -60.42 10.60
CA LYS I 49 -22.94 -59.03 10.90
C LYS I 49 -23.23 -58.12 9.72
N VAL I 50 -22.89 -58.56 8.50
CA VAL I 50 -23.15 -57.76 7.32
C VAL I 50 -24.65 -57.57 7.13
N LYS I 51 -25.43 -58.63 7.34
CA LYS I 51 -26.88 -58.52 7.23
C LYS I 51 -27.45 -57.54 8.25
N GLU I 52 -26.94 -57.59 9.50
CA GLU I 52 -27.40 -56.66 10.52
C GLU I 52 -27.06 -55.22 10.15
N TRP I 53 -25.84 -54.99 9.65
CA TRP I 53 -25.45 -53.64 9.24
C TRP I 53 -26.33 -53.12 8.11
N ASN I 54 -26.61 -53.98 7.12
CA ASN I 54 -27.47 -53.56 6.02
C ASN I 54 -28.89 -53.29 6.50
N ASP I 55 -29.39 -54.09 7.43
CA ASP I 55 -30.73 -53.86 7.98
C ASP I 55 -30.78 -52.54 8.75
N LEU I 56 -29.72 -52.23 9.50
CA LEU I 56 -29.65 -50.94 10.18
C LEU I 56 -29.64 -49.79 9.17
N MET I 57 -28.88 -49.94 8.09
CA MET I 57 -28.81 -48.89 7.07
C MET I 57 -30.17 -48.68 6.40
N ARG I 58 -30.86 -49.76 6.07
CA ARG I 58 -32.09 -49.70 5.31
C ARG I 58 -33.34 -49.69 6.18
N ILE I 59 -33.19 -49.70 7.51
CA ILE I 59 -34.31 -49.71 8.46
C ILE I 59 -35.21 -50.91 8.16
N GLU I 60 -34.68 -52.11 8.41
CA GLU I 60 -35.43 -53.34 8.25
C GLU I 60 -35.09 -54.29 9.40
N GLY I 61 -35.88 -55.34 9.53
CA GLY I 61 -35.61 -56.32 10.58
C GLY I 61 -35.79 -55.74 11.96
N LYS I 62 -34.73 -55.84 12.77
CA LYS I 62 -34.80 -55.36 14.15
C LYS I 62 -34.89 -53.85 14.20
N ALA I 63 -34.37 -53.16 13.17
CA ALA I 63 -34.38 -51.71 13.18
C ALA I 63 -35.78 -51.14 12.98
N LYS I 64 -36.69 -51.94 12.44
CA LYS I 64 -38.04 -51.45 12.17
C LYS I 64 -38.76 -51.17 13.48
N PRO I 65 -39.40 -50.01 13.62
CA PRO I 65 -40.13 -49.69 14.86
C PRO I 65 -41.35 -50.58 15.02
N PRO I 66 -41.80 -50.79 16.26
CA PRO I 66 -43.00 -51.60 16.46
C PRO I 66 -44.24 -50.90 15.90
N LYS I 67 -45.21 -51.72 15.49
CA LYS I 67 -46.42 -51.24 14.85
C LYS I 67 -47.52 -51.11 15.89
N VAL I 68 -48.07 -49.91 16.03
CA VAL I 68 -49.13 -49.62 16.99
C VAL I 68 -50.28 -48.92 16.26
N LYS I 69 -51.51 -49.25 16.67
CA LYS I 69 -52.68 -48.69 16.01
C LYS I 69 -52.76 -47.18 16.18
N GLY I 70 -52.58 -46.68 17.40
CA GLY I 70 -52.75 -45.28 17.69
C GLY I 70 -51.51 -44.45 17.82
N ARG I 71 -50.36 -44.95 17.38
CA ARG I 71 -49.10 -44.23 17.54
C ARG I 71 -48.29 -44.31 16.25
N SER I 72 -47.31 -43.41 16.15
CA SER I 72 -46.54 -43.26 14.93
C SER I 72 -45.48 -44.35 14.80
N GLN I 73 -45.01 -44.53 13.57
CA GLN I 73 -44.01 -45.56 13.22
C GLN I 73 -42.91 -44.96 12.36
N VAL I 74 -42.39 -43.81 12.77
CA VAL I 74 -41.43 -43.05 11.98
C VAL I 74 -40.04 -43.21 12.60
N GLN I 75 -39.01 -43.24 11.77
CA GLN I 75 -37.65 -43.32 12.24
C GLN I 75 -36.72 -42.56 11.31
N PRO I 76 -36.06 -41.51 11.79
CA PRO I 76 -35.08 -40.81 10.95
C PRO I 76 -33.87 -41.68 10.64
N LYS I 77 -33.26 -41.41 9.50
CA LYS I 77 -32.14 -42.20 8.99
C LYS I 77 -30.84 -41.44 9.22
N LEU I 78 -30.10 -41.89 10.24
CA LEU I 78 -28.82 -41.27 10.57
C LEU I 78 -27.67 -41.92 9.81
N VAL I 79 -27.56 -43.24 9.90
CA VAL I 79 -26.49 -43.96 9.20
C VAL I 79 -26.58 -43.74 7.71
N ARG I 80 -27.82 -43.66 7.19
CA ARG I 80 -28.01 -43.41 5.77
C ARG I 80 -27.33 -42.11 5.34
N ARG I 81 -27.57 -41.02 6.08
CA ARG I 81 -26.99 -39.74 5.70
C ARG I 81 -25.47 -39.72 5.92
N GLN I 82 -25.01 -40.35 7.01
CA GLN I 82 -23.57 -40.44 7.23
C GLN I 82 -22.89 -41.16 6.09
N ALA I 83 -23.56 -42.14 5.49
CA ALA I 83 -23.02 -42.78 4.29
C ALA I 83 -23.20 -41.90 3.05
N GLU I 84 -24.28 -41.13 3.00
CA GLU I 84 -24.57 -40.31 1.82
C GLU I 84 -23.53 -39.24 1.58
N TRP I 85 -23.07 -38.54 2.62
CA TRP I 85 -21.98 -37.60 2.34
C TRP I 85 -20.67 -38.31 2.04
N ARG I 86 -20.42 -39.46 2.67
CA ARG I 86 -19.17 -40.16 2.44
C ARG I 86 -19.07 -40.67 1.00
N TYR I 87 -20.19 -41.12 0.43
CA TYR I 87 -20.17 -41.60 -0.95
C TYR I 87 -19.63 -40.52 -1.89
N SER I 88 -20.20 -39.32 -1.83
CA SER I 88 -19.77 -38.26 -2.73
C SER I 88 -18.40 -37.72 -2.35
N ALA I 89 -18.03 -37.84 -1.08
CA ALA I 89 -16.69 -37.43 -0.67
C ALA I 89 -15.63 -38.33 -1.29
N LEU I 90 -15.92 -39.64 -1.38
CA LEU I 90 -14.89 -40.58 -1.82
C LEU I 90 -14.90 -40.78 -3.33
N THR I 91 -16.08 -40.73 -3.95
CA THR I 91 -16.18 -41.05 -5.37
C THR I 91 -15.46 -40.04 -6.25
N GLU I 92 -15.51 -38.77 -5.88
CA GLU I 92 -15.05 -37.70 -6.78
C GLU I 92 -13.58 -37.81 -7.16
N PRO I 93 -12.64 -38.13 -6.26
CA PRO I 93 -11.23 -38.18 -6.69
C PRO I 93 -10.95 -39.10 -7.87
N PHE I 94 -11.70 -40.20 -8.01
CA PHE I 94 -11.46 -41.17 -9.07
C PHE I 94 -12.12 -40.77 -10.40
N LEU I 95 -12.87 -39.67 -10.42
CA LEU I 95 -13.56 -39.28 -11.66
C LEU I 95 -13.23 -37.87 -12.12
N GLY I 96 -12.25 -37.18 -11.53
CA GLY I 96 -11.99 -35.80 -11.88
C GLY I 96 -11.32 -35.61 -13.22
N SER I 97 -10.61 -36.62 -13.72
CA SER I 97 -9.83 -36.48 -14.94
C SER I 97 -10.20 -37.57 -15.94
N ASN I 98 -9.88 -37.32 -17.20
CA ASN I 98 -10.18 -38.29 -18.26
C ASN I 98 -9.30 -39.53 -18.12
N LYS I 99 -8.10 -39.38 -17.58
CA LYS I 99 -7.18 -40.48 -17.39
C LYS I 99 -7.33 -41.02 -15.97
N LEU I 100 -7.48 -42.33 -15.84
CA LEU I 100 -7.67 -42.94 -14.53
C LEU I 100 -6.36 -43.41 -13.90
N PHE I 101 -5.43 -43.93 -14.69
CA PHE I 101 -4.22 -44.54 -14.17
C PHE I 101 -3.00 -43.73 -14.60
N LYS I 102 -1.98 -43.72 -13.73
CA LYS I 102 -0.71 -43.05 -14.00
C LYS I 102 0.41 -44.06 -13.81
N VAL I 103 1.21 -44.27 -14.84
CA VAL I 103 2.33 -45.20 -14.81
C VAL I 103 3.61 -44.38 -14.94
N THR I 104 4.56 -44.61 -14.02
CA THR I 104 5.79 -43.85 -14.01
C THR I 104 7.00 -44.79 -14.05
N PRO I 105 8.07 -44.38 -14.74
CA PRO I 105 9.24 -45.26 -14.83
C PRO I 105 9.99 -45.34 -13.50
N VAL I 106 10.65 -46.47 -13.26
CA VAL I 106 11.51 -46.60 -12.10
C VAL I 106 12.95 -46.25 -12.45
N THR I 107 13.40 -46.67 -13.63
CA THR I 107 14.73 -46.38 -14.13
C THR I 107 14.61 -45.60 -15.43
N TRP I 108 15.75 -45.35 -16.08
CA TRP I 108 15.76 -44.46 -17.24
C TRP I 108 15.37 -45.20 -18.53
N GLU I 109 15.39 -46.53 -18.51
CA GLU I 109 14.98 -47.27 -19.71
C GLU I 109 13.47 -47.44 -19.78
N ASP I 110 12.76 -47.14 -18.68
CA ASP I 110 11.38 -47.57 -18.53
C ASP I 110 10.37 -46.58 -19.10
N VAL I 111 10.82 -45.48 -19.70
CA VAL I 111 9.90 -44.43 -20.13
C VAL I 111 8.95 -44.95 -21.21
N GLN I 112 9.50 -45.64 -22.21
CA GLN I 112 8.67 -46.12 -23.31
C GLN I 112 7.69 -47.18 -22.84
N GLY I 113 8.14 -48.11 -21.99
CA GLY I 113 7.25 -49.12 -21.46
C GLY I 113 6.14 -48.52 -20.63
N ALA I 114 6.47 -47.54 -19.77
CA ALA I 114 5.46 -46.89 -18.96
C ALA I 114 4.45 -46.16 -19.83
N ARG I 115 4.92 -45.46 -20.86
CA ARG I 115 4.00 -44.75 -21.76
C ARG I 115 3.06 -45.72 -22.46
N GLN I 116 3.60 -46.82 -23.00
CA GLN I 116 2.75 -47.78 -23.70
C GLN I 116 1.73 -48.41 -22.75
N ASN I 117 2.18 -48.81 -21.55
CA ASN I 117 1.27 -49.44 -20.61
C ASN I 117 0.18 -48.47 -20.17
N GLU I 118 0.54 -47.20 -19.92
CA GLU I 118 -0.46 -46.21 -19.56
C GLU I 118 -1.47 -46.01 -20.68
N LEU I 119 -0.99 -45.91 -21.92
CA LEU I 119 -1.91 -45.73 -23.05
C LEU I 119 -2.88 -46.90 -23.17
N VAL I 120 -2.36 -48.13 -23.12
CA VAL I 120 -3.21 -49.30 -23.28
C VAL I 120 -4.20 -49.41 -22.13
N LEU I 121 -3.75 -49.19 -20.90
CA LEU I 121 -4.64 -49.30 -19.74
C LEU I 121 -5.74 -48.24 -19.79
N ASN I 122 -5.37 -47.00 -20.11
CA ASN I 122 -6.38 -45.94 -20.21
C ASN I 122 -7.38 -46.23 -21.31
N TYR I 123 -6.90 -46.69 -22.47
CA TYR I 123 -7.83 -47.04 -23.55
C TYR I 123 -8.78 -48.15 -23.14
N GLN I 124 -8.25 -49.19 -22.50
CA GLN I 124 -9.10 -50.31 -22.09
C GLN I 124 -10.15 -49.87 -21.09
N PHE I 125 -9.75 -49.07 -20.09
CA PHE I 125 -10.71 -48.64 -19.07
C PHE I 125 -11.72 -47.64 -19.63
N ARG I 126 -11.33 -46.88 -20.65
CA ARG I 126 -12.25 -45.92 -21.25
C ARG I 126 -13.25 -46.60 -22.16
N THR I 127 -12.81 -47.65 -22.88
CA THR I 127 -13.65 -48.24 -23.90
C THR I 127 -14.45 -49.42 -23.36
N LYS I 128 -13.79 -50.42 -22.79
CA LYS I 128 -14.42 -51.68 -22.45
C LYS I 128 -15.23 -51.63 -21.16
N LEU I 129 -15.14 -50.56 -20.38
CA LEU I 129 -15.80 -50.50 -19.08
C LEU I 129 -16.57 -49.20 -18.95
N ASN I 130 -17.60 -49.25 -18.11
CA ASN I 130 -18.32 -48.06 -17.67
C ASN I 130 -17.69 -47.58 -16.37
N ARG I 131 -16.77 -46.62 -16.46
CA ARG I 131 -15.97 -46.25 -15.30
C ARG I 131 -16.82 -45.68 -14.18
N VAL I 132 -17.80 -44.83 -14.52
CA VAL I 132 -18.60 -44.16 -13.48
C VAL I 132 -19.38 -45.18 -12.66
N SER I 133 -20.05 -46.13 -13.33
CA SER I 133 -20.83 -47.13 -12.62
C SER I 133 -19.94 -48.03 -11.76
N PHE I 134 -18.78 -48.42 -12.29
CA PHE I 134 -17.86 -49.26 -11.53
C PHE I 134 -17.37 -48.53 -10.28
N ILE I 135 -17.00 -47.26 -10.42
CA ILE I 135 -16.54 -46.48 -9.27
C ILE I 135 -17.65 -46.35 -8.23
N ASP I 136 -18.87 -46.05 -8.70
CA ASP I 136 -19.99 -45.89 -7.77
C ASP I 136 -20.26 -47.17 -7.00
N ASN I 137 -20.32 -48.30 -7.70
CA ASN I 137 -20.56 -49.57 -7.03
C ASN I 137 -19.43 -49.92 -6.07
N TYR I 138 -18.18 -49.70 -6.49
CA TYR I 138 -17.03 -49.98 -5.64
C TYR I 138 -17.09 -49.19 -4.34
N VAL I 139 -17.26 -47.86 -4.44
CA VAL I 139 -17.27 -47.03 -3.24
C VAL I 139 -18.47 -47.35 -2.37
N ARG I 140 -19.65 -47.53 -2.98
CA ARG I 140 -20.85 -47.81 -2.20
C ARG I 140 -20.73 -49.12 -1.44
N SER I 141 -20.22 -50.17 -2.10
CA SER I 141 -20.05 -51.45 -1.43
C SER I 141 -19.02 -51.37 -0.31
N VAL I 142 -17.90 -50.68 -0.56
CA VAL I 142 -16.87 -50.56 0.46
C VAL I 142 -17.42 -49.84 1.70
N VAL I 143 -18.19 -48.77 1.48
CA VAL I 143 -18.74 -48.02 2.60
C VAL I 143 -19.82 -48.83 3.32
N ASP I 144 -20.69 -49.50 2.56
CA ASP I 144 -21.85 -50.15 3.17
C ASP I 144 -21.46 -51.41 3.93
N ASP I 145 -20.61 -52.26 3.34
CA ASP I 145 -20.29 -53.54 3.96
C ASP I 145 -18.99 -53.53 4.76
N GLY I 146 -18.13 -52.55 4.53
CA GLY I 146 -16.85 -52.49 5.20
C GLY I 146 -15.74 -53.27 4.53
N THR I 147 -16.06 -54.05 3.50
CA THR I 147 -15.07 -54.84 2.78
C THR I 147 -15.55 -55.06 1.35
N GLY I 148 -14.65 -54.84 0.40
CA GLY I 148 -14.99 -55.02 -1.00
C GLY I 148 -14.07 -56.01 -1.70
N ILE I 149 -14.66 -56.96 -2.43
CA ILE I 149 -13.91 -57.99 -3.13
C ILE I 149 -14.08 -57.77 -4.63
N VAL I 150 -12.97 -57.69 -5.35
CA VAL I 150 -12.96 -57.45 -6.78
C VAL I 150 -12.40 -58.68 -7.49
N ARG I 151 -13.10 -59.14 -8.52
CA ARG I 151 -12.68 -60.28 -9.31
C ARG I 151 -12.12 -59.79 -10.64
N VAL I 152 -10.90 -60.21 -10.97
CA VAL I 152 -10.22 -59.79 -12.19
C VAL I 152 -10.07 -61.01 -13.09
N GLY I 153 -10.46 -60.86 -14.36
CA GLY I 153 -10.38 -61.96 -15.30
C GLY I 153 -10.21 -61.44 -16.71
N TRP I 154 -10.05 -62.38 -17.64
CA TRP I 154 -9.86 -62.08 -19.05
C TRP I 154 -10.97 -62.71 -19.87
N ASN I 155 -11.44 -61.99 -20.88
CA ASN I 155 -12.49 -62.44 -21.78
C ASN I 155 -11.91 -62.51 -23.18
N ARG I 156 -12.02 -63.66 -23.82
CA ARG I 156 -11.51 -63.87 -25.18
C ARG I 156 -12.53 -64.66 -25.98
N GLU I 157 -12.77 -64.21 -27.21
CA GLU I 157 -13.67 -64.89 -28.14
C GLU I 157 -13.14 -64.69 -29.56
N ILE I 158 -12.98 -65.80 -30.28
CA ILE I 158 -12.40 -65.78 -31.63
C ILE I 158 -13.36 -66.51 -32.57
N ARG I 159 -13.55 -65.94 -33.76
CA ARG I 159 -14.42 -66.50 -34.77
C ARG I 159 -13.62 -66.81 -36.02
N LYS I 160 -13.76 -68.03 -36.53
CA LYS I 160 -13.04 -68.42 -37.74
C LYS I 160 -13.81 -67.95 -38.98
N GLU I 161 -13.07 -67.39 -39.94
CA GLU I 161 -13.65 -66.89 -41.17
C GLU I 161 -12.76 -67.29 -42.34
N LYS I 162 -13.36 -67.35 -43.52
CA LYS I 162 -12.67 -67.70 -44.75
C LYS I 162 -12.71 -66.50 -45.69
N GLN I 163 -11.52 -66.07 -46.14
CA GLN I 163 -11.40 -64.94 -47.05
C GLN I 163 -10.42 -65.28 -48.16
N GLU I 164 -10.63 -64.70 -49.32
CA GLU I 164 -9.72 -64.89 -50.44
C GLU I 164 -8.42 -64.16 -50.19
N VAL I 165 -7.29 -64.83 -50.41
CA VAL I 165 -5.96 -64.29 -50.17
C VAL I 165 -5.18 -64.40 -51.47
N PRO I 166 -4.67 -63.29 -52.02
CA PRO I 166 -3.87 -63.38 -53.24
C PRO I 166 -2.57 -64.15 -53.02
N VAL I 167 -2.09 -64.79 -54.07
CA VAL I 167 -0.84 -65.54 -54.05
C VAL I 167 0.20 -64.76 -54.85
N PHE I 168 1.34 -64.49 -54.23
CA PHE I 168 2.40 -63.68 -54.83
C PHE I 168 3.63 -64.53 -55.09
N SER I 169 4.23 -64.36 -56.26
CA SER I 169 5.46 -65.04 -56.63
C SER I 169 6.62 -64.06 -56.59
N LEU I 170 7.68 -64.42 -55.88
CA LEU I 170 8.81 -63.52 -55.71
C LEU I 170 9.61 -63.39 -56.99
N PHE I 171 10.28 -62.25 -57.13
CA PHE I 171 11.15 -61.95 -58.27
C PHE I 171 12.25 -61.02 -57.80
N PRO I 172 13.48 -61.22 -58.27
CA PRO I 172 14.60 -60.40 -57.81
C PRO I 172 14.39 -58.92 -58.12
N ILE I 173 14.89 -58.07 -57.21
CA ILE I 173 14.73 -56.64 -57.36
C ILE I 173 15.56 -56.16 -58.54
N GLN I 174 14.93 -55.41 -59.44
CA GLN I 174 15.56 -54.91 -60.65
C GLN I 174 15.44 -53.39 -60.69
N THR I 175 16.48 -52.74 -61.22
CA THR I 175 16.54 -51.29 -61.39
C THR I 175 16.51 -50.56 -60.05
N GLN I 176 16.55 -49.23 -60.09
CA GLN I 176 16.58 -48.45 -58.86
C GLN I 176 15.16 -48.13 -58.37
N GLU I 177 14.17 -48.24 -59.25
CA GLU I 177 12.81 -47.89 -58.87
C GLU I 177 12.28 -48.84 -57.80
N GLN I 178 12.52 -50.14 -57.94
CA GLN I 178 12.06 -51.09 -56.94
C GLN I 178 12.75 -50.86 -55.60
N ALA I 179 14.06 -50.59 -55.62
CA ALA I 179 14.76 -50.30 -54.38
C ALA I 179 14.24 -49.04 -53.71
N ASP I 180 13.97 -48.00 -54.51
CA ASP I 180 13.43 -46.77 -53.94
C ASP I 180 12.05 -46.99 -53.34
N ALA I 181 11.20 -47.78 -54.02
CA ALA I 181 9.88 -48.07 -53.48
C ALA I 181 9.99 -48.86 -52.18
N LEU I 182 10.88 -49.85 -52.12
CA LEU I 182 11.06 -50.62 -50.90
C LEU I 182 11.57 -49.74 -49.76
N GLN I 183 12.53 -48.85 -50.06
CA GLN I 183 13.05 -47.96 -49.02
C GLN I 183 11.98 -47.01 -48.52
N GLN I 184 11.14 -46.49 -49.43
CA GLN I 184 10.04 -45.63 -49.01
C GLN I 184 9.04 -46.40 -48.14
N ALA I 185 8.77 -47.65 -48.49
CA ALA I 185 7.88 -48.46 -47.66
C ALA I 185 8.45 -48.68 -46.26
N LEU I 186 9.75 -48.98 -46.19
CA LEU I 186 10.38 -49.16 -44.88
C LEU I 186 10.34 -47.87 -44.06
N GLN I 187 10.61 -46.74 -44.70
CA GLN I 187 10.57 -45.47 -43.99
C GLN I 187 9.17 -45.14 -43.50
N LEU I 188 8.15 -45.42 -44.33
CA LEU I 188 6.78 -45.18 -43.93
C LEU I 188 6.39 -46.08 -42.76
N ARG I 189 6.81 -47.34 -42.79
CA ARG I 189 6.51 -48.24 -41.67
C ARG I 189 7.19 -47.76 -40.40
N THR I 190 8.44 -47.30 -40.50
CA THR I 190 9.15 -46.82 -39.32
C THR I 190 8.51 -45.55 -38.76
N ASP I 191 8.07 -44.66 -39.64
CA ASP I 191 7.56 -43.37 -39.19
C ASP I 191 6.09 -43.47 -38.76
N ASN I 192 5.23 -43.97 -39.64
CA ASN I 192 3.81 -44.01 -39.37
C ASN I 192 3.24 -45.39 -39.69
N PRO I 193 3.07 -46.26 -38.68
CA PRO I 193 2.51 -47.59 -38.96
C PRO I 193 1.13 -47.57 -39.59
N ARG I 194 0.26 -46.63 -39.18
CA ARG I 194 -1.09 -46.59 -39.72
C ARG I 194 -1.08 -46.27 -41.22
N GLY I 195 -0.27 -45.30 -41.64
CA GLY I 195 -0.13 -45.03 -43.05
C GLY I 195 0.40 -46.22 -43.82
N TYR I 196 1.35 -46.95 -43.21
CA TYR I 196 1.88 -48.16 -43.84
C TYR I 196 0.78 -49.19 -44.04
N GLU I 197 -0.06 -49.39 -43.03
CA GLU I 197 -1.14 -50.37 -43.14
C GLU I 197 -2.17 -49.94 -44.17
N GLU I 198 -2.44 -48.64 -44.27
CA GLU I 198 -3.58 -48.20 -45.07
C GLU I 198 -3.21 -47.99 -46.54
N ASN I 199 -2.00 -47.51 -46.83
CA ASN I 199 -1.71 -47.00 -48.17
C ASN I 199 -0.66 -47.78 -48.96
N VAL I 200 0.15 -48.63 -48.31
CA VAL I 200 1.28 -49.23 -48.99
C VAL I 200 0.83 -50.28 -50.00
N ASP I 201 -0.26 -51.00 -49.69
CA ASP I 201 -0.89 -52.03 -50.52
C ASP I 201 -0.24 -53.39 -50.29
N GLU I 202 -0.92 -54.45 -50.73
CA GLU I 202 -0.59 -55.80 -50.27
C GLU I 202 0.74 -56.30 -50.83
N ALA I 203 1.02 -56.03 -52.11
CA ALA I 203 2.23 -56.58 -52.73
C ALA I 203 3.50 -56.04 -52.07
N ILE I 204 3.55 -54.73 -51.86
CA ILE I 204 4.73 -54.14 -51.22
C ILE I 204 4.81 -54.60 -49.77
N LYS I 205 3.65 -54.82 -49.13
CA LYS I 205 3.65 -55.37 -47.77
C LYS I 205 4.28 -56.74 -47.74
N GLU I 206 3.95 -57.59 -48.72
CA GLU I 206 4.59 -58.90 -48.82
C GLU I 206 6.09 -58.76 -49.06
N SER I 207 6.48 -57.77 -49.88
CA SER I 207 7.90 -57.54 -50.11
C SER I 207 8.62 -57.18 -48.82
N VAL I 208 8.03 -56.31 -48.01
CA VAL I 208 8.63 -55.94 -46.72
C VAL I 208 8.65 -57.13 -45.78
N ARG I 209 7.61 -57.96 -45.80
CA ARG I 209 7.61 -59.15 -44.95
C ARG I 209 8.74 -60.09 -45.32
N PHE I 210 8.96 -60.31 -46.62
CA PHE I 210 10.06 -61.17 -47.05
C PHE I 210 11.41 -60.55 -46.74
N PHE I 211 11.50 -59.21 -46.81
CA PHE I 211 12.72 -58.53 -46.42
C PHE I 211 13.01 -58.73 -44.94
N ASP I 212 11.97 -58.68 -44.11
CA ASP I 212 12.13 -58.95 -42.68
C ASP I 212 12.58 -60.39 -42.45
N GLU I 213 11.98 -61.34 -43.17
CA GLU I 213 12.36 -62.74 -42.99
C GLU I 213 13.73 -63.02 -43.59
N THR I 214 13.98 -62.55 -44.81
CA THR I 214 15.24 -62.79 -45.50
C THR I 214 15.86 -61.46 -45.90
N GLY I 215 17.17 -61.34 -45.68
CA GLY I 215 17.84 -60.07 -45.92
C GLY I 215 17.77 -59.61 -47.36
N GLN I 216 17.75 -60.57 -48.30
CA GLN I 216 17.70 -60.23 -49.71
C GLN I 216 16.37 -59.57 -50.06
N ALA I 217 16.44 -58.49 -50.83
CA ALA I 217 15.25 -57.79 -51.27
C ALA I 217 14.61 -58.51 -52.45
N THR I 218 13.28 -58.56 -52.46
CA THR I 218 12.55 -59.27 -53.50
C THR I 218 11.33 -58.45 -53.91
N TYR I 219 10.84 -58.75 -55.11
CA TYR I 219 9.63 -58.13 -55.65
C TYR I 219 8.62 -59.21 -55.97
N ALA I 220 7.37 -58.97 -55.61
CA ALA I 220 6.31 -59.97 -55.72
C ALA I 220 5.25 -59.51 -56.72
N VAL I 221 4.74 -60.45 -57.51
CA VAL I 221 3.68 -60.19 -58.47
C VAL I 221 2.54 -61.17 -58.19
N GLN I 222 1.31 -60.67 -58.21
CA GLN I 222 0.16 -61.51 -57.90
C GLN I 222 -0.08 -62.53 -59.00
N THR I 223 -0.43 -63.76 -58.58
CA THR I 223 -0.72 -64.85 -59.50
C THR I 223 -2.16 -65.33 -59.41
N GLY I 224 -2.64 -65.64 -58.20
CA GLY I 224 -3.99 -66.13 -58.03
C GLY I 224 -4.45 -65.92 -56.60
N THR I 225 -5.71 -66.27 -56.36
CA THR I 225 -6.35 -66.13 -55.06
C THR I 225 -6.73 -67.49 -54.52
N THR I 226 -6.37 -67.75 -53.26
CA THR I 226 -6.67 -69.01 -52.59
C THR I 226 -7.37 -68.73 -51.27
N THR I 227 -8.44 -69.48 -51.00
CA THR I 227 -9.18 -69.32 -49.76
C THR I 227 -8.38 -69.85 -48.58
N THR I 228 -8.35 -69.07 -47.49
CA THR I 228 -7.64 -69.45 -46.28
C THR I 228 -8.54 -69.16 -45.08
N GLU I 229 -8.25 -69.85 -43.98
CA GLU I 229 -9.00 -69.69 -42.74
C GLU I 229 -8.30 -68.68 -41.85
N VAL I 230 -9.01 -67.62 -41.47
CA VAL I 230 -8.48 -66.56 -40.63
C VAL I 230 -9.39 -66.39 -39.42
N GLU I 231 -8.77 -66.23 -38.25
CA GLU I 231 -9.50 -66.06 -37.01
C GLU I 231 -9.59 -64.57 -36.66
N VAL I 232 -10.81 -64.08 -36.53
CA VAL I 232 -11.08 -62.68 -36.19
C VAL I 232 -11.56 -62.62 -34.75
N PRO I 233 -10.76 -62.10 -33.82
CA PRO I 233 -11.20 -62.03 -32.41
C PRO I 233 -12.13 -60.86 -32.16
N LEU I 234 -13.37 -61.14 -31.74
CA LEU I 234 -14.30 -60.07 -31.45
C LEU I 234 -13.94 -59.34 -30.16
N ALA I 235 -13.63 -60.09 -29.10
CA ALA I 235 -13.39 -59.51 -27.79
C ALA I 235 -12.07 -60.01 -27.23
N ASN I 236 -11.22 -59.08 -26.80
CA ASN I 236 -9.98 -59.36 -26.09
C ASN I 236 -9.75 -58.18 -25.14
N HIS I 237 -10.21 -58.35 -23.90
CA HIS I 237 -10.16 -57.26 -22.93
C HIS I 237 -10.35 -57.82 -21.52
N PRO I 238 -9.64 -57.26 -20.54
CA PRO I 238 -9.84 -57.70 -19.16
C PRO I 238 -11.18 -57.24 -18.62
N THR I 239 -11.70 -58.00 -17.65
CA THR I 239 -12.97 -57.71 -17.01
C THR I 239 -12.77 -57.69 -15.50
N VAL I 240 -13.31 -56.67 -14.84
CA VAL I 240 -13.32 -56.57 -13.38
C VAL I 240 -14.76 -56.46 -12.93
N GLU I 241 -15.13 -57.24 -11.91
CA GLU I 241 -16.49 -57.28 -11.41
C GLU I 241 -16.47 -57.32 -9.89
N MET I 242 -17.31 -56.51 -9.26
CA MET I 242 -17.44 -56.54 -7.81
C MET I 242 -18.28 -57.75 -7.40
N LEU I 243 -17.86 -58.40 -6.31
CA LEU I 243 -18.45 -59.66 -5.88
C LEU I 243 -19.28 -59.46 -4.62
N ASN I 244 -20.42 -60.14 -4.56
CA ASN I 244 -21.21 -60.18 -3.34
C ASN I 244 -20.42 -60.95 -2.27
N PRO I 245 -20.30 -60.37 -1.07
CA PRO I 245 -19.54 -61.08 -0.01
C PRO I 245 -20.08 -62.45 0.32
N GLU I 246 -21.38 -62.68 0.12
CA GLU I 246 -21.96 -63.99 0.42
C GLU I 246 -21.48 -65.04 -0.58
N ASN I 247 -21.11 -64.62 -1.79
CA ASN I 247 -20.75 -65.58 -2.84
C ASN I 247 -19.37 -66.18 -2.61
N ILE I 248 -18.40 -65.36 -2.19
CA ILE I 248 -17.01 -65.78 -2.08
C ILE I 248 -16.73 -66.28 -0.68
N ILE I 249 -16.05 -67.42 -0.58
CA ILE I 249 -15.64 -68.00 0.70
C ILE I 249 -14.12 -68.08 0.71
N ILE I 250 -13.50 -67.54 1.76
CA ILE I 250 -12.06 -67.45 1.86
C ILE I 250 -11.59 -68.34 3.02
N ASP I 251 -10.36 -68.81 2.90
CA ASP I 251 -9.79 -69.69 3.92
C ASP I 251 -9.77 -68.99 5.28
N PRO I 252 -10.39 -69.57 6.31
CA PRO I 252 -10.38 -68.91 7.62
C PRO I 252 -9.03 -68.93 8.33
N SER I 253 -8.12 -69.83 7.94
CA SER I 253 -6.82 -69.97 8.59
C SER I 253 -5.75 -69.11 7.92
N CYS I 254 -6.15 -68.02 7.26
CA CYS I 254 -5.19 -67.16 6.57
C CYS I 254 -4.40 -66.28 7.53
N GLN I 255 -4.78 -66.25 8.81
CA GLN I 255 -4.13 -65.43 9.83
C GLN I 255 -4.19 -63.94 9.49
N GLY I 256 -5.29 -63.50 8.88
CA GLY I 256 -5.50 -62.11 8.59
C GLY I 256 -4.85 -61.58 7.34
N ASP I 257 -4.20 -62.43 6.55
CA ASP I 257 -3.52 -62.01 5.33
C ASP I 257 -4.12 -62.77 4.15
N ILE I 258 -4.55 -62.03 3.12
CA ILE I 258 -5.17 -62.65 1.96
C ILE I 258 -4.17 -63.52 1.21
N ASN I 259 -2.91 -63.08 1.16
CA ASN I 259 -1.88 -63.84 0.45
C ASN I 259 -1.60 -65.17 1.15
N LYS I 260 -1.83 -65.24 2.46
CA LYS I 260 -1.58 -66.47 3.20
C LYS I 260 -2.71 -67.48 3.04
N ALA I 261 -3.80 -67.08 2.40
CA ALA I 261 -4.94 -67.98 2.25
C ALA I 261 -4.59 -69.15 1.33
N MET I 262 -5.00 -70.35 1.72
CA MET I 262 -4.70 -71.53 0.91
C MET I 262 -5.62 -71.63 -0.30
N PHE I 263 -6.90 -71.28 -0.14
CA PHE I 263 -7.87 -71.46 -1.21
C PHE I 263 -8.95 -70.39 -1.13
N ALA I 264 -9.66 -70.22 -2.23
CA ALA I 264 -10.80 -69.31 -2.33
C ALA I 264 -11.80 -69.88 -3.31
N ILE I 265 -13.08 -69.81 -2.94
CA ILE I 265 -14.17 -70.39 -3.72
C ILE I 265 -15.19 -69.30 -4.02
N VAL I 266 -15.58 -69.18 -5.29
CA VAL I 266 -16.54 -68.17 -5.74
C VAL I 266 -17.58 -68.85 -6.62
N SER I 267 -18.84 -68.45 -6.45
CA SER I 267 -19.95 -68.99 -7.22
C SER I 267 -20.57 -67.89 -8.09
N PHE I 268 -20.84 -68.21 -9.35
CA PHE I 268 -21.37 -67.24 -10.29
C PHE I 268 -22.37 -67.93 -11.21
N GLU I 269 -23.14 -67.11 -11.92
CA GLU I 269 -24.12 -67.58 -12.90
C GLU I 269 -23.50 -67.54 -14.29
N THR I 270 -23.70 -68.60 -15.06
CA THR I 270 -23.15 -68.70 -16.40
C THR I 270 -24.12 -69.47 -17.29
N CYS I 271 -23.92 -69.33 -18.60
CA CYS I 271 -24.75 -70.02 -19.59
C CYS I 271 -23.88 -70.93 -20.44
N LYS I 272 -24.54 -71.76 -21.25
CA LYS I 272 -23.81 -72.72 -22.08
C LYS I 272 -22.97 -72.02 -23.13
N ALA I 273 -23.42 -70.86 -23.62
CA ALA I 273 -22.67 -70.13 -24.64
C ALA I 273 -21.32 -69.67 -24.10
N ASP I 274 -21.29 -69.23 -22.84
CA ASP I 274 -20.03 -68.79 -22.24
C ASP I 274 -19.03 -69.95 -22.16
N LEU I 275 -19.51 -71.14 -21.80
CA LEU I 275 -18.63 -72.30 -21.74
C LEU I 275 -18.19 -72.72 -23.14
N LEU I 276 -19.07 -72.62 -24.12
CA LEU I 276 -18.74 -73.00 -25.50
C LEU I 276 -17.83 -71.98 -26.17
N LYS I 277 -17.72 -70.77 -25.64
CA LYS I 277 -16.77 -69.80 -26.18
C LYS I 277 -15.36 -70.37 -26.21
N GLU I 278 -14.97 -71.10 -25.17
CA GLU I 278 -13.67 -71.78 -25.08
C GLU I 278 -13.95 -73.27 -24.91
N LYS I 279 -14.06 -73.98 -26.03
CA LYS I 279 -14.40 -75.40 -25.97
C LYS I 279 -13.27 -76.23 -25.38
N ASP I 280 -12.02 -75.85 -25.67
CA ASP I 280 -10.88 -76.64 -25.20
C ASP I 280 -10.76 -76.62 -23.69
N ARG I 281 -11.11 -75.50 -23.06
CA ARG I 281 -10.93 -75.36 -21.62
C ARG I 281 -11.83 -76.33 -20.85
N TYR I 282 -13.08 -76.50 -21.29
CA TYR I 282 -14.07 -77.23 -20.53
C TYR I 282 -14.32 -78.61 -21.14
N HIS I 283 -14.59 -79.58 -20.27
CA HIS I 283 -14.91 -80.95 -20.69
C HIS I 283 -16.20 -81.38 -19.99
N ASN I 284 -16.73 -82.52 -20.44
CA ASN I 284 -17.91 -83.15 -19.85
C ASN I 284 -19.12 -82.21 -19.84
N LEU I 285 -19.29 -81.42 -20.91
CA LEU I 285 -20.43 -80.52 -20.99
C LEU I 285 -21.72 -81.28 -21.22
N ASN I 286 -21.64 -82.44 -21.90
CA ASN I 286 -22.84 -83.21 -22.19
C ASN I 286 -23.44 -83.83 -20.94
N LYS I 287 -22.59 -84.22 -19.98
CA LYS I 287 -23.09 -84.89 -18.79
C LYS I 287 -23.85 -83.93 -17.88
N ILE I 288 -23.69 -82.63 -18.08
CA ILE I 288 -24.33 -81.65 -17.21
C ILE I 288 -25.84 -81.69 -17.40
N ASP I 289 -26.56 -81.72 -16.29
CA ASP I 289 -28.01 -81.58 -16.27
C ASP I 289 -28.36 -80.14 -15.89
N TRP I 290 -28.87 -79.38 -16.85
CA TRP I 290 -29.04 -77.95 -16.67
C TRP I 290 -30.16 -77.63 -15.68
N GLN I 291 -31.22 -78.44 -15.68
CA GLN I 291 -32.36 -78.16 -14.81
C GLN I 291 -32.00 -78.34 -13.34
N SER I 292 -31.15 -79.31 -13.03
CA SER I 292 -30.80 -79.58 -11.63
C SER I 292 -30.05 -78.40 -11.02
N SER I 293 -29.14 -77.79 -11.78
CA SER I 293 -28.36 -76.66 -11.31
C SER I 293 -29.03 -75.36 -11.73
N ALA I 294 -29.79 -74.77 -10.82
CA ALA I 294 -30.52 -73.53 -11.09
C ALA I 294 -30.38 -72.61 -9.89
N PRO I 295 -30.50 -71.30 -10.09
CA PRO I 295 -30.42 -70.38 -8.94
C PRO I 295 -31.47 -70.66 -7.87
N VAL I 296 -32.68 -71.05 -8.28
CA VAL I 296 -33.72 -71.38 -7.30
C VAL I 296 -33.37 -72.68 -6.58
N ASN I 297 -32.71 -73.60 -7.28
CA ASN I 297 -32.39 -74.90 -6.69
C ASN I 297 -31.37 -74.78 -5.57
N GLU I 298 -30.48 -73.77 -5.65
CA GLU I 298 -29.45 -73.58 -4.64
C GLU I 298 -29.76 -72.35 -3.81
N PRO I 299 -30.29 -72.49 -2.58
CA PRO I 299 -30.51 -71.29 -1.76
C PRO I 299 -29.23 -70.54 -1.42
N ASP I 300 -28.08 -71.21 -1.45
CA ASP I 300 -26.85 -70.58 -0.99
C ASP I 300 -26.45 -69.41 -1.86
N HIS I 301 -26.60 -69.54 -3.18
CA HIS I 301 -26.23 -68.46 -4.08
C HIS I 301 -27.17 -67.28 -3.89
N ALA I 302 -26.59 -66.09 -3.78
CA ALA I 302 -27.35 -64.85 -3.57
C ALA I 302 -27.30 -64.03 -4.87
N THR I 303 -28.48 -63.74 -5.42
CA THR I 303 -28.58 -63.01 -6.68
C THR I 303 -29.89 -62.25 -6.71
N THR I 304 -29.96 -61.26 -7.60
CA THR I 304 -31.15 -60.46 -7.80
C THR I 304 -32.09 -61.04 -8.87
N THR I 305 -31.71 -62.15 -9.49
CA THR I 305 -32.55 -62.75 -10.52
C THR I 305 -33.86 -63.25 -9.90
N PRO I 306 -35.00 -62.96 -10.50
CA PRO I 306 -36.27 -63.50 -9.99
C PRO I 306 -36.26 -65.02 -9.99
N GLN I 307 -36.91 -65.60 -8.97
CA GLN I 307 -36.93 -67.04 -8.83
C GLN I 307 -37.66 -67.72 -9.99
N GLU I 308 -38.78 -67.14 -10.42
CA GLU I 308 -39.60 -67.75 -11.46
C GLU I 308 -39.22 -67.33 -12.87
N PHE I 309 -38.22 -66.45 -13.03
CA PHE I 309 -37.78 -66.07 -14.36
C PHE I 309 -37.00 -67.21 -15.00
N GLN I 310 -37.28 -67.49 -16.27
CA GLN I 310 -36.63 -68.58 -16.97
C GLN I 310 -36.60 -68.28 -18.46
N ILE I 311 -35.41 -68.39 -19.07
CA ILE I 311 -35.27 -68.17 -20.49
C ILE I 311 -35.62 -69.45 -21.24
N SER I 312 -36.42 -69.31 -22.30
CA SER I 312 -36.89 -70.48 -23.05
C SER I 312 -35.72 -71.19 -23.75
N ASP I 313 -34.81 -70.44 -24.35
CA ASP I 313 -33.76 -71.05 -25.16
C ASP I 313 -32.78 -71.81 -24.27
N PRO I 314 -32.55 -73.10 -24.55
CA PRO I 314 -31.58 -73.86 -23.73
C PRO I 314 -30.18 -73.30 -23.77
N MET I 315 -29.76 -72.73 -24.90
CA MET I 315 -28.39 -72.25 -25.03
C MET I 315 -28.16 -71.02 -24.15
N ARG I 316 -29.19 -70.20 -23.97
CA ARG I 316 -29.08 -68.95 -23.22
C ARG I 316 -29.49 -69.09 -21.76
N LYS I 317 -29.80 -70.29 -21.30
CA LYS I 317 -30.24 -70.48 -19.92
C LYS I 317 -29.05 -70.38 -18.97
N ARG I 318 -29.29 -69.79 -17.80
CA ARG I 318 -28.25 -69.52 -16.82
C ARG I 318 -28.22 -70.61 -15.77
N VAL I 319 -27.02 -71.10 -15.46
CA VAL I 319 -26.83 -72.12 -14.44
C VAL I 319 -25.73 -71.66 -13.48
N VAL I 320 -25.83 -72.07 -12.22
CA VAL I 320 -24.84 -71.68 -11.23
C VAL I 320 -23.63 -72.60 -11.32
N ALA I 321 -22.45 -72.02 -11.19
CA ALA I 321 -21.20 -72.76 -11.26
C ALA I 321 -20.28 -72.33 -10.13
N TYR I 322 -19.31 -73.18 -9.81
CA TYR I 322 -18.36 -72.95 -8.74
C TYR I 322 -16.94 -73.05 -9.28
N GLU I 323 -16.03 -72.28 -8.69
CA GLU I 323 -14.61 -72.35 -9.02
C GLU I 323 -13.79 -72.46 -7.75
N TYR I 324 -12.63 -73.10 -7.86
CA TYR I 324 -11.73 -73.32 -6.74
C TYR I 324 -10.34 -72.82 -7.11
N TRP I 325 -9.94 -71.70 -6.52
CA TRP I 325 -8.61 -71.13 -6.72
C TRP I 325 -7.79 -71.40 -5.47
N GLY I 326 -6.70 -72.15 -5.62
CA GLY I 326 -5.90 -72.50 -4.46
C GLY I 326 -4.63 -73.22 -4.87
N PHE I 327 -3.88 -73.64 -3.85
CA PHE I 327 -2.60 -74.31 -4.03
C PHE I 327 -2.76 -75.79 -3.67
N TRP I 328 -2.25 -76.66 -4.54
CA TRP I 328 -2.35 -78.10 -4.34
C TRP I 328 -1.03 -78.75 -4.69
N ASP I 329 -0.75 -79.89 -4.05
CA ASP I 329 0.43 -80.69 -4.34
C ASP I 329 0.06 -81.65 -5.48
N ILE I 330 0.30 -81.21 -6.71
CA ILE I 330 -0.14 -81.98 -7.87
C ILE I 330 0.67 -83.25 -8.03
N GLU I 331 1.98 -83.17 -7.83
CA GLU I 331 2.86 -84.32 -8.02
C GLU I 331 3.12 -85.10 -6.75
N GLY I 332 2.64 -84.63 -5.61
CA GLY I 332 2.73 -85.40 -4.38
C GLY I 332 4.08 -85.41 -3.70
N ASN I 333 5.01 -84.57 -4.12
CA ASN I 333 6.36 -84.55 -3.54
C ASN I 333 6.54 -83.44 -2.51
N GLY I 334 5.46 -82.77 -2.11
CA GLY I 334 5.58 -81.69 -1.14
C GLY I 334 5.68 -80.31 -1.74
N VAL I 335 5.42 -80.14 -3.03
CA VAL I 335 5.51 -78.86 -3.71
C VAL I 335 4.09 -78.40 -4.05
N LEU I 336 3.72 -77.21 -3.57
CA LEU I 336 2.40 -76.66 -3.80
C LEU I 336 2.46 -75.66 -4.95
N GLU I 337 1.53 -75.81 -5.91
CA GLU I 337 1.44 -74.90 -7.04
C GLU I 337 0.00 -74.45 -7.22
N PRO I 338 -0.23 -73.25 -7.74
CA PRO I 338 -1.60 -72.78 -7.92
C PRO I 338 -2.35 -73.57 -8.98
N ILE I 339 -3.65 -73.75 -8.76
CA ILE I 339 -4.52 -74.50 -9.67
C ILE I 339 -5.86 -73.79 -9.76
N VAL I 340 -6.68 -74.25 -10.71
CA VAL I 340 -8.05 -73.80 -10.85
C VAL I 340 -8.92 -75.00 -11.18
N ALA I 341 -10.11 -75.08 -10.57
CA ALA I 341 -11.04 -76.16 -10.80
C ALA I 341 -12.46 -75.62 -10.84
N THR I 342 -13.22 -76.02 -11.84
CA THR I 342 -14.59 -75.56 -12.03
C THR I 342 -15.52 -76.77 -12.12
N TRP I 343 -16.61 -76.76 -11.36
CA TRP I 343 -17.58 -77.83 -11.38
C TRP I 343 -18.99 -77.26 -11.36
N ILE I 344 -19.90 -77.92 -12.07
CA ILE I 344 -21.31 -77.57 -12.08
C ILE I 344 -22.10 -78.75 -11.51
N GLY I 345 -22.87 -78.48 -10.46
CA GLY I 345 -23.60 -79.57 -9.81
C GLY I 345 -22.64 -80.53 -9.14
N SER I 346 -22.58 -81.75 -9.67
CA SER I 346 -21.67 -82.78 -9.17
C SER I 346 -20.69 -83.25 -10.23
N THR I 347 -20.51 -82.49 -11.32
CA THR I 347 -19.64 -82.87 -12.41
C THR I 347 -18.50 -81.85 -12.52
N LEU I 348 -17.27 -82.35 -12.62
CA LEU I 348 -16.08 -81.51 -12.75
C LEU I 348 -15.82 -81.28 -14.23
N ILE I 349 -15.85 -80.03 -14.66
CA ILE I 349 -15.77 -79.74 -16.08
C ILE I 349 -14.37 -79.24 -16.47
N ARG I 350 -13.69 -78.54 -15.58
CA ARG I 350 -12.43 -77.89 -15.90
C ARG I 350 -11.42 -78.14 -14.78
N LEU I 351 -10.19 -78.44 -15.16
CA LEU I 351 -9.10 -78.67 -14.21
C LEU I 351 -7.78 -78.38 -14.89
N GLU I 352 -7.07 -77.36 -14.41
CA GLU I 352 -5.79 -76.98 -14.99
C GLU I 352 -5.06 -76.07 -14.00
N LYS I 353 -3.87 -75.63 -14.42
CA LYS I 353 -3.07 -74.75 -13.60
C LYS I 353 -3.56 -73.31 -13.69
N ASN I 354 -2.95 -72.44 -12.90
CA ASN I 354 -3.32 -71.03 -12.91
C ASN I 354 -2.85 -70.38 -14.20
N PRO I 355 -3.76 -69.80 -15.00
CA PRO I 355 -3.32 -69.22 -16.28
C PRO I 355 -2.64 -67.87 -16.14
N TYR I 356 -3.03 -67.07 -15.15
CA TYR I 356 -2.51 -65.71 -15.05
C TYR I 356 -1.05 -65.71 -14.61
N PRO I 357 -0.23 -64.82 -15.18
CA PRO I 357 1.21 -64.83 -14.89
C PRO I 357 1.56 -64.56 -13.44
N ASP I 358 0.74 -63.76 -12.74
CA ASP I 358 1.10 -63.35 -11.39
C ASP I 358 1.15 -64.54 -10.44
N GLY I 359 0.30 -65.53 -10.65
CA GLY I 359 0.29 -66.72 -9.82
C GLY I 359 -0.42 -66.58 -8.50
N LYS I 360 -1.19 -65.52 -8.30
CA LYS I 360 -1.94 -65.30 -7.07
C LYS I 360 -3.43 -65.37 -7.37
N LEU I 361 -4.23 -65.51 -6.32
CA LEU I 361 -5.67 -65.53 -6.48
C LEU I 361 -6.14 -64.18 -7.00
N PRO I 362 -7.02 -64.15 -8.00
CA PRO I 362 -7.47 -62.88 -8.60
C PRO I 362 -8.55 -62.20 -7.77
N PHE I 363 -8.22 -61.92 -6.51
CA PHE I 363 -9.15 -61.23 -5.60
C PHE I 363 -8.40 -60.15 -4.85
N VAL I 364 -9.08 -59.02 -4.66
CA VAL I 364 -8.54 -57.87 -3.95
C VAL I 364 -9.54 -57.44 -2.89
N LEU I 365 -9.08 -57.30 -1.65
CA LEU I 365 -9.92 -56.92 -0.53
C LEU I 365 -9.49 -55.56 0.00
N ILE I 366 -10.47 -54.69 0.25
CA ILE I 366 -10.23 -53.34 0.72
C ILE I 366 -11.12 -53.11 1.94
N PRO I 367 -10.57 -52.87 3.13
CA PRO I 367 -11.41 -52.65 4.30
C PRO I 367 -11.73 -51.18 4.54
N TYR I 368 -12.96 -50.89 4.97
CA TYR I 368 -13.34 -49.52 5.27
C TYR I 368 -12.68 -49.04 6.55
N MET I 369 -12.88 -49.78 7.64
CA MET I 369 -12.23 -49.50 8.92
C MET I 369 -11.47 -50.74 9.33
N PRO I 370 -10.14 -50.76 9.24
CA PRO I 370 -9.40 -52.00 9.49
C PRO I 370 -9.53 -52.46 10.93
N VAL I 371 -9.49 -53.79 11.09
CA VAL I 371 -9.43 -54.43 12.40
C VAL I 371 -8.07 -55.11 12.51
N LYS I 372 -7.35 -54.84 13.59
CA LYS I 372 -5.98 -55.32 13.73
C LYS I 372 -5.94 -56.84 13.70
N ARG I 373 -5.02 -57.39 12.89
CA ARG I 373 -4.85 -58.83 12.74
C ARG I 373 -6.15 -59.51 12.29
N ASP I 374 -6.89 -58.84 11.41
CA ASP I 374 -8.12 -59.39 10.86
C ASP I 374 -8.25 -58.97 9.40
N MET I 375 -8.90 -59.83 8.61
CA MET I 375 -9.05 -59.54 7.18
C MET I 375 -10.11 -58.48 6.93
N TYR I 376 -11.24 -58.56 7.62
CA TYR I 376 -12.40 -57.76 7.28
C TYR I 376 -12.35 -56.39 7.95
N GLY I 377 -13.30 -55.53 7.55
CA GLY I 377 -13.42 -54.22 8.13
C GLY I 377 -14.80 -54.01 8.71
N GLU I 378 -15.01 -52.80 9.24
CA GLU I 378 -16.28 -52.51 9.88
C GLU I 378 -16.90 -51.22 9.36
N PRO I 379 -18.22 -51.15 9.24
CA PRO I 379 -18.86 -49.91 8.83
C PRO I 379 -19.17 -49.02 10.03
N ASP I 380 -19.81 -47.89 9.74
CA ASP I 380 -20.13 -46.92 10.78
C ASP I 380 -21.44 -47.23 11.50
N ALA I 381 -22.25 -48.15 10.97
CA ALA I 381 -23.54 -48.46 11.58
C ALA I 381 -23.37 -49.11 12.95
N GLU I 382 -22.29 -49.87 13.14
CA GLU I 382 -22.06 -50.54 14.41
C GLU I 382 -22.02 -49.55 15.57
N LEU I 383 -21.48 -48.36 15.33
CA LEU I 383 -21.38 -47.36 16.39
C LEU I 383 -22.67 -46.56 16.53
N LEU I 384 -23.43 -46.43 15.44
CA LEU I 384 -24.54 -45.48 15.38
C LEU I 384 -25.91 -46.13 15.53
N GLY I 385 -25.99 -47.46 15.67
CA GLY I 385 -27.30 -48.10 15.80
C GLY I 385 -28.08 -47.62 17.01
N ASP I 386 -27.40 -47.55 18.17
CA ASP I 386 -28.10 -47.14 19.39
C ASP I 386 -28.54 -45.68 19.32
N ASN I 387 -27.68 -44.82 18.78
CA ASN I 387 -28.06 -43.41 18.61
C ASN I 387 -29.25 -43.27 17.67
N GLN I 388 -29.26 -44.04 16.58
CA GLN I 388 -30.40 -44.02 15.67
C GLN I 388 -31.68 -44.46 16.37
N ALA I 389 -31.58 -45.52 17.19
CA ALA I 389 -32.76 -45.99 17.92
C ALA I 389 -33.28 -44.93 18.87
N VAL I 390 -32.39 -44.28 19.62
CA VAL I 390 -32.81 -43.26 20.59
C VAL I 390 -33.44 -42.07 19.87
N LEU I 391 -32.82 -41.62 18.76
CA LEU I 391 -33.37 -40.50 18.02
C LEU I 391 -34.74 -40.82 17.45
N GLY I 392 -34.91 -42.04 16.91
CA GLY I 392 -36.20 -42.45 16.43
C GLY I 392 -37.25 -42.48 17.52
N ALA I 393 -36.88 -42.97 18.71
CA ALA I 393 -37.81 -42.99 19.83
C ALA I 393 -38.24 -41.58 20.22
N VAL I 394 -37.28 -40.64 20.28
CA VAL I 394 -37.61 -39.28 20.65
C VAL I 394 -38.54 -38.65 19.61
N MET I 395 -38.24 -38.86 18.32
CA MET I 395 -39.08 -38.30 17.27
C MET I 395 -40.49 -38.88 17.32
N ARG I 396 -40.59 -40.20 17.56
CA ARG I 396 -41.90 -40.83 17.68
C ARG I 396 -42.67 -40.26 18.87
N GLY I 397 -41.99 -40.04 19.99
CA GLY I 397 -42.65 -39.44 21.13
C GLY I 397 -43.19 -38.05 20.83
N MET I 398 -42.39 -37.22 20.17
CA MET I 398 -42.86 -35.88 19.81
C MET I 398 -44.06 -35.93 18.87
N ILE I 399 -43.99 -36.80 17.85
CA ILE I 399 -45.07 -36.86 16.87
C ILE I 399 -46.34 -37.41 17.50
N ASP I 400 -46.21 -38.40 18.39
CA ASP I 400 -47.37 -38.90 19.11
C ASP I 400 -47.98 -37.83 19.99
N LEU I 401 -47.14 -37.05 20.69
CA LEU I 401 -47.63 -35.97 21.53
C LEU I 401 -48.45 -34.97 20.72
N LEU I 402 -47.96 -34.61 19.54
CA LEU I 402 -48.71 -33.67 18.71
C LEU I 402 -49.98 -34.30 18.16
N GLY I 403 -49.88 -35.53 17.64
CA GLY I 403 -51.01 -36.12 16.94
C GLY I 403 -52.18 -36.48 17.83
N ARG I 404 -51.90 -37.03 19.01
CA ARG I 404 -52.98 -37.54 19.85
C ARG I 404 -53.77 -36.40 20.51
N SER I 405 -53.24 -35.18 20.45
CA SER I 405 -53.94 -34.04 21.05
C SER I 405 -55.12 -33.64 20.19
N ALA I 406 -56.10 -33.00 20.82
CA ALA I 406 -57.27 -32.50 20.11
C ALA I 406 -57.04 -31.06 19.66
N ASN I 407 -57.30 -30.80 18.38
CA ASN I 407 -57.06 -29.48 17.80
C ASN I 407 -58.30 -29.05 17.03
N GLY I 408 -58.67 -27.77 17.18
CA GLY I 408 -59.79 -27.19 16.47
C GLY I 408 -61.13 -27.32 17.15
N GLN I 409 -61.24 -28.08 18.23
CA GLN I 409 -62.50 -28.25 18.93
C GLN I 409 -62.82 -27.01 19.75
N ARG I 410 -64.11 -26.78 19.98
CA ARG I 410 -64.60 -25.66 20.77
C ARG I 410 -65.52 -26.18 21.86
N GLY I 411 -65.30 -25.72 23.09
CA GLY I 411 -66.12 -26.10 24.23
C GLY I 411 -66.81 -24.88 24.83
N MET I 412 -68.11 -25.00 25.04
CA MET I 412 -68.93 -23.91 25.54
C MET I 412 -69.64 -24.34 26.81
N PRO I 413 -69.54 -23.56 27.89
CA PRO I 413 -70.20 -23.95 29.14
C PRO I 413 -71.72 -23.88 29.02
N LYS I 414 -72.40 -24.72 29.80
CA LYS I 414 -73.84 -24.73 29.81
C LYS I 414 -74.40 -23.52 30.56
N GLY I 415 -75.44 -22.91 29.98
CA GLY I 415 -76.12 -21.81 30.63
C GLY I 415 -75.69 -20.42 30.21
N MET I 416 -74.60 -20.29 29.46
CA MET I 416 -74.18 -18.96 28.99
C MET I 416 -75.19 -18.38 28.02
N LEU I 417 -75.58 -19.14 27.01
CA LEU I 417 -76.46 -18.66 25.95
C LEU I 417 -77.70 -19.54 25.86
N ASP I 418 -78.87 -18.91 25.73
CA ASP I 418 -80.08 -19.67 25.44
C ASP I 418 -80.07 -20.13 23.99
N ALA I 419 -81.20 -20.73 23.58
CA ALA I 419 -81.26 -21.35 22.25
C ALA I 419 -81.00 -20.35 21.14
N LEU I 420 -81.71 -19.21 21.16
CA LEU I 420 -81.59 -18.25 20.07
C LEU I 420 -80.20 -17.63 20.01
N ASN I 421 -79.65 -17.25 21.17
CA ASN I 421 -78.32 -16.66 21.19
C ASN I 421 -77.26 -17.68 20.79
N SER I 422 -77.42 -18.93 21.22
CA SER I 422 -76.49 -19.97 20.81
C SER I 422 -76.51 -20.18 19.30
N ARG I 423 -77.71 -20.20 18.72
CA ARG I 423 -77.80 -20.33 17.26
C ARG I 423 -77.16 -19.13 16.57
N ARG I 424 -77.41 -17.92 17.07
CA ARG I 424 -76.81 -16.73 16.48
C ARG I 424 -75.29 -16.79 16.54
N TYR I 425 -74.75 -17.27 17.66
CA TYR I 425 -73.30 -17.43 17.78
C TYR I 425 -72.79 -18.48 16.79
N ARG I 426 -73.52 -19.58 16.62
CA ARG I 426 -73.05 -20.65 15.74
C ARG I 426 -73.05 -20.21 14.28
N GLU I 427 -74.09 -19.48 13.84
CA GLU I 427 -74.11 -19.03 12.45
C GLU I 427 -73.02 -18.01 12.16
N GLY I 428 -72.67 -17.19 13.15
CA GLY I 428 -71.59 -16.24 12.97
C GLY I 428 -71.99 -14.79 13.03
N GLU I 429 -73.00 -14.47 13.84
CA GLU I 429 -73.46 -13.11 14.00
C GLU I 429 -73.43 -12.71 15.48
N ASP I 430 -73.77 -11.46 15.74
CA ASP I 430 -73.68 -10.92 17.09
C ASP I 430 -74.68 -11.61 18.02
N TYR I 431 -74.32 -11.65 19.31
CA TYR I 431 -75.11 -12.36 20.30
C TYR I 431 -75.08 -11.58 21.61
N GLU I 432 -75.83 -12.10 22.59
CA GLU I 432 -75.86 -11.56 23.95
C GLU I 432 -75.70 -12.70 24.94
N TYR I 433 -74.83 -12.50 25.93
CA TYR I 433 -74.51 -13.54 26.90
C TYR I 433 -74.91 -13.12 28.31
N ASN I 434 -75.06 -14.12 29.17
CA ASN I 434 -75.38 -13.85 30.56
C ASN I 434 -74.16 -13.27 31.26
N PRO I 435 -74.32 -12.18 32.03
CA PRO I 435 -73.15 -11.53 32.64
C PRO I 435 -72.42 -12.40 33.66
N THR I 436 -73.07 -13.44 34.18
CA THR I 436 -72.43 -14.27 35.19
C THR I 436 -71.19 -14.98 34.64
N GLN I 437 -71.25 -15.46 33.40
CA GLN I 437 -70.13 -16.14 32.77
C GLN I 437 -69.55 -15.27 31.67
N ASN I 438 -68.23 -15.12 31.66
CA ASN I 438 -67.55 -14.27 30.69
C ASN I 438 -67.01 -15.10 29.54
N PRO I 439 -67.49 -14.91 28.31
CA PRO I 439 -67.08 -15.81 27.21
C PRO I 439 -65.59 -15.77 26.90
N ALA I 440 -64.87 -14.74 27.36
CA ALA I 440 -63.46 -14.61 27.02
C ALA I 440 -62.64 -15.78 27.53
N GLN I 441 -62.96 -16.27 28.74
CA GLN I 441 -62.21 -17.37 29.32
C GLN I 441 -62.97 -18.69 29.17
N MET I 442 -64.30 -18.65 29.29
CA MET I 442 -65.08 -19.88 29.33
C MET I 442 -65.09 -20.59 27.99
N ILE I 443 -65.18 -19.84 26.89
CA ILE I 443 -65.08 -20.45 25.57
C ILE I 443 -63.64 -20.86 25.31
N ILE I 444 -63.42 -22.13 25.00
CA ILE I 444 -62.09 -22.72 24.91
C ILE I 444 -61.88 -23.23 23.50
N GLU I 445 -60.77 -22.84 22.89
CA GLU I 445 -60.31 -23.38 21.61
C GLU I 445 -59.05 -24.19 21.88
N HIS I 446 -59.08 -25.45 21.53
CA HIS I 446 -57.96 -26.35 21.83
C HIS I 446 -56.81 -26.12 20.86
N LYS I 447 -55.59 -26.38 21.32
CA LYS I 447 -54.39 -26.11 20.57
C LYS I 447 -53.38 -27.22 20.80
N PHE I 448 -52.31 -27.19 20.01
CA PHE I 448 -51.23 -28.16 20.16
C PHE I 448 -50.51 -27.92 21.50
N PRO I 449 -50.16 -28.99 22.22
CA PRO I 449 -49.37 -28.81 23.44
C PRO I 449 -47.95 -28.35 23.10
N GLU I 450 -47.33 -27.66 24.06
CA GLU I 450 -45.99 -27.14 23.83
C GLU I 450 -44.95 -28.23 24.06
N LEU I 451 -43.98 -28.31 23.15
CA LEU I 451 -42.98 -29.37 23.21
C LEU I 451 -41.99 -29.11 24.35
N PRO I 452 -41.65 -30.14 25.12
CA PRO I 452 -40.62 -29.96 26.16
C PRO I 452 -39.24 -29.80 25.56
N GLN I 453 -38.35 -29.16 26.33
CA GLN I 453 -36.99 -28.93 25.85
C GLN I 453 -36.15 -30.20 25.93
N SER I 454 -36.59 -31.18 26.72
CA SER I 454 -35.80 -32.40 26.90
C SER I 454 -35.64 -33.16 25.59
N ALA I 455 -36.71 -33.25 24.81
CA ALA I 455 -36.64 -34.00 23.55
C ALA I 455 -35.65 -33.37 22.59
N LEU I 456 -35.70 -32.04 22.43
CA LEU I 456 -34.77 -31.36 21.55
C LEU I 456 -33.33 -31.49 22.06
N THR I 457 -33.14 -31.34 23.37
CA THR I 457 -31.80 -31.46 23.94
C THR I 457 -31.22 -32.85 23.70
N MET I 458 -32.02 -33.90 23.90
CA MET I 458 -31.51 -35.25 23.71
C MET I 458 -31.28 -35.56 22.25
N ALA I 459 -32.12 -35.04 21.36
CA ALA I 459 -31.88 -35.21 19.93
C ALA I 459 -30.57 -34.55 19.53
N THR I 460 -30.31 -33.35 20.04
CA THR I 460 -29.04 -32.67 19.76
C THR I 460 -27.87 -33.47 20.33
N LEU I 461 -28.02 -34.02 21.53
CA LEU I 461 -26.94 -34.82 22.12
C LEU I 461 -26.64 -36.05 21.28
N GLN I 462 -27.68 -36.75 20.82
CA GLN I 462 -27.46 -37.93 19.97
C GLN I 462 -26.80 -37.54 18.66
N ASN I 463 -27.24 -36.44 18.04
CA ASN I 463 -26.61 -36.01 16.79
C ASN I 463 -25.14 -35.65 16.99
N GLN I 464 -24.84 -34.94 18.08
CA GLN I 464 -23.45 -34.56 18.35
C GLN I 464 -22.59 -35.78 18.63
N GLU I 465 -23.12 -36.74 19.39
CA GLU I 465 -22.36 -37.96 19.66
C GLU I 465 -22.09 -38.74 18.38
N ALA I 466 -23.10 -38.84 17.50
CA ALA I 466 -22.90 -39.53 16.23
C ALA I 466 -21.86 -38.83 15.37
N GLU I 467 -21.93 -37.50 15.30
CA GLU I 467 -20.96 -36.76 14.50
C GLU I 467 -19.54 -36.90 15.06
N SER I 468 -19.42 -36.92 16.39
CA SER I 468 -18.11 -37.10 17.01
C SER I 468 -17.55 -38.49 16.74
N LEU I 469 -18.37 -39.52 16.90
CA LEU I 469 -17.91 -40.88 16.65
C LEU I 469 -17.53 -41.09 15.19
N THR I 470 -18.42 -40.69 14.27
CA THR I 470 -18.16 -40.91 12.86
C THR I 470 -17.10 -39.95 12.33
N GLY I 471 -17.15 -38.69 12.75
CA GLY I 471 -16.26 -37.67 12.23
C GLY I 471 -16.74 -36.99 10.97
N VAL I 472 -18.01 -37.13 10.62
CA VAL I 472 -18.58 -36.53 9.41
C VAL I 472 -19.68 -35.56 9.83
N LYS I 473 -19.62 -34.34 9.27
CA LYS I 473 -20.61 -33.32 9.53
C LYS I 473 -21.53 -33.17 8.33
N ALA I 474 -22.59 -32.37 8.50
CA ALA I 474 -23.61 -32.25 7.46
C ALA I 474 -23.08 -31.51 6.25
N PHE I 475 -22.64 -30.26 6.43
CA PHE I 475 -22.27 -29.42 5.31
C PHE I 475 -20.80 -28.99 5.36
N ALA I 476 -19.91 -29.87 5.82
CA ALA I 476 -18.50 -29.55 5.91
C ALA I 476 -17.67 -30.72 5.39
N GLY I 477 -16.45 -30.40 4.94
CA GLY I 477 -15.51 -31.41 4.50
C GLY I 477 -15.73 -31.87 3.07
N GLY I 478 -15.07 -32.97 2.75
CA GLY I 478 -15.18 -33.58 1.44
C GLY I 478 -14.12 -33.15 0.44
N VAL I 479 -13.27 -32.19 0.78
CA VAL I 479 -12.28 -31.64 -0.15
C VAL I 479 -10.93 -32.31 -0.02
N THR I 480 -10.88 -33.51 0.56
CA THR I 480 -9.60 -34.20 0.72
C THR I 480 -9.05 -34.68 -0.62
N GLY I 481 -9.93 -35.00 -1.56
CA GLY I 481 -9.50 -35.53 -2.83
C GLY I 481 -8.65 -34.57 -3.65
N GLU I 482 -8.95 -33.27 -3.56
CA GLU I 482 -8.19 -32.29 -4.33
C GLU I 482 -6.76 -32.15 -3.80
N SER I 483 -6.53 -32.56 -2.56
CA SER I 483 -5.21 -32.51 -1.94
C SER I 483 -4.52 -33.87 -1.91
N TYR I 484 -5.04 -34.84 -2.65
CA TYR I 484 -4.45 -36.18 -2.65
C TYR I 484 -3.08 -36.18 -3.32
N GLY I 485 -2.89 -35.31 -4.30
CA GLY I 485 -1.63 -35.28 -5.02
C GLY I 485 -0.47 -34.95 -4.08
N ASP I 486 0.60 -35.75 -4.17
CA ASP I 486 1.74 -35.57 -3.28
C ASP I 486 2.40 -34.21 -3.49
N VAL I 487 3.00 -34.00 -4.67
CA VAL I 487 3.65 -32.73 -4.94
C VAL I 487 2.64 -31.60 -5.03
N ALA I 488 1.39 -31.93 -5.40
CA ALA I 488 0.37 -30.91 -5.57
C ALA I 488 0.08 -30.18 -4.27
N ALA I 489 -0.40 -30.92 -3.27
CA ALA I 489 -0.79 -30.27 -2.01
C ALA I 489 -0.28 -30.99 -0.77
N GLY I 490 0.33 -32.16 -0.88
CA GLY I 490 0.88 -32.81 0.31
C GLY I 490 2.03 -32.01 0.91
N ILE I 491 2.80 -31.33 0.06
CA ILE I 491 3.90 -30.50 0.54
C ILE I 491 3.33 -29.21 1.11
N ARG I 492 3.62 -28.94 2.38
CA ARG I 492 3.14 -27.75 3.08
C ARG I 492 1.62 -27.61 2.96
N GLY I 493 0.93 -28.73 3.11
CA GLY I 493 -0.52 -28.74 3.05
C GLY I 493 -1.15 -29.00 4.40
N VAL I 494 -1.95 -28.05 4.89
CA VAL I 494 -2.56 -28.14 6.21
C VAL I 494 -4.06 -28.37 6.03
N LEU I 495 -4.56 -29.43 6.66
CA LEU I 495 -5.98 -29.77 6.64
C LEU I 495 -6.45 -30.04 8.06
N ASP I 496 -7.74 -29.80 8.29
CA ASP I 496 -8.31 -30.01 9.61
C ASP I 496 -8.28 -31.50 9.97
N ALA I 497 -8.56 -31.78 11.24
CA ALA I 497 -8.44 -33.14 11.76
C ALA I 497 -9.41 -34.09 11.07
N ALA I 498 -10.58 -33.59 10.64
CA ALA I 498 -11.58 -34.46 10.04
C ALA I 498 -11.18 -34.89 8.64
N SER I 499 -10.30 -34.16 7.98
CA SER I 499 -9.94 -34.47 6.60
C SER I 499 -9.01 -35.67 6.51
N LYS I 500 -8.23 -35.92 7.55
CA LYS I 500 -7.19 -36.94 7.47
C LYS I 500 -7.78 -38.35 7.50
N ARG I 501 -8.90 -38.54 8.20
CA ARG I 501 -9.56 -39.85 8.16
C ARG I 501 -10.06 -40.17 6.76
N GLU I 502 -10.67 -39.19 6.09
CA GLU I 502 -11.11 -39.37 4.72
C GLU I 502 -9.91 -39.60 3.79
N MET I 503 -8.80 -38.91 4.05
CA MET I 503 -7.59 -39.14 3.26
C MET I 503 -7.08 -40.56 3.44
N ALA I 504 -7.13 -41.08 4.66
CA ALA I 504 -6.71 -42.46 4.91
C ALA I 504 -7.59 -43.44 4.17
N ILE I 505 -8.91 -43.23 4.19
CA ILE I 505 -9.82 -44.11 3.45
C ILE I 505 -9.53 -44.04 1.95
N LEU I 506 -9.26 -42.84 1.45
CA LEU I 506 -8.95 -42.68 0.03
C LEU I 506 -7.66 -43.41 -0.34
N ARG I 507 -6.65 -43.35 0.53
CA ARG I 507 -5.42 -44.10 0.28
C ARG I 507 -5.67 -45.60 0.30
N ARG I 508 -6.52 -46.06 1.21
CA ARG I 508 -6.87 -47.48 1.23
C ARG I 508 -7.54 -47.92 -0.06
N LEU I 509 -8.44 -47.09 -0.59
CA LEU I 509 -9.06 -47.42 -1.89
C LEU I 509 -8.03 -47.37 -3.03
N ALA I 510 -7.14 -46.39 -2.99
CA ALA I 510 -6.14 -46.23 -4.06
C ALA I 510 -5.18 -47.41 -4.08
N LYS I 511 -4.89 -48.01 -2.92
CA LYS I 511 -4.04 -49.19 -2.90
C LYS I 511 -4.68 -50.34 -3.66
N GLY I 512 -5.97 -50.59 -3.43
CA GLY I 512 -6.67 -51.62 -4.19
C GLY I 512 -6.74 -51.32 -5.67
N MET I 513 -6.93 -50.04 -6.02
CA MET I 513 -6.93 -49.65 -7.42
C MET I 513 -5.57 -49.92 -8.07
N SER I 514 -4.48 -49.63 -7.34
CA SER I 514 -3.15 -49.91 -7.85
C SER I 514 -2.93 -51.40 -8.05
N GLU I 515 -3.42 -52.22 -7.10
CA GLU I 515 -3.30 -53.67 -7.25
C GLU I 515 -4.06 -54.15 -8.49
N ILE I 516 -5.27 -53.64 -8.71
CA ILE I 516 -6.05 -54.01 -9.88
C ILE I 516 -5.31 -53.62 -11.16
N GLY I 517 -4.75 -52.41 -11.19
CA GLY I 517 -4.01 -51.96 -12.35
C GLY I 517 -2.79 -52.82 -12.63
N ASN I 518 -2.07 -53.20 -11.57
CA ASN I 518 -0.90 -54.06 -11.74
C ASN I 518 -1.29 -55.42 -12.29
N LYS I 519 -2.38 -56.00 -11.77
CA LYS I 519 -2.85 -57.29 -12.29
C LYS I 519 -3.24 -57.19 -13.75
N ILE I 520 -3.94 -56.11 -14.12
CA ILE I 520 -4.38 -55.97 -15.51
C ILE I 520 -3.20 -55.76 -16.44
N ILE I 521 -2.18 -55.01 -15.99
CA ILE I 521 -0.97 -54.82 -16.78
C ILE I 521 -0.26 -56.16 -16.97
N ALA I 522 -0.16 -56.95 -15.91
CA ALA I 522 0.49 -58.26 -16.01
C ALA I 522 -0.24 -59.15 -17.01
N MET I 523 -1.58 -59.14 -16.98
CA MET I 523 -2.34 -59.94 -17.93
C MET I 523 -2.19 -59.44 -19.35
N ASN I 524 -2.18 -58.12 -19.55
CA ASN I 524 -1.99 -57.57 -20.90
C ASN I 524 -0.60 -57.90 -21.44
N ALA I 525 0.38 -58.04 -20.56
CA ALA I 525 1.74 -58.34 -21.00
C ALA I 525 1.80 -59.67 -21.75
N VAL I 526 0.90 -60.60 -21.42
CA VAL I 526 0.92 -61.91 -22.06
C VAL I 526 -0.15 -62.00 -23.14
N PHE I 527 -1.39 -61.63 -22.80
CA PHE I 527 -2.51 -61.95 -23.67
C PHE I 527 -2.54 -61.10 -24.93
N LEU I 528 -2.27 -59.80 -24.81
CA LEU I 528 -2.34 -58.91 -25.96
C LEU I 528 -1.19 -59.18 -26.92
N ALA I 529 -1.50 -59.09 -28.21
CA ALA I 529 -0.51 -59.32 -29.26
C ALA I 529 0.17 -58.00 -29.64
N GLU I 530 1.16 -58.11 -30.54
CA GLU I 530 1.93 -56.94 -30.94
C GLU I 530 1.10 -55.97 -31.77
N HIS I 531 0.34 -56.49 -32.74
CA HIS I 531 -0.38 -55.61 -33.67
C HIS I 531 -1.45 -54.80 -32.94
N GLU I 532 -2.11 -55.38 -31.95
CA GLU I 532 -3.11 -54.63 -31.19
C GLU I 532 -2.48 -53.47 -30.45
N VAL I 533 -1.34 -53.70 -29.79
CA VAL I 533 -0.68 -52.62 -29.06
C VAL I 533 -0.17 -51.56 -30.01
N VAL I 534 0.32 -51.97 -31.18
CA VAL I 534 0.78 -50.99 -32.17
C VAL I 534 -0.40 -50.16 -32.67
N ARG I 535 -1.55 -50.79 -32.87
CA ARG I 535 -2.74 -50.05 -33.31
C ARG I 535 -3.18 -49.05 -32.25
N ILE I 536 -3.15 -49.46 -30.98
CA ILE I 536 -3.61 -48.57 -29.91
C ILE I 536 -2.64 -47.41 -29.72
N THR I 537 -1.34 -47.68 -29.73
CA THR I 537 -0.35 -46.66 -29.37
C THR I 537 0.29 -45.97 -30.57
N ASN I 538 0.25 -46.59 -31.75
CA ASN I 538 0.86 -46.02 -32.97
C ASN I 538 2.35 -45.74 -32.75
N GLU I 539 3.03 -46.67 -32.09
CA GLU I 539 4.46 -46.56 -31.86
C GLU I 539 5.07 -47.95 -31.88
N GLU I 540 6.41 -48.00 -31.84
CA GLU I 540 7.11 -49.27 -31.88
C GLU I 540 6.81 -50.08 -30.63
N PHE I 541 6.77 -51.40 -30.79
CA PHE I 541 6.45 -52.30 -29.69
C PHE I 541 7.68 -52.56 -28.83
N VAL I 542 7.46 -52.67 -27.52
CA VAL I 542 8.49 -53.03 -26.56
C VAL I 542 8.13 -54.36 -25.95
N THR I 543 9.12 -55.25 -25.81
CA THR I 543 8.88 -56.62 -25.36
C THR I 543 9.32 -56.76 -23.91
N ILE I 544 8.55 -57.52 -23.14
CA ILE I 544 8.86 -57.83 -21.75
C ILE I 544 9.06 -59.34 -21.63
N LYS I 545 10.15 -59.74 -20.99
CA LYS I 545 10.47 -61.15 -20.86
C LYS I 545 9.52 -61.83 -19.88
N ARG I 546 9.27 -63.11 -20.12
CA ARG I 546 8.35 -63.87 -19.28
C ARG I 546 8.89 -64.11 -17.89
N GLU I 547 10.22 -64.18 -17.74
CA GLU I 547 10.82 -64.39 -16.43
C GLU I 547 10.61 -63.18 -15.52
N ASP I 548 10.61 -61.97 -16.11
CA ASP I 548 10.47 -60.75 -15.31
C ASP I 548 9.02 -60.48 -14.94
N LEU I 549 8.09 -61.29 -15.45
CA LEU I 549 6.68 -61.03 -15.20
C LEU I 549 6.30 -61.28 -13.74
N LYS I 550 6.96 -62.25 -13.09
CA LYS I 550 6.60 -62.61 -11.72
C LYS I 550 6.86 -61.45 -10.76
N GLY I 551 8.00 -60.76 -10.92
CA GLY I 551 8.35 -59.64 -10.07
C GLY I 551 8.18 -58.32 -10.82
N ASN I 552 7.33 -57.45 -10.26
CA ASN I 552 6.99 -56.20 -10.92
C ASN I 552 8.17 -55.24 -10.82
N PHE I 553 9.05 -55.27 -11.82
CA PHE I 553 10.10 -54.26 -11.97
C PHE I 553 9.65 -53.24 -12.99
N ASP I 554 10.37 -52.12 -13.03
CA ASP I 554 10.38 -51.11 -14.09
C ASP I 554 9.10 -50.28 -14.11
N LEU I 555 8.13 -50.55 -13.25
CA LEU I 555 6.84 -49.89 -13.35
C LEU I 555 6.30 -49.54 -11.97
N GLU I 556 5.52 -48.47 -11.90
CA GLU I 556 4.79 -48.07 -10.70
C GLU I 556 3.46 -47.48 -11.13
N VAL I 557 2.38 -47.97 -10.55
CA VAL I 557 1.02 -47.60 -10.94
C VAL I 557 0.38 -46.84 -9.78
N ASP I 558 -0.22 -45.70 -10.09
CA ASP I 558 -0.90 -44.89 -9.09
C ASP I 558 -2.04 -44.12 -9.76
N ILE I 559 -3.00 -43.70 -8.94
CA ILE I 559 -4.14 -42.94 -9.45
C ILE I 559 -3.68 -41.56 -9.88
N SER I 560 -4.19 -41.10 -11.03
CA SER I 560 -3.84 -39.81 -11.60
C SER I 560 -4.96 -38.80 -11.35
N THR I 561 -4.57 -37.60 -10.94
CA THR I 561 -5.51 -36.51 -10.72
C THR I 561 -5.06 -35.29 -11.51
N ALA I 562 -5.99 -34.33 -11.66
CA ALA I 562 -5.71 -33.15 -12.47
C ALA I 562 -4.61 -32.29 -11.85
N GLU I 563 -4.64 -32.10 -10.53
CA GLU I 563 -3.67 -31.23 -9.88
C GLU I 563 -2.27 -31.82 -9.91
N VAL I 564 -2.15 -33.15 -9.97
CA VAL I 564 -0.85 -33.77 -10.09
C VAL I 564 -0.18 -33.36 -11.40
N ASP I 565 -0.94 -33.35 -12.50
CA ASP I 565 -0.38 -32.93 -13.78
C ASP I 565 0.06 -31.47 -13.74
N ASN I 566 -0.75 -30.61 -13.11
CA ASN I 566 -0.36 -29.20 -13.00
C ASN I 566 0.93 -29.04 -12.20
N GLN I 567 1.05 -29.74 -11.08
CA GLN I 567 2.26 -29.63 -10.28
C GLN I 567 3.47 -30.18 -11.02
N LYS I 568 3.29 -31.28 -11.77
CA LYS I 568 4.39 -31.80 -12.57
C LYS I 568 4.81 -30.81 -13.64
N SER I 569 3.83 -30.11 -14.25
CA SER I 569 4.15 -29.09 -15.23
C SER I 569 4.94 -27.94 -14.60
N GLN I 570 4.53 -27.51 -13.40
CA GLN I 570 5.27 -26.46 -12.71
C GLN I 570 6.68 -26.91 -12.36
N ASP I 571 6.84 -28.15 -11.92
CA ASP I 571 8.18 -28.66 -11.62
C ASP I 571 9.05 -28.72 -12.87
N LEU I 572 8.47 -29.15 -14.00
CA LEU I 572 9.22 -29.18 -15.25
C LEU I 572 9.62 -27.78 -15.69
N GLY I 573 8.71 -26.80 -15.53
CA GLY I 573 9.06 -25.43 -15.85
C GLY I 573 10.16 -24.89 -14.96
N PHE I 574 10.12 -25.20 -13.66
CA PHE I 574 11.17 -24.78 -12.75
C PHE I 574 12.51 -25.39 -13.16
N MET I 575 12.51 -26.68 -13.52
CA MET I 575 13.76 -27.32 -13.94
C MET I 575 14.27 -26.72 -15.23
N LEU I 576 13.37 -26.38 -16.16
CA LEU I 576 13.79 -25.73 -17.39
C LEU I 576 14.39 -24.36 -17.13
N GLN I 577 13.80 -23.60 -16.20
CA GLN I 577 14.35 -22.31 -15.83
C GLN I 577 15.72 -22.45 -15.18
N THR I 578 15.89 -23.45 -14.30
CA THR I 578 17.15 -23.60 -13.58
C THR I 578 18.30 -23.92 -14.53
N ILE I 579 18.11 -24.89 -15.42
CA ILE I 579 19.15 -25.24 -16.38
C ILE I 579 19.16 -24.23 -17.52
N GLY I 580 20.35 -23.92 -18.01
CA GLY I 580 20.49 -23.02 -19.14
C GLY I 580 19.86 -23.58 -20.39
N PRO I 581 19.00 -22.79 -21.04
CA PRO I 581 18.37 -23.27 -22.29
C PRO I 581 19.37 -23.58 -23.39
N ASN I 582 20.51 -22.88 -23.42
CA ASN I 582 21.49 -23.10 -24.47
C ASN I 582 22.46 -24.23 -24.15
N VAL I 583 22.34 -24.83 -22.96
CA VAL I 583 23.27 -25.89 -22.57
C VAL I 583 23.14 -27.09 -23.51
N ASP I 584 21.91 -27.55 -23.73
CA ASP I 584 21.67 -28.69 -24.61
C ASP I 584 20.28 -28.55 -25.22
N GLN I 585 20.21 -28.73 -26.55
CA GLN I 585 18.93 -28.60 -27.24
C GLN I 585 18.04 -29.82 -27.01
N GLN I 586 18.65 -31.01 -26.91
CA GLN I 586 17.87 -32.23 -26.75
C GLN I 586 17.13 -32.23 -25.41
N ILE I 587 17.80 -31.79 -24.34
CA ILE I 587 17.17 -31.74 -23.03
C ILE I 587 15.99 -30.78 -23.04
N THR I 588 16.17 -29.61 -23.66
CA THR I 588 15.09 -28.64 -23.74
C THR I 588 13.91 -29.18 -24.54
N LEU I 589 14.20 -29.86 -25.67
CA LEU I 589 13.12 -30.42 -26.47
C LEU I 589 12.37 -31.50 -25.71
N ASN I 590 13.08 -32.36 -24.98
CA ASN I 590 12.40 -33.39 -24.19
C ASN I 590 11.56 -32.77 -23.09
N ILE I 591 12.09 -31.75 -22.42
CA ILE I 591 11.32 -31.09 -21.37
C ILE I 591 10.05 -30.48 -21.95
N LEU I 592 10.16 -29.82 -23.10
CA LEU I 592 8.99 -29.23 -23.74
C LEU I 592 7.99 -30.30 -24.16
N ALA I 593 8.48 -31.44 -24.66
CA ALA I 593 7.57 -32.50 -25.09
C ALA I 593 6.79 -33.06 -23.90
N GLU I 594 7.45 -33.32 -22.78
CA GLU I 594 6.73 -33.80 -21.60
C GLU I 594 5.82 -32.74 -21.01
N ILE I 595 6.17 -31.46 -21.12
CA ILE I 595 5.25 -30.40 -20.69
C ILE I 595 4.00 -30.40 -21.57
N ALA I 596 4.18 -30.52 -22.89
CA ALA I 596 3.06 -30.49 -23.81
C ALA I 596 2.16 -31.71 -23.63
N ASP I 597 2.75 -32.86 -23.32
CA ASP I 597 1.96 -34.07 -23.11
C ASP I 597 1.01 -33.93 -21.93
N LEU I 598 1.48 -33.32 -20.85
CA LEU I 598 0.63 -33.15 -19.67
C LEU I 598 -0.53 -32.19 -19.97
N LYS I 599 -0.34 -31.28 -20.92
CA LYS I 599 -1.36 -30.31 -21.28
C LYS I 599 -2.24 -30.77 -22.44
N ARG I 600 -2.08 -32.02 -22.90
CA ARG I 600 -2.96 -32.69 -23.85
C ARG I 600 -2.92 -32.09 -25.26
N MET I 601 -1.73 -31.84 -25.81
CA MET I 601 -1.60 -31.72 -27.25
C MET I 601 -0.57 -32.73 -27.73
N PRO I 602 -0.97 -33.94 -28.12
CA PRO I 602 0.02 -34.94 -28.54
C PRO I 602 0.71 -34.58 -29.85
N LYS I 603 0.03 -33.86 -30.74
CA LYS I 603 0.67 -33.45 -31.99
C LYS I 603 1.84 -32.52 -31.74
N LEU I 604 1.68 -31.56 -30.83
CA LEU I 604 2.77 -30.64 -30.50
C LEU I 604 3.93 -31.39 -29.86
N ALA I 605 3.64 -32.33 -28.97
CA ALA I 605 4.70 -33.12 -28.36
C ALA I 605 5.45 -33.95 -29.38
N HIS I 606 4.74 -34.57 -30.32
CA HIS I 606 5.39 -35.35 -31.35
C HIS I 606 6.24 -34.47 -32.27
N ASP I 607 5.75 -33.27 -32.57
CA ASP I 607 6.53 -32.35 -33.39
C ASP I 607 7.80 -31.92 -32.68
N LEU I 608 7.71 -31.63 -31.38
CA LEU I 608 8.89 -31.24 -30.61
C LEU I 608 9.89 -32.38 -30.51
N ARG I 609 9.41 -33.60 -30.27
CA ARG I 609 10.31 -34.73 -30.11
C ARG I 609 11.11 -35.01 -31.38
N THR I 610 10.43 -35.09 -32.52
CA THR I 610 11.07 -35.36 -33.81
C THR I 610 11.38 -34.06 -34.55
N TRP I 611 12.15 -33.18 -33.93
CA TRP I 611 12.49 -31.88 -34.50
C TRP I 611 13.98 -31.85 -34.82
N GLN I 612 14.30 -31.47 -36.06
CA GLN I 612 15.68 -31.34 -36.51
C GLN I 612 15.86 -29.99 -37.19
N PRO I 613 16.87 -29.20 -36.81
CA PRO I 613 17.07 -27.89 -37.43
C PRO I 613 17.41 -28.03 -38.92
N GLN I 614 16.95 -27.05 -39.70
CA GLN I 614 17.20 -27.03 -41.13
C GLN I 614 18.39 -26.13 -41.43
N PRO I 615 19.46 -26.65 -42.04
CA PRO I 615 20.65 -25.84 -42.26
C PRO I 615 20.42 -24.75 -43.30
N ASP I 616 21.16 -23.65 -43.15
CA ASP I 616 21.12 -22.53 -44.08
C ASP I 616 22.42 -22.50 -44.87
N PRO I 617 22.38 -22.72 -46.19
CA PRO I 617 23.64 -22.84 -46.94
C PRO I 617 24.52 -21.61 -46.89
N VAL I 618 23.94 -20.41 -46.87
CA VAL I 618 24.75 -19.19 -46.97
C VAL I 618 25.61 -19.00 -45.72
N GLN I 619 25.08 -19.39 -44.56
CA GLN I 619 25.83 -19.20 -43.32
C GLN I 619 27.09 -20.05 -43.29
N GLU I 620 26.98 -21.32 -43.69
CA GLU I 620 28.16 -22.19 -43.73
C GLU I 620 29.21 -21.64 -44.69
N GLN I 621 28.77 -21.18 -45.87
CA GLN I 621 29.68 -20.61 -46.85
C GLN I 621 30.42 -19.41 -46.29
N LEU I 622 29.68 -18.51 -45.63
CA LEU I 622 30.32 -17.39 -44.95
C LEU I 622 31.31 -17.87 -43.90
N LYS I 623 31.01 -19.00 -43.25
CA LYS I 623 31.92 -19.55 -42.25
C LYS I 623 33.28 -19.91 -42.87
N GLN I 624 33.28 -20.71 -43.94
CA GLN I 624 34.61 -21.08 -44.45
C GLN I 624 35.27 -19.91 -45.15
N LEU I 625 34.49 -18.95 -45.66
CA LEU I 625 35.09 -17.73 -46.19
C LEU I 625 35.82 -16.96 -45.10
N ALA I 626 35.21 -16.83 -43.92
CA ALA I 626 35.87 -16.16 -42.80
C ALA I 626 37.12 -16.93 -42.38
N VAL I 627 37.04 -18.26 -42.35
CA VAL I 627 38.21 -19.06 -41.99
C VAL I 627 39.33 -18.85 -42.99
N GLU I 628 39.01 -18.81 -44.28
CA GLU I 628 40.03 -18.59 -45.30
C GLU I 628 40.66 -17.21 -45.15
N LYS I 629 39.85 -16.19 -44.86
CA LYS I 629 40.40 -14.85 -44.65
C LYS I 629 41.36 -14.83 -43.46
N ALA I 630 40.96 -15.49 -42.36
CA ALA I 630 41.82 -15.56 -41.19
C ALA I 630 43.13 -16.27 -41.51
N GLN I 631 43.07 -17.32 -42.33
CA GLN I 631 44.30 -18.00 -42.74
C GLN I 631 45.17 -17.10 -43.59
N LEU I 632 44.56 -16.33 -44.50
CA LEU I 632 45.35 -15.52 -45.44
C LEU I 632 46.01 -14.33 -44.75
N GLU I 633 45.43 -13.86 -43.64
CA GLU I 633 46.04 -12.74 -42.93
C GLU I 633 47.45 -13.08 -42.44
N ASN I 634 47.65 -14.30 -41.94
CA ASN I 634 48.97 -14.71 -41.48
C ASN I 634 49.98 -14.73 -42.63
N GLU I 635 49.56 -15.22 -43.81
CA GLU I 635 50.45 -15.22 -44.96
C GLU I 635 50.80 -13.79 -45.37
N GLU I 636 49.83 -12.87 -45.29
CA GLU I 636 50.12 -11.47 -45.59
C GLU I 636 51.16 -10.91 -44.62
N LEU I 637 51.03 -11.24 -43.32
CA LEU I 637 52.01 -10.79 -42.34
C LEU I 637 53.39 -11.35 -42.65
N ARG I 638 53.45 -12.62 -43.02
CA ARG I 638 54.74 -13.24 -43.37
C ARG I 638 55.37 -12.55 -44.57
N SER I 639 54.56 -12.23 -45.58
CA SER I 639 55.08 -11.52 -46.75
C SER I 639 55.61 -10.14 -46.37
N LYS I 640 54.90 -9.44 -45.48
CA LYS I 640 55.38 -8.14 -45.01
C LYS I 640 56.72 -8.28 -44.30
N ILE I 641 56.87 -9.31 -43.46
CA ILE I 641 58.12 -9.53 -42.75
C ILE I 641 59.26 -9.78 -43.74
N ARG I 642 58.99 -10.62 -44.76
CA ARG I 642 60.02 -10.91 -45.76
C ARG I 642 60.43 -9.65 -46.52
N LEU I 643 59.45 -8.82 -46.89
CA LEU I 643 59.77 -7.59 -47.61
C LEU I 643 60.61 -6.65 -46.75
N ASN I 644 60.26 -6.52 -45.46
CA ASN I 644 61.04 -5.68 -44.56
C ASN I 644 62.47 -6.18 -44.43
N ASP I 645 62.63 -7.50 -44.30
CA ASP I 645 63.98 -8.07 -44.20
C ASP I 645 64.79 -7.79 -45.46
N ALA I 646 64.17 -7.95 -46.63
CA ALA I 646 64.88 -7.69 -47.89
C ALA I 646 65.32 -6.23 -47.98
N GLN I 647 64.43 -5.31 -47.60
CA GLN I 647 64.79 -3.89 -47.62
C GLN I 647 65.93 -3.60 -46.66
N ALA I 648 65.92 -4.22 -45.48
CA ALA I 648 67.00 -4.02 -44.53
C ALA I 648 68.34 -4.50 -45.09
N GLN I 649 68.33 -5.68 -45.72
CA GLN I 649 69.57 -6.19 -46.31
C GLN I 649 70.06 -5.28 -47.44
N LYS I 650 69.14 -4.76 -48.26
CA LYS I 650 69.56 -3.83 -49.32
C LYS I 650 70.18 -2.57 -48.73
N ALA I 651 69.59 -2.05 -47.64
CA ALA I 651 70.17 -0.88 -46.99
C ALA I 651 71.56 -1.18 -46.45
N MET I 652 71.75 -2.37 -45.87
CA MET I 652 73.07 -2.76 -45.38
C MET I 652 74.09 -2.81 -46.52
N ALA I 653 73.69 -3.37 -47.65
CA ALA I 653 74.60 -3.42 -48.80
C ALA I 653 74.96 -2.02 -49.29
N GLU I 654 73.97 -1.12 -49.33
CA GLU I 654 74.26 0.26 -49.70
C GLU I 654 75.23 0.92 -48.73
N ARG I 655 75.05 0.64 -47.43
CA ARG I 655 75.99 1.19 -46.44
C ARG I 655 77.40 0.68 -46.68
N ASP I 656 77.54 -0.62 -46.96
CA ASP I 656 78.86 -1.17 -47.23
C ASP I 656 79.50 -0.53 -48.46
N ASN I 657 78.72 -0.32 -49.52
CA ASN I 657 79.25 0.34 -50.70
C ASN I 657 79.69 1.77 -50.39
N LYS I 658 78.89 2.50 -49.61
CA LYS I 658 79.27 3.86 -49.24
C LYS I 658 80.53 3.87 -48.38
N ASN I 659 80.67 2.91 -47.48
CA ASN I 659 81.88 2.82 -46.66
C ASN I 659 83.11 2.55 -47.52
N LEU I 660 82.98 1.67 -48.52
CA LEU I 660 84.10 1.44 -49.43
C LEU I 660 84.44 2.71 -50.19
N ASP I 661 83.42 3.44 -50.65
CA ASP I 661 83.68 4.69 -51.36
C ASP I 661 84.41 5.68 -50.47
N TYR I 662 84.00 5.79 -49.21
CA TYR I 662 84.67 6.68 -48.26
C TYR I 662 86.13 6.27 -48.06
N LEU I 663 86.37 4.97 -47.88
CA LEU I 663 87.73 4.50 -47.66
C LEU I 663 88.63 4.78 -48.86
N GLU I 664 88.11 4.55 -50.07
CA GLU I 664 88.90 4.84 -51.27
C GLU I 664 89.15 6.33 -51.44
N GLN I 665 88.14 7.15 -51.13
CA GLN I 665 88.28 8.60 -51.33
C GLN I 665 89.24 9.21 -50.34
N GLU I 666 89.28 8.67 -49.10
CA GLU I 666 90.17 9.24 -48.09
C GLU I 666 91.63 9.15 -48.52
N SER I 667 92.04 8.02 -49.08
CA SER I 667 93.40 7.85 -49.58
C SER I 667 93.49 8.38 -51.01
N GLY I 668 94.61 8.14 -51.66
CA GLY I 668 94.84 8.57 -53.02
C GLY I 668 94.61 7.52 -54.09
N THR I 669 93.87 6.45 -53.77
CA THR I 669 93.68 5.37 -54.74
C THR I 669 92.95 5.85 -55.99
N LYS I 670 91.93 6.68 -55.83
CA LYS I 670 91.20 7.19 -56.97
C LYS I 670 92.10 8.03 -57.87
N HIS I 671 92.92 8.89 -57.27
CA HIS I 671 93.89 9.66 -58.04
C HIS I 671 94.98 8.76 -58.61
N ALA I 672 95.40 7.74 -57.86
CA ALA I 672 96.45 6.84 -58.33
C ALA I 672 96.02 6.08 -59.56
N ARG I 673 94.76 5.64 -59.61
CA ARG I 673 94.29 4.89 -60.78
C ARG I 673 94.25 5.78 -62.02
N ASP I 674 93.82 7.03 -61.88
CA ASP I 674 93.84 7.95 -63.02
C ASP I 674 95.28 8.22 -63.47
N LEU I 675 96.20 8.40 -62.52
CA LEU I 675 97.60 8.59 -62.88
C LEU I 675 98.15 7.37 -63.62
N GLU I 676 97.78 6.17 -63.16
CA GLU I 676 98.23 4.95 -63.82
C GLU I 676 97.65 4.86 -65.23
N LYS I 677 96.38 5.25 -65.41
CA LYS I 677 95.80 5.25 -66.75
C LYS I 677 96.54 6.21 -67.68
N MET I 678 96.84 7.41 -67.20
CA MET I 678 97.58 8.38 -68.01
C MET I 678 98.97 7.86 -68.35
N LYS I 679 99.66 7.27 -67.37
CA LYS I 679 100.99 6.72 -67.61
C LYS I 679 100.95 5.57 -68.61
N ALA I 680 99.92 4.72 -68.51
CA ALA I 680 99.77 3.62 -69.46
C ALA I 680 99.52 4.13 -70.87
N GLN I 681 98.70 5.18 -71.00
CA GLN I 681 98.45 5.76 -72.31
C GLN I 681 99.74 6.35 -72.89
N SER I 682 100.51 7.04 -72.05
CA SER I 682 101.78 7.59 -72.52
C SER I 682 102.76 6.50 -72.92
N GLN I 683 102.81 5.41 -72.15
CA GLN I 683 103.69 4.30 -72.48
C GLN I 683 103.26 3.62 -73.77
N GLY I 684 101.95 3.50 -73.99
CA GLY I 684 101.46 2.96 -75.25
C GLY I 684 101.84 3.83 -76.43
N ASN I 685 101.74 5.14 -76.26
CA ASN I 685 102.17 6.05 -77.33
C ASN I 685 103.66 5.90 -77.60
N GLN I 686 104.47 5.80 -76.53
CA GLN I 686 105.91 5.64 -76.70
C GLN I 686 106.23 4.32 -77.41
N GLN I 687 105.54 3.25 -77.04
CA GLN I 687 105.76 1.95 -77.69
C GLN I 687 105.37 2.00 -79.16
N LEU I 688 104.25 2.66 -79.47
CA LEU I 688 103.84 2.81 -80.87
C LEU I 688 104.87 3.60 -81.65
N GLU I 689 105.43 4.66 -81.05
CA GLU I 689 106.47 5.42 -81.72
C GLU I 689 107.73 4.58 -81.94
N ILE I 690 108.11 3.77 -80.95
CA ILE I 690 109.31 2.95 -81.07
C ILE I 690 109.13 1.89 -82.16
N THR I 691 107.97 1.23 -82.18
CA THR I 691 107.76 0.17 -83.16
C THR I 691 107.75 0.72 -84.59
N LYS I 692 107.14 1.87 -84.80
CA LYS I 692 107.08 2.48 -86.13
C LYS I 692 108.44 3.03 -86.54
N LYS J 19 21.80 -86.73 18.53
CA LYS J 19 22.35 -85.40 18.74
C LYS J 19 22.31 -84.59 17.45
N LEU J 20 21.56 -83.48 17.46
CA LEU J 20 21.36 -82.71 16.24
C LEU J 20 22.63 -81.99 15.80
N THR J 21 23.43 -81.52 16.76
CA THR J 21 24.60 -80.70 16.46
C THR J 21 25.85 -81.36 17.03
N SER J 22 27.00 -80.82 16.63
CA SER J 22 28.30 -81.32 17.07
C SER J 22 28.88 -80.50 18.21
N TRP J 23 28.09 -79.62 18.83
CA TRP J 23 28.59 -78.79 19.91
C TRP J 23 28.97 -79.66 21.12
N LYS J 24 29.98 -79.20 21.86
CA LYS J 24 30.41 -79.93 23.04
C LYS J 24 29.30 -80.00 24.09
N ASN J 25 28.61 -78.88 24.32
CA ASN J 25 27.48 -78.82 25.23
C ASN J 25 26.24 -78.47 24.43
N GLU J 26 25.20 -79.31 24.55
CA GLU J 26 23.96 -79.12 23.82
C GLU J 26 22.83 -78.79 24.78
N LEU J 27 21.93 -77.91 24.32
CA LEU J 27 20.90 -77.35 25.19
C LEU J 27 19.87 -78.39 25.62
N SER J 28 19.43 -79.25 24.70
CA SER J 28 18.36 -80.23 24.94
C SER J 28 17.02 -79.55 25.23
N LEU J 29 15.92 -80.28 25.01
CA LEU J 29 14.60 -79.67 25.08
C LEU J 29 14.20 -79.34 26.52
N GLN J 30 14.78 -80.06 27.49
CA GLN J 30 14.41 -79.85 28.89
C GLN J 30 14.76 -78.44 29.35
N ALA J 31 15.93 -77.93 28.94
CA ALA J 31 16.35 -76.59 29.33
C ALA J 31 15.39 -75.53 28.79
N LEU J 32 14.99 -75.67 27.53
CA LEU J 32 14.06 -74.72 26.92
C LEU J 32 12.71 -74.79 27.61
N LYS J 33 12.23 -76.00 27.89
CA LYS J 33 10.96 -76.13 28.59
C LYS J 33 11.01 -75.50 29.97
N ALA J 34 12.12 -75.70 30.70
CA ALA J 34 12.26 -75.09 32.02
C ALA J 34 12.29 -73.58 31.93
N ASP J 35 13.01 -73.03 30.95
CA ASP J 35 13.06 -71.57 30.79
C ASP J 35 11.68 -71.01 30.47
N LEU J 36 10.95 -71.68 29.58
CA LEU J 36 9.60 -71.23 29.23
C LEU J 36 8.68 -71.27 30.44
N ASP J 37 8.75 -72.36 31.23
CA ASP J 37 7.89 -72.48 32.40
C ASP J 37 8.24 -71.42 33.45
N ALA J 38 9.53 -71.09 33.57
CA ALA J 38 9.94 -70.05 34.50
C ALA J 38 9.46 -68.68 34.05
N ALA J 39 9.53 -68.40 32.75
CA ALA J 39 9.19 -67.06 32.27
C ALA J 39 7.68 -66.88 32.11
N LYS J 40 6.93 -67.98 32.11
CA LYS J 40 5.48 -67.89 31.92
C LYS J 40 4.75 -67.08 32.98
N PRO J 41 5.03 -67.22 34.29
CA PRO J 41 4.22 -66.50 35.30
C PRO J 41 4.17 -64.99 35.10
N SER J 42 5.29 -64.36 34.73
CA SER J 42 5.27 -62.91 34.54
C SER J 42 4.41 -62.50 33.35
N HIS J 43 4.55 -63.23 32.24
CA HIS J 43 3.75 -62.94 31.05
C HIS J 43 2.26 -63.14 31.31
N THR J 44 1.92 -64.18 32.08
CA THR J 44 0.52 -64.44 32.41
C THR J 44 -0.09 -63.28 33.19
N ALA J 45 0.64 -62.75 34.17
CA ALA J 45 0.15 -61.60 34.92
C ALA J 45 0.10 -60.35 34.06
N MET J 46 1.07 -60.20 33.16
CA MET J 46 1.13 -59.02 32.29
C MET J 46 -0.06 -58.96 31.34
N MET J 47 -0.46 -60.09 30.78
CA MET J 47 -1.53 -60.11 29.78
C MET J 47 -2.88 -59.69 30.35
N ILE J 48 -3.03 -59.76 31.68
CA ILE J 48 -4.29 -59.37 32.30
C ILE J 48 -4.57 -57.89 32.06
N LYS J 49 -3.53 -57.05 32.16
CA LYS J 49 -3.70 -55.63 31.93
C LYS J 49 -4.12 -55.35 30.49
N VAL J 50 -3.50 -56.04 29.53
CA VAL J 50 -3.86 -55.85 28.13
C VAL J 50 -5.30 -56.29 27.88
N LYS J 51 -5.70 -57.41 28.49
CA LYS J 51 -7.08 -57.86 28.36
C LYS J 51 -8.05 -56.85 28.92
N GLU J 52 -7.74 -56.28 30.08
CA GLU J 52 -8.61 -55.27 30.68
C GLU J 52 -8.70 -54.03 29.80
N TRP J 53 -7.57 -53.59 29.24
CA TRP J 53 -7.59 -52.43 28.35
C TRP J 53 -8.44 -52.69 27.11
N ASN J 54 -8.31 -53.90 26.52
CA ASN J 54 -9.12 -54.21 25.35
C ASN J 54 -10.60 -54.30 25.71
N ASP J 55 -10.92 -54.85 26.89
CA ASP J 55 -12.30 -54.90 27.33
C ASP J 55 -12.88 -53.50 27.53
N LEU J 56 -12.09 -52.59 28.08
CA LEU J 56 -12.52 -51.20 28.19
C LEU J 56 -12.74 -50.58 26.82
N MET J 57 -11.85 -50.88 25.87
CA MET J 57 -11.97 -50.32 24.52
C MET J 57 -13.23 -50.82 23.83
N ARG J 58 -13.53 -52.10 23.94
CA ARG J 58 -14.64 -52.71 23.21
C ARG J 58 -15.90 -52.86 24.05
N ILE J 59 -15.92 -52.31 25.26
CA ILE J 59 -17.07 -52.39 26.17
C ILE J 59 -17.46 -53.85 26.39
N GLU J 60 -16.57 -54.62 27.03
CA GLU J 60 -16.81 -56.01 27.35
C GLU J 60 -16.34 -56.27 28.78
N GLY J 61 -16.73 -57.43 29.30
CA GLY J 61 -16.32 -57.79 30.66
C GLY J 61 -16.92 -56.86 31.68
N LYS J 62 -16.06 -56.25 32.50
CA LYS J 62 -16.54 -55.38 33.57
C LYS J 62 -17.11 -54.09 33.01
N ALA J 63 -16.75 -53.73 31.78
CA ALA J 63 -17.20 -52.46 31.20
C ALA J 63 -18.69 -52.49 30.86
N LYS J 64 -19.25 -53.66 30.61
CA LYS J 64 -20.64 -53.75 30.21
C LYS J 64 -21.55 -53.31 31.35
N PRO J 65 -22.60 -52.54 31.08
CA PRO J 65 -23.53 -52.14 32.13
C PRO J 65 -24.35 -53.33 32.60
N PRO J 66 -24.84 -53.31 33.84
CA PRO J 66 -25.71 -54.38 34.32
C PRO J 66 -27.01 -54.43 33.53
N LYS J 67 -27.56 -55.63 33.41
CA LYS J 67 -28.79 -55.86 32.65
C LYS J 67 -29.99 -55.72 33.58
N VAL J 68 -30.87 -54.76 33.26
CA VAL J 68 -32.09 -54.53 34.02
C VAL J 68 -33.26 -54.54 33.05
N LYS J 69 -34.36 -55.18 33.47
CA LYS J 69 -35.51 -55.34 32.59
C LYS J 69 -36.12 -53.99 32.22
N GLY J 70 -36.28 -53.09 33.19
CA GLY J 70 -36.94 -51.84 32.97
C GLY J 70 -36.07 -50.63 32.77
N ARG J 71 -34.77 -50.80 32.55
CA ARG J 71 -33.85 -49.67 32.40
C ARG J 71 -32.89 -49.93 31.25
N SER J 72 -32.26 -48.85 30.79
CA SER J 72 -31.41 -48.90 29.60
C SER J 72 -30.04 -49.49 29.94
N GLN J 73 -29.34 -49.92 28.90
CA GLN J 73 -28.01 -50.52 29.00
C GLN J 73 -27.07 -49.91 27.98
N VAL J 74 -27.05 -48.59 27.88
CA VAL J 74 -26.27 -47.87 26.88
C VAL J 74 -25.01 -47.33 27.54
N GLN J 75 -23.92 -47.29 26.79
CA GLN J 75 -22.68 -46.70 27.27
C GLN J 75 -21.92 -46.06 26.12
N PRO J 76 -21.72 -44.74 26.14
CA PRO J 76 -20.92 -44.10 25.10
C PRO J 76 -19.46 -44.55 25.16
N LYS J 77 -18.82 -44.55 24.00
CA LYS J 77 -17.45 -45.02 23.85
C LYS J 77 -16.50 -43.84 23.83
N LEU J 78 -15.84 -43.61 24.98
CA LEU J 78 -14.90 -42.50 25.09
C LEU J 78 -13.52 -42.90 24.60
N VAL J 79 -12.99 -44.01 25.13
CA VAL J 79 -11.65 -44.46 24.76
C VAL J 79 -11.58 -44.78 23.28
N ARG J 80 -12.63 -45.42 22.76
CA ARG J 80 -12.68 -45.72 21.33
C ARG J 80 -12.59 -44.45 20.50
N ARG J 81 -13.27 -43.39 20.93
CA ARG J 81 -13.27 -42.12 20.19
C ARG J 81 -11.88 -41.46 20.24
N GLN J 82 -11.29 -41.41 21.43
CA GLN J 82 -9.97 -40.79 21.59
C GLN J 82 -8.93 -41.53 20.77
N ALA J 83 -9.01 -42.87 20.73
CA ALA J 83 -8.09 -43.62 19.89
C ALA J 83 -8.46 -43.49 18.42
N GLU J 84 -9.73 -43.25 18.12
CA GLU J 84 -10.19 -43.15 16.74
C GLU J 84 -9.59 -41.94 16.04
N TRP J 85 -9.51 -40.79 16.71
CA TRP J 85 -8.75 -39.71 16.06
C TRP J 85 -7.24 -39.97 16.07
N ARG J 86 -6.73 -40.64 17.10
CA ARG J 86 -5.29 -40.89 17.19
C ARG J 86 -4.80 -41.75 16.03
N TYR J 87 -5.59 -42.75 15.64
CA TYR J 87 -5.18 -43.62 14.54
C TYR J 87 -4.90 -42.82 13.28
N SER J 88 -5.86 -41.99 12.88
CA SER J 88 -5.69 -41.21 11.64
C SER J 88 -4.65 -40.11 11.81
N ALA J 89 -4.47 -39.64 13.05
CA ALA J 89 -3.41 -38.66 13.30
C ALA J 89 -2.03 -39.27 13.05
N LEU J 90 -1.84 -40.52 13.46
CA LEU J 90 -0.51 -41.13 13.40
C LEU J 90 -0.24 -41.79 12.05
N THR J 91 -1.27 -42.36 11.41
CA THR J 91 -1.05 -43.17 10.23
C THR J 91 -0.57 -42.34 9.04
N GLU J 92 -1.05 -41.10 8.93
CA GLU J 92 -0.85 -40.32 7.70
C GLU J 92 0.62 -40.09 7.35
N PRO J 93 1.52 -39.73 8.28
CA PRO J 93 2.91 -39.45 7.86
C PRO J 93 3.60 -40.58 7.11
N PHE J 94 3.26 -41.84 7.42
CA PHE J 94 3.92 -42.99 6.81
C PHE J 94 3.38 -43.33 5.42
N LEU J 95 2.31 -42.68 4.99
CA LEU J 95 1.75 -42.98 3.68
C LEU J 95 1.64 -41.78 2.75
N GLY J 96 2.28 -40.65 3.07
CA GLY J 96 2.12 -39.46 2.25
C GLY J 96 2.87 -39.49 0.94
N SER J 97 3.91 -40.31 0.84
CA SER J 97 4.77 -40.33 -0.35
C SER J 97 4.91 -41.76 -0.86
N ASN J 98 5.31 -41.87 -2.13
CA ASN J 98 5.48 -43.18 -2.74
C ASN J 98 6.68 -43.91 -2.17
N LYS J 99 7.69 -43.18 -1.71
CA LYS J 99 8.89 -43.75 -1.12
C LYS J 99 8.74 -43.76 0.39
N LEU J 100 9.00 -44.90 1.01
CA LEU J 100 8.84 -45.04 2.46
C LEU J 100 10.13 -44.77 3.21
N PHE J 101 11.28 -45.22 2.71
CA PHE J 101 12.53 -45.15 3.43
C PHE J 101 13.47 -44.17 2.74
N LYS J 102 14.27 -43.48 3.54
CA LYS J 102 15.28 -42.54 3.05
C LYS J 102 16.63 -42.96 3.60
N VAL J 103 17.60 -43.16 2.71
CA VAL J 103 18.95 -43.55 3.09
C VAL J 103 19.90 -42.43 2.69
N THR J 104 20.73 -42.00 3.63
CA THR J 104 21.64 -40.88 3.38
C THR J 104 23.08 -41.28 3.67
N PRO J 105 24.03 -40.78 2.90
CA PRO J 105 25.44 -41.15 3.14
C PRO J 105 25.97 -40.46 4.40
N VAL J 106 26.94 -41.11 5.05
CA VAL J 106 27.59 -40.51 6.20
C VAL J 106 28.81 -39.70 5.75
N THR J 107 29.55 -40.21 4.77
CA THR J 107 30.71 -39.55 4.21
C THR J 107 30.48 -39.31 2.72
N TRP J 108 31.52 -38.84 2.03
CA TRP J 108 31.39 -38.57 0.60
C TRP J 108 31.43 -39.86 -0.22
N GLU J 109 31.99 -40.92 0.34
CA GLU J 109 32.17 -42.15 -0.43
C GLU J 109 30.91 -43.02 -0.43
N ASP J 110 29.91 -42.69 0.40
CA ASP J 110 28.79 -43.58 0.64
C ASP J 110 27.59 -43.33 -0.27
N VAL J 111 27.70 -42.43 -1.24
CA VAL J 111 26.55 -42.01 -2.02
C VAL J 111 26.00 -43.16 -2.85
N GLN J 112 26.88 -43.88 -3.54
CA GLN J 112 26.43 -44.99 -4.39
C GLN J 112 25.78 -46.09 -3.56
N GLY J 113 26.39 -46.46 -2.44
CA GLY J 113 25.80 -47.47 -1.58
C GLY J 113 24.45 -47.05 -1.02
N ALA J 114 24.34 -45.79 -0.60
CA ALA J 114 23.07 -45.29 -0.09
C ALA J 114 21.99 -45.33 -1.15
N ARG J 115 22.31 -44.89 -2.38
CA ARG J 115 21.34 -44.94 -3.46
C ARG J 115 20.91 -46.36 -3.77
N GLN J 116 21.88 -47.28 -3.85
CA GLN J 116 21.57 -48.68 -4.14
C GLN J 116 20.65 -49.28 -3.07
N ASN J 117 21.00 -49.09 -1.79
CA ASN J 117 20.21 -49.67 -0.72
C ASN J 117 18.83 -49.04 -0.66
N GLU J 118 18.72 -47.73 -0.90
CA GLU J 118 17.42 -47.08 -0.92
C GLU J 118 16.55 -47.64 -2.02
N LEU J 119 17.10 -47.81 -3.23
CA LEU J 119 16.33 -48.36 -4.33
C LEU J 119 15.85 -49.77 -4.02
N VAL J 120 16.75 -50.62 -3.52
CA VAL J 120 16.37 -52.01 -3.25
C VAL J 120 15.31 -52.07 -2.15
N LEU J 121 15.49 -51.31 -1.07
CA LEU J 121 14.54 -51.34 0.03
C LEU J 121 13.17 -50.83 -0.41
N ASN J 122 13.14 -49.72 -1.16
CA ASN J 122 11.87 -49.19 -1.63
C ASN J 122 11.17 -50.16 -2.57
N TYR J 123 11.92 -50.79 -3.48
CA TYR J 123 11.30 -51.78 -4.35
C TYR J 123 10.73 -52.94 -3.56
N GLN J 124 11.49 -53.45 -2.58
CA GLN J 124 11.00 -54.59 -1.80
C GLN J 124 9.75 -54.23 -1.03
N PHE J 125 9.72 -53.05 -0.40
CA PHE J 125 8.55 -52.67 0.39
C PHE J 125 7.36 -52.37 -0.50
N ARG J 126 7.59 -51.89 -1.72
CA ARG J 126 6.48 -51.57 -2.63
C ARG J 126 5.90 -52.83 -3.24
N THR J 127 6.75 -53.84 -3.50
CA THR J 127 6.28 -55.01 -4.24
C THR J 127 5.84 -56.13 -3.30
N LYS J 128 6.71 -56.55 -2.37
CA LYS J 128 6.48 -57.75 -1.60
C LYS J 128 5.52 -57.58 -0.43
N LEU J 129 5.20 -56.34 -0.05
CA LEU J 129 4.36 -56.10 1.11
C LEU J 129 3.22 -55.16 0.76
N ASN J 130 2.11 -55.29 1.49
CA ASN J 130 1.01 -54.35 1.42
C ASN J 130 1.25 -53.27 2.46
N ARG J 131 1.80 -52.13 2.02
CA ARG J 131 2.28 -51.12 2.96
C ARG J 131 1.13 -50.53 3.78
N VAL J 132 -0.01 -50.26 3.15
CA VAL J 132 -1.11 -49.60 3.85
C VAL J 132 -1.64 -50.47 4.98
N SER J 133 -1.86 -51.76 4.71
CA SER J 133 -2.38 -52.65 5.74
C SER J 133 -1.38 -52.82 6.88
N PHE J 134 -0.09 -52.94 6.53
CA PHE J 134 0.93 -53.09 7.57
C PHE J 134 0.99 -51.86 8.46
N ILE J 135 0.93 -50.67 7.86
CA ILE J 135 0.96 -49.44 8.65
C ILE J 135 -0.26 -49.33 9.54
N ASP J 136 -1.44 -49.68 8.99
CA ASP J 136 -2.67 -49.62 9.79
C ASP J 136 -2.58 -50.56 10.99
N ASN J 137 -2.15 -51.80 10.76
CA ASN J 137 -2.03 -52.76 11.85
C ASN J 137 -0.98 -52.30 12.87
N TYR J 138 0.15 -51.79 12.40
CA TYR J 138 1.19 -51.28 13.29
C TYR J 138 0.65 -50.20 14.22
N VAL J 139 0.05 -49.16 13.64
CA VAL J 139 -0.43 -48.04 14.44
C VAL J 139 -1.55 -48.48 15.37
N ARG J 140 -2.48 -49.29 14.88
CA ARG J 140 -3.61 -49.72 15.69
C ARG J 140 -3.13 -50.57 16.87
N SER J 141 -2.20 -51.49 16.64
CA SER J 141 -1.68 -52.31 17.72
C SER J 141 -0.93 -51.47 18.75
N VAL J 142 -0.10 -50.53 18.28
CA VAL J 142 0.67 -49.71 19.21
C VAL J 142 -0.28 -48.88 20.08
N VAL J 143 -1.32 -48.31 19.48
CA VAL J 143 -2.25 -47.48 20.24
C VAL J 143 -3.08 -48.33 21.20
N ASP J 144 -3.59 -49.47 20.73
CA ASP J 144 -4.52 -50.25 21.54
C ASP J 144 -3.82 -50.96 22.69
N ASP J 145 -2.69 -51.60 22.42
CA ASP J 145 -2.03 -52.41 23.45
C ASP J 145 -0.95 -51.65 24.21
N GLY J 146 -0.44 -50.54 23.67
CA GLY J 146 0.63 -49.81 24.31
C GLY J 146 2.02 -50.31 23.99
N THR J 147 2.14 -51.48 23.37
CA THR J 147 3.43 -52.04 23.00
C THR J 147 3.25 -52.87 21.74
N GLY J 148 4.15 -52.67 20.79
CA GLY J 148 4.09 -53.40 19.54
C GLY J 148 5.35 -54.20 19.26
N ILE J 149 5.19 -55.49 19.00
CA ILE J 149 6.31 -56.39 18.74
C ILE J 149 6.28 -56.76 17.26
N VAL J 150 7.41 -56.59 16.58
CA VAL J 150 7.54 -56.85 15.16
C VAL J 150 8.53 -58.00 14.96
N ARG J 151 8.11 -59.02 14.23
CA ARG J 151 8.96 -60.14 13.88
C ARG J 151 9.45 -59.97 12.45
N VAL J 152 10.77 -59.98 12.28
CA VAL J 152 11.40 -59.76 10.98
C VAL J 152 12.16 -61.02 10.60
N GLY J 153 11.92 -61.50 9.38
CA GLY J 153 12.54 -62.73 8.92
C GLY J 153 12.75 -62.71 7.41
N TRP J 154 13.29 -63.80 6.91
CA TRP J 154 13.60 -63.96 5.49
C TRP J 154 12.89 -65.20 4.96
N ASN J 155 12.39 -65.09 3.72
CA ASN J 155 11.69 -66.18 3.05
C ASN J 155 12.45 -66.49 1.77
N ARG J 156 12.78 -67.77 1.57
CA ARG J 156 13.49 -68.22 0.40
C ARG J 156 12.93 -69.55 -0.06
N GLU J 157 12.76 -69.71 -1.37
CA GLU J 157 12.29 -70.95 -1.97
C GLU J 157 12.90 -71.09 -3.35
N ILE J 158 13.55 -72.23 -3.59
CA ILE J 158 14.26 -72.50 -4.84
C ILE J 158 13.72 -73.79 -5.44
N ARG J 159 13.58 -73.81 -6.76
CA ARG J 159 13.08 -74.97 -7.49
C ARG J 159 14.09 -75.39 -8.55
N LYS J 160 14.40 -76.68 -8.59
CA LYS J 160 15.34 -77.19 -9.57
C LYS J 160 14.64 -77.47 -10.90
N GLU J 161 15.26 -77.03 -11.99
CA GLU J 161 14.72 -77.23 -13.32
C GLU J 161 15.84 -77.66 -14.26
N LYS J 162 15.46 -78.34 -15.34
CA LYS J 162 16.39 -78.81 -16.35
C LYS J 162 16.08 -78.11 -17.67
N GLN J 163 17.10 -77.47 -18.25
CA GLN J 163 16.97 -76.76 -19.51
C GLN J 163 18.17 -77.09 -20.40
N GLU J 164 17.92 -77.11 -21.71
CA GLU J 164 18.99 -77.33 -22.67
C GLU J 164 19.93 -76.13 -22.70
N VAL J 165 21.24 -76.40 -22.64
CA VAL J 165 22.26 -75.36 -22.64
C VAL J 165 23.21 -75.63 -23.79
N PRO J 166 23.39 -74.68 -24.70
CA PRO J 166 24.34 -74.90 -25.81
C PRO J 166 25.77 -75.02 -25.31
N VAL J 167 26.57 -75.78 -26.05
CA VAL J 167 27.99 -75.98 -25.74
C VAL J 167 28.81 -75.20 -26.75
N PHE J 168 29.72 -74.36 -26.27
CA PHE J 168 30.53 -73.50 -27.11
C PHE J 168 32.00 -73.89 -27.01
N SER J 169 32.66 -73.91 -28.17
CA SER J 169 34.09 -74.21 -28.25
C SER J 169 34.84 -72.93 -28.58
N LEU J 170 35.86 -72.61 -27.80
CA LEU J 170 36.58 -71.36 -27.97
C LEU J 170 37.48 -71.42 -29.21
N PHE J 171 37.75 -70.24 -29.76
CA PHE J 171 38.62 -70.07 -30.91
C PHE J 171 39.30 -68.71 -30.82
N PRO J 172 40.58 -68.63 -31.18
CA PRO J 172 41.30 -67.35 -31.05
C PRO J 172 40.66 -66.25 -31.88
N ILE J 173 40.74 -65.02 -31.34
CA ILE J 173 40.14 -63.88 -32.03
C ILE J 173 40.93 -63.57 -33.29
N GLN J 174 40.21 -63.45 -34.41
CA GLN J 174 40.80 -63.21 -35.71
C GLN J 174 40.21 -61.94 -36.31
N THR J 175 41.03 -61.19 -37.05
CA THR J 175 40.62 -59.98 -37.75
C THR J 175 40.17 -58.89 -36.78
N GLN J 176 39.79 -57.73 -37.32
CA GLN J 176 39.38 -56.62 -36.47
C GLN J 176 37.89 -56.68 -36.14
N GLU J 177 37.12 -57.45 -36.93
CA GLU J 177 35.68 -57.51 -36.71
C GLU J 177 35.34 -58.14 -35.36
N GLN J 178 36.02 -59.23 -35.00
CA GLN J 178 35.78 -59.87 -33.72
C GLN J 178 36.14 -58.94 -32.57
N ALA J 179 37.28 -58.25 -32.67
CA ALA J 179 37.68 -57.32 -31.63
C ALA J 179 36.68 -56.18 -31.49
N ASP J 180 36.18 -55.65 -32.61
CA ASP J 180 35.19 -54.58 -32.56
C ASP J 180 33.89 -55.08 -31.93
N ALA J 181 33.46 -56.29 -32.27
CA ALA J 181 32.25 -56.83 -31.66
C ALA J 181 32.42 -57.02 -30.16
N LEU J 182 33.57 -57.53 -29.74
CA LEU J 182 33.82 -57.71 -28.30
C LEU J 182 33.85 -56.37 -27.58
N GLN J 183 34.49 -55.37 -28.17
CA GLN J 183 34.54 -54.05 -27.55
C GLN J 183 33.15 -53.43 -27.45
N GLN J 184 32.34 -53.59 -28.49
CA GLN J 184 30.97 -53.08 -28.44
C GLN J 184 30.16 -53.80 -27.36
N ALA J 185 30.36 -55.11 -27.22
CA ALA J 185 29.66 -55.85 -26.18
C ALA J 185 30.06 -55.37 -24.78
N LEU J 186 31.37 -55.16 -24.57
CA LEU J 186 31.82 -54.65 -23.27
C LEU J 186 31.27 -53.25 -22.99
N GLN J 187 31.25 -52.39 -24.01
CA GLN J 187 30.72 -51.04 -23.84
C GLN J 187 29.23 -51.08 -23.53
N LEU J 188 28.49 -51.96 -24.20
CA LEU J 188 27.06 -52.09 -23.92
C LEU J 188 26.83 -52.61 -22.50
N ARG J 189 27.64 -53.57 -22.06
CA ARG J 189 27.50 -54.07 -20.69
C ARG J 189 27.79 -52.97 -19.67
N THR J 190 28.81 -52.17 -19.92
CA THR J 190 29.14 -51.08 -18.99
C THR J 190 28.04 -50.02 -18.97
N ASP J 191 27.54 -49.65 -20.15
CA ASP J 191 26.57 -48.56 -20.23
C ASP J 191 25.18 -49.00 -19.82
N ASN J 192 24.73 -50.15 -20.33
CA ASN J 192 23.36 -50.59 -20.09
C ASN J 192 23.30 -52.09 -19.86
N PRO J 193 23.24 -52.54 -18.61
CA PRO J 193 23.17 -53.99 -18.36
C PRO J 193 21.96 -54.67 -18.99
N ARG J 194 20.79 -54.03 -18.99
CA ARG J 194 19.59 -54.66 -19.52
C ARG J 194 19.71 -54.89 -21.02
N GLY J 195 20.22 -53.91 -21.76
CA GLY J 195 20.45 -54.09 -23.17
C GLY J 195 21.44 -55.20 -23.44
N TYR J 196 22.48 -55.30 -22.61
CA TYR J 196 23.46 -56.38 -22.75
C TYR J 196 22.79 -57.74 -22.55
N GLU J 197 21.94 -57.86 -21.54
CA GLU J 197 21.27 -59.12 -21.27
C GLU J 197 20.29 -59.48 -22.39
N GLU J 198 19.67 -58.47 -22.99
CA GLU J 198 18.56 -58.75 -23.90
C GLU J 198 19.03 -58.95 -25.34
N ASN J 199 20.06 -58.23 -25.79
CA ASN J 199 20.34 -58.14 -27.21
C ASN J 199 21.67 -58.74 -27.65
N VAL J 200 22.61 -58.95 -26.73
CA VAL J 200 23.98 -59.32 -27.12
C VAL J 200 24.04 -60.75 -27.64
N ASP J 201 23.21 -61.64 -27.09
CA ASP J 201 23.08 -63.05 -27.47
C ASP J 201 24.10 -63.92 -26.74
N GLU J 202 23.86 -65.24 -26.75
CA GLU J 202 24.55 -66.13 -25.83
C GLU J 202 26.04 -66.27 -26.15
N ALA J 203 26.39 -66.38 -27.43
CA ALA J 203 27.77 -66.66 -27.79
C ALA J 203 28.71 -65.51 -27.39
N ILE J 204 28.30 -64.28 -27.68
CA ILE J 204 29.11 -63.13 -27.30
C ILE J 204 29.15 -62.98 -25.78
N LYS J 205 28.06 -63.36 -25.10
CA LYS J 205 28.06 -63.37 -23.65
C LYS J 205 29.10 -64.36 -23.10
N GLU J 206 29.19 -65.54 -23.71
CA GLU J 206 30.21 -66.50 -23.31
C GLU J 206 31.61 -65.95 -23.57
N SER J 207 31.80 -65.28 -24.70
CA SER J 207 33.09 -64.66 -24.99
C SER J 207 33.46 -63.63 -23.94
N VAL J 208 32.48 -62.80 -23.53
CA VAL J 208 32.73 -61.79 -22.51
C VAL J 208 33.04 -62.45 -21.16
N ARG J 209 32.33 -63.53 -20.84
CA ARG J 209 32.62 -64.25 -19.61
C ARG J 209 34.03 -64.80 -19.59
N PHE J 210 34.47 -65.38 -20.71
CA PHE J 210 35.84 -65.89 -20.79
C PHE J 210 36.85 -64.76 -20.73
N PHE J 211 36.52 -63.60 -21.31
CA PHE J 211 37.40 -62.44 -21.18
C PHE J 211 37.51 -61.99 -19.73
N ASP J 212 36.40 -62.03 -19.00
CA ASP J 212 36.44 -61.71 -17.58
C ASP J 212 37.31 -62.69 -16.82
N GLU J 213 37.16 -63.99 -17.11
CA GLU J 213 37.96 -65.00 -16.41
C GLU J 213 39.41 -64.98 -16.85
N THR J 214 39.66 -64.91 -18.16
CA THR J 214 41.01 -64.92 -18.71
C THR J 214 41.22 -63.68 -19.56
N GLY J 215 42.38 -63.04 -19.41
CA GLY J 215 42.62 -61.79 -20.11
C GLY J 215 42.60 -61.92 -21.62
N GLN J 216 43.00 -63.08 -22.13
CA GLN J 216 43.03 -63.29 -23.57
C GLN J 216 41.62 -63.32 -24.14
N ALA J 217 41.44 -62.63 -25.27
CA ALA J 217 40.15 -62.60 -25.94
C ALA J 217 39.95 -63.86 -26.78
N THR J 218 38.72 -64.38 -26.78
CA THR J 218 38.41 -65.61 -27.49
C THR J 218 37.06 -65.48 -28.18
N TYR J 219 36.86 -66.31 -29.19
CA TYR J 219 35.61 -66.39 -29.92
C TYR J 219 35.05 -67.80 -29.83
N ALA J 220 33.75 -67.91 -29.58
CA ALA J 220 33.10 -69.19 -29.31
C ALA J 220 32.11 -69.52 -30.42
N VAL J 221 32.05 -70.79 -30.80
CA VAL J 221 31.11 -71.28 -31.80
C VAL J 221 30.33 -72.44 -31.18
N GLN J 222 29.01 -72.44 -31.39
CA GLN J 222 28.16 -73.46 -30.80
C GLN J 222 28.41 -74.82 -31.44
N THR J 223 28.41 -75.86 -30.61
CA THR J 223 28.61 -77.24 -31.06
C THR J 223 27.40 -78.12 -30.80
N GLY J 224 26.89 -78.14 -29.58
CA GLY J 224 25.75 -78.97 -29.24
C GLY J 224 25.06 -78.47 -27.99
N THR J 225 23.96 -79.12 -27.65
CA THR J 225 23.14 -78.76 -26.50
C THR J 225 23.15 -79.89 -25.48
N THR J 226 23.41 -79.55 -24.23
CA THR J 226 23.47 -80.51 -23.14
C THR J 226 22.54 -80.05 -22.02
N THR J 227 21.74 -80.98 -21.51
CA THR J 227 20.81 -80.65 -20.43
C THR J 227 21.56 -80.47 -19.11
N THR J 228 21.22 -79.40 -18.40
CA THR J 228 21.83 -79.09 -17.11
C THR J 228 20.75 -78.71 -16.12
N GLU J 229 21.07 -78.86 -14.83
CA GLU J 229 20.14 -78.55 -13.76
C GLU J 229 20.36 -77.11 -13.31
N VAL J 230 19.30 -76.31 -13.38
CA VAL J 230 19.34 -74.90 -12.99
C VAL J 230 18.27 -74.65 -11.94
N GLU J 231 18.64 -73.88 -10.92
CA GLU J 231 17.74 -73.54 -9.83
C GLU J 231 17.14 -72.17 -10.06
N VAL J 232 15.82 -72.11 -10.13
CA VAL J 232 15.07 -70.86 -10.33
C VAL J 232 14.38 -70.52 -9.03
N PRO J 233 14.80 -69.49 -8.30
CA PRO J 233 14.14 -69.14 -7.04
C PRO J 233 12.85 -68.38 -7.25
N LEU J 234 11.74 -68.90 -6.73
CA LEU J 234 10.46 -68.22 -6.87
C LEU J 234 10.39 -66.99 -5.98
N ALA J 235 10.80 -67.12 -4.72
CA ALA J 235 10.66 -66.04 -3.76
C ALA J 235 11.98 -65.84 -3.02
N ASN J 236 12.48 -64.60 -3.02
CA ASN J 236 13.63 -64.18 -2.23
C ASN J 236 13.33 -62.75 -1.74
N HIS J 237 12.75 -62.65 -0.56
CA HIS J 237 12.30 -61.38 -0.03
C HIS J 237 12.13 -61.47 1.48
N PRO J 238 12.43 -60.41 2.21
CA PRO J 238 12.20 -60.42 3.66
C PRO J 238 10.72 -60.36 3.99
N THR J 239 10.38 -60.85 5.17
CA THR J 239 9.00 -60.86 5.65
C THR J 239 8.93 -60.10 6.97
N VAL J 240 7.93 -59.22 7.07
CA VAL J 240 7.67 -58.44 8.28
C VAL J 240 6.25 -58.75 8.72
N GLU J 241 6.09 -59.14 9.99
CA GLU J 241 4.80 -59.56 10.51
C GLU J 241 4.65 -59.06 11.95
N MET J 242 3.49 -58.51 12.26
CA MET J 242 3.18 -58.15 13.64
C MET J 242 2.87 -59.39 14.47
N LEU J 243 3.19 -59.32 15.76
CA LEU J 243 3.04 -60.45 16.66
C LEU J 243 2.01 -60.13 17.74
N ASN J 244 1.16 -61.11 18.03
CA ASN J 244 0.27 -61.02 19.17
C ASN J 244 1.09 -61.01 20.46
N PRO J 245 0.84 -60.05 21.35
CA PRO J 245 1.62 -59.99 22.59
C PRO J 245 1.54 -61.26 23.43
N GLU J 246 0.43 -61.98 23.36
CA GLU J 246 0.31 -63.21 24.14
C GLU J 246 1.20 -64.31 23.58
N ASN J 247 1.56 -64.22 22.29
CA ASN J 247 2.33 -65.29 21.67
C ASN J 247 3.79 -65.27 22.11
N ILE J 248 4.38 -64.08 22.22
CA ILE J 248 5.81 -63.93 22.48
C ILE J 248 6.04 -63.74 23.97
N ILE J 249 7.01 -64.46 24.51
CA ILE J 249 7.42 -64.34 25.91
C ILE J 249 8.86 -63.89 25.94
N ILE J 250 9.13 -62.81 26.69
CA ILE J 250 10.45 -62.20 26.76
C ILE J 250 11.01 -62.42 28.16
N ASP J 251 12.34 -62.40 28.24
CA ASP J 251 13.01 -62.61 29.51
C ASP J 251 12.61 -61.53 30.52
N PRO J 252 12.06 -61.91 31.68
CA PRO J 252 11.66 -60.89 32.67
C PRO J 252 12.82 -60.17 33.33
N SER J 253 14.02 -60.76 33.32
CA SER J 253 15.19 -60.16 33.96
C SER J 253 15.99 -59.28 33.00
N CYS J 254 15.34 -58.74 31.97
CA CYS J 254 16.05 -57.90 31.01
C CYS J 254 16.37 -56.51 31.58
N GLN J 255 15.82 -56.18 32.75
CA GLN J 255 16.03 -54.88 33.39
C GLN J 255 15.57 -53.73 32.51
N GLY J 256 14.47 -53.92 31.79
CA GLY J 256 13.87 -52.87 30.99
C GLY J 256 14.49 -52.62 29.63
N ASP J 257 15.45 -53.44 29.22
CA ASP J 257 16.11 -53.27 27.92
C ASP J 257 15.98 -54.56 27.13
N ILE J 258 15.49 -54.45 25.89
CA ILE J 258 15.29 -55.63 25.05
C ILE J 258 16.63 -56.26 24.69
N ASN J 259 17.66 -55.45 24.50
CA ASN J 259 18.96 -55.99 24.11
C ASN J 259 19.58 -56.82 25.24
N LYS J 260 19.24 -56.50 26.49
CA LYS J 260 19.82 -57.22 27.61
C LYS J 260 19.09 -58.54 27.86
N ALA J 261 18.00 -58.79 27.15
CA ALA J 261 17.24 -60.02 27.36
C ALA J 261 18.06 -61.23 26.94
N MET J 262 18.04 -62.28 27.77
CA MET J 262 18.80 -63.48 27.48
C MET J 262 18.15 -64.31 26.38
N PHE J 263 16.82 -64.44 26.41
CA PHE J 263 16.12 -65.31 25.48
C PHE J 263 14.75 -64.73 25.14
N ALA J 264 14.19 -65.22 24.03
CA ALA J 264 12.85 -64.86 23.60
C ALA J 264 12.22 -66.05 22.90
N ILE J 265 10.95 -66.31 23.21
CA ILE J 265 10.23 -67.46 22.69
C ILE J 265 8.96 -66.98 22.00
N VAL J 266 8.72 -67.46 20.78
CA VAL J 266 7.56 -67.07 19.99
C VAL J 266 6.94 -68.34 19.41
N SER J 267 5.61 -68.38 19.40
CA SER J 267 4.86 -69.51 18.86
C SER J 267 4.04 -69.05 17.66
N PHE J 268 4.08 -69.82 16.58
CA PHE J 268 3.41 -69.47 15.34
C PHE J 268 2.76 -70.70 14.74
N GLU J 269 1.93 -70.47 13.73
CA GLU J 269 1.26 -71.53 12.98
C GLU J 269 2.06 -71.84 11.72
N THR J 270 2.25 -73.12 11.44
CA THR J 270 3.02 -73.55 10.28
C THR J 270 2.45 -74.86 9.74
N CYS J 271 2.82 -75.16 8.50
CA CYS J 271 2.39 -76.38 7.83
C CYS J 271 3.63 -77.16 7.37
N LYS J 272 3.37 -78.38 6.90
CA LYS J 272 4.48 -79.25 6.48
C LYS J 272 5.17 -78.70 5.24
N ALA J 273 4.42 -78.02 4.36
CA ALA J 273 5.02 -77.46 3.15
C ALA J 273 6.05 -76.39 3.48
N ASP J 274 5.78 -75.56 4.49
CA ASP J 274 6.74 -74.53 4.89
C ASP J 274 8.03 -75.16 5.38
N LEU J 275 7.94 -76.24 6.17
CA LEU J 275 9.13 -76.91 6.64
C LEU J 275 9.88 -77.61 5.50
N LEU J 276 9.14 -78.17 4.54
CA LEU J 276 9.76 -78.85 3.41
C LEU J 276 10.36 -77.88 2.40
N LYS J 277 9.99 -76.59 2.45
CA LYS J 277 10.62 -75.60 1.60
C LYS J 277 12.14 -75.60 1.77
N GLU J 278 12.60 -75.77 3.01
CA GLU J 278 14.04 -75.86 3.33
C GLU J 278 14.25 -77.20 4.04
N LYS J 279 14.51 -78.25 3.25
CA LYS J 279 14.64 -79.59 3.82
C LYS J 279 15.87 -79.71 4.69
N ASP J 280 16.99 -79.09 4.28
CA ASP J 280 18.24 -79.25 5.02
C ASP J 280 18.16 -78.58 6.38
N ARG J 281 17.32 -77.56 6.53
CA ARG J 281 17.25 -76.82 7.79
C ARG J 281 16.66 -77.67 8.91
N TYR J 282 15.65 -78.48 8.61
CA TYR J 282 14.89 -79.20 9.61
C TYR J 282 15.21 -80.69 9.58
N HIS J 283 15.12 -81.33 10.75
CA HIS J 283 15.31 -82.76 10.89
C HIS J 283 14.16 -83.36 11.68
N ASN J 284 14.12 -84.68 11.72
CA ASN J 284 13.14 -85.43 12.52
C ASN J 284 11.70 -85.06 12.17
N LEU J 285 11.43 -84.87 10.88
CA LEU J 285 10.07 -84.50 10.47
C LEU J 285 9.12 -85.69 10.56
N ASN J 286 9.63 -86.90 10.32
CA ASN J 286 8.76 -88.08 10.29
C ASN J 286 8.23 -88.42 11.69
N LYS J 287 9.02 -88.15 12.73
CA LYS J 287 8.61 -88.49 14.09
C LYS J 287 7.44 -87.62 14.55
N ILE J 288 7.21 -86.49 13.90
CA ILE J 288 6.17 -85.57 14.34
C ILE J 288 4.79 -86.17 14.08
N ASP J 289 3.93 -86.10 15.09
CA ASP J 289 2.52 -86.44 14.95
C ASP J 289 1.71 -85.16 14.84
N TRP J 290 1.08 -84.96 13.68
CA TRP J 290 0.45 -83.68 13.40
C TRP J 290 -0.81 -83.48 14.24
N GLN J 291 -1.53 -84.57 14.53
CA GLN J 291 -2.77 -84.44 15.29
C GLN J 291 -2.52 -84.00 16.72
N SER J 292 -1.41 -84.44 17.32
CA SER J 292 -1.13 -84.09 18.71
C SER J 292 -0.91 -82.59 18.86
N SER J 293 -0.20 -81.97 17.93
CA SER J 293 0.05 -80.54 17.95
C SER J 293 -0.97 -79.83 17.07
N ALA J 294 -2.03 -79.31 17.70
CA ALA J 294 -3.11 -78.65 16.99
C ALA J 294 -3.47 -77.38 17.72
N PRO J 295 -4.02 -76.39 17.02
CA PRO J 295 -4.42 -75.14 17.70
C PRO J 295 -5.42 -75.36 18.82
N VAL J 296 -6.35 -76.29 18.65
CA VAL J 296 -7.31 -76.59 19.70
C VAL J 296 -6.63 -77.30 20.87
N ASN J 297 -5.60 -78.09 20.58
CA ASN J 297 -4.93 -78.86 21.62
C ASN J 297 -4.17 -77.94 22.58
N GLU J 298 -3.63 -76.83 22.07
CA GLU J 298 -2.85 -75.93 22.90
C GLU J 298 -3.67 -74.68 23.20
N PRO J 299 -4.20 -74.51 24.42
CA PRO J 299 -4.96 -73.29 24.71
C PRO J 299 -4.08 -72.05 24.81
N ASP J 300 -2.78 -72.23 25.04
CA ASP J 300 -1.91 -71.08 25.25
C ASP J 300 -1.81 -70.21 24.00
N HIS J 301 -1.73 -70.84 22.82
CA HIS J 301 -1.63 -70.09 21.58
C HIS J 301 -2.93 -69.36 21.30
N ALA J 302 -2.82 -68.07 20.97
CA ALA J 302 -3.97 -67.23 20.67
C ALA J 302 -4.02 -66.96 19.17
N THR J 303 -5.12 -67.36 18.54
CA THR J 303 -5.28 -67.20 17.11
C THR J 303 -6.76 -67.03 16.78
N THR J 304 -7.02 -66.51 15.58
CA THR J 304 -8.38 -66.31 15.08
C THR J 304 -8.90 -67.52 14.32
N THR J 305 -8.09 -68.55 14.13
CA THR J 305 -8.52 -69.74 13.41
C THR J 305 -9.65 -70.44 14.18
N PRO J 306 -10.72 -70.84 13.50
CA PRO J 306 -11.78 -71.60 14.19
C PRO J 306 -11.24 -72.91 14.75
N GLN J 307 -11.81 -73.32 15.89
CA GLN J 307 -11.31 -74.51 16.57
C GLN J 307 -11.54 -75.77 15.73
N GLU J 308 -12.69 -75.88 15.07
CA GLU J 308 -13.06 -77.09 14.36
C GLU J 308 -12.59 -77.10 12.91
N PHE J 309 -11.90 -76.06 12.45
CA PHE J 309 -11.46 -76.02 11.07
C PHE J 309 -10.19 -76.84 10.89
N GLN J 310 -10.23 -77.79 9.94
CA GLN J 310 -9.08 -78.62 9.61
C GLN J 310 -9.06 -78.87 8.11
N ILE J 311 -7.92 -78.60 7.48
CA ILE J 311 -7.79 -78.83 6.05
C ILE J 311 -7.65 -80.33 5.79
N SER J 312 -8.34 -80.81 4.76
CA SER J 312 -8.35 -82.24 4.47
C SER J 312 -6.97 -82.76 4.10
N ASP J 313 -6.23 -82.01 3.28
CA ASP J 313 -4.92 -82.47 2.85
C ASP J 313 -3.93 -82.44 4.01
N PRO J 314 -3.28 -83.56 4.30
CA PRO J 314 -2.28 -83.56 5.39
C PRO J 314 -1.13 -82.61 5.16
N MET J 315 -0.74 -82.39 3.90
CA MET J 315 0.40 -81.52 3.61
C MET J 315 0.09 -80.08 3.97
N ARG J 316 -1.16 -79.65 3.81
CA ARG J 316 -1.55 -78.26 4.03
C ARG J 316 -2.11 -78.01 5.41
N LYS J 317 -2.12 -79.01 6.30
CA LYS J 317 -2.68 -78.81 7.63
C LYS J 317 -1.72 -77.99 8.50
N ARG J 318 -2.30 -77.14 9.33
CA ARG J 318 -1.54 -76.19 10.13
C ARG J 318 -1.29 -76.75 11.53
N VAL J 319 -0.04 -76.65 12.00
CA VAL J 319 0.35 -77.12 13.32
C VAL J 319 1.13 -76.01 14.01
N VAL J 320 1.01 -75.95 15.34
CA VAL J 320 1.69 -74.91 16.12
C VAL J 320 3.13 -75.33 16.37
N ALA J 321 4.05 -74.37 16.28
CA ALA J 321 5.46 -74.61 16.51
C ALA J 321 6.02 -73.50 17.38
N TYR J 322 7.15 -73.81 18.04
CA TYR J 322 7.81 -72.88 18.94
C TYR J 322 9.24 -72.67 18.51
N GLU J 323 9.78 -71.48 18.80
CA GLU J 323 11.18 -71.17 18.53
C GLU J 323 11.80 -70.54 19.77
N TYR J 324 13.11 -70.74 19.93
CA TYR J 324 13.87 -70.22 21.06
C TYR J 324 15.05 -69.42 20.52
N TRP J 325 14.97 -68.09 20.64
CA TRP J 325 16.04 -67.20 20.24
C TRP J 325 16.73 -66.69 21.50
N GLY J 326 18.02 -66.99 21.63
CA GLY J 326 18.74 -66.60 22.83
C GLY J 326 20.22 -66.91 22.72
N PHE J 327 20.92 -66.70 23.83
CA PHE J 327 22.35 -66.89 23.93
C PHE J 327 22.63 -68.11 24.79
N TRP J 328 23.53 -68.98 24.33
CA TRP J 328 23.90 -70.18 25.06
C TRP J 328 25.41 -70.39 25.00
N ASP J 329 25.94 -71.07 26.00
CA ASP J 329 27.35 -71.44 26.05
C ASP J 329 27.50 -72.80 25.39
N ILE J 330 27.75 -72.78 24.07
CA ILE J 330 27.74 -74.02 23.30
C ILE J 330 28.94 -74.89 23.64
N GLU J 331 30.11 -74.29 23.81
CA GLU J 331 31.33 -75.05 24.06
C GLU J 331 31.64 -75.23 25.54
N GLY J 332 30.84 -74.66 26.43
CA GLY J 332 31.01 -74.87 27.85
C GLY J 332 32.18 -74.15 28.48
N ASN J 333 32.80 -73.20 27.78
CA ASN J 333 33.95 -72.48 28.31
C ASN J 333 33.61 -71.09 28.81
N GLY J 334 32.32 -70.77 28.97
CA GLY J 334 31.91 -69.46 29.45
C GLY J 334 31.69 -68.42 28.38
N VAL J 335 31.61 -68.82 27.12
CA VAL J 335 31.40 -67.90 26.01
C VAL J 335 29.99 -68.09 25.48
N LEU J 336 29.20 -67.02 25.51
CA LEU J 336 27.81 -67.07 25.06
C LEU J 336 27.71 -66.59 23.62
N GLU J 337 27.03 -67.37 22.79
CA GLU J 337 26.79 -67.02 21.39
C GLU J 337 25.32 -67.19 21.05
N PRO J 338 24.79 -66.40 20.12
CA PRO J 338 23.37 -66.52 19.78
C PRO J 338 23.07 -67.84 19.09
N ILE J 339 21.88 -68.38 19.36
CA ILE J 339 21.43 -69.64 18.80
C ILE J 339 19.96 -69.53 18.44
N VAL J 340 19.46 -70.54 17.73
CA VAL J 340 18.04 -70.68 17.43
C VAL J 340 17.67 -72.15 17.55
N ALA J 341 16.51 -72.44 18.14
CA ALA J 341 16.02 -73.80 18.31
C ALA J 341 14.53 -73.84 18.06
N THR J 342 14.07 -74.81 17.27
CA THR J 342 12.68 -74.98 16.92
C THR J 342 12.22 -76.38 17.29
N TRP J 343 11.08 -76.48 17.96
CA TRP J 343 10.52 -77.77 18.34
C TRP J 343 9.00 -77.75 18.12
N ILE J 344 8.47 -78.90 17.70
CA ILE J 344 7.03 -79.09 17.55
C ILE J 344 6.60 -80.18 18.52
N GLY J 345 5.67 -79.85 19.40
CA GLY J 345 5.25 -80.81 20.40
C GLY J 345 6.38 -81.10 21.37
N SER J 346 6.88 -82.34 21.33
CA SER J 346 8.00 -82.76 22.14
C SER J 346 9.19 -83.21 21.31
N THR J 347 9.24 -82.85 20.03
CA THR J 347 10.31 -83.24 19.12
C THR J 347 11.10 -82.00 18.71
N LEU J 348 12.43 -82.08 18.84
CA LEU J 348 13.31 -80.99 18.45
C LEU J 348 13.71 -81.21 17.00
N ILE J 349 13.35 -80.25 16.14
CA ILE J 349 13.53 -80.46 14.70
C ILE J 349 14.71 -79.66 14.17
N ARG J 350 14.97 -78.48 14.74
CA ARG J 350 15.99 -77.58 14.21
C ARG J 350 16.84 -77.05 15.34
N LEU J 351 18.16 -77.03 15.13
CA LEU J 351 19.12 -76.50 16.10
C LEU J 351 20.33 -76.00 15.34
N GLU J 352 20.60 -74.70 15.42
CA GLU J 352 21.73 -74.10 14.72
C GLU J 352 21.99 -72.72 15.29
N LYS J 353 23.06 -72.10 14.80
CA LYS J 353 23.44 -70.77 15.23
C LYS J 353 22.53 -69.72 14.61
N ASN J 354 22.72 -68.47 15.04
CA ASN J 354 21.92 -67.38 14.52
C ASN J 354 22.31 -67.10 13.07
N PRO J 355 21.37 -67.18 12.13
CA PRO J 355 21.74 -66.98 10.72
C PRO J 355 21.91 -65.52 10.35
N TYR J 356 21.15 -64.62 10.96
CA TYR J 356 21.16 -63.22 10.56
C TYR J 356 22.48 -62.55 10.97
N PRO J 357 23.02 -61.69 10.10
CA PRO J 357 24.34 -61.09 10.39
C PRO J 357 24.36 -60.20 11.62
N ASP J 358 23.24 -59.56 11.95
CA ASP J 358 23.24 -58.59 13.04
C ASP J 358 23.58 -59.23 14.38
N GLY J 359 23.14 -60.48 14.58
CA GLY J 359 23.43 -61.19 15.81
C GLY J 359 22.52 -60.87 16.98
N LYS J 360 21.41 -60.18 16.74
CA LYS J 360 20.45 -59.84 17.77
C LYS J 360 19.13 -60.53 17.51
N LEU J 361 18.27 -60.56 18.52
CA LEU J 361 16.95 -61.15 18.36
C LEU J 361 16.15 -60.34 17.35
N PRO J 362 15.44 -60.98 16.42
CA PRO J 362 14.70 -60.25 15.39
C PRO J 362 13.34 -59.75 15.89
N PHE J 363 13.38 -58.96 16.96
CA PHE J 363 12.17 -58.39 17.54
C PHE J 363 12.39 -56.92 17.82
N VAL J 364 11.36 -56.12 17.61
CA VAL J 364 11.39 -54.68 17.84
C VAL J 364 10.18 -54.30 18.68
N LEU J 365 10.42 -53.57 19.78
CA LEU J 365 9.37 -53.15 20.69
C LEU J 365 9.26 -51.63 20.67
N ILE J 366 8.02 -51.14 20.58
CA ILE J 366 7.74 -49.71 20.51
C ILE J 366 6.66 -49.40 21.55
N PRO J 367 6.94 -48.59 22.57
CA PRO J 367 5.93 -48.29 23.58
C PRO J 367 5.11 -47.05 23.25
N TYR J 368 3.81 -47.10 23.52
CA TYR J 368 2.95 -45.94 23.29
C TYR J 368 3.24 -44.83 24.30
N MET J 369 3.17 -45.16 25.59
CA MET J 369 3.52 -44.23 26.65
C MET J 369 4.58 -44.91 27.51
N PRO J 370 5.84 -44.46 27.43
CA PRO J 370 6.91 -45.16 28.15
C PRO J 370 6.74 -45.11 29.66
N VAL J 371 7.19 -46.16 30.31
CA VAL J 371 7.27 -46.24 31.78
C VAL J 371 8.73 -46.33 32.14
N LYS J 372 9.17 -45.46 33.05
CA LYS J 372 10.58 -45.37 33.39
C LYS J 372 11.11 -46.69 33.92
N ARG J 373 12.26 -47.11 33.39
CA ARG J 373 12.90 -48.38 33.78
C ARG J 373 11.95 -49.56 33.60
N ASP J 374 11.16 -49.53 32.52
CA ASP J 374 10.24 -50.61 32.20
C ASP J 374 10.23 -50.84 30.70
N MET J 375 9.99 -52.10 30.31
CA MET J 375 10.04 -52.46 28.91
C MET J 375 8.72 -52.13 28.20
N TYR J 376 7.59 -52.32 28.87
CA TYR J 376 6.30 -52.17 28.25
C TYR J 376 5.81 -50.71 28.33
N GLY J 377 4.66 -50.46 27.69
CA GLY J 377 4.07 -49.15 27.69
C GLY J 377 2.61 -49.22 28.13
N GLU J 378 1.97 -48.04 28.16
CA GLU J 378 0.61 -47.99 28.66
C GLU J 378 -0.31 -47.26 27.66
N PRO J 379 -1.55 -47.70 27.53
CA PRO J 379 -2.51 -46.99 26.70
C PRO J 379 -3.25 -45.91 27.49
N ASP J 380 -4.18 -45.25 26.80
CA ASP J 380 -4.94 -44.16 27.43
C ASP J 380 -6.16 -44.66 28.19
N ALA J 381 -6.51 -45.95 28.07
CA ALA J 381 -7.69 -46.46 28.74
C ALA J 381 -7.56 -46.41 30.25
N GLU J 382 -6.33 -46.53 30.76
CA GLU J 382 -6.08 -46.52 32.20
C GLU J 382 -6.62 -45.24 32.84
N LEU J 383 -6.43 -44.10 32.17
CA LEU J 383 -6.86 -42.83 32.73
C LEU J 383 -8.34 -42.59 32.49
N LEU J 384 -8.92 -43.24 31.49
CA LEU J 384 -10.25 -42.89 31.00
C LEU J 384 -11.33 -43.88 31.39
N GLY J 385 -10.99 -45.00 32.02
CA GLY J 385 -12.02 -45.97 32.41
C GLY J 385 -13.04 -45.38 33.36
N ASP J 386 -12.58 -44.66 34.38
CA ASP J 386 -13.48 -44.06 35.36
C ASP J 386 -14.40 -43.03 34.71
N ASN J 387 -13.84 -42.16 33.87
CA ASN J 387 -14.65 -41.16 33.20
C ASN J 387 -15.68 -41.81 32.28
N GLN J 388 -15.29 -42.87 31.57
CA GLN J 388 -16.22 -43.59 30.72
C GLN J 388 -17.36 -44.18 31.55
N ALA J 389 -17.04 -44.77 32.70
CA ALA J 389 -18.08 -45.35 33.55
C ALA J 389 -19.05 -44.28 34.05
N VAL J 390 -18.52 -43.15 34.51
CA VAL J 390 -19.38 -42.08 35.02
C VAL J 390 -20.26 -41.51 33.91
N LEU J 391 -19.69 -41.28 32.73
CA LEU J 391 -20.47 -40.76 31.61
C LEU J 391 -21.57 -41.73 31.20
N GLY J 392 -21.25 -43.02 31.14
CA GLY J 392 -22.27 -44.01 30.83
C GLY J 392 -23.38 -44.03 31.86
N ALA J 393 -23.02 -43.92 33.14
CA ALA J 393 -24.05 -43.90 34.19
C ALA J 393 -24.96 -42.69 34.05
N VAL J 394 -24.38 -41.52 33.77
CA VAL J 394 -25.19 -40.31 33.63
C VAL J 394 -26.11 -40.43 32.42
N MET J 395 -25.59 -40.92 31.29
CA MET J 395 -26.41 -41.07 30.10
C MET J 395 -27.54 -42.07 30.33
N ARG J 396 -27.25 -43.18 31.00
CA ARG J 396 -28.29 -44.14 31.33
C ARG J 396 -29.35 -43.51 32.23
N GLY J 397 -28.93 -42.70 33.19
CA GLY J 397 -29.90 -42.02 34.03
C GLY J 397 -30.83 -41.12 33.25
N MET J 398 -30.28 -40.31 32.33
CA MET J 398 -31.12 -39.44 31.53
C MET J 398 -32.08 -40.23 30.65
N ILE J 399 -31.58 -41.30 30.01
CA ILE J 399 -32.43 -42.07 29.10
C ILE J 399 -33.52 -42.79 29.87
N ASP J 400 -33.21 -43.31 31.06
CA ASP J 400 -34.24 -43.92 31.90
C ASP J 400 -35.28 -42.90 32.32
N LEU J 401 -34.82 -41.69 32.69
CA LEU J 401 -35.74 -40.62 33.08
C LEU J 401 -36.73 -40.34 31.96
N LEU J 402 -36.24 -40.21 30.72
CA LEU J 402 -37.15 -39.91 29.62
C LEU J 402 -38.04 -41.11 29.29
N GLY J 403 -37.47 -42.32 29.25
CA GLY J 403 -38.21 -43.48 28.79
C GLY J 403 -39.31 -43.90 29.74
N ARG J 404 -39.06 -43.86 31.05
CA ARG J 404 -40.01 -44.41 32.00
C ARG J 404 -41.23 -43.51 32.16
N SER J 405 -41.13 -42.25 31.76
CA SER J 405 -42.25 -41.34 31.89
C SER J 405 -43.36 -41.68 30.89
N ALA J 406 -44.59 -41.36 31.27
CA ALA J 406 -45.73 -41.58 30.39
C ALA J 406 -45.91 -40.41 29.45
N ASN J 407 -46.05 -40.70 28.15
CA ASN J 407 -46.18 -39.67 27.12
C ASN J 407 -47.37 -40.01 26.24
N GLY J 408 -48.15 -38.99 25.88
CA GLY J 408 -49.28 -39.14 25.00
C GLY J 408 -50.59 -39.47 25.69
N GLN J 409 -50.57 -39.77 26.99
CA GLN J 409 -51.80 -40.09 27.68
C GLN J 409 -52.60 -38.82 27.97
N ARG J 410 -53.90 -38.99 28.16
CA ARG J 410 -54.79 -37.88 28.46
C ARG J 410 -55.61 -38.23 29.71
N GLY J 411 -55.69 -37.27 30.64
CA GLY J 411 -56.44 -37.45 31.88
C GLY J 411 -57.70 -36.60 31.88
N MET J 412 -58.81 -37.20 32.30
CA MET J 412 -60.10 -36.54 32.28
C MET J 412 -60.72 -36.55 33.67
N PRO J 413 -61.14 -35.40 34.19
CA PRO J 413 -61.86 -35.38 35.48
C PRO J 413 -63.24 -36.00 35.36
N LYS J 414 -63.70 -36.60 36.44
CA LYS J 414 -65.01 -37.24 36.45
C LYS J 414 -66.11 -36.19 36.61
N GLY J 415 -67.16 -36.32 35.80
CA GLY J 415 -68.31 -35.45 35.89
C GLY J 415 -68.25 -34.18 35.07
N MET J 416 -67.12 -33.89 34.44
CA MET J 416 -67.02 -32.70 33.59
C MET J 416 -67.97 -32.81 32.40
N LEU J 417 -68.02 -33.97 31.76
CA LEU J 417 -68.85 -34.19 30.59
C LEU J 417 -69.70 -35.44 30.78
N ASP J 418 -70.98 -35.34 30.41
CA ASP J 418 -71.84 -36.51 30.45
C ASP J 418 -71.54 -37.42 29.26
N ALA J 419 -72.33 -38.49 29.14
CA ALA J 419 -72.02 -39.54 28.17
C ALA J 419 -71.99 -38.99 26.75
N LEU J 420 -73.03 -38.25 26.35
CA LEU J 420 -73.09 -37.77 24.97
C LEU J 420 -72.00 -36.75 24.68
N ASN J 421 -71.77 -35.81 25.61
CA ASN J 421 -70.72 -34.83 25.40
C ASN J 421 -69.33 -35.46 25.42
N SER J 422 -69.14 -36.46 26.28
CA SER J 422 -67.87 -37.17 26.30
C SER J 422 -67.62 -37.89 24.99
N ARG J 423 -68.66 -38.55 24.44
CA ARG J 423 -68.52 -39.19 23.15
C ARG J 423 -68.21 -38.17 22.05
N ARG J 424 -68.90 -37.03 22.07
CA ARG J 424 -68.66 -35.99 21.07
C ARG J 424 -67.22 -35.48 21.15
N TYR J 425 -66.71 -35.30 22.37
CA TYR J 425 -65.33 -34.89 22.54
C TYR J 425 -64.37 -35.96 22.02
N ARG J 426 -64.68 -37.24 22.30
CA ARG J 426 -63.78 -38.31 21.89
C ARG J 426 -63.71 -38.45 20.37
N GLU J 427 -64.86 -38.34 19.68
CA GLU J 427 -64.83 -38.45 18.23
C GLU J 427 -64.09 -37.30 17.58
N GLY J 428 -64.16 -36.10 18.18
CA GLY J 428 -63.43 -34.97 17.65
C GLY J 428 -64.29 -33.83 17.16
N GLU J 429 -65.45 -33.62 17.79
CA GLU J 429 -66.35 -32.54 17.41
C GLU J 429 -66.64 -31.68 18.63
N ASP J 430 -67.41 -30.62 18.40
CA ASP J 430 -67.68 -29.64 19.45
C ASP J 430 -68.49 -30.27 20.58
N TYR J 431 -68.30 -29.74 21.80
CA TYR J 431 -68.94 -30.27 22.99
C TYR J 431 -69.34 -29.11 23.89
N GLU J 432 -70.10 -29.43 24.93
CA GLU J 432 -70.48 -28.47 25.96
C GLU J 432 -70.21 -29.07 27.33
N TYR J 433 -69.57 -28.29 28.20
CA TYR J 433 -69.09 -28.77 29.49
C TYR J 433 -69.79 -28.05 30.64
N ASN J 434 -69.69 -28.66 31.82
CA ASN J 434 -70.24 -28.06 33.02
C ASN J 434 -69.37 -26.88 33.45
N PRO J 435 -69.96 -25.72 33.76
CA PRO J 435 -69.14 -24.54 34.08
C PRO J 435 -68.30 -24.68 35.33
N THR J 436 -68.64 -25.63 36.21
CA THR J 436 -67.91 -25.79 37.46
C THR J 436 -66.45 -26.17 37.21
N GLN J 437 -66.21 -27.03 36.23
CA GLN J 437 -64.86 -27.51 35.91
C GLN J 437 -64.40 -26.88 34.60
N ASN J 438 -63.14 -26.43 34.57
CA ASN J 438 -62.59 -25.76 33.40
C ASN J 438 -61.72 -26.73 32.61
N PRO J 439 -62.12 -27.10 31.39
CA PRO J 439 -61.32 -28.10 30.64
C PRO J 439 -59.90 -27.65 30.34
N ALA J 440 -59.64 -26.34 30.34
CA ALA J 440 -58.30 -25.86 30.00
C ALA J 440 -57.26 -26.33 31.02
N GLN J 441 -57.64 -26.39 32.30
CA GLN J 441 -56.69 -26.77 33.33
C GLN J 441 -56.85 -28.23 33.74
N MET J 442 -58.10 -28.71 33.82
CA MET J 442 -58.34 -30.05 34.35
C MET J 442 -57.92 -31.13 33.36
N ILE J 443 -58.11 -30.90 32.06
CA ILE J 443 -57.64 -31.86 31.07
C ILE J 443 -56.12 -31.80 31.02
N ILE J 444 -55.48 -32.94 31.24
CA ILE J 444 -54.03 -33.03 31.34
C ILE J 444 -53.51 -33.93 30.24
N GLU J 445 -52.54 -33.43 29.47
CA GLU J 445 -51.82 -34.22 28.48
C GLU J 445 -50.38 -34.34 28.94
N HIS J 446 -49.92 -35.58 29.12
CA HIS J 446 -48.61 -35.81 29.70
C HIS J 446 -47.49 -35.54 28.69
N LYS J 447 -46.33 -35.18 29.21
CA LYS J 447 -45.19 -34.82 28.38
C LYS J 447 -43.90 -35.34 29.03
N PHE J 448 -42.80 -35.20 28.30
CA PHE J 448 -41.51 -35.62 28.82
C PHE J 448 -41.10 -34.71 29.98
N PRO J 449 -40.51 -35.25 31.04
CA PRO J 449 -40.02 -34.39 32.13
C PRO J 449 -38.81 -33.58 31.69
N GLU J 450 -38.59 -32.47 32.36
CA GLU J 450 -37.47 -31.60 32.02
C GLU J 450 -36.17 -32.14 32.60
N LEU J 451 -35.14 -32.17 31.78
CA LEU J 451 -33.85 -32.71 32.22
C LEU J 451 -33.16 -31.75 33.17
N PRO J 452 -32.60 -32.24 34.27
CA PRO J 452 -31.84 -31.36 35.17
C PRO J 452 -30.51 -30.94 34.55
N GLN J 453 -29.99 -29.81 35.01
CA GLN J 453 -28.73 -29.29 34.50
C GLN J 453 -27.54 -30.09 35.05
N SER J 454 -27.74 -30.81 36.15
CA SER J 454 -26.64 -31.53 36.79
C SER J 454 -26.05 -32.59 35.86
N ALA J 455 -26.90 -33.32 35.15
CA ALA J 455 -26.42 -34.37 34.27
C ALA J 455 -25.56 -33.80 33.15
N LEU J 456 -26.03 -32.72 32.51
CA LEU J 456 -25.26 -32.10 31.45
C LEU J 456 -23.94 -31.52 31.97
N THR J 457 -23.99 -30.88 33.15
CA THR J 457 -22.77 -30.32 33.72
C THR J 457 -21.75 -31.40 34.03
N MET J 458 -22.19 -32.52 34.60
CA MET J 458 -21.26 -33.59 34.94
C MET J 458 -20.73 -34.28 33.69
N ALA J 459 -21.57 -34.46 32.67
CA ALA J 459 -21.08 -35.02 31.41
C ALA J 459 -20.01 -34.11 30.80
N THR J 460 -20.25 -32.80 30.82
CA THR J 460 -19.25 -31.87 30.31
C THR J 460 -17.96 -31.94 31.11
N LEU J 461 -18.08 -32.04 32.45
CA LEU J 461 -16.88 -32.13 33.29
C LEU J 461 -16.08 -33.39 33.00
N GLN J 462 -16.76 -34.53 32.85
CA GLN J 462 -16.07 -35.77 32.51
C GLN J 462 -15.38 -35.67 31.15
N ASN J 463 -16.07 -35.11 30.16
CA ASN J 463 -15.47 -34.96 28.85
C ASN J 463 -14.24 -34.05 28.89
N GLN J 464 -14.34 -32.94 29.63
CA GLN J 464 -13.21 -32.02 29.72
C GLN J 464 -12.03 -32.67 30.44
N GLU J 465 -12.31 -33.41 31.52
CA GLU J 465 -11.23 -34.11 32.22
C GLU J 465 -10.56 -35.14 31.32
N ALA J 466 -11.36 -35.88 30.54
CA ALA J 466 -10.79 -36.87 29.63
C ALA J 466 -9.92 -36.20 28.57
N GLU J 467 -10.39 -35.09 28.00
CA GLU J 467 -9.59 -34.40 26.98
C GLU J 467 -8.32 -33.82 27.58
N SER J 468 -8.39 -33.34 28.82
CA SER J 468 -7.20 -32.80 29.47
C SER J 468 -6.17 -33.89 29.74
N LEU J 469 -6.61 -35.02 30.30
CA LEU J 469 -5.70 -36.11 30.58
C LEU J 469 -5.08 -36.68 29.30
N THR J 470 -5.93 -36.95 28.29
CA THR J 470 -5.42 -37.54 27.05
C THR J 470 -4.67 -36.52 26.22
N GLY J 471 -5.18 -35.29 26.13
CA GLY J 471 -4.60 -34.30 25.26
C GLY J 471 -5.13 -34.32 23.84
N VAL J 472 -6.26 -34.97 23.59
CA VAL J 472 -6.85 -35.08 22.27
C VAL J 472 -8.22 -34.40 22.27
N LYS J 473 -8.45 -33.52 21.32
CA LYS J 473 -9.73 -32.86 21.14
C LYS J 473 -10.42 -33.44 19.91
N ALA J 474 -11.73 -33.17 19.82
CA ALA J 474 -12.54 -33.78 18.76
C ALA J 474 -12.07 -33.34 17.38
N PHE J 475 -12.21 -32.05 17.06
CA PHE J 475 -11.99 -31.56 15.71
C PHE J 475 -10.77 -30.65 15.60
N ALA J 476 -9.72 -30.92 16.38
CA ALA J 476 -8.51 -30.12 16.35
C ALA J 476 -7.29 -31.02 16.34
N GLY J 477 -6.19 -30.49 15.79
CA GLY J 477 -4.92 -31.19 15.79
C GLY J 477 -4.77 -32.16 14.64
N GLY J 478 -3.75 -33.01 14.77
CA GLY J 478 -3.45 -34.02 13.78
C GLY J 478 -2.47 -33.62 12.71
N VAL J 479 -2.01 -32.37 12.69
CA VAL J 479 -1.17 -31.86 11.62
C VAL J 479 0.32 -31.94 11.98
N THR J 480 0.68 -32.79 12.95
CA THR J 480 2.08 -32.89 13.36
C THR J 480 2.91 -33.58 12.27
N GLY J 481 2.27 -34.41 11.44
CA GLY J 481 3.01 -35.15 10.43
C GLY J 481 3.65 -34.26 9.38
N GLU J 482 3.02 -33.13 9.07
CA GLU J 482 3.55 -32.25 8.04
C GLU J 482 4.84 -31.58 8.50
N SER J 483 5.07 -31.53 9.82
CA SER J 483 6.24 -30.87 10.38
C SER J 483 7.30 -31.86 10.87
N TYR J 484 7.22 -33.11 10.44
CA TYR J 484 8.22 -34.11 10.85
C TYR J 484 9.60 -33.75 10.31
N GLY J 485 9.66 -33.25 9.08
CA GLY J 485 10.93 -32.95 8.47
C GLY J 485 11.73 -31.93 9.29
N ASP J 486 13.01 -32.24 9.49
CA ASP J 486 13.85 -31.36 10.30
C ASP J 486 14.07 -30.01 9.61
N VAL J 487 14.78 -30.03 8.47
CA VAL J 487 14.98 -28.79 7.73
C VAL J 487 13.67 -28.31 7.11
N ALA J 488 12.73 -29.23 6.92
CA ALA J 488 11.46 -28.88 6.29
C ALA J 488 10.66 -27.90 7.16
N ALA J 489 10.30 -28.31 8.36
CA ALA J 489 9.51 -27.44 9.23
C ALA J 489 9.99 -27.40 10.67
N GLY J 490 10.97 -28.21 11.08
CA GLY J 490 11.48 -28.10 12.44
C GLY J 490 12.17 -26.78 12.69
N ILE J 491 12.83 -26.23 11.67
CA ILE J 491 13.50 -24.94 11.81
C ILE J 491 12.45 -23.84 11.88
N ARG J 492 12.47 -23.08 12.97
CA ARG J 492 11.52 -22.00 13.20
C ARG J 492 10.08 -22.50 13.06
N GLY J 493 9.83 -23.68 13.59
CA GLY J 493 8.50 -24.28 13.54
C GLY J 493 7.80 -24.22 14.89
N VAL J 494 6.71 -23.46 14.96
CA VAL J 494 5.98 -23.26 16.21
C VAL J 494 4.67 -24.03 16.13
N LEU J 495 4.45 -24.91 17.10
CA LEU J 495 3.23 -25.70 17.20
C LEU J 495 2.68 -25.60 18.61
N ASP J 496 1.35 -25.75 18.72
CA ASP J 496 0.70 -25.67 20.02
C ASP J 496 1.15 -26.81 20.92
N ALA J 497 0.79 -26.70 22.20
CA ALA J 497 1.26 -27.65 23.20
C ALA J 497 0.77 -29.07 22.92
N ALA J 498 -0.42 -29.19 22.32
CA ALA J 498 -0.99 -30.51 22.09
C ALA J 498 -0.31 -31.25 20.95
N SER J 499 0.41 -30.53 20.08
CA SER J 499 1.02 -31.17 18.92
C SER J 499 2.29 -31.93 19.30
N LYS J 500 2.96 -31.52 20.38
CA LYS J 500 4.28 -32.07 20.67
C LYS J 500 4.19 -33.49 21.23
N ARG J 501 3.10 -33.82 21.92
CA ARG J 501 2.92 -35.20 22.38
C ARG J 501 2.76 -36.14 21.19
N GLU J 502 1.95 -35.75 20.21
CA GLU J 502 1.81 -36.54 18.99
C GLU J 502 3.13 -36.61 18.24
N MET J 503 3.90 -35.51 18.26
CA MET J 503 5.22 -35.51 17.64
C MET J 503 6.13 -36.54 18.30
N ALA J 504 6.09 -36.62 19.63
CA ALA J 504 6.91 -37.59 20.35
C ALA J 504 6.49 -39.02 20.01
N ILE J 505 5.19 -39.28 19.94
CA ILE J 505 4.72 -40.61 19.56
C ILE J 505 5.17 -40.96 18.15
N LEU J 506 5.10 -39.99 17.24
CA LEU J 506 5.55 -40.22 15.87
C LEU J 506 7.03 -40.54 15.81
N ARG J 507 7.85 -39.82 16.60
CA ARG J 507 9.27 -40.13 16.65
C ARG J 507 9.53 -41.52 17.21
N ARG J 508 8.75 -41.92 18.22
CA ARG J 508 8.90 -43.26 18.77
C ARG J 508 8.59 -44.32 17.72
N LEU J 509 7.55 -44.11 16.92
CA LEU J 509 7.25 -45.04 15.84
C LEU J 509 8.34 -45.04 14.77
N ALA J 510 8.86 -43.86 14.44
CA ALA J 510 9.87 -43.75 13.41
C ALA J 510 11.16 -44.44 13.82
N LYS J 511 11.48 -44.45 15.12
CA LYS J 511 12.65 -45.19 15.58
C LYS J 511 12.53 -46.67 15.30
N GLY J 512 11.36 -47.26 15.59
CA GLY J 512 11.16 -48.66 15.28
C GLY J 512 11.19 -48.93 13.79
N MET J 513 10.62 -48.02 12.99
CA MET J 513 10.69 -48.18 11.54
C MET J 513 12.13 -48.16 11.04
N SER J 514 12.95 -47.26 11.60
CA SER J 514 14.36 -47.21 11.22
C SER J 514 15.09 -48.49 11.62
N GLU J 515 14.78 -49.03 12.80
CA GLU J 515 15.40 -50.29 13.20
C GLU J 515 15.02 -51.42 12.26
N ILE J 516 13.74 -51.48 11.86
CA ILE J 516 13.30 -52.51 10.91
C ILE J 516 14.04 -52.36 9.59
N GLY J 517 14.15 -51.13 9.09
CA GLY J 517 14.87 -50.90 7.86
C GLY J 517 16.34 -51.30 7.94
N ASN J 518 16.98 -51.00 9.07
CA ASN J 518 18.37 -51.38 9.25
C ASN J 518 18.53 -52.89 9.25
N LYS J 519 17.64 -53.61 9.94
CA LYS J 519 17.71 -55.07 9.95
C LYS J 519 17.52 -55.63 8.54
N ILE J 520 16.57 -55.08 7.79
CA ILE J 520 16.29 -55.60 6.45
C ILE J 520 17.47 -55.31 5.52
N ILE J 521 18.10 -54.15 5.66
CA ILE J 521 19.30 -53.85 4.87
C ILE J 521 20.42 -54.81 5.22
N ALA J 522 20.59 -55.10 6.51
CA ALA J 522 21.63 -56.04 6.92
C ALA J 522 21.41 -57.41 6.31
N MET J 523 20.16 -57.89 6.30
CA MET J 523 19.89 -59.18 5.67
C MET J 523 20.09 -59.13 4.16
N ASN J 524 19.68 -58.04 3.51
CA ASN J 524 19.82 -57.92 2.07
C ASN J 524 21.29 -57.90 1.65
N ALA J 525 22.15 -57.37 2.51
CA ALA J 525 23.57 -57.31 2.19
C ALA J 525 24.16 -58.70 1.98
N VAL J 526 23.56 -59.71 2.60
CA VAL J 526 24.10 -61.07 2.49
C VAL J 526 23.27 -61.91 1.52
N PHE J 527 21.94 -61.91 1.71
CA PHE J 527 21.12 -62.92 1.05
C PHE J 527 20.99 -62.66 -0.45
N LEU J 528 20.79 -61.41 -0.85
CA LEU J 528 20.62 -61.10 -2.26
C LEU J 528 21.91 -61.29 -3.03
N ALA J 529 21.80 -61.77 -4.27
CA ALA J 529 22.95 -61.95 -5.13
C ALA J 529 23.20 -60.69 -5.95
N GLU J 530 24.29 -60.72 -6.73
CA GLU J 530 24.66 -59.55 -7.53
C GLU J 530 23.67 -59.28 -8.65
N HIS J 531 23.24 -60.34 -9.36
CA HIS J 531 22.40 -60.14 -10.54
C HIS J 531 21.04 -59.57 -10.17
N GLU J 532 20.49 -59.98 -9.02
CA GLU J 532 19.21 -59.44 -8.59
C GLU J 532 19.30 -57.94 -8.32
N VAL J 533 20.35 -57.51 -7.62
CA VAL J 533 20.51 -56.09 -7.33
C VAL J 533 20.77 -55.30 -8.61
N VAL J 534 21.53 -55.88 -9.55
CA VAL J 534 21.76 -55.21 -10.82
C VAL J 534 20.45 -55.07 -11.59
N ARG J 535 19.61 -56.10 -11.56
CA ARG J 535 18.31 -56.02 -12.23
C ARG J 535 17.43 -54.95 -11.61
N ILE J 536 17.42 -54.87 -10.28
CA ILE J 536 16.56 -53.90 -9.61
C ILE J 536 17.04 -52.47 -9.85
N THR J 537 18.36 -52.24 -9.73
CA THR J 537 18.89 -50.88 -9.75
C THR J 537 19.47 -50.46 -11.10
N ASN J 538 19.87 -51.42 -11.94
CA ASN J 538 20.45 -51.12 -13.26
C ASN J 538 21.71 -50.27 -13.12
N GLU J 539 22.57 -50.63 -12.17
CA GLU J 539 23.83 -49.94 -11.96
C GLU J 539 24.86 -50.94 -11.48
N GLU J 540 26.12 -50.51 -11.46
CA GLU J 540 27.20 -51.39 -11.02
C GLU J 540 27.03 -51.77 -9.56
N PHE J 541 27.39 -53.02 -9.24
CA PHE J 541 27.20 -53.53 -7.89
C PHE J 541 28.28 -53.01 -6.95
N VAL J 542 27.89 -52.71 -5.72
CA VAL J 542 28.79 -52.30 -4.66
C VAL J 542 28.78 -53.37 -3.57
N THR J 543 29.97 -53.79 -3.16
CA THR J 543 30.11 -54.91 -2.23
C THR J 543 30.35 -54.38 -0.81
N ILE J 544 29.78 -55.07 0.18
CA ILE J 544 29.96 -54.73 1.58
C ILE J 544 30.70 -55.89 2.25
N LYS J 545 31.82 -55.58 2.91
CA LYS J 545 32.60 -56.60 3.57
C LYS J 545 31.83 -57.21 4.74
N ARG J 546 32.05 -58.51 4.97
CA ARG J 546 31.29 -59.23 5.98
C ARG J 546 31.65 -58.78 7.40
N GLU J 547 32.91 -58.43 7.64
CA GLU J 547 33.30 -58.00 8.98
C GLU J 547 32.74 -56.62 9.31
N ASP J 548 32.40 -55.84 8.29
CA ASP J 548 31.83 -54.52 8.52
C ASP J 548 30.32 -54.59 8.74
N LEU J 549 29.73 -55.78 8.59
CA LEU J 549 28.28 -55.92 8.69
C LEU J 549 27.80 -55.77 10.13
N LYS J 550 28.63 -56.17 11.09
CA LYS J 550 28.22 -56.12 12.49
C LYS J 550 27.94 -54.69 12.95
N GLY J 551 28.79 -53.75 12.56
CA GLY J 551 28.64 -52.35 12.92
C GLY J 551 28.14 -51.56 11.72
N ASN J 552 27.01 -50.88 11.92
CA ASN J 552 26.37 -50.14 10.84
C ASN J 552 27.14 -48.86 10.56
N PHE J 553 28.10 -48.94 9.63
CA PHE J 553 28.79 -47.76 9.14
C PHE J 553 28.19 -47.35 7.81
N ASP J 554 28.51 -46.13 7.39
CA ASP J 554 28.32 -45.59 6.04
C ASP J 554 26.86 -45.36 5.68
N LEU J 555 25.92 -45.62 6.60
CA LEU J 555 24.51 -45.56 6.25
C LEU J 555 23.71 -44.95 7.39
N GLU J 556 22.60 -44.33 7.03
CA GLU J 556 21.64 -43.78 7.99
C GLU J 556 20.25 -43.87 7.38
N VAL J 557 19.32 -44.49 8.10
CA VAL J 557 17.97 -44.77 7.61
C VAL J 557 16.98 -43.93 8.40
N ASP J 558 16.09 -43.24 7.67
CA ASP J 558 15.06 -42.44 8.29
C ASP J 558 13.84 -42.40 7.38
N ILE J 559 12.68 -42.10 7.97
CA ILE J 559 11.44 -42.02 7.21
C ILE J 559 11.47 -40.81 6.30
N SER J 560 11.02 -40.99 5.05
CA SER J 560 11.00 -39.93 4.06
C SER J 560 9.58 -39.38 3.91
N THR J 561 9.48 -38.06 3.86
CA THR J 561 8.20 -37.38 3.69
C THR J 561 8.30 -36.43 2.50
N ALA J 562 7.13 -35.98 2.04
CA ALA J 562 7.08 -35.13 0.84
C ALA J 562 7.77 -33.79 1.08
N GLU J 563 7.54 -33.18 2.24
CA GLU J 563 8.10 -31.86 2.51
C GLU J 563 9.63 -31.91 2.64
N VAL J 564 10.17 -33.05 3.06
CA VAL J 564 11.63 -33.18 3.17
C VAL J 564 12.27 -33.03 1.80
N ASP J 565 11.71 -33.67 0.78
CA ASP J 565 12.26 -33.57 -0.57
C ASP J 565 12.18 -32.13 -1.09
N ASN J 566 11.06 -31.45 -0.84
CA ASN J 566 10.93 -30.06 -1.28
C ASN J 566 11.97 -29.18 -0.60
N GLN J 567 12.15 -29.34 0.72
CA GLN J 567 13.10 -28.50 1.43
C GLN J 567 14.53 -28.81 0.98
N LYS J 568 14.84 -30.07 0.72
CA LYS J 568 16.15 -30.43 0.19
C LYS J 568 16.38 -29.81 -1.18
N SER J 569 15.34 -29.77 -2.01
CA SER J 569 15.45 -29.12 -3.32
C SER J 569 15.72 -27.62 -3.16
N GLN J 570 15.01 -26.98 -2.23
CA GLN J 570 15.26 -25.55 -1.98
C GLN J 570 16.68 -25.32 -1.48
N ASP J 571 17.16 -26.18 -0.58
CA ASP J 571 18.53 -26.03 -0.08
C ASP J 571 19.54 -26.22 -1.20
N LEU J 572 19.33 -27.20 -2.08
CA LEU J 572 20.22 -27.41 -3.21
C LEU J 572 20.20 -26.21 -4.15
N GLY J 573 19.02 -25.64 -4.39
CA GLY J 573 18.95 -24.45 -5.22
C GLY J 573 19.68 -23.27 -4.61
N PHE J 574 19.54 -23.08 -3.29
CA PHE J 574 20.27 -22.02 -2.61
C PHE J 574 21.77 -22.24 -2.69
N MET J 575 22.21 -23.48 -2.52
CA MET J 575 23.65 -23.77 -2.61
C MET J 575 24.18 -23.53 -4.01
N LEU J 576 23.38 -23.88 -5.03
CA LEU J 576 23.78 -23.60 -6.41
C LEU J 576 23.84 -22.10 -6.67
N GLN J 577 22.89 -21.35 -6.10
CA GLN J 577 22.91 -19.89 -6.28
C GLN J 577 24.12 -19.28 -5.61
N THR J 578 24.48 -19.75 -4.41
CA THR J 578 25.62 -19.18 -3.69
C THR J 578 26.93 -19.40 -4.44
N ILE J 579 27.14 -20.62 -4.95
CA ILE J 579 28.35 -20.91 -5.71
C ILE J 579 28.21 -20.36 -7.13
N GLY J 580 29.32 -19.84 -7.65
CA GLY J 580 29.34 -19.36 -9.01
C GLY J 580 29.08 -20.48 -10.01
N PRO J 581 28.11 -20.27 -10.91
CA PRO J 581 27.82 -21.30 -11.91
C PRO J 581 29.01 -21.65 -12.77
N ASN J 582 29.89 -20.69 -13.06
CA ASN J 582 31.03 -20.96 -13.93
C ASN J 582 32.24 -21.47 -13.17
N VAL J 583 32.15 -21.63 -11.85
CA VAL J 583 33.29 -22.09 -11.06
C VAL J 583 33.70 -23.50 -11.48
N ASP J 584 32.74 -24.41 -11.55
CA ASP J 584 33.00 -25.79 -11.95
C ASP J 584 31.75 -26.37 -12.59
N GLN J 585 31.92 -27.00 -13.75
CA GLN J 585 30.76 -27.57 -14.44
C GLN J 585 30.31 -28.87 -13.80
N GLN J 586 31.25 -29.65 -13.27
CA GLN J 586 30.91 -30.93 -12.67
C GLN J 586 30.02 -30.76 -11.43
N ILE J 587 30.35 -29.77 -10.60
CA ILE J 587 29.55 -29.50 -9.40
C ILE J 587 28.13 -29.10 -9.80
N THR J 588 28.00 -28.23 -10.80
CA THR J 588 26.68 -27.80 -11.25
C THR J 588 25.89 -28.98 -11.81
N LEU J 589 26.53 -29.83 -12.61
CA LEU J 589 25.83 -30.98 -13.16
C LEU J 589 25.37 -31.94 -12.07
N ASN J 590 26.22 -32.19 -11.08
CA ASN J 590 25.83 -33.07 -9.98
C ASN J 590 24.68 -32.48 -9.17
N ILE J 591 24.72 -31.17 -8.92
CA ILE J 591 23.64 -30.52 -8.19
C ILE J 591 22.34 -30.62 -8.97
N LEU J 592 22.40 -30.37 -10.28
CA LEU J 592 21.20 -30.47 -11.11
C LEU J 592 20.64 -31.88 -11.12
N ALA J 593 21.52 -32.89 -11.19
CA ALA J 593 21.07 -34.28 -11.14
C ALA J 593 20.41 -34.59 -9.80
N GLU J 594 20.99 -34.11 -8.70
CA GLU J 594 20.39 -34.33 -7.39
C GLU J 594 19.01 -33.68 -7.29
N ILE J 595 18.87 -32.47 -7.82
CA ILE J 595 17.57 -31.80 -7.81
C ILE J 595 16.56 -32.57 -8.66
N ALA J 596 17.00 -33.05 -9.83
CA ALA J 596 16.11 -33.79 -10.72
C ALA J 596 15.64 -35.10 -10.09
N ASP J 597 16.53 -35.77 -9.34
CA ASP J 597 16.15 -37.01 -8.68
C ASP J 597 15.03 -36.79 -7.67
N LEU J 598 15.12 -35.71 -6.90
CA LEU J 598 14.09 -35.42 -5.90
C LEU J 598 12.74 -35.13 -6.55
N LYS J 599 12.76 -34.65 -7.80
CA LYS J 599 11.53 -34.34 -8.52
C LYS J 599 11.00 -35.52 -9.33
N ARG J 600 11.63 -36.69 -9.23
CA ARG J 600 11.19 -37.92 -9.87
C ARG J 600 11.24 -37.87 -11.39
N MET J 601 12.33 -37.35 -11.97
CA MET J 601 12.62 -37.55 -13.39
C MET J 601 13.96 -38.25 -13.51
N PRO J 602 14.00 -39.59 -13.56
CA PRO J 602 15.30 -40.26 -13.58
C PRO J 602 16.02 -40.14 -14.91
N LYS J 603 15.29 -40.06 -16.02
CA LYS J 603 15.94 -39.92 -17.33
C LYS J 603 16.70 -38.61 -17.42
N LEU J 604 16.10 -37.51 -16.95
CA LEU J 604 16.77 -36.22 -16.97
C LEU J 604 18.02 -36.23 -16.08
N ALA J 605 17.92 -36.84 -14.90
CA ALA J 605 19.07 -36.91 -14.00
C ALA J 605 20.19 -37.72 -14.61
N HIS J 606 19.86 -38.87 -15.22
CA HIS J 606 20.88 -39.68 -15.86
C HIS J 606 21.53 -38.94 -17.02
N ASP J 607 20.74 -38.20 -17.79
CA ASP J 607 21.29 -37.44 -18.90
C ASP J 607 22.23 -36.35 -18.40
N LEU J 608 21.85 -35.66 -17.32
CA LEU J 608 22.71 -34.62 -16.76
C LEU J 608 24.00 -35.19 -16.19
N ARG J 609 23.90 -36.34 -15.52
CA ARG J 609 25.10 -36.95 -14.92
C ARG J 609 26.12 -37.34 -15.98
N THR J 610 25.69 -38.06 -17.00
CA THR J 610 26.56 -38.50 -18.09
C THR J 610 26.51 -37.54 -19.27
N TRP J 611 26.85 -36.28 -19.03
CA TRP J 611 26.81 -35.24 -20.05
C TRP J 611 28.24 -34.82 -20.38
N GLN J 612 28.57 -34.87 -21.67
CA GLN J 612 29.88 -34.45 -22.15
C GLN J 612 29.72 -33.41 -23.26
N PRO J 613 30.35 -32.25 -23.14
CA PRO J 613 30.23 -31.23 -24.20
C PRO J 613 30.81 -31.73 -25.51
N GLN J 614 30.16 -31.34 -26.61
CA GLN J 614 30.60 -31.73 -27.94
C GLN J 614 31.47 -30.63 -28.55
N PRO J 615 32.69 -30.95 -28.96
CA PRO J 615 33.60 -29.92 -29.47
C PRO J 615 33.15 -29.39 -30.83
N ASP J 616 33.51 -28.14 -31.10
CA ASP J 616 33.27 -27.51 -32.39
C ASP J 616 34.60 -27.32 -33.10
N PRO J 617 34.83 -27.99 -34.24
CA PRO J 617 36.14 -27.88 -34.90
C PRO J 617 36.51 -26.47 -35.32
N VAL J 618 35.52 -25.63 -35.65
CA VAL J 618 35.79 -24.29 -36.16
C VAL J 618 36.48 -23.44 -35.10
N GLN J 619 36.00 -23.53 -33.86
CA GLN J 619 36.53 -22.67 -32.80
C GLN J 619 37.99 -22.99 -32.49
N GLU J 620 38.36 -24.27 -32.49
CA GLU J 620 39.75 -24.65 -32.23
C GLU J 620 40.67 -24.10 -33.29
N GLN J 621 40.27 -24.22 -34.56
CA GLN J 621 41.08 -23.67 -35.66
C GLN J 621 41.18 -22.16 -35.56
N LEU J 622 40.09 -21.49 -35.18
CA LEU J 622 40.13 -20.03 -35.02
C LEU J 622 41.10 -19.64 -33.91
N LYS J 623 41.08 -20.37 -32.78
CA LYS J 623 42.02 -20.09 -31.70
C LYS J 623 43.46 -20.29 -32.15
N GLN J 624 43.71 -21.37 -32.90
CA GLN J 624 45.06 -21.61 -33.40
C GLN J 624 45.52 -20.49 -34.32
N LEU J 625 44.63 -20.02 -35.20
CA LEU J 625 44.98 -18.92 -36.09
C LEU J 625 45.25 -17.64 -35.31
N ALA J 626 44.46 -17.38 -34.27
CA ALA J 626 44.69 -16.20 -33.44
C ALA J 626 46.06 -16.27 -32.76
N VAL J 627 46.41 -17.44 -32.23
CA VAL J 627 47.72 -17.60 -31.60
C VAL J 627 48.84 -17.38 -32.63
N GLU J 628 48.66 -17.93 -33.84
CA GLU J 628 49.66 -17.74 -34.89
C GLU J 628 49.83 -16.26 -35.24
N LYS J 629 48.73 -15.53 -35.35
CA LYS J 629 48.81 -14.10 -35.64
C LYS J 629 49.52 -13.35 -34.51
N ALA J 630 49.21 -13.69 -33.27
CA ALA J 630 49.87 -13.05 -32.14
C ALA J 630 51.37 -13.32 -32.15
N GLN J 631 51.77 -14.53 -32.54
CA GLN J 631 53.19 -14.83 -32.68
C GLN J 631 53.83 -14.02 -33.80
N LEU J 632 53.12 -13.88 -34.93
CA LEU J 632 53.72 -13.22 -36.09
C LEU J 632 53.86 -11.72 -35.89
N GLU J 633 53.02 -11.13 -35.03
CA GLU J 633 53.13 -9.70 -34.79
C GLU J 633 54.49 -9.32 -34.21
N ASN J 634 55.02 -10.14 -33.29
CA ASN J 634 56.33 -9.86 -32.71
C ASN J 634 57.43 -9.92 -33.76
N GLU J 635 57.35 -10.89 -34.66
CA GLU J 635 58.34 -10.97 -35.74
C GLU J 635 58.25 -9.76 -36.66
N GLU J 636 57.03 -9.29 -36.93
CA GLU J 636 56.87 -8.07 -37.72
C GLU J 636 57.53 -6.88 -37.03
N LEU J 637 57.33 -6.76 -35.72
CA LEU J 637 57.97 -5.67 -34.97
C LEU J 637 59.49 -5.76 -35.03
N ARG J 638 60.02 -6.98 -34.90
CA ARG J 638 61.47 -7.17 -34.98
C ARG J 638 62.00 -6.77 -36.36
N SER J 639 61.27 -7.12 -37.42
CA SER J 639 61.69 -6.72 -38.76
C SER J 639 61.67 -5.21 -38.91
N LYS J 640 60.66 -4.54 -38.35
CA LYS J 640 60.62 -3.09 -38.39
C LYS J 640 61.82 -2.48 -37.68
N ILE J 641 62.18 -3.03 -36.52
CA ILE J 641 63.34 -2.52 -35.77
C ILE J 641 64.61 -2.70 -36.60
N ARG J 642 64.77 -3.87 -37.22
CA ARG J 642 65.96 -4.11 -38.05
C ARG J 642 66.04 -3.13 -39.21
N LEU J 643 64.90 -2.87 -39.87
CA LEU J 643 64.91 -1.93 -40.98
C LEU J 643 65.28 -0.53 -40.51
N ASN J 644 64.73 -0.10 -39.37
CA ASN J 644 65.06 1.22 -38.84
C ASN J 644 66.55 1.32 -38.52
N ASP J 645 67.12 0.29 -37.92
CA ASP J 645 68.55 0.29 -37.61
C ASP J 645 69.39 0.38 -38.89
N ALA J 646 69.02 -0.38 -39.91
CA ALA J 646 69.76 -0.33 -41.17
C ALA J 646 69.70 1.05 -41.80
N GLN J 647 68.53 1.68 -41.79
CA GLN J 647 68.40 3.03 -42.32
C GLN J 647 69.26 4.02 -41.54
N ALA J 648 69.28 3.89 -40.21
CA ALA J 648 70.10 4.77 -39.39
C ALA J 648 71.59 4.63 -39.74
N GLN J 649 72.05 3.38 -39.89
CA GLN J 649 73.46 3.18 -40.26
C GLN J 649 73.77 3.74 -41.63
N LYS J 650 72.86 3.59 -42.58
CA LYS J 650 73.07 4.17 -43.91
C LYS J 650 73.16 5.69 -43.84
N ALA J 651 72.29 6.31 -43.03
CA ALA J 651 72.35 7.76 -42.86
C ALA J 651 73.67 8.19 -42.24
N MET J 652 74.16 7.43 -41.25
CA MET J 652 75.45 7.75 -40.65
C MET J 652 76.58 7.66 -41.67
N ALA J 653 76.55 6.63 -42.52
CA ALA J 653 77.56 6.51 -43.56
C ALA J 653 77.51 7.69 -44.53
N GLU J 654 76.31 8.11 -44.92
CA GLU J 654 76.18 9.27 -45.79
C GLU J 654 76.73 10.53 -45.12
N ARG J 655 76.47 10.69 -43.81
CA ARG J 655 77.02 11.82 -43.09
C ARG J 655 78.54 11.80 -43.09
N ASP J 656 79.13 10.63 -42.88
CA ASP J 656 80.59 10.53 -42.89
C ASP J 656 81.15 10.89 -44.25
N ASN J 657 80.52 10.41 -45.32
CA ASN J 657 80.98 10.76 -46.67
C ASN J 657 80.88 12.26 -46.91
N LYS J 658 79.78 12.89 -46.48
CA LYS J 658 79.63 14.33 -46.65
C LYS J 658 80.68 15.10 -45.85
N ASN J 659 80.99 14.63 -44.64
CA ASN J 659 82.02 15.27 -43.84
C ASN J 659 83.39 15.17 -44.51
N LEU J 660 83.70 14.01 -45.08
CA LEU J 660 84.95 13.88 -45.83
C LEU J 660 84.99 14.84 -47.01
N ASP J 661 83.88 14.95 -47.74
CA ASP J 661 83.82 15.86 -48.87
C ASP J 661 84.04 17.31 -48.41
N TYR J 662 83.42 17.69 -47.29
CA TYR J 662 83.60 19.02 -46.75
C TYR J 662 85.07 19.28 -46.38
N LEU J 663 85.70 18.32 -45.70
CA LEU J 663 87.09 18.49 -45.30
C LEU J 663 88.01 18.61 -46.51
N GLU J 664 87.76 17.80 -47.55
CA GLU J 664 88.57 17.89 -48.76
C GLU J 664 88.36 19.22 -49.47
N GLN J 665 87.11 19.70 -49.51
CA GLN J 665 86.82 20.93 -50.23
C GLN J 665 87.38 22.15 -49.51
N GLU J 666 87.46 22.10 -48.18
CA GLU J 666 88.00 23.24 -47.43
C GLU J 666 89.44 23.53 -47.83
N SER J 667 90.25 22.49 -47.96
CA SER J 667 91.65 22.65 -48.38
C SER J 667 91.72 22.66 -49.91
N GLY J 668 92.93 22.63 -50.44
CA GLY J 668 93.17 22.61 -51.88
C GLY J 668 93.41 21.24 -52.45
N THR J 669 93.00 20.17 -51.77
CA THR J 669 93.29 18.81 -52.24
C THR J 669 92.65 18.54 -53.59
N LYS J 670 91.39 18.96 -53.77
CA LYS J 670 90.72 18.76 -55.05
C LYS J 670 91.44 19.50 -56.17
N HIS J 671 91.83 20.75 -55.91
CA HIS J 671 92.63 21.50 -56.89
C HIS J 671 94.01 20.90 -57.08
N ALA J 672 94.62 20.42 -55.99
CA ALA J 672 95.96 19.85 -56.09
C ALA J 672 95.98 18.60 -56.95
N ARG J 673 94.95 17.76 -56.84
CA ARG J 673 94.90 16.54 -57.65
C ARG J 673 94.77 16.87 -59.13
N ASP J 674 93.93 17.86 -59.48
CA ASP J 674 93.82 18.27 -60.87
C ASP J 674 95.13 18.84 -61.39
N LEU J 675 95.80 19.66 -60.56
CA LEU J 675 97.10 20.19 -60.96
C LEU J 675 98.12 19.07 -61.17
N GLU J 676 98.09 18.05 -60.30
CA GLU J 676 98.99 16.91 -60.46
C GLU J 676 98.68 16.14 -61.74
N LYS J 677 97.39 15.98 -62.07
CA LYS J 677 97.03 15.31 -63.31
C LYS J 677 97.54 16.08 -64.52
N MET J 678 97.37 17.41 -64.52
CA MET J 678 97.87 18.22 -65.62
C MET J 678 99.39 18.14 -65.73
N LYS J 679 100.08 18.21 -64.60
CA LYS J 679 101.55 18.12 -64.61
C LYS J 679 102.01 16.75 -65.10
N ALA J 680 101.30 15.68 -64.71
CA ALA J 680 101.64 14.34 -65.17
C ALA J 680 101.44 14.23 -66.68
N GLN J 681 100.35 14.80 -67.20
CA GLN J 681 100.14 14.78 -68.64
C GLN J 681 101.24 15.54 -69.38
N SER J 682 101.62 16.70 -68.84
CA SER J 682 102.70 17.47 -69.46
C SER J 682 104.02 16.71 -69.42
N GLN J 683 104.31 16.06 -68.29
CA GLN J 683 105.55 15.29 -68.18
C GLN J 683 105.54 14.09 -69.13
N GLY J 684 104.39 13.44 -69.28
CA GLY J 684 104.29 12.35 -70.25
C GLY J 684 104.51 12.82 -71.67
N ASN J 685 103.94 13.98 -72.02
CA ASN J 685 104.18 14.54 -73.36
C ASN J 685 105.65 14.87 -73.56
N GLN J 686 106.30 15.45 -72.53
CA GLN J 686 107.71 15.76 -72.63
C GLN J 686 108.55 14.50 -72.79
N GLN J 687 108.22 13.44 -72.05
CA GLN J 687 108.95 12.19 -72.16
C GLN J 687 108.77 11.57 -73.55
N LEU J 688 107.54 11.64 -74.08
CA LEU J 688 107.29 11.13 -75.43
C LEU J 688 108.11 11.91 -76.46
N GLU J 689 108.18 13.24 -76.30
CA GLU J 689 109.00 14.04 -77.21
C GLU J 689 110.47 13.68 -77.09
N ILE J 690 110.96 13.46 -75.87
CA ILE J 690 112.37 13.13 -75.67
C ILE J 690 112.71 11.78 -76.29
N THR J 691 111.85 10.78 -76.07
CA THR J 691 112.12 9.45 -76.60
C THR J 691 112.14 9.43 -78.12
N LYS J 692 111.21 10.15 -78.75
CA LYS J 692 111.16 10.18 -80.21
C LYS J 692 112.30 11.01 -80.78
N LYS K 19 45.94 -61.17 49.65
CA LYS K 19 46.13 -59.76 49.33
C LYS K 19 46.03 -59.54 47.83
N LEU K 20 44.97 -58.85 47.41
CA LEU K 20 44.70 -58.69 45.99
C LEU K 20 45.69 -57.75 45.32
N THR K 21 46.16 -56.73 46.05
CA THR K 21 47.04 -55.72 45.48
C THR K 21 48.36 -55.67 46.24
N SER K 22 49.30 -54.92 45.67
CA SER K 22 50.62 -54.74 46.26
C SER K 22 50.75 -53.43 47.04
N TRP K 23 49.64 -52.73 47.28
CA TRP K 23 49.69 -51.47 47.99
C TRP K 23 50.16 -51.68 49.43
N LYS K 24 50.86 -50.69 49.97
CA LYS K 24 51.34 -50.78 51.34
C LYS K 24 50.19 -50.86 52.32
N ASN K 25 49.16 -50.04 52.13
CA ASN K 25 47.96 -50.05 52.94
C ASN K 25 46.79 -50.47 52.07
N GLU K 26 46.06 -51.50 52.50
CA GLU K 26 44.96 -52.04 51.73
C GLU K 26 43.65 -51.81 52.47
N LEU K 27 42.61 -51.48 51.71
CA LEU K 27 41.33 -51.06 52.28
C LEU K 27 40.66 -52.18 53.08
N SER K 28 40.65 -53.41 52.57
CA SER K 28 39.93 -54.54 53.14
C SER K 28 38.42 -54.33 53.13
N LEU K 29 37.65 -55.43 53.19
CA LEU K 29 36.21 -55.32 53.01
C LEU K 29 35.52 -54.71 54.22
N GLN K 30 36.14 -54.82 55.40
CA GLN K 30 35.52 -54.30 56.61
C GLN K 30 35.34 -52.79 56.54
N ALA K 31 36.34 -52.07 56.01
CA ALA K 31 36.25 -50.61 55.90
C ALA K 31 35.11 -50.20 54.98
N LEU K 32 34.99 -50.86 53.83
CA LEU K 32 33.92 -50.53 52.89
C LEU K 32 32.55 -50.83 53.50
N LYS K 33 32.42 -51.97 54.18
CA LYS K 33 31.13 -52.31 54.78
C LYS K 33 30.77 -51.34 55.90
N ALA K 34 31.77 -50.91 56.69
CA ALA K 34 31.51 -49.92 57.73
C ALA K 34 31.08 -48.59 57.13
N ASP K 35 31.74 -48.16 56.04
CA ASP K 35 31.34 -46.92 55.38
C ASP K 35 29.92 -47.01 54.83
N LEU K 36 29.58 -48.15 54.22
CA LEU K 36 28.22 -48.34 53.72
C LEU K 36 27.20 -48.30 54.84
N ASP K 37 27.49 -48.98 55.95
CA ASP K 37 26.56 -48.98 57.08
C ASP K 37 26.41 -47.59 57.68
N ALA K 38 27.49 -46.81 57.70
CA ALA K 38 27.40 -45.45 58.21
C ALA K 38 26.58 -44.56 57.28
N ALA K 39 26.74 -44.72 55.96
CA ALA K 39 26.06 -43.83 55.02
C ALA K 39 24.61 -44.26 54.80
N LYS K 40 24.26 -45.48 55.18
CA LYS K 40 22.90 -45.97 54.94
C LYS K 40 21.81 -45.16 55.63
N PRO K 41 21.93 -44.75 56.91
CA PRO K 41 20.80 -44.07 57.56
C PRO K 41 20.30 -42.83 56.83
N SER K 42 21.18 -42.01 56.26
CA SER K 42 20.73 -40.82 55.56
C SER K 42 19.96 -41.19 54.30
N HIS K 43 20.46 -42.17 53.54
CA HIS K 43 19.77 -42.62 52.33
C HIS K 43 18.40 -43.20 52.66
N THR K 44 18.31 -43.96 53.76
CA THR K 44 17.04 -44.56 54.15
C THR K 44 15.99 -43.49 54.44
N ALA K 45 16.39 -42.42 55.14
CA ALA K 45 15.45 -41.33 55.41
C ALA K 45 15.12 -40.56 54.13
N MET K 46 16.11 -40.40 53.24
CA MET K 46 15.90 -39.67 52.00
C MET K 46 14.90 -40.35 51.08
N MET K 47 14.97 -41.68 50.97
CA MET K 47 14.13 -42.41 50.03
C MET K 47 12.64 -42.35 50.39
N ILE K 48 12.33 -42.00 51.64
CA ILE K 48 10.92 -41.90 52.06
C ILE K 48 10.22 -40.80 51.28
N LYS K 49 10.91 -39.66 51.08
CA LYS K 49 10.32 -38.57 50.33
C LYS K 49 10.05 -38.97 48.88
N VAL K 50 10.99 -39.68 48.26
CA VAL K 50 10.80 -40.14 46.89
C VAL K 50 9.64 -41.11 46.80
N LYS K 51 9.53 -42.02 47.78
CA LYS K 51 8.40 -42.94 47.80
C LYS K 51 7.08 -42.21 47.94
N GLU K 52 7.03 -41.20 48.81
CA GLU K 52 5.80 -40.42 48.98
C GLU K 52 5.43 -39.68 47.70
N TRP K 53 6.43 -39.09 47.03
CA TRP K 53 6.15 -38.39 45.78
C TRP K 53 5.64 -39.34 44.71
N ASN K 54 6.23 -40.53 44.60
CA ASN K 54 5.77 -41.51 43.63
C ASN K 54 4.35 -41.98 43.96
N ASP K 55 4.05 -42.16 45.25
CA ASP K 55 2.71 -42.57 45.64
C ASP K 55 1.69 -41.49 45.31
N LEU K 56 2.06 -40.22 45.51
CA LEU K 56 1.18 -39.12 45.11
C LEU K 56 0.95 -39.11 43.61
N MET K 57 2.02 -39.35 42.84
CA MET K 57 1.88 -39.37 41.38
C MET K 57 0.97 -40.51 40.93
N ARG K 58 1.13 -41.69 41.51
CA ARG K 58 0.42 -42.89 41.08
C ARG K 58 -0.85 -43.16 41.87
N ILE K 59 -1.21 -42.27 42.81
CA ILE K 59 -2.40 -42.43 43.64
C ILE K 59 -2.34 -43.76 44.37
N GLU K 60 -1.40 -43.87 45.33
CA GLU K 60 -1.24 -45.05 46.16
C GLU K 60 -0.93 -44.62 47.58
N GLY K 61 -0.99 -45.57 48.50
CA GLY K 61 -0.67 -45.28 49.89
C GLY K 61 -1.66 -44.32 50.51
N LYS K 62 -1.13 -43.22 51.06
CA LYS K 62 -1.99 -42.24 51.73
C LYS K 62 -2.88 -41.50 50.74
N ALA K 63 -2.45 -41.42 49.47
CA ALA K 63 -3.23 -40.71 48.47
C ALA K 63 -4.51 -41.45 48.12
N LYS K 64 -4.55 -42.75 48.35
CA LYS K 64 -5.73 -43.54 47.98
C LYS K 64 -6.92 -43.13 48.84
N PRO K 65 -8.08 -42.90 48.25
CA PRO K 65 -9.27 -42.52 49.03
C PRO K 65 -9.75 -43.69 49.88
N PRO K 66 -10.42 -43.40 51.00
CA PRO K 66 -10.96 -44.48 51.83
C PRO K 66 -12.05 -45.25 51.08
N LYS K 67 -12.21 -46.52 51.46
CA LYS K 67 -13.17 -47.41 50.83
C LYS K 67 -14.45 -47.40 51.65
N VAL K 68 -15.57 -47.03 51.00
CA VAL K 68 -16.87 -46.99 51.63
C VAL K 68 -17.84 -47.79 50.78
N LYS K 69 -18.74 -48.53 51.44
CA LYS K 69 -19.65 -49.40 50.73
C LYS K 69 -20.60 -48.61 49.82
N GLY K 70 -21.22 -47.56 50.35
CA GLY K 70 -22.21 -46.81 49.61
C GLY K 70 -21.75 -45.50 49.02
N ARG K 71 -20.45 -45.24 48.95
CA ARG K 71 -19.93 -43.97 48.46
C ARG K 71 -18.79 -44.21 47.49
N SER K 72 -18.51 -43.19 46.68
CA SER K 72 -17.54 -43.33 45.60
C SER K 72 -16.11 -43.26 46.12
N GLN K 73 -15.19 -43.74 45.29
CA GLN K 73 -13.76 -43.81 45.59
C GLN K 73 -12.94 -43.30 44.42
N VAL K 74 -13.32 -42.15 43.86
CA VAL K 74 -12.72 -41.62 42.64
C VAL K 74 -11.80 -40.46 43.03
N GLN K 75 -10.69 -40.31 42.32
CA GLN K 75 -9.79 -39.20 42.55
C GLN K 75 -9.15 -38.76 41.23
N PRO K 76 -9.35 -37.51 40.80
CA PRO K 76 -8.66 -37.01 39.61
C PRO K 76 -7.17 -36.89 39.85
N LYS K 77 -6.41 -37.01 38.75
CA LYS K 77 -4.96 -36.99 38.80
C LYS K 77 -4.45 -35.63 38.33
N LEU K 78 -4.06 -34.79 39.30
CA LEU K 78 -3.54 -33.46 38.99
C LEU K 78 -2.04 -33.49 38.74
N VAL K 79 -1.28 -34.08 39.67
CA VAL K 79 0.17 -34.13 39.53
C VAL K 79 0.56 -34.90 38.28
N ARG K 80 -0.13 -36.01 38.02
CA ARG K 80 0.14 -36.79 36.81
C ARG K 80 -0.08 -35.96 35.56
N ARG K 81 -1.13 -35.14 35.54
CA ARG K 81 -1.43 -34.31 34.37
C ARG K 81 -0.35 -33.25 34.16
N GLN K 82 0.03 -32.56 35.25
CA GLN K 82 1.07 -31.55 35.16
C GLN K 82 2.39 -32.15 34.70
N ALA K 83 2.67 -33.39 35.13
CA ALA K 83 3.88 -34.06 34.65
C ALA K 83 3.72 -34.51 33.20
N GLU K 84 2.50 -34.87 32.80
CA GLU K 84 2.28 -35.35 31.44
C GLU K 84 2.53 -34.29 30.39
N TRP K 85 2.11 -33.05 30.61
CA TRP K 85 2.54 -32.05 29.63
C TRP K 85 4.02 -31.74 29.71
N ARG K 86 4.62 -31.76 30.91
CA ARG K 86 6.02 -31.39 31.03
C ARG K 86 6.93 -32.41 30.37
N TYR K 87 6.56 -33.69 30.39
CA TYR K 87 7.37 -34.71 29.71
C TYR K 87 7.56 -34.36 28.25
N SER K 88 6.45 -34.10 27.53
CA SER K 88 6.54 -33.80 26.11
C SER K 88 7.12 -32.42 25.87
N ALA K 89 6.97 -31.52 26.85
CA ALA K 89 7.60 -30.21 26.72
C ALA K 89 9.12 -30.32 26.73
N LEU K 90 9.66 -31.22 27.56
CA LEU K 90 11.11 -31.28 27.73
C LEU K 90 11.77 -32.24 26.75
N THR K 91 11.08 -33.33 26.39
CA THR K 91 11.71 -34.38 25.61
C THR K 91 12.03 -33.92 24.18
N GLU K 92 11.18 -33.09 23.61
CA GLU K 92 11.27 -32.78 22.18
C GLU K 92 12.59 -32.12 21.77
N PRO K 93 13.15 -31.16 22.52
CA PRO K 93 14.41 -30.54 22.04
C PRO K 93 15.55 -31.51 21.80
N PHE K 94 15.62 -32.61 22.55
CA PHE K 94 16.71 -33.57 22.43
C PHE K 94 16.52 -34.55 21.27
N LEU K 95 15.37 -34.51 20.60
CA LEU K 95 15.10 -35.46 19.52
C LEU K 95 14.77 -34.80 18.19
N GLY K 96 14.93 -33.48 18.05
CA GLY K 96 14.52 -32.81 16.83
C GLY K 96 15.42 -33.06 15.64
N SER K 97 16.68 -33.42 15.87
CA SER K 97 17.66 -33.55 14.80
C SER K 97 18.33 -34.91 14.88
N ASN K 98 18.90 -35.33 13.74
CA ASN K 98 19.59 -36.62 13.70
C ASN K 98 20.90 -36.60 14.48
N LYS K 99 21.47 -35.41 14.68
CA LYS K 99 22.70 -35.23 15.44
C LYS K 99 22.35 -34.80 16.85
N LEU K 100 22.94 -35.45 17.85
CA LEU K 100 22.63 -35.15 19.24
C LEU K 100 23.61 -34.16 19.86
N PHE K 101 24.89 -34.27 19.56
CA PHE K 101 25.91 -33.45 20.19
C PHE K 101 26.61 -32.58 19.15
N LYS K 102 27.05 -31.41 19.60
CA LYS K 102 27.77 -30.45 18.76
C LYS K 102 29.10 -30.13 19.43
N VAL K 103 30.20 -30.32 18.70
CA VAL K 103 31.53 -30.05 19.22
C VAL K 103 32.12 -28.89 18.42
N THR K 104 32.63 -27.89 19.14
CA THR K 104 33.17 -26.69 18.50
C THR K 104 34.59 -26.44 18.97
N PRO K 105 35.48 -25.98 18.10
CA PRO K 105 36.87 -25.72 18.50
C PRO K 105 36.94 -24.49 19.40
N VAL K 106 37.91 -24.52 20.33
CA VAL K 106 38.16 -23.35 21.17
C VAL K 106 39.14 -22.41 20.48
N THR K 107 40.16 -22.97 19.82
CA THR K 107 41.16 -22.20 19.09
C THR K 107 41.14 -22.63 17.63
N TRP K 108 42.07 -22.08 16.85
CA TRP K 108 42.03 -22.27 15.40
C TRP K 108 42.56 -23.64 14.98
N GLU K 109 43.40 -24.25 15.82
CA GLU K 109 44.02 -25.51 15.42
C GLU K 109 43.17 -26.72 15.79
N ASP K 110 41.99 -26.49 16.38
CA ASP K 110 41.20 -27.58 16.96
C ASP K 110 40.11 -28.10 16.04
N VAL K 111 40.05 -27.61 14.79
CA VAL K 111 38.90 -27.90 13.93
C VAL K 111 38.83 -29.39 13.60
N GLN K 112 39.97 -29.98 13.20
CA GLN K 112 39.98 -31.38 12.80
C GLN K 112 39.64 -32.29 13.98
N GLY K 113 40.22 -32.01 15.14
CA GLY K 113 39.91 -32.80 16.31
C GLY K 113 38.45 -32.70 16.72
N ALA K 114 37.88 -31.49 16.67
CA ALA K 114 36.48 -31.32 16.99
C ALA K 114 35.59 -32.08 16.00
N ARG K 115 35.93 -32.01 14.71
CA ARG K 115 35.14 -32.72 13.71
C ARG K 115 35.18 -34.23 13.93
N GLN K 116 36.37 -34.78 14.17
CA GLN K 116 36.48 -36.22 14.37
C GLN K 116 35.75 -36.66 15.64
N ASN K 117 35.90 -35.89 16.71
CA ASN K 117 35.21 -36.24 17.96
C ASN K 117 33.70 -36.20 17.77
N GLU K 118 33.19 -35.18 17.07
CA GLU K 118 31.76 -35.09 16.81
C GLU K 118 31.28 -36.30 15.99
N LEU K 119 32.02 -36.64 14.92
CA LEU K 119 31.62 -37.76 14.09
C LEU K 119 31.57 -39.06 14.88
N VAL K 120 32.63 -39.34 15.64
CA VAL K 120 32.69 -40.59 16.39
C VAL K 120 31.59 -40.63 17.44
N LEU K 121 31.38 -39.51 18.14
CA LEU K 121 30.40 -39.50 19.23
C LEU K 121 28.99 -39.68 18.70
N ASN K 122 28.65 -38.95 17.63
CA ASN K 122 27.33 -39.10 17.01
C ASN K 122 27.12 -40.50 16.46
N TYR K 123 28.15 -41.09 15.84
CA TYR K 123 28.02 -42.47 15.37
C TYR K 123 27.75 -43.42 16.53
N GLN K 124 28.47 -43.22 17.65
CA GLN K 124 28.30 -44.12 18.79
C GLN K 124 26.88 -44.05 19.35
N PHE K 125 26.34 -42.84 19.53
CA PHE K 125 24.97 -42.75 20.03
C PHE K 125 23.95 -43.21 18.99
N ARG K 126 24.26 -43.07 17.70
CA ARG K 126 23.29 -43.48 16.69
C ARG K 126 23.23 -44.99 16.55
N THR K 127 24.37 -45.66 16.73
CA THR K 127 24.42 -47.10 16.49
C THR K 127 24.24 -47.90 17.78
N LYS K 128 25.05 -47.62 18.80
CA LYS K 128 25.12 -48.48 19.98
C LYS K 128 24.00 -48.25 20.97
N LEU K 129 23.20 -47.20 20.81
CA LEU K 129 22.19 -46.86 21.80
C LEU K 129 20.86 -46.60 21.11
N ASN K 130 19.78 -46.80 21.88
CA ASN K 130 18.44 -46.39 21.49
C ASN K 130 18.20 -45.00 22.06
N ARG K 131 18.40 -43.97 21.26
CA ARG K 131 18.40 -42.60 21.77
C ARG K 131 17.03 -42.20 22.33
N VAL K 132 15.95 -42.59 21.63
CA VAL K 132 14.62 -42.15 22.03
C VAL K 132 14.26 -42.69 23.40
N SER K 133 14.46 -44.00 23.62
CA SER K 133 14.11 -44.61 24.90
C SER K 133 14.96 -44.03 26.02
N PHE K 134 16.25 -43.80 25.76
CA PHE K 134 17.13 -43.22 26.78
C PHE K 134 16.67 -41.83 27.16
N ILE K 135 16.31 -41.01 26.15
CA ILE K 135 15.85 -39.65 26.44
C ILE K 135 14.55 -39.67 27.24
N ASP K 136 13.61 -40.54 26.86
CA ASP K 136 12.36 -40.62 27.59
C ASP K 136 12.59 -41.05 29.04
N ASN K 137 13.41 -42.07 29.25
CA ASN K 137 13.70 -42.52 30.61
C ASN K 137 14.39 -41.42 31.42
N TYR K 138 15.35 -40.73 30.81
CA TYR K 138 16.06 -39.64 31.49
C TYR K 138 15.09 -38.56 31.93
N VAL K 139 14.28 -38.05 31.01
CA VAL K 139 13.38 -36.95 31.33
C VAL K 139 12.34 -37.39 32.36
N ARG K 140 11.78 -38.60 32.18
CA ARG K 140 10.75 -39.07 33.10
C ARG K 140 11.31 -39.24 34.51
N SER K 141 12.52 -39.80 34.63
CA SER K 141 13.13 -39.95 35.95
C SER K 141 13.40 -38.60 36.59
N VAL K 142 13.93 -37.65 35.81
CA VAL K 142 14.25 -36.33 36.36
C VAL K 142 12.98 -35.66 36.86
N VAL K 143 11.90 -35.72 36.08
CA VAL K 143 10.66 -35.05 36.47
C VAL K 143 10.02 -35.75 37.67
N ASP K 144 9.96 -37.08 37.64
CA ASP K 144 9.23 -37.81 38.67
C ASP K 144 9.95 -37.80 40.01
N ASP K 145 11.26 -38.05 40.02
CA ASP K 145 11.99 -38.17 41.27
C ASP K 145 12.64 -36.88 41.72
N GLY K 146 12.80 -35.90 40.82
CA GLY K 146 13.46 -34.66 41.15
C GLY K 146 14.96 -34.68 41.01
N THR K 147 15.56 -35.87 40.86
CA THR K 147 17.00 -36.00 40.71
C THR K 147 17.29 -37.23 39.86
N GLY K 148 18.20 -37.08 38.91
CA GLY K 148 18.56 -38.17 38.03
C GLY K 148 20.04 -38.50 38.08
N ILE K 149 20.36 -39.77 38.29
CA ILE K 149 21.74 -40.24 38.37
C ILE K 149 22.03 -41.08 37.15
N VAL K 150 23.12 -40.77 36.46
CA VAL K 150 23.51 -41.47 35.24
C VAL K 150 24.86 -42.14 35.48
N ARG K 151 24.95 -43.41 35.11
CA ARG K 151 26.17 -44.19 35.23
C ARG K 151 26.81 -44.35 33.85
N VAL K 152 28.08 -43.99 33.74
CA VAL K 152 28.82 -44.05 32.48
C VAL K 152 29.94 -45.07 32.63
N GLY K 153 30.02 -45.99 31.67
CA GLY K 153 31.04 -47.02 31.70
C GLY K 153 31.42 -47.46 30.31
N TRP K 154 32.37 -48.38 30.24
CA TRP K 154 32.89 -48.91 28.98
C TRP K 154 32.67 -50.41 28.93
N ASN K 155 32.30 -50.91 27.76
CA ASN K 155 32.07 -52.33 27.54
C ASN K 155 33.04 -52.80 26.47
N ARG K 156 33.83 -53.82 26.80
CA ARG K 156 34.83 -54.38 25.89
C ARG K 156 34.77 -55.90 25.95
N GLU K 157 34.87 -56.53 24.79
CA GLU K 157 34.90 -57.99 24.68
C GLU K 157 35.72 -58.38 23.47
N ILE K 158 36.73 -59.22 23.68
CA ILE K 158 37.66 -59.64 22.63
C ILE K 158 37.68 -61.15 22.56
N ARG K 159 37.78 -61.70 21.35
CA ARG K 159 37.80 -63.13 21.13
C ARG K 159 39.02 -63.51 20.28
N LYS K 160 39.76 -64.51 20.73
CA LYS K 160 40.93 -64.97 19.99
C LYS K 160 40.52 -65.91 18.86
N GLU K 161 41.10 -65.69 17.68
CA GLU K 161 40.81 -66.51 16.52
C GLU K 161 42.13 -66.81 15.80
N LYS K 162 42.12 -67.91 15.04
CA LYS K 162 43.28 -68.34 14.28
C LYS K 162 42.95 -68.29 12.79
N GLN K 163 43.77 -67.58 12.03
CA GLN K 163 43.59 -67.44 10.59
C GLN K 163 44.93 -67.61 9.89
N GLU K 164 44.89 -68.18 8.69
CA GLU K 164 46.11 -68.32 7.89
C GLU K 164 46.59 -66.97 7.41
N VAL K 165 47.88 -66.71 7.56
CA VAL K 165 48.50 -65.44 7.19
C VAL K 165 49.63 -65.74 6.23
N PRO K 166 49.62 -65.18 5.02
CA PRO K 166 50.73 -65.42 4.08
C PRO K 166 52.03 -64.84 4.60
N VAL K 167 53.13 -65.46 4.21
CA VAL K 167 54.48 -65.02 4.57
C VAL K 167 55.13 -64.41 3.34
N PHE K 168 55.64 -63.20 3.49
CA PHE K 168 56.23 -62.44 2.38
C PHE K 168 57.72 -62.24 2.63
N SER K 169 58.51 -62.41 1.58
CA SER K 169 59.95 -62.21 1.63
C SER K 169 60.29 -60.94 0.84
N LEU K 170 61.02 -60.03 1.48
CA LEU K 170 61.33 -58.75 0.86
C LEU K 170 62.36 -58.91 -0.26
N PHE K 171 62.30 -57.98 -1.21
CA PHE K 171 63.21 -57.94 -2.34
C PHE K 171 63.39 -56.48 -2.75
N PRO K 172 64.60 -56.08 -3.11
CA PRO K 172 64.85 -54.67 -3.47
C PRO K 172 64.01 -54.22 -4.65
N ILE K 173 63.61 -52.95 -4.61
CA ILE K 173 62.77 -52.40 -5.67
C ILE K 173 63.58 -52.29 -6.96
N GLN K 174 63.02 -52.84 -8.04
CA GLN K 174 63.68 -52.87 -9.34
C GLN K 174 62.80 -52.19 -10.37
N THR K 175 63.44 -51.50 -11.32
CA THR K 175 62.76 -50.82 -12.43
C THR K 175 61.85 -49.70 -11.93
N GLN K 176 61.20 -49.01 -12.87
CA GLN K 176 60.33 -47.89 -12.49
C GLN K 176 58.92 -48.36 -12.17
N GLU K 177 58.55 -49.56 -12.61
CA GLU K 177 57.19 -50.05 -12.40
C GLU K 177 56.90 -50.24 -10.91
N GLN K 178 57.84 -50.82 -10.17
CA GLN K 178 57.63 -51.03 -8.74
C GLN K 178 57.51 -49.70 -8.00
N ALA K 179 58.37 -48.74 -8.35
CA ALA K 179 58.30 -47.42 -7.72
C ALA K 179 56.97 -46.73 -8.04
N ASP K 180 56.51 -46.84 -9.29
CA ASP K 180 55.23 -46.25 -9.65
C ASP K 180 54.08 -46.89 -8.88
N ALA K 181 54.10 -48.22 -8.75
CA ALA K 181 53.06 -48.91 -8.00
C ALA K 181 53.07 -48.49 -6.53
N LEU K 182 54.26 -48.38 -5.94
CA LEU K 182 54.35 -47.93 -4.55
C LEU K 182 53.84 -46.51 -4.38
N GLN K 183 54.18 -45.62 -5.32
CA GLN K 183 53.71 -44.25 -5.24
C GLN K 183 52.20 -44.17 -5.37
N GLN K 184 51.62 -44.96 -6.29
CA GLN K 184 50.17 -45.00 -6.42
C GLN K 184 49.52 -45.53 -5.15
N ALA K 185 50.12 -46.54 -4.53
CA ALA K 185 49.57 -47.07 -3.27
C ALA K 185 49.61 -46.01 -2.17
N LEU K 186 50.72 -45.29 -2.05
CA LEU K 186 50.81 -44.23 -1.04
C LEU K 186 49.79 -43.14 -1.30
N GLN K 187 49.63 -42.73 -2.56
CA GLN K 187 48.66 -41.70 -2.89
C GLN K 187 47.23 -42.16 -2.59
N LEU K 188 46.93 -43.42 -2.90
CA LEU K 188 45.60 -43.96 -2.59
C LEU K 188 45.35 -44.00 -1.10
N ARG K 189 46.36 -44.39 -0.32
CA ARG K 189 46.21 -44.38 1.14
C ARG K 189 45.97 -42.96 1.66
N THR K 190 46.70 -41.98 1.10
CA THR K 190 46.53 -40.61 1.55
C THR K 190 45.15 -40.07 1.19
N ASP K 191 44.66 -40.39 -0.01
CA ASP K 191 43.41 -39.81 -0.48
C ASP K 191 42.21 -40.59 0.04
N ASN K 192 42.21 -41.91 -0.11
CA ASN K 192 41.05 -42.71 0.25
C ASN K 192 41.48 -43.95 1.03
N PRO K 193 41.42 -43.90 2.37
CA PRO K 193 41.84 -45.08 3.15
C PRO K 193 41.06 -46.35 2.85
N ARG K 194 39.74 -46.27 2.66
CA ARG K 194 38.97 -47.48 2.41
C ARG K 194 39.30 -48.10 1.07
N GLY K 195 39.52 -47.28 0.04
CA GLY K 195 39.99 -47.81 -1.22
C GLY K 195 41.32 -48.52 -1.08
N TYR K 196 42.21 -47.95 -0.27
CA TYR K 196 43.49 -48.61 0.02
C TYR K 196 43.28 -49.96 0.69
N GLU K 197 42.37 -50.02 1.67
CA GLU K 197 42.14 -51.28 2.38
C GLU K 197 41.50 -52.32 1.45
N GLU K 198 40.68 -51.87 0.50
CA GLU K 198 39.86 -52.82 -0.25
C GLU K 198 40.55 -53.30 -1.52
N ASN K 199 41.30 -52.44 -2.21
CA ASN K 199 41.76 -52.75 -3.55
C ASN K 199 43.27 -52.90 -3.71
N VAL K 200 44.07 -52.46 -2.73
CA VAL K 200 45.51 -52.43 -2.90
C VAL K 200 46.10 -53.84 -2.91
N ASP K 201 45.56 -54.73 -2.07
CA ASP K 201 45.95 -56.14 -1.92
C ASP K 201 47.09 -56.28 -0.91
N GLU K 202 47.29 -57.50 -0.42
CA GLU K 202 48.10 -57.71 0.78
C GLU K 202 49.59 -57.42 0.55
N ALA K 203 50.13 -57.84 -0.60
CA ALA K 203 51.57 -57.69 -0.81
C ALA K 203 51.99 -56.23 -0.86
N ILE K 204 51.23 -55.41 -1.60
CA ILE K 204 51.55 -53.99 -1.67
C ILE K 204 51.33 -53.33 -0.30
N LYS K 205 50.35 -53.81 0.46
CA LYS K 205 50.15 -53.30 1.81
C LYS K 205 51.37 -53.60 2.69
N GLU K 206 51.93 -54.81 2.56
CA GLU K 206 53.14 -55.14 3.32
C GLU K 206 54.30 -54.26 2.88
N SER K 207 54.42 -54.00 1.57
CA SER K 207 55.47 -53.11 1.09
C SER K 207 55.32 -51.71 1.68
N VAL K 208 54.08 -51.21 1.74
CA VAL K 208 53.83 -49.89 2.32
C VAL K 208 54.16 -49.89 3.81
N ARG K 209 53.81 -50.96 4.51
CA ARG K 209 54.14 -51.05 5.94
C ARG K 209 55.65 -51.03 6.16
N PHE K 210 56.39 -51.76 5.34
CA PHE K 210 57.84 -51.75 5.46
C PHE K 210 58.42 -50.38 5.11
N PHE K 211 57.81 -49.70 4.14
CA PHE K 211 58.24 -48.34 3.82
C PHE K 211 57.99 -47.41 5.01
N ASP K 212 56.87 -47.58 5.69
CA ASP K 212 56.60 -46.78 6.89
C ASP K 212 57.62 -47.07 7.98
N GLU K 213 57.96 -48.35 8.18
CA GLU K 213 58.92 -48.70 9.22
C GLU K 213 60.34 -48.32 8.81
N THR K 214 60.74 -48.62 7.58
CA THR K 214 62.07 -48.33 7.08
C THR K 214 61.99 -47.49 5.82
N GLY K 215 62.84 -46.47 5.74
CA GLY K 215 62.75 -45.54 4.62
C GLY K 215 62.98 -46.20 3.27
N GLN K 216 63.82 -47.24 3.24
CA GLN K 216 64.11 -47.92 1.98
C GLN K 216 62.87 -48.63 1.45
N ALA K 217 62.64 -48.50 0.15
CA ALA K 217 61.52 -49.17 -0.50
C ALA K 217 61.87 -50.62 -0.81
N THR K 218 60.89 -51.51 -0.62
CA THR K 218 61.10 -52.93 -0.82
C THR K 218 59.88 -53.53 -1.52
N TYR K 219 60.10 -54.69 -2.14
CA TYR K 219 59.06 -55.45 -2.80
C TYR K 219 58.99 -56.84 -2.18
N ALA K 220 57.78 -57.31 -1.93
CA ALA K 220 57.55 -58.56 -1.22
C ALA K 220 56.87 -59.57 -2.13
N VAL K 221 57.28 -60.83 -2.01
CA VAL K 221 56.69 -61.94 -2.76
C VAL K 221 56.26 -63.01 -1.77
N GLN K 222 55.06 -63.55 -1.97
CA GLN K 222 54.51 -64.54 -1.05
C GLN K 222 55.30 -65.84 -1.13
N THR K 223 55.53 -66.45 0.03
CA THR K 223 56.23 -67.73 0.13
C THR K 223 55.37 -68.84 0.69
N GLY K 224 54.72 -68.61 1.84
CA GLY K 224 53.89 -69.63 2.45
C GLY K 224 52.90 -69.01 3.42
N THR K 225 52.04 -69.86 3.98
CA THR K 225 51.01 -69.44 4.91
C THR K 225 51.27 -70.06 6.28
N THR K 226 51.21 -69.23 7.31
CA THR K 226 51.43 -69.66 8.69
C THR K 226 50.24 -69.20 9.55
N THR K 227 49.72 -70.11 10.37
CA THR K 227 48.60 -69.79 11.24
C THR K 227 49.06 -68.88 12.38
N THR K 228 48.28 -67.85 12.64
CA THR K 228 48.57 -66.89 13.71
C THR K 228 47.30 -66.62 14.50
N GLU K 229 47.47 -66.16 15.73
CA GLU K 229 46.35 -65.85 16.62
C GLU K 229 46.01 -64.37 16.49
N VAL K 230 44.76 -64.07 16.13
CA VAL K 230 44.28 -62.71 15.97
C VAL K 230 43.05 -62.52 16.84
N GLU K 231 42.99 -61.37 17.50
CA GLU K 231 41.89 -61.03 18.40
C GLU K 231 40.89 -60.13 17.68
N VAL K 232 39.65 -60.58 17.58
CA VAL K 232 38.57 -59.84 16.93
C VAL K 232 37.61 -59.37 18.00
N PRO K 233 37.58 -58.07 18.32
CA PRO K 233 36.65 -57.57 19.35
C PRO K 233 35.25 -57.36 18.82
N LEU K 234 34.25 -58.00 19.45
CA LEU K 234 32.87 -57.82 19.00
C LEU K 234 32.34 -56.44 19.40
N ALA K 235 32.58 -56.02 20.64
CA ALA K 235 32.00 -54.79 21.16
C ALA K 235 33.07 -53.92 21.81
N ASN K 236 33.16 -52.66 21.37
CA ASN K 236 33.99 -51.64 21.98
C ASN K 236 33.20 -50.32 21.89
N HIS K 237 32.42 -50.04 22.94
CA HIS K 237 31.52 -48.91 22.94
C HIS K 237 31.15 -48.52 24.37
N PRO K 238 30.99 -47.23 24.65
CA PRO K 238 30.56 -46.82 25.99
C PRO K 238 29.09 -47.14 26.22
N THR K 239 28.74 -47.24 27.50
CA THR K 239 27.37 -47.50 27.91
C THR K 239 26.95 -46.49 28.96
N VAL K 240 25.74 -45.96 28.83
CA VAL K 240 25.15 -45.06 29.81
C VAL K 240 23.82 -45.67 30.25
N GLU K 241 23.54 -45.62 31.56
CA GLU K 241 22.36 -46.25 32.13
C GLU K 241 21.82 -45.38 33.26
N MET K 242 20.52 -45.15 33.24
CA MET K 242 19.87 -44.46 34.35
C MET K 242 19.80 -45.39 35.56
N LEU K 243 20.05 -44.83 36.74
CA LEU K 243 20.15 -45.59 37.96
C LEU K 243 18.96 -45.32 38.86
N ASN K 244 18.44 -46.38 39.48
CA ASN K 244 17.43 -46.23 40.51
C ASN K 244 18.04 -45.52 41.71
N PRO K 245 17.39 -44.44 42.19
CA PRO K 245 17.98 -43.69 43.32
C PRO K 245 18.21 -44.53 44.56
N GLU K 246 17.40 -45.59 44.76
CA GLU K 246 17.57 -46.42 45.94
C GLU K 246 18.87 -47.24 45.87
N ASN K 247 19.37 -47.48 44.66
CA ASN K 247 20.54 -48.34 44.50
C ASN K 247 21.83 -47.63 44.91
N ILE K 248 21.97 -46.36 44.54
CA ILE K 248 23.22 -45.63 44.73
C ILE K 248 23.17 -44.90 46.07
N ILE K 249 24.28 -44.98 46.82
CA ILE K 249 24.43 -44.29 48.09
C ILE K 249 25.62 -43.34 47.98
N ILE K 250 25.40 -42.08 48.33
CA ILE K 250 26.40 -41.02 48.16
C ILE K 250 26.77 -40.49 49.54
N ASP K 251 28.03 -40.07 49.67
CA ASP K 251 28.54 -39.55 50.94
C ASP K 251 27.69 -38.36 51.39
N PRO K 252 27.11 -38.41 52.59
CA PRO K 252 26.28 -37.28 53.05
C PRO K 252 27.08 -36.05 53.45
N SER K 253 28.38 -36.19 53.69
CA SER K 253 29.20 -35.08 54.18
C SER K 253 29.92 -34.35 53.06
N CYS K 254 29.39 -34.40 51.83
CA CYS K 254 30.02 -33.70 50.73
C CYS K 254 29.68 -32.21 50.70
N GLN K 255 28.81 -31.76 51.61
CA GLN K 255 28.40 -30.36 51.71
C GLN K 255 27.72 -29.88 50.43
N GLY K 256 26.89 -30.72 49.82
CA GLY K 256 26.06 -30.32 48.70
C GLY K 256 26.72 -30.35 47.34
N ASP K 257 27.95 -30.83 47.24
CA ASP K 257 28.66 -30.90 45.95
C ASP K 257 29.03 -32.34 45.66
N ILE K 258 28.67 -32.81 44.46
CA ILE K 258 28.97 -34.18 44.09
C ILE K 258 30.47 -34.39 43.93
N ASN K 259 31.18 -33.37 43.45
CA ASN K 259 32.62 -33.49 43.26
C ASN K 259 33.36 -33.61 44.59
N LYS K 260 32.80 -33.02 45.65
CA LYS K 260 33.46 -33.08 46.95
C LYS K 260 33.15 -34.38 47.69
N ALA K 261 32.32 -35.24 47.10
CA ALA K 261 31.99 -36.51 47.73
C ALA K 261 33.23 -37.39 47.82
N MET K 262 33.36 -38.10 48.94
CA MET K 262 34.53 -38.95 49.15
C MET K 262 34.36 -40.33 48.54
N PHE K 263 33.14 -40.86 48.59
CA PHE K 263 32.89 -42.21 48.09
C PHE K 263 31.47 -42.31 47.55
N ALA K 264 31.24 -43.31 46.69
CA ALA K 264 29.93 -43.62 46.15
C ALA K 264 29.83 -45.12 45.93
N ILE K 265 28.69 -45.69 46.31
CA ILE K 265 28.48 -47.14 46.25
C ILE K 265 27.23 -47.41 45.43
N VAL K 266 27.33 -48.31 44.47
CA VAL K 266 26.23 -48.68 43.58
C VAL K 266 26.13 -50.20 43.53
N SER K 267 24.90 -50.71 43.52
CA SER K 267 24.64 -52.14 43.46
C SER K 267 23.92 -52.47 42.16
N PHE K 268 24.41 -53.49 41.46
CA PHE K 268 23.86 -53.88 40.17
C PHE K 268 23.80 -55.40 40.07
N GLU K 269 23.02 -55.87 39.11
CA GLU K 269 22.87 -57.30 38.85
C GLU K 269 23.79 -57.71 37.71
N THR K 270 24.51 -58.81 37.91
CA THR K 270 25.46 -59.30 36.91
C THR K 270 25.44 -60.82 36.90
N CYS K 271 25.99 -61.39 35.83
CA CYS K 271 26.07 -62.82 35.66
C CYS K 271 27.54 -63.23 35.54
N LYS K 272 27.78 -64.54 35.56
CA LYS K 272 29.15 -65.05 35.51
C LYS K 272 29.80 -64.74 34.17
N ALA K 273 29.00 -64.71 33.08
CA ALA K 273 29.57 -64.42 31.77
C ALA K 273 30.15 -63.01 31.71
N ASP K 274 29.46 -62.04 32.34
CA ASP K 274 29.96 -60.67 32.34
C ASP K 274 31.31 -60.58 33.06
N LEU K 275 31.45 -61.30 34.17
CA LEU K 275 32.73 -61.30 34.89
C LEU K 275 33.80 -62.03 34.10
N LEU K 276 33.43 -63.10 33.40
CA LEU K 276 34.40 -63.86 32.62
C LEU K 276 34.80 -63.15 31.32
N LYS K 277 34.03 -62.14 30.90
CA LYS K 277 34.43 -61.36 29.72
C LYS K 277 35.83 -60.77 29.91
N GLU K 278 36.14 -60.32 31.12
CA GLU K 278 37.47 -59.80 31.45
C GLU K 278 38.00 -60.63 32.63
N LYS K 279 38.68 -61.73 32.30
CA LYS K 279 39.16 -62.64 33.32
C LYS K 279 40.24 -61.99 34.19
N ASP K 280 41.13 -61.21 33.59
CA ASP K 280 42.24 -60.62 34.33
C ASP K 280 41.74 -59.61 35.35
N ARG K 281 40.60 -58.97 35.09
CA ARG K 281 40.11 -57.93 35.99
C ARG K 281 39.68 -58.51 37.34
N TYR K 282 39.04 -59.68 37.32
CA TYR K 282 38.41 -60.24 38.52
C TYR K 282 39.18 -61.44 39.03
N HIS K 283 39.17 -61.61 40.36
CA HIS K 283 39.80 -62.75 41.01
C HIS K 283 38.82 -63.38 41.99
N ASN K 284 39.20 -64.56 42.49
CA ASN K 284 38.41 -65.29 43.49
C ASN K 284 37.00 -65.58 43.00
N LEU K 285 36.84 -65.92 41.72
CA LEU K 285 35.51 -66.20 41.20
C LEU K 285 34.97 -67.53 41.71
N ASN K 286 35.86 -68.48 41.99
CA ASN K 286 35.43 -69.81 42.41
C ASN K 286 34.84 -69.80 43.81
N LYS K 287 35.35 -68.93 44.69
CA LYS K 287 34.90 -68.92 46.08
C LYS K 287 33.47 -68.41 46.20
N ILE K 288 32.98 -67.66 45.22
CA ILE K 288 31.65 -67.09 45.31
C ILE K 288 30.59 -68.19 45.18
N ASP K 289 29.57 -68.10 46.03
CA ASP K 289 28.40 -68.97 45.95
C ASP K 289 27.24 -68.17 45.37
N TRP K 290 26.70 -68.65 44.26
CA TRP K 290 25.68 -67.87 43.54
C TRP K 290 24.35 -67.86 44.28
N GLN K 291 24.03 -68.95 44.98
CA GLN K 291 22.74 -69.03 45.67
C GLN K 291 22.67 -68.05 46.82
N SER K 292 23.78 -67.84 47.53
CA SER K 292 23.78 -66.94 48.68
C SER K 292 23.47 -65.50 48.27
N SER K 293 24.04 -65.04 47.16
CA SER K 293 23.83 -63.70 46.66
C SER K 293 22.78 -63.73 45.55
N ALA K 294 21.54 -63.40 45.89
CA ALA K 294 20.44 -63.43 44.95
C ALA K 294 19.59 -62.20 45.17
N PRO K 295 18.85 -61.74 44.14
CA PRO K 295 17.97 -60.58 44.34
C PRO K 295 16.95 -60.77 45.43
N VAL K 296 16.41 -61.99 45.58
CA VAL K 296 15.45 -62.26 46.65
C VAL K 296 16.16 -62.25 48.01
N ASN K 297 17.43 -62.64 48.02
CA ASN K 297 18.18 -62.71 49.28
C ASN K 297 18.47 -61.32 49.83
N GLU K 298 18.66 -60.34 48.93
CA GLU K 298 18.98 -58.99 49.36
C GLU K 298 17.76 -58.10 49.24
N PRO K 299 17.11 -57.73 50.34
CA PRO K 299 15.95 -56.83 50.22
C PRO K 299 16.32 -55.41 49.86
N ASP K 300 17.57 -55.00 50.11
CA ASP K 300 17.96 -53.62 49.87
C ASP K 300 17.92 -53.28 48.38
N HIS K 301 18.36 -54.21 47.53
CA HIS K 301 18.38 -53.97 46.10
C HIS K 301 16.94 -53.90 45.57
N ALA K 302 16.66 -52.85 44.79
CA ALA K 302 15.35 -52.64 44.20
C ALA K 302 15.42 -52.93 42.71
N THR K 303 14.62 -53.90 42.25
CA THR K 303 14.62 -54.30 40.85
C THR K 303 13.23 -54.79 40.47
N THR K 304 12.99 -54.84 39.16
CA THR K 304 11.73 -55.31 38.61
C THR K 304 11.74 -56.81 38.33
N THR K 305 12.86 -57.48 38.57
CA THR K 305 12.94 -58.91 38.32
C THR K 305 12.02 -59.66 39.29
N PRO K 306 11.23 -60.62 38.80
CA PRO K 306 10.39 -61.41 39.70
C PRO K 306 11.23 -62.17 40.72
N GLN K 307 10.69 -62.31 41.93
CA GLN K 307 11.43 -62.96 43.01
C GLN K 307 11.70 -64.42 42.70
N GLU K 308 10.73 -65.11 42.11
CA GLU K 308 10.84 -66.55 41.87
C GLU K 308 11.54 -66.91 40.57
N PHE K 309 11.97 -65.92 39.78
CA PHE K 309 12.58 -66.21 38.49
C PHE K 309 14.05 -66.57 38.68
N GLN K 310 14.44 -67.73 38.14
CA GLN K 310 15.83 -68.18 38.16
C GLN K 310 16.14 -68.89 36.86
N ILE K 311 17.25 -68.52 36.22
CA ILE K 311 17.65 -69.16 34.97
C ILE K 311 18.32 -70.49 35.29
N SER K 312 17.99 -71.52 34.50
CA SER K 312 18.50 -72.86 34.76
C SER K 312 20.02 -72.91 34.60
N ASP K 313 20.56 -72.30 33.56
CA ASP K 313 21.99 -72.38 33.30
C ASP K 313 22.76 -71.62 34.36
N PRO K 314 23.74 -72.26 35.02
CA PRO K 314 24.54 -71.54 36.03
C PRO K 314 25.29 -70.34 35.47
N MET K 315 25.73 -70.41 34.22
CA MET K 315 26.50 -69.31 33.64
C MET K 315 25.64 -68.06 33.50
N ARG K 316 24.37 -68.23 33.14
CA ARG K 316 23.46 -67.11 32.91
C ARG K 316 22.70 -66.69 34.16
N LYS K 317 22.98 -67.30 35.31
CA LYS K 317 22.33 -66.90 36.55
C LYS K 317 22.78 -65.51 36.96
N ARG K 318 21.82 -64.72 37.47
CA ARG K 318 22.07 -63.33 37.85
C ARG K 318 22.27 -63.23 39.35
N VAL K 319 23.33 -62.53 39.75
CA VAL K 319 23.68 -62.34 41.15
C VAL K 319 23.91 -60.86 41.40
N VAL K 320 23.49 -60.39 42.57
CA VAL K 320 23.66 -58.98 42.91
C VAL K 320 25.10 -58.74 43.38
N ALA K 321 25.69 -57.64 42.91
CA ALA K 321 27.05 -57.29 43.27
C ALA K 321 27.10 -55.83 43.67
N TYR K 322 28.12 -55.49 44.46
CA TYR K 322 28.32 -54.14 44.96
C TYR K 322 29.64 -53.59 44.44
N GLU K 323 29.70 -52.28 44.23
CA GLU K 323 30.88 -51.62 43.70
C GLU K 323 31.13 -50.34 44.47
N TYR K 324 32.41 -50.04 44.72
CA TYR K 324 32.81 -48.91 45.56
C TYR K 324 33.76 -48.01 44.78
N TRP K 325 33.33 -46.77 44.56
CA TRP K 325 34.15 -45.74 43.93
C TRP K 325 34.47 -44.67 44.97
N GLY K 326 35.75 -44.41 45.20
CA GLY K 326 36.13 -43.42 46.18
C GLY K 326 37.62 -43.17 46.18
N PHE K 327 38.04 -42.31 47.11
CA PHE K 327 39.42 -41.92 47.28
C PHE K 327 39.98 -42.56 48.54
N TRP K 328 41.16 -43.18 48.42
CA TRP K 328 41.79 -43.86 49.54
C TRP K 328 43.28 -43.54 49.56
N ASP K 329 43.86 -43.58 50.76
CA ASP K 329 45.29 -43.39 50.96
C ASP K 329 45.96 -44.75 50.83
N ILE K 330 46.34 -45.11 49.60
CA ILE K 330 46.85 -46.46 49.35
C ILE K 330 48.22 -46.66 49.98
N GLU K 331 49.09 -45.67 49.87
CA GLU K 331 50.46 -45.81 50.36
C GLU K 331 50.63 -45.32 51.79
N GLY K 332 49.60 -44.77 52.41
CA GLY K 332 49.66 -44.42 53.81
C GLY K 332 50.44 -43.17 54.15
N ASN K 333 50.80 -42.36 53.16
CA ASN K 333 51.56 -41.14 53.41
C ASN K 333 50.68 -39.89 53.41
N GLY K 334 49.37 -40.04 53.38
CA GLY K 334 48.48 -38.89 53.38
C GLY K 334 48.03 -38.42 52.02
N VAL K 335 48.23 -39.22 50.98
CA VAL K 335 47.86 -38.85 49.62
C VAL K 335 46.67 -39.71 49.20
N LEU K 336 45.58 -39.06 48.81
CA LEU K 336 44.37 -39.74 48.41
C LEU K 336 44.31 -39.86 46.90
N GLU K 337 44.06 -41.09 46.41
CA GLU K 337 43.94 -41.35 44.99
C GLU K 337 42.69 -42.16 44.72
N PRO K 338 42.04 -41.99 43.56
CA PRO K 338 40.80 -42.71 43.29
C PRO K 338 41.05 -44.21 43.14
N ILE K 339 40.06 -45.00 43.56
CA ILE K 339 40.14 -46.46 43.51
C ILE K 339 38.78 -47.01 43.10
N VAL K 340 38.74 -48.31 42.82
CA VAL K 340 37.50 -49.03 42.55
C VAL K 340 37.59 -50.39 43.22
N ALA K 341 36.51 -50.80 43.87
CA ALA K 341 36.44 -52.09 44.56
C ALA K 341 35.09 -52.73 44.31
N THR K 342 35.09 -54.01 43.96
CA THR K 342 33.88 -54.77 43.69
C THR K 342 33.88 -56.03 44.55
N TRP K 343 32.77 -56.30 45.21
CA TRP K 343 32.63 -57.49 46.03
C TRP K 343 31.25 -58.09 45.85
N ILE K 344 31.19 -59.42 45.86
CA ILE K 344 29.93 -60.17 45.79
C ILE K 344 29.76 -60.92 47.09
N GLY K 345 28.65 -60.67 47.78
CA GLY K 345 28.44 -61.30 49.08
C GLY K 345 29.47 -60.80 50.08
N SER K 346 30.34 -61.70 50.52
CA SER K 346 31.42 -61.38 51.44
C SER K 346 32.80 -61.62 50.83
N THR K 347 32.89 -61.76 49.51
CA THR K 347 34.14 -62.03 48.82
C THR K 347 34.53 -60.82 47.97
N LEU K 348 35.76 -60.36 48.12
CA LEU K 348 36.28 -59.24 47.36
C LEU K 348 36.92 -59.79 46.09
N ILE K 349 36.38 -59.40 44.93
CA ILE K 349 36.79 -60.02 43.68
C ILE K 349 37.73 -59.10 42.90
N ARG K 350 37.53 -57.79 42.98
CA ARG K 350 38.27 -56.84 42.16
C ARG K 350 38.77 -55.69 43.03
N LEU K 351 40.02 -55.29 42.83
CA LEU K 351 40.62 -54.17 43.53
C LEU K 351 41.70 -53.57 42.66
N GLU K 352 41.52 -52.32 42.25
CA GLU K 352 42.49 -51.65 41.40
C GLU K 352 42.21 -50.15 41.42
N LYS K 353 43.03 -49.40 40.70
CA LYS K 353 42.89 -47.96 40.63
C LYS K 353 41.79 -47.57 39.65
N ASN K 354 41.54 -46.26 39.57
CA ASN K 354 40.51 -45.76 38.66
C ASN K 354 40.97 -45.92 37.22
N PRO K 355 40.21 -46.64 36.38
CA PRO K 355 40.67 -46.83 34.99
C PRO K 355 40.42 -45.61 34.11
N TYR K 356 39.35 -44.87 34.35
CA TYR K 356 38.97 -43.78 33.47
C TYR K 356 39.94 -42.60 33.61
N PRO K 357 40.25 -41.93 32.50
CA PRO K 357 41.26 -40.85 32.56
C PRO K 357 40.83 -39.65 33.38
N ASP K 358 39.54 -39.34 33.43
CA ASP K 358 39.09 -38.11 34.08
C ASP K 358 39.38 -38.15 35.59
N GLY K 359 39.41 -39.34 36.17
CA GLY K 359 39.71 -39.49 37.58
C GLY K 359 38.59 -39.11 38.53
N LYS K 360 37.35 -39.04 38.05
CA LYS K 360 36.20 -38.69 38.87
C LYS K 360 35.22 -39.86 38.90
N LEU K 361 34.30 -39.80 39.86
CA LEU K 361 33.26 -40.81 39.94
C LEU K 361 32.36 -40.72 38.72
N PRO K 362 32.05 -41.84 38.05
CA PRO K 362 31.24 -41.81 36.83
C PRO K 362 29.75 -41.67 37.10
N PHE K 363 29.38 -40.59 37.79
CA PHE K 363 27.99 -40.31 38.10
C PHE K 363 27.70 -38.84 37.84
N VAL K 364 26.52 -38.58 37.28
CA VAL K 364 26.07 -37.23 36.96
C VAL K 364 24.69 -37.04 37.56
N LEU K 365 24.51 -35.95 38.31
CA LEU K 365 23.24 -35.66 38.97
C LEU K 365 22.64 -34.38 38.40
N ILE K 366 21.34 -34.42 38.12
CA ILE K 366 20.62 -33.31 37.54
C ILE K 366 19.35 -33.09 38.38
N PRO K 367 19.21 -31.95 39.06
CA PRO K 367 18.01 -31.74 39.89
C PRO K 367 16.89 -31.03 39.13
N TYR K 368 15.65 -31.48 39.36
CA TYR K 368 14.50 -30.83 38.70
C TYR K 368 14.30 -29.42 39.23
N MET K 369 14.25 -29.26 40.55
CA MET K 369 14.14 -27.96 41.19
C MET K 369 15.23 -27.86 42.25
N PRO K 370 16.28 -27.08 42.02
CA PRO K 370 17.41 -27.08 42.96
C PRO K 370 17.01 -26.58 44.34
N VAL K 371 17.64 -27.18 45.35
CA VAL K 371 17.55 -26.73 46.73
C VAL K 371 18.91 -26.18 47.13
N LYS K 372 18.94 -24.96 47.65
CA LYS K 372 20.20 -24.28 47.92
C LYS K 372 21.04 -25.07 48.91
N ARG K 373 22.32 -25.25 48.58
CA ARG K 373 23.28 -25.98 49.41
C ARG K 373 22.80 -27.41 49.69
N ASP K 374 22.32 -28.09 48.65
CA ASP K 374 21.85 -29.46 48.78
C ASP K 374 21.96 -30.14 47.43
N MET K 375 22.23 -31.46 47.46
CA MET K 375 22.38 -32.23 46.23
C MET K 375 21.05 -32.41 45.51
N TYR K 376 20.02 -32.83 46.25
CA TYR K 376 18.80 -33.33 45.63
C TYR K 376 17.86 -32.19 45.23
N GLY K 377 16.88 -32.54 44.41
CA GLY K 377 15.89 -31.59 43.97
C GLY K 377 14.50 -32.03 44.39
N GLU K 378 13.51 -31.18 44.08
CA GLU K 378 12.16 -31.45 44.50
C GLU K 378 11.21 -31.47 43.32
N PRO K 379 10.26 -32.41 43.28
CA PRO K 379 9.25 -32.41 42.23
C PRO K 379 8.09 -31.48 42.57
N ASP K 380 7.09 -31.50 41.69
CA ASP K 380 5.92 -30.64 41.86
C ASP K 380 4.85 -31.26 42.76
N ALA K 381 5.01 -32.53 43.14
CA ALA K 381 4.00 -33.18 43.97
C ALA K 381 3.91 -32.55 45.36
N GLU K 382 5.03 -32.04 45.86
CA GLU K 382 5.05 -31.42 47.19
C GLU K 382 4.04 -30.29 47.30
N LEU K 383 3.95 -29.46 46.27
CA LEU K 383 3.06 -28.31 46.32
C LEU K 383 1.62 -28.71 46.02
N LEU K 384 1.42 -29.82 45.30
CA LEU K 384 0.13 -30.15 44.72
C LEU K 384 -0.61 -31.27 45.42
N GLY K 385 0.00 -31.93 46.42
CA GLY K 385 -0.71 -32.99 47.12
C GLY K 385 -1.98 -32.52 47.79
N ASP K 386 -1.92 -31.37 48.48
CA ASP K 386 -3.09 -30.84 49.17
C ASP K 386 -4.20 -30.48 48.19
N ASN K 387 -3.84 -29.82 47.09
CA ASN K 387 -4.83 -29.46 46.09
C ASN K 387 -5.46 -30.70 45.47
N GLN K 388 -4.65 -31.72 45.21
CA GLN K 388 -5.19 -32.97 44.67
C GLN K 388 -6.17 -33.61 45.64
N ALA K 389 -5.83 -33.62 46.93
CA ALA K 389 -6.74 -34.20 47.92
C ALA K 389 -8.06 -33.43 47.98
N VAL K 390 -7.99 -32.10 47.99
CA VAL K 390 -9.22 -31.30 48.07
C VAL K 390 -10.07 -31.49 46.82
N LEU K 391 -9.45 -31.50 45.64
CA LEU K 391 -10.21 -31.70 44.41
C LEU K 391 -10.86 -33.07 44.38
N GLY K 392 -10.13 -34.11 44.81
CA GLY K 392 -10.71 -35.43 44.88
C GLY K 392 -11.89 -35.49 45.84
N ALA K 393 -11.77 -34.83 46.99
CA ALA K 393 -12.87 -34.81 47.95
C ALA K 393 -14.11 -34.13 47.36
N VAL K 394 -13.91 -33.00 46.67
CA VAL K 394 -15.04 -32.29 46.07
C VAL K 394 -15.70 -33.14 45.00
N MET K 395 -14.89 -33.79 44.14
CA MET K 395 -15.45 -34.63 43.09
C MET K 395 -16.21 -35.81 43.67
N ARG K 396 -15.67 -36.44 44.72
CA ARG K 396 -16.36 -37.52 45.39
C ARG K 396 -17.68 -37.06 45.97
N GLY K 397 -17.70 -35.86 46.58
CA GLY K 397 -18.95 -35.33 47.10
C GLY K 397 -19.99 -35.14 46.02
N MET K 398 -19.59 -34.57 44.87
CA MET K 398 -20.53 -34.38 43.77
C MET K 398 -21.08 -35.72 43.27
N ILE K 399 -20.19 -36.70 43.08
CA ILE K 399 -20.61 -37.98 42.52
C ILE K 399 -21.51 -38.72 43.50
N ASP K 400 -21.21 -38.64 44.80
CA ASP K 400 -22.09 -39.24 45.79
C ASP K 400 -23.45 -38.57 45.79
N LEU K 401 -23.48 -37.23 45.69
CA LEU K 401 -24.73 -36.50 45.65
C LEU K 401 -25.60 -36.97 44.49
N LEU K 402 -25.00 -37.12 43.31
CA LEU K 402 -25.79 -37.58 42.16
C LEU K 402 -26.19 -39.04 42.30
N GLY K 403 -25.26 -39.90 42.73
CA GLY K 403 -25.53 -41.33 42.73
C GLY K 403 -26.57 -41.75 43.76
N ARG K 404 -26.52 -41.15 44.96
CA ARG K 404 -27.38 -41.65 46.03
C ARG K 404 -28.83 -41.20 45.84
N SER K 405 -29.07 -40.24 44.95
CA SER K 405 -30.43 -39.77 44.70
C SER K 405 -31.24 -40.82 43.94
N ALA K 406 -32.55 -40.79 44.14
CA ALA K 406 -33.44 -41.70 43.42
C ALA K 406 -33.86 -41.07 42.10
N ASN K 407 -33.73 -41.83 41.01
CA ASN K 407 -34.04 -41.36 39.67
C ASN K 407 -34.92 -42.37 38.97
N GLY K 408 -35.94 -41.88 38.26
CA GLY K 408 -36.83 -42.72 37.49
C GLY K 408 -38.04 -43.25 38.23
N GLN K 409 -38.12 -43.06 39.54
CA GLN K 409 -39.24 -43.56 40.30
C GLN K 409 -40.45 -42.66 40.12
N ARG K 410 -41.64 -43.24 40.30
CA ARG K 410 -42.90 -42.52 40.19
C ARG K 410 -43.74 -42.79 41.43
N GLY K 411 -44.27 -41.71 42.02
CA GLY K 411 -45.13 -41.80 43.20
C GLY K 411 -46.52 -41.26 42.88
N MET K 412 -47.53 -42.05 43.26
CA MET K 412 -48.91 -41.69 43.00
C MET K 412 -49.68 -41.59 44.31
N PRO K 413 -50.46 -40.53 44.52
CA PRO K 413 -51.21 -40.40 45.77
C PRO K 413 -52.31 -41.45 45.86
N LYS K 414 -52.63 -41.83 47.10
CA LYS K 414 -53.68 -42.82 47.33
C LYS K 414 -55.06 -42.19 47.15
N GLY K 415 -55.95 -42.93 46.47
CA GLY K 415 -57.32 -42.50 46.29
C GLY K 415 -57.59 -41.68 45.06
N MET K 416 -56.54 -41.27 44.33
CA MET K 416 -56.76 -40.49 43.11
C MET K 416 -57.38 -41.35 42.01
N LEU K 417 -56.92 -42.58 41.86
CA LEU K 417 -57.40 -43.49 40.83
C LEU K 417 -57.86 -44.78 41.47
N ASP K 418 -59.03 -45.27 41.06
CA ASP K 418 -59.48 -46.58 41.50
C ASP K 418 -58.73 -47.67 40.73
N ALA K 419 -59.14 -48.92 40.95
CA ALA K 419 -58.39 -50.05 40.42
C ALA K 419 -58.32 -50.03 38.89
N LEU K 420 -59.48 -49.91 38.24
CA LEU K 420 -59.50 -49.99 36.77
C LEU K 420 -58.75 -48.82 36.13
N ASN K 421 -58.96 -47.60 36.64
CA ASN K 421 -58.27 -46.45 36.08
C ASN K 421 -56.77 -46.53 36.35
N SER K 422 -56.38 -47.04 37.52
CA SER K 422 -54.96 -47.21 37.81
C SER K 422 -54.31 -48.20 36.85
N ARG K 423 -55.00 -49.33 36.60
CA ARG K 423 -54.48 -50.30 35.64
C ARG K 423 -54.38 -49.68 34.24
N ARG K 424 -55.40 -48.92 33.83
CA ARG K 424 -55.37 -48.28 32.53
C ARG K 424 -54.21 -47.30 32.42
N TYR K 425 -53.95 -46.54 33.49
CA TYR K 425 -52.81 -45.63 33.50
C TYR K 425 -51.49 -46.40 33.41
N ARG K 426 -51.39 -47.52 34.13
CA ARG K 426 -50.14 -48.28 34.15
C ARG K 426 -49.85 -48.90 32.79
N GLU K 427 -50.88 -49.42 32.11
CA GLU K 427 -50.65 -50.03 30.80
C GLU K 427 -50.21 -48.99 29.76
N GLY K 428 -50.74 -47.77 29.85
CA GLY K 428 -50.34 -46.73 28.92
C GLY K 428 -51.45 -46.21 28.05
N GLU K 429 -52.67 -46.15 28.57
CA GLU K 429 -53.82 -45.65 27.84
C GLU K 429 -54.53 -44.59 28.65
N ASP K 430 -55.56 -44.00 28.06
CA ASP K 430 -56.26 -42.90 28.69
C ASP K 430 -56.98 -43.36 29.95
N TYR K 431 -57.17 -42.44 30.89
CA TYR K 431 -57.76 -42.75 32.18
C TYR K 431 -58.67 -41.61 32.61
N GLU K 432 -59.31 -41.79 33.76
CA GLU K 432 -60.15 -40.77 34.38
C GLU K 432 -59.82 -40.69 35.86
N TYR K 433 -59.65 -39.48 36.38
CA TYR K 433 -59.22 -39.26 37.74
C TYR K 433 -60.27 -38.49 38.53
N ASN K 434 -60.17 -38.60 39.85
CA ASN K 434 -61.07 -37.84 40.71
C ASN K 434 -60.71 -36.36 40.67
N PRO K 435 -61.70 -35.47 40.52
CA PRO K 435 -61.38 -34.04 40.37
C PRO K 435 -60.72 -33.42 41.59
N THR K 436 -60.84 -34.06 42.76
CA THR K 436 -60.30 -33.49 43.98
C THR K 436 -58.78 -33.36 43.90
N GLN K 437 -58.10 -34.35 43.33
CA GLN K 437 -56.66 -34.35 43.23
C GLN K 437 -56.23 -34.12 41.78
N ASN K 438 -55.16 -33.36 41.59
CA ASN K 438 -54.70 -33.00 40.25
C ASN K 438 -53.49 -33.84 39.87
N PRO K 439 -53.60 -34.75 38.88
CA PRO K 439 -52.45 -35.58 38.52
C PRO K 439 -51.23 -34.78 38.08
N ALA K 440 -51.41 -33.57 37.54
CA ALA K 440 -50.29 -32.81 37.00
C ALA K 440 -49.29 -32.46 38.09
N GLN K 441 -49.77 -32.18 39.30
CA GLN K 441 -48.88 -31.80 40.38
C GLN K 441 -48.60 -32.98 41.31
N MET K 442 -49.61 -33.83 41.54
CA MET K 442 -49.47 -34.89 42.54
C MET K 442 -48.56 -36.01 42.04
N ILE K 443 -48.61 -36.33 40.76
CA ILE K 443 -47.71 -37.35 40.21
C ILE K 443 -46.31 -36.78 40.13
N ILE K 444 -45.35 -37.49 40.73
CA ILE K 444 -43.98 -37.01 40.88
C ILE K 444 -43.04 -37.96 40.16
N GLU K 445 -42.19 -37.40 39.29
CA GLU K 445 -41.11 -38.14 38.65
C GLU K 445 -39.79 -37.60 39.21
N HIS K 446 -39.06 -38.45 39.92
CA HIS K 446 -37.85 -38.01 40.60
C HIS K 446 -36.73 -37.76 39.61
N LYS K 447 -35.85 -36.82 39.96
CA LYS K 447 -34.79 -36.38 39.06
C LYS K 447 -33.52 -36.17 39.85
N PHE K 448 -32.43 -35.91 39.13
CA PHE K 448 -31.16 -35.62 39.77
C PHE K 448 -31.23 -34.28 40.52
N PRO K 449 -30.62 -34.18 41.69
CA PRO K 449 -30.58 -32.89 42.39
C PRO K 449 -29.67 -31.91 41.67
N GLU K 450 -29.92 -30.62 41.89
CA GLU K 450 -29.11 -29.59 41.26
C GLU K 450 -27.79 -29.42 41.99
N LEU K 451 -26.71 -29.34 41.22
CA LEU K 451 -25.38 -29.22 41.81
C LEU K 451 -25.17 -27.82 42.37
N PRO K 452 -24.64 -27.69 43.58
CA PRO K 452 -24.34 -26.36 44.12
C PRO K 452 -23.15 -25.73 43.40
N GLN K 453 -23.12 -24.40 43.43
CA GLN K 453 -22.04 -23.66 42.76
C GLN K 453 -20.74 -23.72 43.56
N SER K 454 -20.83 -24.04 44.86
CA SER K 454 -19.64 -24.05 45.71
C SER K 454 -18.63 -25.09 45.24
N ALA K 455 -19.11 -26.27 44.86
CA ALA K 455 -18.19 -27.33 44.43
C ALA K 455 -17.42 -26.92 43.18
N LEU K 456 -18.13 -26.36 42.19
CA LEU K 456 -17.46 -25.92 40.97
C LEU K 456 -16.49 -24.77 41.25
N THR K 457 -16.90 -23.83 42.10
CA THR K 457 -16.03 -22.70 42.44
C THR K 457 -14.76 -23.17 43.12
N MET K 458 -14.88 -24.12 44.06
CA MET K 458 -13.69 -24.59 44.78
C MET K 458 -12.81 -25.44 43.87
N ALA K 459 -13.41 -26.23 42.98
CA ALA K 459 -12.61 -26.97 42.01
C ALA K 459 -11.82 -26.02 41.12
N THR K 460 -12.45 -24.95 40.66
CA THR K 460 -11.75 -23.95 39.86
C THR K 460 -10.64 -23.28 40.66
N LEU K 461 -10.90 -22.97 41.94
CA LEU K 461 -9.87 -22.35 42.77
C LEU K 461 -8.67 -23.27 42.96
N GLN K 462 -8.91 -24.56 43.21
CA GLN K 462 -7.79 -25.49 43.35
C GLN K 462 -7.01 -25.63 42.05
N ASN K 463 -7.72 -25.71 40.92
CA ASN K 463 -7.02 -25.81 39.64
C ASN K 463 -6.18 -24.56 39.38
N GLN K 464 -6.72 -23.38 39.66
CA GLN K 464 -5.97 -22.15 39.45
C GLN K 464 -4.76 -22.08 40.37
N GLU K 465 -4.92 -22.47 41.64
CA GLU K 465 -3.79 -22.48 42.56
C GLU K 465 -2.70 -23.43 42.09
N ALA K 466 -3.09 -24.62 41.62
CA ALA K 466 -2.10 -25.57 41.11
C ALA K 466 -1.38 -25.02 39.89
N GLU K 467 -2.11 -24.41 38.96
CA GLU K 467 -1.49 -23.86 37.77
C GLU K 467 -0.55 -22.70 38.12
N SER K 468 -0.93 -21.89 39.10
CA SER K 468 -0.07 -20.78 39.51
C SER K 468 1.21 -21.30 40.17
N LEU K 469 1.08 -22.23 41.11
CA LEU K 469 2.26 -22.75 41.80
C LEU K 469 3.19 -23.49 40.84
N THR K 470 2.64 -24.37 40.02
CA THR K 470 3.47 -25.16 39.12
C THR K 470 3.97 -24.33 37.94
N GLY K 471 3.10 -23.47 37.39
CA GLY K 471 3.46 -22.69 36.23
C GLY K 471 3.14 -23.34 34.90
N VAL K 472 2.31 -24.39 34.89
CA VAL K 472 1.94 -25.10 33.67
C VAL K 472 0.45 -24.93 33.45
N LYS K 473 0.08 -24.54 32.23
CA LYS K 473 -1.31 -24.49 31.82
C LYS K 473 -1.61 -25.68 30.92
N ALA K 474 -2.89 -25.99 30.76
CA ALA K 474 -3.29 -27.20 30.05
C ALA K 474 -2.84 -27.17 28.59
N PHE K 475 -3.37 -26.24 27.80
CA PHE K 475 -3.14 -26.24 26.36
C PHE K 475 -2.27 -25.07 25.90
N ALA K 476 -1.30 -24.67 26.71
CA ALA K 476 -0.41 -23.57 26.36
C ALA K 476 1.02 -23.92 26.70
N GLY K 477 1.96 -23.28 26.00
CA GLY K 477 3.37 -23.43 26.29
C GLY K 477 4.00 -24.60 25.55
N GLY K 478 5.22 -24.92 26.00
CA GLY K 478 5.97 -26.02 25.43
C GLY K 478 6.89 -25.67 24.29
N VAL K 479 6.89 -24.43 23.82
CA VAL K 479 7.65 -24.02 22.64
C VAL K 479 9.02 -23.47 23.02
N THR K 480 9.50 -23.74 24.23
CA THR K 480 10.79 -23.21 24.65
C THR K 480 11.93 -23.90 23.92
N GLY K 481 11.70 -25.12 23.43
CA GLY K 481 12.77 -25.86 22.77
C GLY K 481 13.27 -25.21 21.50
N GLU K 482 12.38 -24.54 20.77
CA GLU K 482 12.78 -23.89 19.52
C GLU K 482 13.70 -22.70 19.79
N SER K 483 13.69 -22.17 21.00
CA SER K 483 14.46 -20.99 21.36
C SER K 483 15.73 -21.32 22.12
N TYR K 484 16.14 -22.60 22.17
CA TYR K 484 17.35 -22.97 22.89
C TYR K 484 18.59 -22.39 22.22
N GLY K 485 18.59 -22.36 20.88
CA GLY K 485 19.75 -21.86 20.16
C GLY K 485 20.08 -20.43 20.54
N ASP K 486 21.36 -20.18 20.82
CA ASP K 486 21.78 -18.84 21.23
C ASP K 486 21.62 -17.84 20.10
N VAL K 487 22.39 -18.00 19.03
CA VAL K 487 22.26 -17.11 17.89
C VAL K 487 20.92 -17.31 17.21
N ALA K 488 20.35 -18.51 17.32
CA ALA K 488 19.09 -18.82 16.65
C ALA K 488 17.96 -17.92 17.16
N ALA K 489 17.64 -18.01 18.45
CA ALA K 489 16.52 -17.23 18.97
C ALA K 489 16.82 -16.52 20.27
N GLY K 490 17.97 -16.73 20.91
CA GLY K 490 18.28 -15.99 22.11
C GLY K 490 18.45 -14.50 21.85
N ILE K 491 18.97 -14.15 20.68
CA ILE K 491 19.13 -12.75 20.32
C ILE K 491 17.76 -12.16 19.96
N ARG K 492 17.38 -11.10 20.68
CA ARG K 492 16.10 -10.42 20.46
C ARG K 492 14.94 -11.40 20.50
N GLY K 493 14.99 -12.33 21.44
CA GLY K 493 13.94 -13.31 21.59
C GLY K 493 13.07 -13.04 22.81
N VAL K 494 11.78 -12.83 22.59
CA VAL K 494 10.84 -12.49 23.65
C VAL K 494 9.91 -13.68 23.88
N LEU K 495 9.88 -14.17 25.11
CA LEU K 495 9.02 -15.27 25.51
C LEU K 495 8.29 -14.89 26.79
N ASP K 496 7.10 -15.47 26.97
CA ASP K 496 6.30 -15.17 28.14
C ASP K 496 6.97 -15.68 29.41
N ALA K 497 6.41 -15.28 30.56
CA ALA K 497 7.04 -15.58 31.83
C ALA K 497 7.08 -17.08 32.10
N ALA K 498 6.07 -17.81 31.63
CA ALA K 498 6.00 -19.25 31.91
C ALA K 498 7.05 -20.03 31.11
N SER K 499 7.57 -19.45 30.04
CA SER K 499 8.52 -20.17 29.19
C SER K 499 9.90 -20.24 29.82
N LYS K 500 10.24 -19.27 30.67
CA LYS K 500 11.62 -19.16 31.15
C LYS K 500 11.94 -20.22 32.19
N ARG K 501 10.95 -20.66 32.96
CA ARG K 501 11.18 -21.75 33.90
C ARG K 501 11.50 -23.05 33.16
N GLU K 502 10.74 -23.34 32.10
CA GLU K 502 11.03 -24.50 31.27
C GLU K 502 12.39 -24.35 30.59
N MET K 503 12.74 -23.12 30.18
CA MET K 503 14.06 -22.88 29.60
C MET K 503 15.17 -23.20 30.60
N ALA K 504 14.99 -22.78 31.85
CA ALA K 504 16.00 -23.07 32.88
C ALA K 504 16.14 -24.57 33.12
N ILE K 505 15.02 -25.29 33.17
CA ILE K 505 15.09 -26.74 33.37
C ILE K 505 15.76 -27.41 32.17
N LEU K 506 15.48 -26.91 30.96
CA LEU K 506 16.13 -27.45 29.77
C LEU K 506 17.63 -27.22 29.82
N ARG K 507 18.07 -26.05 30.28
CA ARG K 507 19.49 -25.78 30.44
C ARG K 507 20.11 -26.71 31.47
N ARG K 508 19.38 -26.97 32.56
CA ARG K 508 19.88 -27.91 33.58
C ARG K 508 20.08 -29.30 32.98
N LEU K 509 19.13 -29.76 32.16
CA LEU K 509 19.29 -31.06 31.50
C LEU K 509 20.46 -31.05 30.52
N ALA K 510 20.61 -29.94 29.77
CA ALA K 510 21.68 -29.86 28.77
C ALA K 510 23.05 -29.87 29.45
N LYS K 511 23.15 -29.32 30.66
CA LYS K 511 24.42 -29.39 31.39
C LYS K 511 24.82 -30.83 31.66
N GLY K 512 23.88 -31.66 32.13
CA GLY K 512 24.18 -33.07 32.35
C GLY K 512 24.51 -33.79 31.06
N MET K 513 23.80 -33.46 29.98
CA MET K 513 24.12 -34.05 28.68
C MET K 513 25.53 -33.71 28.25
N SER K 514 25.94 -32.45 28.45
CA SER K 514 27.30 -32.03 28.10
C SER K 514 28.33 -32.77 28.96
N GLU K 515 28.04 -32.95 30.24
CA GLU K 515 28.95 -33.70 31.11
C GLU K 515 29.12 -35.13 30.63
N ILE K 516 28.00 -35.77 30.26
CA ILE K 516 28.07 -37.14 29.75
C ILE K 516 28.89 -37.19 28.47
N GLY K 517 28.66 -36.24 27.57
CA GLY K 517 29.43 -36.21 26.33
C GLY K 517 30.92 -36.01 26.57
N ASN K 518 31.27 -35.13 27.52
CA ASN K 518 32.68 -34.91 27.83
C ASN K 518 33.32 -36.16 28.39
N LYS K 519 32.63 -36.86 29.30
CA LYS K 519 33.16 -38.09 29.86
C LYS K 519 33.37 -39.15 28.77
N ILE K 520 32.40 -39.29 27.86
CA ILE K 520 32.51 -40.30 26.83
C ILE K 520 33.62 -39.95 25.84
N ILE K 521 33.80 -38.66 25.55
CA ILE K 521 34.91 -38.23 24.69
C ILE K 521 36.24 -38.56 25.35
N ALA K 522 36.35 -38.29 26.65
CA ALA K 522 37.59 -38.60 27.37
C ALA K 522 37.89 -40.09 27.33
N MET K 523 36.86 -40.92 27.50
CA MET K 523 37.07 -42.37 27.44
C MET K 523 37.44 -42.84 26.03
N ASN K 524 36.81 -42.27 25.00
CA ASN K 524 37.16 -42.64 23.63
C ASN K 524 38.58 -42.23 23.29
N ALA K 525 39.07 -41.16 23.92
CA ALA K 525 40.42 -40.69 23.64
C ALA K 525 41.47 -41.75 23.97
N VAL K 526 41.14 -42.66 24.89
CA VAL K 526 42.10 -43.69 25.29
C VAL K 526 41.72 -45.03 24.71
N PHE K 527 40.46 -45.45 24.88
CA PHE K 527 40.11 -46.84 24.62
C PHE K 527 40.09 -47.15 23.13
N LEU K 528 39.55 -46.25 22.31
CA LEU K 528 39.44 -46.50 20.87
C LEU K 528 40.81 -46.49 20.21
N ALA K 529 40.99 -47.40 19.24
CA ALA K 529 42.23 -47.50 18.51
C ALA K 529 42.21 -46.60 17.28
N GLU K 530 43.35 -46.50 16.61
CA GLU K 530 43.46 -45.62 15.45
C GLU K 530 42.63 -46.13 14.27
N HIS K 531 42.68 -47.43 14.00
CA HIS K 531 42.02 -47.96 12.81
C HIS K 531 40.51 -47.83 12.91
N GLU K 532 39.96 -47.98 14.12
CA GLU K 532 38.52 -47.81 14.30
C GLU K 532 38.08 -46.38 13.99
N VAL K 533 38.84 -45.40 14.49
CA VAL K 533 38.50 -44.00 14.24
C VAL K 533 38.66 -43.68 12.76
N VAL K 534 39.69 -44.23 12.12
CA VAL K 534 39.86 -44.01 10.68
C VAL K 534 38.69 -44.61 9.91
N ARG K 535 38.24 -45.79 10.31
CA ARG K 535 37.10 -46.41 9.64
C ARG K 535 35.83 -45.59 9.81
N ILE K 536 35.60 -45.06 11.01
CA ILE K 536 34.38 -44.29 11.27
C ILE K 536 34.41 -42.97 10.52
N THR K 537 35.54 -42.26 10.55
CA THR K 537 35.60 -40.91 10.02
C THR K 537 36.13 -40.83 8.59
N ASN K 538 36.93 -41.82 8.16
CA ASN K 538 37.52 -41.82 6.81
C ASN K 538 38.40 -40.58 6.62
N GLU K 539 39.22 -40.28 7.63
CA GLU K 539 40.13 -39.14 7.59
C GLU K 539 41.37 -39.48 8.41
N GLU K 540 42.39 -38.63 8.27
CA GLU K 540 43.63 -38.84 9.00
C GLU K 540 43.39 -38.68 10.51
N PHE K 541 44.12 -39.49 11.29
CA PHE K 541 43.93 -39.50 12.73
C PHE K 541 44.71 -38.38 13.40
N VAL K 542 44.15 -37.83 14.48
CA VAL K 542 44.82 -36.83 15.30
C VAL K 542 45.03 -37.43 16.69
N THR K 543 46.18 -37.17 17.28
CA THR K 543 46.57 -37.75 18.55
C THR K 543 46.40 -36.74 19.67
N ILE K 544 45.83 -37.20 20.79
CA ILE K 544 45.67 -36.38 21.99
C ILE K 544 46.60 -36.92 23.06
N LYS K 545 47.49 -36.07 23.56
CA LYS K 545 48.46 -36.48 24.56
C LYS K 545 47.77 -36.85 25.86
N ARG K 546 48.33 -37.84 26.56
CA ARG K 546 47.72 -38.33 27.79
C ARG K 546 47.77 -37.29 28.91
N GLU K 547 48.75 -36.39 28.89
CA GLU K 547 48.84 -35.36 29.91
C GLU K 547 47.69 -34.37 29.79
N ASP K 548 47.28 -34.07 28.56
CA ASP K 548 46.23 -33.07 28.36
C ASP K 548 44.84 -33.64 28.59
N LEU K 549 44.74 -34.93 28.87
CA LEU K 549 43.43 -35.55 29.05
C LEU K 549 42.75 -35.08 30.32
N LYS K 550 43.53 -34.80 31.37
CA LYS K 550 42.94 -34.42 32.65
C LYS K 550 42.18 -33.10 32.55
N GLY K 551 42.75 -32.12 31.84
CA GLY K 551 42.11 -30.83 31.66
C GLY K 551 41.54 -30.71 30.26
N ASN K 552 40.23 -30.47 30.19
CA ASN K 552 39.52 -30.44 28.92
C ASN K 552 39.86 -29.15 28.19
N PHE K 553 40.88 -29.20 27.32
CA PHE K 553 41.17 -28.12 26.40
C PHE K 553 40.65 -28.48 25.02
N ASP K 554 40.63 -27.48 24.14
CA ASP K 554 40.49 -27.58 22.69
C ASP K 554 39.08 -27.98 22.25
N LEU K 555 38.17 -28.28 23.17
CA LEU K 555 36.85 -28.77 22.77
C LEU K 555 35.78 -28.16 23.67
N GLU K 556 34.59 -28.03 23.11
CA GLU K 556 33.40 -27.62 23.85
C GLU K 556 32.21 -28.39 23.31
N VAL K 557 31.43 -28.98 24.22
CA VAL K 557 30.33 -29.88 23.86
C VAL K 557 29.02 -29.22 24.25
N ASP K 558 28.07 -29.20 23.32
CA ASP K 558 26.75 -28.65 23.58
C ASP K 558 25.74 -29.36 22.70
N ILE K 559 24.47 -29.32 23.12
CA ILE K 559 23.40 -29.96 22.37
C ILE K 559 23.16 -29.20 21.07
N SER K 560 22.99 -29.94 19.99
CA SER K 560 22.76 -29.37 18.67
C SER K 560 21.28 -29.44 18.32
N THR K 561 20.74 -28.33 17.80
CA THR K 561 19.36 -28.25 17.38
C THR K 561 19.28 -27.80 15.93
N ALA K 562 18.09 -27.96 15.34
CA ALA K 562 17.92 -27.64 13.93
C ALA K 562 18.12 -26.15 13.65
N GLU K 563 17.56 -25.29 14.50
CA GLU K 563 17.65 -23.85 14.27
C GLU K 563 19.08 -23.33 14.43
N VAL K 564 19.90 -24.00 15.24
CA VAL K 564 21.29 -23.58 15.40
C VAL K 564 22.03 -23.70 14.07
N ASP K 565 21.82 -24.80 13.34
CA ASP K 565 22.47 -24.98 12.06
C ASP K 565 22.02 -23.92 11.05
N ASN K 566 20.71 -23.62 11.04
CA ASN K 566 20.21 -22.60 10.12
C ASN K 566 20.81 -21.24 10.44
N GLN K 567 20.88 -20.87 11.72
CA GLN K 567 21.44 -19.57 12.08
C GLN K 567 22.92 -19.51 11.77
N LYS K 568 23.65 -20.61 11.97
CA LYS K 568 25.05 -20.65 11.61
C LYS K 568 25.23 -20.49 10.10
N SER K 569 24.34 -21.10 9.32
CA SER K 569 24.39 -20.93 7.86
C SER K 569 24.14 -19.48 7.47
N GLN K 570 23.16 -18.84 8.12
CA GLN K 570 22.91 -17.42 7.83
C GLN K 570 24.10 -16.55 8.22
N ASP K 571 24.74 -16.85 9.36
CA ASP K 571 25.91 -16.08 9.76
C ASP K 571 27.06 -16.27 8.78
N LEU K 572 27.26 -17.51 8.30
CA LEU K 572 28.31 -17.76 7.31
C LEU K 572 28.01 -17.03 6.01
N GLY K 573 26.74 -17.02 5.60
CA GLY K 573 26.38 -16.26 4.41
C GLY K 573 26.62 -14.77 4.56
N PHE K 574 26.29 -14.23 5.74
CA PHE K 574 26.55 -12.82 6.01
C PHE K 574 28.05 -12.52 5.96
N MET K 575 28.87 -13.41 6.55
CA MET K 575 30.32 -13.22 6.51
C MET K 575 30.84 -13.29 5.08
N LEU K 576 30.31 -14.21 4.27
CA LEU K 576 30.72 -14.30 2.88
C LEU K 576 30.32 -13.05 2.10
N GLN K 577 29.14 -12.51 2.38
CA GLN K 577 28.70 -11.28 1.71
C GLN K 577 29.58 -10.10 2.11
N THR K 578 29.89 -9.97 3.39
CA THR K 578 30.68 -8.84 3.86
C THR K 578 32.09 -8.86 3.27
N ILE K 579 32.74 -10.02 3.31
CA ILE K 579 34.09 -10.13 2.75
C ILE K 579 34.01 -10.24 1.23
N GLY K 580 34.93 -9.57 0.55
CA GLY K 580 34.99 -9.63 -0.90
C GLY K 580 35.27 -11.04 -1.40
N PRO K 581 34.43 -11.51 -2.32
CA PRO K 581 34.67 -12.85 -2.89
C PRO K 581 36.02 -13.01 -3.56
N ASN K 582 36.57 -11.93 -4.12
CA ASN K 582 37.80 -12.04 -4.89
C ASN K 582 39.05 -11.81 -4.03
N VAL K 583 38.90 -11.49 -2.75
CA VAL K 583 40.05 -11.24 -1.90
C VAL K 583 40.89 -12.51 -1.76
N ASP K 584 40.25 -13.62 -1.42
CA ASP K 584 40.96 -14.89 -1.25
C ASP K 584 40.04 -16.03 -1.67
N GLN K 585 40.56 -16.92 -2.52
CA GLN K 585 39.76 -18.06 -2.98
C GLN K 585 39.67 -19.13 -1.91
N GLN K 586 40.74 -19.30 -1.12
CA GLN K 586 40.75 -20.33 -0.09
C GLN K 586 39.69 -20.06 0.98
N ILE K 587 39.57 -18.79 1.39
CA ILE K 587 38.57 -18.45 2.41
C ILE K 587 37.17 -18.73 1.90
N THR K 588 36.89 -18.34 0.66
CA THR K 588 35.57 -18.58 0.08
C THR K 588 35.27 -20.08 -0.04
N LEU K 589 36.25 -20.86 -0.49
CA LEU K 589 36.05 -22.30 -0.62
C LEU K 589 35.79 -22.93 0.75
N ASN K 590 36.56 -22.53 1.76
CA ASN K 590 36.31 -23.04 3.11
C ASN K 590 34.90 -22.69 3.58
N ILE K 591 34.54 -21.40 3.51
CA ILE K 591 33.23 -20.97 3.98
C ILE K 591 32.14 -21.77 3.29
N LEU K 592 32.27 -21.97 1.98
CA LEU K 592 31.33 -22.83 1.27
C LEU K 592 31.34 -24.24 1.82
N ALA K 593 32.50 -24.72 2.27
CA ALA K 593 32.57 -26.09 2.79
C ALA K 593 31.75 -26.23 4.09
N GLU K 594 31.94 -25.32 5.05
CA GLU K 594 31.10 -25.41 6.25
C GLU K 594 29.63 -25.09 5.97
N ILE K 595 29.35 -24.25 4.95
CA ILE K 595 27.94 -24.04 4.60
C ILE K 595 27.32 -25.34 4.08
N ALA K 596 28.06 -26.08 3.24
CA ALA K 596 27.54 -27.33 2.70
C ALA K 596 27.43 -28.40 3.77
N ASP K 597 28.36 -28.40 4.73
CA ASP K 597 28.33 -29.40 5.80
C ASP K 597 27.07 -29.26 6.64
N LEU K 598 26.66 -28.02 6.95
CA LEU K 598 25.47 -27.81 7.77
C LEU K 598 24.21 -28.24 7.05
N LYS K 599 24.26 -28.34 5.73
CA LYS K 599 23.12 -28.78 4.93
C LYS K 599 23.14 -30.27 4.64
N ARG K 600 24.07 -31.02 5.23
CA ARG K 600 24.22 -32.46 5.02
C ARG K 600 24.52 -32.82 3.56
N MET K 601 25.58 -32.26 2.99
CA MET K 601 26.05 -32.66 1.67
C MET K 601 27.54 -32.97 1.77
N PRO K 602 27.93 -34.10 2.36
CA PRO K 602 29.36 -34.38 2.54
C PRO K 602 30.15 -34.40 1.23
N LYS K 603 29.56 -34.94 0.16
CA LYS K 603 30.27 -35.00 -1.12
C LYS K 603 30.57 -33.61 -1.66
N LEU K 604 29.58 -32.71 -1.61
CA LEU K 604 29.79 -31.35 -2.09
C LEU K 604 30.85 -30.63 -1.27
N ALA K 605 30.80 -30.78 0.06
CA ALA K 605 31.78 -30.14 0.91
C ALA K 605 33.19 -30.67 0.65
N HIS K 606 33.32 -31.99 0.49
CA HIS K 606 34.63 -32.57 0.19
C HIS K 606 35.15 -32.10 -1.16
N ASP K 607 34.27 -32.00 -2.15
CA ASP K 607 34.70 -31.52 -3.47
C ASP K 607 35.15 -30.06 -3.39
N LEU K 608 34.41 -29.24 -2.64
CA LEU K 608 34.81 -27.83 -2.50
C LEU K 608 36.12 -27.69 -1.76
N ARG K 609 36.33 -28.49 -0.71
CA ARG K 609 37.56 -28.40 0.07
C ARG K 609 38.78 -28.74 -0.77
N THR K 610 38.75 -29.87 -1.46
CA THR K 610 39.86 -30.34 -2.29
C THR K 610 39.66 -29.93 -3.74
N TRP K 611 39.54 -28.63 -3.99
CA TRP K 611 39.31 -28.10 -5.33
C TRP K 611 40.55 -27.35 -5.78
N GLN K 612 41.06 -27.71 -6.95
CA GLN K 612 42.22 -27.06 -7.55
C GLN K 612 41.88 -26.59 -8.96
N PRO K 613 42.08 -25.31 -9.27
CA PRO K 613 41.78 -24.83 -10.62
C PRO K 613 42.65 -25.52 -11.67
N GLN K 614 42.05 -25.78 -12.83
CA GLN K 614 42.75 -26.41 -13.93
C GLN K 614 43.29 -25.35 -14.89
N PRO K 615 44.60 -25.35 -15.16
CA PRO K 615 45.17 -24.32 -16.02
C PRO K 615 44.73 -24.47 -17.47
N ASP K 616 44.68 -23.33 -18.16
CA ASP K 616 44.39 -23.30 -19.59
C ASP K 616 45.67 -22.96 -20.34
N PRO K 617 46.22 -23.88 -21.15
CA PRO K 617 47.53 -23.62 -21.76
C PRO K 617 47.59 -22.40 -22.65
N VAL K 618 46.49 -22.09 -23.37
CA VAL K 618 46.52 -21.01 -24.35
C VAL K 618 46.68 -19.66 -23.67
N GLN K 619 46.08 -19.51 -22.49
CA GLN K 619 46.12 -18.22 -21.80
C GLN K 619 47.53 -17.84 -21.38
N GLU K 620 48.31 -18.80 -20.88
CA GLU K 620 49.69 -18.52 -20.50
C GLU K 620 50.51 -18.09 -21.69
N GLN K 621 50.34 -18.78 -22.83
CA GLN K 621 51.07 -18.40 -24.04
C GLN K 621 50.66 -17.00 -24.50
N LEU K 622 49.36 -16.68 -24.42
CA LEU K 622 48.90 -15.35 -24.81
C LEU K 622 49.51 -14.27 -23.91
N LYS K 623 49.57 -14.54 -22.60
CA LYS K 623 50.19 -13.59 -21.69
C LYS K 623 51.67 -13.40 -22.01
N GLN K 624 52.38 -14.50 -22.30
CA GLN K 624 53.79 -14.40 -22.66
C GLN K 624 53.98 -13.57 -23.93
N LEU K 625 53.11 -13.79 -24.94
CA LEU K 625 53.20 -13.03 -26.16
C LEU K 625 52.93 -11.54 -25.92
N ALA K 626 51.95 -11.25 -25.05
CA ALA K 626 51.67 -9.85 -24.73
C ALA K 626 52.86 -9.19 -24.05
N VAL K 627 53.51 -9.90 -23.13
CA VAL K 627 54.70 -9.35 -22.48
C VAL K 627 55.82 -9.12 -23.49
N GLU K 628 55.99 -10.07 -24.42
CA GLU K 628 57.01 -9.91 -25.45
C GLU K 628 56.74 -8.69 -26.33
N LYS K 629 55.48 -8.49 -26.72
CA LYS K 629 55.13 -7.32 -27.51
C LYS K 629 55.39 -6.02 -26.75
N ALA K 630 55.04 -6.01 -25.46
CA ALA K 630 55.30 -4.82 -24.64
C ALA K 630 56.80 -4.54 -24.56
N GLN K 631 57.61 -5.58 -24.46
CA GLN K 631 59.06 -5.38 -24.46
C GLN K 631 59.55 -4.85 -25.80
N LEU K 632 59.01 -5.36 -26.90
CA LEU K 632 59.51 -4.98 -28.23
C LEU K 632 59.11 -3.56 -28.60
N GLU K 633 58.01 -3.05 -28.04
CA GLU K 633 57.60 -1.68 -28.37
C GLU K 633 58.67 -0.67 -27.95
N ASN K 634 59.30 -0.87 -26.79
CA ASN K 634 60.36 0.03 -26.34
C ASN K 634 61.55 0.00 -27.29
N GLU K 635 61.93 -1.19 -27.77
CA GLU K 635 63.03 -1.29 -28.73
C GLU K 635 62.68 -0.58 -30.02
N GLU K 636 61.42 -0.69 -30.48
CA GLU K 636 60.99 0.03 -31.66
C GLU K 636 61.11 1.54 -31.46
N LEU K 637 60.71 2.02 -30.29
CA LEU K 637 60.84 3.45 -29.98
C LEU K 637 62.30 3.89 -30.01
N ARG K 638 63.18 3.08 -29.42
CA ARG K 638 64.61 3.39 -29.42
C ARG K 638 65.16 3.45 -30.84
N SER K 639 64.75 2.51 -31.69
CA SER K 639 65.19 2.53 -33.09
C SER K 639 64.72 3.80 -33.79
N LYS K 640 63.47 4.21 -33.53
CA LYS K 640 62.96 5.45 -34.11
C LYS K 640 63.80 6.65 -33.67
N ILE K 641 64.14 6.70 -32.38
CA ILE K 641 64.96 7.81 -31.87
C ILE K 641 66.31 7.82 -32.55
N ARG K 642 66.94 6.65 -32.70
CA ARG K 642 68.24 6.58 -33.34
C ARG K 642 68.17 7.06 -34.79
N LEU K 643 67.13 6.64 -35.51
CA LEU K 643 66.97 7.06 -36.90
C LEU K 643 66.79 8.57 -37.01
N ASN K 644 65.98 9.14 -36.11
CA ASN K 644 65.78 10.60 -36.12
C ASN K 644 67.09 11.33 -35.84
N ASP K 645 67.87 10.83 -34.88
CA ASP K 645 69.15 11.46 -34.59
C ASP K 645 70.09 11.40 -35.79
N ALA K 646 70.14 10.25 -36.47
CA ALA K 646 71.00 10.12 -37.64
C ALA K 646 70.58 11.08 -38.75
N GLN K 647 69.27 11.22 -38.97
CA GLN K 647 68.80 12.16 -39.98
C GLN K 647 69.17 13.59 -39.61
N ALA K 648 69.05 13.94 -38.32
CA ALA K 648 69.42 15.28 -37.90
C ALA K 648 70.89 15.57 -38.15
N GLN K 649 71.77 14.61 -37.82
CA GLN K 649 73.19 14.79 -38.07
C GLN K 649 73.49 14.92 -39.56
N LYS K 650 72.82 14.12 -40.39
CA LYS K 650 73.02 14.23 -41.83
C LYS K 650 72.61 15.61 -42.34
N ALA K 651 71.47 16.12 -41.85
CA ALA K 651 71.03 17.45 -42.26
C ALA K 651 72.02 18.52 -41.83
N MET K 652 72.59 18.37 -40.63
CA MET K 652 73.62 19.31 -40.18
C MET K 652 74.84 19.28 -41.11
N ALA K 653 75.23 18.07 -41.53
CA ALA K 653 76.36 17.95 -42.46
C ALA K 653 76.07 18.65 -43.78
N GLU K 654 74.86 18.47 -44.31
CA GLU K 654 74.49 19.17 -45.55
C GLU K 654 74.51 20.69 -45.35
N ARG K 655 74.03 21.16 -44.19
CA ARG K 655 74.08 22.59 -43.91
C ARG K 655 75.51 23.11 -43.91
N ASP K 656 76.43 22.36 -43.28
CA ASP K 656 77.83 22.78 -43.25
C ASP K 656 78.42 22.84 -44.65
N ASN K 657 78.11 21.83 -45.47
CA ASN K 657 78.61 21.83 -46.85
C ASN K 657 78.07 23.03 -47.63
N LYS K 658 76.78 23.34 -47.47
CA LYS K 658 76.20 24.48 -48.17
C LYS K 658 76.82 25.80 -47.68
N ASN K 659 77.09 25.90 -46.38
CA ASN K 659 77.74 27.10 -45.86
C ASN K 659 79.14 27.27 -46.43
N LEU K 660 79.90 26.17 -46.54
CA LEU K 660 81.21 26.25 -47.17
C LEU K 660 81.10 26.68 -48.63
N ASP K 661 80.12 26.13 -49.34
CA ASP K 661 79.92 26.53 -50.73
C ASP K 661 79.59 28.01 -50.84
N TYR K 662 78.74 28.51 -49.95
CA TYR K 662 78.41 29.94 -49.95
C TYR K 662 79.65 30.79 -49.70
N LEU K 663 80.46 30.41 -48.70
CA LEU K 663 81.66 31.18 -48.39
C LEU K 663 82.63 31.18 -49.56
N GLU K 664 82.80 30.04 -50.22
CA GLU K 664 83.70 29.98 -51.38
C GLU K 664 83.16 30.81 -52.54
N GLN K 665 81.85 30.77 -52.77
CA GLN K 665 81.28 31.49 -53.91
C GLN K 665 81.30 33.00 -53.69
N GLU K 666 81.18 33.44 -52.43
CA GLU K 666 81.18 34.87 -52.16
C GLU K 666 82.48 35.52 -52.60
N SER K 667 83.62 34.87 -52.33
CA SER K 667 84.90 35.37 -52.76
C SER K 667 85.20 34.87 -54.17
N GLY K 668 86.42 35.08 -54.64
CA GLY K 668 86.85 34.66 -55.96
C GLY K 668 87.61 33.35 -56.00
N THR K 669 87.49 32.51 -54.97
CA THR K 669 88.27 31.29 -54.90
C THR K 669 87.94 30.35 -56.06
N LYS K 670 86.67 30.21 -56.40
CA LYS K 670 86.27 29.35 -57.51
C LYS K 670 86.86 29.84 -58.83
N HIS K 671 86.79 31.15 -59.05
CA HIS K 671 87.42 31.75 -60.23
C HIS K 671 88.94 31.65 -60.17
N ALA K 672 89.51 31.84 -58.98
CA ALA K 672 90.96 31.79 -58.84
C ALA K 672 91.50 30.41 -59.18
N ARG K 673 90.80 29.35 -58.77
CA ARG K 673 91.26 28.00 -59.06
C ARG K 673 91.24 27.71 -60.56
N ASP K 674 90.19 28.16 -61.25
CA ASP K 674 90.14 27.99 -62.71
C ASP K 674 91.24 28.78 -63.39
N LEU K 675 91.50 30.00 -62.92
CA LEU K 675 92.60 30.79 -63.47
C LEU K 675 93.94 30.09 -63.25
N GLU K 676 94.13 29.51 -62.07
CA GLU K 676 95.36 28.78 -61.78
C GLU K 676 95.51 27.57 -62.67
N LYS K 677 94.40 26.85 -62.92
CA LYS K 677 94.45 25.71 -63.83
C LYS K 677 94.85 26.14 -65.24
N MET K 678 94.25 27.24 -65.73
CA MET K 678 94.59 27.73 -67.05
C MET K 678 96.05 28.16 -67.13
N LYS K 679 96.54 28.86 -66.10
CA LYS K 679 97.93 29.29 -66.07
C LYS K 679 98.87 28.10 -66.01
N ALA K 680 98.50 27.06 -65.25
CA ALA K 680 99.33 25.86 -65.19
C ALA K 680 99.38 25.15 -66.53
N GLN K 681 98.25 25.10 -67.24
CA GLN K 681 98.25 24.50 -68.57
C GLN K 681 99.13 25.30 -69.53
N SER K 682 99.04 26.63 -69.47
CA SER K 682 99.88 27.46 -70.33
C SER K 682 101.36 27.27 -69.99
N GLN K 683 101.70 27.21 -68.71
CA GLN K 683 103.08 27.01 -68.31
C GLN K 683 103.59 25.64 -68.74
N GLY K 684 102.75 24.61 -68.66
CA GLY K 684 103.13 23.30 -69.15
C GLY K 684 103.39 23.29 -70.64
N ASN K 685 102.53 23.97 -71.41
CA ASN K 685 102.76 24.08 -72.85
C ASN K 685 104.05 24.82 -73.15
N GLN K 686 104.33 25.91 -72.41
CA GLN K 686 105.57 26.65 -72.60
C GLN K 686 106.79 25.79 -72.27
N GLN K 687 106.71 25.02 -71.19
CA GLN K 687 107.82 24.14 -70.82
C GLN K 687 108.03 23.06 -71.88
N LEU K 688 106.94 22.50 -72.41
CA LEU K 688 107.07 21.51 -73.48
C LEU K 688 107.71 22.11 -74.72
N GLU K 689 107.34 23.35 -75.06
CA GLU K 689 107.97 24.03 -76.19
C GLU K 689 109.45 24.27 -75.94
N ILE K 690 109.80 24.68 -74.71
CA ILE K 690 111.20 24.96 -74.40
C ILE K 690 112.04 23.70 -74.47
N THR K 691 111.53 22.60 -73.90
CA THR K 691 112.30 21.35 -73.88
C THR K 691 112.53 20.81 -75.29
N LYS K 692 111.52 20.88 -76.15
CA LYS K 692 111.64 20.39 -77.51
C LYS K 692 112.53 21.30 -78.35
N LYS L 19 56.01 -19.60 69.21
CA LYS L 19 55.86 -18.43 68.35
C LYS L 19 55.89 -18.83 66.89
N LEU L 20 54.73 -18.75 66.23
CA LEU L 20 54.63 -19.21 64.84
C LEU L 20 55.38 -18.29 63.88
N THR L 21 55.38 -16.99 64.15
CA THR L 21 55.96 -16.02 63.24
C THR L 21 57.06 -15.24 63.96
N SER L 22 57.78 -14.43 63.17
CA SER L 22 58.86 -13.59 63.66
C SER L 22 58.43 -12.15 63.90
N TRP L 23 57.13 -11.86 63.85
CA TRP L 23 56.65 -10.50 64.03
C TRP L 23 56.96 -10.01 65.44
N LYS L 24 57.20 -8.70 65.56
CA LYS L 24 57.49 -8.12 66.87
C LYS L 24 56.29 -8.26 67.81
N ASN L 25 55.09 -8.01 67.30
CA ASN L 25 53.85 -8.14 68.06
C ASN L 25 53.01 -9.23 67.41
N GLU L 26 52.63 -10.24 68.18
CA GLU L 26 51.88 -11.38 67.68
C GLU L 26 50.48 -11.37 68.27
N LEU L 27 49.51 -11.73 67.42
CA LEU L 27 48.10 -11.61 67.79
C LEU L 27 47.72 -12.53 68.96
N SER L 28 48.20 -13.78 68.94
CA SER L 28 47.83 -14.81 69.92
C SER L 28 46.35 -15.19 69.82
N LEU L 29 46.00 -16.38 70.30
CA LEU L 29 44.66 -16.91 70.07
C LEU L 29 43.61 -16.20 70.93
N GLN L 30 44.03 -15.69 72.10
CA GLN L 30 43.08 -15.06 73.01
C GLN L 30 42.46 -13.82 72.39
N ALA L 31 43.24 -13.04 71.65
CA ALA L 31 42.73 -11.84 71.00
C ALA L 31 41.64 -12.17 69.99
N LEU L 32 41.88 -13.19 69.16
CA LEU L 32 40.90 -13.61 68.17
C LEU L 32 39.65 -14.15 68.83
N LYS L 33 39.81 -14.94 69.90
CA LYS L 33 38.64 -15.46 70.59
C LYS L 33 37.83 -14.33 71.23
N ALA L 34 38.51 -13.34 71.80
CA ALA L 34 37.79 -12.20 72.38
C ALA L 34 37.05 -11.41 71.30
N ASP L 35 37.69 -11.20 70.15
CA ASP L 35 37.02 -10.50 69.06
C ASP L 35 35.79 -11.27 68.58
N LEU L 36 35.91 -12.59 68.44
CA LEU L 36 34.76 -13.39 68.03
C LEU L 36 33.65 -13.33 69.05
N ASP L 37 33.98 -13.41 70.34
CA ASP L 37 32.96 -13.35 71.39
C ASP L 37 32.28 -11.99 71.40
N ALA L 38 33.03 -10.92 71.14
CA ALA L 38 32.43 -9.59 71.09
C ALA L 38 31.51 -9.45 69.88
N ALA L 39 31.91 -9.99 68.73
CA ALA L 39 31.11 -9.80 67.52
C ALA L 39 29.92 -10.75 67.47
N LYS L 40 29.94 -11.80 68.28
CA LYS L 40 28.86 -12.80 68.23
C LYS L 40 27.47 -12.25 68.55
N PRO L 41 27.27 -11.39 69.58
CA PRO L 41 25.90 -10.98 69.90
C PRO L 41 25.12 -10.35 68.76
N SER L 42 25.76 -9.52 67.93
CA SER L 42 25.05 -8.89 66.82
C SER L 42 24.63 -9.91 65.78
N HIS L 43 25.52 -10.83 65.43
CA HIS L 43 25.20 -11.88 64.47
C HIS L 43 24.08 -12.78 64.98
N THR L 44 24.12 -13.11 66.27
CA THR L 44 23.07 -13.95 66.86
C THR L 44 21.71 -13.28 66.77
N ALA L 45 21.65 -11.97 67.05
CA ALA L 45 20.39 -11.25 66.94
C ALA L 45 19.94 -11.15 65.49
N MET L 46 20.88 -10.97 64.57
CA MET L 46 20.55 -10.83 63.16
C MET L 46 19.97 -12.12 62.58
N MET L 47 20.55 -13.27 62.98
CA MET L 47 20.14 -14.55 62.41
C MET L 47 18.68 -14.88 62.68
N ILE L 48 18.10 -14.27 63.71
CA ILE L 48 16.69 -14.52 64.03
C ILE L 48 15.79 -14.07 62.89
N LYS L 49 16.10 -12.91 62.29
CA LYS L 49 15.30 -12.41 61.17
C LYS L 49 15.37 -13.37 59.98
N VAL L 50 16.57 -13.86 59.66
CA VAL L 50 16.72 -14.79 58.55
C VAL L 50 15.96 -16.08 58.83
N LYS L 51 16.03 -16.57 60.07
CA LYS L 51 15.29 -17.78 60.43
C LYS L 51 13.79 -17.56 60.28
N GLU L 52 13.29 -16.40 60.71
CA GLU L 52 11.87 -16.10 60.58
C GLU L 52 11.45 -16.03 59.13
N TRP L 53 12.28 -15.39 58.28
CA TRP L 53 11.96 -15.31 56.86
C TRP L 53 11.93 -16.70 56.21
N ASN L 54 12.90 -17.55 56.56
CA ASN L 54 12.91 -18.91 56.02
C ASN L 54 11.71 -19.71 56.50
N ASP L 55 11.31 -19.53 57.76
CA ASP L 55 10.13 -20.22 58.28
C ASP L 55 8.87 -19.75 57.57
N LEU L 56 8.77 -18.46 57.30
CA LEU L 56 7.63 -17.95 56.52
C LEU L 56 7.62 -18.55 55.12
N MET L 57 8.79 -18.63 54.49
CA MET L 57 8.87 -19.19 53.13
C MET L 57 8.46 -20.66 53.11
N ARG L 58 8.94 -21.42 54.08
CA ARG L 58 8.73 -22.87 54.11
C ARG L 58 7.53 -23.30 54.93
N ILE L 59 6.77 -22.35 55.50
CA ILE L 59 5.60 -22.63 56.32
C ILE L 59 6.01 -23.54 57.48
N GLU L 60 6.81 -23.00 58.40
CA GLU L 60 7.23 -23.71 59.60
C GLU L 60 7.21 -22.74 60.77
N GLY L 61 7.36 -23.29 61.98
CA GLY L 61 7.41 -22.45 63.16
C GLY L 61 6.10 -21.72 63.39
N LYS L 62 6.18 -20.40 63.51
CA LYS L 62 4.99 -19.59 63.78
C LYS L 62 4.03 -19.60 62.59
N ALA L 63 4.56 -19.82 61.39
CA ALA L 63 3.71 -19.79 60.20
C ALA L 63 2.79 -21.00 60.13
N LYS L 64 3.12 -22.07 60.84
CA LYS L 64 2.32 -23.28 60.78
C LYS L 64 0.95 -23.04 61.42
N PRO L 65 -0.13 -23.41 60.75
CA PRO L 65 -1.48 -23.20 61.32
C PRO L 65 -1.71 -24.08 62.53
N PRO L 66 -2.59 -23.67 63.44
CA PRO L 66 -2.89 -24.51 64.60
C PRO L 66 -3.57 -25.80 64.18
N LYS L 67 -3.36 -26.84 64.98
CA LYS L 67 -3.86 -28.17 64.70
C LYS L 67 -5.16 -28.38 65.48
N VAL L 68 -6.24 -28.71 64.77
CA VAL L 68 -7.54 -28.94 65.35
C VAL L 68 -8.08 -30.26 64.85
N LYS L 69 -8.77 -30.98 65.74
CA LYS L 69 -9.29 -32.31 65.38
C LYS L 69 -10.31 -32.23 64.26
N GLY L 70 -11.28 -31.32 64.37
CA GLY L 70 -12.37 -31.26 63.42
C GLY L 70 -12.28 -30.19 62.36
N ARG L 71 -11.11 -29.56 62.18
CA ARG L 71 -10.98 -28.47 61.22
C ARG L 71 -9.69 -28.64 60.42
N SER L 72 -9.64 -27.94 59.28
CA SER L 72 -8.55 -28.09 58.33
C SER L 72 -7.31 -27.33 58.81
N GLN L 73 -6.16 -27.71 58.23
CA GLN L 73 -4.85 -27.14 58.55
C GLN L 73 -4.10 -26.82 57.26
N VAL L 74 -4.76 -26.16 56.32
CA VAL L 74 -4.20 -25.90 55.00
C VAL L 74 -3.77 -24.44 54.95
N GLN L 75 -2.70 -24.15 54.22
CA GLN L 75 -2.24 -22.78 54.02
C GLN L 75 -1.61 -22.63 52.65
N PRO L 76 -2.17 -21.77 51.78
CA PRO L 76 -1.53 -21.51 50.50
C PRO L 76 -0.19 -20.78 50.67
N LYS L 77 0.68 -20.98 49.69
CA LYS L 77 2.03 -20.44 49.72
C LYS L 77 2.14 -19.26 48.76
N LEU L 78 2.12 -18.06 49.35
CA LEU L 78 2.22 -16.83 48.55
C LEU L 78 3.67 -16.43 48.32
N VAL L 79 4.44 -16.31 49.41
CA VAL L 79 5.84 -15.92 49.31
C VAL L 79 6.61 -16.93 48.47
N ARG L 80 6.26 -18.21 48.59
CA ARG L 80 6.91 -19.24 47.79
C ARG L 80 6.78 -18.95 46.31
N ARG L 81 5.56 -18.65 45.83
CA ARG L 81 5.36 -18.41 44.41
C ARG L 81 5.99 -17.09 43.97
N GLN L 82 5.91 -16.06 44.82
CA GLN L 82 6.56 -14.79 44.51
C GLN L 82 8.07 -14.98 44.33
N ALA L 83 8.66 -15.91 45.08
CA ALA L 83 10.06 -16.24 44.87
C ALA L 83 10.24 -17.13 43.64
N GLU L 84 9.26 -18.00 43.36
CA GLU L 84 9.40 -18.94 42.25
C GLU L 84 9.48 -18.25 40.90
N TRP L 85 8.64 -17.24 40.65
CA TRP L 85 8.84 -16.54 39.37
C TRP L 85 10.12 -15.71 39.36
N ARG L 86 10.52 -15.14 40.51
CA ARG L 86 11.72 -14.33 40.54
C ARG L 86 12.97 -15.16 40.26
N TYR L 87 13.01 -16.40 40.74
CA TYR L 87 14.18 -17.26 40.49
C TYR L 87 14.42 -17.40 38.98
N SER L 88 13.39 -17.77 38.24
CA SER L 88 13.56 -17.98 36.80
C SER L 88 13.72 -16.66 36.06
N ALA L 89 13.18 -15.57 36.63
CA ALA L 89 13.38 -14.27 36.03
C ALA L 89 14.84 -13.85 36.10
N LEU L 90 15.52 -14.17 37.20
CA LEU L 90 16.87 -13.66 37.41
C LEU L 90 17.93 -14.62 36.88
N THR L 91 17.69 -15.94 36.98
CA THR L 91 18.72 -16.91 36.64
C THR L 91 19.08 -16.89 35.16
N GLU L 92 18.07 -16.73 34.29
CA GLU L 92 18.28 -16.93 32.86
C GLU L 92 19.34 -16.02 32.25
N PRO L 93 19.42 -14.72 32.57
CA PRO L 93 20.43 -13.87 31.90
C PRO L 93 21.85 -14.38 32.04
N PHE L 94 22.20 -15.04 33.14
CA PHE L 94 23.56 -15.53 33.38
C PHE L 94 23.84 -16.85 32.67
N LEU L 95 22.83 -17.44 32.03
CA LEU L 95 23.03 -18.73 31.38
C LEU L 95 22.68 -18.74 29.90
N GLY L 96 22.41 -17.58 29.29
CA GLY L 96 21.96 -17.56 27.90
C GLY L 96 23.05 -17.84 26.88
N SER L 97 24.31 -17.61 27.23
CA SER L 97 25.42 -17.74 26.29
C SER L 97 26.48 -18.67 26.85
N ASN L 98 27.29 -19.22 25.95
CA ASN L 98 28.35 -20.12 26.36
C ASN L 98 29.46 -19.38 27.11
N LYS L 99 29.64 -18.09 26.82
CA LYS L 99 30.64 -17.26 27.48
C LYS L 99 29.97 -16.51 28.63
N LEU L 100 30.58 -16.58 29.81
CA LEU L 100 30.01 -15.92 30.98
C LEU L 100 30.55 -14.52 31.20
N PHE L 101 31.83 -14.29 30.95
CA PHE L 101 32.49 -13.03 31.27
C PHE L 101 32.92 -12.33 30.00
N LYS L 102 32.88 -11.00 30.04
CA LYS L 102 33.31 -10.15 28.93
C LYS L 102 34.35 -9.17 29.46
N VAL L 103 35.55 -9.20 28.88
CA VAL L 103 36.63 -8.31 29.27
C VAL L 103 36.92 -7.38 28.10
N THR L 104 36.95 -6.07 28.38
CA THR L 104 37.15 -5.07 27.35
C THR L 104 38.33 -4.18 27.68
N PRO L 105 39.12 -3.77 26.70
CA PRO L 105 40.28 -2.92 26.98
C PRO L 105 39.85 -1.50 27.37
N VAL L 106 40.67 -0.85 28.19
CA VAL L 106 40.42 0.55 28.54
C VAL L 106 41.12 1.47 27.55
N THR L 107 42.35 1.13 27.16
CA THR L 107 43.13 1.89 26.20
C THR L 107 43.42 1.02 24.98
N TRP L 108 44.21 1.55 24.05
CA TRP L 108 44.46 0.86 22.80
C TRP L 108 45.48 -0.26 22.97
N GLU L 109 46.30 -0.22 24.02
CA GLU L 109 47.34 -1.22 24.19
C GLU L 109 46.81 -2.46 24.91
N ASP L 110 45.58 -2.42 25.40
CA ASP L 110 45.09 -3.43 26.31
C ASP L 110 44.33 -4.57 25.63
N VAL L 111 44.27 -4.58 24.30
CA VAL L 111 43.44 -5.55 23.59
C VAL L 111 43.96 -6.98 23.82
N GLN L 112 45.27 -7.17 23.70
CA GLN L 112 45.83 -8.51 23.87
C GLN L 112 45.64 -9.03 25.28
N GLY L 113 45.87 -8.18 26.28
CA GLY L 113 45.65 -8.59 27.66
C GLY L 113 44.19 -8.91 27.95
N ALA L 114 43.28 -8.09 27.40
CA ALA L 114 41.86 -8.36 27.60
C ALA L 114 41.47 -9.69 26.97
N ARG L 115 41.94 -9.97 25.75
CA ARG L 115 41.62 -11.23 25.10
C ARG L 115 42.17 -12.42 25.88
N GLN L 116 43.43 -12.32 26.33
CA GLN L 116 44.03 -13.39 27.09
C GLN L 116 43.26 -13.66 28.38
N ASN L 117 42.95 -12.61 29.14
CA ASN L 117 42.25 -12.79 30.41
C ASN L 117 40.84 -13.33 30.19
N GLU L 118 40.16 -12.86 29.14
CA GLU L 118 38.83 -13.39 28.83
C GLU L 118 38.90 -14.87 28.51
N LEU L 119 39.87 -15.28 27.68
CA LEU L 119 40.00 -16.69 27.33
C LEU L 119 40.26 -17.54 28.57
N VAL L 120 41.22 -17.11 29.41
CA VAL L 120 41.56 -17.91 30.59
C VAL L 120 40.39 -18.00 31.55
N LEU L 121 39.71 -16.87 31.79
CA LEU L 121 38.59 -16.87 32.72
C LEU L 121 37.44 -17.74 32.22
N ASN L 122 37.11 -17.63 30.91
CA ASN L 122 36.04 -18.45 30.36
C ASN L 122 36.38 -19.92 30.42
N TYR L 123 37.63 -20.29 30.09
CA TYR L 123 38.03 -21.68 30.19
C TYR L 123 37.92 -22.19 31.62
N GLN L 124 38.40 -21.41 32.59
CA GLN L 124 38.35 -21.85 33.98
C GLN L 124 36.92 -22.05 34.45
N PHE L 125 36.03 -21.10 34.13
CA PHE L 125 34.66 -21.20 34.59
C PHE L 125 33.91 -22.31 33.86
N ARG L 126 34.30 -22.62 32.63
CA ARG L 126 33.63 -23.69 31.88
C ARG L 126 34.10 -25.05 32.35
N THR L 127 35.38 -25.18 32.73
CA THR L 127 35.93 -26.50 33.03
C THR L 127 35.84 -26.82 34.52
N LYS L 128 36.40 -25.95 35.37
CA LYS L 128 36.58 -26.29 36.77
C LYS L 128 35.32 -26.13 37.62
N LEU L 129 34.25 -25.55 37.07
CA LEU L 129 33.06 -25.27 37.86
C LEU L 129 31.82 -25.77 37.13
N ASN L 130 30.79 -26.06 37.92
CA ASN L 130 29.45 -26.33 37.39
C ASN L 130 28.68 -25.02 37.41
N ARG L 131 28.65 -24.33 36.26
CA ARG L 131 28.12 -22.97 36.22
C ARG L 131 26.63 -22.93 36.57
N VAL L 132 25.86 -23.88 36.06
CA VAL L 132 24.41 -23.84 36.26
C VAL L 132 24.07 -23.96 37.74
N SER L 133 24.67 -24.94 38.42
CA SER L 133 24.37 -25.13 39.84
C SER L 133 24.80 -23.92 40.67
N PHE L 134 25.97 -23.36 40.35
CA PHE L 134 26.43 -22.18 41.07
C PHE L 134 25.47 -21.00 40.88
N ILE L 135 25.03 -20.78 39.65
CA ILE L 135 24.09 -19.68 39.38
C ILE L 135 22.79 -19.89 40.12
N ASP L 136 22.25 -21.13 40.09
CA ASP L 136 21.00 -21.40 40.78
C ASP L 136 21.13 -21.17 42.28
N ASN L 137 22.20 -21.69 42.89
CA ASN L 137 22.40 -21.50 44.32
C ASN L 137 22.57 -20.03 44.66
N TYR L 138 23.35 -19.30 43.86
CA TYR L 138 23.57 -17.87 44.10
C TYR L 138 22.26 -17.10 44.08
N VAL L 139 21.47 -17.27 43.01
CA VAL L 139 20.23 -16.52 42.88
C VAL L 139 19.24 -16.91 43.96
N ARG L 140 19.12 -18.21 44.24
CA ARG L 140 18.17 -18.68 45.25
C ARG L 140 18.52 -18.14 46.63
N SER L 141 19.80 -18.18 46.99
CA SER L 141 20.21 -17.66 48.29
C SER L 141 19.98 -16.16 48.39
N VAL L 142 20.31 -15.42 47.32
CA VAL L 142 20.12 -13.97 47.35
C VAL L 142 18.65 -13.63 47.53
N VAL L 143 17.78 -14.35 46.82
CA VAL L 143 16.34 -14.06 46.92
C VAL L 143 15.81 -14.47 48.29
N ASP L 144 16.20 -15.64 48.78
CA ASP L 144 15.61 -16.18 50.01
C ASP L 144 16.07 -15.43 51.24
N ASP L 145 17.37 -15.16 51.36
CA ASP L 145 17.91 -14.56 52.57
C ASP L 145 18.06 -13.05 52.49
N GLY L 146 18.07 -12.48 51.28
CA GLY L 146 18.27 -11.07 51.10
C GLY L 146 19.72 -10.62 51.03
N THR L 147 20.66 -11.52 51.32
CA THR L 147 22.08 -11.20 51.27
C THR L 147 22.86 -12.47 50.94
N GLY L 148 23.81 -12.35 50.03
CA GLY L 148 24.63 -13.48 49.63
C GLY L 148 26.11 -13.22 49.81
N ILE L 149 26.81 -14.15 50.45
CA ILE L 149 28.25 -14.03 50.71
C ILE L 149 28.97 -15.09 49.90
N VAL L 150 29.95 -14.67 49.11
CA VAL L 150 30.72 -15.55 48.26
C VAL L 150 32.17 -15.57 48.74
N ARG L 151 32.73 -16.77 48.88
CA ARG L 151 34.10 -16.95 49.30
C ARG L 151 34.94 -17.34 48.09
N VAL L 152 36.02 -16.59 47.87
CA VAL L 152 36.91 -16.81 46.72
C VAL L 152 38.26 -17.28 47.25
N GLY L 153 38.77 -18.37 46.68
CA GLY L 153 40.05 -18.91 47.10
C GLY L 153 40.73 -19.64 45.97
N TRP L 154 41.94 -20.12 46.26
CA TRP L 154 42.76 -20.85 45.30
C TRP L 154 43.07 -22.24 45.82
N ASN L 155 43.04 -23.21 44.92
CA ASN L 155 43.33 -24.61 45.24
C ASN L 155 44.56 -25.02 44.44
N ARG L 156 45.58 -25.52 45.13
CA ARG L 156 46.81 -25.97 44.50
C ARG L 156 47.25 -27.29 45.12
N GLU L 157 47.65 -28.23 44.26
CA GLU L 157 48.17 -29.53 44.70
C GLU L 157 49.21 -29.99 43.71
N ILE L 158 50.40 -30.34 44.21
CA ILE L 158 51.53 -30.72 43.39
C ILE L 158 52.06 -32.07 43.86
N ARG L 159 52.37 -32.95 42.92
CA ARG L 159 52.89 -34.28 43.22
C ARG L 159 54.28 -34.42 42.61
N LYS L 160 55.24 -34.87 43.42
CA LYS L 160 56.59 -35.07 42.94
C LYS L 160 56.70 -36.43 42.24
N GLU L 161 57.36 -36.44 41.08
CA GLU L 161 57.56 -37.65 40.31
C GLU L 161 58.99 -37.68 39.79
N LYS L 162 59.45 -38.90 39.50
CA LYS L 162 60.79 -39.12 38.97
C LYS L 162 60.68 -39.71 37.56
N GLN L 163 61.33 -39.06 36.60
CA GLN L 163 61.31 -39.50 35.22
C GLN L 163 62.72 -39.42 34.64
N GLU L 164 63.02 -40.32 33.70
CA GLU L 164 64.31 -40.29 33.03
C GLU L 164 64.39 -39.09 32.10
N VAL L 165 65.50 -38.38 32.16
CA VAL L 165 65.73 -37.17 31.36
C VAL L 165 67.01 -37.37 30.58
N PRO L 166 66.99 -37.29 29.25
CA PRO L 166 68.23 -37.43 28.48
C PRO L 166 69.20 -36.29 28.76
N VAL L 167 70.49 -36.58 28.64
CA VAL L 167 71.56 -35.61 28.83
C VAL L 167 72.14 -35.28 27.45
N PHE L 168 72.19 -33.98 27.13
CA PHE L 168 72.64 -33.52 25.83
C PHE L 168 73.93 -32.73 25.99
N SER L 169 74.88 -32.97 25.09
CA SER L 169 76.15 -32.27 25.05
C SER L 169 76.15 -31.32 23.86
N LEU L 170 76.46 -30.05 24.11
CA LEU L 170 76.41 -29.05 23.07
C LEU L 170 77.57 -29.21 22.08
N PHE L 171 77.35 -28.74 20.87
CA PHE L 171 78.34 -28.77 19.79
C PHE L 171 78.08 -27.59 18.88
N PRO L 172 79.14 -26.93 18.39
CA PRO L 172 78.94 -25.75 17.55
C PRO L 172 78.17 -26.06 16.27
N ILE L 173 77.38 -25.09 15.83
CA ILE L 173 76.56 -25.28 14.65
C ILE L 173 77.45 -25.35 13.41
N GLN L 174 77.26 -26.39 12.61
CA GLN L 174 78.06 -26.64 11.42
C GLN L 174 77.15 -26.72 10.21
N THR L 175 77.65 -26.23 9.07
CA THR L 175 76.95 -26.26 7.79
C THR L 175 75.66 -25.44 7.82
N GLN L 176 74.95 -25.40 6.69
CA GLN L 176 73.73 -24.59 6.62
C GLN L 176 72.51 -25.39 7.07
N GLU L 177 72.62 -26.72 7.10
CA GLU L 177 71.46 -27.55 7.47
C GLU L 177 71.06 -27.32 8.91
N GLN L 178 72.03 -27.24 9.82
CA GLN L 178 71.71 -26.99 11.23
C GLN L 178 71.07 -25.63 11.42
N ALA L 179 71.61 -24.60 10.73
CA ALA L 179 71.03 -23.27 10.83
C ALA L 179 69.61 -23.24 10.28
N ASP L 180 69.36 -23.93 9.17
CA ASP L 180 68.01 -23.98 8.60
C ASP L 180 67.05 -24.69 9.55
N ALA L 181 67.50 -25.79 10.16
CA ALA L 181 66.64 -26.50 11.12
C ALA L 181 66.33 -25.62 12.33
N LEU L 182 67.33 -24.90 12.84
CA LEU L 182 67.09 -24.02 13.97
C LEU L 182 66.13 -22.90 13.60
N GLN L 183 66.29 -22.31 12.41
CA GLN L 183 65.39 -21.25 11.98
C GLN L 183 63.97 -21.76 11.81
N GLN L 184 63.82 -22.97 11.26
CA GLN L 184 62.48 -23.56 11.14
C GLN L 184 61.86 -23.81 12.50
N ALA L 185 62.67 -24.26 13.46
CA ALA L 185 62.15 -24.46 14.82
C ALA L 185 61.70 -23.15 15.44
N LEU L 186 62.48 -22.08 15.27
CA LEU L 186 62.10 -20.78 15.80
C LEU L 186 60.81 -20.28 15.15
N GLN L 187 60.69 -20.44 13.83
CA GLN L 187 59.49 -20.00 13.14
C GLN L 187 58.28 -20.79 13.58
N LEU L 188 58.44 -22.11 13.77
CA LEU L 188 57.33 -22.93 14.25
C LEU L 188 56.91 -22.53 15.65
N ARG L 189 57.88 -22.25 16.53
CA ARG L 189 57.54 -21.80 17.87
C ARG L 189 56.80 -20.46 17.84
N THR L 190 57.24 -19.54 16.99
CA THR L 190 56.60 -18.24 16.89
C THR L 190 55.18 -18.37 16.35
N ASP L 191 54.99 -19.23 15.35
CA ASP L 191 53.69 -19.33 14.69
C ASP L 191 52.73 -20.21 15.47
N ASN L 192 53.13 -21.44 15.77
CA ASN L 192 52.24 -22.39 16.43
C ASN L 192 52.95 -23.07 17.60
N PRO L 193 52.72 -22.60 18.82
CA PRO L 193 53.39 -23.23 19.99
C PRO L 193 53.06 -24.70 20.15
N ARG L 194 51.81 -25.11 19.88
CA ARG L 194 51.43 -26.50 20.06
C ARG L 194 52.19 -27.42 19.11
N GLY L 195 52.31 -27.02 17.84
CA GLY L 195 53.13 -27.79 16.91
C GLY L 195 54.58 -27.87 17.35
N TYR L 196 55.10 -26.77 17.89
CA TYR L 196 56.47 -26.77 18.41
C TYR L 196 56.63 -27.77 19.54
N GLU L 197 55.66 -27.81 20.46
CA GLU L 197 55.74 -28.74 21.58
C GLU L 197 55.62 -30.19 21.11
N GLU L 198 54.79 -30.43 20.10
CA GLU L 198 54.45 -31.81 19.76
C GLU L 198 55.45 -32.43 18.79
N ASN L 199 55.99 -31.66 17.84
CA ASN L 199 56.68 -32.24 16.70
C ASN L 199 58.18 -31.94 16.61
N VAL L 200 58.67 -30.92 17.32
CA VAL L 200 60.04 -30.46 17.10
C VAL L 200 61.05 -31.46 17.66
N ASP L 201 60.70 -32.14 18.77
CA ASP L 201 61.50 -33.17 19.44
C ASP L 201 62.48 -32.54 20.43
N GLU L 202 63.02 -33.37 21.33
CA GLU L 202 63.68 -32.86 22.53
C GLU L 202 65.00 -32.17 22.22
N ALA L 203 65.80 -32.74 21.31
CA ALA L 203 67.13 -32.19 21.06
C ALA L 203 67.06 -30.78 20.48
N ILE L 204 66.21 -30.58 19.48
CA ILE L 204 66.06 -29.25 18.90
C ILE L 204 65.46 -28.29 19.92
N LYS L 205 64.57 -28.80 20.79
CA LYS L 205 64.03 -27.97 21.86
C LYS L 205 65.14 -27.48 22.79
N GLU L 206 66.07 -28.37 23.14
CA GLU L 206 67.22 -27.96 23.94
C GLU L 206 68.07 -26.94 23.19
N SER L 207 68.22 -27.11 21.88
CA SER L 207 68.97 -26.14 21.09
C SER L 207 68.31 -24.76 21.15
N VAL L 208 66.99 -24.70 21.01
CA VAL L 208 66.27 -23.44 21.10
C VAL L 208 66.37 -22.85 22.50
N ARG L 209 66.33 -23.70 23.53
CA ARG L 209 66.48 -23.19 24.89
C ARG L 209 67.84 -22.56 25.10
N PHE L 210 68.90 -23.20 24.60
CA PHE L 210 70.24 -22.63 24.73
C PHE L 210 70.37 -21.36 23.89
N PHE L 211 69.70 -21.30 22.75
CA PHE L 211 69.69 -20.08 21.95
C PHE L 211 69.02 -18.95 22.71
N ASP L 212 67.92 -19.25 23.40
CA ASP L 212 67.26 -18.24 24.22
C ASP L 212 68.17 -17.78 25.35
N GLU L 213 68.87 -18.72 26.00
CA GLU L 213 69.76 -18.34 27.09
C GLU L 213 71.01 -17.64 26.58
N THR L 214 71.64 -18.19 25.55
CA THR L 214 72.87 -17.64 24.99
C THR L 214 72.69 -17.37 23.50
N GLY L 215 73.16 -16.21 23.05
CA GLY L 215 72.93 -15.81 21.68
C GLY L 215 73.54 -16.76 20.66
N GLN L 216 74.67 -17.37 21.00
CA GLN L 216 75.34 -18.27 20.08
C GLN L 216 74.49 -19.53 19.85
N ALA L 217 74.38 -19.92 18.59
CA ALA L 217 73.63 -21.12 18.22
C ALA L 217 74.47 -22.36 18.48
N THR L 218 73.82 -23.41 18.98
CA THR L 218 74.50 -24.64 19.34
C THR L 218 73.67 -25.84 18.90
N TYR L 219 74.34 -26.98 18.75
CA TYR L 219 73.71 -28.25 18.41
C TYR L 219 74.01 -29.26 19.50
N ALA L 220 72.98 -30.01 19.91
CA ALA L 220 73.08 -30.93 21.04
C ALA L 220 72.90 -32.37 20.56
N VAL L 221 73.68 -33.28 21.13
CA VAL L 221 73.60 -34.71 20.85
C VAL L 221 73.40 -35.44 22.17
N GLN L 222 72.49 -36.41 22.18
CA GLN L 222 72.17 -37.13 23.41
C GLN L 222 73.34 -38.02 23.82
N THR L 223 73.59 -38.07 25.12
CA THR L 223 74.66 -38.89 25.69
C THR L 223 74.13 -39.97 26.63
N GLY L 224 73.30 -39.60 27.60
CA GLY L 224 72.77 -40.56 28.55
C GLY L 224 71.51 -40.03 29.20
N THR L 225 70.91 -40.88 30.03
CA THR L 225 69.68 -40.56 30.74
C THR L 225 69.93 -40.54 32.24
N THR L 226 69.46 -39.50 32.90
CA THR L 226 69.61 -39.33 34.35
C THR L 226 68.25 -39.07 34.97
N THR L 227 67.96 -39.74 36.08
CA THR L 227 66.70 -39.55 36.77
C THR L 227 66.67 -38.20 37.48
N THR L 228 65.56 -37.48 37.34
CA THR L 228 65.37 -36.18 37.96
C THR L 228 63.99 -36.12 38.58
N GLU L 229 63.83 -35.23 39.56
CA GLU L 229 62.57 -35.05 40.26
C GLU L 229 61.79 -33.92 39.60
N VAL L 230 60.57 -34.23 39.15
CA VAL L 230 59.70 -33.26 38.49
C VAL L 230 58.37 -33.22 39.22
N GLU L 231 57.86 -32.01 39.43
CA GLU L 231 56.59 -31.80 40.11
C GLU L 231 55.48 -31.63 39.09
N VAL L 232 54.47 -32.49 39.18
CA VAL L 232 53.31 -32.46 38.28
C VAL L 232 52.11 -31.93 39.07
N PRO L 233 51.64 -30.72 38.80
CA PRO L 233 50.49 -30.19 39.54
C PRO L 233 49.17 -30.74 39.02
N LEU L 234 48.43 -31.45 39.88
CA LEU L 234 47.14 -31.99 39.46
C LEU L 234 46.09 -30.89 39.35
N ALA L 235 46.03 -30.00 40.33
CA ALA L 235 44.97 -28.98 40.38
C ALA L 235 45.60 -27.61 40.59
N ASN L 236 45.22 -26.66 39.73
CA ASN L 236 45.58 -25.25 39.86
C ASN L 236 44.41 -24.46 39.27
N HIS L 237 43.49 -24.04 40.13
CA HIS L 237 42.26 -23.39 39.68
C HIS L 237 41.61 -22.67 40.84
N PRO L 238 41.03 -21.50 40.60
CA PRO L 238 40.31 -20.80 41.66
C PRO L 238 39.01 -21.52 42.00
N THR L 239 38.57 -21.33 43.25
CA THR L 239 37.33 -21.92 43.74
C THR L 239 36.47 -20.82 44.36
N VAL L 240 35.19 -20.82 44.02
CA VAL L 240 34.21 -19.91 44.61
C VAL L 240 33.11 -20.76 45.23
N GLU L 241 32.72 -20.43 46.46
CA GLU L 241 31.73 -21.18 47.20
C GLU L 241 30.80 -20.22 47.93
N MET L 242 29.50 -20.48 47.85
CA MET L 242 28.54 -19.67 48.59
C MET L 242 28.53 -20.10 50.06
N LEU L 243 28.44 -19.11 50.95
CA LEU L 243 28.59 -19.33 52.38
C LEU L 243 27.25 -19.19 53.08
N ASN L 244 27.01 -20.06 54.06
CA ASN L 244 25.86 -19.92 54.93
C ASN L 244 26.03 -18.65 55.78
N PRO L 245 25.00 -17.80 55.82
CA PRO L 245 25.13 -16.56 56.62
C PRO L 245 25.43 -16.81 58.09
N GLU L 246 25.02 -17.96 58.63
CA GLU L 246 25.29 -18.26 60.03
C GLU L 246 26.78 -18.51 60.26
N ASN L 247 27.49 -18.97 59.23
CA ASN L 247 28.89 -19.36 59.41
C ASN L 247 29.80 -18.15 59.53
N ILE L 248 29.56 -17.11 58.72
CA ILE L 248 30.47 -15.97 58.64
C ILE L 248 30.01 -14.89 59.60
N ILE L 249 30.95 -14.31 60.33
CA ILE L 249 30.69 -13.21 61.25
C ILE L 249 31.52 -12.01 60.80
N ILE L 250 30.87 -10.87 60.64
CA ILE L 250 31.49 -9.67 60.10
C ILE L 250 31.52 -8.61 61.20
N ASP L 251 32.50 -7.72 61.11
CA ASP L 251 32.66 -6.66 62.11
C ASP L 251 31.41 -5.79 62.15
N PRO L 252 30.77 -5.64 63.31
CA PRO L 252 29.56 -4.80 63.38
C PRO L 252 29.83 -3.31 63.25
N SER L 253 31.06 -2.86 63.50
CA SER L 253 31.40 -1.44 63.46
C SER L 253 31.88 -1.00 62.09
N CYS L 254 31.46 -1.70 61.02
CA CYS L 254 31.91 -1.35 59.68
C CYS L 254 31.19 -0.12 59.13
N GLN L 255 30.17 0.37 59.82
CA GLN L 255 29.40 1.53 59.40
C GLN L 255 28.73 1.30 58.04
N GLY L 256 28.27 0.08 57.79
CA GLY L 256 27.53 -0.24 56.59
C GLY L 256 28.36 -0.50 55.35
N ASP L 257 29.69 -0.49 55.46
CA ASP L 257 30.57 -0.73 54.32
C ASP L 257 31.44 -1.94 54.60
N ILE L 258 31.45 -2.89 53.67
CA ILE L 258 32.21 -4.12 53.86
C ILE L 258 33.72 -3.82 53.87
N ASN L 259 34.14 -2.85 53.05
CA ASN L 259 35.56 -2.51 53.00
C ASN L 259 36.04 -1.88 54.31
N LYS L 260 35.13 -1.25 55.05
CA LYS L 260 35.50 -0.61 56.30
C LYS L 260 35.60 -1.62 57.44
N ALA L 261 35.21 -2.86 57.21
CA ALA L 261 35.24 -3.87 58.26
C ALA L 261 36.67 -4.19 58.67
N MET L 262 36.90 -4.29 59.97
CA MET L 262 38.24 -4.58 60.47
C MET L 262 38.60 -6.06 60.30
N PHE L 263 37.63 -6.95 60.51
CA PHE L 263 37.91 -8.38 60.50
C PHE L 263 36.68 -9.15 60.04
N ALA L 264 36.92 -10.41 59.64
CA ALA L 264 35.86 -11.33 59.26
C ALA L 264 36.29 -12.74 59.62
N ILE L 265 35.36 -13.52 60.18
CA ILE L 265 35.63 -14.87 60.65
C ILE L 265 34.66 -15.82 59.98
N VAL L 266 35.19 -16.91 59.43
CA VAL L 266 34.40 -17.92 58.73
C VAL L 266 34.80 -19.30 59.24
N SER L 267 33.82 -20.18 59.42
CA SER L 267 34.05 -21.54 59.89
C SER L 267 33.63 -22.53 58.81
N PHE L 268 34.48 -23.54 58.59
CA PHE L 268 34.25 -24.53 57.53
C PHE L 268 34.70 -25.89 58.02
N GLU L 269 34.28 -26.92 57.28
CA GLU L 269 34.66 -28.30 57.56
C GLU L 269 35.82 -28.70 56.66
N THR L 270 36.84 -29.33 57.24
CA THR L 270 38.02 -29.73 56.51
C THR L 270 38.54 -31.06 57.08
N CYS L 271 39.38 -31.72 56.29
CA CYS L 271 39.97 -33.00 56.68
C CYS L 271 41.48 -32.86 56.74
N LYS L 272 42.14 -33.90 57.25
CA LYS L 272 43.59 -33.87 57.40
C LYS L 272 44.29 -33.85 56.05
N ALA L 273 43.69 -34.49 55.04
CA ALA L 273 44.30 -34.51 53.71
C ALA L 273 44.40 -33.11 53.12
N ASP L 274 43.36 -32.29 53.32
CA ASP L 274 43.38 -30.92 52.82
C ASP L 274 44.51 -30.12 53.44
N LEU L 275 44.72 -30.29 54.76
CA LEU L 275 45.81 -29.59 55.43
C LEU L 275 47.17 -30.12 54.98
N LEU L 276 47.28 -31.43 54.74
CA LEU L 276 48.53 -32.02 54.30
C LEU L 276 48.85 -31.71 52.84
N LYS L 277 47.85 -31.26 52.06
CA LYS L 277 48.15 -30.83 50.69
C LYS L 277 49.22 -29.76 50.66
N GLU L 278 49.18 -28.82 51.60
CA GLU L 278 50.19 -27.77 51.74
C GLU L 278 50.80 -27.90 53.13
N LYS L 279 51.85 -28.72 53.24
CA LYS L 279 52.46 -28.98 54.54
C LYS L 279 53.14 -27.74 55.10
N ASP L 280 53.77 -26.93 54.23
CA ASP L 280 54.52 -25.78 54.70
C ASP L 280 53.61 -24.74 55.34
N ARG L 281 52.39 -24.60 54.83
CA ARG L 281 51.49 -23.56 55.33
C ARG L 281 51.09 -23.81 56.78
N TYR L 282 50.82 -25.05 57.14
CA TYR L 282 50.25 -25.37 58.44
C TYR L 282 51.30 -25.97 59.37
N HIS L 283 51.18 -25.66 60.66
CA HIS L 283 52.05 -26.20 61.70
C HIS L 283 51.20 -26.78 62.81
N ASN L 284 51.87 -27.50 63.72
CA ASN L 284 51.24 -28.08 64.92
C ASN L 284 50.08 -28.99 64.57
N LEU L 285 50.21 -29.77 63.49
CA LEU L 285 49.15 -30.70 63.11
C LEU L 285 49.08 -31.88 64.08
N ASN L 286 50.20 -32.26 64.67
CA ASN L 286 50.22 -33.41 65.58
C ASN L 286 49.47 -33.10 66.87
N LYS L 287 49.54 -31.85 67.35
CA LYS L 287 48.91 -31.50 68.61
C LYS L 287 47.39 -31.52 68.51
N ILE L 288 46.84 -31.50 67.30
CA ILE L 288 45.40 -31.44 67.14
C ILE L 288 44.76 -32.74 67.61
N ASP L 289 43.70 -32.61 68.40
CA ASP L 289 42.87 -33.73 68.80
C ASP L 289 41.61 -33.74 67.93
N TRP L 290 41.54 -34.72 67.02
CA TRP L 290 40.51 -34.71 65.99
C TRP L 290 39.13 -34.96 66.57
N GLN L 291 39.03 -35.81 67.59
CA GLN L 291 37.73 -36.15 68.15
C GLN L 291 37.09 -34.97 68.85
N SER L 292 37.90 -34.12 69.50
CA SER L 292 37.35 -32.99 70.24
C SER L 292 36.66 -32.00 69.30
N SER L 293 37.24 -31.74 68.14
CA SER L 293 36.69 -30.81 67.17
C SER L 293 35.86 -31.58 66.15
N ALA L 294 34.55 -31.58 66.33
CA ALA L 294 33.64 -32.31 65.45
C ALA L 294 32.42 -31.43 65.21
N PRO L 295 31.73 -31.62 64.08
CA PRO L 295 30.51 -30.83 63.84
C PRO L 295 29.45 -30.99 64.92
N VAL L 296 29.31 -32.20 65.47
CA VAL L 296 28.35 -32.41 66.56
C VAL L 296 28.82 -31.71 67.82
N ASN L 297 30.14 -31.67 68.04
CA ASN L 297 30.67 -31.08 69.26
C ASN L 297 30.41 -29.58 69.33
N GLU L 298 30.37 -28.90 68.17
CA GLU L 298 30.14 -27.47 68.13
C GLU L 298 28.74 -27.17 67.61
N PRO L 299 27.78 -26.82 68.48
CA PRO L 299 26.46 -26.44 67.96
C PRO L 299 26.48 -25.23 67.04
N ASP L 300 27.48 -24.36 67.18
CA ASP L 300 27.46 -23.09 66.46
C ASP L 300 27.54 -23.30 64.95
N HIS L 301 28.38 -24.24 64.51
CA HIS L 301 28.51 -24.49 63.08
C HIS L 301 27.22 -25.09 62.52
N ALA L 302 26.76 -24.54 61.40
CA ALA L 302 25.53 -24.98 60.75
C ALA L 302 25.89 -25.72 59.47
N THR L 303 25.47 -26.98 59.38
CA THR L 303 25.79 -27.82 58.25
C THR L 303 24.68 -28.85 58.05
N THR L 304 24.66 -29.44 56.86
CA THR L 304 23.70 -30.49 56.53
C THR L 304 24.21 -31.88 56.83
N THR L 305 25.45 -32.01 57.32
CA THR L 305 26.00 -33.31 57.62
C THR L 305 25.23 -33.95 58.78
N PRO L 306 24.86 -35.22 58.66
CA PRO L 306 24.18 -35.90 59.77
C PRO L 306 25.06 -35.94 61.01
N GLN L 307 24.43 -35.82 62.18
CA GLN L 307 25.17 -35.78 63.44
C GLN L 307 25.90 -37.09 63.69
N GLU L 308 25.26 -38.23 63.42
CA GLU L 308 25.83 -39.53 63.73
C GLU L 308 26.70 -40.09 62.62
N PHE L 309 26.78 -39.43 61.47
CA PHE L 309 27.64 -39.90 60.39
C PHE L 309 29.10 -39.72 60.77
N GLN L 310 29.92 -40.73 60.48
CA GLN L 310 31.33 -40.68 60.82
C GLN L 310 32.12 -41.56 59.87
N ILE L 311 33.20 -41.00 59.30
CA ILE L 311 34.06 -41.77 58.40
C ILE L 311 35.08 -42.55 59.22
N SER L 312 35.26 -43.83 58.87
CA SER L 312 36.17 -44.69 59.62
C SER L 312 37.62 -44.23 59.49
N ASP L 313 38.04 -43.87 58.28
CA ASP L 313 39.45 -43.56 58.06
C ASP L 313 39.81 -42.25 58.76
N PRO L 314 40.85 -42.26 59.60
CA PRO L 314 41.26 -41.01 60.26
C PRO L 314 41.69 -39.91 59.30
N MET L 315 42.30 -40.27 58.18
CA MET L 315 42.79 -39.26 57.25
C MET L 315 41.64 -38.50 56.59
N ARG L 316 40.51 -39.19 56.35
CA ARG L 316 39.39 -38.61 55.65
C ARG L 316 38.32 -38.03 56.59
N LYS L 317 38.58 -38.02 57.89
CA LYS L 317 37.58 -37.50 58.83
C LYS L 317 37.55 -35.97 58.77
N ARG L 318 36.34 -35.43 58.90
CA ARG L 318 36.10 -34.00 58.76
C ARG L 318 36.08 -33.33 60.13
N VAL L 319 36.80 -32.22 60.26
CA VAL L 319 36.87 -31.45 61.50
C VAL L 319 36.58 -29.99 61.18
N VAL L 320 35.94 -29.29 62.11
CA VAL L 320 35.61 -27.89 61.92
C VAL L 320 36.83 -27.02 62.21
N ALA L 321 37.03 -26.00 61.38
CA ALA L 321 38.15 -25.09 61.53
C ALA L 321 37.66 -23.65 61.37
N TYR L 322 38.43 -22.72 61.91
CA TYR L 322 38.10 -21.30 61.87
C TYR L 322 39.24 -20.52 61.22
N GLU L 323 38.90 -19.43 60.54
CA GLU L 323 39.88 -18.54 59.95
C GLU L 323 39.56 -17.10 60.34
N TYR L 324 40.60 -16.29 60.43
CA TYR L 324 40.48 -14.89 60.82
C TYR L 324 41.15 -14.02 59.76
N TRP L 325 40.34 -13.31 58.98
CA TRP L 325 40.83 -12.39 57.96
C TRP L 325 40.61 -10.97 58.47
N GLY L 326 41.70 -10.23 58.65
CA GLY L 326 41.60 -8.89 59.19
C GLY L 326 42.91 -8.16 59.15
N PHE L 327 42.90 -6.94 59.70
CA PHE L 327 44.06 -6.07 59.73
C PHE L 327 44.61 -6.00 61.15
N TRP L 328 45.93 -6.17 61.29
CA TRP L 328 46.58 -6.15 62.58
C TRP L 328 47.86 -5.34 62.49
N ASP L 329 48.25 -4.76 63.62
CA ASP L 329 49.52 -4.03 63.74
C ASP L 329 50.59 -5.05 64.12
N ILE L 330 51.24 -5.62 63.11
CA ILE L 330 52.18 -6.71 63.35
C ILE L 330 53.44 -6.19 64.04
N GLU L 331 53.95 -5.04 63.61
CA GLU L 331 55.19 -4.50 64.14
C GLU L 331 54.99 -3.52 65.29
N GLY L 332 53.74 -3.19 65.62
CA GLY L 332 53.44 -2.38 66.79
C GLY L 332 53.73 -0.89 66.65
N ASN L 333 53.99 -0.40 65.44
CA ASN L 333 54.29 1.01 65.25
C ASN L 333 53.09 1.82 64.77
N GLY L 334 51.90 1.24 64.77
CA GLY L 334 50.71 1.95 64.32
C GLY L 334 50.33 1.71 62.88
N VAL L 335 50.90 0.71 62.23
CA VAL L 335 50.62 0.40 60.84
C VAL L 335 49.85 -0.91 60.78
N LEU L 336 48.67 -0.89 60.16
CA LEU L 336 47.83 -2.06 60.04
C LEU L 336 48.01 -2.70 58.68
N GLU L 337 48.23 -4.02 58.67
CA GLU L 337 48.37 -4.78 57.44
C GLU L 337 47.49 -6.02 57.49
N PRO L 338 47.01 -6.49 56.33
CA PRO L 338 46.14 -7.67 56.33
C PRO L 338 46.89 -8.93 56.74
N ILE L 339 46.18 -9.81 57.45
CA ILE L 339 46.75 -11.08 57.93
C ILE L 339 45.71 -12.17 57.77
N VAL L 340 46.14 -13.41 57.99
CA VAL L 340 45.26 -14.57 58.03
C VAL L 340 45.72 -15.48 59.16
N ALA L 341 44.76 -16.02 59.92
CA ALA L 341 45.05 -16.92 61.02
C ALA L 341 44.03 -18.04 61.04
N THR L 342 44.50 -19.28 61.17
CA THR L 342 43.65 -20.46 61.18
C THR L 342 43.92 -21.26 62.45
N TRP L 343 42.86 -21.63 63.17
CA TRP L 343 43.00 -22.44 64.37
C TRP L 343 41.93 -23.52 64.40
N ILE L 344 42.29 -24.69 64.93
CA ILE L 344 41.36 -25.79 65.13
C ILE L 344 41.27 -26.07 66.62
N GLY L 345 40.06 -26.02 67.16
CA GLY L 345 39.90 -26.21 68.59
C GLY L 345 40.52 -25.07 69.36
N SER L 346 41.59 -25.37 70.09
CA SER L 346 42.34 -24.38 70.84
C SER L 346 43.79 -24.27 70.40
N THR L 347 44.13 -24.79 69.22
CA THR L 347 45.49 -24.80 68.72
C THR L 347 45.56 -23.95 67.45
N LEU L 348 46.54 -23.06 67.39
CA LEU L 348 46.76 -22.20 66.22
C LEU L 348 47.71 -22.91 65.27
N ILE L 349 47.23 -23.17 64.05
CA ILE L 349 48.01 -23.99 63.13
C ILE L 349 48.69 -23.12 62.06
N ARG L 350 48.07 -22.02 61.66
CA ARG L 350 48.56 -21.22 60.55
C ARG L 350 48.51 -19.74 60.92
N LEU L 351 49.57 -19.02 60.57
CA LEU L 351 49.65 -17.58 60.82
C LEU L 351 50.60 -16.96 59.81
N GLU L 352 50.08 -16.09 58.95
CA GLU L 352 50.89 -15.43 57.93
C GLU L 352 50.12 -14.24 57.40
N LYS L 353 50.74 -13.55 56.43
CA LYS L 353 50.12 -12.39 55.82
C LYS L 353 49.09 -12.81 54.76
N ASN L 354 48.42 -11.82 54.21
CA ASN L 354 47.41 -12.09 53.18
C ASN L 354 48.10 -12.51 51.89
N PRO L 355 47.80 -13.70 51.37
CA PRO L 355 48.50 -14.14 50.15
C PRO L 355 47.99 -13.49 48.88
N TYR L 356 46.70 -13.17 48.82
CA TYR L 356 46.12 -12.67 47.57
C TYR L 356 46.60 -11.25 47.27
N PRO L 357 46.87 -10.95 45.99
CA PRO L 357 47.44 -9.64 45.65
C PRO L 357 46.53 -8.46 45.97
N ASP L 358 45.22 -8.65 45.92
CA ASP L 358 44.30 -7.53 46.09
C ASP L 358 44.42 -6.90 47.47
N GLY L 359 44.69 -7.72 48.49
CA GLY L 359 44.85 -7.23 49.83
C GLY L 359 43.56 -6.97 50.59
N LYS L 360 42.42 -7.42 50.08
CA LYS L 360 41.14 -7.26 50.73
C LYS L 360 40.59 -8.61 51.14
N LEU L 361 39.60 -8.57 52.03
CA LEU L 361 38.97 -9.81 52.47
C LEU L 361 38.27 -10.48 51.29
N PRO L 362 38.44 -11.79 51.11
CA PRO L 362 37.84 -12.48 49.95
C PRO L 362 36.37 -12.80 50.14
N PHE L 363 35.57 -11.76 50.39
CA PHE L 363 34.13 -11.91 50.57
C PHE L 363 33.42 -10.83 49.78
N VAL L 364 32.29 -11.22 49.18
CA VAL L 364 31.47 -10.32 48.38
C VAL L 364 30.03 -10.45 48.86
N LEU L 365 29.40 -9.30 49.17
CA LEU L 365 28.03 -9.27 49.67
C LEU L 365 27.14 -8.57 48.65
N ILE L 366 25.98 -9.17 48.40
CA ILE L 366 25.02 -8.66 47.43
C ILE L 366 23.66 -8.60 48.10
N PRO L 367 23.05 -7.42 48.27
CA PRO L 367 21.75 -7.35 48.92
C PRO L 367 20.59 -7.41 47.94
N TYR L 368 19.52 -8.11 48.34
CA TYR L 368 18.33 -8.19 47.49
C TYR L 368 17.59 -6.87 47.46
N MET L 369 17.22 -6.36 48.63
CA MET L 369 16.58 -5.05 48.76
C MET L 369 17.44 -4.22 49.72
N PRO L 370 18.19 -3.25 49.23
CA PRO L 370 19.13 -2.53 50.10
C PRO L 370 18.43 -1.75 51.19
N VAL L 371 19.10 -1.64 52.33
CA VAL L 371 18.68 -0.80 53.44
C VAL L 371 19.71 0.32 53.58
N LYS L 372 19.23 1.56 53.60
CA LYS L 372 20.14 2.71 53.59
C LYS L 372 21.04 2.69 54.81
N ARG L 373 22.35 2.91 54.57
CA ARG L 373 23.36 2.91 55.62
C ARG L 373 23.36 1.60 56.41
N ASP L 374 23.18 0.49 55.71
CA ASP L 374 23.19 -0.83 56.33
C ASP L 374 23.80 -1.84 55.36
N MET L 375 24.48 -2.84 55.91
CA MET L 375 25.13 -3.85 55.08
C MET L 375 24.13 -4.80 54.45
N TYR L 376 23.16 -5.27 55.24
CA TYR L 376 22.32 -6.37 54.82
C TYR L 376 21.13 -5.89 53.99
N GLY L 377 20.40 -6.85 53.43
CA GLY L 377 19.22 -6.56 52.66
C GLY L 377 18.00 -7.27 53.23
N GLU L 378 16.87 -7.07 52.57
CA GLU L 378 15.64 -7.67 53.07
C GLU L 378 14.92 -8.45 51.99
N PRO L 379 14.26 -9.55 52.35
CA PRO L 379 13.45 -10.30 51.38
C PRO L 379 12.04 -9.75 51.30
N ASP L 380 11.22 -10.42 50.48
CA ASP L 380 9.85 -9.98 50.28
C ASP L 380 8.89 -10.57 51.32
N ALA L 381 9.36 -11.50 52.15
CA ALA L 381 8.47 -12.12 53.14
C ALA L 381 8.01 -11.13 54.19
N GLU L 382 8.84 -10.12 54.50
CA GLU L 382 8.48 -9.12 55.50
C GLU L 382 7.16 -8.44 55.16
N LEU L 383 6.95 -8.13 53.88
CA LEU L 383 5.74 -7.43 53.49
C LEU L 383 4.55 -8.37 53.34
N LEU L 384 4.81 -9.66 53.13
CA LEU L 384 3.78 -10.59 52.70
C LEU L 384 3.35 -11.58 53.78
N GLY L 385 4.00 -11.56 54.95
CA GLY L 385 3.62 -12.51 56.00
C GLY L 385 2.17 -12.37 56.44
N ASP L 386 1.73 -11.13 56.70
CA ASP L 386 0.38 -10.90 57.16
C ASP L 386 -0.65 -11.27 56.09
N ASN L 387 -0.36 -10.92 54.83
CA ASN L 387 -1.26 -11.29 53.74
C ASN L 387 -1.36 -12.81 53.61
N GLN L 388 -0.23 -13.51 53.74
CA GLN L 388 -0.25 -14.97 53.70
C GLN L 388 -1.10 -15.54 54.83
N ALA L 389 -0.96 -14.98 56.03
CA ALA L 389 -1.76 -15.46 57.15
C ALA L 389 -3.25 -15.25 56.91
N VAL L 390 -3.63 -14.07 56.43
CA VAL L 390 -5.05 -13.80 56.19
C VAL L 390 -5.61 -14.70 55.09
N LEU L 391 -4.84 -14.89 54.01
CA LEU L 391 -5.31 -15.76 52.94
C LEU L 391 -5.46 -17.20 53.41
N GLY L 392 -4.51 -17.68 54.21
CA GLY L 392 -4.63 -19.02 54.77
C GLY L 392 -5.85 -19.16 55.66
N ALA L 393 -6.12 -18.13 56.48
CA ALA L 393 -7.29 -18.17 57.34
C ALA L 393 -8.59 -18.22 56.52
N VAL L 394 -8.67 -17.43 55.46
CA VAL L 394 -9.87 -17.43 54.61
C VAL L 394 -10.05 -18.79 53.94
N MET L 395 -8.96 -19.36 53.42
CA MET L 395 -9.05 -20.66 52.76
C MET L 395 -9.47 -21.74 53.76
N ARG L 396 -8.91 -21.70 54.97
CA ARG L 396 -9.30 -22.66 56.00
C ARG L 396 -10.77 -22.52 56.35
N GLY L 397 -11.27 -21.29 56.45
CA GLY L 397 -12.68 -21.09 56.72
C GLY L 397 -13.56 -21.68 55.63
N MET L 398 -13.20 -21.44 54.37
CA MET L 398 -13.99 -22.00 53.27
C MET L 398 -13.99 -23.52 53.30
N ILE L 399 -12.82 -24.13 53.50
CA ILE L 399 -12.73 -25.58 53.47
C ILE L 399 -13.46 -26.19 54.65
N ASP L 400 -13.38 -25.56 55.83
CA ASP L 400 -14.13 -26.04 56.98
C ASP L 400 -15.63 -25.95 56.72
N LEU L 401 -16.08 -24.83 56.13
CA LEU L 401 -17.50 -24.67 55.81
C LEU L 401 -17.99 -25.79 54.90
N LEU L 402 -17.20 -26.11 53.86
CA LEU L 402 -17.63 -27.17 52.96
C LEU L 402 -17.56 -28.55 53.62
N GLY L 403 -16.47 -28.84 54.33
CA GLY L 403 -16.27 -30.17 54.86
C GLY L 403 -17.22 -30.53 55.98
N ARG L 404 -17.51 -29.58 56.88
CA ARG L 404 -18.30 -29.91 58.07
C ARG L 404 -19.76 -30.12 57.72
N SER L 405 -20.19 -29.70 56.54
CA SER L 405 -21.59 -29.86 56.16
C SER L 405 -21.89 -31.32 55.82
N ALA L 406 -23.17 -31.69 55.96
CA ALA L 406 -23.59 -33.04 55.62
C ALA L 406 -24.02 -33.10 54.15
N ASN L 407 -23.48 -34.08 53.43
CA ASN L 407 -23.74 -34.23 52.00
C ASN L 407 -24.15 -35.68 51.71
N GLY L 408 -25.18 -35.84 50.88
CA GLY L 408 -25.64 -37.14 50.46
C GLY L 408 -26.68 -37.78 51.35
N GLN L 409 -26.97 -37.20 52.50
CA GLN L 409 -27.97 -37.77 53.40
C GLN L 409 -29.38 -37.48 52.88
N ARG L 410 -30.32 -38.35 53.25
CA ARG L 410 -31.71 -38.22 52.86
C ARG L 410 -32.59 -38.27 54.11
N GLY L 411 -33.50 -37.31 54.24
CA GLY L 411 -34.42 -37.24 55.35
C GLY L 411 -35.87 -37.36 54.87
N MET L 412 -36.61 -38.25 55.53
CA MET L 412 -37.98 -38.54 55.17
C MET L 412 -38.89 -38.33 56.36
N PRO L 413 -39.95 -37.53 56.23
CA PRO L 413 -40.85 -37.29 57.37
C PRO L 413 -41.64 -38.54 57.72
N LYS L 414 -42.03 -38.62 58.99
CA LYS L 414 -42.78 -39.77 59.48
C LYS L 414 -44.23 -39.72 59.00
N GLY L 415 -44.77 -40.89 58.63
CA GLY L 415 -46.15 -41.01 58.28
C GLY L 415 -46.48 -40.91 56.81
N MET L 416 -45.53 -40.52 55.96
CA MET L 416 -45.82 -40.45 54.54
C MET L 416 -46.04 -41.84 53.95
N LEU L 417 -45.15 -42.78 54.23
CA LEU L 417 -45.21 -44.12 53.66
C LEU L 417 -45.26 -45.17 54.76
N ASP L 418 -46.13 -46.16 54.59
CA ASP L 418 -46.14 -47.29 55.50
C ASP L 418 -44.95 -48.21 55.20
N ALA L 419 -44.94 -49.37 55.87
CA ALA L 419 -43.78 -50.25 55.80
C ALA L 419 -43.52 -50.72 54.37
N LEU L 420 -44.55 -51.24 53.70
CA LEU L 420 -44.35 -51.81 52.37
C LEU L 420 -43.96 -50.73 51.36
N ASN L 421 -44.63 -49.58 51.40
CA ASN L 421 -44.29 -48.50 50.47
C ASN L 421 -42.90 -47.94 50.74
N SER L 422 -42.53 -47.83 52.02
CA SER L 422 -41.20 -47.37 52.36
C SER L 422 -40.13 -48.33 51.84
N ARG L 423 -40.36 -49.63 52.00
CA ARG L 423 -39.42 -50.61 51.47
C ARG L 423 -39.35 -50.51 49.95
N ARG L 424 -40.49 -50.37 49.29
CA ARG L 424 -40.49 -50.24 47.83
C ARG L 424 -39.71 -49.00 47.38
N TYR L 425 -39.87 -47.90 48.10
CA TYR L 425 -39.09 -46.70 47.80
C TYR L 425 -37.60 -46.93 48.00
N ARG L 426 -37.23 -47.63 49.08
CA ARG L 426 -35.83 -47.84 49.38
C ARG L 426 -35.15 -48.73 48.34
N GLU L 427 -35.83 -49.80 47.91
CA GLU L 427 -35.23 -50.68 46.90
C GLU L 427 -35.06 -49.97 45.56
N GLY L 428 -35.99 -49.08 45.22
CA GLY L 428 -35.86 -48.33 43.99
C GLY L 428 -36.94 -48.57 42.97
N GLU L 429 -38.16 -48.86 43.43
CA GLU L 429 -39.29 -49.09 42.55
C GLU L 429 -40.43 -48.14 42.90
N ASP L 430 -41.51 -48.22 42.12
CA ASP L 430 -42.61 -47.29 42.27
C ASP L 430 -43.32 -47.50 43.61
N TYR L 431 -43.93 -46.43 44.12
CA TYR L 431 -44.56 -46.44 45.43
C TYR L 431 -45.81 -45.59 45.40
N GLU L 432 -46.53 -45.58 46.53
CA GLU L 432 -47.70 -44.75 46.72
C GLU L 432 -47.58 -44.03 48.06
N TYR L 433 -47.89 -42.74 48.05
CA TYR L 433 -47.73 -41.89 49.24
C TYR L 433 -49.06 -41.33 49.68
N ASN L 434 -49.12 -40.94 50.95
CA ASN L 434 -50.33 -40.32 51.49
C ASN L 434 -50.47 -38.92 50.91
N PRO L 435 -51.67 -38.55 50.43
CA PRO L 435 -51.83 -37.24 49.78
C PRO L 435 -51.59 -36.05 50.70
N THR L 436 -51.64 -36.26 52.02
CA THR L 436 -51.47 -35.15 52.96
C THR L 436 -50.07 -34.54 52.84
N GLN L 437 -49.04 -35.36 52.68
CA GLN L 437 -47.67 -34.89 52.56
C GLN L 437 -47.18 -35.11 51.13
N ASN L 438 -46.57 -34.07 50.56
CA ASN L 438 -46.11 -34.13 49.18
C ASN L 438 -44.62 -34.43 49.15
N PRO L 439 -44.19 -35.58 48.60
CA PRO L 439 -42.77 -35.96 48.69
C PRO L 439 -41.83 -35.00 47.96
N ALA L 440 -42.35 -34.13 47.10
CA ALA L 440 -41.50 -33.23 46.35
C ALA L 440 -40.71 -32.29 47.27
N GLN L 441 -41.38 -31.78 48.32
CA GLN L 441 -40.72 -30.86 49.23
C GLN L 441 -40.26 -31.56 50.51
N MET L 442 -41.05 -32.54 50.98
CA MET L 442 -40.77 -33.15 52.27
C MET L 442 -39.49 -34.00 52.23
N ILE L 443 -39.27 -34.73 51.15
CA ILE L 443 -38.03 -35.48 51.01
C ILE L 443 -36.89 -34.51 50.73
N ILE L 444 -35.84 -34.57 51.54
CA ILE L 444 -34.76 -33.59 51.52
C ILE L 444 -33.45 -34.30 51.23
N GLU L 445 -32.74 -33.82 50.22
CA GLU L 445 -31.38 -34.25 49.92
C GLU L 445 -30.43 -33.13 50.27
N HIS L 446 -29.48 -33.40 51.16
CA HIS L 446 -28.59 -32.36 51.64
C HIS L 446 -27.50 -32.06 50.60
N LYS L 447 -27.03 -30.82 50.61
CA LYS L 447 -26.07 -30.34 49.62
C LYS L 447 -25.06 -29.43 50.28
N PHE L 448 -24.03 -29.08 49.52
CA PHE L 448 -23.02 -28.16 50.02
C PHE L 448 -23.61 -26.76 50.20
N PRO L 449 -23.28 -26.06 51.27
CA PRO L 449 -23.74 -24.68 51.41
C PRO L 449 -23.06 -23.77 50.40
N GLU L 450 -23.74 -22.68 50.05
CA GLU L 450 -23.20 -21.76 49.07
C GLU L 450 -22.17 -20.82 49.71
N LEU L 451 -21.06 -20.62 49.02
CA LEU L 451 -19.97 -19.83 49.56
C LEU L 451 -20.32 -18.34 49.54
N PRO L 452 -20.05 -17.61 50.62
CA PRO L 452 -20.27 -16.16 50.60
C PRO L 452 -19.27 -15.45 49.71
N GLN L 453 -19.66 -14.26 49.23
CA GLN L 453 -18.79 -13.49 48.36
C GLN L 453 -17.67 -12.81 49.13
N SER L 454 -17.82 -12.68 50.45
CA SER L 454 -16.83 -11.98 51.25
C SER L 454 -15.48 -12.68 51.22
N ALA L 455 -15.49 -14.02 51.30
CA ALA L 455 -14.23 -14.76 51.30
C ALA L 455 -13.47 -14.56 50.00
N LEU L 456 -14.16 -14.67 48.86
CA LEU L 456 -13.51 -14.47 47.56
C LEU L 456 -13.03 -13.04 47.42
N THR L 457 -13.84 -12.06 47.85
CA THR L 457 -13.43 -10.67 47.75
C THR L 457 -12.19 -10.39 48.57
N MET L 458 -12.12 -10.91 49.79
CA MET L 458 -10.96 -10.66 50.64
C MET L 458 -9.73 -11.40 50.13
N ALA L 459 -9.90 -12.61 49.59
CA ALA L 459 -8.77 -13.30 48.98
C ALA L 459 -8.22 -12.51 47.80
N THR L 460 -9.11 -11.96 46.97
CA THR L 460 -8.67 -11.13 45.85
C THR L 460 -7.96 -9.87 46.36
N LEU L 461 -8.48 -9.26 47.42
CA LEU L 461 -7.84 -8.06 47.97
C LEU L 461 -6.43 -8.37 48.48
N GLN L 462 -6.28 -9.50 49.20
CA GLN L 462 -4.95 -9.86 49.69
C GLN L 462 -3.99 -10.16 48.54
N ASN L 463 -4.47 -10.86 47.50
CA ASN L 463 -3.61 -11.14 46.37
C ASN L 463 -3.18 -9.86 45.66
N GLN L 464 -4.13 -8.93 45.46
CA GLN L 464 -3.80 -7.66 44.81
C GLN L 464 -2.82 -6.85 45.64
N GLU L 465 -3.02 -6.80 46.95
CA GLU L 465 -2.10 -6.07 47.81
C GLU L 465 -0.70 -6.67 47.77
N ALA L 466 -0.61 -8.00 47.79
CA ALA L 466 0.69 -8.65 47.70
C ALA L 466 1.37 -8.36 46.37
N GLU L 467 0.62 -8.43 45.26
CA GLU L 467 1.20 -8.15 43.95
C GLU L 467 1.65 -6.70 43.85
N SER L 468 0.89 -5.78 44.44
CA SER L 468 1.27 -4.37 44.41
C SER L 468 2.54 -4.13 45.23
N LEU L 469 2.61 -4.70 46.43
CA LEU L 469 3.79 -4.51 47.27
C LEU L 469 5.03 -5.13 46.63
N THR L 470 4.92 -6.38 46.18
CA THR L 470 6.08 -7.07 45.62
C THR L 470 6.40 -6.55 44.21
N GLY L 471 5.38 -6.29 43.41
CA GLY L 471 5.59 -5.90 42.03
C GLY L 471 5.75 -7.05 41.05
N VAL L 472 5.39 -8.26 41.45
CA VAL L 472 5.51 -9.45 40.60
C VAL L 472 4.13 -10.03 40.37
N LYS L 473 3.80 -10.31 39.11
CA LYS L 473 2.53 -10.91 38.73
C LYS L 473 2.74 -12.36 38.38
N ALA L 474 1.62 -13.07 38.18
CA ALA L 474 1.67 -14.51 37.95
C ALA L 474 2.29 -14.84 36.59
N PHE L 475 1.68 -14.35 35.51
CA PHE L 475 2.09 -14.74 34.16
C PHE L 475 2.56 -13.55 33.34
N ALA L 476 3.26 -12.60 33.95
CA ALA L 476 3.74 -11.41 33.26
C ALA L 476 5.17 -11.11 33.67
N GLY L 477 5.89 -10.43 32.79
CA GLY L 477 7.24 -9.98 33.08
C GLY L 477 8.29 -11.07 32.88
N GLY L 478 9.48 -10.76 33.40
CA GLY L 478 10.60 -11.67 33.32
C GLY L 478 11.53 -11.47 32.16
N VAL L 479 11.21 -10.57 31.23
CA VAL L 479 12.00 -10.37 30.02
C VAL L 479 13.00 -9.24 30.17
N THR L 480 13.35 -8.87 31.40
CA THR L 480 14.30 -7.78 31.60
C THR L 480 15.71 -8.17 31.18
N GLY L 481 16.05 -9.45 31.33
CA GLY L 481 17.41 -9.89 31.04
C GLY L 481 17.80 -9.72 29.59
N GLU L 482 16.84 -9.88 28.67
CA GLU L 482 17.16 -9.74 27.25
C GLU L 482 17.48 -8.31 26.88
N SER L 483 17.06 -7.35 27.72
CA SER L 483 17.29 -5.94 27.46
C SER L 483 18.43 -5.36 28.29
N TYR L 484 19.24 -6.21 28.92
CA TYR L 484 20.34 -5.72 29.75
C TYR L 484 21.42 -5.07 28.90
N GLY L 485 21.60 -5.55 27.67
CA GLY L 485 22.65 -5.02 26.83
C GLY L 485 22.51 -3.52 26.62
N ASP L 486 23.60 -2.79 26.87
CA ASP L 486 23.54 -1.33 26.77
C ASP L 486 23.21 -0.88 25.36
N VAL L 487 24.11 -1.12 24.41
CA VAL L 487 23.85 -0.77 23.03
C VAL L 487 22.75 -1.66 22.45
N ALA L 488 22.58 -2.85 23.02
CA ALA L 488 21.58 -3.78 22.51
C ALA L 488 20.17 -3.22 22.66
N ALA L 489 19.74 -2.97 23.88
CA ALA L 489 18.39 -2.49 24.09
C ALA L 489 18.28 -1.32 25.06
N GLY L 490 19.35 -0.92 25.75
CA GLY L 490 19.25 0.23 26.62
C GLY L 490 18.99 1.51 25.86
N ILE L 491 19.53 1.61 24.64
CA ILE L 491 19.28 2.78 23.80
C ILE L 491 17.87 2.69 23.22
N ARG L 492 17.06 3.72 23.49
CA ARG L 492 15.68 3.79 23.00
C ARG L 492 14.90 2.53 23.36
N GLY L 493 15.10 2.06 24.60
CA GLY L 493 14.39 0.89 25.07
C GLY L 493 13.36 1.23 26.13
N VAL L 494 12.10 0.93 25.86
CA VAL L 494 10.99 1.27 26.74
C VAL L 494 10.46 -0.01 27.36
N LEU L 495 10.41 -0.04 28.70
CA LEU L 495 9.88 -1.17 29.44
C LEU L 495 8.88 -0.67 30.48
N ASP L 496 7.95 -1.54 30.85
CA ASP L 496 6.95 -1.16 31.84
C ASP L 496 7.59 -0.94 33.20
N ALA L 497 6.80 -0.37 34.12
CA ALA L 497 7.32 0.02 35.43
C ALA L 497 7.81 -1.20 36.21
N ALA L 498 7.18 -2.35 36.01
CA ALA L 498 7.54 -3.53 36.79
C ALA L 498 8.88 -4.10 36.37
N SER L 499 9.34 -3.80 35.15
CA SER L 499 10.58 -4.40 34.66
C SER L 499 11.81 -3.75 35.28
N LYS L 500 11.69 -2.49 35.70
CA LYS L 500 12.87 -1.75 36.14
C LYS L 500 13.35 -2.21 37.51
N ARG L 501 12.43 -2.65 38.37
CA ARG L 501 12.85 -3.21 39.66
C ARG L 501 13.66 -4.49 39.46
N GLU L 502 13.20 -5.36 38.56
CA GLU L 502 13.95 -6.56 38.23
C GLU L 502 15.29 -6.21 37.60
N MET L 503 15.32 -5.18 36.75
CA MET L 503 16.57 -4.74 36.16
C MET L 503 17.55 -4.26 37.24
N ALA L 504 17.05 -3.52 38.23
CA ALA L 504 17.90 -3.05 39.31
C ALA L 504 18.49 -4.21 40.11
N ILE L 505 17.65 -5.20 40.43
CA ILE L 505 18.16 -6.37 41.15
C ILE L 505 19.19 -7.11 40.31
N LEU L 506 18.95 -7.21 39.01
CA LEU L 506 19.87 -7.90 38.12
C LEU L 506 21.22 -7.17 38.06
N ARG L 507 21.18 -5.84 38.03
CA ARG L 507 22.42 -5.06 38.07
C ARG L 507 23.15 -5.25 39.39
N ARG L 508 22.40 -5.34 40.49
CA ARG L 508 23.03 -5.61 41.78
C ARG L 508 23.76 -6.95 41.77
N LEU L 509 23.14 -7.97 41.18
CA LEU L 509 23.83 -9.26 41.06
C LEU L 509 25.04 -9.17 40.13
N ALA L 510 24.91 -8.43 39.03
CA ALA L 510 26.00 -8.32 38.05
C ALA L 510 27.21 -7.61 38.65
N LYS L 511 26.97 -6.66 39.57
CA LYS L 511 28.09 -6.01 40.24
C LYS L 511 28.92 -7.00 41.05
N GLY L 512 28.25 -7.87 41.81
CA GLY L 512 28.97 -8.90 42.54
C GLY L 512 29.69 -9.87 41.63
N MET L 513 29.05 -10.21 40.50
CA MET L 513 29.72 -11.07 39.52
C MET L 513 30.98 -10.41 38.98
N SER L 514 30.92 -9.12 38.70
CA SER L 514 32.10 -8.40 38.22
C SER L 514 33.20 -8.37 39.27
N GLU L 515 32.82 -8.18 40.55
CA GLU L 515 33.82 -8.21 41.61
C GLU L 515 34.48 -9.57 41.70
N ILE L 516 33.70 -10.64 41.60
CA ILE L 516 34.26 -12.00 41.63
C ILE L 516 35.23 -12.20 40.47
N GLY L 517 34.82 -11.76 39.27
CA GLY L 517 35.70 -11.89 38.12
C GLY L 517 37.00 -11.13 38.26
N ASN L 518 36.91 -9.91 38.82
CA ASN L 518 38.13 -9.12 39.03
C ASN L 518 39.05 -9.80 40.03
N LYS L 519 38.50 -10.33 41.11
CA LYS L 519 39.33 -11.04 42.09
C LYS L 519 40.00 -12.25 41.46
N ILE L 520 39.25 -13.02 40.66
CA ILE L 520 39.82 -14.22 40.05
C ILE L 520 40.90 -13.85 39.04
N ILE L 521 40.70 -12.77 38.29
CA ILE L 521 41.72 -12.31 37.35
C ILE L 521 42.98 -11.90 38.10
N ALA L 522 42.81 -11.18 39.21
CA ALA L 522 43.96 -10.76 40.01
C ALA L 522 44.74 -11.96 40.53
N MET L 523 44.02 -12.99 40.99
CA MET L 523 44.70 -14.19 41.48
C MET L 523 45.38 -14.95 40.36
N ASN L 524 44.75 -15.04 39.18
CA ASN L 524 45.37 -15.72 38.05
C ASN L 524 46.62 -14.99 37.58
N ALA L 525 46.66 -13.67 37.74
CA ALA L 525 47.82 -12.89 37.32
C ALA L 525 49.08 -13.35 38.04
N VAL L 526 48.95 -13.85 39.26
CA VAL L 526 50.12 -14.26 40.03
C VAL L 526 50.31 -15.77 39.98
N PHE L 527 49.24 -16.52 40.26
CA PHE L 527 49.40 -17.95 40.52
C PHE L 527 49.69 -18.74 39.25
N LEU L 528 49.01 -18.42 38.15
CA LEU L 528 49.19 -19.18 36.92
C LEU L 528 50.55 -18.90 36.30
N ALA L 529 51.17 -19.93 35.73
CA ALA L 529 52.47 -19.81 35.10
C ALA L 529 52.31 -19.46 33.62
N GLU L 530 53.45 -19.31 32.94
CA GLU L 530 53.42 -18.92 31.54
C GLU L 530 52.95 -20.07 30.64
N HIS L 531 53.46 -21.28 30.89
CA HIS L 531 53.17 -22.40 29.98
C HIS L 531 51.70 -22.76 30.02
N GLU L 532 51.06 -22.67 31.19
CA GLU L 532 49.64 -22.97 31.28
C GLU L 532 48.81 -21.99 30.45
N VAL L 533 49.12 -20.69 30.55
CA VAL L 533 48.37 -19.71 29.78
C VAL L 533 48.63 -19.87 28.30
N VAL L 534 49.87 -20.21 27.92
CA VAL L 534 50.17 -20.45 26.51
C VAL L 534 49.38 -21.66 26.00
N ARG L 535 49.28 -22.71 26.81
CA ARG L 535 48.52 -23.88 26.42
C ARG L 535 47.04 -23.55 26.25
N ILE L 536 46.49 -22.75 27.16
CA ILE L 536 45.06 -22.42 27.09
C ILE L 536 44.77 -21.52 25.89
N THR L 537 45.61 -20.51 25.65
CA THR L 537 45.32 -19.49 24.65
C THR L 537 46.00 -19.72 23.31
N ASN L 538 47.09 -20.49 23.29
CA ASN L 538 47.84 -20.77 22.05
C ASN L 538 48.32 -19.46 21.40
N GLU L 539 48.79 -18.53 22.24
CA GLU L 539 49.31 -17.26 21.76
C GLU L 539 50.45 -16.82 22.67
N GLU L 540 51.12 -15.75 22.27
CA GLU L 540 52.24 -15.23 23.05
C GLU L 540 51.76 -14.72 24.40
N PHE L 541 52.62 -14.86 25.41
CA PHE L 541 52.26 -14.46 26.76
C PHE L 541 52.44 -12.96 26.95
N VAL L 542 51.53 -12.35 27.71
CA VAL L 542 51.62 -10.93 28.08
C VAL L 542 51.84 -10.87 29.59
N THR L 543 52.82 -10.08 30.01
CA THR L 543 53.23 -10.01 31.40
C THR L 543 52.65 -8.75 32.05
N ILE L 544 52.19 -8.90 33.29
CA ILE L 544 51.66 -7.79 34.08
C ILE L 544 52.57 -7.60 35.29
N LYS L 545 52.96 -6.35 35.54
CA LYS L 545 53.86 -6.06 36.64
C LYS L 545 53.14 -6.20 37.98
N ARG L 546 53.91 -6.53 39.02
CA ARG L 546 53.34 -6.76 40.34
C ARG L 546 52.88 -5.46 41.00
N GLU L 547 53.51 -4.33 40.65
CA GLU L 547 53.11 -3.05 41.22
C GLU L 547 51.72 -2.64 40.73
N ASP L 548 51.39 -2.96 39.48
CA ASP L 548 50.11 -2.54 38.92
C ASP L 548 48.98 -3.45 39.36
N LEU L 549 49.29 -4.52 40.10
CA LEU L 549 48.26 -5.48 40.50
C LEU L 549 47.29 -4.87 41.51
N LYS L 550 47.78 -3.97 42.36
CA LYS L 550 46.94 -3.41 43.41
C LYS L 550 45.80 -2.59 42.83
N GLY L 551 46.07 -1.78 41.81
CA GLY L 551 45.07 -0.95 41.17
C GLY L 551 44.69 -1.52 39.81
N ASN L 552 43.40 -1.80 39.64
CA ASN L 552 42.92 -2.45 38.43
C ASN L 552 42.91 -1.45 37.28
N PHE L 553 44.02 -1.39 36.54
CA PHE L 553 44.08 -0.65 35.29
C PHE L 553 43.90 -1.61 34.13
N ASP L 554 43.69 -1.04 32.95
CA ASP L 554 43.78 -1.68 31.64
C ASP L 554 42.65 -2.67 31.38
N LEU L 555 41.74 -2.90 32.33
CA LEU L 555 40.76 -3.95 32.17
C LEU L 555 39.41 -3.50 32.72
N GLU L 556 38.35 -4.07 32.18
CA GLU L 556 36.99 -3.88 32.67
C GLU L 556 36.21 -5.16 32.44
N VAL L 557 35.58 -5.67 33.49
CA VAL L 557 34.90 -6.97 33.47
C VAL L 557 33.40 -6.73 33.60
N ASP L 558 32.63 -7.37 32.73
CA ASP L 558 31.17 -7.28 32.77
C ASP L 558 30.57 -8.56 32.22
N ILE L 559 29.31 -8.80 32.59
CA ILE L 559 28.62 -10.00 32.12
C ILE L 559 28.31 -9.88 30.64
N SER L 560 28.51 -10.97 29.91
CA SER L 560 28.30 -11.02 28.47
C SER L 560 26.98 -11.72 28.16
N THR L 561 26.23 -11.15 27.22
CA THR L 561 24.98 -11.74 26.76
C THR L 561 25.01 -11.86 25.24
N ALA L 562 24.05 -12.63 24.72
CA ALA L 562 24.02 -12.91 23.28
C ALA L 562 23.72 -11.64 22.48
N GLU L 563 22.76 -10.83 22.95
CA GLU L 563 22.36 -9.65 22.19
C GLU L 563 23.46 -8.58 22.17
N VAL L 564 24.32 -8.57 23.19
CA VAL L 564 25.45 -7.63 23.20
C VAL L 564 26.37 -7.91 22.03
N ASP L 565 26.66 -9.19 21.77
CA ASP L 565 27.51 -9.55 20.64
C ASP L 565 26.88 -9.16 19.32
N ASN L 566 25.57 -9.37 19.18
CA ASN L 566 24.88 -8.99 17.96
C ASN L 566 24.96 -7.48 17.74
N GLN L 567 24.71 -6.69 18.78
CA GLN L 567 24.75 -5.24 18.63
C GLN L 567 26.17 -4.75 18.33
N LYS L 568 27.18 -5.39 18.94
CA LYS L 568 28.55 -5.05 18.63
C LYS L 568 28.88 -5.36 17.17
N SER L 569 28.37 -6.48 16.66
CA SER L 569 28.56 -6.82 15.26
C SER L 569 27.89 -5.79 14.35
N GLN L 570 26.68 -5.35 14.70
CA GLN L 570 26.02 -4.32 13.91
C GLN L 570 26.79 -3.01 13.94
N ASP L 571 27.32 -2.64 15.10
CA ASP L 571 28.12 -1.42 15.19
C ASP L 571 29.38 -1.53 14.35
N LEU L 572 30.04 -2.70 14.37
CA LEU L 572 31.22 -2.90 13.55
C LEU L 572 30.88 -2.81 12.07
N GLY L 573 29.75 -3.40 11.66
CA GLY L 573 29.33 -3.29 10.28
C GLY L 573 29.04 -1.86 9.88
N PHE L 574 28.38 -1.10 10.75
CA PHE L 574 28.12 0.30 10.47
C PHE L 574 29.42 1.09 10.33
N MET L 575 30.38 0.85 11.21
CA MET L 575 31.67 1.54 11.11
C MET L 575 32.41 1.16 9.84
N LEU L 576 32.34 -0.11 9.44
CA LEU L 576 32.96 -0.54 8.20
C LEU L 576 32.31 0.12 6.99
N GLN L 577 30.99 0.26 7.02
CA GLN L 577 30.28 0.95 5.93
C GLN L 577 30.68 2.43 5.88
N THR L 578 30.77 3.08 7.04
CA THR L 578 31.06 4.51 7.08
C THR L 578 32.44 4.82 6.50
N ILE L 579 33.46 4.09 6.94
CA ILE L 579 34.81 4.30 6.42
C ILE L 579 34.94 3.62 5.05
N GLY L 580 35.73 4.24 4.18
CA GLY L 580 35.99 3.67 2.88
C GLY L 580 36.77 2.38 2.98
N PRO L 581 36.28 1.32 2.32
CA PRO L 581 37.01 0.04 2.34
C PRO L 581 38.40 0.14 1.74
N ASN L 582 38.61 1.02 0.77
CA ASN L 582 39.91 1.13 0.12
C ASN L 582 40.85 2.07 0.86
N VAL L 583 40.40 2.71 1.94
CA VAL L 583 41.24 3.65 2.66
C VAL L 583 42.46 2.95 3.25
N ASP L 584 42.23 1.84 3.95
CA ASP L 584 43.30 1.07 4.58
C ASP L 584 42.90 -0.39 4.65
N GLN L 585 43.80 -1.27 4.22
CA GLN L 585 43.50 -2.70 4.23
C GLN L 585 43.61 -3.28 5.63
N GLN L 586 44.55 -2.77 6.43
CA GLN L 586 44.74 -3.30 7.78
C GLN L 586 43.51 -3.04 8.65
N ILE L 587 42.94 -1.84 8.55
CA ILE L 587 41.75 -1.52 9.35
C ILE L 587 40.59 -2.43 8.96
N THR L 588 40.41 -2.66 7.66
CA THR L 588 39.33 -3.54 7.20
C THR L 588 39.55 -4.97 7.69
N LEU L 589 40.79 -5.46 7.60
CA LEU L 589 41.08 -6.81 8.06
C LEU L 589 40.83 -6.96 9.56
N ASN L 590 41.24 -5.97 10.35
CA ASN L 590 40.98 -6.01 11.79
C ASN L 590 39.49 -5.98 12.09
N ILE L 591 38.74 -5.13 11.39
CA ILE L 591 37.30 -5.07 11.60
C ILE L 591 36.67 -6.41 11.28
N LEU L 592 37.07 -7.02 10.17
CA LEU L 592 36.53 -8.32 9.79
C LEU L 592 36.90 -9.40 10.82
N ALA L 593 38.12 -9.35 11.35
CA ALA L 593 38.53 -10.34 12.33
C ALA L 593 37.70 -10.24 13.61
N GLU L 594 37.48 -9.02 14.11
CA GLU L 594 36.64 -8.85 15.29
C GLU L 594 35.17 -9.18 15.01
N ILE L 595 34.70 -8.96 13.78
CA ILE L 595 33.34 -9.40 13.44
C ILE L 595 33.26 -10.92 13.47
N ALA L 596 34.27 -11.59 12.91
CA ALA L 596 34.25 -13.06 12.86
C ALA L 596 34.37 -13.66 14.26
N ASP L 597 35.15 -13.03 15.13
CA ASP L 597 35.30 -13.54 16.49
C ASP L 597 33.98 -13.55 17.24
N LEU L 598 33.18 -12.49 17.08
CA LEU L 598 31.88 -12.43 17.74
C LEU L 598 30.93 -13.49 17.19
N LYS L 599 31.17 -13.94 15.96
CA LYS L 599 30.34 -14.97 15.34
C LYS L 599 30.86 -16.38 15.56
N ARG L 600 31.91 -16.54 16.37
CA ARG L 600 32.45 -17.83 16.79
C ARG L 600 33.06 -18.64 15.65
N MET L 601 33.89 -18.01 14.82
CA MET L 601 34.75 -18.75 13.89
C MET L 601 36.20 -18.36 14.14
N PRO L 602 36.90 -19.01 15.08
CA PRO L 602 38.29 -18.61 15.35
C PRO L 602 39.21 -18.79 14.15
N LYS L 603 38.99 -19.83 13.34
CA LYS L 603 39.87 -20.08 12.19
C LYS L 603 39.77 -18.95 11.18
N LEU L 604 38.55 -18.49 10.88
CA LEU L 604 38.37 -17.40 9.94
C LEU L 604 39.01 -16.11 10.44
N ALA L 605 38.84 -15.83 11.74
CA ALA L 605 39.44 -14.63 12.32
C ALA L 605 40.97 -14.70 12.25
N HIS L 606 41.54 -15.87 12.57
CA HIS L 606 43.00 -16.01 12.50
C HIS L 606 43.50 -15.87 11.08
N ASP L 607 42.77 -16.42 10.10
CA ASP L 607 43.16 -16.28 8.71
C ASP L 607 43.11 -14.83 8.27
N LEU L 608 42.07 -14.10 8.67
CA LEU L 608 41.95 -12.69 8.31
C LEU L 608 43.05 -11.86 8.95
N ARG L 609 43.37 -12.13 10.22
CA ARG L 609 44.40 -11.34 10.91
C ARG L 609 45.77 -11.53 10.26
N THR L 610 46.18 -12.77 10.04
CA THR L 610 47.48 -13.07 9.44
C THR L 610 47.35 -13.28 7.93
N TRP L 611 46.86 -12.26 7.23
CA TRP L 611 46.65 -12.32 5.78
C TRP L 611 47.61 -11.36 5.10
N GLN L 612 48.34 -11.86 4.10
CA GLN L 612 49.24 -11.05 3.32
C GLN L 612 48.99 -11.30 1.84
N PRO L 613 48.83 -10.26 1.02
CA PRO L 613 48.59 -10.47 -0.42
C PRO L 613 49.77 -11.14 -1.09
N GLN L 614 49.46 -11.98 -2.09
CA GLN L 614 50.48 -12.66 -2.85
C GLN L 614 50.79 -11.90 -4.12
N PRO L 615 52.03 -11.47 -4.33
CA PRO L 615 52.35 -10.65 -5.51
C PRO L 615 52.24 -11.45 -6.79
N ASP L 616 51.90 -10.73 -7.87
CA ASP L 616 51.82 -11.32 -9.21
C ASP L 616 53.01 -10.83 -10.02
N PRO L 617 53.93 -11.71 -10.43
CA PRO L 617 55.16 -11.23 -11.10
C PRO L 617 54.91 -10.45 -12.39
N VAL L 618 53.88 -10.82 -13.16
CA VAL L 618 53.68 -10.22 -14.48
C VAL L 618 53.30 -8.75 -14.35
N GLN L 619 52.54 -8.41 -13.30
CA GLN L 619 52.05 -7.05 -13.15
C GLN L 619 53.19 -6.06 -12.90
N GLU L 620 54.17 -6.47 -12.07
CA GLU L 620 55.31 -5.60 -11.81
C GLU L 620 56.11 -5.34 -13.08
N GLN L 621 56.33 -6.39 -13.87
CA GLN L 621 57.05 -6.23 -15.13
C GLN L 621 56.27 -5.32 -16.09
N LEU L 622 54.94 -5.48 -16.14
CA LEU L 622 54.13 -4.61 -16.99
C LEU L 622 54.23 -3.15 -16.56
N LYS L 623 54.20 -2.91 -15.24
CA LYS L 623 54.35 -1.54 -14.75
C LYS L 623 55.71 -0.97 -15.12
N GLN L 624 56.77 -1.78 -14.96
CA GLN L 624 58.11 -1.31 -15.33
C GLN L 624 58.19 -0.98 -16.82
N LEU L 625 57.59 -1.82 -17.66
CA LEU L 625 57.59 -1.55 -19.10
C LEU L 625 56.82 -0.28 -19.44
N ALA L 626 55.69 -0.06 -18.74
CA ALA L 626 54.92 1.16 -18.97
C ALA L 626 55.74 2.40 -18.58
N VAL L 627 56.44 2.34 -17.45
CA VAL L 627 57.28 3.47 -17.05
C VAL L 627 58.39 3.69 -18.07
N GLU L 628 59.00 2.62 -18.57
CA GLU L 628 60.05 2.75 -19.58
C GLU L 628 59.51 3.41 -20.85
N LYS L 629 58.32 3.00 -21.30
CA LYS L 629 57.72 3.61 -22.48
C LYS L 629 57.43 5.08 -22.26
N ALA L 630 56.92 5.43 -21.08
CA ALA L 630 56.66 6.83 -20.76
C ALA L 630 57.93 7.65 -20.79
N GLN L 631 59.04 7.08 -20.30
CA GLN L 631 60.33 7.76 -20.36
C GLN L 631 60.79 7.93 -21.81
N LEU L 632 60.60 6.90 -22.64
CA LEU L 632 61.13 6.93 -23.99
C LEU L 632 60.37 7.90 -24.89
N GLU L 633 59.08 8.13 -24.59
CA GLU L 633 58.30 9.07 -25.40
C GLU L 633 58.92 10.47 -25.39
N ASN L 634 59.41 10.91 -24.22
CA ASN L 634 60.01 12.23 -24.12
C ASN L 634 61.29 12.32 -24.96
N GLU L 635 62.10 11.26 -24.96
CA GLU L 635 63.30 11.25 -25.79
C GLU L 635 62.92 11.28 -27.27
N GLU L 636 61.84 10.59 -27.65
CA GLU L 636 61.37 10.67 -29.03
C GLU L 636 60.97 12.10 -29.40
N LEU L 637 60.27 12.78 -28.50
CA LEU L 637 59.90 14.17 -28.75
C LEU L 637 61.12 15.06 -28.90
N ARG L 638 62.13 14.84 -28.05
CA ARG L 638 63.36 15.63 -28.15
C ARG L 638 64.06 15.40 -29.48
N SER L 639 64.10 14.14 -29.94
CA SER L 639 64.69 13.84 -31.23
C SER L 639 63.93 14.51 -32.37
N LYS L 640 62.60 14.52 -32.28
CA LYS L 640 61.80 15.22 -33.29
C LYS L 640 62.12 16.70 -33.32
N ILE L 641 62.26 17.32 -32.14
CA ILE L 641 62.59 18.74 -32.07
C ILE L 641 63.95 19.01 -32.71
N ARG L 642 64.93 18.15 -32.41
CA ARG L 642 66.27 18.33 -32.98
C ARG L 642 66.23 18.21 -34.51
N LEU L 643 65.48 17.23 -35.02
CA LEU L 643 65.39 17.05 -36.47
C LEU L 643 64.74 18.27 -37.13
N ASN L 644 63.68 18.79 -36.51
CA ASN L 644 63.02 19.97 -37.06
C ASN L 644 63.97 21.17 -37.07
N ASP L 645 64.73 21.35 -35.99
CA ASP L 645 65.69 22.46 -35.95
C ASP L 645 66.74 22.32 -37.04
N ALA L 646 67.26 21.10 -37.24
CA ALA L 646 68.27 20.88 -38.27
C ALA L 646 67.71 21.18 -39.65
N GLN L 647 66.48 20.76 -39.93
CA GLN L 647 65.87 21.05 -41.22
C GLN L 647 65.68 22.55 -41.41
N ALA L 648 65.28 23.26 -40.35
CA ALA L 648 65.12 24.71 -40.44
C ALA L 648 66.45 25.39 -40.77
N GLN L 649 67.53 24.98 -40.10
CA GLN L 649 68.83 25.56 -40.39
C GLN L 649 69.28 25.27 -41.83
N LYS L 650 69.02 24.05 -42.31
CA LYS L 650 69.36 23.73 -43.70
C LYS L 650 68.58 24.61 -44.67
N ALA L 651 67.30 24.84 -44.39
CA ALA L 651 66.50 25.72 -45.24
C ALA L 651 67.05 27.14 -45.23
N MET L 652 67.46 27.62 -44.06
CA MET L 652 68.05 28.96 -43.97
C MET L 652 69.33 29.05 -44.81
N ALA L 653 70.18 28.01 -44.73
CA ALA L 653 71.41 28.01 -45.54
C ALA L 653 71.10 28.02 -47.03
N GLU L 654 70.08 27.25 -47.44
CA GLU L 654 69.68 27.25 -48.84
C GLU L 654 69.18 28.64 -49.26
N ARG L 655 68.42 29.30 -48.38
CA ARG L 655 67.96 30.65 -48.69
C ARG L 655 69.13 31.61 -48.87
N ASP L 656 70.14 31.50 -48.00
CA ASP L 656 71.31 32.37 -48.12
C ASP L 656 72.05 32.13 -49.43
N ASN L 657 72.20 30.86 -49.82
CA ASN L 657 72.84 30.56 -51.09
C ASN L 657 72.06 31.13 -52.27
N LYS L 658 70.73 31.00 -52.23
CA LYS L 658 69.90 31.55 -53.30
C LYS L 658 69.99 33.06 -53.35
N ASN L 659 70.05 33.72 -52.20
CA ASN L 659 70.21 35.17 -52.16
C ASN L 659 71.55 35.60 -52.76
N LEU L 660 72.62 34.86 -52.45
CA LEU L 660 73.90 35.17 -53.07
C LEU L 660 73.84 34.99 -54.58
N ASP L 661 73.19 33.92 -55.05
CA ASP L 661 73.05 33.70 -56.48
C ASP L 661 72.28 34.85 -57.13
N TYR L 662 71.20 35.30 -56.50
CA TYR L 662 70.45 36.44 -57.02
C TYR L 662 71.30 37.69 -57.10
N LEU L 663 72.07 37.98 -56.03
CA LEU L 663 72.90 39.18 -56.03
C LEU L 663 73.96 39.12 -57.13
N GLU L 664 74.59 37.96 -57.31
CA GLU L 664 75.60 37.83 -58.36
C GLU L 664 74.97 37.95 -59.75
N GLN L 665 73.78 37.36 -59.94
CA GLN L 665 73.17 37.37 -61.26
C GLN L 665 72.67 38.77 -61.63
N GLU L 666 72.23 39.55 -60.63
CA GLU L 666 71.72 40.89 -60.93
C GLU L 666 72.80 41.76 -61.58
N SER L 667 74.02 41.70 -61.07
CA SER L 667 75.13 42.45 -61.65
C SER L 667 75.76 41.63 -62.77
N GLY L 668 76.87 42.11 -63.30
CA GLY L 668 77.59 41.44 -64.36
C GLY L 668 78.75 40.57 -63.91
N THR L 669 78.78 40.17 -62.63
CA THR L 669 79.91 39.41 -62.11
C THR L 669 80.06 38.07 -62.82
N LYS L 670 78.94 37.38 -63.07
CA LYS L 670 79.00 36.08 -63.74
C LYS L 670 79.58 36.22 -65.14
N HIS L 671 79.14 37.24 -65.89
CA HIS L 671 79.70 37.48 -67.20
C HIS L 671 81.12 38.01 -67.13
N ALA L 672 81.42 38.82 -66.10
CA ALA L 672 82.76 39.36 -65.95
C ALA L 672 83.79 38.25 -65.71
N ARG L 673 83.42 37.24 -64.93
CA ARG L 673 84.35 36.14 -64.70
C ARG L 673 84.63 35.35 -65.96
N ASP L 674 83.60 35.12 -66.78
CA ASP L 674 83.82 34.44 -68.06
C ASP L 674 84.68 35.28 -68.98
N LEU L 675 84.46 36.60 -69.02
CA LEU L 675 85.30 37.47 -69.83
C LEU L 675 86.75 37.43 -69.35
N GLU L 676 86.95 37.42 -68.03
CA GLU L 676 88.30 37.32 -67.49
C GLU L 676 88.95 36.00 -67.86
N LYS L 677 88.20 34.91 -67.83
CA LYS L 677 88.75 33.61 -68.24
C LYS L 677 89.16 33.62 -69.70
N MET L 678 88.31 34.19 -70.57
CA MET L 678 88.66 34.26 -71.99
C MET L 678 89.89 35.13 -72.22
N LYS L 679 89.95 36.27 -71.53
CA LYS L 679 91.11 37.15 -71.67
C LYS L 679 92.39 36.48 -71.16
N ALA L 680 92.28 35.73 -70.06
CA ALA L 680 93.45 35.02 -69.54
C ALA L 680 93.91 33.95 -70.51
N GLN L 681 92.96 33.23 -71.13
CA GLN L 681 93.34 32.22 -72.13
C GLN L 681 94.02 32.86 -73.32
N SER L 682 93.49 33.99 -73.79
CA SER L 682 94.12 34.71 -74.91
C SER L 682 95.51 35.20 -74.54
N GLN L 683 95.67 35.72 -73.32
CA GLN L 683 96.98 36.20 -72.88
C GLN L 683 97.97 35.05 -72.76
N GLY L 684 97.50 33.88 -72.30
CA GLY L 684 98.37 32.72 -72.26
C GLY L 684 98.81 32.28 -73.64
N ASN L 685 97.88 32.29 -74.60
CA ASN L 685 98.25 31.97 -75.98
C ASN L 685 99.27 32.96 -76.52
N GLN L 686 99.07 34.25 -76.25
CA GLN L 686 100.01 35.28 -76.71
C GLN L 686 101.38 35.09 -76.07
N GLN L 687 101.42 34.77 -74.78
CA GLN L 687 102.69 34.54 -74.10
C GLN L 687 103.39 33.31 -74.66
N LEU L 688 102.64 32.25 -74.94
CA LEU L 688 103.24 31.07 -75.56
C LEU L 688 103.80 31.40 -76.94
N GLU L 689 103.09 32.20 -77.72
CA GLU L 689 103.61 32.62 -79.02
C GLU L 689 104.88 33.45 -78.88
N ILE L 690 104.90 34.36 -77.90
CA ILE L 690 106.08 35.20 -77.71
C ILE L 690 107.28 34.38 -77.29
N THR L 691 107.09 33.46 -76.35
CA THR L 691 108.21 32.66 -75.86
C THR L 691 108.80 31.78 -76.96
N LYS L 692 107.94 31.18 -77.78
CA LYS L 692 108.42 30.31 -78.86
C LYS L 692 109.06 31.14 -79.98
#